data_6ADQ
#
_entry.id   6ADQ
#
_cell.length_a   1
_cell.length_b   1
_cell.length_c   1
_cell.angle_alpha   90
_cell.angle_beta   90
_cell.angle_gamma   90
#
_symmetry.space_group_name_H-M   'P 1'
#
loop_
_entity.id
_entity.type
_entity.pdbx_description
1 polymer 'Cytochrome c oxidase subunit 2'
2 polymer 'Cytochrome c oxidase subunit 1'
3 polymer 'Cytochrome c oxidase subunit 3'
4 polymer 'Cytochrome c oxidase polypeptide 4'
5 polymer 'Cytochrome c oxidase subunit CtaJ'
6 polymer 'Uncharacterized protein MSMEG_4692/MSMEI_4575'
7 polymer 'Prokaryotic respiratory supercomplex associate factor 1 PRSAF1'
8 polymer 'Superoxide dismutase [Cu-Zn]'
9 polymer 'LpqE protein'
10 polymer 'Ubiquinol-cytochrome c reductase cytochrome b subunit'
11 polymer 'Cytochrome bc1 complex cytochrome c subunit'
12 polymer 'Rieske iron-sulfur protein QcrA'
13 non-polymer 'COPPER (II) ION'
14 non-polymer HEME-A
15 non-polymer CARDIOLIPIN
16 non-polymer '(2R)-3-(((2-aminoethoxy)(hydroxy)phosphoryl)oxy)-2-(palmitoyloxy)propyl (E)-octadec-9-enoate'
17 non-polymer 'PALMITIC ACID'
18 non-polymer '(2S)-1-(hexadecanoyloxy)propan-2-yl (10S)-10-methyloctadecanoate'
19 non-polymer '(2R)-2-(hexadecanoyloxy)-3-{[(S)-hydroxy{[(1R,2R,3R,4R,5R,6S)-2,3,4,5,6-pentahydroxycyclohexyl]oxy}phosphoryl]oxy}propyl (9S)-9-methyloctadecanoate'
20 non-polymer 'PROTOPORPHYRIN IX CONTAINING FE'
21 non-polymer MENAQUINONE-9
22 non-polymer 'HEME C'
23 non-polymer 'FE2/S2 (INORGANIC) CLUSTER'
#
loop_
_entity_poly.entity_id
_entity_poly.type
_entity_poly.pdbx_seq_one_letter_code
_entity_poly.pdbx_strand_id
1 'polypeptide(L)'
;MTPRGFRVVALSIVLGGSALLLSGCSWSDALALGWPTGITPEAKLNRELWIGSVIASFAVGAIVWGLIFWTSAFHRKKAT
DTELPRQFGYNMPLELTLTVIPFLIISVLFYFTVVVQERMMHKDPNPEVVIDVTAFQWNWKFGYQKIAFADGSFDYDGAD
PERKEAMTSRPEGKDEHGIEKVGPIRGMTPEDRTYLNFDKIETLGTSSEIPVLVLPAGKRIEFVLNSADVIHGFWVPEFL
FKRDVLPEPKANNSDNVFQVSEIQQTGAFVGRCTEMCGTFHAMMNFEVRVVEPNDFKAYIDQRNAGKTNAEALAAINQPP
LAITTEPFESRRGELVPQASK
;
E,Q
2 'polypeptide(L)'
;MVAEAPPIGELEARRPFPERMGPKGNLIYKLITTTDHKLIGIMYCVVCFAFFLVGGLMALFMRTELAMPGLQFLSNEQFN
QLFTMHGTVMLLFYATPIVFGFANLVLPLQIGAPDVAFPRLNALSFWLFLFGALIAIAGFITPGGAADFGWTAYSPLTDA
IHSPGAGGDLWIMGLAVGGLGTILGGVNMITTVVCMRAPGMTMFRMPIFTWNILVTSILVLIAFPILTAALFGLAADRHL
GAHIYDPANGGVLLWQHLFWFFGHPEVYIIALPFFGIVSEIFPVFSRKPIFGYTTLIYATLAIAALSVAVWAHHMYATGA
VLLPFFSFMTFLIAVPTGIKFFNWIGTMWKGQLTFETPMLFSVGFLITFLLGGLSGVLLASPPLDFHVTDSYFVIAHFHY
VLFGTIVFATYAGIYFWFPKMTGRLLDERLGKLHFWLTFIGFHTTFLVQHWLGDEGMPRRYADYLPTDGFTTLNVISTVG
AFILGVSMLPFVWNVFKSWRYGEPVTVDDPWGYGNSLEWATSCPPPRHNFTELPRIRSERPAFELHYPHMVERMRAEAHV
GRAHHPELETADKSS
;
F,R
3 'polypeptide(L)'
;MTSAVGTSGTAITSRVHSLNRPNMVSVGTIVWLSSELMFFAGLFAMYFTARAQAGGAWPPEPTELNLALAVPVTLVLIAS
SFTCQMGVFAAERGDVFGLRRWYVITFLMGLFFVLGQGYEYIHLVEHGTTIPGSAYGSVFYLATGFHGLHVIGGLVAFVL
LLARTKMSKFTPAQATAAIVVSYYWHFVDIVWIALFATIYFVR
;
G,S
4 'polypeptide(L)'
;MHIEARLFEILTAFFALAAVVYAVLTAMFATGGVEWAGTTALVLTTGLTLITGTFFRFVARRLDTRPEDYEDAEISDGAG
ELGFFAPHSWWPILISLSFSTAAVGAALWLPWLIAAGVAFVITSVCGLVFEYYWGPEKH
;
H,T
5 'polypeptide(L)' MSTALTHGLIGGVPLVLFAVLALIFLTRKGPHPDTYKMSDPWTHAPILWAAEEPREHGHGGHGHDSHGVVIGGGASGKW I,U
6 'polypeptide(L)'
;MASGDIATVANAELDLPYGSALTSSGRISAVTEPGELSVHYPFPTMDLVVLDDALKYGSRAAKARFAVYIGPLGADTAAT
AREILANVPTPENAVLLAVSPDQRAIEVVYGADVKGRGIESAAPLGVSAAAASFKEGNLIDGLISAVRVMSAGVSPA
;
J,V
7 'polypeptide(L)'
;MSSTQDRSQLDPEEQPVANTEVERHTGVDVEDVPSAEWGWSHMPIGVMHIGGLLSAAFLLVMMRGNHVGHVEDWFLIGFA
AVIVALVGRNWWLRRRGWIR
;
D,P
8 'polypeptide(L)'
;MLKPVSVAVLFATPVLALSACSPPGETASSEPGTTPAIWTGSPSPAAPSGEDHGGGHGAGAAGAGETLTAELKTADGTSV
ATADFQFADGFATVTIETTTPGRLTPGFHGVHIHSVGKCEANSVAPTGGAPGDFNSAGGHFQVSGHSGHPASGDLSSLQV
RADGSGKLVTTTDAFTAEDLLDGAKTAIIIHEKADNFANIPPERYQQVNGAPGPDQTTMATGDAGSRVACGVISAG
;
Y,Z
9 'polypeptide(L)'
;MNRFSSRAGLAVCGLATAVALTACSAGQISQTTTQEPAVNGVNAQAGQVSLRNVHLRAPQQTDYVEPGTTVELLFVAAND
STEGSNKLKSITSDVGEVTLTGDSTVPADGVLIVGEPDGQIQAVENAEAADAVTAEVELTKPITNGLLYDFTFTFEDGET
TVAVPISAGEQPRRPVPPAGPGSSEH
;
K,W
10 'polypeptide(L)'
;MSPDFAKLAAAQGDAIDSRYHPSAAVRRQLNKVFPTHWSFLLGEIALYSFIILLLTGVWLTLFFDPSMAHVTYDGVYQPL
RGVQMSRAYETALDISFEVRGGLFVRQVHHWAALMFAASIMVHLARIFFTGAFRRPREANWVIGSLLLILAMFEGFFGYS
LPDDLLSGTGIRAALSGITMGIPVIGTWMHWALFGGDFPGEILIPRLYALHILLIPGIILALIGAHLALVWFQKHTQFPG
PGRTETNVVGVRVMPVFAVKSGAFFAMITGVLGLMGGLLTINPIWNLGPYKPSQVSAGSQPDFYMMWTDGLIRLWPAWEF
YPFGHTIPQGVWVAVGMGLVFALLIAYPFIEKKVTGDDAHHNLLQRPRDVPVRTAIGSMAIALYLLLTFACMNDIIALKF
HISLNATTWIGRIGMVVLPAIVYFVAYRWAISLQRSDREVLEHGVETGIIKRLPHGAYVELHQPLGPVDEHGHPIPLEYA
GAPLPKRMNKLGSGGAPGTGSFLFPDPAVEHEALTEAAHASEHKSLTALKEHQDRIHGNGETNGHH
;
B,N
11 'polypeptide(L)'
;MDRAVRHHLLRPMNIGSPMSSMRRGSMTSKSRRRLRRRLSAGLLLLIGLAVAGGVAATLTPQPQVAVADESQSALLRTGK
QLFETSCVSCHGANLQGVPDRGPSLIGTGEAAVYFQVSTGRMPAMRGEAQAPSKPPHFDESQIDALGAYVQANGGGPTVP
RDDHGAVAQESLIGGDVARGGDLFRLNCASCHNFTGKGGALSSGKYAPDLGDANPAQIYTAMLTGPQNMPKFSDRQLTPD
EKRDIVAYVRESAETPSYGGYGLGGFGPAPEGMAMWIIGMVAAIGVAMWIGSRA
;
C,O
12 'polypeptide(L)'
;MDYRNGGRHRCGHVDRIASMSQDSPDIKGTDAPGQTGVPGQPTDAELAEMSREELVKLGGKIDGVETIFKEPRWPVPGTK
AEKRTERLVAYWLMLGGLSGLALLLVFLFWPWEYQPFGSEGEFLYSLATPLYGLTFGLSILSIGIGAVLFQKKFIPEEIS
VQDRHDGRSPEVHRKTVAANLTDALEGSTLKRRKVIGLSLGIGLGAFGAGTLVAFIGGLIKNPWKPVVPTAEGKKAVLWT
SGWTPRFKGETIYLARATGRPGESPFVKMRPEDIDAGGMETVFPWRESDGDGTTVESEHKLTEIAMGVRNPVMLIRIKPA
DMHRVIKRKGQESFNFGELFAYTKVCSHLGCPSSLYEQQTYRILCPCHQSQFDALEFAKPIFGPAARALAQLPITIDEDG
YLVANGDFVEPVGPAFWERKS
;
A,M
#
loop_
_chem_comp.id
_chem_comp.type
_chem_comp.name
_chem_comp.formula
9XX non-polymer '(2S)-1-(hexadecanoyloxy)propan-2-yl (10S)-10-methyloctadecanoate' 'C38 H74 O4'
9Y0 non-polymer '(2R)-3-(((2-aminoethoxy)(hydroxy)phosphoryl)oxy)-2-(palmitoyloxy)propyl (E)-octadec-9-enoate' 'C39 H76 N O8 P'
9YF non-polymer '(2R)-2-(hexadecanoyloxy)-3-{[(S)-hydroxy{[(1R,2R,3R,4R,5R,6S)-2,3,4,5,6-pentahydroxycyclohexyl]oxy}phosphoryl]oxy}propyl (9S)-9-methyloctadecanoate' 'C44 H85 O13 P'
CDL non-polymer CARDIOLIPIN 'C81 H156 O17 P2 -2'
CU non-polymer 'COPPER (II) ION' 'Cu 2'
FES non-polymer 'FE2/S2 (INORGANIC) CLUSTER' 'Fe2 S2'
HEA non-polymer HEME-A 'C49 H56 Fe N4 O6'
HEC non-polymer 'HEME C' 'C34 H34 Fe N4 O4'
HEM non-polymer 'PROTOPORPHYRIN IX CONTAINING FE' 'C34 H32 Fe N4 O4'
MQ9 non-polymer MENAQUINONE-9 'C56 H80 O2'
PLM non-polymer 'PALMITIC ACID' 'C16 H32 O2'
#
# COMPACT_ATOMS: atom_id res chain seq x y z
N TRP A 27 -60.59 -17.43 78.43
CA TRP A 27 -59.84 -18.67 78.28
C TRP A 27 -59.96 -19.22 76.87
N SER A 28 -61.11 -18.99 76.25
CA SER A 28 -61.40 -19.62 74.96
C SER A 28 -60.63 -18.98 73.82
N ASP A 29 -60.20 -17.73 73.97
CA ASP A 29 -59.43 -17.11 72.91
C ASP A 29 -57.95 -17.44 73.03
N ALA A 30 -57.43 -17.52 74.26
CA ALA A 30 -56.01 -17.79 74.44
C ALA A 30 -55.69 -19.27 74.27
N LEU A 31 -56.63 -20.16 74.58
CA LEU A 31 -56.41 -21.58 74.34
C LEU A 31 -56.51 -21.93 72.86
N ALA A 32 -57.21 -21.13 72.06
CA ALA A 32 -57.36 -21.39 70.63
C ALA A 32 -56.19 -20.87 69.79
N LEU A 33 -55.05 -20.62 70.44
CA LEU A 33 -53.83 -20.09 69.82
C LEU A 33 -54.06 -18.75 69.15
N GLY A 34 -55.02 -18.00 69.67
CA GLY A 34 -55.40 -16.71 69.14
C GLY A 34 -55.91 -16.74 67.72
N TRP A 35 -57.09 -17.31 67.53
CA TRP A 35 -57.84 -17.02 66.34
C TRP A 35 -58.33 -15.59 66.34
N PRO A 36 -58.83 -15.13 65.22
CA PRO A 36 -59.95 -14.17 65.26
C PRO A 36 -61.24 -14.96 65.43
N THR A 37 -62.11 -14.46 66.30
CA THR A 37 -63.38 -15.13 66.55
C THR A 37 -64.26 -15.10 65.32
N GLY A 38 -65.13 -16.09 65.22
CA GLY A 38 -65.91 -16.25 64.03
C GLY A 38 -66.98 -15.18 63.86
N ILE A 39 -67.37 -14.97 62.60
CA ILE A 39 -68.50 -14.12 62.28
C ILE A 39 -69.55 -14.83 61.45
N THR A 40 -69.25 -16.01 60.94
CA THR A 40 -70.18 -16.88 60.26
C THR A 40 -70.25 -18.22 61.00
N PRO A 41 -71.38 -18.94 60.92
CA PRO A 41 -71.44 -20.26 61.57
C PRO A 41 -70.43 -21.27 61.05
N GLU A 42 -70.02 -21.12 59.79
CA GLU A 42 -68.85 -21.82 59.25
C GLU A 42 -67.63 -21.59 60.13
N ALA A 43 -67.36 -20.33 60.44
CA ALA A 43 -66.18 -19.99 61.24
C ALA A 43 -66.35 -20.39 62.69
N LYS A 44 -67.56 -20.28 63.24
CA LYS A 44 -67.81 -20.70 64.62
C LYS A 44 -67.55 -22.18 64.79
N LEU A 45 -68.07 -22.99 63.87
CA LEU A 45 -67.91 -24.43 63.98
C LEU A 45 -66.48 -24.85 63.66
N ASN A 46 -65.81 -24.14 62.74
CA ASN A 46 -64.40 -24.38 62.48
C ASN A 46 -63.52 -24.03 63.68
N ARG A 47 -63.87 -22.95 64.38
CA ARG A 47 -63.11 -22.55 65.56
C ARG A 47 -63.34 -23.50 66.72
N GLU A 48 -64.56 -24.05 66.83
CA GLU A 48 -64.80 -25.08 67.84
C GLU A 48 -63.98 -26.33 67.55
N LEU A 49 -63.84 -26.70 66.28
CA LEU A 49 -63.03 -27.87 65.97
C LEU A 49 -61.54 -27.62 66.20
N TRP A 50 -61.06 -26.40 65.93
CA TRP A 50 -59.66 -26.07 66.28
C TRP A 50 -59.43 -26.10 67.77
N ILE A 51 -60.40 -25.62 68.57
CA ILE A 51 -60.24 -25.66 70.03
C ILE A 51 -60.15 -27.10 70.52
N GLY A 52 -61.03 -27.97 70.01
CA GLY A 52 -60.94 -29.38 70.34
C GLY A 52 -59.66 -30.02 69.84
N SER A 53 -59.13 -29.55 68.71
CA SER A 53 -57.94 -30.17 68.16
C SER A 53 -56.67 -29.66 68.82
N VAL A 54 -56.63 -28.43 69.32
CA VAL A 54 -55.49 -28.04 70.12
C VAL A 54 -55.57 -28.60 71.52
N ILE A 55 -56.77 -28.91 72.02
CA ILE A 55 -56.85 -29.71 73.25
C ILE A 55 -56.29 -31.11 73.02
N ALA A 56 -56.59 -31.71 71.86
CA ALA A 56 -55.99 -33.01 71.55
C ALA A 56 -54.48 -32.92 71.35
N SER A 57 -54.01 -31.86 70.69
CA SER A 57 -52.59 -31.74 70.42
C SER A 57 -51.79 -31.43 71.68
N PHE A 58 -52.34 -30.60 72.57
CA PHE A 58 -51.67 -30.36 73.83
C PHE A 58 -51.82 -31.54 74.77
N ALA A 59 -52.88 -32.34 74.63
CA ALA A 59 -52.97 -33.55 75.45
C ALA A 59 -52.04 -34.64 74.95
N VAL A 60 -51.62 -34.61 73.69
CA VAL A 60 -50.54 -35.48 73.26
C VAL A 60 -49.19 -34.92 73.69
N GLY A 61 -48.95 -33.65 73.39
CA GLY A 61 -47.67 -33.04 73.69
C GLY A 61 -47.35 -32.90 75.15
N ALA A 62 -48.37 -32.79 76.00
CA ALA A 62 -48.13 -32.70 77.43
C ALA A 62 -47.66 -34.02 78.00
N ILE A 63 -48.27 -35.13 77.58
CA ILE A 63 -47.84 -36.41 78.11
C ILE A 63 -46.53 -36.84 77.48
N VAL A 64 -46.24 -36.39 76.25
CA VAL A 64 -44.96 -36.79 75.67
C VAL A 64 -43.79 -35.88 76.11
N TRP A 65 -44.03 -34.58 76.32
CA TRP A 65 -43.04 -33.77 77.02
C TRP A 65 -42.87 -34.21 78.47
N GLY A 66 -43.93 -34.75 79.08
CA GLY A 66 -43.78 -35.40 80.37
C GLY A 66 -42.88 -36.61 80.28
N LEU A 67 -43.00 -37.39 79.20
CA LEU A 67 -42.10 -38.52 78.99
C LEU A 67 -40.65 -38.08 78.82
N ILE A 68 -40.40 -37.00 78.08
CA ILE A 68 -39.03 -36.55 77.85
C ILE A 68 -38.45 -35.93 79.12
N PHE A 69 -39.17 -34.99 79.73
CA PHE A 69 -38.68 -34.34 80.95
C PHE A 69 -38.89 -35.21 82.19
N TRP A 70 -39.32 -36.46 82.05
CA TRP A 70 -39.20 -37.43 83.13
C TRP A 70 -38.21 -38.55 82.82
N THR A 71 -37.88 -38.77 81.55
CA THR A 71 -36.76 -39.65 81.23
C THR A 71 -35.44 -38.90 81.26
N SER A 72 -35.49 -37.58 81.44
CA SER A 72 -34.32 -36.82 81.87
C SER A 72 -34.15 -36.82 83.39
N ALA A 73 -34.86 -37.69 84.09
CA ALA A 73 -34.53 -38.10 85.45
C ALA A 73 -33.78 -39.43 85.48
N PHE A 74 -33.52 -40.02 84.32
CA PHE A 74 -32.64 -41.19 84.21
C PHE A 74 -31.23 -40.76 83.81
N HIS A 75 -30.59 -39.97 84.67
CA HIS A 75 -29.23 -39.56 84.40
C HIS A 75 -28.26 -40.74 84.58
N ARG A 76 -27.03 -40.54 84.13
CA ARG A 76 -25.94 -41.43 84.52
C ARG A 76 -25.71 -41.22 86.02
N LYS A 77 -26.14 -42.17 86.84
CA LYS A 77 -26.00 -42.03 88.27
C LYS A 77 -24.54 -42.16 88.68
N LYS A 78 -24.15 -41.38 89.70
CA LYS A 78 -22.77 -41.43 90.18
C LYS A 78 -22.47 -42.76 90.86
N ALA A 79 -23.46 -43.36 91.50
CA ALA A 79 -23.30 -44.67 92.11
C ALA A 79 -23.53 -45.81 91.13
N THR A 80 -23.93 -45.51 89.89
CA THR A 80 -24.11 -46.55 88.89
C THR A 80 -22.75 -47.06 88.45
N ASP A 81 -22.47 -48.32 88.76
CA ASP A 81 -21.16 -48.90 88.52
C ASP A 81 -21.00 -49.29 87.06
N THR A 82 -19.97 -50.08 86.76
CA THR A 82 -19.77 -50.58 85.40
C THR A 82 -20.79 -51.68 85.12
N GLU A 83 -22.04 -51.29 84.95
CA GLU A 83 -23.15 -52.22 84.79
C GLU A 83 -24.21 -51.48 83.99
N LEU A 84 -24.49 -51.99 82.80
CA LEU A 84 -25.33 -51.30 81.83
C LEU A 84 -26.80 -51.38 82.23
N PRO A 85 -27.69 -50.58 81.58
CA PRO A 85 -29.12 -50.64 81.90
C PRO A 85 -29.84 -51.94 81.55
N ARG A 86 -31.19 -51.86 81.62
CA ARG A 86 -32.06 -53.00 81.36
C ARG A 86 -31.87 -53.60 79.97
N GLN A 87 -31.38 -52.79 79.01
CA GLN A 87 -30.92 -53.23 77.69
C GLN A 87 -32.02 -53.81 76.82
N PHE A 88 -33.27 -53.39 76.98
CA PHE A 88 -34.33 -54.27 76.50
C PHE A 88 -34.57 -54.13 74.99
N GLY A 89 -35.13 -53.03 74.52
CA GLY A 89 -35.71 -53.04 73.18
C GLY A 89 -36.85 -54.03 72.96
N TYR A 90 -37.51 -53.93 71.80
CA TYR A 90 -38.37 -54.97 71.22
C TYR A 90 -39.51 -55.37 72.17
N ASN A 91 -40.41 -54.41 72.40
CA ASN A 91 -41.56 -54.64 73.26
C ASN A 91 -42.80 -54.63 72.37
N MET A 92 -43.24 -55.82 71.98
CA MET A 92 -44.34 -55.98 71.03
C MET A 92 -45.73 -55.56 71.54
N PRO A 93 -46.20 -55.92 72.75
CA PRO A 93 -47.56 -55.49 73.14
C PRO A 93 -47.67 -53.99 73.35
N LEU A 94 -46.66 -53.37 73.95
CA LEU A 94 -46.62 -51.92 74.07
C LEU A 94 -46.58 -51.26 72.70
N GLU A 95 -45.92 -51.90 71.74
CA GLU A 95 -45.89 -51.35 70.38
C GLU A 95 -47.24 -51.45 69.71
N LEU A 96 -47.98 -52.53 69.94
CA LEU A 96 -49.35 -52.63 69.43
C LEU A 96 -50.26 -51.60 70.07
N THR A 97 -50.09 -51.33 71.37
CA THR A 97 -50.94 -50.34 72.01
C THR A 97 -50.67 -48.93 71.49
N LEU A 98 -49.40 -48.56 71.32
CA LEU A 98 -49.14 -47.24 70.78
C LEU A 98 -49.01 -47.21 69.25
N THR A 99 -49.39 -48.29 68.56
CA THR A 99 -49.74 -48.15 67.15
C THR A 99 -51.24 -48.18 66.92
N VAL A 100 -52.01 -48.62 67.91
CA VAL A 100 -53.46 -48.55 67.82
C VAL A 100 -53.99 -47.21 68.33
N ILE A 101 -53.47 -46.69 69.43
CA ILE A 101 -54.00 -45.44 69.99
C ILE A 101 -53.73 -44.17 69.16
N PRO A 102 -52.62 -43.98 68.42
CA PRO A 102 -52.60 -42.80 67.53
C PRO A 102 -53.50 -42.97 66.33
N PHE A 103 -53.76 -44.21 65.92
CA PHE A 103 -54.71 -44.44 64.85
C PHE A 103 -56.13 -44.11 65.30
N LEU A 104 -56.45 -44.37 66.57
CA LEU A 104 -57.74 -43.93 67.11
C LEU A 104 -57.81 -42.41 67.20
N ILE A 105 -56.71 -41.75 67.57
CA ILE A 105 -56.70 -40.29 67.64
C ILE A 105 -56.92 -39.67 66.26
N ILE A 106 -56.19 -40.16 65.25
CA ILE A 106 -56.38 -39.61 63.92
C ILE A 106 -57.69 -40.07 63.29
N SER A 107 -58.27 -41.18 63.74
CA SER A 107 -59.56 -41.59 63.19
C SER A 107 -60.69 -40.71 63.72
N VAL A 108 -60.68 -40.41 65.02
CA VAL A 108 -61.73 -39.53 65.54
C VAL A 108 -61.51 -38.10 65.06
N LEU A 109 -60.25 -37.69 64.86
CA LEU A 109 -60.01 -36.36 64.33
C LEU A 109 -60.38 -36.28 62.86
N PHE A 110 -60.23 -37.39 62.13
CA PHE A 110 -60.65 -37.42 60.74
C PHE A 110 -62.16 -37.45 60.60
N TYR A 111 -62.87 -38.11 61.52
CA TYR A 111 -64.33 -38.07 61.43
C TYR A 111 -64.87 -36.68 61.76
N PHE A 112 -64.32 -36.03 62.77
CA PHE A 112 -64.74 -34.65 63.04
C PHE A 112 -64.31 -33.70 61.92
N THR A 113 -63.17 -33.99 61.29
CA THR A 113 -62.71 -33.24 60.13
C THR A 113 -63.68 -33.38 58.95
N VAL A 114 -64.16 -34.59 58.70
CA VAL A 114 -65.09 -34.79 57.59
C VAL A 114 -66.47 -34.24 57.91
N VAL A 115 -66.90 -34.28 59.17
CA VAL A 115 -68.22 -33.72 59.49
C VAL A 115 -68.18 -32.19 59.53
N VAL A 116 -66.99 -31.59 59.64
CA VAL A 116 -66.87 -30.15 59.38
C VAL A 116 -66.55 -29.89 57.91
N GLN A 117 -66.05 -30.88 57.19
CA GLN A 117 -65.82 -30.76 55.76
C GLN A 117 -67.15 -30.81 54.99
N GLU A 118 -68.17 -31.44 55.57
CA GLU A 118 -69.51 -31.32 55.01
C GLU A 118 -70.02 -29.89 55.15
N ARG A 119 -69.68 -29.23 56.26
CA ARG A 119 -70.09 -27.85 56.49
C ARG A 119 -68.93 -26.91 56.16
N MET A 120 -68.59 -26.88 54.89
CA MET A 120 -67.77 -25.79 54.36
C MET A 120 -68.40 -25.18 53.13
N MET A 121 -69.03 -26.00 52.29
CA MET A 121 -69.91 -25.52 51.22
C MET A 121 -71.11 -26.45 51.24
N HIS A 122 -72.22 -25.97 51.79
CA HIS A 122 -73.47 -26.71 51.72
C HIS A 122 -74.01 -26.78 50.30
N LYS A 123 -73.56 -25.85 49.43
CA LYS A 123 -73.96 -25.74 48.02
C LYS A 123 -75.48 -25.56 47.92
N ASP A 124 -75.94 -24.45 48.46
CA ASP A 124 -77.34 -24.10 48.35
C ASP A 124 -77.61 -23.56 46.96
N PRO A 125 -78.54 -24.14 46.20
CA PRO A 125 -78.91 -23.54 44.91
C PRO A 125 -79.74 -22.27 45.04
N ASN A 126 -80.13 -21.88 46.26
CA ASN A 126 -80.90 -20.66 46.50
C ASN A 126 -80.11 -19.78 47.46
N PRO A 127 -79.12 -19.03 46.98
CA PRO A 127 -78.39 -18.11 47.84
C PRO A 127 -79.17 -16.83 48.07
N GLU A 128 -78.56 -15.86 48.74
CA GLU A 128 -79.22 -14.59 48.96
C GLU A 128 -78.53 -13.42 48.29
N VAL A 129 -77.20 -13.45 48.18
CA VAL A 129 -76.46 -12.46 47.40
C VAL A 129 -75.17 -13.11 46.90
N VAL A 130 -74.92 -13.00 45.60
CA VAL A 130 -73.76 -13.62 44.96
C VAL A 130 -72.77 -12.52 44.61
N ILE A 131 -71.53 -12.67 45.09
CA ILE A 131 -70.48 -11.69 44.86
C ILE A 131 -69.47 -12.29 43.91
N ASP A 132 -69.22 -11.60 42.81
CA ASP A 132 -68.29 -12.09 41.81
C ASP A 132 -66.92 -11.47 42.09
N VAL A 133 -66.19 -12.12 42.98
CA VAL A 133 -64.89 -11.63 43.42
C VAL A 133 -63.90 -11.98 42.31
N THR A 134 -63.65 -11.04 41.41
CA THR A 134 -62.52 -11.22 40.53
C THR A 134 -61.31 -10.51 41.12
N ALA A 135 -60.14 -10.95 40.70
CA ALA A 135 -58.96 -10.72 41.51
C ALA A 135 -57.77 -10.56 40.58
N PHE A 136 -57.50 -9.32 40.19
CA PHE A 136 -56.57 -9.13 39.09
C PHE A 136 -55.17 -8.96 39.65
N GLN A 137 -54.25 -8.48 38.80
CA GLN A 137 -52.87 -8.30 39.22
C GLN A 137 -52.82 -7.17 40.22
N TRP A 138 -52.65 -7.54 41.49
CA TRP A 138 -52.31 -6.75 42.66
C TRP A 138 -53.45 -5.93 43.26
N ASN A 139 -54.71 -6.18 42.88
CA ASN A 139 -55.85 -5.68 43.65
C ASN A 139 -57.08 -6.48 43.24
N TRP A 140 -58.20 -6.18 43.88
CA TRP A 140 -59.43 -6.94 43.79
C TRP A 140 -60.49 -6.16 43.00
N LYS A 141 -61.58 -6.84 42.69
CA LYS A 141 -62.77 -6.19 42.14
C LYS A 141 -63.96 -7.05 42.49
N PHE A 142 -64.95 -6.48 43.17
CA PHE A 142 -66.06 -7.27 43.66
C PHE A 142 -67.29 -7.06 42.77
N GLY A 143 -68.09 -8.11 42.68
CA GLY A 143 -69.04 -8.22 41.59
C GLY A 143 -70.48 -7.79 41.82
N TYR A 144 -71.11 -8.26 42.90
CA TYR A 144 -72.57 -8.23 43.08
C TYR A 144 -73.30 -8.79 41.86
N GLN A 145 -73.05 -10.07 41.62
CA GLN A 145 -73.56 -10.71 40.40
C GLN A 145 -75.06 -10.93 40.49
N LYS A 146 -75.56 -11.31 41.66
CA LYS A 146 -76.97 -11.62 41.81
C LYS A 146 -77.35 -11.46 43.27
N ILE A 147 -78.50 -10.83 43.52
CA ILE A 147 -79.08 -10.74 44.84
C ILE A 147 -80.49 -11.31 44.76
N ALA A 148 -80.91 -12.00 45.82
CA ALA A 148 -82.30 -12.46 45.90
C ALA A 148 -82.62 -12.66 47.38
N PHE A 149 -83.33 -11.72 47.99
CA PHE A 149 -83.66 -11.85 49.39
C PHE A 149 -84.84 -12.80 49.61
N ALA A 150 -84.70 -13.67 50.62
CA ALA A 150 -85.82 -14.45 51.11
C ALA A 150 -86.78 -13.59 51.92
N ASP A 151 -86.34 -12.43 52.39
CA ASP A 151 -87.25 -11.41 52.90
C ASP A 151 -88.19 -10.93 51.79
N GLY A 152 -87.67 -10.85 50.57
CA GLY A 152 -88.41 -10.37 49.42
C GLY A 152 -88.00 -8.96 49.08
N SER A 153 -87.06 -8.86 48.15
CA SER A 153 -86.44 -7.62 47.65
C SER A 153 -85.44 -8.06 46.59
N PHE A 154 -84.88 -7.05 45.90
CA PHE A 154 -83.69 -7.19 45.05
C PHE A 154 -83.87 -8.22 43.93
N ASP A 155 -84.72 -7.86 42.98
CA ASP A 155 -84.68 -8.55 41.69
C ASP A 155 -83.54 -7.93 40.87
N TYR A 156 -82.31 -8.31 41.23
CA TYR A 156 -81.11 -7.76 40.60
C TYR A 156 -80.29 -8.88 39.98
N ASP A 157 -79.69 -8.60 38.82
CA ASP A 157 -79.00 -9.61 38.02
C ASP A 157 -77.68 -9.05 37.51
N GLY A 158 -76.94 -9.89 36.77
CA GLY A 158 -75.66 -9.52 36.20
C GLY A 158 -75.80 -9.07 34.76
N ALA A 159 -74.76 -8.40 34.26
CA ALA A 159 -74.90 -7.70 32.97
C ALA A 159 -74.68 -8.62 31.77
N ASP A 160 -73.44 -9.07 31.60
CA ASP A 160 -72.99 -9.86 30.46
C ASP A 160 -73.33 -9.33 29.06
N PRO A 161 -72.91 -8.08 28.69
CA PRO A 161 -72.48 -7.89 27.30
C PRO A 161 -70.97 -7.89 27.17
N GLU A 162 -70.26 -7.80 28.31
CA GLU A 162 -68.83 -7.57 28.27
C GLU A 162 -68.02 -8.83 27.99
N ARG A 163 -68.63 -10.01 28.05
CA ARG A 163 -67.89 -11.25 27.90
C ARG A 163 -67.77 -11.57 26.41
N LYS A 164 -66.86 -10.86 25.77
CA LYS A 164 -66.46 -11.16 24.39
C LYS A 164 -65.12 -11.88 24.41
N GLU A 165 -64.94 -12.74 23.42
CA GLU A 165 -63.91 -13.77 23.48
C GLU A 165 -62.62 -13.30 22.83
N ALA A 166 -61.65 -14.22 22.81
CA ALA A 166 -60.48 -14.12 21.96
C ALA A 166 -60.26 -15.44 21.25
N MET A 167 -61.37 -16.08 20.87
CA MET A 167 -61.37 -17.31 20.08
C MET A 167 -60.87 -16.97 18.69
N THR A 168 -59.58 -17.23 18.44
CA THR A 168 -58.91 -16.78 17.22
C THR A 168 -59.19 -17.72 16.04
N SER A 169 -60.47 -17.79 15.68
CA SER A 169 -60.93 -18.66 14.59
C SER A 169 -60.80 -17.96 13.24
N ARG A 170 -59.57 -17.54 12.94
CA ARG A 170 -59.28 -16.92 11.66
C ARG A 170 -59.14 -17.99 10.59
N PRO A 171 -59.68 -17.76 9.38
CA PRO A 171 -59.74 -18.83 8.38
C PRO A 171 -58.41 -19.20 7.77
N GLU A 172 -57.37 -18.37 7.91
CA GLU A 172 -56.08 -18.70 7.34
C GLU A 172 -55.00 -17.89 8.05
N GLY A 173 -53.87 -18.52 8.32
CA GLY A 173 -52.76 -17.94 9.05
C GLY A 173 -51.66 -17.44 8.14
N LYS A 174 -50.41 -17.71 8.53
CA LYS A 174 -49.27 -17.20 7.79
C LYS A 174 -49.07 -17.94 6.47
N ASP A 175 -49.40 -19.23 6.44
CA ASP A 175 -49.41 -19.94 5.17
C ASP A 175 -50.70 -19.61 4.41
N GLU A 176 -50.83 -20.19 3.22
CA GLU A 176 -51.83 -19.72 2.27
C GLU A 176 -53.08 -20.59 2.21
N HIS A 177 -53.00 -21.87 2.56
CA HIS A 177 -54.15 -22.75 2.37
C HIS A 177 -54.12 -23.91 3.35
N GLY A 178 -55.30 -24.40 3.69
CA GLY A 178 -55.51 -25.68 4.36
C GLY A 178 -55.63 -25.74 5.87
N ILE A 179 -54.86 -24.92 6.58
CA ILE A 179 -54.68 -25.12 8.01
C ILE A 179 -55.93 -24.68 8.79
N GLU A 180 -56.45 -23.49 8.49
CA GLU A 180 -57.49 -22.74 9.23
C GLU A 180 -57.30 -22.85 10.76
N LYS A 181 -56.15 -22.36 11.22
CA LYS A 181 -55.71 -22.59 12.59
C LYS A 181 -56.63 -21.91 13.59
N VAL A 182 -57.04 -22.66 14.62
CA VAL A 182 -58.15 -22.28 15.46
C VAL A 182 -57.67 -21.63 16.76
N GLY A 183 -56.73 -22.26 17.46
CA GLY A 183 -56.23 -21.69 18.69
C GLY A 183 -55.43 -22.65 19.53
N PRO A 184 -54.60 -22.11 20.43
CA PRO A 184 -53.76 -22.94 21.32
C PRO A 184 -54.49 -23.89 22.25
N ILE A 185 -55.32 -23.38 23.15
CA ILE A 185 -55.96 -24.18 24.19
C ILE A 185 -57.45 -24.25 23.91
N ARG A 186 -57.99 -25.47 23.82
CA ARG A 186 -59.40 -25.76 23.53
C ARG A 186 -59.93 -25.08 22.26
N GLY A 187 -59.03 -24.69 21.34
CA GLY A 187 -59.41 -23.89 20.21
C GLY A 187 -59.26 -22.39 20.38
N MET A 188 -58.85 -21.91 21.55
CA MET A 188 -58.74 -20.47 21.77
C MET A 188 -57.37 -20.11 22.31
N THR A 189 -57.07 -18.83 22.29
CA THR A 189 -55.78 -18.34 22.77
C THR A 189 -55.77 -18.32 24.29
N PRO A 190 -54.59 -18.33 24.93
CA PRO A 190 -54.56 -18.15 26.38
C PRO A 190 -55.02 -16.79 26.85
N GLU A 191 -54.91 -15.78 26.00
CA GLU A 191 -55.24 -14.40 26.35
C GLU A 191 -56.70 -14.12 26.06
N ASP A 192 -57.58 -14.90 26.69
CA ASP A 192 -58.94 -15.10 26.21
C ASP A 192 -59.98 -14.30 26.98
N ARG A 193 -60.07 -14.50 28.30
CA ARG A 193 -61.02 -13.82 29.20
C ARG A 193 -62.47 -14.09 28.79
N THR A 194 -62.88 -15.35 28.89
CA THR A 194 -64.29 -15.72 28.84
C THR A 194 -64.80 -16.32 30.14
N TYR A 195 -63.92 -16.82 31.00
CA TYR A 195 -64.33 -17.12 32.36
C TYR A 195 -64.69 -15.86 33.11
N LEU A 196 -64.04 -14.75 32.75
CA LEU A 196 -63.97 -13.56 33.58
C LEU A 196 -65.30 -12.83 33.45
N ASN A 197 -66.25 -13.22 34.29
CA ASN A 197 -67.56 -12.60 34.27
C ASN A 197 -67.53 -11.22 34.91
N PHE A 198 -68.35 -10.32 34.39
CA PHE A 198 -68.39 -8.95 34.87
C PHE A 198 -69.79 -8.63 35.39
N ASP A 199 -70.03 -7.36 35.70
CA ASP A 199 -71.29 -6.94 36.29
C ASP A 199 -71.45 -5.45 36.06
N LYS A 200 -72.70 -4.98 36.17
CA LYS A 200 -72.98 -3.54 36.19
C LYS A 200 -72.32 -2.87 37.38
N ILE A 201 -72.69 -3.30 38.59
CA ILE A 201 -72.00 -2.86 39.79
C ILE A 201 -70.60 -3.47 39.80
N GLU A 202 -69.58 -2.64 39.99
CA GLU A 202 -68.21 -3.13 40.13
C GLU A 202 -67.51 -2.26 41.17
N THR A 203 -67.18 -2.86 42.31
CA THR A 203 -66.40 -2.15 43.31
C THR A 203 -64.93 -2.40 43.00
N LEU A 204 -64.41 -1.61 42.06
CA LEU A 204 -63.03 -1.74 41.66
C LEU A 204 -62.13 -1.15 42.74
N GLY A 205 -60.98 -1.79 42.94
CA GLY A 205 -60.03 -1.33 43.91
C GLY A 205 -58.79 -0.75 43.28
N THR A 206 -58.62 0.57 43.38
CA THR A 206 -57.44 1.21 42.87
C THR A 206 -56.27 1.02 43.85
N SER A 207 -55.11 1.55 43.48
CA SER A 207 -53.94 1.40 44.32
C SER A 207 -53.87 2.43 45.45
N SER A 208 -54.81 3.36 45.51
CA SER A 208 -54.88 4.31 46.61
C SER A 208 -56.22 4.27 47.31
N GLU A 209 -57.13 3.39 46.90
CA GLU A 209 -58.41 3.21 47.56
C GLU A 209 -58.64 1.72 47.68
N ILE A 210 -58.69 1.23 48.90
CA ILE A 210 -58.83 -0.21 49.16
C ILE A 210 -60.25 -0.65 48.78
N PRO A 211 -60.40 -1.75 48.04
CA PRO A 211 -61.74 -2.19 47.64
C PRO A 211 -62.58 -2.62 48.84
N VAL A 212 -63.80 -2.12 48.87
CA VAL A 212 -64.72 -2.32 49.99
C VAL A 212 -65.92 -3.07 49.45
N LEU A 213 -65.93 -4.38 49.65
CA LEU A 213 -67.17 -5.12 49.54
C LEU A 213 -68.01 -4.82 50.77
N VAL A 214 -69.32 -4.62 50.58
CA VAL A 214 -70.22 -4.57 51.72
C VAL A 214 -71.28 -5.65 51.55
N LEU A 215 -71.64 -6.27 52.66
CA LEU A 215 -72.44 -7.48 52.64
C LEU A 215 -73.52 -7.41 53.70
N PRO A 216 -74.73 -7.87 53.40
CA PRO A 216 -75.80 -7.81 54.40
C PRO A 216 -75.61 -8.84 55.51
N ALA A 217 -75.86 -8.41 56.74
CA ALA A 217 -75.74 -9.28 57.90
C ALA A 217 -76.89 -10.28 57.92
N GLY A 218 -76.55 -11.57 58.00
CA GLY A 218 -77.59 -12.57 58.15
C GLY A 218 -78.27 -12.96 56.87
N LYS A 219 -77.52 -13.09 55.78
CA LYS A 219 -78.01 -13.64 54.53
C LYS A 219 -77.13 -14.83 54.16
N ARG A 220 -77.34 -15.38 52.98
CA ARG A 220 -76.56 -16.51 52.48
C ARG A 220 -75.72 -15.96 51.34
N ILE A 221 -74.44 -15.73 51.60
CA ILE A 221 -73.61 -14.88 50.76
C ILE A 221 -72.67 -15.78 49.96
N GLU A 222 -72.97 -15.96 48.69
CA GLU A 222 -72.16 -16.79 47.82
C GLU A 222 -71.02 -15.97 47.26
N PHE A 223 -69.87 -16.59 47.10
CA PHE A 223 -68.67 -15.97 46.56
C PHE A 223 -68.20 -16.79 45.37
N VAL A 224 -68.27 -16.24 44.17
CA VAL A 224 -67.72 -16.88 42.98
C VAL A 224 -66.42 -16.17 42.62
N LEU A 225 -65.34 -16.94 42.52
CA LEU A 225 -63.98 -16.42 42.59
C LEU A 225 -63.29 -16.60 41.26
N ASN A 226 -62.80 -15.53 40.68
CA ASN A 226 -62.01 -15.62 39.47
C ASN A 226 -60.83 -14.68 39.60
N SER A 227 -59.71 -15.06 38.98
CA SER A 227 -58.57 -14.18 38.89
C SER A 227 -58.22 -13.95 37.43
N ALA A 228 -57.93 -12.70 37.09
CA ALA A 228 -57.60 -12.39 35.72
C ALA A 228 -56.23 -12.93 35.33
N ASP A 229 -55.27 -12.91 36.24
CA ASP A 229 -53.90 -13.20 35.85
C ASP A 229 -53.28 -14.39 36.58
N VAL A 230 -53.33 -14.41 37.92
CA VAL A 230 -52.41 -15.26 38.67
C VAL A 230 -53.09 -15.69 39.97
N ILE A 231 -52.73 -16.89 40.45
CA ILE A 231 -53.30 -17.46 41.67
C ILE A 231 -53.00 -16.58 42.86
N HIS A 232 -54.04 -16.21 43.59
CA HIS A 232 -53.85 -15.79 44.98
C HIS A 232 -55.07 -16.17 45.81
N GLY A 233 -55.23 -15.54 46.96
CA GLY A 233 -56.14 -16.08 47.94
C GLY A 233 -57.13 -15.11 48.54
N PHE A 234 -58.40 -15.47 48.46
CA PHE A 234 -59.47 -14.70 49.10
C PHE A 234 -59.52 -15.13 50.55
N TRP A 235 -58.70 -14.49 51.38
CA TRP A 235 -58.56 -14.89 52.78
C TRP A 235 -58.96 -13.73 53.65
N VAL A 236 -60.24 -13.65 53.97
CA VAL A 236 -60.63 -12.85 55.13
C VAL A 236 -60.16 -13.59 56.38
N PRO A 237 -59.43 -12.93 57.28
CA PRO A 237 -59.07 -13.62 58.53
C PRO A 237 -60.26 -13.99 59.38
N GLU A 238 -61.32 -13.20 59.40
CA GLU A 238 -62.39 -13.53 60.33
C GLU A 238 -63.52 -14.34 59.70
N PHE A 239 -63.38 -14.78 58.44
CA PHE A 239 -64.25 -15.83 57.92
C PHE A 239 -63.80 -17.21 58.34
N LEU A 240 -62.55 -17.32 58.81
CA LEU A 240 -61.85 -18.56 59.11
C LEU A 240 -61.91 -19.55 57.95
N PHE A 241 -61.70 -19.03 56.75
CA PHE A 241 -61.80 -19.78 55.51
C PHE A 241 -61.10 -18.99 54.42
N LYS A 242 -60.50 -19.70 53.47
CA LYS A 242 -60.05 -19.07 52.24
C LYS A 242 -60.22 -20.02 51.08
N ARG A 243 -59.95 -19.50 49.90
CA ARG A 243 -59.99 -20.21 48.65
C ARG A 243 -59.02 -19.49 47.75
N ASP A 244 -58.50 -20.20 46.76
CA ASP A 244 -57.56 -19.60 45.83
C ASP A 244 -58.29 -19.22 44.55
N VAL A 245 -58.06 -17.99 44.10
CA VAL A 245 -58.56 -17.54 42.82
C VAL A 245 -57.64 -18.09 41.74
N LEU A 246 -57.93 -19.29 41.29
CA LEU A 246 -57.21 -19.86 40.17
C LEU A 246 -57.63 -19.12 38.90
N PRO A 247 -56.73 -18.99 37.90
CA PRO A 247 -57.05 -18.20 36.71
C PRO A 247 -58.24 -18.69 35.89
N GLU A 248 -58.25 -19.90 35.35
CA GLU A 248 -59.52 -20.40 34.83
C GLU A 248 -59.93 -21.59 35.69
N PRO A 249 -60.67 -21.35 36.77
CA PRO A 249 -60.91 -22.42 37.74
C PRO A 249 -61.87 -23.48 37.26
N LYS A 250 -62.75 -23.17 36.31
CA LYS A 250 -63.61 -24.20 35.77
C LYS A 250 -62.82 -25.19 34.92
N ALA A 251 -61.81 -24.70 34.20
CA ALA A 251 -60.97 -25.59 33.42
C ALA A 251 -60.01 -26.37 34.31
N ASN A 252 -59.59 -25.78 35.42
CA ASN A 252 -58.59 -26.41 36.28
C ASN A 252 -59.20 -27.20 37.42
N ASN A 253 -60.39 -27.77 37.22
CA ASN A 253 -61.10 -28.63 38.17
C ASN A 253 -61.36 -27.95 39.52
N SER A 254 -61.33 -26.63 39.56
CA SER A 254 -61.38 -25.88 40.82
C SER A 254 -62.78 -25.37 41.04
N ASP A 255 -63.47 -25.95 42.02
CA ASP A 255 -64.72 -25.37 42.46
C ASP A 255 -64.40 -24.11 43.24
N ASN A 256 -64.28 -22.99 42.53
CA ASN A 256 -63.88 -21.74 43.13
C ASN A 256 -64.95 -21.16 44.05
N VAL A 257 -66.19 -21.48 43.77
CA VAL A 257 -67.32 -20.83 44.43
C VAL A 257 -67.48 -21.44 45.82
N PHE A 258 -67.84 -20.59 46.80
CA PHE A 258 -68.25 -21.11 48.09
C PHE A 258 -69.28 -20.16 48.70
N GLN A 259 -70.29 -20.72 49.34
CA GLN A 259 -71.23 -19.91 50.08
C GLN A 259 -70.74 -19.71 51.50
N VAL A 260 -71.15 -18.59 52.08
CA VAL A 260 -70.97 -18.29 53.50
C VAL A 260 -72.35 -18.25 54.11
N SER A 261 -72.54 -19.03 55.18
CA SER A 261 -73.88 -19.41 55.63
C SER A 261 -74.67 -18.22 56.15
N GLU A 262 -74.11 -17.50 57.12
CA GLU A 262 -74.62 -16.21 57.53
C GLU A 262 -73.41 -15.31 57.70
N ILE A 263 -73.64 -14.09 58.20
CA ILE A 263 -72.62 -13.31 58.88
C ILE A 263 -73.32 -12.55 59.99
N GLN A 264 -73.12 -12.98 61.24
CA GLN A 264 -73.84 -12.37 62.35
C GLN A 264 -73.32 -10.98 62.65
N GLN A 265 -72.03 -10.85 62.91
CA GLN A 265 -71.47 -9.61 63.41
C GLN A 265 -71.32 -8.59 62.29
N THR A 266 -71.81 -7.38 62.53
CA THR A 266 -71.67 -6.28 61.58
C THR A 266 -70.30 -5.63 61.76
N GLY A 267 -70.12 -4.47 61.13
CA GLY A 267 -68.86 -3.78 61.19
C GLY A 267 -67.99 -4.06 59.99
N ALA A 268 -66.70 -3.78 60.14
CA ALA A 268 -65.72 -3.93 59.08
C ALA A 268 -64.76 -5.05 59.43
N PHE A 269 -64.37 -5.82 58.41
CA PHE A 269 -63.46 -6.93 58.60
C PHE A 269 -62.37 -6.88 57.53
N VAL A 270 -61.13 -7.07 57.96
CA VAL A 270 -59.99 -7.05 57.05
C VAL A 270 -60.03 -8.27 56.13
N GLY A 271 -59.45 -8.14 54.95
CA GLY A 271 -59.25 -9.29 54.10
C GLY A 271 -57.91 -9.23 53.39
N ARG A 272 -57.08 -10.24 53.58
CA ARG A 272 -55.72 -10.23 53.06
C ARG A 272 -55.65 -11.01 51.76
N CYS A 273 -54.42 -11.30 51.34
CA CYS A 273 -54.15 -11.99 50.09
C CYS A 273 -53.07 -13.03 50.36
N THR A 274 -53.39 -14.31 50.12
CA THR A 274 -52.73 -15.41 50.82
C THR A 274 -52.31 -16.51 49.84
N GLU A 275 -51.57 -16.10 48.82
CA GLU A 275 -50.70 -16.95 48.02
C GLU A 275 -49.52 -16.07 47.65
N MET A 276 -48.93 -16.33 46.49
CA MET A 276 -47.92 -15.43 45.93
C MET A 276 -48.44 -14.88 44.61
N CYS A 277 -48.46 -13.54 44.48
CA CYS A 277 -48.84 -12.85 43.26
C CYS A 277 -47.70 -12.27 42.45
N GLY A 278 -46.54 -12.12 43.02
CA GLY A 278 -45.59 -11.15 42.49
C GLY A 278 -45.37 -10.12 43.56
N THR A 279 -44.73 -9.01 43.17
CA THR A 279 -44.10 -8.17 44.18
C THR A 279 -45.10 -7.43 45.08
N PHE A 280 -46.03 -6.69 44.50
CA PHE A 280 -46.95 -5.91 45.33
C PHE A 280 -48.05 -6.83 45.84
N HIS A 281 -47.68 -7.62 46.83
CA HIS A 281 -48.54 -8.69 47.31
C HIS A 281 -49.15 -8.43 48.68
N ALA A 282 -48.44 -7.75 49.57
CA ALA A 282 -49.07 -7.26 50.78
C ALA A 282 -49.95 -6.04 50.53
N MET A 283 -49.88 -5.47 49.32
CA MET A 283 -50.67 -4.32 48.94
C MET A 283 -52.04 -4.70 48.37
N MET A 284 -52.54 -5.89 48.68
CA MET A 284 -53.76 -6.38 48.07
C MET A 284 -54.87 -6.56 49.08
N ASN A 285 -54.89 -5.74 50.12
CA ASN A 285 -55.89 -5.90 51.15
C ASN A 285 -57.23 -5.38 50.67
N PHE A 286 -58.31 -5.92 51.24
CA PHE A 286 -59.65 -5.46 50.93
C PHE A 286 -60.42 -5.38 52.24
N GLU A 287 -61.71 -5.07 52.13
CA GLU A 287 -62.57 -5.11 53.31
C GLU A 287 -63.90 -5.74 52.96
N VAL A 288 -64.44 -6.50 53.89
CA VAL A 288 -65.81 -6.97 53.78
C VAL A 288 -66.63 -6.36 54.90
N ARG A 289 -67.17 -5.18 54.64
CA ARG A 289 -67.90 -4.46 55.66
C ARG A 289 -69.33 -4.97 55.71
N VAL A 290 -69.70 -5.51 56.85
CA VAL A 290 -70.98 -6.18 57.02
C VAL A 290 -71.97 -5.15 57.54
N VAL A 291 -72.95 -4.82 56.71
CA VAL A 291 -73.92 -3.80 57.03
C VAL A 291 -75.26 -4.46 57.31
N GLU A 292 -76.20 -3.67 57.80
CA GLU A 292 -77.56 -4.15 57.98
C GLU A 292 -78.24 -4.34 56.62
N PRO A 293 -79.28 -5.18 56.55
CA PRO A 293 -79.98 -5.36 55.27
C PRO A 293 -80.65 -4.11 54.71
N ASN A 294 -81.22 -3.24 55.54
CA ASN A 294 -81.73 -1.98 55.02
C ASN A 294 -80.58 -1.06 54.60
N ASP A 295 -79.42 -1.19 55.24
CA ASP A 295 -78.25 -0.49 54.74
C ASP A 295 -77.77 -1.07 53.42
N PHE A 296 -78.03 -2.35 53.16
CA PHE A 296 -77.69 -2.93 51.87
C PHE A 296 -78.65 -2.43 50.79
N LYS A 297 -79.94 -2.29 51.15
CA LYS A 297 -80.94 -1.65 50.31
C LYS A 297 -80.49 -0.25 49.91
N ALA A 298 -80.17 0.57 50.92
CA ALA A 298 -79.72 1.93 50.67
C ALA A 298 -78.31 2.00 50.10
N TYR A 299 -77.57 0.90 50.09
CA TYR A 299 -76.28 0.90 49.41
C TYR A 299 -76.45 0.75 47.91
N ILE A 300 -77.08 -0.34 47.50
CA ILE A 300 -77.15 -0.58 46.05
C ILE A 300 -78.18 0.31 45.39
N ASP A 301 -79.27 0.65 46.08
CA ASP A 301 -80.20 1.61 45.50
C ASP A 301 -79.68 3.04 45.54
N GLN A 302 -78.54 3.30 46.19
CA GLN A 302 -77.78 4.52 45.96
C GLN A 302 -76.53 4.25 45.14
N ARG A 303 -76.48 3.13 44.41
CA ARG A 303 -75.43 2.88 43.44
C ARG A 303 -75.96 2.51 42.06
N ASN A 304 -77.19 1.99 41.97
CA ASN A 304 -77.82 1.81 40.66
C ASN A 304 -78.00 3.15 39.95
N ALA A 305 -78.38 4.19 40.68
CA ALA A 305 -78.06 5.55 40.28
C ALA A 305 -76.57 5.73 40.54
N GLY A 306 -75.78 5.76 39.47
CA GLY A 306 -74.36 5.53 39.52
C GLY A 306 -73.49 6.43 40.39
N LYS A 307 -73.04 5.90 41.51
CA LYS A 307 -72.10 6.56 42.40
C LYS A 307 -70.90 5.65 42.62
N THR A 308 -69.79 6.25 43.01
CA THR A 308 -68.58 5.49 43.28
C THR A 308 -68.63 4.92 44.70
N ASN A 309 -67.50 4.38 45.18
CA ASN A 309 -67.53 3.61 46.42
C ASN A 309 -67.65 4.51 47.64
N ALA A 310 -66.90 5.61 47.66
CA ALA A 310 -66.93 6.52 48.80
C ALA A 310 -68.29 7.21 48.91
N GLU A 311 -68.89 7.56 47.77
CA GLU A 311 -70.19 8.21 47.80
C GLU A 311 -71.28 7.24 48.25
N ALA A 312 -71.21 5.99 47.78
CA ALA A 312 -72.19 5.00 48.18
C ALA A 312 -72.08 4.65 49.65
N LEU A 313 -70.86 4.64 50.19
CA LEU A 313 -70.73 4.39 51.62
C LEU A 313 -71.11 5.62 52.46
N ALA A 314 -70.91 6.82 51.92
CA ALA A 314 -71.37 8.01 52.63
C ALA A 314 -72.88 8.12 52.63
N ALA A 315 -73.55 7.52 51.62
CA ALA A 315 -75.00 7.56 51.57
C ALA A 315 -75.67 6.66 52.60
N ILE A 316 -74.94 5.80 53.31
CA ILE A 316 -75.54 4.88 54.26
C ILE A 316 -75.01 5.11 55.68
N ASN A 317 -74.45 6.29 55.94
CA ASN A 317 -74.00 6.75 57.26
C ASN A 317 -72.95 5.82 57.85
N GLN A 318 -71.80 5.76 57.16
CA GLN A 318 -70.76 4.78 57.45
C GLN A 318 -69.51 5.35 56.81
N PRO A 319 -68.35 5.28 57.46
CA PRO A 319 -67.16 5.99 56.94
C PRO A 319 -66.65 5.41 55.64
N PRO A 320 -66.45 6.27 54.64
CA PRO A 320 -66.31 5.78 53.27
C PRO A 320 -64.98 5.11 52.98
N LEU A 321 -63.89 5.62 53.52
CA LEU A 321 -62.60 4.99 53.28
C LEU A 321 -62.50 3.70 54.07
N ALA A 322 -61.51 2.88 53.70
CA ALA A 322 -61.28 1.63 54.40
C ALA A 322 -60.76 1.90 55.81
N ILE A 323 -61.42 1.32 56.80
CA ILE A 323 -61.22 1.76 58.18
C ILE A 323 -60.30 0.81 58.94
N THR A 324 -60.23 -0.46 58.54
CA THR A 324 -59.36 -1.39 59.25
C THR A 324 -58.01 -1.58 58.57
N THR A 325 -57.84 -1.05 57.35
CA THR A 325 -56.56 -0.99 56.66
C THR A 325 -56.45 0.33 55.93
N GLU A 326 -55.35 1.03 56.13
CA GLU A 326 -55.17 2.20 55.30
C GLU A 326 -54.61 1.79 53.94
N PRO A 327 -54.93 2.53 52.88
CA PRO A 327 -54.32 2.23 51.57
C PRO A 327 -52.87 2.66 51.55
N PHE A 328 -51.99 1.80 52.04
CA PHE A 328 -50.64 2.22 52.35
C PHE A 328 -49.80 2.40 51.09
N GLU A 329 -48.55 2.77 51.32
CA GLU A 329 -47.83 3.72 50.47
C GLU A 329 -47.66 3.24 49.04
N SER A 330 -48.04 4.12 48.11
CA SER A 330 -47.66 3.92 46.71
C SER A 330 -46.17 4.03 46.53
N ARG A 331 -45.49 4.78 47.41
CA ARG A 331 -44.04 4.79 47.48
C ARG A 331 -43.51 3.41 47.87
N ARG A 332 -42.19 3.27 47.76
CA ARG A 332 -41.58 1.97 47.85
C ARG A 332 -40.85 1.71 49.16
N GLY A 333 -40.35 2.74 49.83
CA GLY A 333 -39.66 2.49 51.08
C GLY A 333 -39.63 3.71 51.97
N GLU A 334 -39.03 3.53 53.14
CA GLU A 334 -38.79 4.64 54.05
C GLU A 334 -37.41 5.25 53.85
N LEU A 335 -36.75 4.94 52.72
CA LEU A 335 -35.51 5.60 52.35
C LEU A 335 -35.48 5.98 50.87
N VAL A 336 -36.62 5.87 50.18
CA VAL A 336 -36.74 6.40 48.83
C VAL A 336 -37.05 7.89 48.97
N PRO A 337 -36.51 8.76 48.12
CA PRO A 337 -36.80 10.20 48.31
C PRO A 337 -38.14 10.62 47.72
N GLN A 338 -39.22 10.14 48.38
CA GLN A 338 -40.60 10.53 48.13
C GLN A 338 -41.09 10.37 46.68
N GLU B 10 7.14 -51.37 74.90
CA GLU B 10 6.20 -51.31 76.01
C GLU B 10 5.52 -49.95 76.04
N LEU B 11 6.12 -48.99 75.36
CA LEU B 11 5.56 -47.66 75.19
C LEU B 11 5.68 -47.24 73.74
N GLU B 12 4.66 -46.54 73.25
CA GLU B 12 4.62 -46.12 71.86
C GLU B 12 5.53 -44.91 71.64
N ALA B 13 5.54 -44.40 70.42
CA ALA B 13 6.31 -43.21 70.06
C ALA B 13 5.39 -42.31 69.23
N ARG B 14 4.62 -41.47 69.91
CA ARG B 14 3.62 -40.63 69.28
C ARG B 14 4.07 -39.18 69.27
N ARG B 15 3.44 -38.40 68.40
CA ARG B 15 3.60 -36.97 68.43
C ARG B 15 2.86 -36.41 69.65
N PRO B 16 3.31 -35.27 70.19
CA PRO B 16 2.60 -34.71 71.35
C PRO B 16 1.21 -34.19 71.01
N PHE B 17 1.06 -33.58 69.86
CA PHE B 17 -0.23 -33.21 69.31
C PHE B 17 -0.23 -33.67 67.86
N PRO B 18 -1.39 -34.03 67.30
CA PRO B 18 -1.41 -34.46 65.89
C PRO B 18 -1.14 -33.32 64.91
N GLU B 19 -1.22 -33.61 63.62
CA GLU B 19 -1.01 -32.57 62.62
C GLU B 19 -2.11 -31.53 62.73
N ARG B 20 -1.71 -30.27 62.84
CA ARG B 20 -2.68 -29.21 63.12
C ARG B 20 -3.47 -28.90 61.85
N MET B 21 -2.79 -28.36 60.84
CA MET B 21 -3.44 -28.01 59.60
C MET B 21 -3.28 -29.10 58.55
N GLY B 22 -2.14 -29.78 58.54
CA GLY B 22 -1.77 -30.65 57.45
C GLY B 22 -0.67 -29.98 56.66
N PRO B 23 0.03 -30.73 55.81
CA PRO B 23 1.08 -30.12 55.00
C PRO B 23 0.50 -29.17 53.98
N LYS B 24 1.35 -28.24 53.53
CA LYS B 24 0.94 -27.28 52.51
C LYS B 24 0.70 -28.02 51.20
N GLY B 25 -0.51 -27.92 50.68
CA GLY B 25 -0.85 -28.59 49.45
C GLY B 25 -1.04 -30.08 49.59
N ASN B 26 -2.07 -30.51 50.31
CA ASN B 26 -2.55 -31.87 50.23
C ASN B 26 -4.05 -31.94 50.03
N LEU B 27 -4.67 -30.82 49.78
CA LEU B 27 -6.12 -30.80 49.76
C LEU B 27 -6.68 -30.18 48.50
N ILE B 28 -6.02 -29.17 47.95
CA ILE B 28 -6.67 -28.39 46.91
C ILE B 28 -6.63 -29.08 45.56
N TYR B 29 -5.60 -29.90 45.27
CA TYR B 29 -5.77 -30.80 44.15
C TYR B 29 -6.65 -31.96 44.54
N LYS B 30 -6.54 -32.43 45.79
CA LYS B 30 -7.39 -33.49 46.28
C LYS B 30 -8.85 -33.05 46.36
N LEU B 31 -9.12 -31.74 46.44
CA LEU B 31 -10.46 -31.21 46.14
C LEU B 31 -10.92 -31.62 44.75
N ILE B 32 -10.09 -31.37 43.74
CA ILE B 32 -10.53 -31.49 42.36
C ILE B 32 -10.70 -32.94 41.97
N THR B 33 -9.96 -33.84 42.62
CA THR B 33 -9.88 -35.22 42.19
C THR B 33 -10.33 -36.17 43.30
N THR B 34 -11.34 -35.75 44.06
CA THR B 34 -11.96 -36.59 45.09
C THR B 34 -12.49 -37.89 44.52
N THR B 35 -12.23 -38.98 45.22
CA THR B 35 -12.93 -40.22 44.91
C THR B 35 -13.40 -40.99 46.12
N ASP B 36 -12.88 -40.75 47.32
CA ASP B 36 -13.44 -41.44 48.48
C ASP B 36 -14.68 -40.70 48.94
N HIS B 37 -15.58 -41.44 49.59
CA HIS B 37 -16.81 -40.85 50.08
C HIS B 37 -16.54 -39.83 51.18
N LYS B 38 -15.45 -40.03 51.95
CA LYS B 38 -15.19 -39.26 53.15
C LYS B 38 -15.01 -37.78 52.85
N LEU B 39 -14.04 -37.47 51.98
CA LEU B 39 -13.71 -36.09 51.69
C LEU B 39 -14.84 -35.39 50.95
N ILE B 40 -15.60 -36.14 50.14
CA ILE B 40 -16.78 -35.59 49.48
C ILE B 40 -17.84 -35.24 50.51
N GLY B 41 -18.01 -36.08 51.53
CA GLY B 41 -18.99 -35.78 52.56
C GLY B 41 -18.58 -34.61 53.42
N ILE B 42 -17.28 -34.49 53.70
CA ILE B 42 -16.75 -33.31 54.39
C ILE B 42 -17.02 -32.06 53.57
N MET B 43 -16.85 -32.16 52.25
CA MET B 43 -17.13 -31.02 51.37
C MET B 43 -18.61 -30.68 51.34
N TYR B 44 -19.47 -31.69 51.38
CA TYR B 44 -20.90 -31.43 51.53
C TYR B 44 -21.19 -30.66 52.79
N CYS B 45 -20.64 -31.10 53.92
CA CYS B 45 -20.93 -30.43 55.18
C CYS B 45 -20.37 -29.00 55.20
N VAL B 46 -19.19 -28.80 54.62
CA VAL B 46 -18.56 -27.48 54.60
C VAL B 46 -19.34 -26.53 53.70
N VAL B 47 -19.51 -26.88 52.43
CA VAL B 47 -20.10 -25.91 51.52
C VAL B 47 -21.60 -25.76 51.79
N CYS B 48 -22.23 -26.75 52.44
CA CYS B 48 -23.64 -26.56 52.73
C CYS B 48 -23.85 -25.82 54.03
N PHE B 49 -22.92 -25.87 54.96
CA PHE B 49 -23.01 -24.91 56.06
C PHE B 49 -22.65 -23.51 55.58
N ALA B 50 -21.87 -23.39 54.51
CA ALA B 50 -21.69 -22.08 53.89
C ALA B 50 -22.99 -21.58 53.25
N PHE B 51 -23.73 -22.46 52.57
CA PHE B 51 -25.02 -22.04 52.06
C PHE B 51 -26.03 -21.83 53.18
N PHE B 52 -25.87 -22.52 54.31
CA PHE B 52 -26.69 -22.26 55.48
C PHE B 52 -26.41 -20.88 56.04
N LEU B 53 -25.15 -20.46 56.01
CA LEU B 53 -24.79 -19.09 56.40
C LEU B 53 -25.42 -18.07 55.47
N VAL B 54 -25.35 -18.33 54.15
CA VAL B 54 -25.94 -17.43 53.16
C VAL B 54 -27.44 -17.30 53.38
N GLY B 55 -28.11 -18.42 53.57
CA GLY B 55 -29.53 -18.40 53.84
C GLY B 55 -29.87 -17.72 55.15
N GLY B 56 -29.10 -17.99 56.22
CA GLY B 56 -29.35 -17.35 57.51
C GLY B 56 -29.25 -15.84 57.43
N LEU B 57 -28.25 -15.31 56.71
CA LEU B 57 -28.20 -13.85 56.58
C LEU B 57 -29.31 -13.34 55.68
N MET B 58 -29.76 -14.15 54.73
CA MET B 58 -30.91 -13.77 53.90
C MET B 58 -32.18 -13.69 54.75
N ALA B 59 -32.33 -14.62 55.69
CA ALA B 59 -33.45 -14.59 56.62
C ALA B 59 -33.35 -13.45 57.61
N LEU B 60 -32.13 -13.11 58.03
CA LEU B 60 -31.96 -11.96 58.90
C LEU B 60 -32.26 -10.66 58.17
N PHE B 61 -32.04 -10.62 56.85
CA PHE B 61 -32.50 -9.47 56.08
C PHE B 61 -34.01 -9.39 56.04
N MET B 62 -34.68 -10.53 55.79
CA MET B 62 -36.14 -10.58 55.85
C MET B 62 -36.67 -10.17 57.21
N ARG B 63 -35.95 -10.50 58.25
CA ARG B 63 -36.45 -10.30 59.59
C ARG B 63 -36.10 -8.93 60.15
N THR B 64 -35.03 -8.30 59.67
CA THR B 64 -34.93 -6.85 59.80
C THR B 64 -36.09 -6.17 59.12
N GLU B 65 -36.51 -6.69 57.96
CA GLU B 65 -37.60 -6.05 57.22
C GLU B 65 -38.92 -6.15 57.95
N LEU B 66 -39.24 -7.33 58.50
CA LEU B 66 -40.52 -7.51 59.20
C LEU B 66 -40.55 -6.91 60.59
N ALA B 67 -39.47 -6.33 61.09
CA ALA B 67 -39.48 -5.80 62.45
C ALA B 67 -40.33 -4.55 62.59
N MET B 68 -40.60 -3.86 61.49
CA MET B 68 -41.40 -2.64 61.52
C MET B 68 -42.34 -2.64 60.32
N PRO B 69 -43.55 -2.06 60.48
CA PRO B 69 -44.55 -2.14 59.41
C PRO B 69 -44.22 -1.37 58.14
N GLY B 70 -43.20 -0.53 58.12
CA GLY B 70 -42.80 0.11 56.89
C GLY B 70 -42.04 -0.83 55.98
N LEU B 71 -41.63 -0.30 54.85
CA LEU B 71 -40.60 -0.92 54.02
C LEU B 71 -39.26 -0.24 54.27
N GLN B 72 -38.78 -0.36 55.51
CA GLN B 72 -37.75 0.55 56.00
C GLN B 72 -36.35 0.15 55.56
N PHE B 73 -36.09 -1.12 55.27
CA PHE B 73 -34.74 -1.60 55.07
C PHE B 73 -34.47 -1.93 53.61
N LEU B 74 -35.27 -2.80 53.03
CA LEU B 74 -35.14 -3.14 51.63
C LEU B 74 -36.54 -3.19 51.03
N SER B 75 -36.59 -3.37 49.72
CA SER B 75 -37.79 -3.09 48.96
C SER B 75 -38.80 -4.23 49.08
N ASN B 76 -39.81 -4.18 48.22
CA ASN B 76 -40.75 -5.27 48.09
C ASN B 76 -40.15 -6.38 47.25
N GLU B 77 -39.63 -6.03 46.08
CA GLU B 77 -39.15 -7.04 45.12
C GLU B 77 -37.94 -7.78 45.65
N GLN B 78 -37.04 -7.06 46.34
CA GLN B 78 -35.89 -7.71 46.95
C GLN B 78 -36.32 -8.66 48.04
N PHE B 79 -37.40 -8.33 48.77
CA PHE B 79 -37.93 -9.27 49.75
C PHE B 79 -38.49 -10.52 49.09
N ASN B 80 -39.16 -10.34 47.94
CA ASN B 80 -39.75 -11.50 47.29
C ASN B 80 -38.69 -12.38 46.64
N GLN B 81 -37.55 -11.79 46.28
CA GLN B 81 -36.40 -12.60 45.91
C GLN B 81 -35.80 -13.26 47.13
N LEU B 82 -35.94 -12.60 48.27
CA LEU B 82 -35.17 -12.93 49.45
C LEU B 82 -35.70 -14.21 50.09
N PHE B 83 -37.03 -14.30 50.28
CA PHE B 83 -37.57 -15.55 50.83
C PHE B 83 -37.45 -16.71 49.84
N THR B 84 -37.44 -16.43 48.54
CA THR B 84 -37.39 -17.52 47.57
C THR B 84 -36.02 -18.17 47.55
N MET B 85 -34.98 -17.36 47.32
CA MET B 85 -33.62 -17.89 47.35
C MET B 85 -33.29 -18.44 48.71
N HIS B 86 -33.90 -17.88 49.75
CA HIS B 86 -33.72 -18.42 51.09
C HIS B 86 -34.36 -19.78 51.27
N GLY B 87 -35.59 -19.96 50.80
CA GLY B 87 -36.25 -21.25 50.87
C GLY B 87 -35.54 -22.31 50.06
N THR B 88 -34.91 -21.92 48.96
CA THR B 88 -34.15 -22.91 48.21
C THR B 88 -32.82 -23.24 48.86
N VAL B 89 -32.06 -22.26 49.34
CA VAL B 89 -30.77 -22.59 49.92
C VAL B 89 -30.91 -22.97 51.38
N MET B 90 -32.14 -23.16 51.83
CA MET B 90 -32.38 -23.96 53.02
C MET B 90 -33.01 -25.32 52.73
N LEU B 91 -33.80 -25.46 51.67
CA LEU B 91 -34.37 -26.76 51.33
C LEU B 91 -33.54 -27.50 50.29
N LEU B 92 -33.44 -26.94 49.10
CA LEU B 92 -32.86 -27.66 47.98
C LEU B 92 -31.36 -27.46 47.84
N PHE B 93 -30.76 -26.58 48.65
CA PHE B 93 -29.31 -26.43 48.64
C PHE B 93 -28.69 -26.46 50.02
N TYR B 94 -29.46 -26.71 51.07
CA TYR B 94 -28.90 -27.04 52.37
C TYR B 94 -29.36 -28.39 52.88
N ALA B 95 -30.65 -28.68 52.85
CA ALA B 95 -31.13 -29.93 53.44
C ALA B 95 -30.84 -31.12 52.53
N THR B 96 -31.45 -31.12 51.35
CA THR B 96 -31.28 -32.01 50.21
C THR B 96 -29.83 -32.40 49.89
N PRO B 97 -28.82 -31.54 50.00
CA PRO B 97 -27.46 -32.06 49.92
C PRO B 97 -26.99 -32.79 51.17
N ILE B 98 -27.31 -32.29 52.36
CA ILE B 98 -26.77 -32.86 53.60
C ILE B 98 -27.37 -34.23 53.88
N VAL B 99 -28.56 -34.52 53.35
CA VAL B 99 -29.14 -35.85 53.47
C VAL B 99 -28.33 -36.90 52.70
N PHE B 100 -27.50 -36.48 51.73
CA PHE B 100 -26.48 -37.33 51.15
C PHE B 100 -25.09 -36.97 51.64
N GLY B 101 -24.95 -35.86 52.34
CA GLY B 101 -23.65 -35.50 52.87
C GLY B 101 -23.27 -36.34 54.07
N PHE B 102 -24.24 -36.61 54.94
CA PHE B 102 -24.01 -37.60 55.98
C PHE B 102 -23.94 -39.02 55.41
N ALA B 103 -24.56 -39.25 54.25
CA ALA B 103 -24.40 -40.55 53.59
C ALA B 103 -22.96 -40.75 53.16
N ASN B 104 -22.41 -39.77 52.42
CA ASN B 104 -21.00 -39.80 52.05
C ASN B 104 -20.06 -39.71 53.24
N LEU B 105 -20.49 -39.12 54.36
CA LEU B 105 -19.70 -39.32 55.57
C LEU B 105 -19.65 -40.77 56.02
N VAL B 106 -20.78 -41.33 56.45
CA VAL B 106 -20.66 -42.50 57.30
C VAL B 106 -21.44 -43.71 56.83
N LEU B 107 -22.06 -43.66 55.64
CA LEU B 107 -22.80 -44.83 55.22
C LEU B 107 -21.89 -45.96 54.73
N PRO B 108 -20.83 -45.74 53.92
CA PRO B 108 -19.89 -46.84 53.70
C PRO B 108 -19.13 -47.25 54.95
N LEU B 109 -19.00 -46.36 55.93
CA LEU B 109 -18.48 -46.77 57.23
C LEU B 109 -19.46 -47.67 57.95
N GLN B 110 -20.77 -47.44 57.76
CA GLN B 110 -21.75 -48.22 58.51
C GLN B 110 -22.07 -49.56 57.88
N ILE B 111 -21.95 -49.69 56.56
CA ILE B 111 -22.29 -50.95 55.93
C ILE B 111 -21.05 -51.78 55.62
N GLY B 112 -19.87 -51.31 56.02
CA GLY B 112 -18.67 -52.08 55.76
C GLY B 112 -18.13 -51.91 54.36
N ALA B 113 -18.55 -50.91 53.67
CA ALA B 113 -18.11 -50.73 52.31
C ALA B 113 -16.72 -50.09 52.30
N PRO B 114 -15.83 -50.53 51.40
CA PRO B 114 -14.54 -49.86 51.26
C PRO B 114 -14.66 -48.43 50.78
N ASP B 115 -15.30 -48.21 49.65
CA ASP B 115 -15.76 -46.90 49.27
C ASP B 115 -17.25 -46.96 49.00
N VAL B 116 -17.79 -45.78 48.69
CA VAL B 116 -19.07 -45.69 48.06
C VAL B 116 -19.00 -46.31 46.65
N ALA B 117 -20.16 -46.74 46.15
CA ALA B 117 -20.23 -47.73 45.09
C ALA B 117 -19.76 -47.17 43.75
N PHE B 118 -20.09 -45.92 43.45
CA PHE B 118 -19.69 -45.29 42.20
C PHE B 118 -18.83 -44.08 42.56
N PRO B 119 -17.55 -44.31 42.85
CA PRO B 119 -16.75 -43.31 43.56
C PRO B 119 -16.34 -42.10 42.74
N ARG B 120 -16.55 -42.11 41.42
CA ARG B 120 -16.50 -40.86 40.68
C ARG B 120 -17.84 -40.17 40.62
N LEU B 121 -18.91 -40.96 40.60
CA LEU B 121 -20.23 -40.38 40.48
C LEU B 121 -20.70 -39.71 41.77
N ASN B 122 -20.02 -39.96 42.89
CA ASN B 122 -20.24 -39.17 44.10
C ASN B 122 -19.58 -37.81 44.01
N ALA B 123 -18.37 -37.75 43.44
CA ALA B 123 -17.77 -36.47 43.12
C ALA B 123 -18.64 -35.73 42.10
N LEU B 124 -19.23 -36.47 41.17
CA LEU B 124 -20.10 -35.86 40.18
C LEU B 124 -21.36 -35.34 40.82
N SER B 125 -21.89 -36.05 41.82
CA SER B 125 -23.05 -35.60 42.57
C SER B 125 -22.73 -34.32 43.33
N PHE B 126 -21.58 -34.29 44.02
CA PHE B 126 -21.21 -33.11 44.78
C PHE B 126 -20.94 -31.90 43.88
N TRP B 127 -20.20 -32.09 42.80
CA TRP B 127 -19.88 -30.95 41.96
C TRP B 127 -21.07 -30.48 41.14
N LEU B 128 -21.96 -31.39 40.71
CA LEU B 128 -23.21 -30.93 40.11
C LEU B 128 -24.07 -30.19 41.12
N PHE B 129 -24.04 -30.61 42.38
CA PHE B 129 -24.76 -29.87 43.40
C PHE B 129 -24.22 -28.46 43.54
N LEU B 130 -22.91 -28.33 43.71
CA LEU B 130 -22.31 -27.02 43.93
C LEU B 130 -22.47 -26.11 42.71
N PHE B 131 -22.42 -26.66 41.51
CA PHE B 131 -22.58 -25.82 40.34
C PHE B 131 -24.03 -25.74 39.88
N GLY B 132 -24.97 -26.34 40.60
CA GLY B 132 -26.35 -25.93 40.45
C GLY B 132 -26.65 -24.86 41.46
N ALA B 133 -26.01 -24.96 42.62
CA ALA B 133 -26.26 -24.03 43.70
C ALA B 133 -25.71 -22.64 43.37
N LEU B 134 -24.52 -22.57 42.78
CA LEU B 134 -23.97 -21.27 42.41
C LEU B 134 -24.77 -20.63 41.30
N ILE B 135 -25.21 -21.41 40.31
CA ILE B 135 -25.99 -20.82 39.22
C ILE B 135 -27.45 -20.61 39.59
N ALA B 136 -27.88 -21.03 40.78
CA ALA B 136 -29.16 -20.60 41.30
C ALA B 136 -29.07 -19.40 42.22
N ILE B 137 -27.98 -19.27 42.98
CA ILE B 137 -27.69 -18.05 43.72
C ILE B 137 -27.37 -16.90 42.76
N ALA B 138 -26.90 -17.24 41.55
CA ALA B 138 -26.50 -16.27 40.54
C ALA B 138 -27.62 -15.38 40.03
N GLY B 139 -28.85 -15.52 40.50
CA GLY B 139 -29.86 -14.51 40.26
C GLY B 139 -29.59 -13.19 40.94
N PHE B 140 -28.81 -13.19 42.02
CA PHE B 140 -28.54 -11.93 42.71
C PHE B 140 -27.57 -11.03 41.95
N ILE B 141 -26.75 -11.61 41.08
CA ILE B 141 -25.90 -10.79 40.23
C ILE B 141 -26.74 -10.10 39.17
N THR B 142 -27.86 -10.72 38.78
CA THR B 142 -28.73 -10.15 37.77
C THR B 142 -29.41 -8.88 38.30
N PRO B 143 -29.64 -7.88 37.46
CA PRO B 143 -30.12 -6.59 37.97
C PRO B 143 -31.53 -6.62 38.49
N GLY B 144 -32.42 -7.31 37.82
CA GLY B 144 -33.74 -7.52 38.37
C GLY B 144 -33.78 -8.52 39.49
N GLY B 145 -32.67 -9.19 39.73
CA GLY B 145 -32.56 -10.08 40.85
C GLY B 145 -33.08 -11.45 40.52
N ALA B 146 -33.19 -12.25 41.56
CA ALA B 146 -33.55 -13.65 41.45
C ALA B 146 -35.07 -13.79 41.45
N ALA B 147 -35.56 -15.00 41.70
CA ALA B 147 -36.98 -15.31 41.56
C ALA B 147 -37.80 -14.60 42.63
N ASP B 148 -38.75 -13.76 42.20
CA ASP B 148 -39.61 -13.13 43.20
C ASP B 148 -40.75 -14.06 43.63
N PHE B 149 -41.20 -14.93 42.73
CA PHE B 149 -42.15 -15.97 43.11
C PHE B 149 -41.54 -16.88 44.16
N GLY B 150 -42.39 -17.52 44.95
CA GLY B 150 -41.92 -18.27 46.11
C GLY B 150 -41.15 -19.53 45.75
N TRP B 151 -40.78 -20.28 46.79
CA TRP B 151 -40.20 -21.61 46.57
C TRP B 151 -41.22 -22.54 45.93
N THR B 152 -42.49 -22.36 46.27
CA THR B 152 -43.56 -23.17 45.72
C THR B 152 -43.69 -22.98 44.21
N ALA B 153 -43.47 -21.74 43.74
CA ALA B 153 -43.27 -21.39 42.33
C ALA B 153 -44.45 -21.76 41.46
N TYR B 154 -45.62 -21.22 41.79
CA TYR B 154 -46.84 -21.64 41.10
C TYR B 154 -46.89 -21.07 39.68
N SER B 155 -47.37 -21.89 38.75
CA SER B 155 -47.21 -21.65 37.33
C SER B 155 -47.84 -20.45 36.62
N PRO B 156 -48.94 -19.83 37.05
CA PRO B 156 -49.32 -18.58 36.40
C PRO B 156 -48.46 -17.42 36.82
N LEU B 157 -47.58 -17.63 37.80
CA LEU B 157 -46.61 -16.64 38.21
C LEU B 157 -45.22 -16.90 37.64
N THR B 158 -44.94 -18.13 37.21
CA THR B 158 -43.62 -18.45 36.72
C THR B 158 -43.51 -18.44 35.19
N ASP B 159 -44.61 -18.60 34.47
CA ASP B 159 -44.58 -18.49 33.02
C ASP B 159 -44.18 -17.08 32.59
N ALA B 160 -43.42 -16.99 31.49
CA ALA B 160 -42.57 -15.83 31.20
C ALA B 160 -43.31 -14.51 31.03
N ILE B 161 -44.64 -14.53 30.90
CA ILE B 161 -45.41 -13.30 31.07
C ILE B 161 -45.25 -12.77 32.49
N HIS B 162 -45.14 -13.68 33.46
CA HIS B 162 -45.10 -13.31 34.86
C HIS B 162 -43.75 -13.68 35.45
N SER B 163 -43.17 -12.73 36.20
CA SER B 163 -41.79 -12.72 36.67
C SER B 163 -40.84 -12.96 35.51
N PRO B 164 -40.68 -11.99 34.60
CA PRO B 164 -39.99 -12.25 33.34
C PRO B 164 -38.46 -12.18 33.42
N GLY B 165 -37.90 -11.99 34.59
CA GLY B 165 -36.49 -11.72 34.73
C GLY B 165 -35.62 -12.93 34.42
N ALA B 166 -34.31 -12.69 34.45
CA ALA B 166 -33.33 -13.73 34.24
C ALA B 166 -33.10 -14.58 35.48
N GLY B 167 -33.41 -14.04 36.65
CA GLY B 167 -33.15 -14.77 37.89
C GLY B 167 -34.02 -15.98 38.07
N GLY B 168 -35.26 -15.92 37.60
CA GLY B 168 -36.12 -17.11 37.64
C GLY B 168 -35.63 -18.20 36.72
N ASP B 169 -35.08 -17.83 35.56
CA ASP B 169 -34.54 -18.81 34.65
C ASP B 169 -33.28 -19.46 35.22
N LEU B 170 -32.40 -18.66 35.82
CA LEU B 170 -31.23 -19.21 36.49
C LEU B 170 -31.61 -20.09 37.67
N TRP B 171 -32.69 -19.73 38.37
CA TRP B 171 -33.25 -20.55 39.44
C TRP B 171 -33.69 -21.91 38.92
N ILE B 172 -34.41 -21.90 37.81
CA ILE B 172 -34.91 -23.12 37.17
C ILE B 172 -33.77 -24.05 36.78
N MET B 173 -32.79 -23.53 36.06
CA MET B 173 -31.73 -24.44 35.63
C MET B 173 -30.76 -24.77 36.76
N GLY B 174 -30.66 -23.94 37.79
CA GLY B 174 -29.91 -24.32 38.96
C GLY B 174 -30.54 -25.48 39.71
N LEU B 175 -31.86 -25.49 39.81
CA LEU B 175 -32.50 -26.65 40.41
C LEU B 175 -32.46 -27.86 39.49
N ALA B 176 -32.36 -27.65 38.17
CA ALA B 176 -32.16 -28.78 37.25
C ALA B 176 -30.84 -29.48 37.54
N VAL B 177 -29.76 -28.71 37.66
CA VAL B 177 -28.46 -29.30 37.92
C VAL B 177 -28.39 -29.90 39.33
N GLY B 178 -28.94 -29.19 40.33
CA GLY B 178 -28.94 -29.71 41.68
C GLY B 178 -29.78 -30.96 41.83
N GLY B 179 -30.90 -31.02 41.11
CA GLY B 179 -31.73 -32.21 41.12
C GLY B 179 -31.05 -33.39 40.46
N LEU B 180 -30.34 -33.15 39.35
CA LEU B 180 -29.60 -34.23 38.70
C LEU B 180 -28.50 -34.77 39.60
N GLY B 181 -27.78 -33.86 40.27
CA GLY B 181 -26.73 -34.29 41.18
C GLY B 181 -27.26 -35.06 42.37
N THR B 182 -28.44 -34.68 42.86
CA THR B 182 -28.98 -35.41 44.00
C THR B 182 -29.62 -36.74 43.58
N ILE B 183 -30.14 -36.84 42.35
CA ILE B 183 -30.53 -38.13 41.77
C ILE B 183 -29.33 -39.07 41.71
N LEU B 184 -28.19 -38.54 41.29
CA LEU B 184 -27.00 -39.38 41.18
C LEU B 184 -26.46 -39.77 42.56
N GLY B 185 -26.61 -38.91 43.56
CA GLY B 185 -26.41 -39.34 44.93
C GLY B 185 -27.39 -40.42 45.36
N GLY B 186 -28.62 -40.35 44.87
CA GLY B 186 -29.60 -41.38 45.19
C GLY B 186 -29.23 -42.75 44.66
N VAL B 187 -28.82 -42.82 43.39
CA VAL B 187 -28.45 -44.11 42.81
C VAL B 187 -27.19 -44.67 43.45
N ASN B 188 -26.16 -43.85 43.68
CA ASN B 188 -24.98 -44.50 44.26
C ASN B 188 -25.14 -44.83 45.75
N MET B 189 -26.01 -44.13 46.49
CA MET B 189 -26.27 -44.57 47.86
C MET B 189 -27.14 -45.82 47.91
N ILE B 190 -28.12 -45.96 47.01
CA ILE B 190 -28.91 -47.18 47.06
C ILE B 190 -28.08 -48.37 46.57
N THR B 191 -27.10 -48.15 45.70
CA THR B 191 -26.30 -49.30 45.29
C THR B 191 -25.23 -49.68 46.32
N THR B 192 -24.71 -48.71 47.08
CA THR B 192 -23.93 -49.07 48.27
C THR B 192 -24.73 -49.96 49.20
N VAL B 193 -25.91 -49.52 49.60
CA VAL B 193 -26.61 -50.27 50.64
C VAL B 193 -27.19 -51.58 50.10
N VAL B 194 -27.42 -51.69 48.79
CA VAL B 194 -27.85 -52.98 48.25
C VAL B 194 -26.67 -53.93 48.13
N CYS B 195 -25.63 -53.56 47.39
CA CYS B 195 -24.70 -54.57 46.94
C CYS B 195 -23.25 -54.20 47.17
N MET B 196 -22.98 -53.36 48.16
CA MET B 196 -21.60 -53.06 48.56
C MET B 196 -21.58 -53.03 50.08
N ARG B 197 -21.36 -54.18 50.70
CA ARG B 197 -21.71 -54.30 52.10
C ARG B 197 -20.87 -55.40 52.72
N ALA B 198 -20.70 -55.32 54.04
CA ALA B 198 -19.80 -56.20 54.79
C ALA B 198 -20.35 -57.62 54.82
N PRO B 199 -19.48 -58.65 54.85
CA PRO B 199 -19.94 -60.02 54.59
C PRO B 199 -20.73 -60.67 55.70
N GLY B 200 -20.91 -60.06 56.85
CA GLY B 200 -21.60 -60.76 57.92
C GLY B 200 -22.96 -60.19 58.22
N MET B 201 -23.24 -59.02 57.67
CA MET B 201 -24.47 -58.30 57.97
C MET B 201 -25.50 -58.54 56.88
N THR B 202 -26.66 -59.05 57.27
CA THR B 202 -27.75 -59.16 56.32
C THR B 202 -28.45 -57.81 56.20
N MET B 203 -29.63 -57.82 55.60
CA MET B 203 -30.44 -56.62 55.48
C MET B 203 -30.79 -56.02 56.84
N PHE B 204 -31.00 -56.86 57.85
CA PHE B 204 -31.61 -56.34 59.06
C PHE B 204 -30.61 -55.87 60.10
N ARG B 205 -29.41 -56.43 60.20
CA ARG B 205 -28.49 -55.85 61.16
C ARG B 205 -27.58 -54.79 60.56
N MET B 206 -28.04 -54.09 59.52
CA MET B 206 -27.42 -52.82 59.18
C MET B 206 -27.91 -51.76 60.16
N PRO B 207 -27.21 -50.64 60.27
CA PRO B 207 -27.71 -49.54 61.11
C PRO B 207 -29.00 -48.96 60.57
N ILE B 208 -29.66 -48.19 61.42
CA ILE B 208 -30.92 -47.58 61.03
C ILE B 208 -30.68 -46.41 60.10
N PHE B 209 -29.50 -45.81 60.15
CA PHE B 209 -29.22 -44.62 59.37
C PHE B 209 -29.00 -44.95 57.90
N THR B 210 -28.26 -46.01 57.62
CA THR B 210 -28.15 -46.46 56.24
C THR B 210 -29.46 -47.04 55.73
N TRP B 211 -30.34 -47.51 56.62
CA TRP B 211 -31.68 -47.91 56.20
C TRP B 211 -32.51 -46.70 55.76
N ASN B 212 -32.46 -45.63 56.56
CA ASN B 212 -33.15 -44.40 56.20
C ASN B 212 -32.59 -43.79 54.94
N ILE B 213 -31.31 -43.98 54.64
CA ILE B 213 -30.81 -43.45 53.38
C ILE B 213 -31.11 -44.39 52.20
N LEU B 214 -31.27 -45.69 52.45
CA LEU B 214 -31.85 -46.58 51.43
C LEU B 214 -33.22 -46.07 50.99
N VAL B 215 -34.12 -45.88 51.95
CA VAL B 215 -35.48 -45.51 51.59
C VAL B 215 -35.55 -44.02 51.17
N THR B 216 -34.62 -43.22 51.69
CA THR B 216 -34.51 -41.82 51.28
C THR B 216 -34.04 -41.69 49.85
N SER B 217 -33.08 -42.52 49.43
CA SER B 217 -32.64 -42.50 48.05
C SER B 217 -33.71 -43.06 47.11
N ILE B 218 -34.51 -44.01 47.60
CA ILE B 218 -35.70 -44.45 46.86
C ILE B 218 -36.63 -43.28 46.58
N LEU B 219 -36.96 -42.52 47.62
CA LEU B 219 -37.86 -41.39 47.42
C LEU B 219 -37.20 -40.22 46.69
N VAL B 220 -35.87 -40.13 46.70
CA VAL B 220 -35.19 -39.16 45.82
C VAL B 220 -35.41 -39.52 44.36
N LEU B 221 -35.23 -40.80 44.03
CA LEU B 221 -35.48 -41.26 42.66
C LEU B 221 -36.95 -41.10 42.29
N ILE B 222 -37.85 -41.20 43.26
CA ILE B 222 -39.27 -40.98 42.98
C ILE B 222 -39.55 -39.51 42.72
N ALA B 223 -39.03 -38.63 43.57
CA ALA B 223 -39.45 -37.23 43.57
C ALA B 223 -38.71 -36.38 42.56
N PHE B 224 -37.39 -36.36 42.63
CA PHE B 224 -36.60 -35.31 41.97
C PHE B 224 -36.63 -35.34 40.44
N PRO B 225 -36.76 -36.49 39.76
CA PRO B 225 -37.02 -36.41 38.31
C PRO B 225 -38.32 -35.74 37.94
N ILE B 226 -39.31 -35.67 38.83
CA ILE B 226 -40.47 -34.86 38.52
C ILE B 226 -40.19 -33.38 38.77
N LEU B 227 -39.23 -33.05 39.64
CA LEU B 227 -38.78 -31.66 39.71
C LEU B 227 -38.10 -31.25 38.41
N THR B 228 -37.24 -32.12 37.88
CA THR B 228 -36.61 -31.79 36.61
C THR B 228 -37.58 -31.85 35.45
N ALA B 229 -38.63 -32.68 35.52
CA ALA B 229 -39.61 -32.74 34.45
C ALA B 229 -40.53 -31.53 34.46
N ALA B 230 -41.07 -31.21 35.64
CA ALA B 230 -41.81 -29.98 35.87
C ALA B 230 -41.02 -28.77 35.43
N LEU B 231 -39.74 -28.76 35.72
CA LEU B 231 -38.92 -27.61 35.54
C LEU B 231 -38.34 -27.49 34.14
N PHE B 232 -38.18 -28.60 33.42
CA PHE B 232 -37.94 -28.53 31.99
C PHE B 232 -39.18 -28.10 31.24
N GLY B 233 -40.35 -28.54 31.71
CA GLY B 233 -41.59 -28.02 31.15
C GLY B 233 -41.76 -26.54 31.41
N LEU B 234 -41.30 -26.07 32.57
CA LEU B 234 -41.39 -24.65 32.88
C LEU B 234 -40.37 -23.83 32.11
N ALA B 235 -39.17 -24.38 31.89
CA ALA B 235 -38.19 -23.68 31.07
C ALA B 235 -38.61 -23.63 29.61
N ALA B 236 -39.28 -24.67 29.12
CA ALA B 236 -39.84 -24.60 27.78
C ALA B 236 -41.01 -23.63 27.72
N ASP B 237 -41.83 -23.60 28.76
CA ASP B 237 -42.98 -22.71 28.80
C ASP B 237 -42.58 -21.25 28.95
N ARG B 238 -41.39 -20.99 29.49
CA ARG B 238 -40.87 -19.63 29.54
C ARG B 238 -40.15 -19.25 28.26
N HIS B 239 -39.25 -20.10 27.76
CA HIS B 239 -38.41 -19.68 26.64
C HIS B 239 -39.05 -19.95 25.29
N LEU B 240 -39.68 -21.11 25.13
CA LEU B 240 -40.36 -21.40 23.88
C LEU B 240 -41.81 -20.90 23.90
N GLY B 241 -42.31 -20.46 25.05
CA GLY B 241 -43.69 -20.02 25.21
C GLY B 241 -44.64 -21.18 24.98
N ALA B 242 -44.43 -22.26 25.70
CA ALA B 242 -44.84 -23.57 25.25
C ALA B 242 -46.07 -24.14 25.97
N HIS B 243 -46.93 -23.29 26.52
CA HIS B 243 -48.35 -23.56 26.78
C HIS B 243 -48.63 -24.77 27.69
N ILE B 244 -47.62 -25.38 28.30
CA ILE B 244 -47.85 -26.56 29.12
C ILE B 244 -48.48 -26.18 30.43
N TYR B 245 -47.88 -25.21 31.12
CA TYR B 245 -48.41 -24.68 32.36
C TYR B 245 -49.27 -23.45 32.12
N ASP B 246 -49.95 -23.43 30.98
CA ASP B 246 -50.79 -22.30 30.63
C ASP B 246 -52.01 -22.30 31.54
N PRO B 247 -52.41 -21.15 32.06
CA PRO B 247 -53.43 -21.14 33.11
C PRO B 247 -54.83 -21.47 32.60
N ALA B 248 -55.17 -21.01 31.41
CA ALA B 248 -56.46 -21.37 30.82
C ALA B 248 -56.46 -22.78 30.25
N ASN B 249 -55.30 -23.41 30.17
CA ASN B 249 -55.15 -24.83 29.96
C ASN B 249 -55.29 -25.51 31.33
N GLY B 250 -54.89 -26.77 31.43
CA GLY B 250 -54.90 -27.44 32.72
C GLY B 250 -53.71 -27.13 33.60
N GLY B 251 -53.00 -26.05 33.32
CA GLY B 251 -51.65 -25.86 33.82
C GLY B 251 -51.43 -24.98 35.03
N VAL B 252 -52.39 -24.93 35.96
CA VAL B 252 -52.11 -24.44 37.30
C VAL B 252 -52.37 -25.49 38.37
N LEU B 253 -53.08 -26.56 38.07
CA LEU B 253 -52.93 -27.76 38.85
C LEU B 253 -51.92 -28.71 38.24
N LEU B 254 -51.60 -28.55 36.95
CA LEU B 254 -50.49 -29.30 36.40
C LEU B 254 -49.17 -28.87 37.03
N TRP B 255 -49.08 -27.65 37.54
CA TRP B 255 -47.94 -27.37 38.39
C TRP B 255 -48.10 -27.99 39.76
N GLN B 256 -49.26 -27.81 40.38
CA GLN B 256 -49.38 -28.07 41.80
C GLN B 256 -49.33 -29.55 42.12
N HIS B 257 -50.01 -30.38 41.33
CA HIS B 257 -50.03 -31.82 41.55
C HIS B 257 -48.64 -32.42 41.47
N LEU B 258 -47.94 -32.25 40.35
CA LEU B 258 -46.64 -32.90 40.27
C LEU B 258 -45.51 -32.12 40.94
N PHE B 259 -45.63 -30.80 41.12
CA PHE B 259 -44.62 -30.12 41.93
C PHE B 259 -44.70 -30.53 43.38
N TRP B 260 -45.89 -30.58 43.96
CA TRP B 260 -45.94 -31.05 45.34
C TRP B 260 -45.76 -32.56 45.44
N PHE B 261 -45.92 -33.27 44.33
CA PHE B 261 -45.51 -34.68 44.27
C PHE B 261 -44.01 -34.84 44.28
N PHE B 262 -43.29 -33.82 43.81
CA PHE B 262 -41.88 -33.69 44.17
C PHE B 262 -41.71 -33.20 45.60
N GLY B 263 -42.53 -32.24 46.01
CA GLY B 263 -42.20 -31.41 47.15
C GLY B 263 -42.36 -32.13 48.48
N HIS B 264 -43.43 -32.86 48.66
CA HIS B 264 -43.55 -33.54 49.93
C HIS B 264 -42.67 -34.79 50.03
N PRO B 265 -42.46 -35.59 48.98
CA PRO B 265 -41.34 -36.53 49.05
C PRO B 265 -39.98 -35.87 49.16
N GLU B 266 -39.83 -34.61 48.72
CA GLU B 266 -38.58 -33.91 48.99
C GLU B 266 -38.44 -33.59 50.47
N VAL B 267 -39.52 -33.18 51.12
CA VAL B 267 -39.38 -32.89 52.55
C VAL B 267 -39.34 -34.15 53.39
N TYR B 268 -39.74 -35.30 52.85
CA TYR B 268 -39.44 -36.49 53.63
C TYR B 268 -38.10 -37.13 53.29
N ILE B 269 -37.50 -36.87 52.12
CA ILE B 269 -36.09 -37.23 51.99
C ILE B 269 -35.24 -36.29 52.81
N ILE B 270 -35.78 -35.11 53.12
CA ILE B 270 -35.19 -34.27 54.15
C ILE B 270 -35.34 -34.91 55.52
N ALA B 271 -36.54 -35.38 55.86
CA ALA B 271 -36.83 -35.77 57.23
C ALA B 271 -36.26 -37.13 57.63
N LEU B 272 -36.16 -38.09 56.71
CA LEU B 272 -35.85 -39.44 57.13
C LEU B 272 -34.40 -39.74 57.53
N PRO B 273 -33.35 -39.30 56.82
CA PRO B 273 -32.00 -39.61 57.32
C PRO B 273 -31.62 -38.79 58.53
N PHE B 274 -32.30 -37.70 58.82
CA PHE B 274 -32.05 -37.05 60.09
C PHE B 274 -32.73 -37.77 61.24
N PHE B 275 -33.86 -38.43 60.96
CA PHE B 275 -34.39 -39.43 61.88
C PHE B 275 -33.38 -40.54 62.09
N GLY B 276 -32.68 -40.92 61.01
CA GLY B 276 -31.65 -41.94 61.14
C GLY B 276 -30.46 -41.48 61.97
N ILE B 277 -30.07 -40.21 61.83
CA ILE B 277 -29.01 -39.63 62.66
C ILE B 277 -29.39 -39.71 64.13
N VAL B 278 -30.58 -39.21 64.46
CA VAL B 278 -31.04 -39.15 65.84
C VAL B 278 -31.25 -40.55 66.42
N SER B 279 -31.71 -41.50 65.60
CA SER B 279 -31.81 -42.88 66.02
C SER B 279 -30.46 -43.57 66.10
N GLU B 280 -29.39 -42.98 65.56
CA GLU B 280 -28.04 -43.43 65.87
C GLU B 280 -27.45 -42.73 67.08
N ILE B 281 -27.92 -41.51 67.36
CA ILE B 281 -27.45 -40.77 68.54
C ILE B 281 -27.88 -41.48 69.80
N PHE B 282 -29.15 -41.90 69.85
CA PHE B 282 -29.70 -42.46 71.08
C PHE B 282 -29.02 -43.71 71.64
N PRO B 283 -28.72 -44.78 70.89
CA PRO B 283 -28.24 -46.00 71.56
C PRO B 283 -26.83 -45.91 72.11
N VAL B 284 -26.06 -44.86 71.79
CA VAL B 284 -24.72 -44.71 72.33
C VAL B 284 -24.69 -43.76 73.50
N PHE B 285 -25.76 -43.01 73.73
CA PHE B 285 -25.88 -42.16 74.90
C PHE B 285 -26.93 -42.66 75.86
N SER B 286 -27.87 -43.46 75.40
CA SER B 286 -28.71 -44.21 76.32
C SER B 286 -28.05 -45.48 76.80
N ARG B 287 -26.88 -45.82 76.26
CA ARG B 287 -26.03 -46.93 76.70
C ARG B 287 -26.77 -48.26 76.61
N LYS B 288 -27.57 -48.43 75.54
CA LYS B 288 -28.51 -49.53 75.47
C LYS B 288 -28.96 -49.75 74.01
N PRO B 289 -29.78 -50.77 73.70
CA PRO B 289 -30.34 -50.85 72.35
C PRO B 289 -31.17 -49.67 71.93
N ILE B 290 -31.23 -49.47 70.61
CA ILE B 290 -32.34 -48.75 70.03
C ILE B 290 -33.62 -49.55 70.29
N PHE B 291 -34.61 -48.89 70.89
CA PHE B 291 -35.85 -49.58 71.22
C PHE B 291 -36.66 -49.86 69.98
N GLY B 292 -37.03 -51.13 69.79
CA GLY B 292 -37.83 -51.54 68.66
C GLY B 292 -37.14 -51.26 67.35
N TYR B 293 -36.04 -51.97 67.10
CA TYR B 293 -35.24 -51.67 65.92
C TYR B 293 -35.96 -52.11 64.66
N THR B 294 -36.53 -53.31 64.66
CA THR B 294 -37.33 -53.73 63.53
C THR B 294 -38.60 -52.92 63.39
N THR B 295 -39.08 -52.32 64.46
CA THR B 295 -40.20 -51.41 64.37
C THR B 295 -39.83 -50.16 63.58
N LEU B 296 -38.64 -49.62 63.79
CA LEU B 296 -38.17 -48.50 62.99
C LEU B 296 -37.91 -48.93 61.55
N ILE B 297 -37.40 -50.15 61.38
CA ILE B 297 -37.02 -50.60 60.05
C ILE B 297 -38.26 -50.87 59.21
N TYR B 298 -39.43 -51.08 59.85
CA TYR B 298 -40.68 -51.04 59.10
C TYR B 298 -41.31 -49.66 59.04
N ALA B 299 -41.09 -48.83 60.07
CA ALA B 299 -41.78 -47.55 60.15
C ALA B 299 -41.23 -46.55 59.16
N THR B 300 -39.96 -46.68 58.77
CA THR B 300 -39.41 -45.86 57.70
C THR B 300 -40.13 -46.10 56.38
N LEU B 301 -40.40 -47.37 56.06
CA LEU B 301 -41.21 -47.66 54.89
C LEU B 301 -42.66 -47.20 55.08
N ALA B 302 -43.20 -47.36 56.28
CA ALA B 302 -44.58 -46.99 56.54
C ALA B 302 -44.83 -45.49 56.46
N ILE B 303 -43.80 -44.67 56.67
CA ILE B 303 -43.93 -43.24 56.38
C ILE B 303 -43.58 -42.93 54.93
N ALA B 304 -42.56 -43.58 54.37
CA ALA B 304 -42.02 -43.11 53.11
C ALA B 304 -42.77 -43.61 51.88
N ALA B 305 -43.40 -44.78 51.95
CA ALA B 305 -44.26 -45.20 50.86
C ALA B 305 -45.48 -44.29 50.75
N LEU B 306 -46.04 -43.91 51.88
CA LEU B 306 -47.20 -43.02 51.90
C LEU B 306 -46.81 -41.57 51.61
N SER B 307 -45.54 -41.23 51.80
CA SER B 307 -45.03 -39.91 51.44
C SER B 307 -45.21 -39.62 49.96
N VAL B 308 -45.06 -40.65 49.13
CA VAL B 308 -45.31 -40.50 47.71
C VAL B 308 -46.80 -40.25 47.46
N ALA B 309 -47.66 -41.00 48.15
CA ALA B 309 -49.09 -41.02 47.88
C ALA B 309 -49.87 -40.03 48.74
N VAL B 310 -49.21 -39.05 49.33
CA VAL B 310 -49.85 -38.10 50.24
C VAL B 310 -49.82 -36.67 49.69
N TRP B 311 -49.35 -36.49 48.46
CA TRP B 311 -48.66 -35.27 48.03
C TRP B 311 -49.54 -34.03 48.05
N ALA B 312 -50.85 -34.17 47.89
CA ALA B 312 -51.69 -33.00 47.69
C ALA B 312 -52.32 -32.51 48.99
N HIS B 313 -51.62 -32.62 50.11
CA HIS B 313 -52.07 -31.94 51.31
C HIS B 313 -51.53 -30.52 51.39
N HIS B 314 -51.08 -29.97 50.26
CA HIS B 314 -50.64 -28.59 50.15
C HIS B 314 -51.63 -27.73 49.39
N MET B 315 -52.59 -28.34 48.70
CA MET B 315 -53.58 -27.61 47.92
C MET B 315 -54.96 -27.77 48.52
N TYR B 316 -55.05 -27.65 49.84
CA TYR B 316 -56.37 -27.62 50.46
C TYR B 316 -57.09 -26.33 50.09
N ALA B 317 -56.33 -25.24 49.97
CA ALA B 317 -56.90 -23.94 49.64
C ALA B 317 -57.39 -23.85 48.21
N THR B 318 -56.86 -24.64 47.29
CA THR B 318 -57.27 -24.52 45.89
C THR B 318 -58.65 -25.10 45.62
N GLY B 319 -59.15 -25.94 46.51
CA GLY B 319 -60.48 -26.51 46.33
C GLY B 319 -60.60 -27.43 45.15
N ALA B 320 -59.50 -28.00 44.69
CA ALA B 320 -59.50 -28.80 43.47
C ALA B 320 -58.85 -30.16 43.65
N VAL B 321 -58.57 -30.55 44.88
CA VAL B 321 -58.02 -31.87 45.16
C VAL B 321 -59.11 -32.72 45.79
N LEU B 322 -58.94 -34.02 45.68
CA LEU B 322 -59.81 -34.95 46.40
C LEU B 322 -59.47 -34.86 47.87
N LEU B 323 -60.35 -34.21 48.61
CA LEU B 323 -59.95 -33.66 49.91
C LEU B 323 -59.92 -34.70 51.04
N PRO B 324 -60.93 -35.58 51.23
CA PRO B 324 -60.80 -36.57 52.31
C PRO B 324 -59.71 -37.59 52.10
N PHE B 325 -59.35 -37.89 50.85
CA PHE B 325 -58.29 -38.86 50.57
C PHE B 325 -56.93 -38.37 51.07
N PHE B 326 -56.58 -37.14 50.73
CA PHE B 326 -55.29 -36.63 51.17
C PHE B 326 -55.29 -36.25 52.63
N SER B 327 -56.44 -35.86 53.20
CA SER B 327 -56.45 -35.64 54.64
C SER B 327 -56.30 -36.94 55.43
N PHE B 328 -56.95 -38.01 54.98
CA PHE B 328 -56.83 -39.30 55.65
C PHE B 328 -55.42 -39.85 55.50
N MET B 329 -54.84 -39.78 54.30
CA MET B 329 -53.47 -40.26 54.22
C MET B 329 -52.46 -39.32 54.84
N THR B 330 -52.78 -38.05 55.11
CA THR B 330 -51.81 -37.25 55.84
C THR B 330 -51.86 -37.55 57.32
N PHE B 331 -53.03 -37.91 57.84
CA PHE B 331 -53.07 -38.46 59.18
C PHE B 331 -52.36 -39.80 59.24
N LEU B 332 -52.45 -40.56 58.16
CA LEU B 332 -51.84 -41.88 58.11
C LEU B 332 -50.33 -41.82 57.84
N ILE B 333 -49.80 -40.70 57.34
CA ILE B 333 -48.35 -40.48 57.37
C ILE B 333 -47.91 -39.81 58.65
N ALA B 334 -48.84 -39.27 59.43
CA ALA B 334 -48.48 -38.77 60.74
C ALA B 334 -48.40 -39.87 61.78
N VAL B 335 -49.06 -41.01 61.56
CA VAL B 335 -48.94 -42.08 62.55
C VAL B 335 -47.60 -42.83 62.53
N PRO B 336 -46.91 -43.17 61.37
CA PRO B 336 -45.70 -44.00 61.52
C PRO B 336 -44.51 -43.21 61.99
N THR B 337 -44.47 -41.90 61.72
CA THR B 337 -43.46 -41.08 62.36
C THR B 337 -43.72 -40.95 63.85
N GLY B 338 -44.99 -41.06 64.28
CA GLY B 338 -45.26 -41.17 65.70
C GLY B 338 -44.75 -42.47 66.28
N ILE B 339 -44.83 -43.55 65.50
CA ILE B 339 -44.21 -44.82 65.89
C ILE B 339 -42.71 -44.67 66.02
N LYS B 340 -42.10 -44.07 65.00
CA LYS B 340 -40.66 -43.80 64.98
C LYS B 340 -40.24 -42.89 66.11
N PHE B 341 -41.16 -42.09 66.64
CA PHE B 341 -40.88 -41.23 67.76
C PHE B 341 -41.00 -41.97 69.09
N PHE B 342 -42.07 -42.75 69.27
CA PHE B 342 -42.24 -43.47 70.53
C PHE B 342 -41.19 -44.56 70.71
N ASN B 343 -40.63 -45.08 69.61
CA ASN B 343 -39.45 -45.92 69.74
C ASN B 343 -38.27 -45.17 70.33
N TRP B 344 -38.12 -43.88 70.00
CA TRP B 344 -37.03 -43.09 70.56
C TRP B 344 -37.25 -42.81 72.04
N ILE B 345 -38.51 -42.55 72.42
CA ILE B 345 -38.81 -42.35 73.83
C ILE B 345 -38.58 -43.64 74.61
N GLY B 346 -38.87 -44.78 73.99
CA GLY B 346 -38.48 -46.04 74.57
C GLY B 346 -36.99 -46.29 74.58
N THR B 347 -36.24 -45.60 73.71
CA THR B 347 -34.80 -45.81 73.66
C THR B 347 -34.10 -45.07 74.79
N MET B 348 -34.56 -43.87 75.10
CA MET B 348 -34.08 -43.16 76.29
C MET B 348 -34.61 -43.77 77.57
N TRP B 349 -35.56 -44.69 77.48
CA TRP B 349 -36.29 -45.16 78.66
C TRP B 349 -35.42 -46.08 79.49
N LYS B 350 -35.26 -45.73 80.77
CA LYS B 350 -34.49 -46.49 81.78
C LYS B 350 -33.03 -46.70 81.37
N GLY B 351 -32.49 -45.81 80.54
CA GLY B 351 -31.09 -45.85 80.21
C GLY B 351 -30.26 -45.01 81.16
N GLN B 352 -28.95 -45.08 80.98
CA GLN B 352 -28.02 -44.26 81.74
C GLN B 352 -27.64 -43.10 80.84
N LEU B 353 -28.46 -42.05 80.87
CA LEU B 353 -28.26 -40.93 79.97
C LEU B 353 -27.12 -40.05 80.44
N THR B 354 -26.33 -39.56 79.49
CA THR B 354 -25.50 -38.39 79.68
C THR B 354 -25.75 -37.43 78.53
N PHE B 355 -25.94 -36.16 78.85
CA PHE B 355 -26.28 -35.18 77.83
C PHE B 355 -25.04 -34.39 77.40
N GLU B 356 -24.03 -35.14 76.95
CA GLU B 356 -22.99 -34.54 76.16
C GLU B 356 -23.56 -34.19 74.79
N THR B 357 -22.89 -33.24 74.11
CA THR B 357 -23.62 -32.32 73.23
C THR B 357 -24.44 -32.88 72.06
N PRO B 358 -24.09 -33.98 71.34
CA PRO B 358 -24.97 -34.37 70.23
C PRO B 358 -26.28 -34.97 70.68
N MET B 359 -26.31 -35.60 71.86
CA MET B 359 -27.60 -36.03 72.38
C MET B 359 -28.42 -34.85 72.86
N LEU B 360 -27.76 -33.79 73.31
CA LEU B 360 -28.47 -32.58 73.70
C LEU B 360 -29.16 -31.95 72.49
N PHE B 361 -28.49 -31.97 71.33
CA PHE B 361 -29.15 -31.56 70.10
C PHE B 361 -30.24 -32.52 69.68
N SER B 362 -30.06 -33.82 69.94
CA SER B 362 -31.10 -34.80 69.66
C SER B 362 -32.36 -34.53 70.48
N VAL B 363 -32.21 -34.16 71.74
CA VAL B 363 -33.37 -33.88 72.60
C VAL B 363 -34.04 -32.57 72.18
N GLY B 364 -33.24 -31.58 71.76
CA GLY B 364 -33.83 -30.38 71.18
C GLY B 364 -34.65 -30.67 69.93
N PHE B 365 -34.13 -31.52 69.05
CA PHE B 365 -34.91 -32.05 67.94
C PHE B 365 -36.19 -32.74 68.40
N LEU B 366 -36.13 -33.54 69.46
CA LEU B 366 -37.32 -34.24 69.95
C LEU B 366 -38.42 -33.27 70.34
N ILE B 367 -38.07 -32.20 71.06
CA ILE B 367 -39.06 -31.25 71.53
C ILE B 367 -39.64 -30.43 70.38
N THR B 368 -38.77 -29.93 69.49
CA THR B 368 -39.22 -29.12 68.36
C THR B 368 -40.07 -29.94 67.40
N PHE B 369 -39.59 -31.12 67.00
CA PHE B 369 -40.34 -31.98 66.08
C PHE B 369 -41.63 -32.47 66.72
N LEU B 370 -41.68 -32.62 68.05
CA LEU B 370 -42.94 -32.91 68.71
C LEU B 370 -43.98 -31.85 68.46
N LEU B 371 -43.73 -30.63 68.93
CA LEU B 371 -44.82 -29.67 68.84
C LEU B 371 -45.04 -29.18 67.41
N GLY B 372 -44.01 -29.26 66.57
CA GLY B 372 -44.23 -29.07 65.15
C GLY B 372 -45.10 -30.16 64.53
N GLY B 373 -44.89 -31.41 64.89
CA GLY B 373 -45.76 -32.45 64.36
C GLY B 373 -47.16 -32.42 64.92
N LEU B 374 -47.31 -31.89 66.14
CA LEU B 374 -48.65 -31.61 66.64
C LEU B 374 -49.33 -30.53 65.81
N SER B 375 -48.57 -29.52 65.38
CA SER B 375 -49.10 -28.61 64.38
C SER B 375 -49.30 -29.30 63.02
N GLY B 376 -48.59 -30.41 62.78
CA GLY B 376 -48.83 -31.16 61.56
C GLY B 376 -50.19 -31.82 61.51
N VAL B 377 -50.53 -32.58 62.57
CA VAL B 377 -51.89 -33.14 62.63
C VAL B 377 -52.93 -32.05 62.86
N LEU B 378 -52.55 -30.91 63.43
CA LEU B 378 -53.44 -29.78 63.58
C LEU B 378 -53.65 -29.04 62.27
N LEU B 379 -52.76 -29.22 61.30
CA LEU B 379 -52.78 -28.47 60.07
C LEU B 379 -53.25 -29.29 58.89
N ALA B 380 -53.09 -30.61 58.94
CA ALA B 380 -53.46 -31.50 57.85
C ALA B 380 -54.96 -31.77 57.77
N SER B 381 -55.74 -31.29 58.72
CA SER B 381 -57.19 -31.35 58.60
C SER B 381 -57.66 -30.12 57.85
N PRO B 382 -58.32 -30.28 56.70
CA PRO B 382 -58.57 -29.18 55.78
C PRO B 382 -59.44 -28.04 56.32
N PRO B 383 -60.48 -28.26 57.15
CA PRO B 383 -61.14 -27.08 57.72
C PRO B 383 -60.26 -26.29 58.68
N LEU B 384 -59.35 -26.94 59.38
CA LEU B 384 -58.39 -26.22 60.19
C LEU B 384 -57.24 -25.67 59.36
N ASP B 385 -57.20 -26.00 58.07
CA ASP B 385 -56.20 -25.47 57.15
C ASP B 385 -56.76 -24.38 56.25
N PHE B 386 -58.09 -24.28 56.16
CA PHE B 386 -58.73 -23.30 55.28
C PHE B 386 -58.52 -21.87 55.73
N HIS B 387 -58.14 -21.65 56.98
CA HIS B 387 -57.66 -20.36 57.42
C HIS B 387 -56.14 -20.31 57.47
N VAL B 388 -55.50 -21.47 57.51
CA VAL B 388 -54.11 -21.56 57.90
C VAL B 388 -53.18 -21.76 56.70
N THR B 389 -53.69 -22.23 55.56
CA THR B 389 -52.95 -22.28 54.29
C THR B 389 -52.32 -20.95 53.96
N ASP B 390 -51.00 -20.95 53.95
CA ASP B 390 -50.13 -19.80 53.66
C ASP B 390 -50.29 -18.68 54.69
N SER B 391 -50.56 -19.03 55.94
CA SER B 391 -50.46 -18.10 57.05
C SER B 391 -49.05 -18.17 57.62
N TYR B 392 -48.82 -17.59 58.81
CA TYR B 392 -47.57 -17.90 59.46
C TYR B 392 -47.65 -19.10 60.36
N PHE B 393 -48.83 -19.68 60.54
CA PHE B 393 -48.88 -20.95 61.24
C PHE B 393 -48.21 -22.03 60.42
N VAL B 394 -48.35 -21.98 59.10
CA VAL B 394 -47.66 -22.96 58.29
C VAL B 394 -46.16 -22.64 58.19
N ILE B 395 -45.74 -21.37 58.31
CA ILE B 395 -44.29 -21.16 58.21
C ILE B 395 -43.62 -21.49 59.53
N ALA B 396 -44.28 -21.25 60.65
CA ALA B 396 -43.72 -21.69 61.91
C ALA B 396 -43.84 -23.19 62.05
N HIS B 397 -44.82 -23.79 61.36
CA HIS B 397 -44.90 -25.24 61.31
C HIS B 397 -43.72 -25.85 60.58
N PHE B 398 -43.43 -25.40 59.35
CA PHE B 398 -42.31 -26.06 58.69
C PHE B 398 -40.96 -25.63 59.25
N HIS B 399 -40.86 -24.48 59.92
CA HIS B 399 -39.61 -24.24 60.64
C HIS B 399 -39.51 -25.12 61.86
N TYR B 400 -40.54 -25.15 62.68
CA TYR B 400 -40.53 -25.81 63.95
C TYR B 400 -40.52 -27.33 63.81
N VAL B 401 -40.80 -27.86 62.61
CA VAL B 401 -40.50 -29.24 62.26
C VAL B 401 -39.13 -29.33 61.61
N LEU B 402 -38.97 -28.63 60.49
CA LEU B 402 -37.91 -28.83 59.52
C LEU B 402 -36.57 -28.36 60.02
N PHE B 403 -36.51 -27.18 60.62
CA PHE B 403 -35.35 -26.72 61.38
C PHE B 403 -34.96 -27.75 62.41
N GLY B 404 -35.95 -28.27 63.14
CA GLY B 404 -35.69 -29.30 64.11
C GLY B 404 -35.09 -30.56 63.53
N THR B 405 -35.54 -30.96 62.33
CA THR B 405 -34.96 -32.13 61.71
C THR B 405 -33.55 -31.82 61.23
N ILE B 406 -33.42 -30.94 60.23
CA ILE B 406 -32.12 -30.80 59.57
C ILE B 406 -31.12 -30.09 60.45
N VAL B 407 -31.50 -29.01 61.13
CA VAL B 407 -30.52 -28.20 61.84
C VAL B 407 -30.11 -28.85 63.15
N PHE B 408 -31.08 -29.30 63.97
CA PHE B 408 -30.72 -29.95 65.22
C PHE B 408 -30.12 -31.33 64.98
N ALA B 409 -30.69 -32.13 64.08
CA ALA B 409 -30.07 -33.41 63.83
C ALA B 409 -28.80 -33.29 63.01
N THR B 410 -28.58 -32.18 62.29
CA THR B 410 -27.30 -32.02 61.64
C THR B 410 -26.26 -31.58 62.64
N TYR B 411 -26.68 -30.90 63.72
CA TYR B 411 -25.68 -30.54 64.70
C TYR B 411 -25.39 -31.73 65.59
N ALA B 412 -26.37 -32.60 65.77
CA ALA B 412 -26.13 -33.89 66.40
C ALA B 412 -25.21 -34.74 65.54
N GLY B 413 -25.42 -34.73 64.22
CA GLY B 413 -24.58 -35.50 63.32
C GLY B 413 -23.17 -34.96 63.24
N ILE B 414 -23.01 -33.63 63.27
CA ILE B 414 -21.68 -33.05 63.25
C ILE B 414 -20.98 -33.29 64.57
N TYR B 415 -21.64 -33.02 65.69
CA TYR B 415 -21.00 -33.22 66.98
C TYR B 415 -20.88 -34.69 67.36
N PHE B 416 -21.40 -35.60 66.57
CA PHE B 416 -21.24 -37.03 66.78
C PHE B 416 -20.24 -37.66 65.82
N TRP B 417 -20.40 -37.44 64.52
CA TRP B 417 -19.50 -37.96 63.51
C TRP B 417 -18.38 -36.98 63.18
N PHE B 418 -18.17 -35.97 64.00
CA PHE B 418 -17.02 -35.10 63.86
C PHE B 418 -15.74 -35.77 64.35
N PRO B 419 -15.66 -36.42 65.52
CA PRO B 419 -14.37 -37.01 65.88
C PRO B 419 -14.05 -38.26 65.09
N LYS B 420 -14.95 -38.75 64.25
CA LYS B 420 -14.64 -39.88 63.40
C LYS B 420 -14.47 -39.48 61.94
N MET B 421 -14.70 -38.22 61.60
CA MET B 421 -14.37 -37.79 60.26
C MET B 421 -13.25 -36.78 60.22
N THR B 422 -12.75 -36.32 61.37
CA THR B 422 -11.51 -35.56 61.39
C THR B 422 -10.60 -35.95 62.55
N GLY B 423 -10.97 -36.93 63.36
CA GLY B 423 -10.06 -37.47 64.37
C GLY B 423 -9.83 -36.60 65.57
N ARG B 424 -10.63 -35.55 65.75
CA ARG B 424 -10.47 -34.61 66.85
C ARG B 424 -11.85 -34.21 67.36
N LEU B 425 -11.95 -34.01 68.67
CA LEU B 425 -13.23 -33.75 69.32
C LEU B 425 -13.65 -32.31 69.09
N LEU B 426 -14.68 -31.89 69.80
CA LEU B 426 -15.00 -30.48 69.85
C LEU B 426 -14.92 -30.01 71.29
N ASP B 427 -15.11 -28.71 71.47
CA ASP B 427 -15.29 -28.19 72.81
C ASP B 427 -16.71 -28.48 73.24
N GLU B 428 -16.85 -29.18 74.36
CA GLU B 428 -18.18 -29.54 74.85
C GLU B 428 -18.89 -28.32 75.41
N ARG B 429 -18.16 -27.42 76.07
CA ARG B 429 -18.74 -26.20 76.61
C ARG B 429 -19.25 -25.30 75.51
N LEU B 430 -18.47 -25.15 74.44
CA LEU B 430 -18.86 -24.29 73.33
C LEU B 430 -20.01 -24.90 72.55
N GLY B 431 -20.08 -26.23 72.48
CA GLY B 431 -21.22 -26.87 71.84
C GLY B 431 -22.49 -26.76 72.66
N LYS B 432 -22.37 -26.78 73.99
CA LYS B 432 -23.55 -26.56 74.82
C LYS B 432 -24.02 -25.12 74.74
N LEU B 433 -23.09 -24.17 74.66
CA LEU B 433 -23.43 -22.78 74.36
C LEU B 433 -24.20 -22.66 73.06
N HIS B 434 -23.67 -23.31 72.02
CA HIS B 434 -24.33 -23.40 70.72
C HIS B 434 -25.75 -23.93 70.83
N PHE B 435 -25.95 -25.01 71.59
CA PHE B 435 -27.29 -25.59 71.69
C PHE B 435 -28.24 -24.67 72.42
N TRP B 436 -27.82 -24.12 73.56
CA TRP B 436 -28.81 -23.39 74.35
C TRP B 436 -29.19 -22.08 73.72
N LEU B 437 -28.30 -21.43 72.97
CA LEU B 437 -28.79 -20.31 72.20
C LEU B 437 -28.99 -20.63 70.71
N THR B 438 -29.20 -21.89 70.35
CA THR B 438 -30.01 -22.20 69.18
C THR B 438 -31.33 -22.86 69.55
N PHE B 439 -31.56 -23.08 70.84
CA PHE B 439 -32.82 -23.57 71.37
C PHE B 439 -33.69 -22.43 71.86
N ILE B 440 -33.14 -21.59 72.75
CA ILE B 440 -33.86 -20.44 73.28
C ILE B 440 -34.20 -19.46 72.16
N GLY B 441 -33.24 -19.20 71.27
CA GLY B 441 -33.47 -18.28 70.18
C GLY B 441 -34.49 -18.79 69.18
N PHE B 442 -34.42 -20.09 68.86
CA PHE B 442 -35.34 -20.66 67.89
C PHE B 442 -36.76 -20.72 68.40
N HIS B 443 -36.95 -21.07 69.68
CA HIS B 443 -38.29 -21.02 70.24
C HIS B 443 -38.77 -19.59 70.39
N THR B 444 -37.86 -18.65 70.63
CA THR B 444 -38.25 -17.24 70.69
C THR B 444 -38.75 -16.76 69.35
N THR B 445 -38.16 -17.22 68.25
CA THR B 445 -38.60 -16.76 66.94
C THR B 445 -39.65 -17.63 66.27
N PHE B 446 -40.05 -18.77 66.86
CA PHE B 446 -41.17 -19.49 66.25
C PHE B 446 -42.25 -20.02 67.17
N LEU B 447 -42.16 -19.82 68.49
CA LEU B 447 -43.31 -20.17 69.31
C LEU B 447 -44.39 -19.13 69.18
N VAL B 448 -44.04 -17.92 68.75
CA VAL B 448 -44.99 -16.85 68.59
C VAL B 448 -45.56 -16.74 67.19
N GLN B 449 -44.93 -17.36 66.19
CA GLN B 449 -45.52 -17.25 64.86
C GLN B 449 -46.71 -18.17 64.66
N HIS B 450 -46.94 -19.14 65.56
CA HIS B 450 -48.24 -19.80 65.63
C HIS B 450 -49.34 -18.82 65.94
N TRP B 451 -49.17 -18.04 67.01
CA TRP B 451 -50.13 -17.02 67.40
C TRP B 451 -50.08 -15.80 66.50
N LEU B 452 -49.09 -15.72 65.60
CA LEU B 452 -48.98 -14.65 64.63
C LEU B 452 -49.53 -15.05 63.26
N GLY B 453 -49.72 -16.33 63.01
CA GLY B 453 -50.39 -16.75 61.80
C GLY B 453 -51.83 -17.13 62.04
N ASP B 454 -52.17 -17.43 63.30
CA ASP B 454 -53.55 -17.73 63.62
C ASP B 454 -54.39 -16.46 63.63
N GLU B 455 -54.00 -15.45 64.41
CA GLU B 455 -54.47 -14.13 64.05
C GLU B 455 -53.71 -13.71 62.80
N GLY B 456 -54.31 -12.85 62.00
CA GLY B 456 -53.89 -12.73 60.62
C GLY B 456 -52.55 -12.07 60.30
N MET B 457 -51.61 -12.86 59.76
CA MET B 457 -50.50 -12.34 58.98
C MET B 457 -50.03 -13.45 58.06
N PRO B 458 -50.48 -13.44 56.81
CA PRO B 458 -50.19 -14.54 55.90
C PRO B 458 -48.76 -14.51 55.38
N ARG B 459 -48.37 -15.60 54.75
CA ARG B 459 -46.96 -15.77 54.44
C ARG B 459 -46.57 -14.92 53.25
N ARG B 460 -45.26 -14.66 53.16
CA ARG B 460 -44.60 -14.02 52.02
C ARG B 460 -45.05 -12.57 51.84
N TYR B 461 -45.29 -11.87 52.95
CA TYR B 461 -45.53 -10.43 52.94
C TYR B 461 -44.27 -9.65 53.28
N ALA B 462 -44.04 -8.57 52.54
CA ALA B 462 -42.91 -7.69 52.82
C ALA B 462 -43.21 -6.66 53.90
N ASP B 463 -44.47 -6.26 54.07
CA ASP B 463 -44.80 -5.34 55.15
C ASP B 463 -46.23 -5.57 55.60
N TYR B 464 -46.63 -4.82 56.60
CA TYR B 464 -47.96 -4.87 57.18
C TYR B 464 -48.28 -3.46 57.65
N LEU B 465 -49.27 -3.32 58.52
CA LEU B 465 -49.74 -2.00 58.89
C LEU B 465 -49.64 -1.76 60.39
N PRO B 466 -49.49 -0.50 60.79
CA PRO B 466 -49.66 -0.16 62.21
C PRO B 466 -51.12 -0.20 62.66
N THR B 467 -52.06 -0.03 61.74
CA THR B 467 -53.48 -0.21 62.08
C THR B 467 -53.87 -1.67 62.06
N ASP B 468 -53.14 -2.52 61.35
CA ASP B 468 -53.05 -3.91 61.72
C ASP B 468 -52.32 -4.01 63.03
N GLY B 469 -52.67 -5.00 63.86
CA GLY B 469 -52.00 -5.09 65.14
C GLY B 469 -50.66 -5.77 65.03
N PHE B 470 -50.40 -6.67 65.98
CA PHE B 470 -49.41 -7.76 65.91
C PHE B 470 -47.99 -7.31 65.49
N THR B 471 -47.60 -6.09 65.85
CA THR B 471 -46.22 -5.67 65.59
C THR B 471 -45.26 -6.32 66.59
N THR B 472 -45.69 -6.46 67.85
CA THR B 472 -44.83 -6.99 68.90
C THR B 472 -44.44 -8.44 68.67
N LEU B 473 -45.31 -9.22 68.02
CA LEU B 473 -44.93 -10.60 67.74
C LEU B 473 -43.89 -10.68 66.64
N ASN B 474 -43.93 -9.75 65.68
CA ASN B 474 -42.86 -9.67 64.71
C ASN B 474 -41.55 -9.21 65.34
N VAL B 475 -41.61 -8.31 66.33
CA VAL B 475 -40.34 -7.89 66.90
C VAL B 475 -39.79 -8.96 67.85
N ILE B 476 -40.64 -9.80 68.43
CA ILE B 476 -40.08 -10.86 69.26
C ILE B 476 -39.59 -12.02 68.40
N SER B 477 -40.19 -12.22 67.22
CA SER B 477 -39.58 -13.12 66.25
C SER B 477 -38.26 -12.57 65.73
N THR B 478 -38.11 -11.26 65.66
CA THR B 478 -36.84 -10.70 65.20
C THR B 478 -35.76 -10.85 66.26
N VAL B 479 -36.13 -10.64 67.52
CA VAL B 479 -35.21 -10.91 68.63
C VAL B 479 -34.75 -12.35 68.62
N GLY B 480 -35.68 -13.29 68.45
CA GLY B 480 -35.30 -14.70 68.40
C GLY B 480 -34.47 -15.06 67.18
N ALA B 481 -34.78 -14.46 66.03
CA ALA B 481 -34.04 -14.78 64.82
C ALA B 481 -32.63 -14.23 64.86
N PHE B 482 -32.43 -13.09 65.52
CA PHE B 482 -31.06 -12.61 65.68
C PHE B 482 -30.33 -13.24 66.86
N ILE B 483 -31.04 -13.86 67.79
CA ILE B 483 -30.35 -14.80 68.68
C ILE B 483 -29.84 -15.98 67.86
N LEU B 484 -30.67 -16.46 66.93
CA LEU B 484 -30.26 -17.58 66.09
C LEU B 484 -29.23 -17.18 65.05
N GLY B 485 -29.11 -15.89 64.76
CA GLY B 485 -28.13 -15.42 63.80
C GLY B 485 -26.74 -15.33 64.38
N VAL B 486 -26.64 -15.04 65.67
CA VAL B 486 -25.39 -15.13 66.41
C VAL B 486 -25.22 -16.50 67.04
N SER B 487 -26.05 -17.47 66.64
CA SER B 487 -25.96 -18.78 67.23
C SER B 487 -24.87 -19.64 66.62
N MET B 488 -24.52 -19.41 65.36
CA MET B 488 -23.48 -20.21 64.77
C MET B 488 -22.11 -19.57 64.85
N LEU B 489 -21.96 -18.44 65.53
CA LEU B 489 -20.62 -18.02 65.89
C LEU B 489 -19.93 -19.04 66.80
N PRO B 490 -20.58 -19.63 67.83
CA PRO B 490 -19.95 -20.77 68.50
C PRO B 490 -19.77 -21.99 67.62
N PHE B 491 -20.62 -22.22 66.62
CA PHE B 491 -20.46 -23.42 65.81
C PHE B 491 -19.28 -23.31 64.86
N VAL B 492 -19.17 -22.20 64.14
CA VAL B 492 -18.05 -22.09 63.23
C VAL B 492 -16.76 -21.83 63.99
N TRP B 493 -16.84 -21.21 65.18
CA TRP B 493 -15.64 -21.12 66.01
C TRP B 493 -15.26 -22.49 66.57
N ASN B 494 -16.25 -23.34 66.82
CA ASN B 494 -15.99 -24.65 67.39
C ASN B 494 -15.35 -25.57 66.37
N VAL B 495 -15.87 -25.58 65.14
CA VAL B 495 -15.23 -26.43 64.15
C VAL B 495 -13.94 -25.80 63.64
N PHE B 496 -13.82 -24.47 63.68
CA PHE B 496 -12.61 -23.81 63.24
C PHE B 496 -11.46 -24.02 64.22
N LYS B 497 -11.75 -24.15 65.51
CA LYS B 497 -10.72 -24.53 66.46
C LYS B 497 -10.84 -25.98 66.89
N SER B 498 -11.61 -26.77 66.16
CA SER B 498 -11.62 -28.21 66.39
C SER B 498 -11.04 -29.01 65.24
N TRP B 499 -10.85 -28.41 64.05
CA TRP B 499 -10.00 -29.05 63.05
C TRP B 499 -8.53 -28.77 63.29
N ARG B 500 -8.13 -27.51 63.17
CA ARG B 500 -6.72 -27.14 63.21
C ARG B 500 -6.18 -27.18 64.63
N TYR B 501 -7.04 -27.18 65.63
CA TYR B 501 -6.66 -27.38 67.02
C TYR B 501 -7.73 -28.26 67.63
N GLY B 502 -7.83 -28.27 68.94
CA GLY B 502 -8.89 -28.99 69.59
C GLY B 502 -8.48 -30.39 70.00
N GLU B 503 -9.30 -30.98 70.88
CA GLU B 503 -8.86 -32.14 71.64
C GLU B 503 -8.83 -33.39 70.77
N PRO B 504 -7.66 -34.01 70.59
CA PRO B 504 -7.58 -35.15 69.68
C PRO B 504 -8.04 -36.44 70.35
N VAL B 505 -8.32 -37.42 69.50
CA VAL B 505 -8.60 -38.78 69.96
C VAL B 505 -7.65 -39.72 69.25
N THR B 506 -7.08 -40.65 70.02
CA THR B 506 -6.22 -41.69 69.50
C THR B 506 -6.99 -43.00 69.30
N VAL B 507 -7.67 -43.45 70.35
CA VAL B 507 -8.39 -44.71 70.34
C VAL B 507 -9.73 -44.52 69.65
N ASP B 508 -10.41 -45.62 69.34
CA ASP B 508 -11.75 -45.56 68.78
C ASP B 508 -12.74 -45.18 69.88
N ASP B 509 -14.02 -45.06 69.47
CA ASP B 509 -15.15 -44.64 70.30
C ASP B 509 -14.87 -43.40 71.15
N PRO B 510 -14.76 -42.21 70.56
CA PRO B 510 -14.70 -41.00 71.40
C PRO B 510 -15.98 -40.75 72.11
N TRP B 511 -17.08 -41.23 71.54
CA TRP B 511 -18.32 -41.44 72.25
C TRP B 511 -18.33 -42.91 72.64
N GLY B 512 -18.28 -43.17 73.93
CA GLY B 512 -18.30 -44.54 74.39
C GLY B 512 -19.61 -45.22 74.12
N TYR B 513 -19.56 -46.55 74.13
CA TYR B 513 -20.69 -47.43 73.80
C TYR B 513 -21.18 -47.18 72.39
N GLY B 514 -20.24 -46.88 71.50
CA GLY B 514 -20.56 -46.76 70.09
C GLY B 514 -20.99 -48.09 69.49
N ASN B 515 -21.63 -48.00 68.33
CA ASN B 515 -22.23 -49.19 67.76
C ASN B 515 -22.22 -49.06 66.24
N SER B 516 -23.06 -49.86 65.58
CA SER B 516 -23.51 -49.67 64.21
C SER B 516 -22.40 -49.84 63.17
N LEU B 517 -21.33 -50.58 63.50
CA LEU B 517 -20.28 -51.07 62.59
C LEU B 517 -19.37 -49.96 62.09
N GLU B 518 -19.77 -48.71 62.31
CA GLU B 518 -18.95 -47.56 61.96
C GLU B 518 -17.78 -47.45 62.93
N TRP B 519 -18.08 -47.45 64.21
CA TRP B 519 -17.16 -47.09 65.29
C TRP B 519 -16.14 -48.19 65.60
N ALA B 520 -15.95 -49.16 64.71
CA ALA B 520 -14.93 -50.18 64.85
C ALA B 520 -13.76 -49.94 63.90
N THR B 521 -13.44 -48.67 63.66
CA THR B 521 -12.26 -48.31 62.89
C THR B 521 -11.72 -47.00 63.45
N SER B 522 -10.55 -46.59 62.96
CA SER B 522 -9.79 -45.49 63.55
C SER B 522 -10.50 -44.16 63.35
N CYS B 523 -10.18 -43.19 64.21
CA CYS B 523 -10.95 -41.95 64.25
C CYS B 523 -10.64 -41.03 63.08
N PRO B 524 -9.40 -40.94 62.59
CA PRO B 524 -9.24 -40.80 61.16
C PRO B 524 -9.28 -42.17 60.54
N PRO B 525 -10.36 -42.54 59.84
CA PRO B 525 -10.43 -43.86 59.25
C PRO B 525 -9.44 -43.96 58.11
N PRO B 526 -8.87 -45.15 57.87
CA PRO B 526 -7.92 -45.29 56.78
C PRO B 526 -8.61 -45.13 55.43
N ARG B 527 -7.80 -44.91 54.42
CA ARG B 527 -8.29 -44.96 53.05
C ARG B 527 -8.83 -46.35 52.78
N HIS B 528 -10.11 -46.41 52.38
CA HIS B 528 -10.95 -47.61 52.26
C HIS B 528 -11.32 -48.20 53.63
N ASN B 529 -11.38 -47.33 54.63
CA ASN B 529 -12.25 -47.39 55.81
C ASN B 529 -11.97 -48.43 56.89
N PHE B 530 -11.20 -49.47 56.62
CA PHE B 530 -11.20 -50.58 57.56
C PHE B 530 -9.86 -51.30 57.52
N THR B 531 -9.22 -51.41 58.68
CA THR B 531 -8.10 -52.31 58.82
C THR B 531 -8.55 -53.65 59.38
N GLU B 532 -9.56 -53.66 60.24
CA GLU B 532 -10.13 -54.88 60.79
C GLU B 532 -11.64 -54.72 60.91
N LEU B 533 -12.39 -55.52 60.17
CA LEU B 533 -13.83 -55.57 60.39
C LEU B 533 -14.15 -56.46 61.57
N PRO B 534 -15.17 -56.13 62.36
CA PRO B 534 -15.60 -57.03 63.42
C PRO B 534 -16.55 -58.09 62.90
N ARG B 535 -16.64 -59.18 63.66
CA ARG B 535 -17.59 -60.25 63.39
C ARG B 535 -18.98 -59.72 63.64
N ILE B 536 -19.71 -59.41 62.57
CA ILE B 536 -21.04 -58.83 62.70
C ILE B 536 -22.02 -59.91 63.09
N ARG B 537 -22.74 -59.69 64.19
CA ARG B 537 -23.66 -60.70 64.70
C ARG B 537 -25.04 -60.10 64.90
N SER B 538 -25.11 -58.85 65.31
CA SER B 538 -26.39 -58.20 65.57
C SER B 538 -26.32 -56.78 65.06
N GLU B 539 -27.28 -55.97 65.48
CA GLU B 539 -27.39 -54.60 64.98
C GLU B 539 -26.25 -53.71 65.46
N ARG B 540 -25.60 -54.07 66.56
CA ARG B 540 -24.54 -53.27 67.17
C ARG B 540 -23.24 -54.08 67.22
N PRO B 541 -22.51 -54.17 66.13
CA PRO B 541 -21.31 -55.01 66.15
C PRO B 541 -20.08 -54.28 66.67
N ALA B 542 -20.09 -52.94 66.66
CA ALA B 542 -19.01 -52.23 67.33
C ALA B 542 -19.19 -52.32 68.84
N PHE B 543 -20.44 -52.29 69.30
CA PHE B 543 -20.75 -52.52 70.70
C PHE B 543 -20.46 -53.95 71.13
N GLU B 544 -20.47 -54.90 70.19
CA GLU B 544 -20.09 -56.27 70.51
C GLU B 544 -18.61 -56.54 70.37
N LEU B 545 -17.90 -55.78 69.54
CA LEU B 545 -16.44 -55.84 69.60
C LEU B 545 -15.93 -55.25 70.90
N HIS B 546 -16.35 -54.03 71.21
CA HIS B 546 -15.79 -53.33 72.35
C HIS B 546 -16.23 -53.88 73.69
N TYR B 547 -17.29 -54.69 73.71
CA TYR B 547 -17.82 -55.24 74.95
C TYR B 547 -18.19 -56.70 74.72
N PRO B 548 -17.20 -57.61 74.76
CA PRO B 548 -17.47 -59.00 74.43
C PRO B 548 -18.23 -59.73 75.52
N HIS B 549 -17.98 -59.34 76.78
CA HIS B 549 -18.68 -59.94 77.92
C HIS B 549 -20.14 -59.53 77.98
N MET B 550 -20.51 -58.47 77.27
CA MET B 550 -21.85 -57.91 77.28
C MET B 550 -22.85 -58.74 76.49
N VAL B 551 -22.37 -59.58 75.57
CA VAL B 551 -23.19 -60.14 74.48
C VAL B 551 -24.29 -61.04 75.02
N GLU B 552 -23.99 -61.89 76.00
CA GLU B 552 -25.02 -62.74 76.57
C GLU B 552 -26.03 -61.93 77.38
N ARG B 553 -25.59 -60.85 78.02
CA ARG B 553 -26.52 -59.93 78.65
C ARG B 553 -27.23 -59.08 77.61
N MET B 554 -26.58 -58.87 76.46
CA MET B 554 -27.19 -58.08 75.40
C MET B 554 -28.34 -58.81 74.72
N ARG B 555 -28.25 -60.14 74.63
CA ARG B 555 -29.29 -60.94 73.99
C ARG B 555 -30.28 -61.56 74.97
N ALA B 556 -29.87 -61.82 76.22
CA ALA B 556 -30.73 -62.54 77.15
C ALA B 556 -31.89 -61.72 77.67
N GLU B 557 -31.87 -60.40 77.48
CA GLU B 557 -32.93 -59.53 77.94
C GLU B 557 -33.36 -58.57 76.84
N ALA B 558 -33.21 -59.00 75.59
CA ALA B 558 -33.50 -58.15 74.44
C ALA B 558 -34.89 -58.39 73.87
N HIS B 559 -35.79 -59.01 74.63
CA HIS B 559 -37.09 -59.38 74.10
C HIS B 559 -38.27 -59.05 75.01
N VAL B 560 -38.04 -58.78 76.30
CA VAL B 560 -39.15 -58.62 77.23
C VAL B 560 -39.82 -57.27 77.04
N GLY B 561 -39.06 -56.19 77.26
CA GLY B 561 -39.60 -54.85 77.21
C GLY B 561 -39.63 -54.19 78.58
N MET C 1 9.43 -52.28 37.55
CA MET C 1 8.60 -53.46 37.72
C MET C 1 9.37 -54.60 38.39
N THR C 2 8.66 -55.49 39.06
CA THR C 2 9.18 -56.83 39.31
C THR C 2 8.35 -57.88 38.58
N SER C 3 7.08 -58.03 38.94
CA SER C 3 6.08 -58.45 37.98
C SER C 3 4.94 -57.44 37.95
N ALA C 4 4.24 -57.35 39.09
CA ALA C 4 3.14 -56.46 39.45
C ALA C 4 2.72 -56.87 40.86
N VAL C 5 1.91 -56.03 41.50
CA VAL C 5 1.26 -56.43 42.74
C VAL C 5 -0.23 -56.58 42.47
N GLY C 6 -0.74 -55.81 41.50
CA GLY C 6 -2.11 -55.94 41.08
C GLY C 6 -2.25 -56.90 39.91
N THR C 7 -1.86 -58.16 40.12
CA THR C 7 -1.85 -59.17 39.08
C THR C 7 -3.29 -59.62 38.82
N SER C 8 -3.98 -58.85 37.98
CA SER C 8 -5.34 -59.14 37.57
C SER C 8 -5.42 -59.23 36.05
N GLY C 9 -6.63 -59.48 35.56
CA GLY C 9 -6.82 -59.58 34.12
C GLY C 9 -6.66 -58.25 33.40
N THR C 10 -6.98 -57.15 34.07
CA THR C 10 -6.83 -55.82 33.52
C THR C 10 -6.69 -54.83 34.66
N ALA C 11 -6.48 -53.56 34.30
CA ALA C 11 -6.57 -52.48 35.28
C ALA C 11 -8.01 -52.26 35.72
N ILE C 12 -8.96 -52.65 34.88
CA ILE C 12 -10.38 -52.56 35.18
C ILE C 12 -10.86 -53.95 35.62
N THR C 13 -11.67 -53.99 36.68
CA THR C 13 -12.24 -55.21 37.20
C THR C 13 -13.76 -55.09 37.07
N SER C 14 -14.48 -56.22 37.22
CA SER C 14 -15.81 -56.42 36.65
C SER C 14 -16.85 -55.39 37.09
N ARG C 15 -17.40 -55.52 38.29
CA ARG C 15 -17.64 -54.33 39.12
C ARG C 15 -17.50 -54.70 40.58
N VAL C 16 -17.95 -55.91 40.92
CA VAL C 16 -17.49 -56.65 42.09
C VAL C 16 -17.09 -58.03 41.60
N HIS C 17 -18.09 -58.75 41.10
CA HIS C 17 -18.10 -60.16 40.75
C HIS C 17 -19.50 -60.46 40.23
N SER C 18 -19.64 -61.54 39.44
CA SER C 18 -20.99 -61.83 38.95
C SER C 18 -21.32 -63.32 38.90
N LEU C 19 -20.63 -64.17 39.66
CA LEU C 19 -21.04 -65.58 39.75
C LEU C 19 -21.92 -65.82 40.97
N ASN C 20 -21.51 -65.31 42.13
CA ASN C 20 -22.33 -65.33 43.34
C ASN C 20 -22.39 -63.95 43.97
N ARG C 21 -22.66 -62.94 43.12
CA ARG C 21 -22.57 -61.55 43.51
C ARG C 21 -23.34 -60.74 42.48
N PRO C 22 -24.17 -59.79 42.89
CA PRO C 22 -24.91 -58.99 41.89
C PRO C 22 -24.00 -57.96 41.25
N ASN C 23 -24.24 -57.74 39.95
CA ASN C 23 -23.46 -56.77 39.21
C ASN C 23 -23.93 -55.38 39.61
N MET C 24 -22.97 -54.48 39.89
CA MET C 24 -23.29 -53.26 40.59
C MET C 24 -23.57 -52.08 39.67
N VAL C 25 -22.94 -52.03 38.49
CA VAL C 25 -23.38 -51.04 37.50
C VAL C 25 -24.75 -51.45 36.95
N SER C 26 -25.04 -52.74 36.97
CA SER C 26 -26.37 -53.23 36.61
C SER C 26 -27.44 -52.66 37.53
N VAL C 27 -27.26 -52.79 38.85
CA VAL C 27 -28.28 -52.27 39.76
C VAL C 27 -28.25 -50.74 39.78
N GLY C 28 -27.10 -50.14 39.47
CA GLY C 28 -27.03 -48.69 39.37
C GLY C 28 -27.83 -48.14 38.22
N THR C 29 -27.68 -48.73 37.04
CA THR C 29 -28.50 -48.26 35.95
C THR C 29 -29.94 -48.69 36.08
N ILE C 30 -30.26 -49.75 36.84
CA ILE C 30 -31.66 -50.10 37.03
C ILE C 30 -32.38 -49.07 37.88
N VAL C 31 -31.76 -48.63 38.98
CA VAL C 31 -32.43 -47.62 39.78
C VAL C 31 -32.41 -46.26 39.07
N TRP C 32 -31.40 -45.98 38.24
CA TRP C 32 -31.43 -44.72 37.50
C TRP C 32 -32.43 -44.74 36.34
N LEU C 33 -32.61 -45.90 35.71
CA LEU C 33 -33.75 -46.14 34.82
C LEU C 33 -35.08 -45.85 35.50
N SER C 34 -35.21 -46.28 36.76
CA SER C 34 -36.47 -46.06 37.46
C SER C 34 -36.69 -44.57 37.75
N SER C 35 -35.61 -43.85 38.06
CA SER C 35 -35.68 -42.39 38.18
C SER C 35 -36.12 -41.75 36.87
N GLU C 36 -35.52 -42.17 35.76
CA GLU C 36 -35.92 -41.58 34.48
C GLU C 36 -37.33 -41.99 34.08
N LEU C 37 -37.83 -43.11 34.58
CA LEU C 37 -39.25 -43.42 34.41
C LEU C 37 -40.11 -42.42 35.15
N MET C 38 -39.67 -41.96 36.33
CA MET C 38 -40.43 -40.89 36.99
C MET C 38 -40.32 -39.56 36.25
N PHE C 39 -39.19 -39.30 35.58
CA PHE C 39 -39.10 -38.15 34.69
C PHE C 39 -40.12 -38.23 33.57
N PHE C 40 -40.27 -39.42 32.98
CA PHE C 40 -41.32 -39.59 31.99
C PHE C 40 -42.70 -39.55 32.60
N ALA C 41 -42.84 -39.85 33.89
CA ALA C 41 -44.12 -39.66 34.56
C ALA C 41 -44.47 -38.17 34.63
N GLY C 42 -43.48 -37.33 34.85
CA GLY C 42 -43.69 -35.89 34.75
C GLY C 42 -44.15 -35.47 33.36
N LEU C 43 -43.53 -36.04 32.32
CA LEU C 43 -43.96 -35.71 30.95
C LEU C 43 -45.34 -36.30 30.62
N PHE C 44 -45.64 -37.51 31.10
CA PHE C 44 -46.97 -38.08 30.90
C PHE C 44 -48.04 -37.28 31.63
N ALA C 45 -47.75 -36.74 32.79
CA ALA C 45 -48.75 -35.93 33.47
C ALA C 45 -48.90 -34.58 32.81
N MET C 46 -47.85 -34.07 32.17
CA MET C 46 -48.03 -32.92 31.30
C MET C 46 -48.80 -33.28 30.03
N TYR C 47 -48.95 -34.57 29.69
CA TYR C 47 -49.81 -34.91 28.57
C TYR C 47 -51.25 -35.25 28.94
N PHE C 48 -51.46 -36.06 29.97
CA PHE C 48 -52.81 -36.57 30.24
C PHE C 48 -53.73 -35.52 30.85
N THR C 49 -53.19 -34.44 31.36
CA THR C 49 -53.93 -33.18 31.37
C THR C 49 -53.33 -32.29 30.30
N ALA C 50 -54.15 -31.36 29.82
CA ALA C 50 -54.14 -30.76 28.47
C ALA C 50 -54.46 -31.80 27.40
N ARG C 51 -55.11 -32.89 27.77
CA ARG C 51 -56.02 -33.61 26.89
C ARG C 51 -57.39 -33.79 27.49
N ALA C 52 -57.51 -33.71 28.82
CA ALA C 52 -58.83 -33.63 29.43
C ALA C 52 -59.42 -32.23 29.28
N GLN C 53 -58.58 -31.25 28.97
CA GLN C 53 -59.06 -29.88 28.78
C GLN C 53 -59.76 -29.72 27.45
N ALA C 54 -59.05 -30.05 26.36
CA ALA C 54 -59.59 -29.88 25.03
C ALA C 54 -60.72 -30.86 24.77
N GLY C 55 -61.90 -30.34 24.46
CA GLY C 55 -63.08 -31.16 24.26
C GLY C 55 -63.46 -31.27 22.79
N GLY C 56 -64.40 -32.17 22.52
CA GLY C 56 -64.82 -32.44 21.16
C GLY C 56 -63.73 -33.15 20.39
N ALA C 57 -63.60 -32.80 19.11
CA ALA C 57 -62.48 -33.29 18.31
C ALA C 57 -61.22 -32.56 18.76
N TRP C 58 -60.56 -33.09 19.78
CA TRP C 58 -59.54 -32.38 20.52
C TRP C 58 -58.13 -32.28 19.91
N PRO C 59 -57.58 -33.25 19.16
CA PRO C 59 -56.32 -32.94 18.45
C PRO C 59 -56.60 -31.93 17.36
N PRO C 60 -56.03 -30.73 17.48
CA PRO C 60 -56.58 -29.57 16.77
C PRO C 60 -56.38 -29.62 15.27
N GLU C 61 -57.01 -28.65 14.60
CA GLU C 61 -57.10 -28.65 13.14
C GLU C 61 -55.78 -28.64 12.37
N PRO C 62 -54.71 -27.94 12.77
CA PRO C 62 -53.46 -28.08 12.01
C PRO C 62 -52.71 -29.38 12.26
N THR C 63 -53.15 -30.24 13.16
CA THR C 63 -52.40 -31.46 13.49
C THR C 63 -52.99 -32.64 12.72
N GLU C 64 -52.58 -32.76 11.47
CA GLU C 64 -52.79 -33.98 10.69
C GLU C 64 -51.73 -34.96 11.19
N LEU C 65 -52.07 -35.69 12.26
CA LEU C 65 -51.08 -36.48 12.98
C LEU C 65 -50.75 -37.73 12.17
N ASN C 66 -49.52 -37.79 11.69
CA ASN C 66 -49.10 -38.83 10.75
C ASN C 66 -48.82 -40.12 11.51
N LEU C 67 -49.60 -41.16 11.23
CA LEU C 67 -49.33 -42.48 11.77
C LEU C 67 -48.55 -43.33 10.78
N ALA C 68 -48.69 -43.08 9.49
CA ALA C 68 -48.03 -43.86 8.46
C ALA C 68 -46.52 -43.63 8.40
N LEU C 69 -46.01 -42.59 9.06
CA LEU C 69 -44.59 -42.45 9.28
C LEU C 69 -44.21 -42.74 10.73
N ALA C 70 -45.18 -42.72 11.64
CA ALA C 70 -44.90 -43.06 13.03
C ALA C 70 -44.66 -44.55 13.21
N VAL C 71 -45.63 -45.39 12.83
CA VAL C 71 -45.51 -46.83 13.05
C VAL C 71 -44.36 -47.51 12.28
N PRO C 72 -43.82 -47.00 11.15
CA PRO C 72 -42.55 -47.60 10.69
C PRO C 72 -41.36 -47.29 11.57
N VAL C 73 -41.25 -46.08 12.14
CA VAL C 73 -40.08 -45.84 12.96
C VAL C 73 -40.21 -46.47 14.34
N THR C 74 -41.44 -46.70 14.84
CA THR C 74 -41.58 -47.53 16.04
C THR C 74 -41.22 -48.97 15.75
N LEU C 75 -41.59 -49.46 14.57
CA LEU C 75 -41.24 -50.84 14.22
C LEU C 75 -39.73 -50.99 14.04
N VAL C 76 -39.09 -49.97 13.47
CA VAL C 76 -37.63 -49.91 13.39
C VAL C 76 -37.01 -49.93 14.79
N LEU C 77 -37.55 -49.12 15.70
CA LEU C 77 -36.95 -48.99 17.02
C LEU C 77 -37.13 -50.25 17.85
N ILE C 78 -38.29 -50.91 17.75
CA ILE C 78 -38.50 -52.11 18.56
C ILE C 78 -37.88 -53.35 17.93
N ALA C 79 -37.65 -53.37 16.61
CA ALA C 79 -36.79 -54.41 16.07
C ALA C 79 -35.35 -54.15 16.46
N SER C 80 -34.99 -52.88 16.60
CA SER C 80 -33.65 -52.54 17.02
C SER C 80 -33.41 -52.89 18.48
N SER C 81 -34.47 -52.94 19.28
CA SER C 81 -34.39 -53.54 20.62
C SER C 81 -33.90 -54.98 20.57
N PHE C 82 -34.42 -55.77 19.63
CA PHE C 82 -33.97 -57.15 19.51
C PHE C 82 -32.56 -57.24 18.93
N THR C 83 -32.18 -56.27 18.08
CA THR C 83 -30.78 -56.24 17.63
C THR C 83 -29.85 -55.93 18.79
N CYS C 84 -30.26 -55.03 19.69
CA CYS C 84 -29.41 -54.68 20.80
C CYS C 84 -29.34 -55.82 21.83
N GLN C 85 -30.45 -56.55 21.99
CA GLN C 85 -30.42 -57.72 22.86
C GLN C 85 -29.61 -58.86 22.25
N MET C 86 -29.58 -58.98 20.92
CA MET C 86 -28.67 -59.93 20.31
C MET C 86 -27.22 -59.48 20.49
N GLY C 87 -27.00 -58.17 20.53
CA GLY C 87 -25.68 -57.66 20.86
C GLY C 87 -25.25 -58.00 22.27
N VAL C 88 -26.18 -57.97 23.22
CA VAL C 88 -25.75 -58.35 24.56
C VAL C 88 -25.66 -59.88 24.72
N PHE C 89 -26.40 -60.65 23.90
CA PHE C 89 -26.13 -62.09 23.84
C PHE C 89 -24.73 -62.36 23.32
N ALA C 90 -24.28 -61.57 22.35
CA ALA C 90 -22.91 -61.65 21.87
C ALA C 90 -21.93 -60.87 22.73
N ALA C 91 -22.40 -60.25 23.80
CA ALA C 91 -21.49 -59.67 24.80
C ALA C 91 -21.24 -60.61 25.96
N GLU C 92 -22.23 -61.43 26.34
CA GLU C 92 -22.03 -62.42 27.40
C GLU C 92 -20.97 -63.43 27.00
N ARG C 93 -21.21 -64.14 25.91
CA ARG C 93 -20.14 -64.81 25.19
C ARG C 93 -19.16 -63.76 24.68
N GLY C 94 -17.92 -63.82 25.14
CA GLY C 94 -17.02 -62.70 25.02
C GLY C 94 -16.30 -62.48 23.70
N ASP C 95 -16.98 -61.92 22.71
CA ASP C 95 -16.31 -61.40 21.52
C ASP C 95 -16.76 -59.97 21.26
N VAL C 96 -15.77 -59.09 21.06
CA VAL C 96 -16.06 -57.69 20.77
C VAL C 96 -16.76 -57.53 19.43
N PHE C 97 -16.52 -58.45 18.50
CA PHE C 97 -17.00 -58.23 17.14
C PHE C 97 -18.48 -58.53 17.01
N GLY C 98 -18.96 -59.57 17.71
CA GLY C 98 -20.39 -59.79 17.80
C GLY C 98 -21.11 -58.69 18.55
N LEU C 99 -20.43 -58.06 19.50
CA LEU C 99 -20.97 -56.88 20.16
C LEU C 99 -21.03 -55.72 19.18
N ARG C 100 -19.94 -55.48 18.45
CA ARG C 100 -19.82 -54.26 17.67
C ARG C 100 -20.68 -54.29 16.42
N ARG C 101 -20.90 -55.46 15.82
CA ARG C 101 -21.76 -55.52 14.64
C ARG C 101 -23.21 -55.20 14.99
N TRP C 102 -23.73 -55.84 16.04
CA TRP C 102 -25.11 -55.60 16.41
C TRP C 102 -25.31 -54.23 17.03
N TYR C 103 -24.29 -53.68 17.72
CA TYR C 103 -24.47 -52.32 18.20
C TYR C 103 -24.26 -51.28 17.11
N VAL C 104 -23.46 -51.56 16.07
CA VAL C 104 -23.40 -50.67 14.93
C VAL C 104 -24.74 -50.62 14.21
N ILE C 105 -25.37 -51.78 13.99
CA ILE C 105 -26.66 -51.69 13.30
C ILE C 105 -27.75 -51.17 14.23
N THR C 106 -27.62 -51.37 15.55
CA THR C 106 -28.55 -50.76 16.49
C THR C 106 -28.40 -49.23 16.51
N PHE C 107 -27.17 -48.75 16.49
CA PHE C 107 -26.93 -47.31 16.39
C PHE C 107 -27.41 -46.75 15.06
N LEU C 108 -27.27 -47.51 13.97
CA LEU C 108 -27.71 -47.01 12.68
C LEU C 108 -29.22 -46.90 12.60
N MET C 109 -29.96 -47.91 13.06
CA MET C 109 -31.40 -47.73 12.96
C MET C 109 -31.99 -46.97 14.16
N GLY C 110 -31.22 -46.75 15.22
CA GLY C 110 -31.62 -45.75 16.19
C GLY C 110 -31.43 -44.34 15.67
N LEU C 111 -30.34 -44.12 14.93
CA LEU C 111 -30.16 -42.88 14.18
C LEU C 111 -31.25 -42.70 13.12
N PHE C 112 -31.69 -43.81 12.52
CA PHE C 112 -32.81 -43.75 11.60
C PHE C 112 -34.10 -43.37 12.33
N PHE C 113 -34.27 -43.83 13.58
CA PHE C 113 -35.40 -43.37 14.38
C PHE C 113 -35.31 -41.89 14.68
N VAL C 114 -34.12 -41.39 15.02
CA VAL C 114 -33.95 -39.98 15.34
C VAL C 114 -34.17 -39.11 14.10
N LEU C 115 -33.69 -39.56 12.94
CA LEU C 115 -33.92 -38.81 11.71
C LEU C 115 -35.37 -38.91 11.24
N GLY C 116 -36.03 -40.04 11.49
CA GLY C 116 -37.44 -40.14 11.17
C GLY C 116 -38.30 -39.27 12.07
N GLN C 117 -37.94 -39.19 13.36
CA GLN C 117 -38.63 -38.30 14.28
C GLN C 117 -38.36 -36.84 13.96
N GLY C 118 -37.15 -36.53 13.48
CA GLY C 118 -36.87 -35.17 13.05
C GLY C 118 -37.60 -34.79 11.78
N TYR C 119 -37.72 -35.73 10.84
CA TYR C 119 -38.51 -35.46 9.64
C TYR C 119 -39.99 -35.36 9.98
N GLU C 120 -40.46 -36.12 10.97
CA GLU C 120 -41.84 -35.97 11.42
C GLU C 120 -42.06 -34.62 12.08
N TYR C 121 -41.05 -34.11 12.79
CA TYR C 121 -41.16 -32.79 13.38
C TYR C 121 -41.16 -31.69 12.33
N ILE C 122 -40.31 -31.81 11.30
CA ILE C 122 -40.30 -30.85 10.20
C ILE C 122 -41.63 -30.88 9.44
N HIS C 123 -42.05 -32.08 9.05
CA HIS C 123 -43.30 -32.27 8.30
C HIS C 123 -44.53 -31.93 9.13
N LEU C 124 -44.44 -31.89 10.45
CA LEU C 124 -45.58 -31.53 11.28
C LEU C 124 -45.51 -30.10 11.79
N VAL C 125 -44.38 -29.42 11.63
CA VAL C 125 -44.31 -28.00 11.97
C VAL C 125 -44.45 -27.09 10.74
N GLU C 126 -44.15 -27.59 9.54
CA GLU C 126 -44.18 -26.71 8.39
C GLU C 126 -45.56 -26.52 7.80
N HIS C 127 -46.50 -27.43 8.08
CA HIS C 127 -47.90 -27.22 7.71
C HIS C 127 -48.80 -27.59 8.88
N GLY C 128 -48.41 -27.13 10.07
CA GLY C 128 -49.18 -27.45 11.23
C GLY C 128 -48.79 -26.68 12.47
N THR C 129 -48.73 -27.38 13.59
CA THR C 129 -48.55 -26.74 14.89
C THR C 129 -47.09 -26.48 15.21
N THR C 130 -46.86 -25.49 16.07
CA THR C 130 -45.56 -25.19 16.63
C THR C 130 -45.64 -25.34 18.14
N ILE C 131 -44.49 -25.34 18.81
CA ILE C 131 -44.49 -25.43 20.27
C ILE C 131 -45.01 -24.15 20.94
N PRO C 132 -44.98 -22.93 20.38
CA PRO C 132 -45.89 -21.92 20.91
C PRO C 132 -47.23 -21.82 20.20
N GLY C 133 -47.58 -22.78 19.36
CA GLY C 133 -48.77 -22.63 18.55
C GLY C 133 -50.01 -23.26 19.16
N SER C 134 -49.84 -24.40 19.82
CA SER C 134 -50.97 -25.12 20.36
C SER C 134 -50.65 -25.59 21.76
N ALA C 135 -51.67 -26.08 22.45
CA ALA C 135 -51.45 -26.86 23.65
C ALA C 135 -50.99 -28.26 23.30
N TYR C 136 -51.78 -28.95 22.47
CA TYR C 136 -51.45 -30.31 22.05
C TYR C 136 -50.17 -30.35 21.23
N GLY C 137 -49.92 -29.33 20.41
CA GLY C 137 -48.69 -29.32 19.65
C GLY C 137 -47.47 -29.16 20.54
N SER C 138 -47.60 -28.35 21.59
CA SER C 138 -46.49 -28.14 22.51
C SER C 138 -46.22 -29.39 23.33
N VAL C 139 -47.27 -30.04 23.81
CA VAL C 139 -47.09 -31.24 24.62
C VAL C 139 -46.64 -32.41 23.74
N PHE C 140 -47.05 -32.44 22.48
CA PHE C 140 -46.52 -33.42 21.54
C PHE C 140 -45.04 -33.19 21.26
N TYR C 141 -44.62 -31.93 21.18
CA TYR C 141 -43.22 -31.62 20.93
C TYR C 141 -42.34 -31.81 22.14
N LEU C 142 -42.90 -31.80 23.34
CA LEU C 142 -42.07 -32.02 24.52
C LEU C 142 -42.15 -33.45 25.07
N ALA C 143 -43.30 -34.11 24.96
CA ALA C 143 -43.42 -35.45 25.50
C ALA C 143 -42.70 -36.47 24.64
N THR C 144 -42.54 -36.19 23.35
CA THR C 144 -41.78 -37.06 22.47
C THR C 144 -40.46 -36.43 22.04
N GLY C 145 -40.32 -35.11 22.14
CA GLY C 145 -39.10 -34.46 21.74
C GLY C 145 -38.00 -34.63 22.76
N PHE C 146 -38.34 -34.52 24.04
CA PHE C 146 -37.31 -34.82 25.02
C PHE C 146 -37.06 -36.32 25.09
N HIS C 147 -38.02 -37.13 24.67
CA HIS C 147 -37.69 -38.53 24.38
C HIS C 147 -36.73 -38.64 23.21
N GLY C 148 -36.80 -37.71 22.25
CA GLY C 148 -35.77 -37.63 21.23
C GLY C 148 -34.41 -37.30 21.83
N LEU C 149 -34.40 -36.46 22.87
CA LEU C 149 -33.14 -36.20 23.56
C LEU C 149 -32.65 -37.41 24.34
N HIS C 150 -33.58 -38.20 24.91
CA HIS C 150 -33.21 -39.46 25.56
C HIS C 150 -32.60 -40.44 24.58
N VAL C 151 -33.20 -40.56 23.40
CA VAL C 151 -32.66 -41.55 22.48
C VAL C 151 -31.40 -41.04 21.81
N ILE C 152 -31.22 -39.72 21.67
CA ILE C 152 -29.96 -39.23 21.11
C ILE C 152 -28.86 -39.32 22.16
N GLY C 153 -29.20 -39.25 23.46
CA GLY C 153 -28.21 -39.53 24.48
C GLY C 153 -27.87 -41.01 24.54
N GLY C 154 -28.85 -41.87 24.27
CA GLY C 154 -28.57 -43.29 24.17
C GLY C 154 -27.68 -43.63 22.98
N LEU C 155 -27.87 -42.92 21.87
CA LEU C 155 -26.98 -43.06 20.72
C LEU C 155 -25.57 -42.58 21.03
N VAL C 156 -25.45 -41.50 21.81
CA VAL C 156 -24.14 -41.06 22.28
C VAL C 156 -23.49 -42.14 23.15
N ALA C 157 -24.30 -42.81 23.96
CA ALA C 157 -23.78 -43.93 24.75
C ALA C 157 -23.34 -45.10 23.87
N PHE C 158 -24.04 -45.33 22.75
CA PHE C 158 -23.64 -46.40 21.84
C PHE C 158 -22.30 -46.11 21.17
N VAL C 159 -22.16 -44.92 20.57
CA VAL C 159 -20.91 -44.58 19.87
C VAL C 159 -19.75 -44.47 20.87
N LEU C 160 -20.05 -44.03 22.08
CA LEU C 160 -19.05 -43.92 23.13
C LEU C 160 -18.57 -45.29 23.59
N LEU C 161 -19.49 -46.21 23.86
CA LEU C 161 -19.09 -47.56 24.23
C LEU C 161 -18.45 -48.31 23.06
N LEU C 162 -18.74 -47.94 21.82
CA LEU C 162 -18.06 -48.59 20.71
C LEU C 162 -16.62 -48.14 20.59
N ALA C 163 -16.36 -46.86 20.84
CA ALA C 163 -14.96 -46.42 20.93
C ALA C 163 -14.25 -47.07 22.13
N ARG C 164 -14.99 -47.28 23.21
CA ARG C 164 -14.45 -47.99 24.37
C ARG C 164 -14.13 -49.45 24.05
N THR C 165 -14.93 -50.09 23.19
CA THR C 165 -14.56 -51.42 22.74
C THR C 165 -13.39 -51.39 21.78
N LYS C 166 -13.20 -50.29 21.07
CA LYS C 166 -12.02 -50.17 20.22
C LYS C 166 -10.73 -50.05 21.03
N MET C 167 -10.79 -49.41 22.20
CA MET C 167 -9.53 -49.04 22.87
C MET C 167 -9.04 -50.00 23.94
N SER C 168 -9.75 -51.08 24.27
CA SER C 168 -9.25 -51.93 25.35
C SER C 168 -9.67 -53.38 25.17
N LYS C 169 -9.02 -54.25 25.94
CA LYS C 169 -9.33 -55.67 25.97
C LYS C 169 -10.73 -55.88 26.56
N PHE C 170 -11.46 -56.83 25.99
CA PHE C 170 -12.82 -57.11 26.42
C PHE C 170 -12.79 -57.81 27.78
N THR C 171 -12.96 -57.04 28.83
CA THR C 171 -13.05 -57.57 30.19
C THR C 171 -14.50 -57.91 30.50
N PRO C 172 -14.77 -58.65 31.57
CA PRO C 172 -16.14 -58.74 32.06
C PRO C 172 -16.72 -57.42 32.54
N ALA C 173 -15.87 -56.46 32.90
CA ALA C 173 -16.35 -55.10 33.17
C ALA C 173 -16.91 -54.46 31.92
N GLN C 174 -16.38 -54.81 30.76
CA GLN C 174 -16.87 -54.18 29.55
C GLN C 174 -18.13 -54.85 29.06
N ALA C 175 -18.31 -56.14 29.38
CA ALA C 175 -19.60 -56.77 29.21
C ALA C 175 -20.64 -56.18 30.17
N THR C 176 -20.22 -55.78 31.38
CA THR C 176 -21.09 -55.05 32.29
C THR C 176 -21.52 -53.71 31.70
N ALA C 177 -20.56 -52.98 31.11
CA ALA C 177 -20.89 -51.72 30.43
C ALA C 177 -21.83 -51.95 29.27
N ALA C 178 -21.63 -53.04 28.52
CA ALA C 178 -22.46 -53.33 27.37
C ALA C 178 -23.88 -53.69 27.77
N ILE C 179 -24.05 -54.52 28.81
CA ILE C 179 -25.40 -54.88 29.25
C ILE C 179 -26.10 -53.68 29.88
N VAL C 180 -25.34 -52.76 30.48
CA VAL C 180 -25.93 -51.57 31.08
C VAL C 180 -26.46 -50.62 30.02
N VAL C 181 -25.66 -50.36 28.98
CA VAL C 181 -26.14 -49.51 27.89
C VAL C 181 -27.25 -50.22 27.11
N SER C 182 -27.19 -51.55 27.07
CA SER C 182 -28.17 -52.36 26.36
C SER C 182 -29.55 -52.20 26.93
N TYR C 183 -29.70 -52.35 28.25
CA TYR C 183 -31.06 -52.18 28.74
C TYR C 183 -31.38 -50.80 29.28
N TYR C 184 -30.42 -49.85 29.29
CA TYR C 184 -30.83 -48.45 29.23
C TYR C 184 -31.60 -48.17 27.96
N TRP C 185 -31.05 -48.59 26.83
CA TRP C 185 -31.71 -48.30 25.58
C TRP C 185 -32.95 -49.17 25.36
N HIS C 186 -33.00 -50.35 25.99
CA HIS C 186 -34.25 -51.11 26.05
C HIS C 186 -35.31 -50.36 26.86
N PHE C 187 -34.91 -49.68 27.94
CA PHE C 187 -35.85 -48.83 28.66
C PHE C 187 -36.33 -47.68 27.79
N VAL C 188 -35.43 -47.11 26.98
CA VAL C 188 -35.80 -46.02 26.07
C VAL C 188 -36.88 -46.49 25.10
N ASP C 189 -36.71 -47.65 24.49
CA ASP C 189 -37.75 -48.05 23.56
C ASP C 189 -38.85 -48.93 24.17
N ILE C 190 -38.91 -49.07 25.49
CA ILE C 190 -40.18 -49.47 26.09
C ILE C 190 -40.98 -48.24 26.53
N VAL C 191 -40.29 -47.16 26.92
CA VAL C 191 -40.98 -45.88 27.10
C VAL C 191 -41.53 -45.38 25.78
N TRP C 192 -40.84 -45.63 24.67
CA TRP C 192 -41.40 -45.19 23.41
C TRP C 192 -42.56 -46.07 22.95
N ILE C 193 -42.63 -47.33 23.38
CA ILE C 193 -43.86 -48.09 23.17
C ILE C 193 -45.00 -47.48 23.96
N ALA C 194 -44.71 -47.02 25.19
CA ALA C 194 -45.73 -46.35 26.00
C ALA C 194 -46.19 -45.03 25.36
N LEU C 195 -45.24 -44.24 24.87
CA LEU C 195 -45.57 -42.97 24.22
C LEU C 195 -46.27 -43.16 22.88
N PHE C 196 -45.93 -44.20 22.14
CA PHE C 196 -46.58 -44.42 20.86
C PHE C 196 -47.97 -44.99 21.04
N ALA C 197 -48.19 -45.80 22.06
CA ALA C 197 -49.55 -46.18 22.40
C ALA C 197 -50.36 -44.98 22.87
N THR C 198 -49.72 -44.07 23.62
CA THR C 198 -50.43 -42.95 24.22
C THR C 198 -50.79 -41.88 23.20
N ILE C 199 -49.82 -41.40 22.43
CA ILE C 199 -50.03 -40.25 21.56
C ILE C 199 -50.88 -40.63 20.35
N TYR C 200 -50.52 -41.73 19.69
CA TYR C 200 -51.07 -42.05 18.38
C TYR C 200 -52.28 -42.98 18.45
N PHE C 201 -52.16 -44.11 19.15
CA PHE C 201 -53.26 -45.07 19.18
C PHE C 201 -54.36 -44.65 20.15
N VAL C 202 -54.02 -44.51 21.44
CA VAL C 202 -55.04 -44.24 22.45
C VAL C 202 -55.59 -42.84 22.30
N ARG C 203 -54.70 -41.87 22.07
CA ARG C 203 -54.99 -40.43 22.04
C ARG C 203 -55.69 -40.01 23.34
N MET D 1 -28.98 -61.98 47.21
CA MET D 1 -29.85 -61.24 48.12
C MET D 1 -31.24 -61.84 48.14
N HIS D 2 -32.06 -61.43 49.08
CA HIS D 2 -33.50 -61.64 48.99
C HIS D 2 -34.31 -60.40 49.30
N ILE D 3 -33.86 -59.58 50.26
CA ILE D 3 -34.80 -58.72 50.97
C ILE D 3 -35.08 -57.43 50.19
N GLU D 4 -34.25 -57.05 49.23
CA GLU D 4 -34.60 -55.91 48.37
C GLU D 4 -35.81 -56.21 47.49
N ALA D 5 -35.92 -57.45 47.01
CA ALA D 5 -37.09 -57.83 46.23
C ALA D 5 -38.36 -57.75 47.05
N ARG D 6 -38.29 -58.18 48.32
CA ARG D 6 -39.43 -58.04 49.21
C ARG D 6 -39.71 -56.58 49.55
N LEU D 7 -38.66 -55.77 49.65
CA LEU D 7 -38.81 -54.36 49.99
C LEU D 7 -39.52 -53.60 48.89
N PHE D 8 -39.04 -53.72 47.66
CA PHE D 8 -39.73 -53.07 46.56
C PHE D 8 -41.02 -53.80 46.17
N GLU D 9 -41.22 -55.04 46.62
CA GLU D 9 -42.55 -55.63 46.47
C GLU D 9 -43.54 -54.99 47.41
N ILE D 10 -43.10 -54.65 48.63
CA ILE D 10 -43.95 -53.90 49.55
C ILE D 10 -44.24 -52.51 48.99
N LEU D 11 -43.22 -51.85 48.45
CA LEU D 11 -43.44 -50.54 47.83
C LEU D 11 -44.30 -50.66 46.58
N THR D 12 -44.22 -51.78 45.85
CA THR D 12 -45.03 -51.96 44.65
C THR D 12 -46.48 -52.22 45.01
N ALA D 13 -46.72 -53.03 46.04
CA ALA D 13 -48.07 -53.26 46.52
C ALA D 13 -48.72 -51.97 46.99
N PHE D 14 -47.98 -51.16 47.76
CA PHE D 14 -48.60 -49.92 48.22
C PHE D 14 -48.76 -48.90 47.10
N PHE D 15 -47.78 -48.78 46.21
CA PHE D 15 -47.90 -47.79 45.14
C PHE D 15 -49.00 -48.16 44.16
N ALA D 16 -49.14 -49.46 43.86
CA ALA D 16 -50.22 -49.89 42.98
C ALA D 16 -51.57 -49.72 43.66
N LEU D 17 -51.63 -50.00 44.96
CA LEU D 17 -52.87 -49.81 45.72
C LEU D 17 -53.27 -48.34 45.73
N ALA D 18 -52.31 -47.46 45.96
CA ALA D 18 -52.60 -46.03 46.02
C ALA D 18 -52.92 -45.48 44.64
N ALA D 19 -52.25 -45.99 43.60
CA ALA D 19 -52.53 -45.56 42.23
C ALA D 19 -53.93 -45.92 41.81
N VAL D 20 -54.33 -47.17 42.06
CA VAL D 20 -55.66 -47.59 41.60
C VAL D 20 -56.73 -46.98 42.49
N VAL D 21 -56.46 -46.74 43.77
CA VAL D 21 -57.52 -46.14 44.58
C VAL D 21 -57.60 -44.65 44.33
N TYR D 22 -56.50 -44.01 43.90
CA TYR D 22 -56.57 -42.60 43.55
C TYR D 22 -57.26 -42.40 42.21
N ALA D 23 -57.04 -43.33 41.27
CA ALA D 23 -57.75 -43.28 40.00
C ALA D 23 -59.24 -43.53 40.19
N VAL D 24 -59.62 -44.53 40.99
CA VAL D 24 -61.05 -44.81 41.15
C VAL D 24 -61.72 -43.94 42.19
N LEU D 25 -60.98 -43.15 42.96
CA LEU D 25 -61.61 -42.17 43.82
C LEU D 25 -61.58 -40.76 43.26
N THR D 26 -60.79 -40.49 42.23
CA THR D 26 -60.96 -39.27 41.47
C THR D 26 -61.74 -39.50 40.18
N ALA D 27 -62.10 -40.75 39.88
CA ALA D 27 -63.08 -40.97 38.82
C ALA D 27 -64.44 -40.47 39.24
N MET D 28 -64.90 -40.86 40.42
CA MET D 28 -66.00 -40.18 41.09
C MET D 28 -65.39 -39.14 42.03
N PHE D 29 -66.22 -38.50 42.86
CA PHE D 29 -65.81 -37.71 44.02
C PHE D 29 -64.97 -36.46 43.74
N ALA D 30 -64.64 -36.20 42.47
CA ALA D 30 -63.88 -35.04 42.07
C ALA D 30 -64.78 -34.09 41.31
N THR D 31 -64.23 -32.91 40.98
CA THR D 31 -65.05 -31.87 40.35
C THR D 31 -65.30 -32.20 38.89
N GLY D 32 -64.25 -32.27 38.09
CA GLY D 32 -64.42 -32.55 36.68
C GLY D 32 -64.29 -34.02 36.34
N GLY D 33 -63.20 -34.63 36.76
CA GLY D 33 -62.97 -36.03 36.45
C GLY D 33 -61.69 -36.54 37.10
N VAL D 34 -61.05 -37.51 36.45
CA VAL D 34 -59.76 -38.02 36.93
C VAL D 34 -58.74 -36.89 36.84
N GLU D 35 -57.87 -36.80 37.85
CA GLU D 35 -56.94 -35.67 37.93
C GLU D 35 -55.86 -35.73 36.87
N TRP D 36 -55.48 -36.94 36.45
CA TRP D 36 -54.50 -37.23 35.38
C TRP D 36 -53.10 -36.70 35.65
N ALA D 37 -52.84 -36.12 36.81
CA ALA D 37 -51.54 -35.50 37.07
C ALA D 37 -50.86 -36.03 38.32
N GLY D 38 -51.58 -36.70 39.21
CA GLY D 38 -50.97 -37.50 40.24
C GLY D 38 -51.34 -38.95 40.01
N THR D 39 -52.37 -39.17 39.19
CA THR D 39 -52.75 -40.53 38.82
C THR D 39 -51.64 -41.22 38.04
N THR D 40 -51.22 -40.62 36.94
CA THR D 40 -50.13 -41.23 36.17
C THR D 40 -48.78 -41.13 36.89
N ALA D 41 -48.61 -40.17 37.80
CA ALA D 41 -47.42 -40.17 38.63
C ALA D 41 -47.41 -41.36 39.59
N LEU D 42 -48.59 -41.75 40.08
CA LEU D 42 -48.66 -42.93 40.95
C LEU D 42 -48.51 -44.21 40.15
N VAL D 43 -49.05 -44.24 38.94
CA VAL D 43 -48.91 -45.40 38.09
C VAL D 43 -47.45 -45.60 37.68
N LEU D 44 -46.73 -44.51 37.45
CA LEU D 44 -45.34 -44.72 37.10
C LEU D 44 -44.40 -44.74 38.31
N THR D 45 -44.85 -44.36 39.51
CA THR D 45 -44.00 -44.72 40.66
C THR D 45 -44.19 -46.18 41.02
N THR D 46 -45.38 -46.74 40.75
CA THR D 46 -45.53 -48.18 40.70
C THR D 46 -44.60 -48.77 39.65
N GLY D 47 -44.45 -48.08 38.51
CA GLY D 47 -43.50 -48.55 37.50
C GLY D 47 -42.05 -48.50 37.96
N LEU D 48 -41.68 -47.45 38.71
CA LEU D 48 -40.34 -47.36 39.30
C LEU D 48 -40.04 -48.55 40.20
N THR D 49 -40.92 -48.81 41.15
CA THR D 49 -40.65 -49.92 42.04
C THR D 49 -40.87 -51.27 41.38
N LEU D 50 -41.66 -51.33 40.30
CA LEU D 50 -41.69 -52.53 39.47
C LEU D 50 -40.34 -52.81 38.83
N ILE D 51 -39.70 -51.77 38.28
CA ILE D 51 -38.41 -51.98 37.60
C ILE D 51 -37.35 -52.40 38.60
N THR D 52 -37.25 -51.69 39.73
CA THR D 52 -36.24 -52.02 40.74
C THR D 52 -36.50 -53.38 41.38
N GLY D 53 -37.74 -53.65 41.79
CA GLY D 53 -38.04 -54.91 42.44
C GLY D 53 -38.05 -56.08 41.50
N THR D 54 -38.44 -55.89 40.25
CA THR D 54 -38.40 -56.96 39.28
C THR D 54 -36.97 -57.29 38.90
N PHE D 55 -36.10 -56.29 38.81
CA PHE D 55 -34.69 -56.60 38.56
C PHE D 55 -34.05 -57.26 39.77
N PHE D 56 -34.38 -56.81 40.98
CA PHE D 56 -33.79 -57.42 42.16
C PHE D 56 -34.33 -58.82 42.38
N ARG D 57 -35.55 -59.09 41.94
CA ARG D 57 -36.10 -60.44 42.01
C ARG D 57 -35.50 -61.34 40.93
N PHE D 58 -35.23 -60.78 39.75
CA PHE D 58 -34.51 -61.51 38.70
C PHE D 58 -33.11 -61.89 39.16
N VAL D 59 -32.44 -60.99 39.87
CA VAL D 59 -31.11 -61.29 40.38
C VAL D 59 -31.21 -62.30 41.52
N ALA D 60 -32.15 -62.09 42.45
CA ALA D 60 -32.28 -62.93 43.64
C ALA D 60 -32.73 -64.35 43.32
N ARG D 61 -33.41 -64.57 42.20
CA ARG D 61 -33.70 -65.95 41.81
C ARG D 61 -32.51 -66.60 41.10
N ARG D 62 -31.77 -65.83 40.31
CA ARG D 62 -30.62 -66.36 39.59
C ARG D 62 -29.34 -66.20 40.39
N LEU D 63 -29.37 -66.68 41.63
CA LEU D 63 -28.28 -66.49 42.58
C LEU D 63 -28.49 -67.47 43.72
N ASP D 64 -27.40 -67.83 44.37
CA ASP D 64 -27.48 -68.57 45.62
C ASP D 64 -27.66 -67.57 46.77
N THR D 65 -27.58 -68.06 48.00
CA THR D 65 -27.41 -67.14 49.11
C THR D 65 -26.04 -66.50 49.01
N ARG D 66 -26.02 -65.18 49.03
CA ARG D 66 -24.76 -64.47 48.90
C ARG D 66 -23.98 -64.60 50.20
N PRO D 67 -22.67 -64.86 50.12
CA PRO D 67 -21.86 -64.90 51.36
C PRO D 67 -21.80 -63.58 52.10
N GLU D 68 -22.15 -62.48 51.45
CA GLU D 68 -22.44 -61.25 52.18
C GLU D 68 -23.75 -61.38 52.95
N ASP D 69 -24.83 -61.73 52.25
CA ASP D 69 -26.19 -61.63 52.78
C ASP D 69 -26.50 -62.68 53.83
N TYR D 70 -25.69 -63.72 53.93
CA TYR D 70 -26.01 -64.86 54.78
C TYR D 70 -25.88 -64.48 56.25
N GLU D 71 -26.97 -64.66 56.99
CA GLU D 71 -26.92 -64.55 58.44
C GLU D 71 -26.03 -65.64 59.01
N ASP D 72 -25.27 -65.30 60.05
CA ASP D 72 -24.19 -66.12 60.61
C ASP D 72 -23.14 -66.45 59.54
N ALA D 73 -22.48 -65.41 59.05
CA ALA D 73 -21.39 -65.56 58.10
C ALA D 73 -20.15 -64.89 58.65
N GLU D 74 -19.08 -65.67 58.78
CA GLU D 74 -17.78 -65.15 59.16
C GLU D 74 -17.24 -64.30 58.02
N ILE D 75 -16.36 -63.34 58.36
CA ILE D 75 -15.77 -62.44 57.38
C ILE D 75 -14.88 -63.20 56.39
N SER D 76 -14.22 -64.25 56.86
CA SER D 76 -13.38 -65.07 55.99
C SER D 76 -14.18 -65.91 55.00
N ASP D 77 -15.50 -66.00 55.17
CA ASP D 77 -16.34 -66.68 54.18
C ASP D 77 -16.55 -65.83 52.94
N GLY D 78 -16.38 -64.52 53.04
CA GLY D 78 -16.61 -63.66 51.89
C GLY D 78 -15.51 -62.65 51.66
N ALA D 79 -14.28 -63.03 51.94
CA ALA D 79 -13.12 -62.16 51.82
C ALA D 79 -12.34 -62.55 50.57
N GLY D 80 -12.72 -61.99 49.43
CA GLY D 80 -12.01 -62.24 48.20
C GLY D 80 -11.42 -60.97 47.64
N GLU D 81 -11.57 -60.76 46.34
CA GLU D 81 -11.16 -59.53 45.68
C GLU D 81 -12.40 -58.84 45.13
N LEU D 82 -12.67 -57.63 45.61
CA LEU D 82 -13.76 -56.83 45.07
C LEU D 82 -13.37 -56.27 43.71
N GLY D 83 -14.32 -55.62 43.06
CA GLY D 83 -14.07 -55.08 41.75
C GLY D 83 -13.37 -53.75 41.79
N PHE D 84 -13.24 -53.16 40.62
CA PHE D 84 -12.52 -51.90 40.48
C PHE D 84 -13.35 -50.76 41.03
N PHE D 85 -12.79 -50.02 41.97
CA PHE D 85 -13.29 -48.69 42.23
C PHE D 85 -12.34 -47.70 41.58
N ALA D 86 -12.85 -46.55 41.25
CA ALA D 86 -12.00 -45.56 40.66
C ALA D 86 -11.17 -44.88 41.75
N PRO D 87 -9.88 -44.74 41.57
CA PRO D 87 -9.12 -43.76 42.34
C PRO D 87 -9.38 -42.35 41.86
N HIS D 88 -8.51 -41.43 42.30
CA HIS D 88 -8.53 -40.00 41.96
C HIS D 88 -8.89 -39.73 40.51
N SER D 89 -9.81 -38.78 40.31
CA SER D 89 -10.30 -38.47 38.97
C SER D 89 -10.83 -37.05 38.92
N TRP D 90 -10.35 -36.28 37.95
CA TRP D 90 -10.70 -34.88 37.77
C TRP D 90 -11.71 -34.68 36.66
N TRP D 91 -12.37 -35.73 36.25
CA TRP D 91 -13.45 -35.60 35.28
C TRP D 91 -14.81 -35.16 35.83
N PRO D 92 -15.29 -35.63 37.01
CA PRO D 92 -16.59 -35.12 37.50
C PRO D 92 -16.70 -33.62 37.70
N ILE D 93 -15.63 -32.94 38.13
CA ILE D 93 -15.61 -31.48 38.16
C ILE D 93 -15.79 -30.91 36.75
N LEU D 94 -15.26 -31.59 35.74
CA LEU D 94 -15.47 -31.14 34.37
C LEU D 94 -16.86 -31.51 33.87
N ILE D 95 -17.44 -32.62 34.33
CA ILE D 95 -18.84 -32.94 34.05
C ILE D 95 -19.75 -31.83 34.56
N SER D 96 -19.47 -31.37 35.78
CA SER D 96 -20.32 -30.36 36.40
C SER D 96 -20.14 -29.01 35.74
N LEU D 97 -18.90 -28.65 35.38
CA LEU D 97 -18.70 -27.39 34.65
C LEU D 97 -19.36 -27.44 33.28
N SER D 98 -19.32 -28.59 32.61
CA SER D 98 -19.96 -28.72 31.30
C SER D 98 -21.47 -28.63 31.40
N PHE D 99 -22.04 -29.35 32.37
CA PHE D 99 -23.49 -29.36 32.51
C PHE D 99 -24.00 -28.05 33.08
N SER D 100 -23.16 -27.32 33.83
CA SER D 100 -23.54 -26.00 34.29
C SER D 100 -23.46 -24.96 33.17
N THR D 101 -22.48 -25.06 32.27
CA THR D 101 -22.48 -24.21 31.09
C THR D 101 -23.70 -24.46 30.21
N ALA D 102 -24.06 -25.73 30.03
CA ALA D 102 -25.28 -26.05 29.29
C ALA D 102 -26.52 -25.54 30.01
N ALA D 103 -26.52 -25.57 31.34
CA ALA D 103 -27.68 -25.10 32.08
C ALA D 103 -27.81 -23.59 32.07
N VAL D 104 -26.70 -22.86 32.14
CA VAL D 104 -26.81 -21.41 32.07
C VAL D 104 -26.97 -20.94 30.63
N GLY D 105 -26.73 -21.80 29.66
CA GLY D 105 -27.22 -21.53 28.32
C GLY D 105 -28.69 -21.81 28.18
N ALA D 106 -29.22 -22.77 28.93
CA ALA D 106 -30.65 -23.03 28.87
C ALA D 106 -31.44 -22.12 29.80
N ALA D 107 -30.77 -21.36 30.67
CA ALA D 107 -31.42 -20.41 31.55
C ALA D 107 -31.42 -19.02 30.94
N LEU D 108 -30.25 -18.45 30.76
CA LEU D 108 -30.11 -17.29 29.89
C LEU D 108 -30.16 -17.84 28.48
N TRP D 109 -31.25 -17.59 27.75
CA TRP D 109 -31.58 -18.41 26.57
C TRP D 109 -30.60 -18.10 25.45
N LEU D 110 -29.45 -18.76 25.54
CA LEU D 110 -28.29 -18.55 24.67
C LEU D 110 -28.05 -19.84 23.94
N PRO D 111 -28.51 -19.98 22.69
CA PRO D 111 -28.43 -21.27 22.00
C PRO D 111 -27.01 -21.67 21.66
N TRP D 112 -26.14 -20.69 21.44
CA TRP D 112 -24.72 -20.99 21.27
C TRP D 112 -24.14 -21.61 22.52
N LEU D 113 -24.58 -21.15 23.69
CA LEU D 113 -24.06 -21.72 24.93
C LEU D 113 -24.71 -23.05 25.25
N ILE D 114 -25.95 -23.27 24.80
CA ILE D 114 -26.56 -24.60 24.89
C ILE D 114 -25.77 -25.60 24.08
N ALA D 115 -25.46 -25.26 22.82
CA ALA D 115 -24.74 -26.18 21.95
C ALA D 115 -23.31 -26.40 22.43
N ALA D 116 -22.66 -25.34 22.90
CA ALA D 116 -21.30 -25.48 23.41
C ALA D 116 -21.26 -26.25 24.72
N GLY D 117 -22.24 -26.04 25.59
CA GLY D 117 -22.28 -26.78 26.83
C GLY D 117 -22.59 -28.25 26.62
N VAL D 118 -23.45 -28.55 25.63
CA VAL D 118 -23.70 -29.95 25.28
C VAL D 118 -22.46 -30.57 24.67
N ALA D 119 -21.69 -29.80 23.89
CA ALA D 119 -20.43 -30.31 23.35
C ALA D 119 -19.41 -30.56 24.46
N PHE D 120 -19.38 -29.69 25.47
CA PHE D 120 -18.49 -29.95 26.60
C PHE D 120 -18.98 -31.11 27.45
N VAL D 121 -20.30 -31.33 27.52
CA VAL D 121 -20.84 -32.49 28.21
C VAL D 121 -20.40 -33.76 27.52
N ILE D 122 -20.48 -33.80 26.19
CA ILE D 122 -20.05 -34.98 25.44
C ILE D 122 -18.56 -35.21 25.61
N THR D 123 -17.76 -34.14 25.57
CA THR D 123 -16.31 -34.27 25.71
C THR D 123 -15.91 -34.73 27.10
N SER D 124 -16.48 -34.13 28.14
CA SER D 124 -16.12 -34.51 29.50
C SER D 124 -16.69 -35.87 29.88
N VAL D 125 -17.88 -36.23 29.38
CA VAL D 125 -18.43 -37.55 29.64
C VAL D 125 -17.56 -38.62 28.98
N CYS D 126 -17.05 -38.34 27.77
CA CYS D 126 -16.06 -39.22 27.17
C CYS D 126 -14.80 -39.30 28.01
N GLY D 127 -14.34 -38.16 28.54
CA GLY D 127 -13.15 -38.18 29.37
C GLY D 127 -13.34 -38.94 30.67
N LEU D 128 -14.56 -38.97 31.19
CA LEU D 128 -14.83 -39.77 32.38
C LEU D 128 -14.89 -41.25 32.04
N VAL D 129 -15.62 -41.60 30.99
CA VAL D 129 -15.92 -43.00 30.74
C VAL D 129 -14.76 -43.72 30.04
N PHE D 130 -13.84 -43.00 29.40
CA PHE D 130 -12.69 -43.65 28.80
C PHE D 130 -11.49 -43.62 29.71
N GLU D 131 -11.62 -43.06 30.92
CA GLU D 131 -10.48 -42.70 31.76
C GLU D 131 -9.66 -43.92 32.15
N TYR D 132 -10.32 -45.04 32.40
CA TYR D 132 -9.63 -46.27 32.72
C TYR D 132 -9.65 -47.24 31.54
N TYR D 133 -9.63 -46.70 30.31
CA TYR D 133 -9.55 -47.52 29.12
C TYR D 133 -8.62 -46.98 28.05
N TRP D 134 -8.01 -45.81 28.25
CA TRP D 134 -7.02 -45.33 27.29
C TRP D 134 -5.75 -46.16 27.40
N GLY D 135 -5.38 -46.81 26.31
CA GLY D 135 -4.13 -47.53 26.27
C GLY D 135 -2.94 -46.60 26.28
N PRO D 136 -1.74 -47.16 26.41
CA PRO D 136 -0.53 -46.33 26.37
C PRO D 136 -0.32 -45.78 24.96
N GLU D 137 0.43 -44.70 24.89
CA GLU D 137 0.67 -44.03 23.62
C GLU D 137 1.55 -44.88 22.73
N LYS D 138 1.07 -45.19 21.54
CA LYS D 138 1.73 -46.12 20.66
C LYS D 138 2.94 -45.53 19.95
N HIS D 139 3.13 -44.21 20.02
CA HIS D 139 4.21 -43.46 19.38
C HIS D 139 4.30 -43.69 17.87
N MET E 1 -42.80 -0.75 67.24
CA MET E 1 -42.96 0.68 67.50
C MET E 1 -41.70 1.25 68.13
N SER E 2 -41.51 2.56 67.95
CA SER E 2 -40.43 3.34 68.56
C SER E 2 -39.06 2.78 68.17
N THR E 3 -38.72 2.99 66.89
CA THR E 3 -37.66 2.28 66.16
C THR E 3 -36.32 2.13 66.89
N ALA E 4 -36.01 3.04 67.82
CA ALA E 4 -34.85 2.84 68.69
C ALA E 4 -35.05 1.63 69.59
N LEU E 5 -36.27 1.42 70.10
CA LEU E 5 -36.53 0.27 70.96
C LEU E 5 -36.50 -1.02 70.17
N THR E 6 -37.12 -1.07 69.01
CA THR E 6 -37.16 -2.30 68.23
C THR E 6 -35.95 -2.50 67.35
N HIS E 7 -34.96 -1.61 67.41
CA HIS E 7 -33.63 -1.94 66.92
C HIS E 7 -32.65 -2.28 68.04
N GLY E 8 -32.69 -1.54 69.15
CA GLY E 8 -31.85 -1.88 70.28
C GLY E 8 -32.24 -3.19 70.94
N LEU E 9 -33.52 -3.55 70.86
CA LEU E 9 -33.97 -4.83 71.39
C LEU E 9 -33.41 -5.97 70.56
N ILE E 10 -33.61 -5.92 69.23
CA ILE E 10 -33.15 -6.99 68.35
C ILE E 10 -31.65 -6.97 68.12
N GLY E 11 -30.95 -5.92 68.56
CA GLY E 11 -29.51 -5.92 68.46
C GLY E 11 -28.81 -6.14 69.79
N GLY E 12 -29.54 -5.98 70.90
CA GLY E 12 -28.92 -6.16 72.19
C GLY E 12 -29.31 -7.43 72.90
N VAL E 13 -30.60 -7.78 72.85
CA VAL E 13 -31.06 -9.03 73.51
C VAL E 13 -30.40 -10.28 72.94
N PRO E 14 -30.09 -10.40 71.64
CA PRO E 14 -29.13 -11.45 71.23
C PRO E 14 -27.75 -11.32 71.86
N LEU E 15 -27.17 -10.12 71.92
CA LEU E 15 -25.86 -10.00 72.53
C LEU E 15 -25.90 -10.09 74.04
N VAL E 16 -26.97 -9.62 74.69
CA VAL E 16 -27.11 -9.80 76.14
C VAL E 16 -27.26 -11.28 76.48
N LEU E 17 -28.12 -11.99 75.75
CA LEU E 17 -28.30 -13.42 76.02
C LEU E 17 -27.06 -14.22 75.63
N PHE E 18 -26.33 -13.77 74.62
CA PHE E 18 -25.07 -14.41 74.24
C PHE E 18 -24.03 -14.22 75.34
N ALA E 19 -23.95 -13.03 75.92
CA ALA E 19 -23.02 -12.78 77.01
C ALA E 19 -23.40 -13.59 78.25
N VAL E 20 -24.70 -13.71 78.55
CA VAL E 20 -25.11 -14.45 79.74
C VAL E 20 -24.84 -15.94 79.58
N LEU E 21 -25.21 -16.52 78.44
CA LEU E 21 -24.96 -17.94 78.27
C LEU E 21 -23.48 -18.25 78.06
N ALA E 22 -22.72 -17.34 77.45
CA ALA E 22 -21.29 -17.56 77.31
C ALA E 22 -20.51 -17.24 78.58
N LEU E 23 -21.13 -16.60 79.57
CA LEU E 23 -20.51 -16.47 80.87
C LEU E 23 -21.01 -17.48 81.88
N ILE E 24 -22.04 -18.28 81.55
CA ILE E 24 -22.38 -19.42 82.40
C ILE E 24 -21.95 -20.75 81.82
N PHE E 25 -21.61 -20.84 80.53
CA PHE E 25 -21.15 -22.11 79.98
C PHE E 25 -19.66 -22.16 79.67
N LEU E 26 -19.03 -21.05 79.30
CA LEU E 26 -17.61 -21.09 78.98
C LEU E 26 -16.72 -20.80 80.18
N THR E 27 -17.28 -20.40 81.31
CA THR E 27 -16.50 -20.24 82.52
C THR E 27 -16.44 -21.52 83.34
N ARG E 28 -17.03 -22.60 82.87
CA ARG E 28 -16.83 -23.89 83.50
C ARG E 28 -15.44 -24.41 83.13
N LYS E 29 -14.94 -25.33 83.95
CA LYS E 29 -13.70 -25.99 83.61
C LYS E 29 -13.98 -27.02 82.53
N GLY E 30 -13.18 -27.01 81.46
CA GLY E 30 -13.40 -27.88 80.36
C GLY E 30 -12.99 -29.31 80.67
N PRO E 31 -13.17 -30.20 79.70
CA PRO E 31 -12.78 -31.60 79.91
C PRO E 31 -11.28 -31.80 79.92
N HIS E 32 -10.52 -30.84 79.40
CA HIS E 32 -9.07 -30.96 79.32
C HIS E 32 -8.48 -30.93 80.72
N PRO E 33 -7.51 -31.80 81.01
CA PRO E 33 -6.95 -31.84 82.37
C PRO E 33 -6.08 -30.64 82.66
N ASP E 34 -5.84 -30.42 83.94
CA ASP E 34 -5.06 -29.29 84.41
C ASP E 34 -3.60 -29.42 84.01
N THR E 35 -2.91 -28.29 83.99
CA THR E 35 -1.49 -28.31 83.71
C THR E 35 -0.73 -28.95 84.88
N TYR E 36 0.42 -29.54 84.57
CA TYR E 36 1.17 -30.32 85.55
C TYR E 36 1.89 -29.38 86.50
N LYS E 37 1.51 -29.44 87.77
CA LYS E 37 2.27 -28.75 88.81
C LYS E 37 3.59 -29.48 89.02
N MET E 38 4.68 -28.71 89.02
CA MET E 38 6.00 -29.31 89.12
C MET E 38 6.28 -29.86 90.52
N SER E 39 5.70 -29.25 91.54
CA SER E 39 5.92 -29.71 92.91
C SER E 39 5.22 -31.04 93.16
N ASP E 40 4.12 -31.29 92.47
CA ASP E 40 3.43 -32.57 92.60
C ASP E 40 4.24 -33.66 91.91
N PRO E 41 4.19 -34.89 92.43
CA PRO E 41 4.91 -35.99 91.77
C PRO E 41 4.23 -36.39 90.47
N TRP E 42 4.98 -37.11 89.64
CA TRP E 42 4.52 -37.46 88.30
C TRP E 42 3.53 -38.61 88.39
N THR E 43 2.25 -38.24 88.45
CA THR E 43 1.17 -39.23 88.55
C THR E 43 0.85 -39.87 87.22
N HIS E 44 1.24 -39.24 86.11
CA HIS E 44 0.84 -39.72 84.79
C HIS E 44 1.66 -40.95 84.40
N ALA E 45 1.11 -41.71 83.45
CA ALA E 45 1.84 -42.76 82.75
C ALA E 45 3.05 -42.16 82.02
N PRO E 46 4.11 -42.96 81.77
CA PRO E 46 5.27 -42.43 81.04
C PRO E 46 4.95 -42.02 79.62
N ILE E 47 5.58 -40.93 79.18
CA ILE E 47 5.26 -40.25 77.94
C ILE E 47 6.53 -40.19 77.09
N LEU E 48 6.44 -40.69 75.85
CA LEU E 48 7.49 -40.45 74.86
C LEU E 48 6.88 -39.70 73.70
N TRP E 49 7.47 -38.56 73.37
CA TRP E 49 7.00 -37.67 72.30
C TRP E 49 8.00 -37.73 71.16
N ALA E 50 7.75 -38.61 70.20
CA ALA E 50 8.61 -38.73 69.03
C ALA E 50 8.28 -37.60 68.05
N ALA E 51 8.87 -37.65 66.86
CA ALA E 51 8.85 -36.49 65.97
C ALA E 51 8.26 -36.74 64.61
N GLU E 52 8.46 -37.94 64.03
CA GLU E 52 8.08 -38.28 62.64
C GLU E 52 8.77 -37.31 61.66
N GLU E 53 9.97 -36.88 62.01
CA GLU E 53 10.58 -35.75 61.36
C GLU E 53 11.29 -36.11 60.04
N PRO E 54 12.26 -37.08 59.95
CA PRO E 54 12.43 -37.74 58.65
C PRO E 54 11.58 -38.99 58.54
N ARG E 55 10.65 -39.03 57.60
CA ARG E 55 9.74 -40.16 57.51
C ARG E 55 10.39 -41.35 56.83
N GLU E 56 9.97 -42.54 57.24
CA GLU E 56 10.46 -43.78 56.65
C GLU E 56 9.30 -44.60 56.09
N VAL E 69 20.13 -48.26 67.71
CA VAL E 69 20.11 -48.95 68.99
C VAL E 69 21.41 -48.66 69.72
N VAL E 70 22.51 -48.65 68.97
CA VAL E 70 23.83 -48.44 69.55
C VAL E 70 23.99 -47.00 70.02
N ILE E 71 24.79 -46.83 71.07
CA ILE E 71 24.72 -45.64 71.91
C ILE E 71 25.43 -44.47 71.25
N GLY E 72 24.83 -43.28 71.38
CA GLY E 72 25.45 -42.09 70.82
C GLY E 72 26.23 -41.20 71.77
N GLY E 73 25.61 -40.78 72.87
CA GLY E 73 26.22 -39.79 73.73
C GLY E 73 25.54 -39.64 75.07
N GLY E 74 25.61 -38.45 75.66
CA GLY E 74 25.04 -38.25 76.98
C GLY E 74 25.25 -36.83 77.48
N ALA E 75 24.38 -36.44 78.40
CA ALA E 75 24.43 -35.19 79.15
C ALA E 75 23.46 -35.33 80.31
N SER E 76 23.62 -34.49 81.33
CA SER E 76 22.76 -34.60 82.49
C SER E 76 22.69 -33.27 83.24
N GLY E 77 21.73 -33.18 84.15
CA GLY E 77 21.52 -32.00 84.97
C GLY E 77 20.60 -32.32 86.13
N LYS E 78 20.53 -31.38 87.07
CA LYS E 78 19.72 -31.55 88.27
C LYS E 78 18.93 -30.30 88.59
N TRP E 79 18.39 -29.66 87.55
CA TRP E 79 17.58 -28.43 87.61
C TRP E 79 18.31 -27.28 88.31
N GLU F 13 -2.10 -61.43 80.13
CA GLU F 13 -2.59 -60.50 79.12
C GLU F 13 -3.80 -59.73 79.63
N LEU F 14 -3.72 -58.40 79.51
CA LEU F 14 -4.84 -57.54 79.87
C LEU F 14 -4.90 -56.39 78.89
N ASP F 15 -6.11 -56.06 78.46
CA ASP F 15 -6.34 -54.93 77.57
C ASP F 15 -6.49 -53.66 78.40
N LEU F 16 -6.98 -52.58 77.81
CA LEU F 16 -7.43 -51.46 78.62
C LEU F 16 -8.59 -51.93 79.49
N PRO F 17 -8.66 -51.53 80.77
CA PRO F 17 -9.43 -52.30 81.75
C PRO F 17 -10.93 -52.31 81.55
N TYR F 18 -11.48 -51.50 80.65
CA TYR F 18 -12.91 -51.56 80.34
C TYR F 18 -13.13 -51.00 78.95
N GLY F 19 -13.79 -51.77 78.10
CA GLY F 19 -14.25 -51.28 76.82
C GLY F 19 -13.34 -51.55 75.64
N SER F 20 -12.10 -51.93 75.87
CA SER F 20 -11.24 -52.22 74.75
C SER F 20 -11.24 -53.70 74.44
N ALA F 21 -10.93 -54.02 73.19
CA ALA F 21 -10.71 -55.40 72.77
C ALA F 21 -9.82 -55.38 71.55
N LEU F 22 -8.90 -56.34 71.48
CA LEU F 22 -8.09 -56.47 70.29
C LEU F 22 -8.95 -56.99 69.15
N THR F 23 -8.74 -56.41 67.97
CA THR F 23 -9.56 -56.73 66.82
C THR F 23 -9.11 -58.03 66.16
N SER F 24 -9.57 -58.26 64.93
CA SER F 24 -9.21 -59.48 64.21
C SER F 24 -7.73 -59.53 63.87
N SER F 25 -7.06 -58.39 63.80
CA SER F 25 -5.61 -58.31 63.82
C SER F 25 -5.17 -57.54 65.06
N GLY F 26 -3.89 -57.20 65.11
CA GLY F 26 -3.29 -56.70 66.34
C GLY F 26 -3.66 -55.30 66.76
N ARG F 27 -4.46 -54.57 65.96
CA ARG F 27 -4.86 -53.23 66.38
C ARG F 27 -5.90 -53.33 67.49
N ILE F 28 -5.56 -52.81 68.66
CA ILE F 28 -6.43 -52.85 69.82
C ILE F 28 -7.34 -51.63 69.78
N SER F 29 -8.61 -51.86 69.43
CA SER F 29 -9.62 -50.80 69.44
C SER F 29 -10.11 -50.59 70.86
N ALA F 30 -9.95 -49.38 71.37
CA ALA F 30 -10.39 -49.02 72.70
C ALA F 30 -11.57 -48.07 72.62
N VAL F 31 -12.00 -47.57 73.78
CA VAL F 31 -13.13 -46.65 73.87
C VAL F 31 -12.69 -45.40 74.64
N THR F 32 -13.65 -44.52 74.84
CA THR F 32 -13.50 -43.33 75.68
C THR F 32 -14.89 -43.00 76.19
N GLU F 33 -15.06 -42.98 77.50
CA GLU F 33 -16.33 -42.58 78.11
C GLU F 33 -16.70 -41.16 77.65
N PRO F 34 -17.98 -40.90 77.35
CA PRO F 34 -18.34 -39.86 76.37
C PRO F 34 -17.93 -38.45 76.71
N GLY F 35 -17.94 -38.08 77.98
CA GLY F 35 -17.43 -36.76 78.33
C GLY F 35 -15.92 -36.68 78.49
N GLU F 36 -15.24 -37.83 78.53
CA GLU F 36 -13.84 -37.89 78.87
C GLU F 36 -12.98 -37.80 77.61
N LEU F 37 -11.67 -37.94 77.77
CA LEU F 37 -10.74 -37.74 76.68
C LEU F 37 -9.93 -39.02 76.45
N SER F 38 -9.03 -38.94 75.49
CA SER F 38 -8.20 -40.08 75.12
C SER F 38 -6.77 -39.97 75.62
N VAL F 39 -6.13 -38.81 75.41
CA VAL F 39 -4.70 -38.71 75.65
C VAL F 39 -4.39 -38.49 77.13
N HIS F 40 -5.14 -37.61 77.80
CA HIS F 40 -4.93 -37.20 79.20
C HIS F 40 -3.51 -36.69 79.46
N TYR F 41 -2.95 -35.97 78.50
CA TYR F 41 -1.66 -35.31 78.73
C TYR F 41 -1.85 -34.17 79.71
N PRO F 42 -1.17 -34.15 80.85
CA PRO F 42 -1.37 -33.11 81.87
C PRO F 42 -0.68 -31.80 81.56
N PHE F 43 -0.84 -31.31 80.34
CA PHE F 43 -0.26 -30.07 79.86
C PHE F 43 -1.33 -29.40 79.01
N PRO F 44 -1.27 -28.07 78.86
CA PRO F 44 -2.28 -27.38 78.04
C PRO F 44 -2.23 -27.80 76.58
N THR F 45 -3.36 -27.65 75.90
CA THR F 45 -3.48 -28.09 74.52
C THR F 45 -2.90 -27.12 73.52
N MET F 46 -2.26 -26.05 73.98
CA MET F 46 -1.68 -25.07 73.10
C MET F 46 -0.17 -24.96 73.22
N ASP F 47 0.40 -25.16 74.41
CA ASP F 47 1.85 -25.07 74.53
C ASP F 47 2.55 -26.36 74.11
N LEU F 48 1.88 -27.51 74.16
CA LEU F 48 2.49 -28.67 73.55
C LEU F 48 2.35 -28.66 72.04
N VAL F 49 1.44 -27.85 71.50
CA VAL F 49 1.50 -27.53 70.08
C VAL F 49 2.74 -26.71 69.77
N VAL F 50 3.13 -25.82 70.69
CA VAL F 50 4.39 -25.09 70.53
C VAL F 50 5.57 -26.05 70.65
N LEU F 51 5.44 -27.08 71.48
CA LEU F 51 6.46 -28.12 71.58
C LEU F 51 6.57 -28.89 70.27
N ASP F 52 5.44 -29.24 69.67
CA ASP F 52 5.46 -29.95 68.41
C ASP F 52 5.95 -29.07 67.27
N ASP F 53 5.73 -27.76 67.36
CA ASP F 53 6.27 -26.85 66.36
C ASP F 53 7.78 -26.72 66.50
N ALA F 54 8.28 -26.60 67.74
CA ALA F 54 9.71 -26.51 67.97
C ALA F 54 10.41 -27.84 67.72
N LEU F 55 9.67 -28.93 67.71
CA LEU F 55 10.22 -30.26 67.53
C LEU F 55 9.97 -30.85 66.14
N LYS F 56 9.12 -30.23 65.33
CA LYS F 56 8.99 -30.61 63.93
C LYS F 56 9.32 -29.48 62.98
N TYR F 57 8.65 -28.31 63.10
CA TYR F 57 8.85 -27.22 62.14
C TYR F 57 10.25 -26.63 62.28
N GLY F 58 10.57 -26.12 63.45
CA GLY F 58 11.90 -25.63 63.72
C GLY F 58 12.80 -26.72 64.27
N SER F 59 12.75 -27.89 63.66
CA SER F 59 13.73 -28.92 63.98
C SER F 59 14.32 -29.52 62.71
N ARG F 60 13.57 -29.52 61.61
CA ARG F 60 13.97 -30.17 60.34
C ARG F 60 15.24 -29.59 59.73
N ALA F 61 15.78 -28.50 60.25
CA ALA F 61 17.14 -28.07 59.97
C ALA F 61 18.16 -28.69 60.90
N ALA F 62 17.86 -29.88 61.43
CA ALA F 62 18.82 -30.65 62.19
C ALA F 62 18.88 -32.12 61.82
N LYS F 63 17.86 -32.65 61.12
CA LYS F 63 17.83 -34.02 60.59
C LYS F 63 18.02 -35.09 61.68
N ALA F 64 17.20 -34.99 62.72
CA ALA F 64 17.24 -35.96 63.81
C ALA F 64 15.90 -35.94 64.53
N ARG F 65 15.31 -37.12 64.74
CA ARG F 65 14.04 -37.20 65.46
C ARG F 65 14.27 -36.88 66.93
N PHE F 66 13.96 -35.64 67.32
CA PHE F 66 14.14 -35.20 68.70
C PHE F 66 13.07 -35.83 69.57
N ALA F 67 13.43 -36.91 70.25
CA ALA F 67 12.50 -37.50 71.20
C ALA F 67 12.49 -36.68 72.49
N VAL F 68 11.37 -36.75 73.20
CA VAL F 68 11.22 -36.13 74.51
C VAL F 68 10.57 -37.14 75.43
N TYR F 69 11.24 -37.45 76.53
CA TYR F 69 10.73 -38.41 77.51
C TYR F 69 10.48 -37.68 78.82
N ILE F 70 9.29 -37.88 79.40
CA ILE F 70 8.93 -37.23 80.65
C ILE F 70 8.67 -38.24 81.76
N GLY F 71 8.65 -39.54 81.47
CA GLY F 71 8.28 -40.53 82.43
C GLY F 71 9.36 -40.75 83.49
N PRO F 72 9.07 -41.64 84.44
CA PRO F 72 10.06 -41.96 85.46
C PRO F 72 11.17 -42.81 84.87
N LEU F 73 12.36 -42.63 85.44
CA LEU F 73 13.56 -43.36 85.04
C LEU F 73 14.37 -43.76 86.26
N GLY F 74 13.68 -44.28 87.28
CA GLY F 74 14.27 -44.51 88.59
C GLY F 74 15.25 -45.68 88.65
N ALA F 75 16.40 -45.48 88.02
CA ALA F 75 17.48 -46.46 87.94
C ALA F 75 18.76 -45.68 87.65
N ASP F 76 19.78 -46.39 87.17
CA ASP F 76 20.91 -45.73 86.53
C ASP F 76 20.44 -44.97 85.30
N THR F 77 20.48 -43.63 85.39
CA THR F 77 19.63 -42.78 84.55
C THR F 77 20.11 -42.75 83.10
N ALA F 78 21.43 -42.73 82.89
CA ALA F 78 21.96 -42.72 81.54
C ALA F 78 21.65 -44.02 80.81
N ALA F 79 21.77 -45.15 81.50
CA ALA F 79 21.51 -46.44 80.88
C ALA F 79 20.03 -46.63 80.60
N THR F 80 19.17 -46.20 81.52
CA THR F 80 17.73 -46.34 81.27
C THR F 80 17.19 -45.25 80.38
N ALA F 81 17.99 -44.25 80.01
CA ALA F 81 17.56 -43.33 78.96
C ALA F 81 18.05 -43.77 77.59
N ARG F 82 19.27 -44.29 77.50
CA ARG F 82 19.73 -44.85 76.24
C ARG F 82 19.08 -46.19 75.93
N GLU F 83 18.45 -46.85 76.90
CA GLU F 83 17.63 -48.01 76.60
C GLU F 83 16.31 -47.60 75.98
N ILE F 84 15.73 -46.48 76.41
CA ILE F 84 14.47 -46.00 75.84
C ILE F 84 14.70 -44.99 74.72
N LEU F 85 15.93 -44.85 74.27
CA LEU F 85 16.14 -44.29 72.94
C LEU F 85 16.01 -45.37 71.87
N ALA F 86 16.12 -46.64 72.24
CA ALA F 86 16.09 -47.74 71.29
C ALA F 86 14.71 -48.01 70.70
N ASN F 87 13.66 -47.38 71.20
CA ASN F 87 12.34 -47.48 70.59
C ASN F 87 11.86 -46.17 69.98
N VAL F 88 12.68 -45.12 70.00
CA VAL F 88 12.49 -43.98 69.12
C VAL F 88 12.64 -44.46 67.69
N PRO F 89 11.68 -44.20 66.78
CA PRO F 89 11.54 -45.04 65.58
C PRO F 89 12.64 -44.93 64.53
N THR F 90 13.72 -44.16 64.75
CA THR F 90 15.01 -44.44 64.12
C THR F 90 16.12 -44.06 65.09
N PRO F 91 16.69 -45.04 65.80
CA PRO F 91 17.57 -44.71 66.92
C PRO F 91 18.96 -44.27 66.53
N GLU F 92 19.35 -44.32 65.25
CA GLU F 92 20.72 -43.95 64.94
C GLU F 92 20.89 -42.44 64.83
N ASN F 93 19.84 -41.70 64.50
CA ASN F 93 19.88 -40.23 64.54
C ASN F 93 18.68 -39.71 65.31
N ALA F 94 18.82 -39.69 66.62
CA ALA F 94 17.75 -39.20 67.50
C ALA F 94 18.38 -38.57 68.71
N VAL F 95 17.93 -37.38 69.07
CA VAL F 95 18.44 -36.72 70.26
C VAL F 95 17.32 -36.72 71.30
N LEU F 96 17.29 -37.75 72.13
CA LEU F 96 16.26 -37.84 73.15
C LEU F 96 16.62 -36.96 74.32
N LEU F 97 15.60 -36.31 74.88
CA LEU F 97 15.70 -35.66 76.18
C LEU F 97 14.80 -36.41 77.14
N ALA F 98 15.33 -36.77 78.29
CA ALA F 98 14.57 -37.45 79.33
C ALA F 98 14.55 -36.57 80.56
N VAL F 99 13.37 -36.38 81.13
CA VAL F 99 13.22 -35.58 82.34
C VAL F 99 12.33 -36.38 83.30
N SER F 100 12.72 -36.41 84.57
CA SER F 100 11.98 -37.15 85.59
C SER F 100 11.66 -36.20 86.73
N PRO F 101 10.46 -35.61 86.74
CA PRO F 101 10.09 -34.71 87.85
C PRO F 101 9.87 -35.42 89.18
N ASP F 102 9.79 -36.76 89.19
CA ASP F 102 9.90 -37.49 90.44
C ASP F 102 11.30 -37.46 91.00
N GLN F 103 12.30 -37.26 90.13
CA GLN F 103 13.68 -37.55 90.44
C GLN F 103 14.61 -36.37 90.22
N ARG F 104 14.16 -35.33 89.51
CA ARG F 104 14.90 -34.11 89.19
C ARG F 104 16.20 -34.43 88.43
N ALA F 105 16.03 -35.00 87.25
CA ALA F 105 17.18 -35.44 86.46
C ALA F 105 16.89 -35.19 84.98
N ILE F 106 17.64 -34.29 84.38
CA ILE F 106 17.69 -34.11 82.94
C ILE F 106 18.68 -35.13 82.39
N GLU F 107 18.42 -35.63 81.18
CA GLU F 107 19.32 -36.61 80.56
C GLU F 107 19.13 -36.52 79.05
N VAL F 108 20.04 -35.85 78.37
CA VAL F 108 20.02 -35.77 76.91
C VAL F 108 20.95 -36.84 76.37
N VAL F 109 20.41 -37.77 75.59
CA VAL F 109 21.19 -38.88 75.05
C VAL F 109 21.00 -38.91 73.54
N TYR F 110 22.08 -39.20 72.82
CA TYR F 110 22.12 -39.11 71.37
C TYR F 110 21.90 -40.47 70.70
N GLY F 111 21.66 -40.42 69.40
CA GLY F 111 21.77 -41.57 68.55
C GLY F 111 23.18 -41.69 67.99
N ALA F 112 23.39 -42.75 67.21
CA ALA F 112 24.71 -43.06 66.70
C ALA F 112 25.16 -42.05 65.65
N ASP F 113 24.39 -41.92 64.57
CA ASP F 113 24.82 -41.08 63.45
C ASP F 113 24.82 -39.60 63.77
N VAL F 114 24.09 -39.17 64.80
CA VAL F 114 24.29 -37.83 65.34
C VAL F 114 25.53 -37.92 66.22
N LYS F 115 26.68 -37.50 65.66
CA LYS F 115 27.94 -37.58 66.38
C LYS F 115 28.87 -36.54 65.76
N GLY F 116 29.22 -35.52 66.54
CA GLY F 116 30.07 -34.47 66.02
C GLY F 116 29.41 -33.59 65.00
N ARG F 117 28.11 -33.40 65.09
CA ARG F 117 27.34 -32.59 64.15
C ARG F 117 26.90 -31.30 64.82
N GLY F 118 27.78 -30.71 65.61
CA GLY F 118 27.45 -29.55 66.41
C GLY F 118 26.80 -29.88 67.72
N ILE F 119 27.08 -31.05 68.28
CA ILE F 119 26.22 -31.64 69.30
C ILE F 119 26.88 -31.77 70.66
N GLU F 120 28.22 -31.78 70.74
CA GLU F 120 28.85 -32.04 72.02
C GLU F 120 28.87 -30.81 72.90
N SER F 121 28.77 -29.64 72.31
CA SER F 121 28.58 -28.40 73.05
C SER F 121 27.13 -27.99 73.15
N ALA F 122 26.23 -28.68 72.43
CA ALA F 122 24.81 -28.37 72.47
C ALA F 122 24.05 -29.20 73.50
N ALA F 123 24.56 -30.38 73.87
CA ALA F 123 23.87 -31.17 74.90
C ALA F 123 23.99 -30.56 76.29
N PRO F 124 25.17 -30.14 76.80
CA PRO F 124 25.15 -29.47 78.12
C PRO F 124 24.51 -28.12 78.05
N LEU F 125 24.61 -27.41 76.92
CA LEU F 125 23.93 -26.13 76.81
C LEU F 125 22.44 -26.31 76.68
N GLY F 126 22.02 -27.43 76.07
CA GLY F 126 20.60 -27.75 76.05
C GLY F 126 20.07 -28.14 77.41
N VAL F 127 20.88 -28.86 78.21
CA VAL F 127 20.49 -29.18 79.58
C VAL F 127 20.42 -27.92 80.43
N SER F 128 21.35 -26.99 80.23
CA SER F 128 21.31 -25.74 80.97
C SER F 128 20.11 -24.88 80.57
N ALA F 129 19.83 -24.80 79.27
CA ALA F 129 18.69 -24.03 78.80
C ALA F 129 17.36 -24.68 79.15
N ALA F 130 17.35 -25.98 79.41
CA ALA F 130 16.15 -26.62 79.95
C ALA F 130 16.03 -26.36 81.44
N ALA F 131 17.07 -26.68 82.20
CA ALA F 131 17.05 -26.63 83.66
C ALA F 131 16.98 -25.21 84.19
N ALA F 132 17.30 -24.20 83.39
CA ALA F 132 17.03 -22.83 83.78
C ALA F 132 15.53 -22.53 83.78
N SER F 133 14.75 -23.30 83.02
CA SER F 133 13.31 -23.13 82.98
C SER F 133 12.56 -24.17 83.80
N PHE F 134 13.19 -25.30 84.13
CA PHE F 134 12.52 -26.26 85.00
C PHE F 134 12.44 -25.78 86.44
N LYS F 135 13.49 -25.10 86.92
CA LYS F 135 13.49 -24.64 88.29
C LYS F 135 12.51 -23.49 88.52
N GLU F 136 12.11 -22.78 87.47
CA GLU F 136 10.97 -21.88 87.58
C GLU F 136 9.69 -22.67 87.83
N GLY F 137 9.48 -23.74 87.08
CA GLY F 137 8.26 -24.51 87.21
C GLY F 137 7.48 -24.66 85.93
N ASN F 138 8.16 -24.57 84.79
CA ASN F 138 7.53 -24.74 83.49
C ASN F 138 8.12 -25.97 82.81
N LEU F 139 7.36 -27.06 82.79
CA LEU F 139 7.81 -28.30 82.15
C LEU F 139 7.86 -28.13 80.64
N ILE F 140 6.75 -27.69 80.05
CA ILE F 140 6.64 -27.58 78.59
C ILE F 140 7.56 -26.51 78.05
N ASP F 141 7.62 -25.36 78.72
CA ASP F 141 8.50 -24.28 78.26
C ASP F 141 9.96 -24.66 78.44
N GLY F 142 10.27 -25.49 79.44
CA GLY F 142 11.62 -26.03 79.54
C GLY F 142 11.96 -26.95 78.39
N LEU F 143 11.03 -27.81 78.00
CA LEU F 143 11.25 -28.69 76.85
C LEU F 143 11.37 -27.89 75.55
N ILE F 144 10.61 -26.81 75.43
CA ILE F 144 10.67 -25.99 74.21
C ILE F 144 11.99 -25.23 74.15
N SER F 145 12.43 -24.65 75.26
CA SER F 145 13.72 -23.96 75.29
C SER F 145 14.89 -24.93 75.22
N ALA F 146 14.67 -26.22 75.41
CA ALA F 146 15.72 -27.19 75.15
C ALA F 146 15.75 -27.64 73.69
N VAL F 147 14.59 -27.91 73.11
CA VAL F 147 14.54 -28.43 71.74
C VAL F 147 14.89 -27.35 70.73
N ARG F 148 14.56 -26.08 71.01
CA ARG F 148 15.00 -25.00 70.13
C ARG F 148 16.52 -24.84 70.16
N VAL F 149 17.12 -25.00 71.34
CA VAL F 149 18.57 -24.91 71.47
C VAL F 149 19.25 -26.07 70.76
N MET F 150 18.76 -27.28 70.96
CA MET F 150 19.35 -28.42 70.27
C MET F 150 19.03 -28.44 68.77
N SER F 151 18.02 -27.70 68.33
CA SER F 151 17.80 -27.51 66.90
C SER F 151 18.80 -26.52 66.33
N ALA F 152 19.12 -25.48 67.10
CA ALA F 152 20.16 -24.56 66.66
C ALA F 152 21.54 -25.18 66.73
N GLY F 153 21.72 -26.21 67.55
CA GLY F 153 23.02 -26.84 67.73
C GLY F 153 23.30 -27.94 66.73
N VAL F 154 22.37 -28.89 66.58
CA VAL F 154 22.58 -30.01 65.68
C VAL F 154 22.52 -29.51 64.24
N SER F 155 23.61 -29.67 63.52
CA SER F 155 23.68 -29.24 62.13
C SER F 155 23.28 -30.38 61.21
N PRO F 156 22.57 -30.09 60.12
CA PRO F 156 22.11 -31.16 59.23
C PRO F 156 23.24 -31.70 58.37
N ALA F 157 22.97 -32.84 57.76
CA ALA F 157 23.94 -33.50 56.89
C ALA F 157 23.23 -34.25 55.77
N MET G 1 3.14 -52.19 34.31
CA MET G 1 4.47 -52.74 34.54
C MET G 1 5.42 -52.39 33.40
N SER G 2 4.86 -52.02 32.25
CA SER G 2 5.66 -51.68 31.07
C SER G 2 6.12 -50.22 31.15
N SER G 3 7.01 -49.98 32.11
CA SER G 3 7.61 -48.66 32.34
C SER G 3 9.04 -48.85 32.81
N THR G 4 9.87 -47.86 32.53
CA THR G 4 11.23 -47.81 33.04
C THR G 4 11.31 -46.77 34.15
N GLN G 5 12.42 -46.84 34.90
CA GLN G 5 12.68 -45.80 35.88
C GLN G 5 13.07 -44.51 35.20
N ASP G 6 13.14 -43.45 35.99
CA ASP G 6 13.49 -42.12 35.48
C ASP G 6 14.59 -41.56 36.37
N ARG G 7 15.68 -41.11 35.75
CA ARG G 7 16.80 -40.52 36.47
C ARG G 7 17.25 -39.27 35.74
N SER G 8 17.18 -38.14 36.43
CA SER G 8 17.52 -36.85 35.85
C SER G 8 18.49 -36.13 36.76
N GLN G 9 19.72 -35.94 36.31
CA GLN G 9 20.69 -35.10 37.01
C GLN G 9 20.59 -33.69 36.43
N LEU G 10 19.95 -32.80 37.18
CA LEU G 10 19.78 -31.41 36.80
C LEU G 10 21.00 -30.60 37.25
N ASP G 11 20.88 -29.28 37.24
CA ASP G 11 21.86 -28.40 37.88
C ASP G 11 21.25 -27.85 39.16
N PRO G 12 21.40 -28.55 40.30
CA PRO G 12 20.54 -28.30 41.46
C PRO G 12 20.96 -27.07 42.26
N GLU G 13 20.06 -26.11 42.39
CA GLU G 13 20.23 -24.96 43.28
C GLU G 13 18.87 -24.34 43.60
N VAL G 22 20.69 -18.45 45.75
CA VAL G 22 20.78 -19.38 46.86
C VAL G 22 21.05 -20.78 46.29
N GLU G 23 21.75 -21.63 47.07
CA GLU G 23 22.09 -22.98 46.63
C GLU G 23 21.67 -23.98 47.70
N ARG G 24 20.40 -24.40 47.64
CA ARG G 24 19.83 -25.51 48.41
C ARG G 24 19.91 -25.33 49.93
N HIS G 25 20.03 -24.09 50.42
CA HIS G 25 20.10 -23.84 51.86
C HIS G 25 18.92 -23.04 52.36
N THR G 26 18.66 -21.87 51.81
CA THR G 26 17.62 -20.98 52.32
C THR G 26 16.44 -20.98 51.35
N GLY G 27 15.23 -21.05 51.90
CA GLY G 27 14.03 -21.17 51.09
C GLY G 27 13.00 -22.03 51.78
N VAL G 28 12.58 -23.09 51.11
CA VAL G 28 11.69 -24.09 51.69
C VAL G 28 12.37 -25.44 51.67
N ASP G 29 12.17 -26.20 52.75
CA ASP G 29 12.72 -27.55 52.85
C ASP G 29 11.93 -28.47 51.93
N VAL G 30 12.53 -29.61 51.61
CA VAL G 30 11.98 -30.54 50.62
C VAL G 30 10.85 -31.39 51.21
N GLU G 31 10.50 -31.15 52.47
CA GLU G 31 9.34 -31.79 53.07
C GLU G 31 8.16 -30.83 53.23
N ASP G 32 8.40 -29.53 53.14
CA ASP G 32 7.29 -28.57 53.08
C ASP G 32 6.64 -28.59 51.70
N VAL G 33 7.44 -28.38 50.66
CA VAL G 33 7.01 -28.66 49.30
C VAL G 33 7.79 -29.89 48.84
N PRO G 34 7.17 -30.84 48.16
CA PRO G 34 7.84 -32.11 47.87
C PRO G 34 8.90 -32.05 46.79
N SER G 35 9.06 -30.92 46.11
CA SER G 35 10.17 -30.76 45.17
C SER G 35 10.57 -29.29 45.19
N ALA G 36 11.55 -28.97 46.03
CA ALA G 36 12.04 -27.61 46.15
C ALA G 36 13.33 -27.38 45.38
N GLU G 37 14.10 -28.43 45.13
CA GLU G 37 15.34 -28.29 44.38
C GLU G 37 15.10 -28.27 42.87
N TRP G 38 13.93 -28.69 42.43
CA TRP G 38 13.63 -28.81 41.01
C TRP G 38 13.25 -27.49 40.36
N GLY G 39 13.08 -26.43 41.14
CA GLY G 39 12.74 -25.14 40.59
C GLY G 39 12.58 -24.13 41.71
N TRP G 40 12.25 -22.92 41.31
CA TRP G 40 12.02 -21.87 42.30
C TRP G 40 10.69 -22.11 42.99
N SER G 41 10.71 -22.19 44.32
CA SER G 41 9.56 -22.72 45.03
C SER G 41 9.22 -21.97 46.32
N HIS G 42 9.76 -20.78 46.54
CA HIS G 42 9.36 -20.00 47.72
C HIS G 42 9.44 -18.52 47.41
N MET G 43 8.29 -17.89 47.33
CA MET G 43 8.24 -16.43 47.37
C MET G 43 8.56 -15.99 48.79
N PRO G 44 9.38 -14.97 48.98
CA PRO G 44 9.54 -14.41 50.33
C PRO G 44 8.22 -13.80 50.78
N ILE G 45 7.91 -13.98 52.06
CA ILE G 45 6.52 -13.86 52.48
C ILE G 45 6.16 -12.43 52.88
N GLY G 46 7.16 -11.57 53.10
CA GLY G 46 6.88 -10.15 53.19
C GLY G 46 6.37 -9.58 51.89
N VAL G 47 6.78 -10.17 50.76
CA VAL G 47 6.29 -9.72 49.45
C VAL G 47 4.80 -9.97 49.33
N MET G 48 4.33 -11.15 49.73
CA MET G 48 2.90 -11.40 49.62
C MET G 48 2.10 -10.71 50.73
N HIS G 49 2.69 -10.47 51.91
CA HIS G 49 2.00 -9.67 52.93
C HIS G 49 1.81 -8.23 52.47
N ILE G 50 2.88 -7.59 52.00
CA ILE G 50 2.77 -6.21 51.53
C ILE G 50 1.99 -6.16 50.22
N GLY G 51 1.99 -7.24 49.44
CA GLY G 51 1.17 -7.27 48.25
C GLY G 51 -0.31 -7.32 48.55
N GLY G 52 -0.70 -8.11 49.55
CA GLY G 52 -2.09 -8.10 49.99
C GLY G 52 -2.48 -6.78 50.61
N LEU G 53 -1.62 -6.22 51.46
CA LEU G 53 -1.92 -4.95 52.12
C LEU G 53 -1.99 -3.80 51.12
N LEU G 54 -1.15 -3.83 50.09
CA LEU G 54 -1.17 -2.82 49.05
C LEU G 54 -2.35 -3.03 48.09
N SER G 55 -2.77 -4.28 47.90
CA SER G 55 -4.01 -4.57 47.19
C SER G 55 -5.21 -3.97 47.90
N ALA G 56 -5.27 -4.12 49.21
CA ALA G 56 -6.38 -3.56 49.97
C ALA G 56 -6.32 -2.04 50.02
N ALA G 57 -5.10 -1.49 50.08
CA ALA G 57 -4.94 -0.04 49.98
C ALA G 57 -5.38 0.47 48.61
N PHE G 58 -5.15 -0.30 47.55
CA PHE G 58 -5.59 0.10 46.22
C PHE G 58 -7.11 0.05 46.12
N LEU G 59 -7.73 -0.96 46.72
CA LEU G 59 -9.18 -1.02 46.76
C LEU G 59 -9.78 0.10 47.59
N LEU G 60 -9.05 0.60 48.59
CA LEU G 60 -9.53 1.75 49.33
C LEU G 60 -9.26 3.07 48.59
N VAL G 61 -8.23 3.12 47.74
CA VAL G 61 -8.03 4.31 46.94
C VAL G 61 -9.10 4.40 45.86
N MET G 62 -9.60 3.25 45.38
CA MET G 62 -10.63 3.18 44.35
C MET G 62 -11.99 3.83 44.67
N MET G 63 -12.18 4.35 45.88
CA MET G 63 -13.32 5.23 46.11
C MET G 63 -13.19 6.54 45.35
N ARG G 64 -11.98 7.05 45.20
CA ARG G 64 -11.77 8.35 44.56
C ARG G 64 -12.00 8.22 43.06
N GLY G 65 -13.12 8.73 42.58
CA GLY G 65 -13.40 8.72 41.16
C GLY G 65 -14.77 9.29 40.91
N ASN G 66 -15.17 9.25 39.64
CA ASN G 66 -16.54 9.53 39.25
C ASN G 66 -17.48 8.51 39.88
N HIS G 67 -18.35 8.99 40.77
CA HIS G 67 -18.91 8.08 41.75
C HIS G 67 -20.16 8.69 42.36
N VAL G 68 -21.31 8.04 42.16
CA VAL G 68 -22.49 8.36 42.97
C VAL G 68 -23.06 7.14 43.67
N GLY G 69 -22.77 5.92 43.23
CA GLY G 69 -23.33 4.75 43.87
C GLY G 69 -22.51 4.30 45.06
N HIS G 70 -22.96 4.66 46.25
CA HIS G 70 -22.27 4.26 47.47
C HIS G 70 -22.57 2.84 47.88
N VAL G 71 -23.36 2.09 47.10
CA VAL G 71 -23.49 0.66 47.34
C VAL G 71 -22.23 -0.07 46.92
N GLU G 72 -21.37 0.58 46.14
CA GLU G 72 -20.10 -0.02 45.74
C GLU G 72 -19.03 0.13 46.81
N ASP G 73 -19.01 1.28 47.49
CA ASP G 73 -18.02 1.51 48.53
C ASP G 73 -18.13 0.52 49.67
N TRP G 74 -19.31 -0.06 49.90
CA TRP G 74 -19.39 -1.13 50.87
C TRP G 74 -18.76 -2.41 50.34
N PHE G 75 -18.81 -2.67 49.02
CA PHE G 75 -18.04 -3.79 48.48
C PHE G 75 -16.55 -3.53 48.55
N LEU G 76 -16.12 -2.28 48.36
CA LEU G 76 -14.70 -1.98 48.44
C LEU G 76 -14.19 -2.06 49.87
N ILE G 77 -14.96 -1.55 50.84
CA ILE G 77 -14.66 -1.74 52.25
C ILE G 77 -14.67 -3.23 52.61
N GLY G 78 -15.60 -4.00 52.03
CA GLY G 78 -15.68 -5.41 52.37
C GLY G 78 -14.51 -6.21 51.82
N PHE G 79 -14.22 -6.09 50.53
CA PHE G 79 -13.07 -6.77 49.96
C PHE G 79 -11.74 -6.16 50.38
N ALA G 80 -11.73 -4.98 50.98
CA ALA G 80 -10.49 -4.51 51.59
C ALA G 80 -10.34 -5.02 53.01
N ALA G 81 -11.44 -5.12 53.75
CA ALA G 81 -11.37 -5.62 55.12
C ALA G 81 -11.11 -7.12 55.14
N VAL G 82 -11.59 -7.86 54.14
CA VAL G 82 -11.27 -9.28 54.05
C VAL G 82 -9.77 -9.48 53.82
N ILE G 83 -9.18 -8.68 52.93
CA ILE G 83 -7.76 -8.84 52.64
C ILE G 83 -6.90 -8.34 53.81
N VAL G 84 -7.30 -7.25 54.45
CA VAL G 84 -6.60 -6.78 55.64
C VAL G 84 -6.74 -7.78 56.78
N ALA G 85 -7.88 -8.44 56.90
CA ALA G 85 -8.06 -9.45 57.93
C ALA G 85 -7.20 -10.68 57.66
N LEU G 86 -7.11 -11.10 56.40
CA LEU G 86 -6.29 -12.26 56.07
C LEU G 86 -4.81 -11.96 56.25
N VAL G 87 -4.36 -10.78 55.81
CA VAL G 87 -2.96 -10.39 55.97
C VAL G 87 -2.62 -10.21 57.44
N GLY G 88 -3.52 -9.62 58.22
CA GLY G 88 -3.26 -9.41 59.64
C GLY G 88 -3.26 -10.70 60.42
N ARG G 89 -4.19 -11.60 60.10
CA ARG G 89 -4.20 -12.92 60.72
C ARG G 89 -2.95 -13.70 60.39
N ASN G 90 -2.51 -13.63 59.14
CA ASN G 90 -1.37 -14.41 58.67
C ASN G 90 -0.07 -13.88 59.28
N TRP G 91 0.06 -12.56 59.36
CA TRP G 91 1.23 -11.96 59.98
C TRP G 91 1.24 -12.17 61.49
N TRP G 92 0.05 -12.16 62.11
CA TRP G 92 -0.02 -12.39 63.55
C TRP G 92 0.31 -13.83 63.90
N LEU G 93 -0.11 -14.77 63.07
CA LEU G 93 0.24 -16.16 63.30
C LEU G 93 1.72 -16.42 63.06
N ARG G 94 2.34 -15.73 62.11
CA ARG G 94 3.79 -15.89 62.03
C ARG G 94 4.54 -15.12 63.11
N ARG G 95 3.94 -14.08 63.68
CA ARG G 95 4.57 -13.41 64.80
C ARG G 95 4.48 -14.25 66.07
N ARG G 96 3.45 -15.08 66.19
CA ARG G 96 3.36 -15.99 67.32
C ARG G 96 3.68 -17.44 66.97
N GLY G 97 4.06 -17.72 65.74
CA GLY G 97 4.46 -19.08 65.40
C GLY G 97 3.30 -20.04 65.21
N TRP G 98 2.28 -19.59 64.47
CA TRP G 98 1.08 -20.35 64.13
C TRP G 98 0.35 -20.84 65.38
N ILE G 99 -0.10 -19.88 66.19
CA ILE G 99 -0.80 -20.16 67.43
C ILE G 99 -2.15 -19.45 67.42
N ARG G 100 -3.23 -20.21 67.64
CA ARG G 100 -4.62 -19.76 67.65
C ARG G 100 -5.06 -19.07 66.35
N CYS H 21 -7.43 13.41 40.56
CA CYS H 21 -7.93 14.69 41.02
C CYS H 21 -9.20 15.09 40.29
N SER H 22 -9.97 15.99 40.89
CA SER H 22 -11.13 16.53 40.21
C SER H 22 -10.73 17.71 39.34
N PRO H 23 -11.31 17.85 38.16
CA PRO H 23 -10.93 18.96 37.28
C PRO H 23 -11.43 20.29 37.85
N PRO H 24 -10.67 21.37 37.63
CA PRO H 24 -10.94 22.60 38.40
C PRO H 24 -12.12 23.40 37.90
N GLY H 25 -12.48 23.28 36.63
CA GLY H 25 -13.52 24.10 36.06
C GLY H 25 -14.90 23.49 36.02
N GLU H 26 -15.50 23.23 37.18
CA GLU H 26 -16.84 22.64 37.25
C GLU H 26 -17.59 23.20 38.46
N THR H 27 -18.84 22.74 38.59
CA THR H 27 -19.62 22.70 39.83
C THR H 27 -19.88 24.11 40.39
N ALA H 28 -20.69 24.87 39.65
CA ALA H 28 -21.09 26.19 40.13
C ALA H 28 -22.50 26.49 39.63
N SER H 29 -23.48 26.29 40.50
CA SER H 29 -24.88 26.57 40.18
C SER H 29 -25.23 27.96 40.70
N SER H 30 -25.23 28.94 39.81
CA SER H 30 -25.77 30.27 40.07
C SER H 30 -27.29 30.24 39.89
N GLU H 31 -27.91 31.40 39.76
CA GLU H 31 -29.28 31.43 39.28
C GLU H 31 -29.29 30.87 37.85
N PRO H 32 -30.19 29.94 37.53
CA PRO H 32 -29.97 29.08 36.35
C PRO H 32 -30.18 29.74 35.00
N GLY H 33 -29.53 30.88 34.77
CA GLY H 33 -29.42 31.44 33.45
C GLY H 33 -30.62 32.21 32.95
N THR H 34 -30.38 33.34 32.32
CA THR H 34 -31.39 33.95 31.48
C THR H 34 -31.63 33.07 30.26
N THR H 35 -32.84 33.12 29.74
CA THR H 35 -33.13 32.44 28.49
C THR H 35 -32.39 33.14 27.36
N PRO H 36 -31.77 32.40 26.44
CA PRO H 36 -30.84 33.02 25.48
C PRO H 36 -31.57 33.91 24.49
N ALA H 37 -31.14 35.17 24.43
CA ALA H 37 -31.81 36.17 23.62
C ALA H 37 -31.61 35.86 22.14
N ILE H 38 -32.70 36.01 21.38
CA ILE H 38 -32.91 35.63 19.99
C ILE H 38 -31.74 35.98 19.07
N TRP H 39 -31.30 35.01 18.28
CA TRP H 39 -30.04 35.14 17.56
C TRP H 39 -30.16 36.10 16.39
N THR H 40 -29.96 37.38 16.66
CA THR H 40 -29.89 38.40 15.63
C THR H 40 -28.54 38.25 14.95
N GLY H 41 -28.47 37.34 13.98
CA GLY H 41 -27.20 36.95 13.42
C GLY H 41 -26.61 38.04 12.54
N SER H 42 -25.34 38.38 12.80
CA SER H 42 -24.64 39.40 12.05
C SER H 42 -24.43 38.94 10.60
N PRO H 43 -24.31 39.89 9.64
CA PRO H 43 -24.03 39.49 8.24
C PRO H 43 -22.64 38.93 8.07
N SER H 44 -22.27 38.55 6.85
CA SER H 44 -21.10 37.72 6.62
C SER H 44 -20.00 38.42 5.85
N PRO H 45 -18.92 38.90 6.53
CA PRO H 45 -17.68 39.26 5.82
C PRO H 45 -16.74 38.08 5.58
N ALA H 46 -17.30 36.97 5.12
CA ALA H 46 -16.55 35.93 4.44
C ALA H 46 -16.75 36.01 2.93
N ALA H 47 -17.98 36.28 2.51
CA ALA H 47 -18.37 36.57 1.13
C ALA H 47 -17.80 37.91 0.67
N PRO H 48 -17.47 38.84 1.60
CA PRO H 48 -17.31 40.27 1.25
C PRO H 48 -16.20 40.66 0.27
N SER H 49 -15.49 39.71 -0.32
CA SER H 49 -14.56 40.00 -1.42
C SER H 49 -15.35 40.19 -2.72
N GLY H 50 -16.10 41.29 -2.78
CA GLY H 50 -16.91 41.64 -3.91
C GLY H 50 -17.86 42.79 -3.59
N GLU H 51 -17.98 43.76 -4.50
CA GLU H 51 -18.79 44.94 -4.29
C GLU H 51 -19.91 44.96 -5.31
N ASP H 52 -21.15 44.92 -4.84
CA ASP H 52 -22.33 44.91 -5.72
C ASP H 52 -22.53 46.30 -6.29
N HIS H 53 -22.15 46.48 -7.55
CA HIS H 53 -22.34 47.74 -8.26
C HIS H 53 -23.74 47.82 -8.86
N GLY H 54 -23.94 48.76 -9.79
CA GLY H 54 -25.24 48.87 -10.44
C GLY H 54 -25.60 47.67 -11.29
N GLY H 55 -24.60 46.98 -11.82
CA GLY H 55 -24.82 45.75 -12.56
C GLY H 55 -23.80 45.61 -13.67
N GLY H 56 -23.95 44.52 -14.43
CA GLY H 56 -23.09 44.28 -15.58
C GLY H 56 -23.88 44.02 -16.84
N HIS H 57 -23.56 44.76 -17.91
CA HIS H 57 -24.29 44.65 -19.16
C HIS H 57 -23.39 45.16 -20.29
N GLY H 58 -24.00 45.41 -21.45
CA GLY H 58 -23.29 45.96 -22.59
C GLY H 58 -23.51 47.45 -22.69
N ALA H 59 -24.46 47.85 -23.55
CA ALA H 59 -24.96 49.23 -23.68
C ALA H 59 -23.84 50.21 -24.04
N GLY H 60 -23.36 50.07 -25.28
CA GLY H 60 -22.24 50.85 -25.78
C GLY H 60 -22.58 52.31 -25.98
N ALA H 61 -22.72 53.01 -24.85
CA ALA H 61 -23.25 54.35 -24.74
C ALA H 61 -22.52 55.04 -23.58
N ALA H 62 -23.14 56.08 -23.02
CA ALA H 62 -22.57 56.76 -21.85
C ALA H 62 -22.36 55.83 -20.66
N GLY H 63 -23.19 54.81 -20.51
CA GLY H 63 -22.88 53.78 -19.50
C GLY H 63 -24.00 53.58 -18.50
N ALA H 64 -24.41 52.32 -18.36
CA ALA H 64 -25.46 51.94 -17.43
C ALA H 64 -25.29 50.46 -17.07
N GLY H 65 -26.07 50.03 -16.08
CA GLY H 65 -26.09 48.64 -15.66
C GLY H 65 -27.31 47.90 -16.17
N GLU H 66 -27.55 46.73 -15.56
CA GLU H 66 -28.65 45.86 -15.95
C GLU H 66 -29.66 45.64 -14.83
N THR H 67 -29.58 46.41 -13.74
CA THR H 67 -30.50 46.26 -12.62
C THR H 67 -30.61 47.58 -11.89
N LEU H 68 -31.82 48.15 -11.85
CA LEU H 68 -32.06 49.40 -11.13
C LEU H 68 -33.53 49.39 -10.71
N THR H 69 -33.77 49.11 -9.44
CA THR H 69 -35.13 48.97 -8.92
C THR H 69 -35.69 50.33 -8.54
N ALA H 70 -36.83 50.33 -7.85
CA ALA H 70 -37.48 51.56 -7.42
C ALA H 70 -38.30 51.27 -6.17
N GLU H 71 -38.51 52.32 -5.37
CA GLU H 71 -39.31 52.25 -4.15
C GLU H 71 -40.44 53.27 -4.25
N LEU H 72 -41.66 52.78 -4.44
CA LEU H 72 -42.82 53.65 -4.58
C LEU H 72 -43.21 54.23 -3.22
N LYS H 73 -43.14 55.55 -3.09
CA LYS H 73 -43.44 56.24 -1.84
C LYS H 73 -44.81 56.90 -1.93
N THR H 74 -45.51 56.93 -0.81
CA THR H 74 -46.83 57.52 -0.70
C THR H 74 -46.73 58.95 -0.20
N ALA H 75 -47.87 59.54 0.16
CA ALA H 75 -47.91 60.92 0.65
C ALA H 75 -47.51 61.05 2.11
N ASP H 76 -47.23 59.95 2.80
CA ASP H 76 -46.78 59.97 4.18
C ASP H 76 -45.34 59.49 4.34
N GLY H 77 -44.64 59.25 3.23
CA GLY H 77 -43.28 58.75 3.26
C GLY H 77 -43.17 57.24 3.31
N THR H 78 -44.28 56.53 3.46
CA THR H 78 -44.25 55.08 3.55
C THR H 78 -44.28 54.45 2.17
N SER H 79 -43.73 53.24 2.06
CA SER H 79 -43.67 52.54 0.79
C SER H 79 -45.01 51.87 0.50
N VAL H 80 -45.43 51.92 -0.75
CA VAL H 80 -46.68 51.32 -1.20
C VAL H 80 -46.42 50.13 -2.13
N ALA H 81 -45.57 50.32 -3.14
CA ALA H 81 -45.21 49.27 -4.07
C ALA H 81 -43.70 49.32 -4.29
N THR H 82 -43.22 48.54 -5.25
CA THR H 82 -41.79 48.50 -5.57
C THR H 82 -41.64 48.12 -7.03
N ALA H 83 -41.02 49.01 -7.80
CA ALA H 83 -40.79 48.78 -9.22
C ALA H 83 -39.35 48.37 -9.47
N ASP H 84 -39.14 47.70 -10.59
CA ASP H 84 -37.81 47.31 -11.05
C ASP H 84 -37.80 47.38 -12.57
N PHE H 85 -37.16 48.41 -13.12
CA PHE H 85 -37.09 48.62 -14.56
C PHE H 85 -35.64 48.59 -15.00
N GLN H 86 -35.34 47.74 -15.98
CA GLN H 86 -33.96 47.59 -16.42
C GLN H 86 -33.93 47.05 -17.85
N PHE H 87 -32.87 47.41 -18.57
CA PHE H 87 -32.67 46.92 -19.93
C PHE H 87 -31.81 45.66 -19.90
N ALA H 88 -32.33 44.59 -20.49
CA ALA H 88 -31.66 43.29 -20.47
C ALA H 88 -31.18 42.85 -21.85
N ASP H 89 -32.08 42.79 -22.84
CA ASP H 89 -31.75 42.32 -24.18
C ASP H 89 -32.42 43.21 -25.22
N GLY H 90 -32.31 44.53 -25.03
CA GLY H 90 -33.00 45.46 -25.89
C GLY H 90 -34.47 45.60 -25.61
N PHE H 91 -34.94 45.11 -24.47
CA PHE H 91 -36.34 45.20 -24.07
C PHE H 91 -36.37 45.60 -22.61
N ALA H 92 -36.95 46.76 -22.30
CA ALA H 92 -36.99 47.29 -20.95
C ALA H 92 -37.96 46.47 -20.12
N THR H 93 -37.45 45.59 -19.28
CA THR H 93 -38.28 44.78 -18.40
C THR H 93 -38.62 45.59 -17.17
N VAL H 94 -39.91 45.72 -16.88
CA VAL H 94 -40.41 46.45 -15.72
C VAL H 94 -41.32 45.52 -14.94
N THR H 95 -40.92 45.22 -13.70
CA THR H 95 -41.69 44.39 -12.79
C THR H 95 -42.10 45.23 -11.60
N ILE H 96 -43.41 45.41 -11.41
CA ILE H 96 -43.95 46.18 -10.30
C ILE H 96 -44.62 45.22 -9.35
N GLU H 97 -44.03 45.05 -8.16
CA GLU H 97 -44.57 44.18 -7.13
C GLU H 97 -45.10 45.02 -5.97
N THR H 98 -45.84 44.38 -5.08
CA THR H 98 -46.41 45.07 -3.94
C THR H 98 -45.39 45.17 -2.81
N THR H 99 -45.58 46.16 -1.94
CA THR H 99 -44.73 46.35 -0.77
C THR H 99 -45.52 46.28 0.52
N THR H 100 -46.68 46.92 0.59
CA THR H 100 -47.50 46.90 1.78
C THR H 100 -48.71 46.00 1.59
N PRO H 101 -49.32 45.53 2.68
CA PRO H 101 -50.48 44.64 2.55
C PRO H 101 -51.77 45.40 2.26
N GLY H 102 -51.90 46.60 2.81
CA GLY H 102 -53.12 47.37 2.68
C GLY H 102 -52.93 48.77 2.12
N ARG H 103 -52.06 48.90 1.13
CA ARG H 103 -51.80 50.21 0.52
C ARG H 103 -52.81 50.53 -0.58
N LEU H 104 -52.88 49.68 -1.60
CA LEU H 104 -53.76 49.92 -2.74
C LEU H 104 -55.21 49.62 -2.37
N THR H 105 -56.11 50.12 -3.21
CA THR H 105 -57.54 49.92 -3.02
C THR H 105 -58.02 48.72 -3.82
N PRO H 106 -59.25 48.26 -3.57
CA PRO H 106 -59.78 47.09 -4.31
C PRO H 106 -60.21 47.42 -5.73
N GLY H 107 -59.24 47.44 -6.63
CA GLY H 107 -59.52 47.73 -8.02
C GLY H 107 -58.26 47.67 -8.85
N PHE H 108 -58.39 48.05 -10.11
CA PHE H 108 -57.25 48.07 -11.02
C PHE H 108 -56.49 49.39 -10.87
N HIS H 109 -55.16 49.30 -10.90
CA HIS H 109 -54.30 50.47 -10.78
C HIS H 109 -53.56 50.70 -12.09
N GLY H 110 -53.42 51.98 -12.44
CA GLY H 110 -52.77 52.34 -13.69
C GLY H 110 -51.36 52.85 -13.52
N VAL H 111 -50.39 52.05 -13.95
CA VAL H 111 -48.98 52.44 -13.89
C VAL H 111 -48.69 53.44 -14.99
N HIS H 112 -47.93 54.48 -14.65
CA HIS H 112 -47.56 55.51 -15.62
C HIS H 112 -46.19 56.06 -15.26
N ILE H 113 -45.32 56.18 -16.25
CA ILE H 113 -43.99 56.73 -16.02
C ILE H 113 -44.05 58.25 -16.10
N HIS H 114 -43.59 58.91 -15.06
CA HIS H 114 -43.54 60.36 -14.98
C HIS H 114 -42.14 60.86 -15.33
N SER H 115 -42.09 62.06 -15.92
CA SER H 115 -40.84 62.58 -16.46
C SER H 115 -39.88 63.01 -15.36
N VAL H 116 -40.37 63.71 -14.35
CA VAL H 116 -39.56 64.09 -13.20
C VAL H 116 -39.72 63.05 -12.12
N GLY H 117 -38.63 62.76 -11.41
CA GLY H 117 -38.60 61.70 -10.42
C GLY H 117 -38.87 62.11 -9.00
N LYS H 118 -39.30 63.35 -8.76
CA LYS H 118 -39.58 63.80 -7.40
C LYS H 118 -40.89 63.20 -6.92
N CYS H 119 -40.83 62.40 -5.86
CA CYS H 119 -42.02 61.83 -5.23
C CYS H 119 -42.44 62.71 -4.04
N GLU H 120 -42.68 63.98 -4.33
CA GLU H 120 -43.02 64.94 -3.29
C GLU H 120 -44.48 64.78 -2.87
N ALA H 121 -44.77 65.24 -1.66
CA ALA H 121 -46.13 65.15 -1.13
C ALA H 121 -47.05 66.16 -1.81
N ASN H 122 -46.53 67.33 -2.15
CA ASN H 122 -47.33 68.36 -2.83
C ASN H 122 -46.37 69.22 -3.65
N SER H 123 -46.36 68.99 -4.96
CA SER H 123 -45.50 69.75 -5.85
C SER H 123 -46.15 69.85 -7.22
N VAL H 124 -45.86 70.94 -7.92
CA VAL H 124 -46.39 71.18 -9.26
C VAL H 124 -45.34 71.91 -10.08
N ALA H 125 -44.95 71.31 -11.20
CA ALA H 125 -43.94 71.92 -12.08
C ALA H 125 -44.54 73.11 -12.81
N PRO H 126 -45.77 73.00 -13.32
CA PRO H 126 -46.39 74.16 -13.98
C PRO H 126 -47.21 74.99 -12.99
N THR H 127 -47.78 76.09 -13.47
CA THR H 127 -48.61 76.94 -12.62
C THR H 127 -49.98 76.30 -12.47
N GLY H 128 -50.25 75.77 -11.28
CA GLY H 128 -51.52 75.11 -11.04
C GLY H 128 -51.56 74.50 -9.65
N GLY H 129 -52.64 73.77 -9.39
CA GLY H 129 -52.82 73.14 -8.10
C GLY H 129 -51.93 71.91 -7.96
N ALA H 130 -51.13 71.88 -6.91
CA ALA H 130 -50.21 70.78 -6.67
C ALA H 130 -50.96 69.55 -6.19
N PRO H 131 -51.13 68.54 -7.05
CA PRO H 131 -51.83 67.33 -6.61
C PRO H 131 -50.89 66.33 -5.96
N GLY H 132 -51.43 65.17 -5.57
CA GLY H 132 -50.60 64.15 -4.95
C GLY H 132 -49.70 63.49 -5.98
N ASP H 133 -48.38 63.53 -5.73
CA ASP H 133 -47.34 62.95 -6.60
C ASP H 133 -47.38 63.54 -8.01
N PHE H 134 -47.68 64.84 -8.11
CA PHE H 134 -47.75 65.54 -9.38
C PHE H 134 -46.56 66.45 -9.61
N ASN H 135 -45.37 66.02 -9.18
CA ASN H 135 -44.16 66.80 -9.37
C ASN H 135 -43.55 66.63 -10.75
N SER H 136 -44.19 65.88 -11.64
CA SER H 136 -43.68 65.70 -13.00
C SER H 136 -43.88 66.98 -13.82
N ALA H 137 -43.04 67.13 -14.84
CA ALA H 137 -43.15 68.26 -15.77
C ALA H 137 -44.01 67.87 -16.97
N GLY H 138 -45.25 67.49 -16.67
CA GLY H 138 -46.21 67.01 -17.64
C GLY H 138 -46.78 65.67 -17.20
N GLY H 139 -47.15 64.86 -18.19
CA GLY H 139 -47.75 63.57 -17.92
C GLY H 139 -46.82 62.40 -18.12
N HIS H 140 -46.96 61.74 -19.28
CA HIS H 140 -46.20 60.52 -19.53
C HIS H 140 -44.74 60.83 -19.85
N PHE H 141 -43.84 59.99 -19.34
CA PHE H 141 -42.42 60.10 -19.63
C PHE H 141 -42.14 59.43 -20.98
N GLN H 142 -42.42 60.16 -22.04
CA GLN H 142 -42.21 59.66 -23.39
C GLN H 142 -40.77 59.92 -23.81
N VAL H 143 -40.48 59.75 -25.10
CA VAL H 143 -39.16 60.04 -25.64
C VAL H 143 -38.99 61.54 -25.76
N SER H 144 -37.77 62.00 -26.01
CA SER H 144 -37.48 63.43 -26.10
C SER H 144 -38.05 64.06 -27.37
N GLY H 145 -38.43 63.26 -28.37
CA GLY H 145 -39.05 63.79 -29.56
C GLY H 145 -40.45 63.28 -29.78
N HIS H 146 -40.97 62.49 -28.83
CA HIS H 146 -42.29 61.89 -28.94
C HIS H 146 -43.29 62.64 -28.08
N SER H 147 -44.47 62.89 -28.65
CA SER H 147 -45.56 63.55 -27.92
C SER H 147 -46.94 62.98 -28.21
N GLY H 148 -47.06 61.93 -29.03
CA GLY H 148 -48.35 61.44 -29.46
C GLY H 148 -48.84 60.17 -28.80
N HIS H 149 -48.61 59.04 -29.44
CA HIS H 149 -49.20 57.75 -29.12
C HIS H 149 -48.63 57.13 -27.85
N PRO H 150 -49.06 55.91 -27.49
CA PRO H 150 -48.68 55.32 -26.20
C PRO H 150 -47.22 54.91 -26.13
N ALA H 151 -46.36 55.87 -25.82
CA ALA H 151 -44.92 55.64 -25.66
C ALA H 151 -44.59 55.04 -24.30
N SER H 152 -43.31 55.08 -23.92
CA SER H 152 -42.82 54.45 -22.70
C SER H 152 -43.35 55.08 -21.41
N GLY H 153 -44.00 56.25 -21.49
CA GLY H 153 -44.60 56.83 -20.30
C GLY H 153 -45.81 56.05 -19.82
N ASP H 154 -46.70 55.70 -20.74
CA ASP H 154 -47.86 54.88 -20.40
C ASP H 154 -47.44 53.44 -20.20
N LEU H 155 -48.03 52.80 -19.19
CA LEU H 155 -47.69 51.43 -18.84
C LEU H 155 -48.97 50.63 -18.64
N SER H 156 -48.81 49.31 -18.54
CA SER H 156 -49.93 48.41 -18.35
C SER H 156 -50.44 48.48 -16.91
N SER H 157 -51.52 47.77 -16.65
CA SER H 157 -52.18 47.83 -15.35
C SER H 157 -51.54 46.86 -14.37
N LEU H 158 -51.52 47.26 -13.10
CA LEU H 158 -51.11 46.41 -11.99
C LEU H 158 -52.30 46.38 -11.03
N GLN H 159 -53.24 45.46 -11.29
CA GLN H 159 -54.51 45.46 -10.58
C GLN H 159 -54.35 44.89 -9.18
N VAL H 160 -55.12 45.43 -8.25
CA VAL H 160 -55.11 45.01 -6.86
C VAL H 160 -56.44 44.31 -6.57
N ARG H 161 -56.35 43.04 -6.20
CA ARG H 161 -57.52 42.23 -5.87
C ARG H 161 -57.88 42.45 -4.40
N ALA H 162 -58.74 41.58 -3.85
CA ALA H 162 -59.16 41.67 -2.46
C ALA H 162 -58.03 41.35 -1.48
N ASP H 163 -56.97 40.69 -1.94
CA ASP H 163 -55.81 40.45 -1.09
C ASP H 163 -54.98 41.71 -0.89
N GLY H 164 -55.08 42.68 -1.80
CA GLY H 164 -54.35 43.92 -1.66
C GLY H 164 -52.93 43.84 -2.17
N SER H 165 -52.75 43.32 -3.38
CA SER H 165 -51.43 43.19 -3.98
C SER H 165 -51.54 43.41 -5.48
N GLY H 166 -50.69 44.28 -6.01
CA GLY H 166 -50.66 44.54 -7.43
C GLY H 166 -49.32 44.23 -8.07
N LYS H 167 -49.27 43.19 -8.90
CA LYS H 167 -48.06 42.75 -9.56
C LYS H 167 -48.24 42.80 -11.07
N LEU H 168 -47.23 43.34 -11.77
CA LEU H 168 -47.28 43.43 -13.23
C LEU H 168 -45.86 43.39 -13.75
N VAL H 169 -45.52 42.33 -14.48
CA VAL H 169 -44.22 42.19 -15.11
C VAL H 169 -44.42 42.28 -16.61
N THR H 170 -43.84 43.33 -17.22
CA THR H 170 -43.98 43.57 -18.65
C THR H 170 -42.62 43.86 -19.25
N THR H 171 -42.58 43.87 -20.59
CA THR H 171 -41.35 44.15 -21.35
C THR H 171 -41.68 45.20 -22.41
N THR H 172 -41.39 46.45 -22.11
CA THR H 172 -41.60 47.56 -23.03
C THR H 172 -40.24 47.95 -23.63
N ASP H 173 -40.14 47.83 -24.96
CA ASP H 173 -38.91 48.15 -25.67
C ASP H 173 -38.91 49.57 -26.22
N ALA H 174 -39.79 50.43 -25.72
CA ALA H 174 -39.84 51.81 -26.21
C ALA H 174 -38.66 52.63 -25.67
N PHE H 175 -38.30 52.41 -24.41
CA PHE H 175 -37.14 53.04 -23.80
C PHE H 175 -36.14 51.97 -23.38
N THR H 176 -35.02 52.42 -22.82
CA THR H 176 -33.97 51.50 -22.37
C THR H 176 -33.26 52.16 -21.19
N ALA H 177 -32.08 51.61 -20.85
CA ALA H 177 -31.29 52.18 -19.76
C ALA H 177 -30.64 53.50 -20.15
N GLU H 178 -30.48 53.76 -21.45
CA GLU H 178 -29.91 55.02 -21.91
C GLU H 178 -30.95 56.15 -21.96
N ASP H 179 -32.24 55.81 -21.88
CA ASP H 179 -33.30 56.80 -21.89
C ASP H 179 -33.80 57.17 -20.50
N LEU H 180 -33.64 56.27 -19.52
CA LEU H 180 -34.07 56.54 -18.16
C LEU H 180 -33.05 57.35 -17.38
N LEU H 181 -31.80 57.37 -17.82
CA LEU H 181 -30.75 58.18 -17.18
C LEU H 181 -30.57 59.49 -17.93
N ASP H 182 -31.63 60.30 -17.91
CA ASP H 182 -31.65 61.56 -18.63
C ASP H 182 -31.13 62.68 -17.72
N GLY H 183 -31.32 63.92 -18.16
CA GLY H 183 -30.95 65.06 -17.32
C GLY H 183 -31.84 65.21 -16.11
N ALA H 184 -33.11 64.85 -16.23
CA ALA H 184 -34.03 64.73 -15.11
C ALA H 184 -34.43 63.27 -14.95
N LYS H 185 -34.27 62.75 -13.74
CA LYS H 185 -34.61 61.36 -13.47
C LYS H 185 -36.12 61.15 -13.54
N THR H 186 -36.53 59.97 -13.99
CA THR H 186 -37.93 59.65 -14.18
C THR H 186 -38.50 58.99 -12.93
N ALA H 187 -39.78 58.63 -12.99
CA ALA H 187 -40.43 57.94 -11.88
C ALA H 187 -41.53 57.03 -12.42
N ILE H 188 -42.03 56.16 -11.55
CA ILE H 188 -43.17 55.30 -11.86
C ILE H 188 -44.25 55.58 -10.82
N ILE H 189 -45.46 55.87 -11.29
CA ILE H 189 -46.55 56.27 -10.41
C ILE H 189 -47.77 55.39 -10.68
N ILE H 190 -48.61 55.29 -9.67
CA ILE H 190 -49.87 54.56 -9.72
C ILE H 190 -50.94 55.37 -8.99
N HIS H 191 -52.05 55.63 -9.66
CA HIS H 191 -53.15 56.41 -9.10
C HIS H 191 -54.13 55.49 -8.38
N GLU H 192 -55.27 56.03 -8.00
CA GLU H 192 -56.32 55.26 -7.33
C GLU H 192 -57.27 54.57 -8.31
N LYS H 193 -57.15 54.85 -9.61
CA LYS H 193 -58.00 54.27 -10.63
C LYS H 193 -57.15 53.47 -11.62
N ALA H 194 -57.81 52.98 -12.67
CA ALA H 194 -57.17 52.11 -13.65
C ALA H 194 -56.49 52.95 -14.74
N ASP H 195 -56.00 52.28 -15.78
CA ASP H 195 -55.31 52.92 -16.89
C ASP H 195 -56.23 52.91 -18.11
N ASN H 196 -56.64 54.10 -18.55
CA ASN H 196 -57.51 54.24 -19.71
C ASN H 196 -56.70 54.47 -21.00
N PHE H 197 -55.92 55.55 -21.02
CA PHE H 197 -55.06 55.96 -22.14
C PHE H 197 -55.85 56.13 -23.43
N ALA H 198 -56.82 57.06 -23.35
CA ALA H 198 -57.72 57.44 -24.46
C ALA H 198 -58.47 56.24 -25.03
N ASN H 199 -59.26 55.61 -24.15
CA ASN H 199 -60.06 54.43 -24.52
C ASN H 199 -61.52 54.81 -24.76
N ILE H 200 -61.77 55.99 -25.29
CA ILE H 200 -63.12 56.47 -25.57
C ILE H 200 -63.38 56.32 -27.06
N PRO H 201 -64.35 55.49 -27.48
CA PRO H 201 -64.63 55.35 -28.90
C PRO H 201 -65.44 56.52 -29.42
N PRO H 202 -65.12 57.03 -30.60
CA PRO H 202 -65.83 58.21 -31.13
C PRO H 202 -67.11 57.89 -31.88
N GLU H 203 -67.57 56.63 -31.87
CA GLU H 203 -68.77 56.24 -32.60
C GLU H 203 -70.03 56.28 -31.74
N ARG H 204 -69.89 56.24 -30.41
CA ARG H 204 -71.05 56.25 -29.53
C ARG H 204 -70.94 57.32 -28.46
N TYR H 205 -69.71 57.66 -28.07
CA TYR H 205 -69.51 58.63 -27.00
C TYR H 205 -69.59 60.05 -27.54
N GLN H 206 -69.48 61.01 -26.62
CA GLN H 206 -69.52 62.43 -26.97
C GLN H 206 -68.77 63.22 -25.90
N GLN H 207 -68.32 64.40 -26.29
CA GLN H 207 -67.61 65.29 -25.38
C GLN H 207 -68.56 66.37 -24.85
N VAL H 208 -68.04 67.17 -23.91
CA VAL H 208 -68.83 68.25 -23.35
C VAL H 208 -68.97 69.39 -24.35
N ASN H 209 -68.01 69.54 -25.26
CA ASN H 209 -68.08 70.53 -26.33
C ASN H 209 -68.64 69.94 -27.62
N GLY H 210 -69.21 68.73 -27.56
CA GLY H 210 -69.74 68.08 -28.73
C GLY H 210 -68.72 67.46 -29.65
N ALA H 211 -67.47 67.36 -29.22
CA ALA H 211 -66.41 66.82 -30.06
C ALA H 211 -66.49 65.30 -30.12
N PRO H 212 -66.15 64.70 -31.26
CA PRO H 212 -66.15 63.23 -31.35
C PRO H 212 -64.91 62.62 -30.72
N GLY H 213 -63.77 63.31 -30.83
CA GLY H 213 -62.52 62.79 -30.33
C GLY H 213 -62.35 63.02 -28.84
N PRO H 214 -61.23 62.54 -28.32
CA PRO H 214 -60.98 62.68 -26.88
C PRO H 214 -60.22 63.95 -26.53
N ASP H 215 -59.97 64.17 -25.25
CA ASP H 215 -59.26 65.35 -24.79
C ASP H 215 -57.75 65.14 -24.89
N GLN H 216 -57.02 66.26 -24.87
CA GLN H 216 -55.56 66.19 -24.93
C GLN H 216 -54.95 65.73 -23.61
N THR H 217 -55.62 66.03 -22.48
CA THR H 217 -55.17 65.53 -21.19
C THR H 217 -55.35 64.02 -21.08
N THR H 218 -56.41 63.48 -21.71
CA THR H 218 -56.58 62.04 -21.79
C THR H 218 -55.70 61.40 -22.84
N MET H 219 -55.13 62.20 -23.75
CA MET H 219 -54.17 61.68 -24.71
C MET H 219 -52.75 61.68 -24.17
N ALA H 220 -52.44 62.60 -23.25
CA ALA H 220 -51.11 62.63 -22.64
C ALA H 220 -50.94 61.48 -21.65
N THR H 221 -51.89 61.32 -20.74
CA THR H 221 -51.88 60.24 -19.76
C THR H 221 -53.28 59.66 -19.66
N GLY H 222 -53.39 58.55 -18.94
CA GLY H 222 -54.67 57.87 -18.82
C GLY H 222 -55.64 58.61 -17.92
N ASP H 223 -56.91 58.22 -18.03
CA ASP H 223 -57.98 58.80 -17.23
C ASP H 223 -58.03 58.07 -15.89
N ALA H 224 -57.57 58.74 -14.83
CA ALA H 224 -57.56 58.17 -13.49
C ALA H 224 -57.76 59.29 -12.48
N GLY H 225 -57.58 58.96 -11.21
CA GLY H 225 -57.68 59.95 -10.16
C GLY H 225 -56.35 60.61 -9.85
N SER H 226 -56.12 60.93 -8.59
CA SER H 226 -54.83 61.49 -8.18
C SER H 226 -53.82 60.37 -7.96
N ARG H 227 -52.56 60.67 -8.23
CA ARG H 227 -51.50 59.68 -8.11
C ARG H 227 -51.23 59.38 -6.64
N VAL H 228 -51.47 58.13 -6.24
CA VAL H 228 -51.30 57.73 -4.85
C VAL H 228 -49.87 57.32 -4.55
N ALA H 229 -49.31 56.42 -5.36
CA ALA H 229 -47.95 55.94 -5.16
C ALA H 229 -47.04 56.46 -6.26
N CYS H 230 -45.79 56.72 -5.90
CA CYS H 230 -44.80 57.21 -6.86
C CYS H 230 -43.41 56.87 -6.35
N GLY H 231 -42.55 56.44 -7.26
CA GLY H 231 -41.19 56.09 -6.91
C GLY H 231 -40.19 56.41 -7.98
N VAL H 232 -39.07 57.03 -7.59
CA VAL H 232 -38.02 57.36 -8.55
C VAL H 232 -37.30 56.08 -8.97
N ILE H 233 -36.97 55.99 -10.26
CA ILE H 233 -36.42 54.77 -10.84
C ILE H 233 -34.89 54.83 -10.82
N SER H 234 -34.33 55.75 -10.05
CA SER H 234 -32.87 55.88 -9.93
C SER H 234 -32.37 55.00 -8.78
N ALA H 235 -32.52 53.69 -8.98
CA ALA H 235 -32.10 52.64 -8.04
C ALA H 235 -32.74 52.80 -6.66
N GLY H 236 -34.04 53.09 -6.66
CA GLY H 236 -34.77 53.30 -5.42
C GLY H 236 -35.12 52.01 -4.70
N CYS I 24 -28.85 -5.50 43.09
CA CYS I 24 -29.07 -4.27 43.84
C CYS I 24 -30.02 -3.36 43.09
N SER I 25 -30.11 -3.57 41.78
CA SER I 25 -30.97 -2.77 40.92
C SER I 25 -32.42 -3.19 40.98
N ALA I 26 -32.74 -4.26 41.73
CA ALA I 26 -34.08 -4.85 41.70
C ALA I 26 -35.15 -3.92 42.24
N GLY I 27 -35.15 -3.65 43.55
CA GLY I 27 -36.27 -2.90 44.06
C GLY I 27 -36.17 -1.42 44.37
N GLN I 28 -35.34 -1.04 45.35
CA GLN I 28 -35.70 0.06 46.24
C GLN I 28 -35.64 1.42 45.56
N ILE I 29 -34.57 1.71 44.84
CA ILE I 29 -34.60 2.83 43.92
C ILE I 29 -34.53 2.23 42.52
N SER I 30 -35.69 2.00 41.94
CA SER I 30 -35.77 1.33 40.65
C SER I 30 -35.63 2.35 39.53
N GLN I 31 -35.09 1.89 38.40
CA GLN I 31 -34.99 2.72 37.20
C GLN I 31 -36.22 2.62 36.31
N THR I 32 -37.33 2.10 36.84
CA THR I 32 -38.59 1.99 36.09
C THR I 32 -39.75 2.73 36.74
N THR I 33 -39.96 2.54 38.04
CA THR I 33 -41.07 3.20 38.70
C THR I 33 -40.70 4.60 39.20
N THR I 34 -39.43 4.94 39.23
CA THR I 34 -39.01 6.32 39.45
C THR I 34 -38.79 7.03 38.11
N GLN I 35 -39.79 6.95 37.24
CA GLN I 35 -39.68 7.50 35.89
C GLN I 35 -40.84 8.42 35.60
N GLU I 36 -40.69 9.13 34.50
CA GLU I 36 -41.64 10.01 33.85
C GLU I 36 -42.12 9.35 32.55
N PRO I 37 -43.36 9.60 32.12
CA PRO I 37 -43.79 9.07 30.83
C PRO I 37 -43.16 9.86 29.69
N ALA I 38 -42.85 9.15 28.60
CA ALA I 38 -42.25 9.78 27.42
C ALA I 38 -43.34 10.56 26.69
N VAL I 39 -43.64 11.75 27.22
CA VAL I 39 -44.69 12.61 26.70
C VAL I 39 -44.27 14.04 26.99
N ASN I 40 -44.93 15.01 26.35
CA ASN I 40 -44.45 16.38 26.33
C ASN I 40 -44.78 17.14 27.62
N GLY I 41 -46.07 17.19 27.98
CA GLY I 41 -46.50 18.04 29.07
C GLY I 41 -46.05 17.56 30.42
N VAL I 42 -46.02 18.48 31.39
CA VAL I 42 -45.52 18.12 32.71
C VAL I 42 -46.64 17.46 33.49
N ASN I 43 -46.28 16.85 34.62
CA ASN I 43 -47.23 16.33 35.59
C ASN I 43 -47.24 17.25 36.81
N ALA I 44 -48.26 17.08 37.65
CA ALA I 44 -48.33 17.82 38.91
C ALA I 44 -49.14 16.99 39.90
N GLN I 45 -48.45 16.32 40.82
CA GLN I 45 -49.12 15.52 41.84
C GLN I 45 -49.71 16.36 42.96
N ALA I 46 -49.26 17.59 43.12
CA ALA I 46 -49.58 18.39 44.29
C ALA I 46 -50.93 19.09 44.13
N GLY I 47 -51.51 19.47 45.26
CA GLY I 47 -52.79 20.14 45.30
C GLY I 47 -53.99 19.24 45.26
N GLN I 48 -53.82 17.93 45.51
CA GLN I 48 -54.83 16.87 45.63
C GLN I 48 -55.52 16.56 44.29
N VAL I 49 -55.26 17.34 43.25
CA VAL I 49 -55.72 17.03 41.91
C VAL I 49 -54.56 16.41 41.15
N SER I 50 -54.74 15.16 40.75
CA SER I 50 -53.77 14.46 39.94
C SER I 50 -53.78 15.05 38.53
N LEU I 51 -52.77 15.85 38.22
CA LEU I 51 -52.72 16.72 37.05
C LEU I 51 -51.61 16.22 36.13
N ARG I 52 -51.98 15.49 35.08
CA ARG I 52 -50.99 14.85 34.21
C ARG I 52 -51.09 15.38 32.78
N ASN I 53 -49.92 15.40 32.13
CA ASN I 53 -49.70 15.82 30.75
C ASN I 53 -50.37 17.16 30.44
N VAL I 54 -49.92 18.19 31.14
CA VAL I 54 -50.34 19.53 30.80
C VAL I 54 -49.30 20.14 29.86
N HIS I 55 -49.78 20.59 28.69
CA HIS I 55 -48.94 21.18 27.66
C HIS I 55 -49.72 22.30 26.99
N LEU I 56 -49.04 23.04 26.12
CA LEU I 56 -49.67 24.08 25.31
C LEU I 56 -49.58 23.67 23.85
N ARG I 57 -50.72 23.34 23.25
CA ARG I 57 -50.77 23.19 21.80
C ARG I 57 -50.71 24.58 21.18
N ALA I 58 -49.62 24.83 20.45
CA ALA I 58 -49.33 26.13 19.84
C ALA I 58 -48.62 25.89 18.53
N PRO I 59 -49.32 26.04 17.39
CA PRO I 59 -48.64 26.01 16.09
C PRO I 59 -47.68 27.18 15.95
N GLN I 60 -46.40 26.88 15.91
CA GLN I 60 -45.33 27.85 16.11
C GLN I 60 -44.81 28.27 14.75
N GLN I 61 -45.16 29.49 14.33
CA GLN I 61 -45.00 29.93 12.95
C GLN I 61 -43.67 30.63 12.70
N THR I 62 -43.12 31.31 13.69
CA THR I 62 -41.99 32.22 13.55
C THR I 62 -41.04 31.88 14.69
N ASP I 63 -40.19 32.83 15.07
CA ASP I 63 -39.35 32.69 16.25
C ASP I 63 -40.20 32.44 17.48
N TYR I 64 -40.96 33.44 17.85
CA TYR I 64 -41.99 33.35 18.88
C TYR I 64 -43.35 33.30 18.21
N VAL I 65 -44.31 32.77 18.94
CA VAL I 65 -45.70 32.96 18.56
C VAL I 65 -46.11 34.34 19.06
N GLU I 66 -46.62 35.17 18.14
CA GLU I 66 -46.87 36.58 18.42
C GLU I 66 -48.00 36.74 19.44
N PRO I 67 -48.01 37.86 20.17
CA PRO I 67 -49.12 38.12 21.10
C PRO I 67 -50.45 38.27 20.39
N GLY I 68 -51.52 37.93 21.11
CA GLY I 68 -52.84 37.93 20.56
C GLY I 68 -53.28 36.62 19.93
N THR I 69 -52.33 35.73 19.64
CA THR I 69 -52.66 34.43 19.05
C THR I 69 -53.25 33.51 20.11
N THR I 70 -54.37 32.86 19.78
CA THR I 70 -55.09 32.01 20.71
C THR I 70 -54.51 30.60 20.64
N VAL I 71 -53.84 30.16 21.71
CA VAL I 71 -53.26 28.82 21.72
C VAL I 71 -53.74 28.07 22.96
N GLU I 72 -53.87 26.75 22.85
CA GLU I 72 -54.76 26.02 23.75
C GLU I 72 -54.01 25.17 24.76
N LEU I 73 -54.44 25.24 26.02
CA LEU I 73 -53.82 24.53 27.13
C LEU I 73 -54.53 23.22 27.38
N LEU I 74 -53.76 22.14 27.54
CA LEU I 74 -54.32 20.79 27.64
C LEU I 74 -53.78 20.10 28.87
N PHE I 75 -54.64 19.35 29.55
CA PHE I 75 -54.26 18.50 30.66
C PHE I 75 -55.32 17.44 30.87
N VAL I 76 -55.11 16.59 31.87
CA VAL I 76 -56.21 15.90 32.54
C VAL I 76 -56.16 16.38 33.97
N ALA I 77 -57.27 16.26 34.67
CA ALA I 77 -57.30 16.57 36.10
C ALA I 77 -57.97 15.40 36.79
N ALA I 78 -57.19 14.38 37.11
CA ALA I 78 -57.70 13.22 37.82
C ALA I 78 -57.86 13.54 39.29
N ASN I 79 -58.83 12.89 39.92
CA ASN I 79 -59.17 13.17 41.31
C ASN I 79 -58.76 11.97 42.17
N ASP I 80 -58.20 12.26 43.34
CA ASP I 80 -57.74 11.24 44.27
C ASP I 80 -58.55 11.37 45.55
N SER I 81 -59.72 10.74 45.57
CA SER I 81 -60.64 10.83 46.70
C SER I 81 -60.65 9.54 47.51
N SER I 85 -64.42 15.35 46.45
CA SER I 85 -64.38 15.66 45.03
C SER I 85 -63.88 17.09 44.80
N ASN I 86 -62.79 17.22 44.05
CA ASN I 86 -62.22 18.53 43.71
C ASN I 86 -62.47 18.77 42.23
N LYS I 87 -63.27 19.79 41.92
CA LYS I 87 -63.83 19.97 40.59
C LYS I 87 -63.92 21.41 40.14
N LEU I 88 -63.42 22.38 40.91
CA LEU I 88 -63.91 23.75 40.79
C LEU I 88 -63.30 24.48 39.59
N LYS I 89 -61.96 24.46 39.47
CA LYS I 89 -61.20 25.14 38.41
C LYS I 89 -61.48 26.64 38.39
N SER I 90 -60.99 27.31 39.44
CA SER I 90 -61.34 28.70 39.72
C SER I 90 -60.94 29.67 38.61
N ILE I 91 -59.65 29.91 38.42
CA ILE I 91 -59.22 30.74 37.29
C ILE I 91 -58.12 30.06 36.48
N THR I 92 -57.08 29.55 37.17
CA THR I 92 -55.89 28.91 36.59
C THR I 92 -55.20 29.79 35.56
N SER I 93 -54.74 30.96 36.03
CA SER I 93 -54.15 31.96 35.16
C SER I 93 -52.90 32.54 35.78
N ASP I 94 -51.82 32.56 35.01
CA ASP I 94 -50.63 33.32 35.35
C ASP I 94 -50.37 34.43 34.33
N VAL I 95 -50.27 34.09 33.05
CA VAL I 95 -50.14 35.06 31.99
C VAL I 95 -50.87 34.52 30.76
N GLY I 96 -51.66 35.37 30.10
CA GLY I 96 -52.29 35.02 28.86
C GLY I 96 -53.81 34.92 28.85
N GLU I 97 -54.48 35.37 29.92
CA GLU I 97 -55.95 35.55 29.98
C GLU I 97 -56.69 34.24 29.69
N VAL I 98 -56.52 33.29 30.61
CA VAL I 98 -57.04 31.95 30.41
C VAL I 98 -58.55 31.96 30.55
N THR I 99 -59.25 31.50 29.51
CA THR I 99 -60.69 31.29 29.59
C THR I 99 -60.97 29.80 29.80
N LEU I 100 -62.22 29.51 30.16
CA LEU I 100 -62.61 28.15 30.52
C LEU I 100 -63.97 27.86 29.91
N THR I 101 -64.60 26.79 30.37
CA THR I 101 -65.92 26.37 29.93
C THR I 101 -66.69 25.86 31.14
N GLY I 102 -67.98 26.16 31.20
CA GLY I 102 -68.82 25.85 32.35
C GLY I 102 -69.05 24.38 32.62
N ASP I 103 -68.62 23.49 31.72
CA ASP I 103 -68.70 22.04 31.94
C ASP I 103 -67.43 21.55 32.64
N SER I 104 -67.15 22.17 33.80
CA SER I 104 -65.88 21.99 34.49
C SER I 104 -65.98 21.19 35.78
N THR I 105 -67.19 20.96 36.28
CA THR I 105 -67.37 20.25 37.55
C THR I 105 -67.49 18.75 37.35
N VAL I 106 -66.57 18.19 36.57
CA VAL I 106 -66.54 16.77 36.23
C VAL I 106 -65.93 15.85 37.31
N PRO I 107 -64.68 16.10 37.87
CA PRO I 107 -63.99 15.02 38.60
C PRO I 107 -64.62 14.73 39.96
N ALA I 108 -65.29 13.59 40.04
CA ALA I 108 -65.69 12.98 41.31
C ALA I 108 -65.06 11.59 41.31
N ASP I 109 -63.80 11.54 41.75
CA ASP I 109 -62.89 10.41 41.54
C ASP I 109 -62.87 10.02 40.06
N GLY I 110 -62.56 11.01 39.24
CA GLY I 110 -62.59 10.83 37.79
C GLY I 110 -61.69 11.83 37.08
N VAL I 111 -61.71 11.75 35.76
CA VAL I 111 -60.84 12.57 34.92
C VAL I 111 -61.54 13.88 34.58
N LEU I 112 -60.76 14.85 34.10
CA LEU I 112 -61.25 16.07 33.46
C LEU I 112 -60.43 16.21 32.18
N ILE I 113 -60.92 15.62 31.10
CA ILE I 113 -60.23 15.76 29.82
C ILE I 113 -60.60 17.11 29.22
N VAL I 114 -59.59 17.92 28.94
CA VAL I 114 -59.78 19.32 28.61
C VAL I 114 -60.32 19.47 27.19
N GLY I 115 -59.53 19.06 26.21
CA GLY I 115 -59.95 19.04 24.82
C GLY I 115 -59.20 17.89 24.18
N GLU I 116 -59.22 17.78 22.87
CA GLU I 116 -58.37 16.79 22.21
C GLU I 116 -56.93 17.30 22.17
N PRO I 117 -55.98 16.63 22.84
CA PRO I 117 -54.59 17.08 22.73
C PRO I 117 -54.00 16.88 21.34
N ASP I 118 -53.93 15.62 20.89
CA ASP I 118 -53.21 15.26 19.67
C ASP I 118 -53.78 13.94 19.18
N GLY I 119 -54.67 14.01 18.19
CA GLY I 119 -55.26 12.82 17.63
C GLY I 119 -56.26 12.11 18.52
N GLN I 120 -56.81 12.79 19.52
CA GLN I 120 -57.85 12.24 20.38
C GLN I 120 -59.18 12.37 19.65
N ILE I 121 -59.53 11.36 18.87
CA ILE I 121 -60.80 11.33 18.15
C ILE I 121 -61.82 10.55 18.97
N GLN I 122 -62.99 11.14 19.17
CA GLN I 122 -64.07 10.53 19.92
C GLN I 122 -65.41 11.19 19.59
N ALA I 132 -64.39 18.61 26.69
CA ALA I 132 -65.34 19.57 26.14
C ALA I 132 -65.14 20.94 26.78
N VAL I 133 -63.94 21.18 27.30
CA VAL I 133 -63.59 22.41 27.99
C VAL I 133 -62.49 23.07 27.19
N THR I 134 -62.84 24.05 26.35
CA THR I 134 -61.84 24.71 25.52
C THR I 134 -61.05 25.69 26.39
N ALA I 135 -60.01 25.18 27.05
CA ALA I 135 -59.09 26.00 27.82
C ALA I 135 -58.01 26.52 26.88
N GLU I 136 -57.88 27.86 26.81
CA GLU I 136 -57.02 28.47 25.82
C GLU I 136 -56.58 29.83 26.33
N VAL I 137 -55.44 30.31 25.82
CA VAL I 137 -54.83 31.54 26.28
C VAL I 137 -54.72 32.52 25.11
N GLU I 138 -54.92 33.80 25.43
CA GLU I 138 -54.68 34.94 24.56
C GLU I 138 -53.39 35.60 25.07
N LEU I 139 -52.28 35.38 24.33
CA LEU I 139 -50.94 35.38 24.89
C LEU I 139 -50.56 36.70 25.58
N THR I 140 -50.56 37.79 24.80
CA THR I 140 -50.07 39.12 25.23
C THR I 140 -48.62 39.07 25.73
N LYS I 141 -47.85 38.11 25.23
CA LYS I 141 -46.43 37.87 25.51
C LYS I 141 -45.91 36.88 24.47
N PRO I 142 -44.76 37.14 23.86
CA PRO I 142 -44.26 36.21 22.83
C PRO I 142 -43.73 34.92 23.44
N ILE I 143 -44.26 33.79 22.96
CA ILE I 143 -43.87 32.48 23.45
C ILE I 143 -43.35 31.64 22.29
N THR I 144 -42.36 30.81 22.57
CA THR I 144 -41.78 29.92 21.58
C THR I 144 -41.73 28.50 22.12
N ASN I 145 -41.48 27.56 21.21
CA ASN I 145 -41.39 26.17 21.60
C ASN I 145 -39.97 25.87 22.09
N GLY I 146 -39.88 24.93 23.02
CA GLY I 146 -38.66 24.63 23.69
C GLY I 146 -38.50 25.29 25.04
N LEU I 147 -39.30 26.31 25.34
CA LEU I 147 -39.25 26.97 26.63
C LEU I 147 -40.21 26.32 27.62
N LEU I 148 -40.15 26.80 28.86
CA LEU I 148 -41.09 26.42 29.91
C LEU I 148 -41.70 27.69 30.47
N TYR I 149 -43.02 27.71 30.61
CA TYR I 149 -43.74 28.90 31.06
C TYR I 149 -44.53 28.56 32.31
N ASP I 150 -44.38 29.39 33.34
CA ASP I 150 -45.00 29.14 34.63
C ASP I 150 -46.49 29.45 34.54
N PHE I 151 -47.32 28.41 34.56
CA PHE I 151 -48.75 28.58 34.77
C PHE I 151 -49.13 28.11 36.17
N THR I 152 -50.04 28.85 36.79
CA THR I 152 -50.47 28.57 38.16
C THR I 152 -51.90 28.05 38.12
N PHE I 153 -52.05 26.74 38.28
CA PHE I 153 -53.36 26.11 38.35
C PHE I 153 -53.88 26.18 39.78
N THR I 154 -54.98 26.91 39.97
CA THR I 154 -55.61 26.99 41.28
C THR I 154 -56.85 26.10 41.31
N PHE I 155 -57.08 25.49 42.48
CA PHE I 155 -58.19 24.57 42.67
C PHE I 155 -58.98 24.95 43.91
N GLU I 156 -59.90 24.09 44.33
CA GLU I 156 -60.53 24.25 45.63
C GLU I 156 -59.53 23.99 46.75
N ASP I 157 -58.59 23.07 46.53
CA ASP I 157 -57.63 22.69 47.57
C ASP I 157 -56.36 23.53 47.57
N GLY I 158 -55.90 23.98 46.40
CA GLY I 158 -54.70 24.78 46.37
C GLY I 158 -54.29 25.10 44.95
N GLU I 159 -53.10 25.67 44.81
CA GLU I 159 -52.56 26.03 43.51
C GLU I 159 -51.15 25.45 43.34
N THR I 160 -50.81 25.14 42.10
CA THR I 160 -49.50 24.62 41.73
C THR I 160 -48.96 25.37 40.52
N THR I 161 -47.67 25.70 40.57
CA THR I 161 -46.96 26.21 39.41
C THR I 161 -46.27 25.04 38.72
N VAL I 162 -46.45 24.94 37.41
CA VAL I 162 -46.11 23.70 36.71
C VAL I 162 -44.96 23.85 35.72
N ALA I 163 -44.67 25.06 35.24
CA ALA I 163 -43.69 25.33 34.18
C ALA I 163 -44.02 24.50 32.92
N VAL I 164 -45.15 24.85 32.32
CA VAL I 164 -45.77 24.08 31.25
C VAL I 164 -44.94 24.22 29.97
N PRO I 165 -44.84 23.19 29.13
CA PRO I 165 -44.12 23.33 27.87
C PRO I 165 -45.05 23.67 26.70
N ILE I 166 -44.42 23.96 25.58
CA ILE I 166 -45.09 24.02 24.28
C ILE I 166 -44.96 22.64 23.64
N SER I 167 -46.05 22.14 23.08
CA SER I 167 -46.06 20.81 22.50
C SER I 167 -46.76 20.82 21.15
N ALA I 168 -46.57 19.73 20.43
CA ALA I 168 -47.29 19.44 19.19
C ALA I 168 -47.13 17.96 18.88
N GLY I 169 -48.24 17.26 18.67
CA GLY I 169 -48.23 15.96 18.06
C GLY I 169 -48.72 16.14 16.64
N GLU I 170 -48.19 17.18 16.01
CA GLU I 170 -48.70 17.78 14.79
C GLU I 170 -48.29 16.90 13.61
N GLN I 171 -48.62 17.34 12.39
CA GLN I 171 -47.99 16.87 11.17
C GLN I 171 -46.46 17.10 11.24
N PRO I 172 -45.67 16.41 10.35
CA PRO I 172 -44.21 16.68 10.33
C PRO I 172 -43.85 18.11 9.98
N ARG I 173 -42.56 18.42 10.06
CA ARG I 173 -42.09 19.81 10.05
C ARG I 173 -42.46 20.51 8.75
N ARG I 174 -42.77 21.79 8.87
CA ARG I 174 -43.07 22.59 7.69
C ARG I 174 -41.82 22.70 6.83
N PRO I 175 -41.96 22.65 5.50
CA PRO I 175 -40.79 22.43 4.63
C PRO I 175 -39.82 23.60 4.67
N VAL I 176 -38.61 23.31 5.12
CA VAL I 176 -37.55 24.34 5.14
C VAL I 176 -37.15 24.65 3.70
N PRO I 177 -36.82 25.89 3.38
CA PRO I 177 -36.31 26.20 2.04
C PRO I 177 -34.93 25.63 1.86
N PRO I 178 -34.72 24.82 0.81
CA PRO I 178 -33.39 24.24 0.58
C PRO I 178 -32.39 25.32 0.19
N ALA I 179 -31.25 25.33 0.87
CA ALA I 179 -30.30 26.42 0.73
C ALA I 179 -29.54 26.32 -0.58
N GLY I 180 -29.31 27.47 -1.20
CA GLY I 180 -28.46 27.56 -2.36
C GLY I 180 -27.01 27.34 -1.95
N PRO I 181 -26.30 26.51 -2.70
CA PRO I 181 -24.90 26.21 -2.33
C PRO I 181 -23.99 27.40 -2.58
N GLY I 182 -23.16 27.70 -1.58
CA GLY I 182 -22.24 28.83 -1.67
C GLY I 182 -22.53 29.92 -0.67
N ASP J 4 14.73 -43.96 -15.34
CA ASP J 4 14.87 -42.52 -15.58
C ASP J 4 14.22 -41.72 -14.46
N PHE J 5 13.98 -42.37 -13.32
CA PHE J 5 13.42 -41.71 -12.15
C PHE J 5 14.33 -41.76 -10.94
N ALA J 6 15.13 -42.82 -10.79
CA ALA J 6 16.18 -42.86 -9.78
C ALA J 6 17.54 -42.54 -10.35
N LYS J 7 17.77 -42.84 -11.63
CA LYS J 7 19.03 -42.48 -12.27
C LYS J 7 19.13 -40.97 -12.45
N LEU J 8 18.04 -40.32 -12.82
CA LEU J 8 18.07 -38.86 -12.94
C LEU J 8 18.14 -38.20 -11.59
N ALA J 9 17.58 -38.84 -10.55
CA ALA J 9 17.73 -38.33 -9.20
C ALA J 9 19.18 -38.43 -8.74
N ALA J 10 19.86 -39.53 -9.09
CA ALA J 10 21.27 -39.66 -8.75
C ALA J 10 22.14 -38.69 -9.54
N ALA J 11 21.78 -38.46 -10.81
CA ALA J 11 22.54 -37.52 -11.63
C ALA J 11 22.38 -36.09 -11.15
N GLN J 12 21.16 -35.69 -10.82
CA GLN J 12 20.96 -34.33 -10.31
C GLN J 12 21.50 -34.18 -8.89
N GLY J 13 21.52 -35.26 -8.10
CA GLY J 13 22.14 -35.19 -6.80
C GLY J 13 23.65 -35.06 -6.88
N ASP J 14 24.27 -35.76 -7.82
CA ASP J 14 25.71 -35.57 -8.02
C ASP J 14 26.00 -34.22 -8.65
N ALA J 15 25.05 -33.66 -9.40
CA ALA J 15 25.20 -32.30 -9.88
C ALA J 15 25.16 -31.29 -8.74
N ILE J 16 24.23 -31.47 -7.79
CA ILE J 16 24.14 -30.57 -6.64
C ILE J 16 25.38 -30.71 -5.77
N ASP J 17 25.88 -31.94 -5.60
CA ASP J 17 27.10 -32.14 -4.85
C ASP J 17 28.34 -31.72 -5.64
N SER J 18 28.22 -31.52 -6.95
CA SER J 18 29.35 -31.04 -7.74
C SER J 18 29.44 -29.52 -7.69
N ARG J 19 28.31 -28.84 -7.86
CA ARG J 19 28.28 -27.39 -7.85
C ARG J 19 28.65 -26.85 -6.48
N TYR J 20 27.92 -27.28 -5.48
CA TYR J 20 28.09 -26.86 -4.10
C TYR J 20 28.81 -27.99 -3.40
N HIS J 21 28.95 -27.89 -2.09
CA HIS J 21 29.36 -29.04 -1.28
C HIS J 21 28.44 -29.21 -0.08
N PRO J 22 27.13 -29.42 -0.32
CA PRO J 22 26.15 -29.20 0.75
C PRO J 22 26.04 -30.33 1.74
N SER J 23 26.48 -31.55 1.38
CA SER J 23 26.03 -32.76 2.06
C SER J 23 26.48 -32.84 3.50
N ALA J 24 27.60 -32.18 3.86
CA ALA J 24 27.95 -32.04 5.26
C ALA J 24 26.86 -31.26 6.01
N ALA J 25 26.66 -30.00 5.62
CA ALA J 25 25.66 -29.13 6.23
C ALA J 25 24.24 -29.43 5.79
N VAL J 26 23.99 -30.56 5.14
CA VAL J 26 22.65 -31.12 5.03
C VAL J 26 22.47 -32.29 5.99
N ARG J 27 23.52 -33.11 6.14
CA ARG J 27 23.46 -34.20 7.10
C ARG J 27 23.42 -33.69 8.54
N ARG J 28 24.07 -32.55 8.80
CA ARG J 28 23.93 -31.91 10.11
C ARG J 28 22.50 -31.47 10.38
N GLN J 29 21.74 -31.18 9.33
CA GLN J 29 20.38 -30.67 9.46
C GLN J 29 19.38 -31.81 9.60
N LEU J 30 19.44 -32.80 8.72
CA LEU J 30 18.46 -33.87 8.74
C LEU J 30 18.90 -35.06 9.60
N ASN J 31 19.88 -34.87 10.47
CA ASN J 31 20.05 -35.70 11.65
C ASN J 31 19.78 -34.95 12.94
N LYS J 32 19.30 -33.71 12.85
CA LYS J 32 18.97 -32.98 14.06
C LYS J 32 17.72 -33.56 14.70
N VAL J 33 17.75 -33.71 16.01
CA VAL J 33 16.70 -34.37 16.75
C VAL J 33 15.78 -33.33 17.37
N PHE J 34 14.50 -33.44 17.09
CA PHE J 34 13.55 -32.69 17.89
C PHE J 34 12.76 -33.62 18.79
N PRO J 35 12.53 -33.23 20.03
CA PRO J 35 11.76 -34.08 20.93
C PRO J 35 10.28 -34.07 20.57
N THR J 36 9.60 -35.19 20.88
CA THR J 36 8.26 -35.44 20.40
C THR J 36 7.19 -35.12 21.43
N HIS J 37 7.46 -34.23 22.37
CA HIS J 37 6.40 -33.82 23.26
C HIS J 37 5.43 -32.92 22.51
N TRP J 38 4.16 -32.99 22.90
CA TRP J 38 3.09 -32.39 22.10
C TRP J 38 3.14 -30.87 22.17
N SER J 39 3.50 -30.34 23.33
CA SER J 39 3.56 -28.90 23.55
C SER J 39 4.64 -28.24 22.71
N PHE J 40 5.63 -29.01 22.29
CA PHE J 40 6.67 -28.53 21.39
C PHE J 40 6.17 -28.36 19.96
N LEU J 41 4.89 -28.63 19.69
CA LEU J 41 4.29 -28.24 18.42
C LEU J 41 3.54 -26.92 18.51
N LEU J 42 3.31 -26.39 19.72
CA LEU J 42 2.39 -25.27 19.91
C LEU J 42 2.85 -24.02 19.20
N GLY J 43 4.12 -23.66 19.38
CA GLY J 43 4.69 -22.52 18.68
C GLY J 43 4.75 -22.69 17.19
N GLU J 44 4.75 -23.95 16.72
CA GLU J 44 4.67 -24.18 15.29
C GLU J 44 3.36 -23.67 14.71
N ILE J 45 2.28 -23.69 15.50
CA ILE J 45 1.03 -23.09 15.07
C ILE J 45 1.22 -21.61 14.80
N ALA J 46 1.96 -20.93 15.68
CA ALA J 46 2.29 -19.53 15.48
C ALA J 46 3.17 -19.32 14.26
N LEU J 47 3.92 -20.35 13.86
CA LEU J 47 4.55 -20.30 12.55
C LEU J 47 3.56 -20.66 11.46
N TYR J 48 2.79 -21.74 11.67
CA TYR J 48 2.08 -22.36 10.57
C TYR J 48 0.85 -21.59 10.16
N SER J 49 0.31 -20.75 11.03
CA SER J 49 -0.71 -19.82 10.62
C SER J 49 -0.11 -18.57 10.00
N PHE J 50 1.10 -18.19 10.42
CA PHE J 50 1.73 -16.97 9.94
C PHE J 50 2.03 -17.04 8.45
N ILE J 51 2.47 -18.20 7.97
CA ILE J 51 2.64 -18.42 6.54
C ILE J 51 1.32 -18.27 5.82
N ILE J 52 0.23 -18.72 6.45
CA ILE J 52 -1.12 -18.49 5.93
C ILE J 52 -1.39 -17.00 5.85
N LEU J 53 -0.95 -16.25 6.87
CA LEU J 53 -1.10 -14.81 6.87
C LEU J 53 -0.29 -14.14 5.77
N LEU J 54 0.74 -14.78 5.26
CA LEU J 54 1.33 -14.26 4.03
C LEU J 54 0.56 -14.74 2.82
N LEU J 55 0.22 -16.04 2.77
CA LEU J 55 -0.33 -16.62 1.55
C LEU J 55 -1.74 -16.13 1.28
N THR J 56 -2.48 -15.78 2.32
CA THR J 56 -3.70 -15.01 2.12
C THR J 56 -3.36 -13.54 1.93
N GLY J 57 -2.45 -13.03 2.75
CA GLY J 57 -2.31 -11.59 2.90
C GLY J 57 -1.76 -10.90 1.67
N VAL J 58 -0.78 -11.56 1.00
CA VAL J 58 -0.31 -11.12 -0.32
C VAL J 58 -1.47 -11.01 -1.29
N TRP J 59 -2.35 -12.02 -1.29
CA TRP J 59 -3.56 -11.99 -2.11
C TRP J 59 -4.46 -10.81 -1.73
N LEU J 60 -4.50 -10.47 -0.46
CA LEU J 60 -5.31 -9.33 -0.06
C LEU J 60 -4.65 -8.00 -0.40
N THR J 61 -3.34 -8.00 -0.69
CA THR J 61 -2.71 -6.73 -1.02
C THR J 61 -3.07 -6.27 -2.43
N LEU J 62 -3.22 -7.19 -3.37
CA LEU J 62 -3.47 -6.84 -4.75
C LEU J 62 -4.95 -6.67 -5.07
N PHE J 63 -5.78 -6.46 -4.05
CA PHE J 63 -7.13 -5.96 -4.25
C PHE J 63 -7.50 -4.80 -3.34
N PHE J 64 -6.78 -4.60 -2.24
CA PHE J 64 -7.13 -3.56 -1.28
C PHE J 64 -6.54 -2.23 -1.74
N ASP J 65 -7.34 -1.18 -1.69
CA ASP J 65 -6.94 0.19 -2.05
C ASP J 65 -7.11 1.05 -0.83
N PRO J 66 -6.05 1.38 -0.10
CA PRO J 66 -6.20 2.28 1.04
C PRO J 66 -6.33 3.71 0.58
N SER J 67 -7.22 4.44 1.23
CA SER J 67 -7.41 5.87 1.02
C SER J 67 -8.28 6.39 2.13
N MET J 68 -8.52 7.69 2.11
CA MET J 68 -9.65 8.27 2.80
C MET J 68 -10.42 9.20 1.87
N ALA J 69 -10.16 9.11 0.56
CA ALA J 69 -10.95 9.86 -0.41
C ALA J 69 -12.35 9.30 -0.47
N HIS J 70 -13.34 10.17 -0.30
CA HIS J 70 -14.68 9.76 0.03
C HIS J 70 -15.46 9.47 -1.25
N VAL J 71 -15.80 8.20 -1.44
CA VAL J 71 -16.41 7.68 -2.64
C VAL J 71 -17.79 7.17 -2.27
N THR J 72 -18.77 7.39 -3.16
CA THR J 72 -20.04 6.70 -3.08
C THR J 72 -19.87 5.31 -3.68
N TYR J 73 -20.60 4.34 -3.11
CA TYR J 73 -20.31 2.93 -3.34
C TYR J 73 -20.55 2.49 -4.77
N ASP J 74 -21.81 2.54 -5.22
CA ASP J 74 -22.23 2.29 -6.60
C ASP J 74 -21.76 0.92 -7.10
N GLY J 75 -21.88 -0.08 -6.24
CA GLY J 75 -21.43 -1.40 -6.56
C GLY J 75 -22.56 -2.40 -6.52
N VAL J 76 -22.42 -3.45 -5.70
CA VAL J 76 -23.40 -4.52 -5.65
C VAL J 76 -24.13 -4.57 -4.32
N TYR J 77 -23.44 -4.24 -3.23
CA TYR J 77 -24.01 -4.39 -1.88
C TYR J 77 -25.09 -3.34 -1.65
N GLN J 78 -26.33 -3.80 -1.52
CA GLN J 78 -27.49 -2.90 -1.50
C GLN J 78 -27.64 -2.02 -0.26
N PRO J 79 -27.43 -2.49 0.99
CA PRO J 79 -27.55 -1.55 2.12
C PRO J 79 -26.45 -0.51 2.23
N LEU J 80 -25.49 -0.46 1.33
CA LEU J 80 -24.52 0.62 1.26
C LEU J 80 -24.49 1.08 -0.19
N ARG J 81 -25.40 1.98 -0.56
CA ARG J 81 -25.40 2.53 -1.91
C ARG J 81 -25.63 4.02 -1.83
N GLY J 82 -24.72 4.78 -2.44
CA GLY J 82 -24.78 6.22 -2.33
C GLY J 82 -24.31 6.76 -1.01
N VAL J 83 -23.76 5.92 -0.15
CA VAL J 83 -23.28 6.33 1.16
C VAL J 83 -21.80 6.67 1.06
N GLN J 84 -21.40 7.75 1.73
CA GLN J 84 -20.00 8.17 1.72
C GLN J 84 -19.15 7.14 2.44
N MET J 85 -18.09 6.66 1.78
CA MET J 85 -17.19 5.74 2.42
C MET J 85 -15.77 6.02 1.97
N SER J 86 -14.82 5.74 2.85
CA SER J 86 -13.43 5.77 2.45
C SER J 86 -13.17 4.65 1.47
N ARG J 87 -12.20 4.86 0.59
CA ARG J 87 -11.94 3.89 -0.46
C ARG J 87 -11.28 2.64 0.08
N ALA J 88 -10.68 2.72 1.28
CA ALA J 88 -10.26 1.51 2.00
C ALA J 88 -11.46 0.62 2.26
N TYR J 89 -12.53 1.20 2.80
CA TYR J 89 -13.74 0.44 3.05
C TYR J 89 -14.43 0.03 1.76
N GLU J 90 -14.33 0.84 0.71
CA GLU J 90 -14.99 0.49 -0.55
C GLU J 90 -14.31 -0.69 -1.23
N THR J 91 -12.99 -0.70 -1.28
CA THR J 91 -12.34 -1.86 -1.87
C THR J 91 -12.23 -3.04 -0.92
N ALA J 92 -12.41 -2.84 0.38
CA ALA J 92 -12.59 -4.00 1.25
C ALA J 92 -13.96 -4.63 1.05
N LEU J 93 -14.98 -3.81 0.80
CA LEU J 93 -16.26 -4.32 0.32
C LEU J 93 -16.12 -5.02 -1.03
N ASP J 94 -15.23 -4.52 -1.89
CA ASP J 94 -14.98 -5.19 -3.16
C ASP J 94 -14.26 -6.52 -2.98
N ILE J 95 -13.38 -6.63 -1.99
CA ILE J 95 -12.80 -7.93 -1.65
C ILE J 95 -13.88 -8.86 -1.13
N SER J 96 -14.83 -8.32 -0.37
CA SER J 96 -15.88 -9.15 0.21
C SER J 96 -16.86 -9.65 -0.85
N PHE J 97 -17.23 -8.82 -1.82
CA PHE J 97 -18.35 -9.15 -2.68
C PHE J 97 -18.06 -9.25 -4.16
N GLU J 98 -17.03 -8.58 -4.68
CA GLU J 98 -16.80 -8.65 -6.12
C GLU J 98 -16.05 -9.92 -6.49
N VAL J 99 -14.88 -10.12 -5.90
CA VAL J 99 -13.93 -11.11 -6.39
C VAL J 99 -14.33 -12.52 -5.96
N ARG J 100 -14.10 -13.48 -6.85
CA ARG J 100 -14.49 -14.86 -6.65
C ARG J 100 -13.65 -15.48 -5.53
N GLY J 101 -14.31 -15.91 -4.47
CA GLY J 101 -13.62 -16.45 -3.32
C GLY J 101 -12.83 -15.39 -2.59
N GLY J 102 -13.41 -14.20 -2.43
CA GLY J 102 -12.68 -13.12 -1.83
C GLY J 102 -12.98 -12.96 -0.36
N LEU J 103 -14.27 -13.07 -0.05
CA LEU J 103 -14.70 -13.07 1.34
C LEU J 103 -14.10 -14.24 2.10
N PHE J 104 -13.96 -15.39 1.44
CA PHE J 104 -13.32 -16.51 2.10
C PHE J 104 -11.84 -16.24 2.37
N VAL J 105 -11.12 -15.64 1.43
CA VAL J 105 -9.68 -15.45 1.66
C VAL J 105 -9.47 -14.39 2.72
N ARG J 106 -10.28 -13.32 2.72
CA ARG J 106 -10.10 -12.34 3.79
C ARG J 106 -10.59 -12.86 5.14
N GLN J 107 -11.59 -13.76 5.17
CA GLN J 107 -12.01 -14.34 6.44
C GLN J 107 -10.99 -15.31 6.98
N VAL J 108 -10.44 -16.19 6.13
CA VAL J 108 -9.40 -17.12 6.58
C VAL J 108 -8.13 -16.35 6.89
N HIS J 109 -7.98 -15.16 6.33
CA HIS J 109 -6.89 -14.29 6.75
C HIS J 109 -7.10 -13.75 8.15
N HIS J 110 -8.33 -13.33 8.47
CA HIS J 110 -8.59 -12.83 9.83
C HIS J 110 -8.53 -13.97 10.85
N TRP J 111 -9.01 -15.16 10.47
CA TRP J 111 -8.94 -16.31 11.37
C TRP J 111 -7.52 -16.80 11.54
N ALA J 112 -6.69 -16.68 10.50
CA ALA J 112 -5.29 -17.00 10.65
C ALA J 112 -4.61 -15.97 11.53
N ALA J 113 -5.07 -14.72 11.50
CA ALA J 113 -4.55 -13.73 12.43
C ALA J 113 -4.95 -14.05 13.86
N LEU J 114 -6.17 -14.56 14.06
CA LEU J 114 -6.58 -14.92 15.43
C LEU J 114 -5.83 -16.13 15.92
N MET J 115 -5.66 -17.16 15.08
CA MET J 115 -4.89 -18.34 15.48
C MET J 115 -3.44 -18.00 15.68
N PHE J 116 -2.92 -17.03 14.93
CA PHE J 116 -1.57 -16.53 15.13
C PHE J 116 -1.43 -15.88 16.48
N ALA J 117 -2.19 -14.82 16.75
CA ALA J 117 -2.04 -14.08 17.99
C ALA J 117 -2.59 -14.83 19.20
N ALA J 118 -3.28 -15.94 19.02
CA ALA J 118 -3.67 -16.80 20.13
C ALA J 118 -2.67 -17.91 20.37
N SER J 119 -2.08 -18.46 19.31
CA SER J 119 -1.07 -19.49 19.50
C SER J 119 0.23 -18.92 20.00
N ILE J 120 0.48 -17.63 19.72
CA ILE J 120 1.60 -16.95 20.37
C ILE J 120 1.39 -16.92 21.87
N MET J 121 0.16 -16.68 22.31
CA MET J 121 -0.12 -16.65 23.74
C MET J 121 -0.09 -18.04 24.36
N VAL J 122 -0.60 -19.05 23.63
CA VAL J 122 -0.53 -20.44 24.09
C VAL J 122 0.92 -20.89 24.18
N HIS J 123 1.74 -20.52 23.21
CA HIS J 123 3.13 -20.93 23.23
C HIS J 123 3.93 -20.18 24.26
N LEU J 124 3.55 -18.92 24.54
CA LEU J 124 4.17 -18.21 25.64
C LEU J 124 3.82 -18.86 26.96
N ALA J 125 2.60 -19.37 27.09
CA ALA J 125 2.24 -20.15 28.26
C ALA J 125 3.07 -21.43 28.35
N ARG J 126 3.33 -22.07 27.21
CA ARG J 126 4.16 -23.27 27.20
C ARG J 126 5.56 -22.99 27.72
N ILE J 127 6.26 -22.09 27.03
CA ILE J 127 7.64 -21.81 27.39
C ILE J 127 7.77 -21.04 28.67
N PHE J 128 6.69 -20.42 29.17
CA PHE J 128 6.76 -19.87 30.51
C PHE J 128 6.69 -21.02 31.50
N PHE J 129 5.53 -21.70 31.56
CA PHE J 129 5.27 -22.62 32.67
C PHE J 129 6.17 -23.83 32.64
N THR J 130 6.70 -24.20 31.48
CA THR J 130 7.67 -25.27 31.43
C THR J 130 9.09 -24.80 31.67
N GLY J 131 9.30 -23.49 31.78
CA GLY J 131 10.62 -22.97 32.09
C GLY J 131 11.58 -23.12 30.94
N ALA J 132 11.16 -22.68 29.75
CA ALA J 132 11.99 -22.76 28.56
C ALA J 132 12.65 -21.43 28.24
N PHE J 133 12.88 -20.61 29.26
CA PHE J 133 13.37 -19.27 29.04
C PHE J 133 14.59 -18.91 29.86
N ARG J 134 15.04 -19.75 30.76
CA ARG J 134 16.21 -19.41 31.57
C ARG J 134 17.47 -19.66 30.73
N ARG J 135 18.65 -19.63 31.39
CA ARG J 135 19.91 -19.05 30.92
C ARG J 135 20.25 -19.15 29.44
N PRO J 136 20.27 -20.31 28.76
CA PRO J 136 20.68 -20.28 27.34
C PRO J 136 19.66 -19.65 26.40
N ARG J 137 18.40 -19.54 26.78
CA ARG J 137 17.36 -19.14 25.83
C ARG J 137 16.64 -17.88 26.27
N GLU J 138 17.31 -17.00 27.02
CA GLU J 138 16.64 -15.80 27.48
C GLU J 138 16.54 -14.74 26.39
N ALA J 139 17.53 -14.67 25.49
CA ALA J 139 17.41 -13.80 24.34
C ALA J 139 16.34 -14.30 23.38
N ASN J 140 16.10 -15.62 23.38
CA ASN J 140 15.05 -16.17 22.56
C ASN J 140 13.68 -15.78 23.11
N TRP J 141 13.54 -15.77 24.45
CA TRP J 141 12.36 -15.20 25.08
C TRP J 141 12.19 -13.73 24.73
N VAL J 142 13.28 -12.96 24.70
CA VAL J 142 13.17 -11.53 24.45
C VAL J 142 12.71 -11.26 23.02
N ILE J 143 13.28 -11.95 22.04
CA ILE J 143 12.85 -11.71 20.67
C ILE J 143 11.48 -12.32 20.40
N GLY J 144 11.10 -13.38 21.12
CA GLY J 144 9.74 -13.87 20.99
C GLY J 144 8.73 -12.95 21.62
N SER J 145 9.08 -12.31 22.74
CA SER J 145 8.20 -11.33 23.36
C SER J 145 8.00 -10.13 22.48
N LEU J 146 9.09 -9.61 21.90
CA LEU J 146 8.99 -8.52 20.92
C LEU J 146 8.17 -8.93 19.71
N LEU J 147 8.26 -10.20 19.33
CA LEU J 147 7.47 -10.73 18.23
C LEU J 147 5.98 -10.77 18.59
N LEU J 148 5.65 -11.04 19.86
CA LEU J 148 4.27 -10.91 20.33
C LEU J 148 3.78 -9.47 20.28
N ILE J 149 4.65 -8.52 20.67
CA ILE J 149 4.26 -7.11 20.67
C ILE J 149 3.96 -6.66 19.24
N LEU J 150 4.83 -7.04 18.31
CA LEU J 150 4.65 -6.68 16.91
C LEU J 150 3.45 -7.40 16.31
N ALA J 151 3.17 -8.62 16.75
CA ALA J 151 1.97 -9.33 16.32
C ALA J 151 0.70 -8.61 16.76
N MET J 152 0.68 -8.15 18.01
CA MET J 152 -0.48 -7.48 18.56
C MET J 152 -0.73 -6.15 17.86
N PHE J 153 0.31 -5.31 17.78
CA PHE J 153 0.18 -4.01 17.14
C PHE J 153 -0.08 -4.12 15.65
N GLU J 154 0.45 -5.17 15.02
CA GLU J 154 0.29 -5.31 13.58
C GLU J 154 -1.08 -5.86 13.24
N GLY J 155 -1.63 -6.75 14.06
CA GLY J 155 -3.01 -7.14 13.86
C GLY J 155 -3.98 -6.00 14.11
N PHE J 156 -3.69 -5.16 15.11
CA PHE J 156 -4.50 -3.96 15.32
C PHE J 156 -4.43 -3.00 14.16
N PHE J 157 -3.27 -2.91 13.51
CA PHE J 157 -3.21 -2.18 12.25
C PHE J 157 -3.98 -2.91 11.16
N GLY J 158 -4.10 -4.23 11.30
CA GLY J 158 -4.84 -5.06 10.37
C GLY J 158 -6.32 -4.90 10.28
N TYR J 159 -7.04 -5.12 11.38
CA TYR J 159 -8.50 -5.00 11.25
C TYR J 159 -8.97 -3.57 11.27
N SER J 160 -8.08 -2.62 11.53
CA SER J 160 -8.38 -1.21 11.34
C SER J 160 -8.04 -0.74 9.94
N LEU J 161 -7.56 -1.62 9.09
CA LEU J 161 -7.06 -1.18 7.80
C LEU J 161 -8.19 -0.91 6.81
N PRO J 162 -9.26 -1.72 6.72
CA PRO J 162 -10.52 -1.11 6.29
C PRO J 162 -11.01 -0.27 7.45
N ASP J 163 -11.56 0.89 7.16
CA ASP J 163 -12.14 1.67 8.25
C ASP J 163 -13.65 1.43 8.33
N ASP J 164 -13.97 0.18 8.60
CA ASP J 164 -15.22 -0.14 9.25
C ASP J 164 -15.28 0.53 10.61
N LEU J 165 -16.44 1.04 10.99
CA LEU J 165 -16.46 1.94 12.13
C LEU J 165 -16.37 1.20 13.47
N LEU J 166 -16.63 -0.11 13.50
CA LEU J 166 -16.34 -0.88 14.70
C LEU J 166 -14.85 -0.86 15.02
N SER J 167 -14.00 -0.81 14.00
CA SER J 167 -12.59 -0.63 14.29
C SER J 167 -12.12 0.80 14.09
N GLY J 168 -12.89 1.63 13.40
CA GLY J 168 -12.57 3.05 13.38
C GLY J 168 -12.71 3.69 14.75
N THR J 169 -13.74 3.28 15.50
CA THR J 169 -13.80 3.70 16.90
C THR J 169 -12.75 3.01 17.74
N GLY J 170 -12.18 1.90 17.26
CA GLY J 170 -11.02 1.32 17.93
C GLY J 170 -9.77 2.13 17.71
N ILE J 171 -9.63 2.75 16.53
CA ILE J 171 -8.53 3.68 16.32
C ILE J 171 -8.73 4.93 17.16
N ARG J 172 -9.98 5.39 17.25
CA ARG J 172 -10.28 6.59 18.03
C ARG J 172 -10.05 6.37 19.51
N ALA J 173 -10.40 5.19 20.03
CA ALA J 173 -10.14 4.88 21.42
C ALA J 173 -8.65 4.65 21.66
N ALA J 174 -8.11 3.61 21.03
CA ALA J 174 -6.76 3.18 21.35
C ALA J 174 -5.70 4.07 20.72
N LEU J 175 -5.70 4.18 19.39
CA LEU J 175 -4.56 4.77 18.71
C LEU J 175 -4.61 6.30 18.69
N SER J 176 -5.69 6.92 19.15
CA SER J 176 -5.75 8.38 19.17
C SER J 176 -6.22 8.99 20.48
N GLY J 177 -6.77 8.21 21.39
CA GLY J 177 -7.13 8.75 22.68
C GLY J 177 -6.02 8.52 23.68
N ILE J 178 -5.35 7.38 23.55
CA ILE J 178 -4.20 7.09 24.39
C ILE J 178 -2.98 7.84 23.87
N THR J 179 -2.91 8.08 22.55
CA THR J 179 -1.75 8.73 21.98
C THR J 179 -1.75 10.23 22.28
N MET J 180 -2.92 10.87 22.21
CA MET J 180 -3.06 12.22 22.74
C MET J 180 -2.87 12.22 24.26
N GLY J 181 -3.34 11.18 24.93
CA GLY J 181 -3.16 11.09 26.36
C GLY J 181 -1.83 10.53 26.76
N ILE J 182 -0.75 11.26 26.47
CA ILE J 182 0.60 10.99 26.94
C ILE J 182 1.12 12.37 27.32
N PRO J 183 1.75 12.56 28.49
CA PRO J 183 1.94 13.92 29.03
C PRO J 183 2.76 14.90 28.20
N VAL J 184 4.04 14.65 27.96
CA VAL J 184 4.85 15.71 27.37
C VAL J 184 4.77 15.70 25.85
N ILE J 185 5.00 14.54 25.24
CA ILE J 185 5.20 14.47 23.81
C ILE J 185 4.04 13.67 23.22
N GLY J 186 2.87 13.82 23.81
CA GLY J 186 1.75 13.00 23.38
C GLY J 186 1.08 13.50 22.11
N THR J 187 0.74 14.78 22.12
CA THR J 187 0.10 15.40 20.97
C THR J 187 1.05 15.42 19.78
N TRP J 188 2.35 15.53 20.05
CA TRP J 188 3.36 15.56 18.99
C TRP J 188 3.47 14.22 18.30
N MET J 189 3.50 13.12 19.05
CA MET J 189 3.52 11.82 18.39
C MET J 189 2.18 11.45 17.79
N HIS J 190 1.08 12.02 18.28
CA HIS J 190 -0.21 11.85 17.62
C HIS J 190 -0.21 12.50 16.25
N TRP J 191 0.16 13.77 16.19
CA TRP J 191 0.15 14.51 14.94
C TRP J 191 1.30 14.12 14.03
N ALA J 192 2.29 13.40 14.55
CA ALA J 192 3.27 12.76 13.68
C ALA J 192 2.76 11.44 13.13
N LEU J 193 2.02 10.68 13.93
CA LEU J 193 1.46 9.41 13.47
C LEU J 193 0.34 9.61 12.46
N PHE J 194 -0.44 10.68 12.59
CA PHE J 194 -1.58 10.83 11.71
C PHE J 194 -1.35 11.84 10.60
N GLY J 195 -0.47 12.81 10.81
CA GLY J 195 -0.29 13.90 9.88
C GLY J 195 -1.38 14.95 9.92
N GLY J 196 -2.31 14.84 10.86
CA GLY J 196 -3.42 15.78 10.94
C GLY J 196 -4.32 15.47 12.11
N ASP J 197 -5.62 15.57 11.91
CA ASP J 197 -6.57 15.24 12.97
C ASP J 197 -6.78 13.74 12.98
N PHE J 198 -7.81 13.26 13.68
CA PHE J 198 -8.03 11.81 13.71
C PHE J 198 -8.40 11.18 12.36
N PRO J 199 -9.32 11.75 11.50
CA PRO J 199 -9.43 11.25 10.13
C PRO J 199 -8.44 11.94 9.21
N GLY J 200 -7.20 12.06 9.68
CA GLY J 200 -6.14 12.59 8.84
C GLY J 200 -5.89 11.66 7.68
N GLU J 201 -5.82 12.25 6.49
CA GLU J 201 -5.96 11.55 5.23
C GLU J 201 -4.82 10.59 4.90
N ILE J 202 -3.83 10.46 5.78
CA ILE J 202 -2.68 9.61 5.54
C ILE J 202 -2.51 8.68 6.75
N LEU J 203 -3.61 8.35 7.42
CA LEU J 203 -3.51 7.31 8.45
C LEU J 203 -3.63 5.91 7.85
N ILE J 204 -4.71 5.64 7.13
CA ILE J 204 -4.93 4.30 6.58
C ILE J 204 -3.85 3.86 5.59
N PRO J 205 -3.31 4.70 4.70
CA PRO J 205 -2.14 4.25 3.93
C PRO J 205 -0.89 4.07 4.76
N ARG J 206 -0.75 4.78 5.87
CA ARG J 206 0.41 4.55 6.73
C ARG J 206 0.28 3.23 7.46
N LEU J 207 -0.94 2.88 7.86
CA LEU J 207 -1.16 1.57 8.46
C LEU J 207 -1.00 0.45 7.43
N TYR J 208 -1.38 0.71 6.18
CA TYR J 208 -1.16 -0.27 5.11
C TYR J 208 0.32 -0.45 4.83
N ALA J 209 1.09 0.64 4.91
CA ALA J 209 2.53 0.58 4.76
C ALA J 209 3.19 -0.19 5.90
N LEU J 210 2.81 0.13 7.14
CA LEU J 210 3.31 -0.60 8.30
C LEU J 210 2.80 -2.02 8.36
N HIS J 211 1.72 -2.33 7.66
CA HIS J 211 1.02 -3.57 7.87
C HIS J 211 1.25 -4.61 6.78
N ILE J 212 1.54 -4.21 5.55
CA ILE J 212 2.05 -5.20 4.59
C ILE J 212 3.47 -5.57 4.93
N LEU J 213 4.36 -4.59 4.92
CA LEU J 213 5.79 -4.84 4.95
C LEU J 213 6.45 -4.45 6.27
N LEU J 214 6.24 -3.22 6.77
CA LEU J 214 7.17 -2.67 7.73
C LEU J 214 7.12 -3.36 9.09
N ILE J 215 5.94 -3.69 9.58
CA ILE J 215 5.94 -4.57 10.76
C ILE J 215 6.10 -6.04 10.39
N PRO J 216 5.47 -6.61 9.35
CA PRO J 216 5.78 -8.03 9.03
C PRO J 216 7.17 -8.27 8.50
N GLY J 217 7.89 -7.27 8.01
CA GLY J 217 9.31 -7.46 7.76
C GLY J 217 10.08 -7.71 9.04
N ILE J 218 9.77 -6.96 10.09
CA ILE J 218 10.42 -7.17 11.37
C ILE J 218 9.94 -8.48 11.98
N ILE J 219 8.68 -8.83 11.77
CA ILE J 219 8.14 -10.09 12.28
C ILE J 219 8.78 -11.28 11.58
N LEU J 220 8.98 -11.19 10.27
CA LEU J 220 9.65 -12.25 9.54
C LEU J 220 11.12 -12.34 9.90
N ALA J 221 11.76 -11.20 10.14
CA ALA J 221 13.16 -11.22 10.56
C ALA J 221 13.32 -11.83 11.94
N LEU J 222 12.42 -11.48 12.87
CA LEU J 222 12.46 -12.07 14.20
C LEU J 222 12.06 -13.53 14.20
N ILE J 223 11.13 -13.96 13.33
CA ILE J 223 10.82 -15.38 13.22
C ILE J 223 12.00 -16.14 12.61
N GLY J 224 12.70 -15.53 11.67
CA GLY J 224 13.86 -16.19 11.09
C GLY J 224 15.00 -16.36 12.10
N ALA J 225 15.35 -15.27 12.79
CA ALA J 225 16.35 -15.35 13.84
C ALA J 225 15.88 -16.19 15.00
N HIS J 226 14.57 -16.25 15.20
CA HIS J 226 13.97 -16.97 16.32
C HIS J 226 14.05 -18.47 16.10
N LEU J 227 13.63 -18.94 14.93
CA LEU J 227 13.79 -20.33 14.57
C LEU J 227 15.24 -20.69 14.33
N ALA J 228 16.12 -19.73 14.07
CA ALA J 228 17.55 -20.04 14.05
C ALA J 228 18.08 -20.27 15.46
N LEU J 229 17.61 -19.50 16.42
CA LEU J 229 17.96 -19.74 17.82
C LEU J 229 17.39 -21.05 18.33
N VAL J 230 16.21 -21.44 17.85
CA VAL J 230 15.67 -22.75 18.22
C VAL J 230 16.41 -23.86 17.49
N TRP J 231 16.91 -23.57 16.29
CA TRP J 231 17.48 -24.61 15.46
C TRP J 231 18.90 -24.98 15.91
N PHE J 232 19.81 -24.01 15.84
CA PHE J 232 21.23 -24.30 16.03
C PHE J 232 21.54 -24.57 17.49
N GLN J 233 21.28 -23.59 18.34
CA GLN J 233 21.14 -23.83 19.76
C GLN J 233 20.00 -24.83 19.94
N LYS J 234 20.30 -26.03 20.44
CA LYS J 234 19.40 -27.16 20.35
C LYS J 234 18.12 -26.92 21.14
N HIS J 235 17.08 -27.66 20.77
CA HIS J 235 15.78 -27.54 21.42
C HIS J 235 15.86 -28.07 22.84
N THR J 236 14.99 -27.56 23.70
CA THR J 236 14.90 -28.06 25.06
C THR J 236 13.98 -29.27 25.10
N GLN J 237 13.89 -29.90 26.26
CA GLN J 237 13.07 -31.10 26.41
C GLN J 237 12.66 -31.25 27.86
N PHE J 238 11.56 -31.96 28.07
CA PHE J 238 11.22 -32.39 29.41
C PHE J 238 12.18 -33.49 29.83
N PRO J 239 12.48 -33.61 31.13
CA PRO J 239 13.30 -34.72 31.58
C PRO J 239 12.48 -35.99 31.71
N GLY J 240 13.11 -37.11 31.37
CA GLY J 240 12.43 -38.36 31.33
C GLY J 240 13.37 -39.53 31.57
N PRO J 241 13.17 -40.63 30.85
CA PRO J 241 14.02 -41.81 31.06
C PRO J 241 15.47 -41.62 30.64
N GLY J 242 15.71 -41.35 29.36
CA GLY J 242 17.07 -41.29 28.88
C GLY J 242 17.48 -39.88 28.56
N ARG J 243 16.98 -38.93 29.34
CA ARG J 243 17.02 -37.53 28.97
C ARG J 243 17.89 -36.81 29.99
N THR J 244 19.19 -36.77 29.74
CA THR J 244 20.06 -36.03 30.62
C THR J 244 20.14 -34.58 30.16
N GLU J 245 20.99 -33.80 30.82
CA GLU J 245 21.06 -32.36 30.57
C GLU J 245 21.65 -32.06 29.20
N THR J 246 22.52 -32.92 28.69
CA THR J 246 23.30 -32.63 27.49
C THR J 246 22.99 -33.59 26.34
N ASN J 247 21.70 -33.91 26.16
CA ASN J 247 21.28 -34.60 24.94
C ASN J 247 19.83 -34.27 24.63
N VAL J 248 19.49 -34.35 23.35
CA VAL J 248 18.11 -34.23 22.90
C VAL J 248 17.69 -35.57 22.34
N VAL J 249 16.67 -36.17 22.95
CA VAL J 249 16.13 -37.44 22.48
C VAL J 249 14.81 -37.13 21.78
N GLY J 250 14.46 -37.96 20.82
CA GLY J 250 13.28 -37.73 20.00
C GLY J 250 13.49 -38.34 18.64
N VAL J 251 12.79 -37.80 17.66
CA VAL J 251 12.90 -38.27 16.30
C VAL J 251 13.79 -37.31 15.51
N ARG J 252 14.40 -37.84 14.46
CA ARG J 252 15.21 -37.03 13.58
C ARG J 252 14.32 -36.23 12.65
N VAL J 253 14.92 -35.29 11.92
CA VAL J 253 14.14 -34.42 11.05
C VAL J 253 13.62 -35.17 9.84
N MET J 254 14.50 -35.94 9.17
CA MET J 254 14.19 -36.36 7.81
C MET J 254 13.11 -37.44 7.71
N PRO J 255 13.14 -38.58 8.44
CA PRO J 255 12.06 -39.54 8.21
C PRO J 255 10.75 -39.17 8.90
N VAL J 256 10.83 -38.53 10.06
CA VAL J 256 9.67 -38.45 10.94
C VAL J 256 9.21 -37.03 11.16
N PHE J 257 10.11 -36.16 11.65
CA PHE J 257 9.71 -34.83 12.07
C PHE J 257 9.30 -33.94 10.91
N ALA J 258 9.92 -34.11 9.74
CA ALA J 258 9.49 -33.35 8.56
C ALA J 258 8.09 -33.74 8.14
N VAL J 259 7.77 -35.03 8.23
CA VAL J 259 6.45 -35.52 7.83
C VAL J 259 5.38 -34.99 8.78
N LYS J 260 5.60 -35.13 10.09
CA LYS J 260 4.58 -34.66 11.02
C LYS J 260 4.53 -33.13 11.08
N SER J 261 5.63 -32.44 10.76
CA SER J 261 5.60 -30.99 10.75
C SER J 261 4.85 -30.46 9.54
N GLY J 262 5.09 -31.04 8.36
CA GLY J 262 4.33 -30.65 7.19
C GLY J 262 2.86 -31.04 7.29
N ALA J 263 2.58 -32.20 7.88
CA ALA J 263 1.21 -32.62 8.09
C ALA J 263 0.51 -31.75 9.12
N PHE J 264 1.24 -31.27 10.12
CA PHE J 264 0.64 -30.39 11.09
C PHE J 264 0.43 -29.00 10.52
N PHE J 265 1.30 -28.57 9.60
CA PHE J 265 1.03 -27.36 8.81
C PHE J 265 -0.24 -27.51 8.00
N ALA J 266 -0.41 -28.68 7.37
CA ALA J 266 -1.61 -28.92 6.57
C ALA J 266 -2.86 -29.00 7.43
N MET J 267 -2.77 -29.53 8.65
CA MET J 267 -3.96 -29.62 9.49
C MET J 267 -4.28 -28.29 10.16
N ILE J 268 -3.28 -27.46 10.46
CA ILE J 268 -3.54 -26.10 10.90
C ILE J 268 -4.21 -25.30 9.79
N THR J 269 -3.74 -25.48 8.55
CA THR J 269 -4.41 -24.85 7.42
C THR J 269 -5.81 -25.41 7.22
N GLY J 270 -6.03 -26.68 7.55
CA GLY J 270 -7.37 -27.25 7.47
C GLY J 270 -8.33 -26.67 8.50
N VAL J 271 -7.84 -26.48 9.72
CA VAL J 271 -8.67 -25.88 10.77
C VAL J 271 -8.98 -24.43 10.42
N LEU J 272 -8.00 -23.70 9.89
CA LEU J 272 -8.22 -22.32 9.49
C LEU J 272 -9.16 -22.22 8.28
N GLY J 273 -9.06 -23.16 7.35
CA GLY J 273 -9.94 -23.12 6.20
C GLY J 273 -11.38 -23.47 6.55
N LEU J 274 -11.56 -24.50 7.38
CA LEU J 274 -12.90 -24.86 7.85
C LEU J 274 -13.53 -23.73 8.63
N MET J 275 -12.76 -23.04 9.48
CA MET J 275 -13.38 -21.98 10.25
C MET J 275 -13.31 -20.63 9.54
N GLY J 276 -12.68 -20.57 8.36
CA GLY J 276 -12.74 -19.40 7.54
C GLY J 276 -13.92 -19.47 6.59
N GLY J 277 -14.37 -20.68 6.32
CA GLY J 277 -15.57 -20.82 5.55
C GLY J 277 -16.81 -20.85 6.42
N LEU J 278 -16.81 -21.72 7.42
CA LEU J 278 -18.03 -21.99 8.16
C LEU J 278 -18.39 -20.90 9.16
N LEU J 279 -17.52 -19.93 9.44
CA LEU J 279 -17.79 -18.93 10.47
C LEU J 279 -17.50 -17.54 9.93
N THR J 280 -18.46 -16.62 10.04
CA THR J 280 -18.22 -15.25 9.61
C THR J 280 -17.23 -14.57 10.54
N ILE J 281 -16.42 -13.69 9.97
CA ILE J 281 -15.55 -12.85 10.78
C ILE J 281 -15.38 -11.51 10.10
N ASN J 282 -15.38 -10.46 10.93
CA ASN J 282 -15.37 -9.03 10.62
C ASN J 282 -16.35 -8.70 9.51
N PRO J 283 -17.65 -8.80 9.72
CA PRO J 283 -18.58 -8.56 8.61
C PRO J 283 -18.74 -7.07 8.34
N ILE J 284 -17.78 -6.52 7.59
CA ILE J 284 -17.66 -5.08 7.41
C ILE J 284 -18.81 -4.48 6.62
N TRP J 285 -19.59 -5.29 5.91
CA TRP J 285 -20.79 -4.77 5.28
C TRP J 285 -21.92 -4.59 6.27
N ASN J 286 -21.99 -5.45 7.29
CA ASN J 286 -22.91 -5.23 8.39
C ASN J 286 -22.49 -4.01 9.20
N LEU J 287 -21.19 -3.82 9.36
CA LEU J 287 -20.65 -2.60 9.92
C LEU J 287 -20.79 -1.48 8.90
N GLY J 288 -20.48 -0.26 9.29
CA GLY J 288 -20.58 0.83 8.35
C GLY J 288 -19.23 1.38 7.95
N PRO J 289 -19.23 2.35 7.05
CA PRO J 289 -18.01 3.14 6.86
C PRO J 289 -17.78 3.98 8.09
N TYR J 290 -16.52 4.27 8.37
CA TYR J 290 -16.23 5.01 9.60
C TYR J 290 -16.62 6.47 9.41
N LYS J 291 -17.66 6.88 10.13
CA LYS J 291 -17.99 8.27 10.26
C LYS J 291 -17.99 8.63 11.73
N PRO J 292 -17.38 9.73 12.14
CA PRO J 292 -17.06 9.94 13.56
C PRO J 292 -18.24 10.38 14.43
N SER J 293 -19.46 10.16 13.96
CA SER J 293 -20.65 10.50 14.72
C SER J 293 -21.53 9.29 15.01
N GLN J 294 -21.08 8.08 14.69
CA GLN J 294 -21.90 6.89 14.86
C GLN J 294 -21.02 5.76 15.36
N VAL J 295 -21.55 4.96 16.31
CA VAL J 295 -20.77 3.91 16.94
C VAL J 295 -21.63 2.64 16.96
N SER J 296 -21.04 1.54 17.43
CA SER J 296 -21.79 0.37 17.84
C SER J 296 -22.13 0.49 19.31
N ALA J 297 -22.54 -0.62 19.93
CA ALA J 297 -22.52 -0.75 21.38
C ALA J 297 -21.35 -1.58 21.87
N GLY J 298 -20.90 -2.55 21.08
CA GLY J 298 -19.79 -3.38 21.47
C GLY J 298 -18.50 -2.57 21.48
N SER J 299 -18.07 -2.14 20.29
CA SER J 299 -16.92 -1.25 20.08
C SER J 299 -15.64 -1.77 20.72
N GLN J 300 -15.52 -3.02 20.77
CA GLN J 300 -14.51 -3.85 21.39
C GLN J 300 -13.46 -4.26 20.36
N PRO J 301 -12.21 -4.36 20.75
CA PRO J 301 -11.16 -4.64 19.78
C PRO J 301 -11.05 -6.13 19.56
N ASP J 302 -10.06 -6.56 18.78
CA ASP J 302 -9.82 -7.97 18.64
C ASP J 302 -9.21 -8.50 19.94
N PHE J 303 -9.29 -9.82 20.14
CA PHE J 303 -9.22 -10.35 21.50
C PHE J 303 -7.82 -10.22 22.11
N TYR J 304 -6.79 -10.35 21.28
CA TYR J 304 -5.41 -10.20 21.74
C TYR J 304 -5.08 -8.77 22.17
N MET J 305 -5.93 -7.81 21.84
CA MET J 305 -5.80 -6.45 22.33
C MET J 305 -6.98 -6.07 23.24
N MET J 306 -7.91 -6.99 23.50
CA MET J 306 -8.99 -6.67 24.43
C MET J 306 -8.51 -6.49 25.87
N TRP J 307 -7.33 -6.99 26.21
CA TRP J 307 -6.81 -6.67 27.53
C TRP J 307 -6.35 -5.22 27.62
N THR J 308 -6.12 -4.54 26.50
CA THR J 308 -5.64 -3.17 26.58
C THR J 308 -6.75 -2.21 26.96
N ASP J 309 -7.78 -2.09 26.10
CA ASP J 309 -8.81 -1.11 26.42
C ASP J 309 -9.82 -1.62 27.43
N GLY J 310 -9.87 -2.94 27.66
CA GLY J 310 -10.46 -3.44 28.87
C GLY J 310 -9.78 -2.87 30.09
N LEU J 311 -8.46 -2.72 30.03
CA LEU J 311 -7.73 -1.97 31.03
C LEU J 311 -8.12 -0.49 31.04
N ILE J 312 -8.53 0.05 29.89
CA ILE J 312 -9.17 1.37 29.91
C ILE J 312 -10.52 1.28 30.61
N ARG J 313 -11.29 0.22 30.32
CA ARG J 313 -12.63 0.07 30.86
C ARG J 313 -12.64 -0.15 32.36
N LEU J 314 -11.51 -0.50 32.95
CA LEU J 314 -11.42 -0.85 34.35
C LEU J 314 -10.56 0.09 35.17
N TRP J 315 -9.79 0.96 34.54
CA TRP J 315 -8.97 1.88 35.31
C TRP J 315 -9.84 3.05 35.76
N PRO J 316 -9.91 3.35 37.05
CA PRO J 316 -11.07 4.08 37.61
C PRO J 316 -10.93 5.61 37.58
N ALA J 317 -10.68 6.15 36.38
CA ALA J 317 -10.87 7.58 36.07
C ALA J 317 -10.02 8.50 36.93
N TRP J 318 -8.73 8.19 37.03
CA TRP J 318 -7.80 8.97 37.85
C TRP J 318 -7.01 9.88 36.93
N GLU J 319 -7.37 11.16 36.92
CA GLU J 319 -6.67 12.15 36.13
C GLU J 319 -5.97 13.14 37.04
N PHE J 320 -4.86 13.69 36.57
CA PHE J 320 -4.11 14.69 37.29
C PHE J 320 -4.12 16.01 36.54
N TYR J 321 -3.97 17.09 37.29
CA TYR J 321 -4.01 18.44 36.73
C TYR J 321 -2.86 19.25 37.32
N PRO J 322 -1.70 19.24 36.67
CA PRO J 322 -0.61 20.13 37.09
C PRO J 322 -0.88 21.58 36.71
N PHE J 323 0.15 22.41 36.85
CA PHE J 323 -0.03 23.84 36.73
C PHE J 323 -0.33 24.24 35.30
N GLY J 324 -1.61 24.17 34.94
CA GLY J 324 -2.07 24.56 33.63
C GLY J 324 -2.12 23.47 32.60
N HIS J 325 -2.05 22.21 33.00
CA HIS J 325 -2.02 21.12 32.04
C HIS J 325 -2.94 20.00 32.54
N THR J 326 -2.86 18.85 31.87
CA THR J 326 -3.76 17.74 32.17
C THR J 326 -3.08 16.43 31.83
N ILE J 327 -2.94 15.56 32.83
CA ILE J 327 -2.71 14.14 32.59
C ILE J 327 -4.06 13.44 32.58
N PRO J 328 -4.49 12.89 31.46
CA PRO J 328 -5.77 12.17 31.43
C PRO J 328 -5.64 10.72 31.88
N GLN J 329 -6.72 9.96 31.75
CA GLN J 329 -6.68 8.55 32.13
C GLN J 329 -5.76 7.75 31.23
N GLY J 330 -5.78 8.05 29.93
CA GLY J 330 -5.05 7.30 28.92
C GLY J 330 -3.54 7.29 29.08
N VAL J 331 -2.99 8.14 29.94
CA VAL J 331 -1.58 8.05 30.29
C VAL J 331 -1.30 6.74 31.02
N TRP J 332 -2.18 6.39 31.96
CA TRP J 332 -2.00 5.24 32.85
C TRP J 332 -1.81 3.94 32.08
N VAL J 333 -2.71 3.66 31.13
CA VAL J 333 -2.59 2.45 30.33
C VAL J 333 -1.44 2.58 29.34
N ALA J 334 -1.13 3.82 28.90
CA ALA J 334 0.11 4.02 28.16
C ALA J 334 1.33 3.76 29.04
N VAL J 335 1.21 4.02 30.34
CA VAL J 335 2.19 3.48 31.27
C VAL J 335 1.98 1.98 31.43
N GLY J 336 0.71 1.55 31.53
CA GLY J 336 0.42 0.19 31.92
C GLY J 336 0.79 -0.83 30.86
N MET J 337 0.47 -0.54 29.59
CA MET J 337 0.98 -1.36 28.50
C MET J 337 2.49 -1.28 28.40
N GLY J 338 3.08 -0.13 28.76
CA GLY J 338 4.52 -0.07 28.89
C GLY J 338 5.02 -0.77 30.12
N LEU J 339 4.15 -1.00 31.11
CA LEU J 339 4.53 -1.72 32.31
C LEU J 339 4.60 -3.21 32.04
N VAL J 340 3.48 -3.78 31.59
CA VAL J 340 3.34 -5.23 31.42
C VAL J 340 4.35 -5.77 30.41
N PHE J 341 4.60 -5.01 29.34
CA PHE J 341 5.57 -5.44 28.34
C PHE J 341 6.97 -5.42 28.92
N ALA J 342 7.26 -4.45 29.77
CA ALA J 342 8.54 -4.42 30.46
C ALA J 342 8.65 -5.50 31.52
N LEU J 343 7.54 -6.12 31.91
CA LEU J 343 7.61 -7.32 32.73
C LEU J 343 7.59 -8.57 31.89
N LEU J 344 7.14 -8.48 30.64
CA LEU J 344 7.01 -9.67 29.81
C LEU J 344 8.20 -9.86 28.90
N ILE J 345 8.86 -8.77 28.52
CA ILE J 345 10.15 -8.89 27.86
C ILE J 345 11.20 -9.35 28.86
N ALA J 346 11.29 -8.68 30.00
CA ALA J 346 12.43 -8.80 30.88
C ALA J 346 12.19 -9.75 32.05
N TYR J 347 11.25 -10.68 31.93
CA TYR J 347 11.03 -11.65 33.00
C TYR J 347 12.19 -12.60 33.30
N PRO J 348 12.91 -13.22 32.33
CA PRO J 348 13.98 -14.16 32.72
C PRO J 348 15.10 -13.51 33.49
N PHE J 349 15.39 -12.25 33.21
CA PHE J 349 16.37 -11.53 34.03
C PHE J 349 15.81 -11.22 35.40
N ILE J 350 14.48 -11.00 35.50
CA ILE J 350 13.85 -10.76 36.80
C ILE J 350 13.98 -11.98 37.69
N GLU J 351 13.60 -13.15 37.19
CA GLU J 351 13.73 -14.27 38.11
C GLU J 351 15.11 -14.87 38.14
N LYS J 352 16.00 -14.50 37.21
CA LYS J 352 17.40 -14.79 37.39
C LYS J 352 17.98 -13.99 38.55
N LYS J 353 17.49 -12.77 38.74
CA LYS J 353 17.90 -12.00 39.91
C LYS J 353 17.24 -12.55 41.17
N VAL J 354 15.97 -12.92 41.10
CA VAL J 354 15.23 -13.32 42.30
C VAL J 354 15.66 -14.70 42.78
N THR J 355 15.61 -15.70 41.90
CA THR J 355 15.92 -17.07 42.29
C THR J 355 17.40 -17.26 42.51
N GLY J 356 18.19 -17.04 41.46
CA GLY J 356 19.61 -17.31 41.51
C GLY J 356 19.99 -18.37 40.49
N ASP J 357 19.20 -18.46 39.42
CA ASP J 357 19.42 -19.46 38.38
C ASP J 357 20.56 -18.98 37.49
N ASP J 358 21.78 -19.23 37.94
CA ASP J 358 22.97 -18.92 37.16
C ASP J 358 23.52 -20.15 36.44
N ALA J 359 22.65 -21.08 36.06
CA ALA J 359 23.06 -22.35 35.50
C ALA J 359 22.46 -22.56 34.12
N HIS J 360 23.21 -23.24 33.27
CA HIS J 360 22.83 -23.55 31.90
C HIS J 360 21.79 -24.65 31.91
N HIS J 361 20.51 -24.27 31.85
CA HIS J 361 19.40 -25.23 31.93
C HIS J 361 18.95 -25.62 30.54
N ASN J 362 18.99 -26.92 30.25
CA ASN J 362 18.44 -27.47 29.02
C ASN J 362 17.21 -28.33 29.25
N LEU J 363 17.20 -29.12 30.30
CA LEU J 363 16.00 -29.87 30.65
C LEU J 363 14.94 -28.91 31.17
N LEU J 364 13.70 -29.12 30.76
CA LEU J 364 12.62 -28.31 31.27
C LEU J 364 12.29 -28.68 32.71
N GLN J 365 11.46 -27.88 33.32
CA GLN J 365 10.87 -28.21 34.59
C GLN J 365 9.36 -28.28 34.39
N ARG J 366 8.75 -29.33 34.92
CA ARG J 366 7.31 -29.47 34.81
C ARG J 366 6.66 -28.34 35.61
N PRO J 367 5.55 -27.78 35.13
CA PRO J 367 4.98 -26.60 35.81
C PRO J 367 4.41 -26.87 37.18
N ARG J 368 4.30 -28.13 37.60
CA ARG J 368 4.04 -28.35 39.02
C ARG J 368 5.31 -28.29 39.85
N ASP J 369 6.47 -28.53 39.25
CA ASP J 369 7.73 -28.58 39.99
C ASP J 369 8.25 -27.20 40.37
N VAL J 370 7.56 -26.13 40.01
CA VAL J 370 8.06 -24.79 40.23
C VAL J 370 6.86 -23.91 40.60
N PRO J 371 6.43 -23.97 41.87
CA PRO J 371 5.08 -23.52 42.21
C PRO J 371 4.90 -22.02 42.24
N VAL J 372 5.89 -21.25 42.72
CA VAL J 372 5.68 -19.80 42.72
C VAL J 372 5.77 -19.24 41.33
N ARG J 373 6.58 -19.83 40.46
CA ARG J 373 6.66 -19.29 39.11
C ARG J 373 5.42 -19.66 38.31
N THR J 374 4.91 -20.87 38.51
CA THR J 374 3.62 -21.24 37.93
C THR J 374 2.49 -20.39 38.52
N ALA J 375 2.63 -19.97 39.78
CA ALA J 375 1.58 -19.18 40.40
C ALA J 375 1.63 -17.73 39.96
N ILE J 376 2.82 -17.15 39.80
CA ILE J 376 2.97 -15.84 39.17
C ILE J 376 2.45 -15.88 37.74
N GLY J 377 2.72 -16.97 37.04
CA GLY J 377 2.19 -17.12 35.70
C GLY J 377 0.69 -17.23 35.67
N SER J 378 0.11 -17.93 36.63
CA SER J 378 -1.35 -18.04 36.65
C SER J 378 -2.00 -16.75 37.12
N MET J 379 -1.30 -15.95 37.92
CA MET J 379 -1.70 -14.56 38.14
C MET J 379 -1.78 -13.81 36.83
N ALA J 380 -0.76 -13.96 35.98
CA ALA J 380 -0.76 -13.23 34.72
C ALA J 380 -1.81 -13.77 33.75
N ILE J 381 -2.02 -15.09 33.75
CA ILE J 381 -3.06 -15.70 32.90
C ILE J 381 -4.44 -15.22 33.32
N ALA J 382 -4.72 -15.28 34.62
CA ALA J 382 -6.05 -14.90 35.08
C ALA J 382 -6.25 -13.39 35.07
N LEU J 383 -5.18 -12.61 35.16
CA LEU J 383 -5.31 -11.18 34.99
C LEU J 383 -5.60 -10.83 33.54
N TYR J 384 -4.98 -11.55 32.60
CA TYR J 384 -5.34 -11.42 31.20
C TYR J 384 -6.78 -11.82 30.95
N LEU J 385 -7.20 -12.95 31.53
CA LEU J 385 -8.57 -13.42 31.37
C LEU J 385 -9.57 -12.46 32.01
N LEU J 386 -9.15 -11.73 33.03
CA LEU J 386 -10.04 -10.75 33.63
C LEU J 386 -10.14 -9.51 32.78
N LEU J 387 -9.00 -8.99 32.33
CA LEU J 387 -8.99 -7.79 31.50
C LEU J 387 -9.64 -8.05 30.14
N THR J 388 -9.59 -9.28 29.65
CA THR J 388 -10.34 -9.61 28.47
C THR J 388 -11.81 -9.81 28.80
N PHE J 389 -12.13 -10.64 29.80
CA PHE J 389 -13.52 -10.93 30.18
C PHE J 389 -14.22 -9.77 30.85
N ALA J 390 -13.58 -8.61 30.98
CA ALA J 390 -14.28 -7.38 31.30
C ALA J 390 -14.02 -6.33 30.23
N CYS J 391 -13.61 -6.76 29.04
CA CYS J 391 -13.62 -5.93 27.84
C CYS J 391 -14.80 -6.22 26.93
N MET J 392 -15.29 -7.47 26.92
CA MET J 392 -16.64 -7.73 26.44
C MET J 392 -17.67 -7.57 27.55
N ASN J 393 -17.34 -6.75 28.54
CA ASN J 393 -18.14 -6.08 29.55
C ASN J 393 -19.53 -5.73 29.06
N ASP J 394 -19.55 -5.04 27.91
CA ASP J 394 -20.78 -4.67 27.22
C ASP J 394 -21.63 -5.90 26.91
N ILE J 395 -21.10 -6.80 26.09
CA ILE J 395 -21.96 -7.89 25.63
C ILE J 395 -22.13 -8.99 26.67
N ILE J 396 -21.22 -9.10 27.64
CA ILE J 396 -21.48 -9.96 28.79
C ILE J 396 -22.68 -9.45 29.56
N ALA J 397 -22.68 -8.17 29.93
CA ALA J 397 -23.83 -7.60 30.65
C ALA J 397 -25.09 -7.58 29.81
N LEU J 398 -24.94 -7.59 28.49
CA LEU J 398 -26.07 -7.80 27.60
C LEU J 398 -26.67 -9.19 27.75
N LYS J 399 -25.88 -10.22 27.43
CA LYS J 399 -26.44 -11.57 27.31
C LYS J 399 -26.62 -12.21 28.68
N PHE J 400 -25.52 -12.41 29.39
CA PHE J 400 -25.56 -12.82 30.79
C PHE J 400 -26.06 -11.64 31.59
N HIS J 401 -27.35 -11.61 31.94
CA HIS J 401 -28.01 -10.39 32.37
C HIS J 401 -27.44 -9.94 33.71
N ILE J 402 -26.51 -8.99 33.64
CA ILE J 402 -25.82 -8.38 34.76
C ILE J 402 -25.89 -6.89 34.52
N SER J 403 -25.96 -6.09 35.60
CA SER J 403 -25.77 -4.66 35.45
C SER J 403 -24.40 -4.37 34.89
N LEU J 404 -24.36 -3.46 33.91
CA LEU J 404 -23.11 -3.14 33.24
C LEU J 404 -22.13 -2.49 34.20
N ASN J 405 -22.64 -1.61 35.07
CA ASN J 405 -21.84 -1.07 36.15
C ASN J 405 -21.36 -2.16 37.08
N ALA J 406 -22.21 -3.18 37.32
CA ALA J 406 -21.82 -4.24 38.23
C ALA J 406 -20.69 -5.09 37.65
N THR J 407 -20.75 -5.45 36.37
CA THR J 407 -19.68 -6.26 35.82
C THR J 407 -18.40 -5.46 35.57
N THR J 408 -18.48 -4.15 35.32
CA THR J 408 -17.20 -3.45 35.31
C THR J 408 -16.66 -3.17 36.71
N TRP J 409 -17.50 -3.13 37.75
CA TRP J 409 -16.95 -3.16 39.10
C TRP J 409 -16.40 -4.51 39.46
N ILE J 410 -17.02 -5.59 38.95
CA ILE J 410 -16.50 -6.93 39.15
C ILE J 410 -15.11 -7.05 38.53
N GLY J 411 -14.93 -6.50 37.33
CA GLY J 411 -13.60 -6.42 36.77
C GLY J 411 -12.66 -5.51 37.54
N ARG J 412 -13.18 -4.38 38.02
CA ARG J 412 -12.32 -3.39 38.65
C ARG J 412 -11.83 -3.85 40.01
N ILE J 413 -12.60 -4.69 40.69
CA ILE J 413 -12.11 -5.36 41.90
C ILE J 413 -11.39 -6.65 41.54
N GLY J 414 -11.77 -7.27 40.42
CA GLY J 414 -11.20 -8.56 40.06
C GLY J 414 -9.74 -8.47 39.69
N MET J 415 -9.35 -7.40 39.02
CA MET J 415 -7.94 -7.20 38.67
C MET J 415 -7.06 -6.91 39.89
N VAL J 416 -7.66 -6.71 41.06
CA VAL J 416 -6.92 -6.48 42.28
C VAL J 416 -6.95 -7.70 43.20
N VAL J 417 -8.06 -8.44 43.24
CA VAL J 417 -8.20 -9.53 44.18
C VAL J 417 -8.11 -10.92 43.53
N LEU J 418 -8.51 -11.07 42.28
CA LEU J 418 -8.49 -12.37 41.61
C LEU J 418 -7.08 -12.85 41.25
N PRO J 419 -6.09 -12.00 40.91
CA PRO J 419 -4.71 -12.50 40.95
C PRO J 419 -4.25 -12.99 42.31
N ALA J 420 -4.73 -12.41 43.42
CA ALA J 420 -4.36 -12.96 44.71
C ALA J 420 -5.01 -14.31 44.96
N ILE J 421 -6.27 -14.45 44.57
CA ILE J 421 -6.98 -15.72 44.74
C ILE J 421 -6.35 -16.79 43.86
N VAL J 422 -6.05 -16.45 42.60
CA VAL J 422 -5.48 -17.44 41.71
C VAL J 422 -4.02 -17.68 42.03
N TYR J 423 -3.33 -16.76 42.70
CA TYR J 423 -1.98 -17.05 43.19
C TYR J 423 -2.03 -18.07 44.30
N PHE J 424 -2.96 -17.89 45.25
CA PHE J 424 -3.11 -18.84 46.34
C PHE J 424 -3.48 -20.23 45.81
N VAL J 425 -4.48 -20.28 44.94
CA VAL J 425 -4.95 -21.55 44.39
C VAL J 425 -3.89 -22.18 43.50
N ALA J 426 -3.15 -21.36 42.75
CA ALA J 426 -2.14 -21.87 41.84
C ALA J 426 -0.92 -22.40 42.57
N TYR J 427 -0.44 -21.67 43.56
CA TYR J 427 0.72 -22.11 44.34
C TYR J 427 0.39 -23.38 45.11
N ARG J 428 -0.71 -23.38 45.87
CA ARG J 428 -1.01 -24.59 46.61
C ARG J 428 -1.50 -25.72 45.72
N TRP J 429 -2.00 -25.42 44.53
CA TRP J 429 -2.42 -26.47 43.63
C TRP J 429 -1.23 -27.10 42.95
N ALA J 430 -0.19 -26.31 42.68
CA ALA J 430 1.05 -26.88 42.16
C ALA J 430 1.73 -27.74 43.21
N ILE J 431 1.70 -27.32 44.47
CA ILE J 431 2.32 -28.12 45.53
C ILE J 431 1.53 -29.41 45.75
N SER J 432 0.20 -29.35 45.65
CA SER J 432 -0.56 -30.57 45.80
C SER J 432 -0.51 -31.46 44.56
N LEU J 433 -0.24 -30.91 43.37
CA LEU J 433 0.07 -31.75 42.23
C LEU J 433 1.44 -32.41 42.39
N GLN J 434 2.37 -31.73 43.06
CA GLN J 434 3.64 -32.37 43.41
C GLN J 434 3.40 -33.53 44.36
N ARG J 435 2.65 -33.28 45.42
CA ARG J 435 2.40 -34.31 46.43
C ARG J 435 1.57 -35.45 45.88
N SER J 436 0.76 -35.20 44.85
CA SER J 436 -0.01 -36.27 44.24
C SER J 436 0.85 -37.20 43.40
N ASP J 437 1.96 -36.73 42.84
CA ASP J 437 2.92 -37.62 42.22
C ASP J 437 4.25 -37.62 42.97
N ARG J 438 4.16 -37.49 44.29
CA ARG J 438 5.22 -37.93 45.19
C ARG J 438 4.69 -38.92 46.19
N GLU J 439 3.40 -39.25 46.12
CA GLU J 439 2.85 -40.40 46.81
C GLU J 439 2.61 -41.57 45.89
N VAL J 440 2.78 -41.39 44.58
CA VAL J 440 2.70 -42.50 43.64
C VAL J 440 4.03 -43.22 43.53
N LEU J 441 5.05 -42.73 44.24
CA LEU J 441 6.36 -43.36 44.34
C LEU J 441 6.53 -44.05 45.67
N GLU J 442 6.16 -43.39 46.77
CA GLU J 442 6.22 -44.00 48.09
C GLU J 442 5.19 -45.11 48.23
N HIS J 443 4.06 -44.97 47.55
CA HIS J 443 3.12 -46.05 47.33
C HIS J 443 3.19 -46.46 45.86
N GLY J 444 2.31 -47.33 45.43
CA GLY J 444 2.28 -47.77 44.06
C GLY J 444 1.37 -46.92 43.19
N VAL J 445 0.75 -47.56 42.21
CA VAL J 445 -0.29 -46.97 41.38
C VAL J 445 -1.59 -47.68 41.68
N GLU J 446 -2.67 -46.90 41.84
CA GLU J 446 -3.89 -47.42 42.44
C GLU J 446 -4.74 -48.18 41.42
N THR J 447 -5.45 -49.19 41.91
CA THR J 447 -6.21 -50.16 41.12
C THR J 447 -7.45 -50.57 41.91
N GLY J 448 -8.04 -51.71 41.53
CA GLY J 448 -9.18 -52.24 42.26
C GLY J 448 -8.81 -52.90 43.58
N ILE J 449 -9.83 -53.11 44.40
CA ILE J 449 -9.67 -53.45 45.81
C ILE J 449 -9.73 -54.96 46.01
N ILE J 450 -8.76 -55.50 46.73
CA ILE J 450 -8.86 -56.84 47.30
C ILE J 450 -9.08 -56.66 48.80
N LYS J 451 -9.84 -57.58 49.39
CA LYS J 451 -9.89 -57.70 50.83
C LYS J 451 -8.76 -58.58 51.32
N ARG J 452 -8.28 -58.31 52.52
CA ARG J 452 -7.36 -59.23 53.14
C ARG J 452 -8.10 -60.49 53.55
N LEU J 453 -7.39 -61.62 53.52
CA LEU J 453 -8.07 -62.91 53.63
C LEU J 453 -8.60 -63.20 55.04
N PRO J 454 -7.77 -63.33 56.09
CA PRO J 454 -8.31 -63.88 57.34
C PRO J 454 -9.10 -62.87 58.16
N HIS J 455 -8.92 -61.57 57.94
CA HIS J 455 -9.63 -60.54 58.66
C HIS J 455 -10.30 -59.61 57.65
N GLY J 456 -11.11 -58.71 58.15
CA GLY J 456 -11.80 -57.80 57.24
C GLY J 456 -11.09 -56.48 57.04
N ALA J 457 -10.29 -56.39 55.99
CA ALA J 457 -9.61 -55.15 55.67
C ALA J 457 -9.95 -54.76 54.24
N TYR J 458 -9.49 -53.58 53.84
CA TYR J 458 -9.62 -53.16 52.45
C TYR J 458 -8.35 -52.43 52.05
N VAL J 459 -7.53 -53.07 51.24
CA VAL J 459 -6.35 -52.44 50.65
C VAL J 459 -6.65 -52.17 49.19
N GLU J 460 -6.05 -51.10 48.67
CA GLU J 460 -6.36 -50.64 47.33
C GLU J 460 -5.59 -51.41 46.26
N LEU J 461 -4.66 -52.28 46.67
CA LEU J 461 -3.83 -53.11 45.81
C LEU J 461 -3.01 -52.23 44.85
N HIS J 462 -2.11 -51.47 45.47
CA HIS J 462 -1.23 -50.58 44.73
C HIS J 462 -0.28 -51.39 43.85
N GLN J 463 -0.04 -50.90 42.64
CA GLN J 463 0.91 -51.54 41.75
C GLN J 463 2.18 -50.70 41.72
N PRO J 464 3.31 -51.21 42.19
CA PRO J 464 4.51 -50.39 42.31
C PRO J 464 5.16 -50.11 40.96
N LEU J 465 5.93 -49.03 40.92
CA LEU J 465 6.60 -48.61 39.69
C LEU J 465 8.05 -49.06 39.61
N GLY J 466 8.74 -49.19 40.74
CA GLY J 466 10.11 -49.59 40.74
C GLY J 466 10.30 -50.97 41.32
N PRO J 467 11.48 -51.23 41.90
CA PRO J 467 11.73 -52.53 42.52
C PRO J 467 10.95 -52.68 43.81
N VAL J 468 10.50 -53.90 44.08
CA VAL J 468 9.68 -54.18 45.24
C VAL J 468 10.56 -54.88 46.29
N ASP J 469 10.16 -54.74 47.55
CA ASP J 469 10.79 -55.46 48.64
C ASP J 469 10.03 -56.77 48.84
N GLU J 470 10.37 -57.54 49.87
CA GLU J 470 9.75 -58.84 50.10
C GLU J 470 8.33 -58.75 50.64
N HIS J 471 7.87 -57.55 51.01
CA HIS J 471 6.58 -57.37 51.67
C HIS J 471 5.72 -56.38 50.91
N GLY J 472 4.64 -55.90 51.54
CA GLY J 472 3.64 -55.05 50.91
C GLY J 472 4.08 -53.65 50.54
N HIS J 473 5.37 -53.31 50.64
CA HIS J 473 5.82 -52.00 50.20
C HIS J 473 7.05 -52.15 49.31
N PRO J 474 7.14 -51.34 48.26
CA PRO J 474 8.30 -51.43 47.36
C PRO J 474 9.46 -50.56 47.84
N ILE J 475 10.53 -50.52 47.05
CA ILE J 475 11.58 -49.53 47.25
C ILE J 475 11.04 -48.23 46.67
N PRO J 476 10.91 -47.17 47.47
CA PRO J 476 10.36 -45.92 46.94
C PRO J 476 11.37 -45.21 46.05
N LEU J 477 10.95 -44.91 44.82
CA LEU J 477 11.81 -44.27 43.85
C LEU J 477 11.99 -42.79 44.21
N GLU J 478 12.98 -42.16 43.58
CA GLU J 478 13.17 -40.72 43.69
C GLU J 478 12.49 -40.03 42.51
N TYR J 479 12.19 -38.75 42.71
CA TYR J 479 11.56 -37.96 41.66
C TYR J 479 12.60 -37.60 40.60
N ALA J 480 12.15 -37.47 39.36
CA ALA J 480 13.09 -37.14 38.29
C ALA J 480 12.53 -36.15 37.28
N GLY J 481 11.53 -35.37 37.65
CA GLY J 481 10.96 -34.43 36.70
C GLY J 481 10.16 -35.08 35.61
N ALA J 482 9.68 -36.28 35.82
CA ALA J 482 8.97 -36.94 34.76
C ALA J 482 7.49 -37.03 35.09
N PRO J 483 6.63 -37.09 34.09
CA PRO J 483 5.23 -37.39 34.39
C PRO J 483 5.06 -38.85 34.77
N LEU J 484 4.84 -39.11 36.04
CA LEU J 484 4.68 -40.50 36.42
C LEU J 484 3.24 -40.93 36.19
N PRO J 485 3.03 -42.14 35.65
CA PRO J 485 1.66 -42.58 35.35
C PRO J 485 0.91 -42.93 36.61
N LYS J 486 -0.32 -42.42 36.71
CA LYS J 486 -1.16 -42.63 37.87
C LYS J 486 -2.31 -43.58 37.61
N ARG J 487 -2.36 -44.19 36.44
CA ARG J 487 -3.36 -45.20 36.11
C ARG J 487 -2.63 -46.43 35.59
N MET J 488 -2.98 -47.61 36.12
CA MET J 488 -2.45 -48.83 35.56
C MET J 488 -2.99 -49.06 34.15
N ASN J 489 -4.14 -48.46 33.84
CA ASN J 489 -4.63 -48.21 32.48
C ASN J 489 -3.54 -47.79 31.51
N LYS J 490 -2.80 -46.72 31.86
CA LYS J 490 -1.76 -46.21 30.98
C LYS J 490 -0.49 -47.04 31.03
N LEU J 491 -0.43 -48.04 31.89
CA LEU J 491 0.60 -49.06 31.80
C LEU J 491 0.11 -50.16 30.86
N GLY J 492 0.91 -51.21 30.71
CA GLY J 492 0.50 -52.31 29.85
C GLY J 492 -0.50 -53.23 30.50
N SER J 493 -1.70 -52.74 30.79
CA SER J 493 -2.73 -53.51 31.47
C SER J 493 -4.02 -53.44 30.69
N GLY J 494 -4.45 -54.60 30.17
CA GLY J 494 -5.69 -54.68 29.42
C GLY J 494 -5.69 -53.94 28.11
N GLY J 495 -4.52 -53.67 27.55
CA GLY J 495 -4.43 -52.87 26.34
C GLY J 495 -4.38 -53.68 25.08
N ALA J 496 -4.96 -54.89 25.09
CA ALA J 496 -4.93 -55.78 23.94
C ALA J 496 -6.35 -56.09 23.49
N PRO J 497 -6.95 -55.23 22.64
CA PRO J 497 -8.26 -55.57 22.08
C PRO J 497 -8.15 -56.55 20.93
N GLY J 498 -9.26 -56.85 20.27
CA GLY J 498 -9.19 -57.60 19.04
C GLY J 498 -8.55 -56.77 17.94
N THR J 499 -7.61 -57.38 17.23
CA THR J 499 -6.89 -56.67 16.19
C THR J 499 -7.63 -56.65 14.86
N GLY J 500 -8.81 -57.26 14.80
CA GLY J 500 -9.40 -57.64 13.54
C GLY J 500 -9.82 -56.55 12.58
N SER J 501 -10.84 -55.80 12.96
CA SER J 501 -11.35 -54.63 12.27
C SER J 501 -12.23 -53.91 13.27
N PHE J 502 -13.06 -52.99 12.79
CA PHE J 502 -14.11 -52.52 13.67
C PHE J 502 -15.34 -53.42 13.62
N LEU J 503 -15.42 -54.33 12.66
CA LEU J 503 -16.60 -55.16 12.51
C LEU J 503 -16.28 -56.65 12.45
N PHE J 504 -15.12 -57.02 11.90
CA PHE J 504 -14.83 -58.43 11.66
C PHE J 504 -13.43 -58.82 12.10
N PRO J 505 -13.28 -59.95 12.78
CA PRO J 505 -11.96 -60.33 13.30
C PRO J 505 -11.06 -60.90 12.23
N ASP J 506 -9.76 -60.71 12.44
CA ASP J 506 -8.69 -61.35 11.71
C ASP J 506 -8.44 -62.73 12.31
N PRO J 507 -7.89 -63.68 11.55
CA PRO J 507 -7.62 -65.00 12.12
C PRO J 507 -6.58 -64.95 13.24
N ALA J 508 -6.66 -65.96 14.11
CA ALA J 508 -6.02 -65.88 15.42
C ALA J 508 -4.50 -65.93 15.34
N VAL J 509 -3.95 -66.62 14.34
CA VAL J 509 -2.50 -66.66 14.20
C VAL J 509 -1.96 -65.29 13.79
N GLU J 510 -2.75 -64.53 13.02
CA GLU J 510 -2.36 -63.18 12.66
C GLU J 510 -2.45 -62.24 13.86
N HIS J 511 -3.45 -62.44 14.73
CA HIS J 511 -3.54 -61.68 15.97
C HIS J 511 -2.37 -61.98 16.89
N GLU J 512 -1.99 -63.25 17.00
CA GLU J 512 -0.84 -63.63 17.83
C GLU J 512 0.44 -63.01 17.30
N ALA J 513 0.64 -63.05 15.98
CA ALA J 513 1.83 -62.46 15.38
C ALA J 513 1.89 -60.96 15.59
N LEU J 514 0.75 -60.27 15.42
CA LEU J 514 0.73 -58.82 15.58
C LEU J 514 0.95 -58.41 17.04
N THR J 515 0.28 -59.05 17.98
CA THR J 515 0.44 -58.61 19.36
C THR J 515 1.77 -59.04 19.94
N GLU J 516 2.35 -60.15 19.48
CA GLU J 516 3.67 -60.55 19.96
C GLU J 516 4.74 -59.64 19.35
N ALA J 517 4.57 -59.24 18.09
CA ALA J 517 5.54 -58.35 17.46
C ALA J 517 5.47 -56.95 18.05
N ALA J 518 4.26 -56.43 18.30
CA ALA J 518 4.13 -55.10 18.88
C ALA J 518 4.59 -55.09 20.34
N HIS J 519 4.34 -56.18 21.08
CA HIS J 519 4.82 -56.29 22.44
C HIS J 519 6.35 -56.36 22.48
N ALA J 520 6.95 -57.12 21.54
CA ALA J 520 8.41 -57.19 21.49
C ALA J 520 9.02 -55.87 21.03
N SER J 521 8.33 -55.12 20.18
CA SER J 521 8.85 -53.82 19.76
C SER J 521 8.79 -52.80 20.89
N GLU J 522 7.71 -52.81 21.67
CA GLU J 522 7.65 -51.91 22.82
C GLU J 522 8.66 -52.30 23.89
N HIS J 523 8.86 -53.61 24.07
CA HIS J 523 9.87 -54.10 24.99
C HIS J 523 11.28 -53.72 24.52
N LYS J 524 11.51 -53.76 23.20
CA LYS J 524 12.79 -53.35 22.65
C LYS J 524 12.99 -51.84 22.79
N SER J 525 11.90 -51.07 22.71
CA SER J 525 11.99 -49.62 22.91
C SER J 525 12.43 -49.29 24.32
N LEU J 526 11.74 -49.83 25.33
CA LEU J 526 12.14 -49.54 26.69
C LEU J 526 13.46 -50.20 27.06
N THR J 527 13.83 -51.30 26.40
CA THR J 527 15.13 -51.93 26.66
C THR J 527 16.27 -51.07 26.13
N ALA J 528 16.13 -50.54 24.91
CA ALA J 528 17.16 -49.69 24.34
C ALA J 528 17.27 -48.38 25.09
N LEU J 529 16.12 -47.81 25.49
CA LEU J 529 16.16 -46.57 26.26
C LEU J 529 16.71 -46.79 27.67
N LYS J 530 16.43 -47.93 28.28
CA LYS J 530 16.97 -48.24 29.60
C LYS J 530 18.46 -48.52 29.55
N GLU J 531 18.94 -49.20 28.52
CA GLU J 531 20.37 -49.45 28.44
C GLU J 531 21.14 -48.20 28.03
N HIS J 532 20.50 -47.27 27.30
CA HIS J 532 21.14 -45.97 27.10
C HIS J 532 21.20 -45.18 28.40
N GLN J 533 20.12 -45.22 29.19
CA GLN J 533 20.11 -44.57 30.51
C GLN J 533 21.18 -45.14 31.43
N ASP J 534 21.41 -46.46 31.33
CA ASP J 534 22.49 -47.06 32.12
C ASP J 534 23.86 -46.73 31.54
N ARG J 535 23.94 -46.50 30.23
CA ARG J 535 25.20 -46.06 29.61
C ARG J 535 25.58 -44.66 30.05
N ILE J 536 24.59 -43.81 30.33
CA ILE J 536 24.89 -42.47 30.82
C ILE J 536 25.46 -42.52 32.24
N HIS J 537 24.95 -43.42 33.08
CA HIS J 537 25.41 -43.54 34.45
C HIS J 537 25.82 -44.98 34.73
N GLY J 538 27.11 -45.27 34.58
CA GLY J 538 27.61 -46.61 34.83
C GLY J 538 29.02 -46.82 34.32
N GLN K 72 -65.39 3.04 17.69
CA GLN K 72 -66.53 2.36 18.29
C GLN K 72 -66.46 2.45 19.81
N SER K 73 -67.60 2.82 20.42
CA SER K 73 -67.64 3.01 21.86
C SER K 73 -67.57 1.68 22.61
N ALA K 74 -68.08 0.61 22.00
CA ALA K 74 -67.95 -0.71 22.62
C ALA K 74 -66.50 -1.18 22.61
N LEU K 75 -65.72 -0.74 21.63
CA LEU K 75 -64.29 -1.03 21.62
C LEU K 75 -63.57 -0.28 22.74
N LEU K 76 -63.99 0.95 23.01
CA LEU K 76 -63.46 1.68 24.15
C LEU K 76 -63.85 1.01 25.47
N ARG K 77 -65.07 0.46 25.52
CA ARG K 77 -65.51 -0.24 26.72
C ARG K 77 -64.72 -1.53 26.91
N THR K 78 -64.39 -2.23 25.82
CA THR K 78 -63.57 -3.43 25.91
C THR K 78 -62.17 -3.09 26.40
N GLY K 79 -61.61 -1.98 25.90
CA GLY K 79 -60.35 -1.48 26.43
C GLY K 79 -60.42 -1.14 27.90
N LYS K 80 -61.55 -0.60 28.34
CA LYS K 80 -61.71 -0.29 29.76
C LYS K 80 -61.83 -1.55 30.61
N GLN K 81 -62.53 -2.56 30.10
CA GLN K 81 -62.68 -3.83 30.84
C GLN K 81 -61.35 -4.53 30.98
N LEU K 82 -60.52 -4.49 29.95
CA LEU K 82 -59.18 -5.05 30.06
C LEU K 82 -58.27 -4.16 30.88
N PHE K 83 -58.55 -2.86 30.90
CA PHE K 83 -57.73 -1.92 31.65
C PHE K 83 -57.92 -2.09 33.14
N GLU K 84 -59.17 -2.26 33.58
CA GLU K 84 -59.48 -2.35 35.00
C GLU K 84 -58.85 -3.59 35.64
N THR K 85 -58.80 -4.69 34.90
CA THR K 85 -58.38 -5.97 35.46
C THR K 85 -56.98 -6.37 35.02
N SER K 86 -56.14 -5.41 34.67
CA SER K 86 -54.73 -5.75 34.50
C SER K 86 -53.74 -4.76 35.08
N CYS K 87 -54.08 -3.47 35.22
CA CYS K 87 -53.04 -2.49 35.45
C CYS K 87 -53.33 -1.41 36.48
N VAL K 88 -54.54 -1.31 37.02
CA VAL K 88 -54.90 -0.10 37.76
C VAL K 88 -54.30 -0.12 39.16
N SER K 89 -53.60 -1.20 39.50
CA SER K 89 -52.65 -1.17 40.60
C SER K 89 -51.45 -0.29 40.30
N CYS K 90 -51.19 0.01 39.03
CA CYS K 90 -50.04 0.83 38.67
C CYS K 90 -50.36 1.91 37.64
N HIS K 91 -51.63 2.17 37.35
CA HIS K 91 -52.01 3.33 36.55
C HIS K 91 -53.25 4.03 37.08
N GLY K 92 -53.76 3.64 38.25
CA GLY K 92 -54.69 4.44 39.02
C GLY K 92 -56.12 4.53 38.50
N ALA K 93 -56.43 3.88 37.38
CA ALA K 93 -57.77 3.71 36.78
C ALA K 93 -58.40 5.00 36.25
N ASN K 94 -57.75 6.14 36.48
CA ASN K 94 -58.08 7.38 35.79
C ASN K 94 -56.99 7.71 34.79
N LEU K 95 -56.22 6.70 34.39
CA LEU K 95 -55.07 6.79 33.48
C LEU K 95 -53.98 7.70 34.04
N GLN K 96 -53.91 7.82 35.36
CA GLN K 96 -52.93 8.63 36.04
C GLN K 96 -51.67 7.81 36.27
N GLY K 97 -50.76 8.33 37.09
CA GLY K 97 -49.63 7.53 37.52
C GLY K 97 -49.64 7.28 39.01
N VAL K 98 -49.67 6.01 39.40
CA VAL K 98 -49.53 5.65 40.81
C VAL K 98 -48.10 5.95 41.21
N PRO K 99 -47.88 6.86 42.17
CA PRO K 99 -46.54 7.44 42.36
C PRO K 99 -45.56 6.42 42.92
N ASP K 100 -44.40 6.32 42.25
CA ASP K 100 -43.30 5.40 42.56
C ASP K 100 -43.73 3.94 42.46
N ARG K 101 -44.79 3.67 41.70
CA ARG K 101 -45.23 2.32 41.40
C ARG K 101 -45.55 2.11 39.93
N GLY K 102 -45.97 3.15 39.21
CA GLY K 102 -46.18 3.08 37.79
C GLY K 102 -46.50 4.47 37.26
N PRO K 103 -45.84 4.89 36.19
CA PRO K 103 -45.95 6.27 35.74
C PRO K 103 -47.28 6.54 35.04
N SER K 104 -47.46 7.81 34.70
CA SER K 104 -48.66 8.26 34.01
C SER K 104 -48.75 7.67 32.62
N LEU K 105 -49.95 7.72 32.05
CA LEU K 105 -50.21 6.98 30.83
C LEU K 105 -50.96 7.76 29.78
N ILE K 106 -51.56 8.91 30.11
CA ILE K 106 -52.20 9.73 29.08
C ILE K 106 -51.14 10.37 28.20
N GLY K 107 -51.54 10.68 26.97
CA GLY K 107 -50.66 11.28 26.00
C GLY K 107 -49.71 10.31 25.32
N THR K 108 -49.47 9.14 25.89
CA THR K 108 -48.58 8.18 25.27
C THR K 108 -49.22 7.56 24.05
N GLY K 109 -50.48 7.16 24.16
CA GLY K 109 -51.28 6.91 22.98
C GLY K 109 -51.34 5.47 22.52
N GLU K 110 -52.09 5.31 21.42
CA GLU K 110 -52.35 3.98 20.86
C GLU K 110 -51.09 3.34 20.31
N ALA K 111 -50.17 4.15 19.79
CA ALA K 111 -48.90 3.61 19.31
C ALA K 111 -48.06 3.08 20.46
N ALA K 112 -48.04 3.81 21.57
CA ALA K 112 -47.30 3.38 22.75
C ALA K 112 -47.89 2.11 23.34
N VAL K 113 -49.22 2.02 23.41
CA VAL K 113 -49.82 0.81 23.98
C VAL K 113 -49.69 -0.36 23.03
N TYR K 114 -49.71 -0.12 21.72
CA TYR K 114 -49.44 -1.19 20.76
C TYR K 114 -48.05 -1.75 20.91
N PHE K 115 -47.05 -0.88 21.05
CA PHE K 115 -45.70 -1.41 21.22
C PHE K 115 -45.51 -2.03 22.60
N GLN K 116 -46.14 -1.48 23.63
CA GLN K 116 -45.85 -1.95 24.97
C GLN K 116 -46.71 -3.13 25.40
N VAL K 117 -47.72 -3.53 24.64
CA VAL K 117 -48.46 -4.73 24.99
C VAL K 117 -48.34 -5.73 23.86
N SER K 118 -48.17 -5.25 22.63
CA SER K 118 -47.99 -6.17 21.50
C SER K 118 -46.64 -6.87 21.58
N THR K 119 -45.61 -6.19 22.05
CA THR K 119 -44.40 -6.89 22.45
C THR K 119 -44.65 -7.74 23.68
N GLY K 120 -45.48 -7.25 24.59
CA GLY K 120 -45.82 -7.96 25.81
C GLY K 120 -45.36 -7.28 27.06
N ARG K 121 -44.49 -6.27 26.93
CA ARG K 121 -43.65 -5.80 28.03
C ARG K 121 -44.46 -5.21 29.17
N MET K 122 -45.34 -4.26 28.87
CA MET K 122 -45.92 -3.53 29.99
C MET K 122 -46.91 -4.22 30.90
N PRO K 123 -47.71 -5.24 30.50
CA PRO K 123 -48.40 -6.01 31.54
C PRO K 123 -47.42 -6.80 32.39
N ALA K 124 -46.72 -6.07 33.26
CA ALA K 124 -45.46 -6.48 33.85
C ALA K 124 -45.67 -6.83 35.31
N MET K 125 -44.59 -7.26 35.95
CA MET K 125 -44.69 -7.94 37.22
C MET K 125 -43.75 -7.43 38.29
N ARG K 126 -42.80 -6.56 37.96
CA ARG K 126 -41.94 -5.93 38.96
C ARG K 126 -41.36 -4.66 38.35
N GLY K 127 -41.03 -3.72 39.21
CA GLY K 127 -40.31 -2.55 38.76
C GLY K 127 -38.83 -2.71 39.04
N GLU K 128 -38.06 -3.04 38.01
CA GLU K 128 -36.69 -3.47 38.15
C GLU K 128 -35.80 -2.52 37.36
N ALA K 129 -34.57 -2.93 37.05
CA ALA K 129 -33.68 -2.16 36.17
C ALA K 129 -34.37 -1.74 34.89
N GLN K 130 -34.88 -2.71 34.12
CA GLN K 130 -35.83 -2.38 33.06
C GLN K 130 -36.77 -3.57 32.88
N ALA K 131 -38.01 -3.28 32.53
CA ALA K 131 -38.98 -4.35 32.32
C ALA K 131 -38.68 -5.02 31.00
N PRO K 132 -38.44 -6.32 30.96
CA PRO K 132 -37.89 -6.93 29.76
C PRO K 132 -38.99 -7.40 28.82
N SER K 133 -38.60 -8.02 27.71
CA SER K 133 -39.57 -8.60 26.81
C SER K 133 -40.14 -9.87 27.42
N LYS K 134 -41.31 -10.27 26.91
CA LYS K 134 -42.06 -11.41 27.41
C LYS K 134 -43.08 -11.78 26.35
N PRO K 135 -43.79 -12.91 26.51
CA PRO K 135 -44.91 -13.20 25.62
C PRO K 135 -46.02 -12.19 25.80
N PRO K 136 -46.81 -11.94 24.74
CA PRO K 136 -47.85 -10.91 24.82
C PRO K 136 -49.01 -11.32 25.70
N HIS K 137 -49.52 -10.38 26.48
CA HIS K 137 -50.61 -10.64 27.40
C HIS K 137 -51.98 -10.39 26.78
N PHE K 138 -52.04 -9.77 25.59
CA PHE K 138 -53.29 -9.58 24.88
C PHE K 138 -53.02 -9.75 23.39
N ASP K 139 -54.09 -9.98 22.62
CA ASP K 139 -53.98 -10.20 21.19
C ASP K 139 -54.47 -8.98 20.40
N GLU K 140 -54.27 -9.04 19.08
CA GLU K 140 -54.52 -7.92 18.17
C GLU K 140 -55.98 -7.49 18.15
N SER K 141 -56.91 -8.39 18.47
CA SER K 141 -58.31 -8.02 18.62
C SER K 141 -58.57 -7.18 19.86
N GLN K 142 -57.61 -7.09 20.77
CA GLN K 142 -57.75 -6.36 22.01
C GLN K 142 -56.76 -5.23 22.18
N ILE K 143 -55.66 -5.24 21.44
CA ILE K 143 -54.70 -4.14 21.50
C ILE K 143 -55.31 -2.88 20.90
N ASP K 144 -56.13 -3.02 19.86
CA ASP K 144 -56.84 -1.87 19.30
C ASP K 144 -57.80 -1.27 20.33
N ALA K 145 -58.46 -2.13 21.12
CA ALA K 145 -59.35 -1.66 22.17
C ALA K 145 -58.59 -0.92 23.23
N LEU K 146 -57.47 -1.49 23.69
CA LEU K 146 -56.71 -0.91 24.78
C LEU K 146 -56.01 0.38 24.36
N GLY K 147 -55.50 0.41 23.12
CA GLY K 147 -54.84 1.61 22.63
C GLY K 147 -55.81 2.72 22.29
N ALA K 148 -57.00 2.37 21.79
CA ALA K 148 -57.98 3.41 21.54
C ALA K 148 -58.55 3.94 22.85
N TYR K 149 -58.60 3.10 23.89
CA TYR K 149 -59.03 3.59 25.19
C TYR K 149 -58.01 4.56 25.78
N VAL K 150 -56.72 4.23 25.69
CA VAL K 150 -55.71 5.17 26.22
C VAL K 150 -55.60 6.41 25.34
N GLN K 151 -55.98 6.33 24.06
CA GLN K 151 -55.90 7.53 23.24
C GLN K 151 -57.12 8.40 23.46
N ALA K 152 -58.28 7.80 23.78
CA ALA K 152 -59.46 8.57 24.11
C ALA K 152 -59.32 9.24 25.47
N ASN K 153 -58.71 8.57 26.45
CA ASN K 153 -58.44 9.24 27.72
C ASN K 153 -57.33 10.26 27.59
N GLY K 154 -56.27 9.91 26.88
CA GLY K 154 -55.19 10.86 26.65
C GLY K 154 -55.19 11.36 25.23
N GLY K 155 -54.25 10.87 24.44
CA GLY K 155 -54.16 11.26 23.05
C GLY K 155 -52.74 11.60 22.66
N GLY K 156 -52.23 10.94 21.63
CA GLY K 156 -50.87 11.14 21.20
C GLY K 156 -50.60 10.43 19.89
N PRO K 157 -49.45 9.76 19.80
CA PRO K 157 -49.13 9.02 18.57
C PRO K 157 -50.02 7.81 18.38
N THR K 158 -50.39 7.55 17.14
CA THR K 158 -51.21 6.40 16.79
C THR K 158 -50.44 5.45 15.90
N VAL K 159 -50.84 4.19 15.94
CA VAL K 159 -50.18 3.12 15.21
C VAL K 159 -50.60 3.23 13.74
N PRO K 160 -49.69 3.08 12.78
CA PRO K 160 -50.07 3.21 11.37
C PRO K 160 -50.88 2.01 10.90
N ARG K 161 -51.95 2.30 10.18
CA ARG K 161 -52.90 1.29 9.77
C ARG K 161 -53.11 1.35 8.26
N ASP K 162 -53.33 0.18 7.67
CA ASP K 162 -53.45 0.05 6.23
C ASP K 162 -54.91 0.24 5.80
N ASP K 163 -55.22 -0.15 4.56
CA ASP K 163 -56.55 0.00 3.99
C ASP K 163 -57.55 -1.05 4.48
N HIS K 164 -57.19 -1.87 5.46
CA HIS K 164 -58.13 -2.81 6.07
C HIS K 164 -58.60 -2.35 7.45
N GLY K 165 -58.02 -1.29 7.99
CA GLY K 165 -58.28 -0.89 9.35
C GLY K 165 -57.44 -1.59 10.40
N ALA K 166 -56.84 -2.72 10.06
CA ALA K 166 -55.96 -3.41 10.98
C ALA K 166 -54.60 -2.71 11.03
N VAL K 167 -53.74 -3.19 11.93
CA VAL K 167 -52.43 -2.58 12.11
C VAL K 167 -51.53 -2.92 10.93
N ALA K 168 -50.99 -1.89 10.29
CA ALA K 168 -50.16 -2.08 9.11
C ALA K 168 -48.78 -2.56 9.54
N GLN K 169 -48.37 -3.71 9.01
CA GLN K 169 -47.08 -4.28 9.35
C GLN K 169 -46.19 -4.54 8.15
N GLU K 170 -46.77 -4.73 6.97
CA GLU K 170 -46.00 -4.98 5.76
C GLU K 170 -45.87 -3.74 4.89
N SER K 171 -46.82 -2.82 4.96
CA SER K 171 -46.72 -1.57 4.21
C SER K 171 -45.77 -0.58 4.84
N LEU K 172 -45.13 -0.94 5.95
CA LEU K 172 -44.17 -0.08 6.63
C LEU K 172 -42.74 -0.24 6.12
N ILE K 173 -42.40 -1.32 5.43
CA ILE K 173 -41.03 -1.42 4.93
C ILE K 173 -40.84 -0.45 3.78
N GLY K 174 -39.94 0.50 3.97
CA GLY K 174 -39.72 1.54 2.99
C GLY K 174 -38.99 1.04 1.77
N GLY K 175 -39.01 1.87 0.73
CA GLY K 175 -38.40 1.53 -0.54
C GLY K 175 -36.90 1.65 -0.60
N ASP K 176 -36.26 2.10 0.47
CA ASP K 176 -34.81 2.22 0.50
C ASP K 176 -34.29 1.50 1.73
N VAL K 177 -33.05 0.99 1.62
CA VAL K 177 -32.39 0.29 2.71
C VAL K 177 -31.09 0.99 3.11
N ALA K 178 -30.34 1.50 2.12
CA ALA K 178 -29.05 2.12 2.38
C ALA K 178 -29.20 3.41 3.16
N ARG K 179 -30.23 4.18 2.85
CA ARG K 179 -30.57 5.34 3.68
C ARG K 179 -30.99 4.89 5.06
N GLY K 180 -31.74 3.79 5.15
CA GLY K 180 -32.08 3.19 6.43
C GLY K 180 -30.87 2.65 7.15
N GLY K 181 -29.89 2.13 6.40
CA GLY K 181 -28.67 1.67 7.02
C GLY K 181 -27.88 2.80 7.66
N ASP K 182 -27.70 3.88 6.91
CA ASP K 182 -26.99 5.05 7.45
C ASP K 182 -27.76 5.73 8.56
N LEU K 183 -29.09 5.71 8.50
CA LEU K 183 -29.87 6.43 9.50
C LEU K 183 -30.02 5.62 10.78
N PHE K 184 -30.24 4.31 10.67
CA PHE K 184 -30.15 3.40 11.81
C PHE K 184 -28.78 3.48 12.45
N ARG K 185 -27.75 3.58 11.62
CA ARG K 185 -26.38 3.52 12.12
C ARG K 185 -25.99 4.81 12.83
N LEU K 186 -26.39 5.95 12.29
CA LEU K 186 -26.15 7.23 12.95
C LEU K 186 -27.00 7.38 14.19
N ASN K 187 -28.31 7.24 14.04
CA ASN K 187 -29.19 7.81 15.03
C ASN K 187 -29.35 6.89 16.24
N CYS K 188 -29.24 5.58 16.04
CA CYS K 188 -29.49 4.69 17.18
C CYS K 188 -28.54 3.52 17.35
N ALA K 189 -27.84 3.05 16.31
CA ALA K 189 -27.08 1.82 16.40
C ALA K 189 -25.88 1.91 17.33
N SER K 190 -25.59 3.09 17.87
CA SER K 190 -24.83 3.20 19.10
C SER K 190 -25.43 2.32 20.19
N CYS K 191 -26.74 2.36 20.35
CA CYS K 191 -27.29 1.63 21.48
C CYS K 191 -27.41 0.14 21.21
N HIS K 192 -28.00 -0.25 20.08
CA HIS K 192 -28.20 -1.67 19.92
C HIS K 192 -26.97 -2.39 19.41
N ASN K 193 -26.71 -2.28 18.11
CA ASN K 193 -25.65 -2.96 17.39
C ASN K 193 -25.81 -2.54 15.94
N PHE K 194 -24.94 -3.03 15.04
CA PHE K 194 -25.08 -2.70 13.63
C PHE K 194 -26.28 -3.38 13.01
N THR K 195 -26.39 -4.69 13.18
CA THR K 195 -27.51 -5.42 12.60
C THR K 195 -28.74 -5.42 13.49
N GLY K 196 -28.66 -4.81 14.66
CA GLY K 196 -29.79 -4.79 15.55
C GLY K 196 -29.78 -5.88 16.60
N LYS K 197 -28.61 -6.36 16.99
CA LYS K 197 -28.53 -7.18 18.19
C LYS K 197 -28.56 -6.26 19.39
N GLY K 198 -28.60 -6.83 20.59
CA GLY K 198 -28.71 -6.01 21.77
C GLY K 198 -27.44 -5.27 22.10
N GLY K 199 -27.56 -4.33 23.01
CA GLY K 199 -26.41 -3.64 23.56
C GLY K 199 -26.64 -3.36 25.02
N ALA K 200 -25.54 -3.23 25.76
CA ALA K 200 -25.67 -2.95 27.17
C ALA K 200 -26.02 -1.50 27.40
N LEU K 201 -26.69 -1.25 28.52
CA LEU K 201 -26.99 0.10 28.99
C LEU K 201 -26.58 0.20 30.45
N SER K 202 -26.82 1.38 31.03
CA SER K 202 -26.08 1.87 32.19
C SER K 202 -26.18 1.03 33.45
N SER K 203 -27.35 0.99 34.07
CA SER K 203 -27.49 0.34 35.36
C SER K 203 -28.53 -0.76 35.21
N GLY K 204 -28.08 -1.92 34.74
CA GLY K 204 -28.92 -3.08 34.60
C GLY K 204 -29.77 -3.18 33.36
N LYS K 205 -30.30 -2.05 32.93
CA LYS K 205 -31.01 -1.92 31.67
C LYS K 205 -30.11 -2.26 30.49
N TYR K 206 -30.74 -2.64 29.37
CA TYR K 206 -30.02 -3.13 28.21
C TYR K 206 -30.88 -2.95 26.99
N ALA K 207 -30.24 -2.74 25.85
CA ALA K 207 -30.96 -2.78 24.58
C ALA K 207 -31.28 -4.22 24.23
N PRO K 208 -32.47 -4.49 23.70
CA PRO K 208 -32.81 -5.84 23.29
C PRO K 208 -32.48 -6.09 21.82
N ASP K 209 -32.48 -7.36 21.45
CA ASP K 209 -32.32 -7.78 20.07
C ASP K 209 -33.51 -7.29 19.24
N LEU K 210 -33.26 -6.97 17.98
CA LEU K 210 -34.30 -6.54 17.07
C LEU K 210 -34.76 -7.65 16.13
N GLY K 211 -34.34 -8.89 16.39
CA GLY K 211 -34.71 -9.97 15.49
C GLY K 211 -36.16 -10.37 15.63
N ASP K 212 -36.64 -10.47 16.87
CA ASP K 212 -38.03 -10.84 17.14
C ASP K 212 -38.88 -9.58 17.28
N ALA K 213 -38.93 -8.80 16.21
CA ALA K 213 -39.55 -7.49 16.23
C ALA K 213 -40.42 -7.31 14.99
N ASN K 214 -41.73 -7.37 15.21
CA ASN K 214 -42.74 -6.95 14.25
C ASN K 214 -42.45 -5.53 13.74
N PRO K 215 -42.50 -5.28 12.42
CA PRO K 215 -42.19 -3.93 11.91
C PRO K 215 -43.06 -2.80 12.45
N ALA K 216 -44.33 -3.07 12.73
CA ALA K 216 -45.14 -2.06 13.40
C ALA K 216 -44.66 -1.82 14.82
N GLN K 217 -44.16 -2.85 15.49
CA GLN K 217 -43.55 -2.65 16.80
C GLN K 217 -42.25 -1.87 16.71
N ILE K 218 -41.55 -1.96 15.58
CA ILE K 218 -40.31 -1.20 15.42
C ILE K 218 -40.63 0.27 15.19
N TYR K 219 -41.64 0.55 14.36
CA TYR K 219 -42.08 1.91 14.12
C TYR K 219 -42.65 2.54 15.39
N THR K 220 -43.48 1.81 16.12
CA THR K 220 -44.01 2.33 17.37
C THR K 220 -43.03 2.23 18.52
N ALA K 221 -41.91 1.55 18.33
CA ALA K 221 -40.82 1.57 19.30
C ALA K 221 -40.04 2.87 19.18
N MET K 222 -39.67 3.23 17.95
CA MET K 222 -38.98 4.51 17.81
C MET K 222 -39.94 5.69 17.91
N LEU K 223 -41.25 5.50 17.68
CA LEU K 223 -42.21 6.59 17.69
C LEU K 223 -42.53 7.04 19.11
N THR K 224 -42.78 6.12 20.02
CA THR K 224 -42.89 6.45 21.43
C THR K 224 -41.91 5.58 22.19
N GLY K 225 -40.82 6.20 22.61
CA GLY K 225 -39.73 5.51 23.24
C GLY K 225 -40.05 5.08 24.65
N PRO K 226 -40.19 3.77 24.85
CA PRO K 226 -40.66 3.25 26.14
C PRO K 226 -39.79 3.52 27.36
N GLN K 227 -38.59 2.95 27.37
CA GLN K 227 -37.72 2.90 28.52
C GLN K 227 -36.36 3.29 28.00
N ASN K 228 -35.86 4.45 28.42
CA ASN K 228 -34.49 4.89 28.24
C ASN K 228 -34.13 5.16 26.78
N MET K 229 -35.00 4.85 25.84
CA MET K 229 -34.71 5.29 24.51
C MET K 229 -35.43 6.59 24.22
N PRO K 230 -34.76 7.48 23.49
CA PRO K 230 -35.42 8.70 23.06
C PRO K 230 -36.60 8.40 22.15
N LYS K 231 -37.67 9.17 22.32
CA LYS K 231 -38.80 9.01 21.42
C LYS K 231 -38.49 9.77 20.13
N PHE K 232 -38.12 9.02 19.11
CA PHE K 232 -37.83 9.58 17.80
C PHE K 232 -39.16 9.95 17.18
N SER K 233 -39.54 11.21 17.31
CA SER K 233 -40.91 11.62 17.09
C SER K 233 -41.26 11.63 15.62
N ASP K 234 -42.50 12.02 15.34
CA ASP K 234 -42.98 12.20 13.98
C ASP K 234 -42.28 13.35 13.28
N ARG K 235 -41.73 14.31 14.05
CA ARG K 235 -41.00 15.44 13.50
C ARG K 235 -39.49 15.32 13.64
N GLN K 236 -39.00 14.49 14.56
CA GLN K 236 -37.56 14.25 14.62
C GLN K 236 -37.13 13.41 13.43
N LEU K 237 -37.72 12.23 13.29
CA LEU K 237 -37.60 11.42 12.08
C LEU K 237 -38.92 11.46 11.34
N THR K 238 -38.89 11.75 10.05
CA THR K 238 -40.11 11.79 9.27
C THR K 238 -40.58 10.36 9.02
N PRO K 239 -41.87 10.13 8.77
CA PRO K 239 -42.35 8.76 8.51
C PRO K 239 -41.71 8.08 7.31
N ASP K 240 -41.22 8.84 6.32
CA ASP K 240 -40.37 8.26 5.28
C ASP K 240 -39.12 7.65 5.89
N GLU K 241 -38.46 8.40 6.78
CA GLU K 241 -37.26 7.93 7.45
C GLU K 241 -37.54 6.77 8.39
N LYS K 242 -38.71 6.75 9.02
CA LYS K 242 -38.99 5.68 9.97
C LYS K 242 -39.37 4.39 9.25
N ARG K 243 -40.14 4.50 8.16
CA ARG K 243 -40.34 3.37 7.26
C ARG K 243 -39.04 2.89 6.65
N ASP K 244 -38.11 3.80 6.46
CA ASP K 244 -36.80 3.48 5.91
C ASP K 244 -35.93 2.72 6.91
N ILE K 245 -35.98 3.11 8.19
CA ILE K 245 -35.26 2.38 9.23
C ILE K 245 -35.86 1.00 9.45
N VAL K 246 -37.20 0.89 9.44
CA VAL K 246 -37.77 -0.45 9.61
C VAL K 246 -37.61 -1.27 8.34
N ALA K 247 -37.31 -0.65 7.21
CA ALA K 247 -36.88 -1.42 6.05
C ALA K 247 -35.48 -1.97 6.26
N TYR K 248 -34.62 -1.20 6.93
CA TYR K 248 -33.28 -1.70 7.19
C TYR K 248 -33.27 -2.84 8.20
N VAL K 249 -33.95 -2.67 9.34
CA VAL K 249 -33.81 -3.66 10.41
C VAL K 249 -34.55 -4.95 10.13
N ARG K 250 -35.56 -4.93 9.25
CA ARG K 250 -36.22 -6.15 8.84
C ARG K 250 -35.55 -6.78 7.64
N GLU K 251 -34.39 -6.27 7.26
CA GLU K 251 -33.57 -6.91 6.26
C GLU K 251 -32.10 -6.75 6.66
N SER K 252 -31.86 -6.72 7.98
CA SER K 252 -30.54 -6.84 8.55
C SER K 252 -30.57 -7.90 9.64
N ALA K 253 -31.69 -7.98 10.35
CA ALA K 253 -31.95 -9.08 11.29
C ALA K 253 -32.67 -10.24 10.61
N GLU K 254 -32.84 -10.17 9.30
CA GLU K 254 -33.47 -11.22 8.52
C GLU K 254 -32.56 -11.81 7.46
N THR K 255 -31.69 -11.00 6.86
CA THR K 255 -30.75 -11.50 5.87
C THR K 255 -29.72 -12.40 6.54
N PRO K 256 -29.32 -13.50 5.90
CA PRO K 256 -28.36 -14.41 6.53
C PRO K 256 -26.97 -13.81 6.53
N SER K 257 -26.16 -14.29 7.47
CA SER K 257 -24.77 -13.86 7.58
C SER K 257 -24.01 -14.38 6.37
N TYR K 258 -23.63 -13.47 5.48
CA TYR K 258 -22.95 -13.82 4.24
C TYR K 258 -21.57 -14.35 4.55
N GLY K 259 -21.38 -15.64 4.35
CA GLY K 259 -20.05 -16.19 4.47
C GLY K 259 -19.74 -16.88 5.79
N GLY K 260 -20.67 -17.68 6.30
CA GLY K 260 -20.40 -18.50 7.46
C GLY K 260 -21.47 -18.35 8.51
N TYR K 261 -21.22 -18.99 9.64
CA TYR K 261 -22.05 -18.80 10.81
C TYR K 261 -21.88 -17.39 11.34
N GLY K 262 -23.00 -16.77 11.70
CA GLY K 262 -22.93 -15.44 12.28
C GLY K 262 -22.73 -15.52 13.78
N LEU K 263 -21.50 -15.34 14.23
CA LEU K 263 -21.15 -15.43 15.64
C LEU K 263 -21.70 -14.20 16.35
N GLY K 264 -22.99 -14.25 16.66
CA GLY K 264 -23.69 -13.04 17.03
C GLY K 264 -23.77 -12.12 15.83
N GLY K 265 -23.93 -10.84 16.12
CA GLY K 265 -23.83 -9.84 15.07
C GLY K 265 -22.63 -8.95 15.33
N PHE K 266 -22.34 -8.75 16.60
CA PHE K 266 -21.17 -7.98 17.01
C PHE K 266 -19.93 -8.86 16.91
N GLY K 267 -18.87 -8.28 16.36
CA GLY K 267 -17.80 -9.08 15.81
C GLY K 267 -16.87 -9.78 16.78
N PRO K 268 -15.92 -9.06 17.37
CA PRO K 268 -14.66 -9.72 17.74
C PRO K 268 -14.67 -10.53 19.02
N ALA K 269 -15.60 -10.33 19.93
CA ALA K 269 -15.60 -11.16 21.14
C ALA K 269 -16.14 -12.57 20.90
N PRO K 270 -17.27 -12.78 20.19
CA PRO K 270 -17.60 -14.16 19.80
C PRO K 270 -16.59 -14.78 18.86
N GLU K 271 -15.95 -13.98 18.02
CA GLU K 271 -14.92 -14.51 17.14
C GLU K 271 -13.70 -14.94 17.93
N GLY K 272 -13.39 -14.26 19.03
CA GLY K 272 -12.34 -14.73 19.91
C GLY K 272 -12.72 -16.03 20.61
N MET K 273 -13.91 -16.05 21.24
CA MET K 273 -14.30 -17.23 22.02
C MET K 273 -14.53 -18.44 21.12
N ALA K 274 -14.90 -18.22 19.87
CA ALA K 274 -14.95 -19.30 18.88
C ALA K 274 -13.63 -19.51 18.17
N MET K 275 -12.63 -18.67 18.41
CA MET K 275 -11.28 -19.05 18.03
C MET K 275 -10.68 -20.02 19.04
N TRP K 276 -10.95 -19.80 20.33
CA TRP K 276 -10.32 -20.64 21.35
C TRP K 276 -10.92 -22.04 21.38
N ILE K 277 -12.22 -22.16 21.64
CA ILE K 277 -12.73 -23.50 21.91
C ILE K 277 -13.07 -24.28 20.64
N ILE K 278 -13.26 -23.61 19.51
CA ILE K 278 -13.49 -24.28 18.24
C ILE K 278 -12.21 -24.45 17.46
N GLY K 279 -11.44 -23.37 17.30
CA GLY K 279 -10.25 -23.43 16.48
C GLY K 279 -9.01 -23.82 17.25
N MET K 280 -8.75 -23.14 18.36
CA MET K 280 -7.49 -23.36 19.08
C MET K 280 -7.54 -24.64 19.92
N VAL K 281 -8.70 -25.01 20.45
CA VAL K 281 -8.82 -26.31 21.12
C VAL K 281 -8.64 -27.45 20.13
N ALA K 282 -9.16 -27.29 18.91
CA ALA K 282 -8.92 -28.30 17.88
C ALA K 282 -7.46 -28.32 17.46
N ALA K 283 -6.81 -27.14 17.42
CA ALA K 283 -5.40 -27.09 17.06
C ALA K 283 -4.53 -27.77 18.10
N ILE K 284 -4.79 -27.52 19.39
CA ILE K 284 -4.03 -28.17 20.45
C ILE K 284 -4.39 -29.65 20.54
N GLY K 285 -5.61 -30.03 20.18
CA GLY K 285 -5.96 -31.44 20.14
C GLY K 285 -5.25 -32.18 19.02
N VAL K 286 -5.11 -31.55 17.87
CA VAL K 286 -4.30 -32.10 16.79
C VAL K 286 -2.84 -32.18 17.22
N ALA K 287 -2.35 -31.13 17.88
CA ALA K 287 -0.97 -31.09 18.35
C ALA K 287 -0.68 -32.12 19.43
N MET K 288 -1.68 -32.55 20.18
CA MET K 288 -1.44 -33.61 21.14
C MET K 288 -1.76 -34.99 20.60
N TRP K 289 -2.48 -35.08 19.48
CA TRP K 289 -2.56 -36.36 18.81
C TRP K 289 -1.30 -36.66 18.02
N ILE K 290 -0.67 -35.63 17.45
CA ILE K 290 0.53 -35.85 16.64
C ILE K 290 1.74 -36.11 17.52
N GLY K 291 2.10 -35.13 18.35
CA GLY K 291 3.18 -35.33 19.28
C GLY K 291 2.76 -36.19 20.45
N SER K 292 3.74 -36.84 21.06
CA SER K 292 3.47 -37.68 22.21
C SER K 292 3.55 -36.82 23.47
N ARG K 293 3.57 -37.46 24.63
CA ARG K 293 3.79 -36.75 25.88
C ARG K 293 4.79 -37.51 26.73
N ALA K 294 5.71 -36.77 27.33
CA ALA K 294 6.76 -37.35 28.15
C ALA K 294 7.31 -36.29 29.09
N GLY L 40 36.39 -44.19 14.32
CA GLY L 40 37.75 -43.97 14.77
C GLY L 40 38.70 -43.59 13.65
N GLN L 41 38.16 -43.61 12.43
CA GLN L 41 38.92 -43.30 11.22
C GLN L 41 37.93 -42.90 10.14
N PRO L 42 38.38 -42.17 9.11
CA PRO L 42 37.43 -41.72 8.08
C PRO L 42 36.80 -42.82 7.24
N THR L 43 37.39 -44.02 7.20
CA THR L 43 36.88 -45.21 6.49
C THR L 43 36.64 -44.92 5.01
N ASP L 44 37.71 -44.63 4.29
CA ASP L 44 37.56 -44.21 2.89
C ASP L 44 37.41 -45.40 1.94
N ALA L 45 38.23 -46.44 2.11
CA ALA L 45 38.22 -47.53 1.13
C ALA L 45 37.13 -48.56 1.44
N GLU L 46 36.83 -48.79 2.71
CA GLU L 46 35.86 -49.80 3.13
C GLU L 46 34.43 -49.25 3.19
N LEU L 47 34.17 -48.11 2.57
CA LEU L 47 32.86 -47.49 2.66
C LEU L 47 31.93 -47.93 1.54
N ALA L 48 32.47 -48.34 0.39
CA ALA L 48 31.61 -48.86 -0.66
C ALA L 48 31.10 -50.25 -0.32
N GLU L 49 31.87 -51.01 0.45
CA GLU L 49 31.43 -52.31 0.94
C GLU L 49 30.43 -52.17 2.08
N MET L 50 30.34 -51.01 2.70
CA MET L 50 29.55 -50.80 3.91
C MET L 50 28.07 -50.77 3.59
N SER L 51 27.28 -51.44 4.44
CA SER L 51 25.84 -51.53 4.22
C SER L 51 25.17 -50.20 4.53
N ARG L 52 23.92 -50.07 4.09
CA ARG L 52 23.26 -48.77 4.06
C ARG L 52 22.82 -48.32 5.45
N GLU L 53 22.28 -49.23 6.26
CA GLU L 53 21.92 -48.85 7.62
C GLU L 53 23.16 -48.61 8.47
N GLU L 54 24.28 -49.26 8.13
CA GLU L 54 25.54 -48.95 8.79
C GLU L 54 26.04 -47.58 8.38
N LEU L 55 25.75 -47.14 7.15
CA LEU L 55 26.04 -45.77 6.76
C LEU L 55 25.16 -44.77 7.50
N VAL L 56 23.90 -45.14 7.78
CA VAL L 56 23.04 -44.26 8.55
C VAL L 56 23.55 -44.13 9.99
N LYS L 57 23.97 -45.24 10.59
CA LYS L 57 24.56 -45.17 11.92
C LYS L 57 25.90 -44.46 11.91
N LEU L 58 26.63 -44.53 10.80
CA LEU L 58 27.88 -43.78 10.68
C LEU L 58 27.61 -42.29 10.60
N GLY L 59 26.51 -41.90 9.94
CA GLY L 59 26.13 -40.49 9.92
C GLY L 59 25.68 -40.00 11.27
N GLY L 60 24.99 -40.85 12.02
CA GLY L 60 24.67 -40.53 13.40
C GLY L 60 25.91 -40.34 14.24
N LYS L 61 26.89 -41.24 14.09
CA LYS L 61 28.09 -41.17 14.89
C LYS L 61 28.95 -39.96 14.51
N ILE L 62 28.98 -39.61 13.23
CA ILE L 62 29.76 -38.45 12.80
C ILE L 62 29.02 -37.15 13.08
N ASP L 63 27.71 -37.20 13.36
CA ASP L 63 26.99 -36.00 13.75
C ASP L 63 26.72 -35.91 15.24
N GLY L 64 26.52 -37.03 15.93
CA GLY L 64 26.31 -37.01 17.36
C GLY L 64 25.15 -37.85 17.80
N VAL L 65 24.40 -38.34 16.85
CA VAL L 65 23.14 -39.03 17.11
C VAL L 65 23.41 -40.52 17.27
N GLU L 66 22.58 -41.22 18.02
CA GLU L 66 22.48 -42.66 17.84
C GLU L 66 21.00 -43.01 17.78
N THR L 67 20.62 -43.72 16.73
CA THR L 67 19.22 -44.08 16.53
C THR L 67 18.96 -45.41 17.24
N ILE L 68 18.92 -45.33 18.57
CA ILE L 68 18.53 -46.48 19.35
C ILE L 68 17.04 -46.72 19.17
N PHE L 69 16.67 -47.97 18.91
CA PHE L 69 15.31 -48.39 18.59
C PHE L 69 14.76 -47.64 17.37
N LYS L 70 15.28 -48.02 16.21
CA LYS L 70 14.61 -47.69 14.96
C LYS L 70 14.13 -49.01 14.35
N GLU L 71 12.90 -49.38 14.69
CA GLU L 71 12.29 -50.62 14.24
C GLU L 71 11.04 -50.31 13.43
N PRO L 72 10.76 -51.07 12.37
CA PRO L 72 9.60 -50.76 11.52
C PRO L 72 8.28 -51.06 12.22
N ARG L 73 7.22 -50.47 11.68
CA ARG L 73 5.92 -50.57 12.33
C ARG L 73 5.24 -51.91 12.08
N TRP L 74 5.48 -52.52 10.93
CA TRP L 74 4.85 -53.78 10.57
C TRP L 74 5.97 -54.79 10.32
N PRO L 75 6.48 -55.42 11.39
CA PRO L 75 7.62 -56.33 11.21
C PRO L 75 7.21 -57.68 10.64
N VAL L 76 5.98 -58.09 10.88
CA VAL L 76 5.47 -59.30 10.23
C VAL L 76 4.81 -58.90 8.91
N PRO L 77 5.20 -59.51 7.79
CA PRO L 77 4.61 -59.15 6.51
C PRO L 77 3.41 -60.03 6.17
N GLY L 78 2.63 -59.54 5.20
CA GLY L 78 1.49 -60.29 4.72
C GLY L 78 0.26 -60.22 5.59
N THR L 79 0.32 -59.52 6.72
CA THR L 79 -0.86 -59.34 7.56
C THR L 79 -1.83 -58.38 6.87
N LYS L 80 -3.10 -58.52 7.21
CA LYS L 80 -4.12 -57.68 6.60
C LYS L 80 -4.53 -56.51 7.48
N ALA L 81 -4.03 -56.42 8.71
CA ALA L 81 -4.19 -55.18 9.46
C ALA L 81 -3.32 -54.09 8.86
N GLU L 82 -2.12 -54.45 8.38
CA GLU L 82 -1.30 -53.53 7.62
C GLU L 82 -1.99 -53.09 6.34
N LYS L 83 -2.62 -54.04 5.65
CA LYS L 83 -3.33 -53.72 4.41
C LYS L 83 -4.56 -52.85 4.69
N ARG L 84 -5.21 -53.05 5.83
CA ARG L 84 -6.38 -52.26 6.15
C ARG L 84 -6.01 -50.86 6.60
N THR L 85 -4.91 -50.68 7.35
CA THR L 85 -4.48 -49.33 7.65
C THR L 85 -3.89 -48.64 6.43
N GLU L 86 -3.32 -49.43 5.50
CA GLU L 86 -2.91 -48.92 4.20
C GLU L 86 -4.08 -48.33 3.44
N ARG L 87 -5.18 -49.10 3.33
CA ARG L 87 -6.34 -48.52 2.65
C ARG L 87 -7.06 -47.49 3.51
N LEU L 88 -6.80 -47.43 4.82
CA LEU L 88 -7.37 -46.37 5.64
C LEU L 88 -6.71 -45.03 5.38
N VAL L 89 -5.36 -45.00 5.39
CA VAL L 89 -4.68 -43.76 5.06
C VAL L 89 -4.88 -43.42 3.58
N ALA L 90 -5.10 -44.43 2.74
CA ALA L 90 -5.54 -44.17 1.38
C ALA L 90 -6.93 -43.54 1.33
N TYR L 91 -7.82 -43.91 2.25
CA TYR L 91 -9.13 -43.29 2.32
C TYR L 91 -9.03 -41.83 2.71
N TRP L 92 -8.15 -41.52 3.67
CA TRP L 92 -7.99 -40.12 4.08
C TRP L 92 -7.37 -39.27 2.96
N LEU L 93 -6.35 -39.80 2.28
CA LEU L 93 -5.74 -39.02 1.20
C LEU L 93 -6.65 -38.94 -0.02
N MET L 94 -7.47 -39.96 -0.26
CA MET L 94 -8.42 -39.90 -1.37
C MET L 94 -9.56 -38.95 -1.05
N LEU L 95 -9.94 -38.84 0.22
CA LEU L 95 -10.88 -37.81 0.63
C LEU L 95 -10.30 -36.42 0.45
N GLY L 96 -8.99 -36.27 0.73
CA GLY L 96 -8.35 -34.99 0.49
C GLY L 96 -8.31 -34.62 -0.98
N GLY L 97 -8.03 -35.59 -1.84
CA GLY L 97 -8.04 -35.33 -3.28
C GLY L 97 -9.43 -35.05 -3.82
N LEU L 98 -10.43 -35.79 -3.34
CA LEU L 98 -11.80 -35.59 -3.74
C LEU L 98 -12.33 -34.24 -3.27
N SER L 99 -11.89 -33.78 -2.10
CA SER L 99 -12.34 -32.47 -1.64
C SER L 99 -11.56 -31.34 -2.28
N GLY L 100 -10.33 -31.58 -2.73
CA GLY L 100 -9.66 -30.58 -3.56
C GLY L 100 -10.31 -30.44 -4.93
N LEU L 101 -10.69 -31.57 -5.53
CA LEU L 101 -11.46 -31.54 -6.77
C LEU L 101 -12.82 -30.89 -6.56
N ALA L 102 -13.41 -31.11 -5.38
CA ALA L 102 -14.63 -30.42 -5.01
C ALA L 102 -14.42 -28.93 -4.86
N LEU L 103 -13.26 -28.50 -4.37
CA LEU L 103 -12.95 -27.07 -4.32
C LEU L 103 -12.90 -26.48 -5.72
N LEU L 104 -12.23 -27.19 -6.63
CA LEU L 104 -12.17 -26.75 -8.02
C LEU L 104 -13.55 -26.63 -8.64
N LEU L 105 -14.41 -27.62 -8.38
CA LEU L 105 -15.76 -27.60 -8.93
C LEU L 105 -16.62 -26.50 -8.32
N VAL L 106 -16.70 -26.43 -6.98
CA VAL L 106 -17.56 -25.43 -6.35
C VAL L 106 -16.93 -24.05 -6.32
N PHE L 107 -15.70 -23.91 -6.78
CA PHE L 107 -15.14 -22.58 -6.98
C PHE L 107 -15.40 -22.09 -8.39
N LEU L 108 -15.21 -22.95 -9.39
CA LEU L 108 -15.54 -22.56 -10.75
C LEU L 108 -17.05 -22.52 -10.95
N PHE L 109 -17.72 -23.61 -10.63
CA PHE L 109 -19.13 -23.80 -10.99
C PHE L 109 -19.98 -23.65 -9.72
N TRP L 110 -20.32 -22.40 -9.40
CA TRP L 110 -21.18 -22.18 -8.26
C TRP L 110 -21.93 -20.88 -8.47
N PRO L 111 -23.22 -20.82 -8.12
CA PRO L 111 -23.98 -19.57 -8.26
C PRO L 111 -23.72 -18.58 -7.13
N TRP L 112 -22.46 -18.27 -6.88
CA TRP L 112 -22.15 -17.09 -6.11
C TRP L 112 -22.35 -15.88 -7.02
N GLU L 113 -22.80 -14.79 -6.40
CA GLU L 113 -22.77 -13.37 -6.70
C GLU L 113 -23.54 -12.78 -5.55
N TYR L 114 -23.36 -11.49 -5.27
CA TYR L 114 -24.21 -10.91 -4.22
C TYR L 114 -25.61 -10.71 -4.80
N GLN L 115 -26.38 -11.78 -4.79
CA GLN L 115 -27.78 -11.68 -5.06
C GLN L 115 -28.38 -10.99 -3.84
N PRO L 116 -29.10 -9.86 -4.02
CA PRO L 116 -29.24 -8.86 -2.96
C PRO L 116 -29.88 -9.34 -1.67
N PHE L 117 -31.11 -9.80 -1.76
CA PHE L 117 -31.89 -10.30 -0.63
C PHE L 117 -32.82 -11.39 -1.14
N GLY L 118 -33.89 -11.65 -0.38
CA GLY L 118 -34.77 -12.78 -0.60
C GLY L 118 -35.35 -12.88 -2.00
N SER L 119 -34.81 -13.82 -2.74
CA SER L 119 -34.95 -13.95 -4.19
C SER L 119 -34.38 -15.31 -4.57
N GLU L 120 -34.71 -15.74 -5.77
CA GLU L 120 -34.23 -17.04 -6.25
C GLU L 120 -32.73 -16.93 -6.53
N GLY L 121 -31.94 -17.38 -5.56
CA GLY L 121 -30.50 -17.37 -5.73
C GLY L 121 -29.77 -16.70 -4.58
N GLU L 122 -30.48 -16.42 -3.49
CA GLU L 122 -29.85 -15.77 -2.35
C GLU L 122 -29.33 -16.79 -1.33
N PHE L 123 -30.05 -17.89 -1.17
CA PHE L 123 -29.57 -18.95 -0.27
C PHE L 123 -28.35 -19.65 -0.84
N LEU L 124 -28.22 -19.69 -2.16
CA LEU L 124 -27.02 -20.28 -2.76
C LEU L 124 -25.80 -19.40 -2.54
N TYR L 125 -25.99 -18.08 -2.49
CA TYR L 125 -24.87 -17.22 -2.13
C TYR L 125 -24.61 -17.23 -0.63
N SER L 126 -25.65 -17.51 0.17
CA SER L 126 -25.48 -17.56 1.62
C SER L 126 -24.54 -18.66 2.07
N LEU L 127 -24.34 -19.69 1.26
CA LEU L 127 -23.35 -20.73 1.54
C LEU L 127 -22.41 -20.92 0.36
N ALA L 128 -21.92 -19.82 -0.21
CA ALA L 128 -20.83 -19.90 -1.18
C ALA L 128 -19.49 -19.96 -0.47
N THR L 129 -19.23 -18.98 0.38
CA THR L 129 -18.03 -18.99 1.21
C THR L 129 -17.96 -20.15 2.21
N PRO L 130 -19.04 -20.58 2.88
CA PRO L 130 -18.94 -21.84 3.64
C PRO L 130 -18.68 -23.07 2.81
N LEU L 131 -19.15 -23.15 1.57
CA LEU L 131 -18.79 -24.28 0.72
C LEU L 131 -17.32 -24.21 0.31
N TYR L 132 -16.82 -22.99 0.05
CA TYR L 132 -15.40 -22.79 -0.21
C TYR L 132 -14.56 -23.28 0.95
N GLY L 133 -14.94 -22.88 2.16
CA GLY L 133 -14.17 -23.26 3.33
C GLY L 133 -14.31 -24.71 3.72
N LEU L 134 -15.49 -25.30 3.47
CA LEU L 134 -15.69 -26.71 3.71
C LEU L 134 -14.79 -27.54 2.81
N THR L 135 -14.79 -27.24 1.50
CA THR L 135 -13.94 -27.98 0.58
C THR L 135 -12.46 -27.73 0.85
N PHE L 136 -12.09 -26.49 1.19
CA PHE L 136 -10.68 -26.16 1.42
C PHE L 136 -10.14 -26.81 2.68
N GLY L 137 -10.82 -26.56 3.81
CA GLY L 137 -10.38 -27.13 5.07
C GLY L 137 -10.49 -28.63 5.09
N LEU L 138 -11.53 -29.19 4.48
CA LEU L 138 -11.69 -30.64 4.45
C LEU L 138 -10.63 -31.28 3.57
N SER L 139 -10.27 -30.63 2.46
CA SER L 139 -9.23 -31.13 1.57
C SER L 139 -7.87 -31.16 2.23
N ILE L 140 -7.38 -30.00 2.69
CA ILE L 140 -6.03 -30.01 3.24
C ILE L 140 -6.00 -30.63 4.63
N LEU L 141 -7.11 -30.65 5.37
CA LEU L 141 -7.11 -31.35 6.64
C LEU L 141 -7.12 -32.84 6.44
N SER L 142 -7.79 -33.35 5.39
CA SER L 142 -7.73 -34.78 5.11
C SER L 142 -6.36 -35.18 4.60
N ILE L 143 -5.72 -34.32 3.82
CA ILE L 143 -4.35 -34.60 3.36
C ILE L 143 -3.37 -34.58 4.53
N GLY L 144 -3.56 -33.64 5.46
CA GLY L 144 -2.66 -33.56 6.60
C GLY L 144 -2.87 -34.69 7.59
N ILE L 145 -4.13 -35.08 7.81
CA ILE L 145 -4.38 -36.19 8.71
C ILE L 145 -3.99 -37.51 8.04
N GLY L 146 -3.99 -37.56 6.71
CA GLY L 146 -3.44 -38.72 6.03
C GLY L 146 -1.95 -38.80 6.16
N ALA L 147 -1.25 -37.67 6.00
CA ALA L 147 0.21 -37.69 6.11
C ALA L 147 0.66 -38.00 7.52
N VAL L 148 -0.03 -37.47 8.53
CA VAL L 148 0.39 -37.79 9.88
C VAL L 148 -0.12 -39.15 10.33
N LEU L 149 -1.16 -39.69 9.70
CA LEU L 149 -1.53 -41.06 10.02
C LEU L 149 -0.59 -42.03 9.32
N PHE L 150 -0.02 -41.63 8.19
CA PHE L 150 1.06 -42.38 7.58
C PHE L 150 2.31 -42.33 8.45
N GLN L 151 2.52 -41.21 9.15
CA GLN L 151 3.64 -41.16 10.09
C GLN L 151 3.36 -42.03 11.31
N LYS L 152 2.13 -42.02 11.81
CA LYS L 152 1.80 -42.74 13.03
C LYS L 152 1.41 -44.19 12.77
N LYS L 153 1.46 -44.65 11.52
CA LYS L 153 1.19 -46.06 11.25
C LYS L 153 2.24 -46.75 10.40
N PHE L 154 3.04 -46.03 9.60
CA PHE L 154 3.94 -46.75 8.70
C PHE L 154 5.38 -46.30 8.78
N ILE L 155 5.62 -45.01 9.00
CA ILE L 155 6.99 -44.53 9.20
C ILE L 155 7.52 -45.11 10.50
N PRO L 156 8.70 -45.74 10.49
CA PRO L 156 9.17 -46.48 11.67
C PRO L 156 9.49 -45.54 12.82
N GLU L 157 8.97 -45.89 14.00
CA GLU L 157 9.17 -45.07 15.17
C GLU L 157 10.60 -45.15 15.62
N GLU L 158 11.13 -44.03 16.09
CA GLU L 158 12.50 -43.96 16.54
C GLU L 158 12.59 -43.08 17.76
N ILE L 159 13.55 -43.39 18.61
CA ILE L 159 13.99 -42.47 19.65
C ILE L 159 15.48 -42.25 19.43
N SER L 160 15.80 -41.29 18.58
CA SER L 160 17.18 -40.99 18.28
C SER L 160 17.65 -39.93 19.27
N VAL L 161 18.69 -40.24 20.03
CA VAL L 161 19.23 -39.33 21.02
C VAL L 161 20.47 -38.66 20.43
N GLN L 162 20.47 -37.32 20.42
CA GLN L 162 21.54 -36.53 19.84
C GLN L 162 22.36 -35.90 20.95
N ASP L 163 23.63 -36.24 21.00
CA ASP L 163 24.52 -35.64 21.98
C ASP L 163 24.73 -34.17 21.63
N ARG L 164 24.34 -33.30 22.54
CA ARG L 164 24.49 -31.87 22.33
C ARG L 164 25.94 -31.45 22.56
N HIS L 165 26.24 -30.23 22.12
CA HIS L 165 27.50 -29.59 22.42
C HIS L 165 27.24 -28.15 22.79
N ASP L 166 26.21 -27.95 23.61
CA ASP L 166 25.68 -26.62 23.89
C ASP L 166 26.45 -26.00 25.05
N GLY L 167 26.74 -24.71 24.93
CA GLY L 167 27.27 -23.94 26.03
C GLY L 167 28.77 -24.07 26.19
N ARG L 168 29.46 -22.93 26.20
CA ARG L 168 30.90 -22.83 26.49
C ARG L 168 31.72 -23.66 25.50
N SER L 169 31.78 -23.15 24.26
CA SER L 169 32.66 -23.60 23.18
C SER L 169 34.07 -23.87 23.69
N PRO L 170 34.75 -24.90 23.18
CA PRO L 170 35.98 -25.37 23.83
C PRO L 170 37.12 -24.36 23.74
N GLU L 171 38.19 -24.70 24.46
CA GLU L 171 39.30 -23.78 24.75
C GLU L 171 40.01 -23.31 23.48
N VAL L 172 39.91 -24.06 22.39
CA VAL L 172 40.47 -23.62 21.12
C VAL L 172 39.67 -22.45 20.56
N HIS L 173 38.36 -22.66 20.42
CA HIS L 173 37.53 -21.75 19.61
C HIS L 173 37.35 -20.39 20.28
N ARG L 174 37.13 -20.38 21.60
CA ARG L 174 36.96 -19.11 22.34
C ARG L 174 38.18 -18.22 22.20
N LYS L 175 39.33 -18.74 22.61
CA LYS L 175 40.54 -17.92 22.63
C LYS L 175 41.05 -17.65 21.22
N THR L 176 40.69 -18.49 20.24
CA THR L 176 41.10 -18.20 18.89
C THR L 176 40.28 -17.07 18.28
N VAL L 177 38.96 -17.04 18.53
CA VAL L 177 38.14 -15.93 18.06
C VAL L 177 38.49 -14.65 18.81
N ALA L 178 38.80 -14.77 20.11
CA ALA L 178 39.23 -13.60 20.87
C ALA L 178 40.53 -13.05 20.34
N ALA L 179 41.47 -13.93 19.97
CA ALA L 179 42.73 -13.48 19.40
C ALA L 179 42.53 -12.90 18.01
N ASN L 180 41.60 -13.43 17.24
CA ASN L 180 41.40 -12.92 15.89
C ASN L 180 40.72 -11.55 15.91
N LEU L 181 39.75 -11.37 16.81
CA LEU L 181 39.10 -10.07 16.93
C LEU L 181 40.03 -9.04 17.54
N THR L 182 40.82 -9.43 18.55
CA THR L 182 41.80 -8.49 19.08
C THR L 182 42.99 -8.30 18.17
N ASP L 183 43.18 -9.14 17.16
CA ASP L 183 44.17 -8.85 16.13
C ASP L 183 43.61 -7.94 15.07
N ALA L 184 42.29 -7.98 14.84
CA ALA L 184 41.67 -7.01 13.97
C ALA L 184 41.44 -5.67 14.63
N LEU L 185 41.50 -5.61 15.96
CA LEU L 185 41.41 -4.33 16.68
C LEU L 185 42.76 -3.77 17.06
N GLU L 186 43.64 -4.60 17.62
CA GLU L 186 44.96 -4.16 18.05
C GLU L 186 45.94 -4.09 16.89
N GLY L 187 45.77 -4.93 15.88
CA GLY L 187 46.69 -4.94 14.76
C GLY L 187 46.34 -3.88 13.72
N SER L 188 45.06 -3.54 13.61
CA SER L 188 44.64 -2.48 12.70
C SER L 188 44.89 -1.10 13.26
N THR L 189 45.45 -1.02 14.47
CA THR L 189 45.95 0.20 15.10
C THR L 189 44.84 1.22 15.29
N LEU L 190 43.70 0.75 15.77
CA LEU L 190 42.82 1.58 16.56
C LEU L 190 43.31 1.43 18.00
N LYS L 191 42.68 2.15 18.94
CA LYS L 191 43.05 2.30 20.36
C LYS L 191 44.54 2.67 20.58
N ARG L 192 45.16 3.27 19.57
CA ARG L 192 46.45 3.95 19.69
C ARG L 192 46.44 5.29 18.98
N ARG L 193 45.46 5.52 18.12
CA ARG L 193 45.27 6.77 17.41
C ARG L 193 44.03 7.41 18.03
N LYS L 194 44.26 8.37 18.94
CA LYS L 194 43.16 9.02 19.62
C LYS L 194 42.31 9.85 18.67
N VAL L 195 42.94 10.44 17.65
CA VAL L 195 42.21 11.40 16.83
C VAL L 195 41.29 10.71 15.84
N ILE L 196 41.66 9.54 15.31
CA ILE L 196 40.71 8.76 14.52
C ILE L 196 39.67 8.12 15.43
N GLY L 197 40.12 7.64 16.60
CA GLY L 197 39.23 6.98 17.53
C GLY L 197 38.13 7.87 18.09
N LEU L 198 38.35 9.18 18.11
CA LEU L 198 37.25 10.08 18.44
C LEU L 198 36.62 10.74 17.24
N SER L 199 37.36 10.95 16.13
CA SER L 199 36.78 11.64 15.00
C SER L 199 35.86 10.74 14.20
N LEU L 200 36.14 9.43 14.15
CA LEU L 200 35.19 8.49 13.57
C LEU L 200 33.94 8.37 14.43
N GLY L 201 34.10 8.48 15.75
CA GLY L 201 32.94 8.49 16.62
C GLY L 201 32.08 9.72 16.44
N ILE L 202 32.72 10.89 16.36
CA ILE L 202 31.99 12.13 16.09
C ILE L 202 31.39 12.11 14.69
N GLY L 203 32.07 11.50 13.73
CA GLY L 203 31.54 11.41 12.38
C GLY L 203 30.30 10.54 12.28
N LEU L 204 30.39 9.31 12.79
CA LEU L 204 29.23 8.43 12.79
C LEU L 204 28.12 8.94 13.70
N GLY L 205 28.45 9.63 14.78
CA GLY L 205 27.41 10.15 15.65
C GLY L 205 26.67 11.33 15.05
N ALA L 206 27.41 12.27 14.45
CA ALA L 206 26.78 13.42 13.82
C ALA L 206 26.01 13.00 12.59
N PHE L 207 26.54 12.04 11.83
CA PHE L 207 25.78 11.55 10.68
C PHE L 207 24.58 10.73 11.11
N GLY L 208 24.68 10.01 12.23
CA GLY L 208 23.52 9.28 12.71
C GLY L 208 22.44 10.21 13.22
N ALA L 209 22.84 11.32 13.83
CA ALA L 209 21.86 12.33 14.25
C ALA L 209 21.21 12.99 13.04
N GLY L 210 22.00 13.34 12.02
CA GLY L 210 21.44 13.94 10.83
C GLY L 210 20.55 13.00 10.05
N THR L 211 20.93 11.74 9.95
CA THR L 211 20.13 10.77 9.21
C THR L 211 18.89 10.38 10.01
N LEU L 212 19.00 10.31 11.34
CA LEU L 212 17.85 10.02 12.17
C LEU L 212 16.84 11.15 12.13
N VAL L 213 17.30 12.40 12.15
CA VAL L 213 16.36 13.49 12.03
C VAL L 213 15.85 13.60 10.60
N ALA L 214 16.60 13.08 9.61
CA ALA L 214 16.05 13.04 8.25
C ALA L 214 14.99 11.96 8.12
N PHE L 215 15.09 10.87 8.88
CA PHE L 215 13.97 9.94 8.99
C PHE L 215 12.76 10.60 9.63
N ILE L 216 12.97 11.22 10.79
CA ILE L 216 11.85 11.63 11.62
C ILE L 216 11.31 13.01 11.24
N GLY L 217 12.13 13.85 10.61
CA GLY L 217 11.75 15.23 10.34
C GLY L 217 10.61 15.40 9.36
N GLY L 218 10.38 14.42 8.49
CA GLY L 218 9.20 14.46 7.65
C GLY L 218 7.92 14.19 8.40
N LEU L 219 8.01 13.53 9.55
CA LEU L 219 6.85 13.16 10.34
C LEU L 219 6.45 14.24 11.34
N ILE L 220 7.42 14.94 11.91
CA ILE L 220 7.15 15.80 13.07
C ILE L 220 6.43 17.06 12.62
N LYS L 221 5.13 17.07 12.78
CA LYS L 221 4.34 18.27 12.56
C LYS L 221 4.10 18.96 13.88
N ASN L 222 4.01 20.28 13.85
CA ASN L 222 3.63 21.03 15.02
C ASN L 222 2.11 21.02 15.12
N PRO L 223 1.52 20.47 16.19
CA PRO L 223 0.07 20.54 16.34
C PRO L 223 -0.43 21.91 16.69
N TRP L 224 0.46 22.83 17.07
CA TRP L 224 0.07 24.13 17.56
C TRP L 224 0.46 25.24 16.60
N LYS L 225 0.84 24.87 15.38
CA LYS L 225 0.82 25.82 14.29
C LYS L 225 -0.63 26.24 14.05
N PRO L 226 -0.92 27.53 14.04
CA PRO L 226 -2.29 27.96 13.75
C PRO L 226 -2.71 27.66 12.33
N VAL L 227 -3.69 26.79 12.16
CA VAL L 227 -4.11 26.30 10.86
C VAL L 227 -5.50 26.81 10.48
N VAL L 228 -6.47 26.63 11.37
CA VAL L 228 -7.88 26.82 11.03
C VAL L 228 -8.26 28.28 11.23
N PRO L 229 -8.96 28.91 10.29
CA PRO L 229 -9.46 30.27 10.53
C PRO L 229 -10.59 30.28 11.54
N THR L 230 -10.54 31.27 12.44
CA THR L 230 -11.47 31.37 13.56
C THR L 230 -11.81 32.85 13.72
N ALA L 231 -12.81 33.15 14.55
CA ALA L 231 -13.19 34.54 14.81
C ALA L 231 -12.09 35.31 15.54
N GLU L 232 -11.33 34.65 16.40
CA GLU L 232 -10.20 35.34 17.04
C GLU L 232 -9.06 35.55 16.06
N GLY L 233 -8.96 34.70 15.05
CA GLY L 233 -7.87 34.76 14.11
C GLY L 233 -7.59 33.39 13.57
N LYS L 234 -6.35 32.93 13.68
CA LYS L 234 -5.99 31.57 13.33
C LYS L 234 -5.66 30.85 14.64
N LYS L 235 -6.49 29.89 15.01
CA LYS L 235 -6.25 29.05 16.16
C LYS L 235 -5.80 27.68 15.71
N ALA L 236 -5.21 26.92 16.63
CA ALA L 236 -4.80 25.56 16.32
C ALA L 236 -6.03 24.65 16.22
N VAL L 237 -5.79 23.37 15.97
CA VAL L 237 -6.90 22.52 15.59
C VAL L 237 -7.61 21.95 16.82
N LEU L 238 -6.90 21.78 17.93
CA LEU L 238 -7.50 21.16 19.11
C LEU L 238 -8.46 22.10 19.83
N TRP L 239 -8.19 23.40 19.75
CA TRP L 239 -9.08 24.40 20.31
C TRP L 239 -10.16 24.82 19.33
N THR L 240 -10.39 24.04 18.28
CA THR L 240 -11.25 24.47 17.18
C THR L 240 -12.00 23.27 16.61
N SER L 241 -13.30 23.22 16.86
CA SER L 241 -14.16 22.31 16.14
C SER L 241 -14.75 23.05 14.94
N GLY L 242 -15.74 22.46 14.30
CA GLY L 242 -16.48 23.23 13.32
C GLY L 242 -17.59 24.04 13.93
N TRP L 243 -17.77 23.96 15.24
CA TRP L 243 -18.74 24.79 15.93
C TRP L 243 -18.24 26.19 16.22
N THR L 244 -17.01 26.49 15.89
CA THR L 244 -16.50 27.79 16.25
C THR L 244 -16.92 28.82 15.19
N PRO L 245 -17.15 30.07 15.58
CA PRO L 245 -17.45 31.09 14.59
C PRO L 245 -16.20 31.49 13.82
N ARG L 246 -16.41 31.88 12.57
CA ARG L 246 -15.30 32.21 11.69
C ARG L 246 -14.91 33.67 11.74
N PHE L 247 -15.85 34.56 11.93
CA PHE L 247 -15.52 35.98 11.94
C PHE L 247 -16.10 36.75 13.12
N LYS L 248 -17.32 36.43 13.51
CA LYS L 248 -18.15 37.11 14.52
C LYS L 248 -19.33 36.16 14.68
N GLY L 249 -20.38 36.57 15.37
CA GLY L 249 -21.58 35.77 15.47
C GLY L 249 -22.22 35.50 14.11
N GLU L 250 -22.03 34.28 13.63
CA GLU L 250 -22.66 33.80 12.43
C GLU L 250 -23.63 32.68 12.79
N THR L 251 -24.67 32.53 11.97
CA THR L 251 -25.67 31.50 12.19
C THR L 251 -25.05 30.14 11.91
N ILE L 252 -24.79 29.37 12.96
CA ILE L 252 -24.33 27.99 12.83
C ILE L 252 -25.52 27.11 13.19
N TYR L 253 -26.23 26.63 12.17
CA TYR L 253 -27.46 25.88 12.39
C TYR L 253 -27.15 24.47 12.88
N LEU L 254 -27.94 24.03 13.86
CA LEU L 254 -27.77 22.73 14.50
C LEU L 254 -28.47 21.67 13.67
N ALA L 255 -27.97 21.46 12.45
CA ALA L 255 -28.76 20.69 11.50
C ALA L 255 -28.57 19.20 11.70
N ARG L 256 -29.66 18.46 11.55
CA ARG L 256 -29.57 17.01 11.64
C ARG L 256 -28.96 16.44 10.37
N ALA L 257 -28.67 15.15 10.41
CA ALA L 257 -28.22 14.43 9.22
C ALA L 257 -29.31 13.44 8.86
N THR L 258 -30.25 13.89 8.04
CA THR L 258 -31.12 12.97 7.33
C THR L 258 -30.24 12.18 6.38
N GLY L 259 -30.08 10.88 6.62
CA GLY L 259 -29.04 10.12 5.95
C GLY L 259 -29.27 9.81 4.49
N ARG L 260 -29.68 10.81 3.73
CA ARG L 260 -29.99 10.77 2.32
C ARG L 260 -28.69 10.68 1.51
N PRO L 261 -28.65 9.80 0.50
CA PRO L 261 -27.42 9.67 -0.30
C PRO L 261 -27.09 10.90 -1.15
N GLY L 262 -26.62 11.96 -0.51
CA GLY L 262 -26.02 13.07 -1.23
C GLY L 262 -26.84 14.33 -1.38
N GLU L 263 -28.13 14.22 -1.68
CA GLU L 263 -28.93 15.41 -1.95
C GLU L 263 -29.53 15.92 -0.65
N SER L 264 -29.09 17.12 -0.24
CA SER L 264 -29.44 17.83 0.99
C SER L 264 -29.32 16.95 2.23
N PRO L 265 -28.11 16.55 2.63
CA PRO L 265 -28.00 15.65 3.79
C PRO L 265 -28.25 16.34 5.11
N PHE L 266 -28.12 17.66 5.18
CA PHE L 266 -28.28 18.39 6.43
C PHE L 266 -29.51 19.26 6.33
N VAL L 267 -30.54 18.91 7.08
CA VAL L 267 -31.78 19.68 7.13
C VAL L 267 -31.77 20.55 8.37
N LYS L 268 -32.06 21.84 8.18
CA LYS L 268 -32.10 22.81 9.26
C LYS L 268 -33.18 22.45 10.27
N MET L 269 -32.96 22.85 11.52
CA MET L 269 -33.62 22.27 12.69
C MET L 269 -34.48 23.30 13.42
N ARG L 270 -35.60 22.85 13.95
CA ARG L 270 -36.46 23.64 14.82
C ARG L 270 -36.59 22.96 16.18
N PRO L 271 -36.96 23.69 17.23
CA PRO L 271 -37.19 23.02 18.52
C PRO L 271 -38.41 22.13 18.54
N GLU L 272 -39.38 22.37 17.66
CA GLU L 272 -40.56 21.51 17.61
C GLU L 272 -40.27 20.15 17.03
N ASP L 273 -39.10 19.96 16.39
CA ASP L 273 -38.78 18.66 15.82
C ASP L 273 -38.47 17.66 16.92
N ILE L 274 -37.47 17.95 17.73
CA ILE L 274 -37.14 17.09 18.86
C ILE L 274 -38.18 17.30 19.96
N ASP L 275 -38.60 16.22 20.58
CA ASP L 275 -39.59 16.32 21.65
C ASP L 275 -39.06 15.68 22.93
N ALA L 276 -39.93 15.65 23.94
CA ALA L 276 -39.52 15.51 25.33
C ALA L 276 -38.92 14.14 25.58
N GLY L 277 -37.70 14.13 26.11
CA GLY L 277 -36.97 12.89 26.27
C GLY L 277 -36.45 12.43 24.93
N GLY L 278 -35.64 13.28 24.29
CA GLY L 278 -35.11 12.90 23.00
C GLY L 278 -33.69 13.31 22.72
N MET L 279 -32.83 12.33 22.46
CA MET L 279 -31.53 12.57 21.86
C MET L 279 -31.70 12.82 20.38
N GLU L 280 -30.99 13.82 19.88
CA GLU L 280 -30.95 14.01 18.44
C GLU L 280 -29.60 14.57 18.09
N THR L 281 -28.99 14.03 17.04
CA THR L 281 -27.61 14.38 16.68
C THR L 281 -27.60 15.56 15.73
N VAL L 282 -27.00 16.66 16.16
CA VAL L 282 -26.91 17.85 15.31
C VAL L 282 -25.45 18.05 14.92
N PHE L 283 -25.27 18.71 13.77
CA PHE L 283 -24.02 19.00 13.10
C PHE L 283 -23.98 20.49 12.79
N PRO L 284 -22.79 21.08 12.72
CA PRO L 284 -22.69 22.53 12.46
C PRO L 284 -22.85 22.91 10.99
N TRP L 285 -24.08 22.89 10.51
CA TRP L 285 -24.28 23.30 9.14
C TRP L 285 -24.41 24.82 9.11
N ARG L 286 -24.16 25.40 7.95
CA ARG L 286 -24.24 26.84 7.78
C ARG L 286 -25.09 27.16 6.57
N GLU L 287 -25.43 28.44 6.43
CA GLU L 287 -26.19 28.86 5.26
C GLU L 287 -25.31 28.88 4.02
N SER L 288 -23.99 28.94 4.18
CA SER L 288 -23.09 29.00 3.05
C SER L 288 -23.00 27.65 2.34
N ASP L 289 -22.52 26.62 3.03
CA ASP L 289 -22.45 25.28 2.47
C ASP L 289 -23.85 24.67 2.46
N GLY L 290 -24.53 24.81 1.32
CA GLY L 290 -25.94 24.45 1.23
C GLY L 290 -26.18 22.98 1.00
N ASP L 291 -27.01 22.66 0.01
CA ASP L 291 -27.28 21.27 -0.32
C ASP L 291 -26.05 20.61 -0.93
N GLY L 292 -26.12 19.29 -1.09
CA GLY L 292 -25.03 18.55 -1.67
C GLY L 292 -25.09 18.44 -3.17
N THR L 293 -25.64 19.45 -3.81
CA THR L 293 -25.87 19.44 -5.25
C THR L 293 -24.84 20.28 -6.00
N THR L 294 -23.71 20.59 -5.39
CA THR L 294 -22.66 21.35 -6.07
C THR L 294 -21.33 20.82 -5.57
N VAL L 295 -20.31 20.77 -6.45
CA VAL L 295 -19.02 20.21 -6.07
C VAL L 295 -18.21 21.12 -5.16
N GLU L 296 -18.58 22.40 -5.05
CA GLU L 296 -17.95 23.21 -4.01
C GLU L 296 -18.56 22.90 -2.65
N SER L 297 -19.80 22.42 -2.63
CA SER L 297 -20.32 21.69 -1.49
C SER L 297 -19.89 20.23 -1.62
N GLU L 298 -20.34 19.38 -0.70
CA GLU L 298 -19.92 17.98 -0.51
C GLU L 298 -18.43 17.84 -0.19
N HIS L 299 -17.74 18.96 0.05
CA HIS L 299 -16.39 18.98 0.60
C HIS L 299 -16.24 20.02 1.68
N LYS L 300 -17.11 21.01 1.72
CA LYS L 300 -17.42 21.76 2.93
C LYS L 300 -18.54 21.08 3.71
N LEU L 301 -19.10 20.02 3.16
CA LEU L 301 -20.30 19.38 3.71
C LEU L 301 -20.04 17.97 4.19
N THR L 302 -19.17 17.22 3.51
CA THR L 302 -18.65 16.00 4.11
C THR L 302 -17.53 16.30 5.09
N GLU L 303 -16.96 17.51 5.06
CA GLU L 303 -16.00 17.92 6.08
C GLU L 303 -16.67 17.97 7.45
N ILE L 304 -17.94 18.37 7.49
CA ILE L 304 -18.70 18.34 8.73
C ILE L 304 -18.92 16.91 9.20
N ALA L 305 -19.26 16.02 8.28
CA ALA L 305 -19.52 14.64 8.64
C ALA L 305 -18.26 13.86 8.95
N MET L 306 -17.09 14.34 8.54
CA MET L 306 -15.84 13.66 8.84
C MET L 306 -15.06 14.25 10.00
N GLY L 307 -15.27 15.53 10.33
CA GLY L 307 -14.57 16.11 11.45
C GLY L 307 -15.02 15.48 12.75
N VAL L 308 -14.05 15.15 13.60
CA VAL L 308 -14.33 14.38 14.80
C VAL L 308 -15.12 15.20 15.81
N ARG L 309 -14.72 16.44 16.03
CA ARG L 309 -15.28 17.22 17.12
C ARG L 309 -16.54 17.98 16.72
N ASN L 310 -17.18 17.59 15.61
CA ASN L 310 -18.44 18.17 15.16
C ASN L 310 -19.73 17.65 15.81
N PRO L 311 -19.97 16.33 15.98
CA PRO L 311 -21.30 15.88 16.43
C PRO L 311 -21.67 16.34 17.83
N VAL L 312 -22.88 16.85 17.95
CA VAL L 312 -23.47 17.31 19.19
C VAL L 312 -24.84 16.66 19.32
N MET L 313 -25.09 16.00 20.44
CA MET L 313 -26.42 15.53 20.71
C MET L 313 -27.27 16.66 21.30
N LEU L 314 -28.50 16.72 20.84
CA LEU L 314 -29.46 17.76 21.20
C LEU L 314 -30.49 17.10 22.11
N ILE L 315 -30.31 17.29 23.40
CA ILE L 315 -31.15 16.69 24.42
C ILE L 315 -32.38 17.56 24.61
N ARG L 316 -33.56 16.95 24.64
CA ARG L 316 -34.79 17.64 24.99
C ARG L 316 -35.27 16.98 26.28
N ILE L 317 -34.89 17.56 27.42
CA ILE L 317 -35.28 17.01 28.71
C ILE L 317 -36.77 17.20 28.91
N LYS L 318 -37.44 16.15 29.39
CA LYS L 318 -38.84 16.25 29.77
C LYS L 318 -39.00 17.31 30.85
N PRO L 319 -39.92 18.26 30.68
CA PRO L 319 -39.96 19.43 31.56
C PRO L 319 -40.46 19.17 32.97
N ALA L 320 -40.88 17.94 33.29
CA ALA L 320 -41.07 17.58 34.68
C ALA L 320 -39.75 17.41 35.40
N ASP L 321 -38.65 17.22 34.66
CA ASP L 321 -37.33 17.00 35.22
C ASP L 321 -36.38 18.18 34.96
N MET L 322 -36.91 19.41 35.02
CA MET L 322 -36.07 20.59 34.91
C MET L 322 -35.70 21.19 36.25
N HIS L 323 -36.21 20.64 37.35
CA HIS L 323 -35.78 21.07 38.67
C HIS L 323 -34.62 20.26 39.19
N ARG L 324 -34.23 19.19 38.50
CA ARG L 324 -33.10 18.38 38.87
C ARG L 324 -31.80 18.89 38.27
N VAL L 325 -31.88 19.86 37.37
CA VAL L 325 -30.73 20.37 36.64
C VAL L 325 -29.99 21.37 37.52
N ILE L 326 -28.66 21.24 37.61
CA ILE L 326 -27.80 22.27 38.17
C ILE L 326 -26.65 22.55 37.21
N LYS L 327 -26.65 23.74 36.62
CA LYS L 327 -25.65 24.14 35.64
C LYS L 327 -24.30 24.38 36.31
N ARG L 328 -23.26 24.51 35.49
CA ARG L 328 -21.96 24.86 36.03
C ARG L 328 -21.55 26.25 35.57
N LYS L 329 -20.31 26.64 35.89
CA LYS L 329 -19.87 28.02 35.78
C LYS L 329 -19.74 28.45 34.33
N GLY L 330 -20.16 29.68 34.03
CA GLY L 330 -20.11 30.22 32.69
C GLY L 330 -21.04 29.54 31.71
N GLN L 331 -22.02 28.81 32.22
CA GLN L 331 -22.75 27.85 31.42
C GLN L 331 -24.22 27.82 31.83
N GLU L 332 -24.66 28.79 32.62
CA GLU L 332 -26.02 28.80 33.12
C GLU L 332 -27.04 29.12 32.03
N SER L 333 -26.65 29.91 31.03
CA SER L 333 -27.55 30.25 29.95
C SER L 333 -27.26 29.47 28.67
N PHE L 334 -26.64 28.30 28.79
CA PHE L 334 -26.34 27.49 27.62
C PHE L 334 -27.43 26.49 27.31
N ASN L 335 -28.56 26.59 27.98
CA ASN L 335 -29.74 25.80 27.62
C ASN L 335 -30.48 26.50 26.50
N PHE L 336 -31.68 26.02 26.18
CA PHE L 336 -32.69 26.86 25.55
C PHE L 336 -34.03 26.35 26.08
N GLY L 337 -34.46 26.95 27.19
CA GLY L 337 -35.55 26.34 27.93
C GLY L 337 -35.09 24.99 28.41
N GLU L 338 -35.57 23.95 27.74
CA GLU L 338 -35.20 22.59 28.03
C GLU L 338 -34.37 21.93 26.94
N LEU L 339 -33.95 22.67 25.92
CA LEU L 339 -33.01 22.14 24.95
C LEU L 339 -31.60 22.25 25.52
N PHE L 340 -30.93 21.13 25.70
CA PHE L 340 -29.51 21.14 25.99
C PHE L 340 -28.78 20.64 24.75
N ALA L 341 -27.53 21.05 24.60
CA ALA L 341 -26.70 20.54 23.51
C ALA L 341 -25.38 20.10 24.10
N TYR L 342 -25.26 18.81 24.36
CA TYR L 342 -23.99 18.29 24.82
C TYR L 342 -23.29 17.67 23.63
N THR L 343 -21.96 17.68 23.65
CA THR L 343 -21.25 17.12 22.52
C THR L 343 -21.37 15.60 22.50
N LYS L 344 -21.08 15.01 21.36
CA LYS L 344 -21.16 13.56 21.27
C LYS L 344 -19.82 12.90 21.55
N VAL L 345 -18.73 13.55 21.16
CA VAL L 345 -17.39 13.07 21.50
C VAL L 345 -17.19 13.19 23.00
N CYS L 346 -16.81 12.08 23.62
CA CYS L 346 -16.89 11.92 25.06
C CYS L 346 -15.75 12.67 25.77
N SER L 347 -15.60 12.40 27.06
CA SER L 347 -14.58 13.09 27.84
C SER L 347 -13.19 12.56 27.49
N HIS L 348 -12.92 11.28 27.76
CA HIS L 348 -11.60 10.74 27.48
C HIS L 348 -11.67 9.73 26.36
N LEU L 349 -10.61 9.68 25.55
CA LEU L 349 -10.44 8.71 24.44
C LEU L 349 -11.52 8.83 23.37
N GLY L 350 -12.16 9.98 23.28
CA GLY L 350 -12.80 10.49 22.07
C GLY L 350 -13.82 9.71 21.27
N CYS L 351 -14.31 8.56 21.75
CA CYS L 351 -15.40 7.91 21.05
C CYS L 351 -16.66 8.75 21.11
N PRO L 352 -17.56 8.62 20.13
CA PRO L 352 -18.83 9.32 20.24
C PRO L 352 -19.68 8.66 21.31
N SER L 353 -20.17 9.46 22.25
CA SER L 353 -20.95 8.92 23.37
C SER L 353 -22.44 8.93 23.02
N SER L 354 -22.75 8.31 21.90
CA SER L 354 -24.07 8.44 21.30
C SER L 354 -25.14 7.56 21.95
N LEU L 355 -24.89 6.97 23.12
CA LEU L 355 -25.94 6.29 23.86
C LEU L 355 -26.58 7.32 24.76
N TYR L 356 -27.90 7.38 24.78
CA TYR L 356 -28.56 8.34 25.64
C TYR L 356 -29.75 7.70 26.31
N GLU L 357 -29.84 7.87 27.62
CA GLU L 357 -30.92 7.30 28.39
C GLU L 357 -31.79 8.41 28.93
N GLN L 358 -32.99 8.54 28.37
CA GLN L 358 -34.04 9.30 29.01
C GLN L 358 -34.55 8.54 30.22
N GLN L 359 -35.28 9.25 31.09
CA GLN L 359 -35.91 8.76 32.33
C GLN L 359 -34.90 8.34 33.40
N THR L 360 -33.62 8.35 33.04
CA THR L 360 -32.51 8.33 33.95
C THR L 360 -31.52 9.43 33.61
N TYR L 361 -31.55 9.91 32.36
CA TYR L 361 -30.79 11.06 31.86
C TYR L 361 -29.29 10.82 32.00
N ARG L 362 -28.82 9.81 31.29
CA ARG L 362 -27.40 9.50 31.28
C ARG L 362 -26.92 9.30 29.85
N ILE L 363 -25.98 10.15 29.44
CA ILE L 363 -25.25 9.96 28.19
C ILE L 363 -24.27 8.84 28.44
N LEU L 364 -24.54 7.66 27.91
CA LEU L 364 -23.64 6.54 28.02
C LEU L 364 -22.83 6.39 26.74
N CYS L 365 -21.54 6.18 26.88
CA CYS L 365 -20.68 5.90 25.75
C CYS L 365 -20.60 4.40 25.53
N PRO L 366 -20.35 3.95 24.32
CA PRO L 366 -20.23 2.50 24.10
C PRO L 366 -18.84 1.94 24.27
N CYS L 367 -17.82 2.75 23.99
CA CYS L 367 -16.47 2.21 23.83
C CYS L 367 -15.86 1.79 25.14
N HIS L 368 -16.17 2.48 26.23
CA HIS L 368 -15.67 2.06 27.52
C HIS L 368 -16.73 2.11 28.61
N GLN L 369 -17.99 2.40 28.24
CA GLN L 369 -19.16 2.40 29.10
C GLN L 369 -18.97 3.36 30.27
N SER L 370 -18.90 4.64 29.92
CA SER L 370 -18.76 5.73 30.88
C SER L 370 -20.02 6.57 30.83
N GLN L 371 -20.78 6.56 31.92
CA GLN L 371 -22.00 7.36 31.97
C GLN L 371 -21.67 8.83 32.18
N PHE L 372 -22.60 9.68 31.79
CA PHE L 372 -22.56 11.11 32.06
C PHE L 372 -23.95 11.54 32.46
N ASP L 373 -24.05 12.51 33.36
CA ASP L 373 -25.35 12.97 33.84
C ASP L 373 -25.89 14.00 32.85
N ALA L 374 -27.01 13.67 32.20
CA ALA L 374 -27.61 14.62 31.29
C ALA L 374 -28.28 15.77 32.01
N LEU L 375 -28.63 15.61 33.28
CA LEU L 375 -29.37 16.64 33.97
C LEU L 375 -28.52 17.84 34.29
N GLU L 376 -27.51 17.66 35.15
CA GLU L 376 -26.80 18.80 35.72
C GLU L 376 -25.93 19.50 34.67
N PHE L 377 -24.99 18.77 34.10
CA PHE L 377 -24.05 19.14 33.06
C PHE L 377 -23.40 17.79 32.89
N ALA L 378 -22.79 17.48 31.76
CA ALA L 378 -22.40 16.09 31.57
C ALA L 378 -21.17 15.67 32.38
N LYS L 379 -21.29 15.80 33.70
CA LYS L 379 -20.36 15.24 34.64
C LYS L 379 -20.43 13.73 34.55
N PRO L 380 -19.29 13.03 34.61
CA PRO L 380 -19.35 11.57 34.64
C PRO L 380 -19.94 11.05 35.93
N ILE L 381 -21.14 10.48 35.83
CA ILE L 381 -21.72 9.71 36.93
C ILE L 381 -20.82 8.53 37.26
N PHE L 382 -20.48 7.77 36.24
CA PHE L 382 -19.67 6.58 36.44
C PHE L 382 -18.95 6.27 35.14
N GLY L 383 -17.78 5.67 35.26
CA GLY L 383 -17.03 5.21 34.13
C GLY L 383 -15.57 5.54 34.29
N PRO L 384 -14.80 5.33 33.22
CA PRO L 384 -13.39 5.74 33.25
C PRO L 384 -13.14 7.20 32.89
N ALA L 385 -14.19 8.01 32.70
CA ALA L 385 -14.00 9.43 32.41
C ALA L 385 -14.05 10.25 33.70
N ALA L 386 -13.35 11.38 33.68
CA ALA L 386 -13.27 12.23 34.87
C ALA L 386 -13.56 13.69 34.56
N ARG L 387 -14.03 14.00 33.37
CA ARG L 387 -14.24 15.39 32.98
C ARG L 387 -15.65 15.57 32.45
N ALA L 388 -16.17 16.78 32.61
CA ALA L 388 -17.46 17.12 32.08
C ALA L 388 -17.41 17.14 30.57
N LEU L 389 -18.21 16.29 29.95
CA LEU L 389 -18.41 16.34 28.52
C LEU L 389 -19.04 17.68 28.14
N ALA L 390 -18.51 18.29 27.07
CA ALA L 390 -18.74 19.70 26.82
C ALA L 390 -20.17 19.99 26.37
N GLN L 391 -20.62 21.21 26.65
CA GLN L 391 -21.96 21.65 26.32
C GLN L 391 -21.90 22.81 25.35
N LEU L 392 -22.73 22.75 24.35
CA LEU L 392 -22.84 23.76 23.30
C LEU L 392 -23.98 24.70 23.61
N PRO L 393 -23.78 26.00 23.48
CA PRO L 393 -24.88 26.93 23.72
C PRO L 393 -25.89 26.92 22.59
N ILE L 394 -27.15 27.21 22.92
CA ILE L 394 -28.25 27.15 21.98
C ILE L 394 -29.03 28.46 22.02
N THR L 395 -29.40 28.98 20.84
CA THR L 395 -30.48 29.95 20.73
C THR L 395 -31.31 29.53 19.53
N ILE L 396 -32.43 30.19 19.30
CA ILE L 396 -33.12 30.06 18.02
C ILE L 396 -32.78 31.26 17.15
N ASP L 397 -32.70 31.01 15.84
CA ASP L 397 -32.47 32.05 14.86
C ASP L 397 -33.76 32.82 14.64
N GLU L 398 -33.62 34.00 14.01
CA GLU L 398 -34.72 34.56 13.24
C GLU L 398 -35.20 33.51 12.23
N ASP L 399 -36.53 33.41 12.09
CA ASP L 399 -37.35 32.35 11.48
C ASP L 399 -37.45 31.11 12.36
N GLY L 400 -36.89 31.13 13.57
CA GLY L 400 -37.16 30.08 14.54
C GLY L 400 -36.41 28.79 14.34
N TYR L 401 -35.12 28.86 14.01
CA TYR L 401 -34.30 27.68 13.79
C TYR L 401 -33.20 27.61 14.83
N LEU L 402 -32.90 26.39 15.29
CA LEU L 402 -31.90 26.20 16.32
C LEU L 402 -30.50 26.51 15.80
N VAL L 403 -29.81 27.42 16.46
CA VAL L 403 -28.46 27.82 16.13
C VAL L 403 -27.60 27.75 17.38
N ALA L 404 -26.30 27.69 17.16
CA ALA L 404 -25.34 27.68 18.25
C ALA L 404 -25.07 29.11 18.69
N ASN L 405 -25.09 29.34 20.00
CA ASN L 405 -24.81 30.65 20.56
C ASN L 405 -23.32 30.77 20.87
N GLY L 406 -22.51 30.56 19.85
CA GLY L 406 -21.08 30.65 19.98
C GLY L 406 -20.41 29.28 19.98
N ASP L 407 -19.20 29.28 20.49
CA ASP L 407 -18.34 28.10 20.55
C ASP L 407 -18.51 27.41 21.89
N PHE L 408 -17.94 26.22 22.01
CA PHE L 408 -17.75 25.61 23.32
C PHE L 408 -16.82 26.46 24.16
N VAL L 409 -17.04 26.46 25.48
CA VAL L 409 -16.15 27.20 26.35
C VAL L 409 -14.87 26.43 26.66
N GLU L 410 -14.86 25.12 26.45
CA GLU L 410 -13.70 24.28 26.68
C GLU L 410 -13.40 23.48 25.41
N PRO L 411 -12.17 23.00 25.25
CA PRO L 411 -11.88 22.09 24.14
C PRO L 411 -12.65 20.79 24.27
N VAL L 412 -13.28 20.41 23.16
CA VAL L 412 -14.43 19.51 23.19
C VAL L 412 -14.02 18.05 23.13
N GLY L 413 -12.95 17.71 22.42
CA GLY L 413 -12.56 16.33 22.25
C GLY L 413 -11.94 15.67 23.46
N PRO L 414 -11.14 14.63 23.24
CA PRO L 414 -10.47 13.97 24.37
C PRO L 414 -9.36 14.84 24.94
N ALA L 415 -8.93 14.47 26.13
CA ALA L 415 -7.95 15.29 26.83
C ALA L 415 -6.55 15.00 26.31
N PHE L 416 -5.63 15.91 26.66
CA PHE L 416 -4.24 15.88 26.26
C PHE L 416 -3.51 16.81 27.22
N TRP L 417 -2.29 17.20 26.86
CA TRP L 417 -1.48 17.99 27.77
C TRP L 417 -2.03 19.40 27.94
N GLU L 418 -2.10 20.16 26.85
CA GLU L 418 -2.39 21.59 26.94
C GLU L 418 -3.89 21.81 27.15
N ARG L 419 -4.31 21.82 28.40
CA ARG L 419 -5.74 21.96 28.68
C ARG L 419 -5.89 22.51 30.09
N LYS L 420 -7.07 23.10 30.36
CA LYS L 420 -7.57 23.44 31.69
C LYS L 420 -6.68 24.47 32.40
N SER L 421 -6.66 25.68 31.83
CA SER L 421 -6.15 26.84 32.55
C SER L 421 -6.87 28.11 32.12
N TRP M 27 41.00 34.69 -85.09
CA TRP M 27 42.15 34.25 -84.30
C TRP M 27 42.15 34.91 -82.93
N SER M 28 41.65 36.14 -82.87
CA SER M 28 41.75 36.93 -81.65
C SER M 28 40.80 36.46 -80.57
N ASP M 29 39.71 35.79 -80.95
CA ASP M 29 38.79 35.29 -79.93
C ASP M 29 39.22 33.94 -79.40
N ALA M 30 39.77 33.08 -80.27
CA ALA M 30 40.17 31.75 -79.83
C ALA M 30 41.50 31.77 -79.10
N LEU M 31 42.39 32.71 -79.43
CA LEU M 31 43.63 32.83 -78.68
C LEU M 31 43.42 33.45 -77.31
N ALA M 32 42.35 34.21 -77.11
CA ALA M 32 42.08 34.85 -75.83
C ALA M 32 41.35 33.94 -74.84
N LEU M 33 41.41 32.63 -75.08
CA LEU M 33 40.77 31.59 -74.26
C LEU M 33 39.26 31.78 -74.19
N GLY M 34 38.70 32.38 -75.23
CA GLY M 34 37.29 32.67 -75.30
C GLY M 34 36.78 33.60 -74.23
N TRP M 35 37.18 34.86 -74.30
CA TRP M 35 36.43 35.89 -73.62
C TRP M 35 35.07 36.08 -74.26
N PRO M 36 34.20 36.83 -73.60
CA PRO M 36 33.27 37.68 -74.34
C PRO M 36 34.00 38.97 -74.69
N THR M 37 33.80 39.42 -75.94
CA THR M 37 34.44 40.64 -76.40
C THR M 37 33.92 41.85 -75.64
N GLY M 38 34.75 42.86 -75.56
CA GLY M 38 34.44 44.01 -74.74
C GLY M 38 33.31 44.85 -75.32
N ILE M 39 32.64 45.58 -74.42
CA ILE M 39 31.68 46.59 -74.82
C ILE M 39 31.98 47.95 -74.25
N THR M 40 32.90 48.05 -73.30
CA THR M 40 33.42 49.28 -72.77
C THR M 40 34.93 49.35 -73.01
N PRO M 41 35.52 50.55 -73.12
CA PRO M 41 36.97 50.64 -73.30
C PRO M 41 37.78 50.04 -72.16
N GLU M 42 37.21 50.03 -70.95
CA GLU M 42 37.72 49.25 -69.84
C GLU M 42 37.91 47.79 -70.24
N ALA M 43 36.86 47.21 -70.82
CA ALA M 43 36.89 45.80 -71.20
C ALA M 43 37.78 45.57 -72.41
N LYS M 44 37.81 46.50 -73.36
CA LYS M 44 38.68 46.37 -74.53
C LYS M 44 40.14 46.34 -74.12
N LEU M 45 40.53 47.26 -73.25
CA LEU M 45 41.92 47.34 -72.82
C LEU M 45 42.27 46.18 -71.89
N ASN M 46 41.32 45.72 -71.08
CA ASN M 46 41.53 44.53 -70.26
C ASN M 46 41.69 43.27 -71.11
N ARG M 47 40.91 43.17 -72.19
CA ARG M 47 41.00 42.03 -73.08
C ARG M 47 42.30 42.05 -73.88
N GLU M 48 42.78 43.24 -74.24
CA GLU M 48 44.09 43.33 -74.89
C GLU M 48 45.19 42.87 -73.95
N LEU M 49 45.09 43.22 -72.66
CA LEU M 49 46.11 42.77 -71.73
C LEU M 49 46.05 41.27 -71.48
N TRP M 50 44.83 40.68 -71.45
CA TRP M 50 44.74 39.22 -71.35
C TRP M 50 45.31 38.53 -72.58
N ILE M 51 45.10 39.09 -73.78
CA ILE M 51 45.68 38.49 -74.99
C ILE M 51 47.20 38.51 -74.93
N GLY M 52 47.77 39.64 -74.53
CA GLY M 52 49.21 39.71 -74.33
C GLY M 52 49.70 38.79 -73.23
N SER M 53 48.88 38.57 -72.20
CA SER M 53 49.33 37.75 -71.09
C SER M 53 49.17 36.27 -71.38
N VAL M 54 48.20 35.86 -72.18
CA VAL M 54 48.19 34.46 -72.60
C VAL M 54 49.21 34.19 -73.68
N ILE M 55 49.61 35.20 -74.46
CA ILE M 55 50.79 35.04 -75.31
C ILE M 55 52.04 34.84 -74.47
N ALA M 56 52.17 35.59 -73.37
CA ALA M 56 53.30 35.37 -72.46
C ALA M 56 53.22 34.02 -71.77
N SER M 57 52.04 33.59 -71.36
CA SER M 57 51.90 32.33 -70.65
C SER M 57 52.11 31.13 -71.57
N PHE M 58 51.63 31.21 -72.81
CA PHE M 58 51.90 30.14 -73.76
C PHE M 58 53.33 30.20 -74.26
N ALA M 59 53.97 31.37 -74.26
CA ALA M 59 55.38 31.41 -74.62
C ALA M 59 56.27 30.90 -73.51
N VAL M 60 55.81 30.90 -72.27
CA VAL M 60 56.53 30.19 -71.22
C VAL M 60 56.24 28.70 -71.29
N GLY M 61 54.96 28.33 -71.34
CA GLY M 61 54.57 26.94 -71.33
C GLY M 61 54.98 26.16 -72.55
N ALA M 62 55.13 26.82 -73.70
CA ALA M 62 55.57 26.12 -74.90
C ALA M 62 57.03 25.74 -74.81
N ILE M 63 57.87 26.65 -74.32
CA ILE M 63 59.29 26.30 -74.21
C ILE M 63 59.54 25.36 -73.05
N VAL M 64 58.69 25.39 -72.01
CA VAL M 64 58.93 24.46 -70.92
C VAL M 64 58.31 23.07 -71.17
N TRP M 65 57.16 22.99 -71.85
CA TRP M 65 56.71 21.70 -72.37
C TRP M 65 57.66 21.17 -73.44
N GLY M 66 58.31 22.06 -74.19
CA GLY M 66 59.39 21.62 -75.05
C GLY M 66 60.54 21.03 -74.28
N LEU M 67 60.86 21.62 -73.12
CA LEU M 67 61.89 21.05 -72.25
C LEU M 67 61.51 19.68 -71.73
N ILE M 68 60.24 19.49 -71.33
CA ILE M 68 59.82 18.21 -70.78
C ILE M 68 59.73 17.15 -71.88
N PHE M 69 59.04 17.46 -72.97
CA PHE M 69 58.90 16.50 -74.07
C PHE M 69 60.14 16.46 -74.96
N TRP M 70 61.24 17.13 -74.59
CA TRP M 70 62.53 16.85 -75.20
C TRP M 70 63.52 16.23 -74.21
N THR M 71 63.30 16.36 -72.91
CA THR M 71 64.05 15.57 -71.94
C THR M 71 63.44 14.20 -71.73
N SER M 72 62.27 13.95 -72.32
CA SER M 72 61.79 12.59 -72.52
C SER M 72 62.34 11.95 -73.79
N ALA M 73 63.37 12.55 -74.40
CA ALA M 73 64.26 11.88 -75.34
C ALA M 73 65.55 11.42 -74.68
N PHE M 74 65.69 11.64 -73.38
CA PHE M 74 66.79 11.07 -72.59
C PHE M 74 66.33 9.80 -71.87
N HIS M 75 65.94 8.79 -72.64
CA HIS M 75 65.53 7.54 -72.03
C HIS M 75 66.75 6.79 -71.47
N ARG M 76 66.47 5.75 -70.71
CA ARG M 76 67.50 4.77 -70.38
C ARG M 76 67.86 4.04 -71.68
N LYS M 77 69.02 4.35 -72.24
CA LYS M 77 69.40 3.74 -73.50
C LYS M 77 69.75 2.28 -73.29
N LYS M 78 69.43 1.46 -74.29
CA LYS M 78 69.72 0.03 -74.21
C LYS M 78 71.22 -0.24 -74.27
N ALA M 79 71.96 0.60 -75.00
CA ALA M 79 73.40 0.48 -75.06
C ALA M 79 74.09 1.21 -73.91
N THR M 80 73.35 1.93 -73.08
CA THR M 80 73.95 2.59 -71.93
C THR M 80 74.33 1.55 -70.89
N ASP M 81 75.63 1.41 -70.66
CA ASP M 81 76.16 0.37 -69.81
C ASP M 81 76.01 0.76 -68.34
N THR M 82 76.70 0.05 -67.45
CA THR M 82 76.70 0.39 -66.03
C THR M 82 77.57 1.63 -65.81
N GLU M 83 77.06 2.78 -66.23
CA GLU M 83 77.81 4.02 -66.22
C GLU M 83 76.78 5.15 -66.12
N LEU M 84 76.82 5.88 -65.03
CA LEU M 84 75.78 6.82 -64.70
C LEU M 84 75.90 8.09 -65.55
N PRO M 85 74.89 8.98 -65.54
CA PRO M 85 74.97 10.22 -66.31
C PRO M 85 76.00 11.25 -65.86
N ARG M 86 75.88 12.45 -66.41
CA ARG M 86 76.79 13.56 -66.14
C ARG M 86 76.86 13.92 -64.66
N GLN M 87 75.80 13.61 -63.89
CA GLN M 87 75.76 13.68 -62.42
C GLN M 87 75.92 15.09 -61.88
N PHE M 88 75.51 16.13 -62.61
CA PHE M 88 76.10 17.43 -62.28
C PHE M 88 75.43 18.11 -61.08
N GLY M 89 74.20 18.58 -61.22
CA GLY M 89 73.70 19.55 -60.25
C GLY M 89 74.48 20.86 -60.16
N TYR M 90 73.92 21.82 -59.41
CA TYR M 90 74.64 22.99 -58.88
C TYR M 90 75.27 23.82 -60.00
N ASN M 91 74.42 24.41 -60.82
CA ASN M 91 74.88 25.26 -61.93
C ASN M 91 74.48 26.69 -61.60
N MET M 92 75.42 27.44 -61.03
CA MET M 92 75.16 28.79 -60.54
C MET M 92 74.88 29.84 -61.62
N PRO M 93 75.64 29.96 -62.74
CA PRO M 93 75.29 31.02 -63.71
C PRO M 93 73.96 30.79 -64.41
N LEU M 94 73.66 29.55 -64.76
CA LEU M 94 72.36 29.21 -65.31
C LEU M 94 71.25 29.49 -64.32
N GLU M 95 71.53 29.30 -63.02
CA GLU M 95 70.54 29.60 -62.00
C GLU M 95 70.30 31.10 -61.86
N LEU M 96 71.36 31.90 -61.98
CA LEU M 96 71.19 33.36 -61.99
C LEU M 96 70.41 33.82 -63.22
N THR M 97 70.64 33.20 -64.38
CA THR M 97 69.89 33.61 -65.56
C THR M 97 68.41 33.27 -65.45
N LEU M 98 68.08 32.08 -64.96
CA LEU M 98 66.67 31.77 -64.81
C LEU M 98 66.10 32.13 -63.44
N THR M 99 66.83 32.90 -62.63
CA THR M 99 66.18 33.64 -61.56
C THR M 99 66.04 35.12 -61.89
N VAL M 100 66.76 35.60 -62.90
CA VAL M 100 66.58 36.97 -63.36
C VAL M 100 65.49 37.06 -64.42
N ILE M 101 65.43 36.13 -65.36
CA ILE M 101 64.44 36.23 -66.44
C ILE M 101 62.97 36.01 -66.02
N PRO M 102 62.59 35.18 -65.01
CA PRO M 102 61.17 35.23 -64.61
C PRO M 102 60.85 36.48 -63.83
N PHE M 103 61.84 37.07 -63.17
CA PHE M 103 61.62 38.34 -62.50
C PHE M 103 61.39 39.46 -63.51
N LEU M 104 62.07 39.40 -64.65
CA LEU M 104 61.77 40.35 -65.74
C LEU M 104 60.40 40.12 -66.32
N ILE M 105 59.97 38.85 -66.46
CA ILE M 105 58.64 38.56 -66.98
C ILE M 105 57.56 39.10 -66.04
N ILE M 106 57.69 38.82 -64.74
CA ILE M 106 56.68 39.33 -63.81
C ILE M 106 56.81 40.82 -63.59
N SER M 107 57.98 41.42 -63.84
CA SER M 107 58.09 42.87 -63.69
C SER M 107 57.40 43.60 -64.84
N VAL M 108 57.58 43.12 -66.08
CA VAL M 108 56.90 43.78 -67.19
C VAL M 108 55.40 43.47 -67.14
N LEU M 109 55.02 42.29 -66.64
CA LEU M 109 53.60 42.00 -66.51
C LEU M 109 52.98 42.79 -65.38
N PHE M 110 53.76 43.08 -64.33
CA PHE M 110 53.26 43.92 -63.25
C PHE M 110 53.16 45.38 -63.66
N TYR M 111 54.05 45.87 -64.52
CA TYR M 111 53.91 47.24 -64.97
C TYR M 111 52.70 47.40 -65.90
N PHE M 112 52.49 46.44 -66.81
CA PHE M 112 51.27 46.50 -67.61
C PHE M 112 50.02 46.29 -66.79
N THR M 113 50.13 45.48 -65.73
CA THR M 113 49.04 45.29 -64.78
C THR M 113 48.69 46.58 -64.05
N VAL M 114 49.70 47.33 -63.62
CA VAL M 114 49.43 48.59 -62.91
C VAL M 114 48.95 49.67 -63.87
N VAL M 115 49.42 49.67 -65.12
CA VAL M 115 48.94 50.70 -66.05
C VAL M 115 47.54 50.38 -66.56
N VAL M 116 47.08 49.13 -66.42
CA VAL M 116 45.66 48.84 -66.60
C VAL M 116 44.90 48.96 -65.28
N GLN M 117 45.60 48.90 -64.15
CA GLN M 117 44.97 49.13 -62.86
C GLN M 117 44.68 50.62 -62.64
N GLU M 118 45.41 51.49 -63.32
CA GLU M 118 45.02 52.90 -63.34
C GLU M 118 43.71 53.07 -64.10
N ARG M 119 43.52 52.29 -65.16
CA ARG M 119 42.29 52.34 -65.96
C ARG M 119 41.37 51.20 -65.54
N MET M 120 40.89 51.28 -64.32
CA MET M 120 39.73 50.50 -63.90
C MET M 120 38.69 51.36 -63.24
N MET M 121 39.11 52.36 -62.47
CA MET M 121 38.24 53.44 -62.00
C MET M 121 39.05 54.72 -62.15
N HIS M 122 38.73 55.49 -63.18
CA HIS M 122 39.32 56.80 -63.34
C HIS M 122 38.84 57.77 -62.26
N LYS M 123 37.69 57.47 -61.64
CA LYS M 123 37.06 58.26 -60.59
C LYS M 123 36.77 59.68 -61.09
N ASP M 124 35.90 59.73 -62.09
CA ASP M 124 35.46 61.02 -62.62
C ASP M 124 34.44 61.61 -61.66
N PRO M 125 34.66 62.81 -61.14
CA PRO M 125 33.61 63.46 -60.33
C PRO M 125 32.43 63.97 -61.14
N ASN M 126 32.49 63.88 -62.47
CA ASN M 126 31.39 64.30 -63.34
C ASN M 126 30.97 63.11 -64.19
N PRO M 127 30.15 62.20 -63.63
CA PRO M 127 29.64 61.09 -64.43
C PRO M 127 28.49 61.51 -65.33
N GLU M 128 27.86 60.56 -65.99
CA GLU M 128 26.72 60.87 -66.82
C GLU M 128 25.43 60.23 -66.36
N VAL M 129 25.49 59.03 -65.77
CA VAL M 129 24.33 58.41 -65.13
C VAL M 129 24.82 57.49 -64.03
N VAL M 130 24.27 57.64 -62.84
CA VAL M 130 24.69 56.88 -61.66
C VAL M 130 23.59 55.87 -61.35
N ILE M 131 23.97 54.59 -61.27
CA ILE M 131 23.04 53.51 -61.01
C ILE M 131 23.31 52.98 -59.62
N ASP M 132 22.29 52.97 -58.78
CA ASP M 132 22.43 52.51 -57.42
C ASP M 132 22.04 51.04 -57.36
N VAL M 133 23.01 50.19 -57.68
CA VAL M 133 22.78 48.75 -57.75
C VAL M 133 22.76 48.24 -56.32
N THR M 134 21.58 48.12 -55.73
CA THR M 134 21.49 47.39 -54.49
C THR M 134 21.11 45.95 -54.81
N ALA M 135 21.43 45.07 -53.87
CA ALA M 135 21.58 43.67 -54.23
C ALA M 135 21.16 42.83 -53.04
N PHE M 136 19.88 42.48 -52.99
CA PHE M 136 19.36 41.93 -51.75
C PHE M 136 19.48 40.41 -51.79
N GLN M 137 18.79 39.74 -50.87
CA GLN M 137 18.85 38.30 -50.80
C GLN M 137 18.15 37.72 -52.03
N TRP M 138 18.96 37.23 -52.96
CA TRP M 138 18.66 36.40 -54.12
C TRP M 138 18.06 37.13 -55.31
N ASN M 139 18.08 38.46 -55.35
CA ASN M 139 17.82 39.19 -56.58
C ASN M 139 18.36 40.62 -56.42
N TRP M 140 18.24 41.40 -57.48
CA TRP M 140 18.85 42.71 -57.60
C TRP M 140 17.78 43.80 -57.54
N LYS M 141 18.24 45.04 -57.44
CA LYS M 141 17.37 46.21 -57.59
C LYS M 141 18.23 47.36 -58.05
N PHE M 142 17.88 47.96 -59.18
CA PHE M 142 18.73 48.98 -59.77
C PHE M 142 18.16 50.37 -59.49
N GLY M 143 19.05 51.34 -59.37
CA GLY M 143 18.71 52.59 -58.72
C GLY M 143 18.31 53.78 -59.58
N TYR M 144 19.10 54.11 -60.60
CA TYR M 144 19.05 55.40 -61.30
C TYR M 144 19.09 56.57 -60.31
N GLN M 145 20.22 56.65 -59.60
CA GLN M 145 20.34 57.61 -58.52
C GLN M 145 20.50 59.03 -59.07
N LYS M 146 21.24 59.19 -60.14
CA LYS M 146 21.51 60.52 -60.68
C LYS M 146 21.87 60.37 -62.15
N ILE M 147 21.30 61.25 -62.98
CA ILE M 147 21.66 61.35 -64.39
C ILE M 147 22.08 62.79 -64.64
N ALA M 148 23.07 62.99 -65.50
CA ALA M 148 23.46 64.33 -65.92
C ALA M 148 24.16 64.19 -67.28
N PHE M 149 23.46 64.50 -68.36
CA PHE M 149 24.07 64.39 -69.68
C PHE M 149 24.97 65.58 -69.99
N ALA M 150 26.15 65.28 -70.54
CA ALA M 150 26.98 66.32 -71.13
C ALA M 150 26.42 66.80 -72.47
N ASP M 151 25.53 66.03 -73.08
CA ASP M 151 24.72 66.54 -74.18
C ASP M 151 23.82 67.66 -73.70
N GLY M 152 23.34 67.56 -72.46
CA GLY M 152 22.43 68.53 -71.87
C GLY M 152 21.01 68.01 -71.88
N SER M 153 20.64 67.40 -70.76
CA SER M 153 19.35 66.77 -70.48
C SER M 153 19.43 66.24 -69.06
N PHE M 154 18.28 65.76 -68.56
CA PHE M 154 18.17 64.96 -67.35
C PHE M 154 18.72 65.67 -66.11
N ASP M 155 17.99 66.69 -65.68
CA ASP M 155 18.17 67.18 -64.32
C ASP M 155 17.37 66.27 -63.39
N TYR M 156 17.91 65.09 -63.15
CA TYR M 156 17.25 64.07 -62.34
C TYR M 156 18.11 63.70 -61.14
N ASP M 157 17.46 63.45 -59.99
CA ASP M 157 18.16 63.25 -58.73
C ASP M 157 17.52 62.08 -57.98
N GLY M 158 18.09 61.77 -56.80
CA GLY M 158 17.61 60.70 -55.96
C GLY M 158 16.67 61.20 -54.88
N ALA M 159 15.92 60.27 -54.28
CA ALA M 159 14.80 60.69 -53.43
C ALA M 159 15.23 61.02 -52.00
N ASP M 160 15.66 60.00 -51.26
CA ASP M 160 16.01 60.09 -49.85
C ASP M 160 15.01 60.76 -48.91
N PRO M 161 13.74 60.26 -48.83
CA PRO M 161 13.08 60.27 -47.52
C PRO M 161 13.12 58.90 -46.85
N GLU M 162 13.48 57.87 -47.62
CA GLU M 162 13.33 56.50 -47.15
C GLU M 162 14.45 56.06 -46.22
N ARG M 163 15.54 56.83 -46.11
CA ARG M 163 16.69 56.39 -45.32
C ARG M 163 16.45 56.81 -43.87
N LYS M 164 15.59 56.06 -43.20
CA LYS M 164 15.41 56.17 -41.77
C LYS M 164 16.17 55.05 -41.08
N GLU M 165 16.61 55.34 -39.86
CA GLU M 165 17.65 54.55 -39.22
C GLU M 165 17.06 53.47 -38.34
N ALA M 166 17.95 52.74 -37.68
CA ALA M 166 17.63 51.89 -36.55
C ALA M 166 18.62 52.15 -35.43
N MET M 167 19.01 53.41 -35.29
CA MET M 167 19.88 53.89 -34.21
C MET M 167 19.10 53.80 -32.92
N THR M 168 19.32 52.72 -32.15
CA THR M 168 18.50 52.41 -30.98
C THR M 168 18.93 53.22 -29.75
N SER M 169 18.80 54.53 -29.87
CA SER M 169 19.19 55.46 -28.81
C SER M 169 18.05 55.64 -27.80
N ARG M 170 17.62 54.52 -27.23
CA ARG M 170 16.60 54.55 -26.19
C ARG M 170 17.22 54.95 -24.86
N PRO M 171 16.54 55.79 -24.07
CA PRO M 171 17.17 56.36 -22.87
C PRO M 171 17.38 55.38 -21.74
N GLU M 172 16.71 54.23 -21.75
CA GLU M 172 16.88 53.26 -20.69
C GLU M 172 16.45 51.89 -21.18
N GLY M 173 17.20 50.86 -20.80
CA GLY M 173 16.97 49.49 -21.22
C GLY M 173 16.25 48.66 -20.18
N LYS M 174 16.71 47.42 -19.99
CA LYS M 174 16.03 46.50 -19.09
C LYS M 174 16.27 46.87 -17.63
N ASP M 175 17.44 47.42 -17.31
CA ASP M 175 17.65 47.96 -15.99
C ASP M 175 17.02 49.35 -15.88
N GLU M 176 17.11 49.94 -14.69
CA GLU M 176 16.28 51.10 -14.39
C GLU M 176 17.00 52.44 -14.50
N HIS M 177 18.32 52.48 -14.38
CA HIS M 177 19.01 53.76 -14.34
C HIS M 177 20.45 53.62 -14.83
N GLY M 178 20.95 54.71 -15.40
CA GLY M 178 22.38 54.90 -15.65
C GLY M 178 22.97 54.56 -17.01
N ILE M 179 22.49 53.47 -17.62
CA ILE M 179 23.19 52.88 -18.76
C ILE M 179 22.99 53.72 -20.02
N GLU M 180 21.74 54.11 -20.31
CA GLU M 180 21.25 54.69 -21.56
C GLU M 180 21.91 54.07 -22.81
N LYS M 181 21.70 52.76 -22.95
CA LYS M 181 22.43 51.95 -23.92
C LYS M 181 22.10 52.37 -25.35
N VAL M 182 23.14 52.55 -26.16
CA VAL M 182 23.03 53.25 -27.43
C VAL M 182 22.93 52.27 -28.59
N GLY M 183 23.81 51.29 -28.66
CA GLY M 183 23.75 50.33 -29.74
C GLY M 183 24.99 49.48 -29.89
N PRO M 184 24.86 48.32 -30.55
CA PRO M 184 25.99 47.42 -30.76
C PRO M 184 27.18 47.96 -31.55
N ILE M 185 26.97 48.36 -32.80
CA ILE M 185 28.06 48.77 -33.68
C ILE M 185 27.95 50.26 -33.96
N ARG M 186 29.02 51.00 -33.68
CA ARG M 186 29.10 52.47 -33.85
C ARG M 186 27.98 53.24 -33.13
N GLY M 187 27.34 52.63 -32.14
CA GLY M 187 26.16 53.18 -31.53
C GLY M 187 24.83 52.72 -32.10
N MET M 188 24.83 51.89 -33.13
CA MET M 188 23.58 51.46 -33.75
C MET M 188 23.51 49.95 -33.84
N THR M 189 22.33 49.44 -34.11
CA THR M 189 22.11 48.01 -34.22
C THR M 189 22.65 47.52 -35.56
N PRO M 190 22.94 46.21 -35.69
CA PRO M 190 23.31 45.69 -37.02
C PRO M 190 22.19 45.73 -38.03
N GLU M 191 20.94 45.71 -37.56
CA GLU M 191 19.76 45.67 -38.42
C GLU M 191 19.31 47.08 -38.79
N ASP M 192 20.22 47.83 -39.40
CA ASP M 192 20.16 49.29 -39.41
C ASP M 192 19.63 49.86 -40.71
N ARG M 193 20.28 49.56 -41.84
CA ARG M 193 19.93 50.04 -43.18
C ARG M 193 19.94 51.58 -43.26
N THR M 194 21.13 52.15 -43.10
CA THR M 194 21.38 53.54 -43.44
C THR M 194 22.37 53.72 -44.57
N TYR M 195 23.21 52.71 -44.85
CA TYR M 195 23.95 52.72 -46.10
C TYR M 195 23.02 52.59 -47.29
N LEU M 196 21.89 51.90 -47.09
CA LEU M 196 21.09 51.36 -48.17
C LEU M 196 20.29 52.51 -48.76
N ASN M 197 20.90 53.19 -49.72
CA ASN M 197 20.24 54.31 -50.37
C ASN M 197 19.19 53.83 -51.36
N PHE M 198 18.12 54.60 -51.49
CA PHE M 198 17.01 54.24 -52.35
C PHE M 198 16.83 55.33 -53.42
N ASP M 199 15.74 55.22 -54.18
CA ASP M 199 15.48 56.13 -55.28
C ASP M 199 14.00 56.08 -55.62
N LYS M 200 13.53 57.13 -56.30
CA LYS M 200 12.19 57.13 -56.88
C LYS M 200 12.03 56.02 -57.90
N ILE M 201 12.84 56.05 -58.96
CA ILE M 201 12.90 54.96 -59.90
C ILE M 201 13.55 53.76 -59.21
N GLU M 202 12.91 52.60 -59.28
CA GLU M 202 13.49 51.37 -58.75
C GLU M 202 13.09 50.24 -59.69
N THR M 203 14.08 49.65 -60.37
CA THR M 203 13.82 48.48 -61.19
C THR M 203 14.03 47.26 -60.31
N LEU M 204 12.98 46.94 -59.57
CA LEU M 204 13.04 45.80 -58.67
C LEU M 204 12.92 44.52 -59.47
N GLY M 205 13.67 43.52 -59.05
CA GLY M 205 13.64 42.23 -59.72
C GLY M 205 12.94 41.18 -58.89
N THR M 206 11.76 40.75 -59.34
CA THR M 206 11.03 39.69 -58.66
C THR M 206 11.63 38.34 -59.03
N SER M 207 11.07 37.27 -58.46
CA SER M 207 11.58 35.94 -58.73
C SER M 207 11.04 35.34 -60.01
N SER M 208 10.14 36.02 -60.71
CA SER M 208 9.64 35.57 -61.99
C SER M 208 9.86 36.59 -63.09
N GLU M 209 10.47 37.73 -62.77
CA GLU M 209 10.80 38.75 -63.76
C GLU M 209 12.23 39.19 -63.47
N ILE M 210 13.12 38.94 -64.41
CA ILE M 210 14.55 39.26 -64.23
C ILE M 210 14.74 40.76 -64.27
N PRO M 211 15.49 41.34 -63.33
CA PRO M 211 15.68 42.79 -63.32
C PRO M 211 16.46 43.28 -64.53
N VAL M 212 15.94 44.31 -65.16
CA VAL M 212 16.47 44.84 -66.40
C VAL M 212 16.92 46.27 -66.13
N LEU M 213 18.20 46.44 -65.90
CA LEU M 213 18.78 47.77 -66.00
C LEU M 213 18.90 48.11 -67.48
N VAL M 214 18.57 49.35 -67.85
CA VAL M 214 18.88 49.82 -69.19
C VAL M 214 19.77 51.06 -69.08
N LEU M 215 20.72 51.15 -69.98
CA LEU M 215 21.80 52.12 -69.87
C LEU M 215 22.05 52.78 -71.21
N PRO M 216 22.30 54.08 -71.24
CA PRO M 216 22.55 54.74 -72.52
C PRO M 216 23.91 54.40 -73.08
N ALA M 217 23.95 54.19 -74.40
CA ALA M 217 25.19 53.85 -75.09
C ALA M 217 26.07 55.09 -75.22
N GLY M 218 27.32 54.97 -74.77
CA GLY M 218 28.25 56.06 -74.94
C GLY M 218 28.10 57.18 -73.94
N LYS M 219 27.86 56.86 -72.68
CA LYS M 219 27.89 57.81 -71.59
C LYS M 219 28.92 57.32 -70.57
N ARG M 220 29.00 57.99 -69.43
CA ARG M 220 29.92 57.62 -68.36
C ARG M 220 29.05 57.10 -67.23
N ILE M 221 29.00 55.78 -67.06
CA ILE M 221 27.96 55.13 -66.30
C ILE M 221 28.56 54.67 -64.98
N GLU M 222 28.25 55.38 -63.91
CA GLU M 222 28.76 55.05 -62.59
C GLU M 222 27.85 54.02 -61.95
N PHE M 223 28.44 53.11 -61.19
CA PHE M 223 27.74 52.05 -60.49
C PHE M 223 28.11 52.15 -59.02
N VAL M 224 27.15 52.48 -58.16
CA VAL M 224 27.35 52.46 -56.72
C VAL M 224 26.64 51.24 -56.16
N LEU M 225 27.38 50.41 -55.44
CA LEU M 225 26.99 49.03 -55.18
C LEU M 225 26.72 48.84 -53.70
N ASN M 226 25.54 48.36 -53.36
CA ASN M 226 25.23 48.03 -51.98
C ASN M 226 24.48 46.73 -51.97
N SER M 227 24.67 45.95 -50.91
CA SER M 227 23.88 44.75 -50.69
C SER M 227 23.17 44.86 -49.36
N ALA M 228 21.90 44.46 -49.35
CA ALA M 228 21.13 44.53 -48.13
C ALA M 228 21.57 43.49 -47.13
N ASP M 229 21.93 42.30 -47.58
CA ASP M 229 22.14 41.19 -46.66
C ASP M 229 23.54 40.59 -46.71
N VAL M 230 24.04 40.22 -47.88
CA VAL M 230 25.16 39.28 -47.95
C VAL M 230 25.98 39.58 -49.20
N ILE M 231 27.29 39.31 -49.11
CA ILE M 231 28.24 39.55 -50.20
C ILE M 231 27.85 38.74 -51.41
N HIS M 232 27.72 39.41 -52.56
CA HIS M 232 27.83 38.72 -53.83
C HIS M 232 28.42 39.65 -54.88
N GLY M 233 28.24 39.33 -56.15
CA GLY M 233 29.04 39.96 -57.16
C GLY M 233 28.29 40.53 -58.35
N PHE M 234 28.53 41.80 -58.62
CA PHE M 234 27.98 42.45 -59.81
C PHE M 234 28.90 42.11 -60.97
N TRP M 235 28.65 40.97 -61.60
CA TRP M 235 29.53 40.47 -62.65
C TRP M 235 28.74 40.36 -63.94
N VAL M 236 28.72 41.44 -64.70
CA VAL M 236 28.36 41.29 -66.11
C VAL M 236 29.52 40.59 -66.81
N PRO M 237 29.28 39.50 -67.54
CA PRO M 237 30.38 38.89 -68.30
C PRO M 237 30.97 39.80 -69.35
N GLU M 238 30.19 40.64 -69.99
CA GLU M 238 30.76 41.40 -71.10
C GLU M 238 31.23 42.80 -70.69
N PHE M 239 31.20 43.14 -69.39
CA PHE M 239 31.94 44.31 -68.92
C PHE M 239 33.40 44.00 -68.68
N LEU M 240 33.73 42.71 -68.61
CA LEU M 240 35.05 42.19 -68.23
C LEU M 240 35.53 42.79 -66.93
N PHE M 241 34.64 42.88 -65.96
CA PHE M 241 34.89 43.49 -64.66
C PHE M 241 33.80 43.05 -63.70
N LYS M 242 34.16 42.90 -62.44
CA LYS M 242 33.16 42.76 -61.40
C LYS M 242 33.61 43.48 -60.14
N ARG M 243 32.71 43.50 -59.17
CA ARG M 243 32.93 44.07 -57.87
C ARG M 243 31.98 43.31 -56.95
N ASP M 244 32.32 43.27 -55.67
CA ASP M 244 31.48 42.58 -54.71
C ASP M 244 30.63 43.60 -53.97
N VAL M 245 29.33 43.31 -53.88
CA VAL M 245 28.43 44.10 -53.08
C VAL M 245 28.59 43.68 -51.62
N LEU M 246 29.54 44.31 -50.94
CA LEU M 246 29.70 44.09 -49.52
C LEU M 246 28.54 44.76 -48.80
N PRO M 247 28.11 44.22 -47.64
CA PRO M 247 26.93 44.75 -46.95
C PRO M 247 27.02 46.21 -46.51
N GLU M 248 27.95 46.60 -45.66
CA GLU M 248 28.16 48.03 -45.50
C GLU M 248 29.55 48.36 -46.02
N PRO M 249 29.68 48.66 -47.31
CA PRO M 249 31.01 48.77 -47.91
C PRO M 249 31.77 50.01 -47.51
N LYS M 250 31.09 51.07 -47.09
CA LYS M 250 31.81 52.23 -46.59
C LYS M 250 32.47 51.94 -45.25
N ALA M 251 31.81 51.14 -44.40
CA ALA M 251 32.41 50.77 -43.14
C ALA M 251 33.51 49.72 -43.33
N ASN M 252 33.38 48.88 -44.34
CA ASN M 252 34.33 47.78 -44.54
C ASN M 252 35.45 48.13 -45.50
N ASN M 253 35.85 49.41 -45.58
CA ASN M 253 36.94 49.92 -46.39
C ASN M 253 36.77 49.61 -47.88
N SER M 254 35.56 49.34 -48.34
CA SER M 254 35.31 48.85 -49.69
C SER M 254 34.84 49.99 -50.55
N ASP M 255 35.69 50.43 -51.48
CA ASP M 255 35.25 51.36 -52.49
C ASP M 255 34.37 50.58 -53.45
N ASN M 256 33.08 50.50 -53.15
CA ASN M 256 32.13 49.70 -53.94
C ASN M 256 31.88 50.31 -55.30
N VAL M 257 31.99 51.61 -55.41
CA VAL M 257 31.58 52.34 -56.59
C VAL M 257 32.63 52.17 -57.69
N PHE M 258 32.17 52.03 -58.93
CA PHE M 258 33.09 52.10 -60.06
C PHE M 258 32.38 52.69 -61.25
N GLN M 259 33.07 53.53 -62.00
CA GLN M 259 32.53 54.03 -63.26
C GLN M 259 32.89 53.09 -64.39
N VAL M 260 32.02 53.08 -65.41
CA VAL M 260 32.26 52.40 -66.67
C VAL M 260 32.36 53.49 -67.72
N SER M 261 33.47 53.47 -68.48
CA SER M 261 33.91 54.65 -69.23
C SER M 261 32.94 55.00 -70.35
N GLU M 262 32.65 54.04 -71.23
CA GLU M 262 31.56 54.15 -72.19
C GLU M 262 30.85 52.82 -72.18
N ILE M 263 29.89 52.66 -73.09
CA ILE M 263 29.46 51.34 -73.56
C ILE M 263 29.11 51.51 -75.03
N GLN M 264 29.98 51.01 -75.92
CA GLN M 264 29.77 51.22 -77.35
C GLN M 264 28.61 50.39 -77.87
N GLN M 265 28.66 49.08 -77.67
CA GLN M 265 27.71 48.18 -78.29
C GLN M 265 26.37 48.21 -77.58
N THR M 266 25.30 48.38 -78.36
CA THR M 266 23.94 48.36 -77.82
C THR M 266 23.47 46.91 -77.70
N GLY M 267 22.19 46.72 -77.44
CA GLY M 267 21.63 45.41 -77.26
C GLY M 267 21.51 45.03 -75.81
N ALA M 268 21.38 43.74 -75.57
CA ALA M 268 21.19 43.19 -74.24
C ALA M 268 22.41 42.38 -73.84
N PHE M 269 22.78 42.47 -72.56
CA PHE M 269 23.94 41.77 -72.04
C PHE M 269 23.56 41.08 -70.74
N VAL M 270 23.96 39.83 -70.60
CA VAL M 270 23.68 39.05 -69.41
C VAL M 270 24.49 39.60 -68.23
N GLY M 271 23.98 39.40 -67.02
CA GLY M 271 24.76 39.69 -65.83
C GLY M 271 24.52 38.66 -64.76
N ARG M 272 25.57 38.00 -64.30
CA ARG M 272 25.46 36.90 -63.37
C ARG M 272 25.71 37.38 -61.94
N CYS M 273 25.90 36.43 -61.04
CA CYS M 273 26.12 36.69 -59.63
C CYS M 273 27.24 35.79 -59.15
N THR M 274 28.32 36.38 -58.65
CA THR M 274 29.64 35.75 -58.68
C THR M 274 30.34 35.86 -57.32
N GLU M 275 29.62 35.42 -56.29
CA GLU M 275 30.18 35.02 -55.00
C GLU M 275 29.29 33.88 -54.52
N MET M 276 29.15 33.74 -53.21
CA MET M 276 28.18 32.83 -52.65
C MET M 276 27.16 33.63 -51.85
N CYS M 277 25.87 33.44 -52.17
CA CYS M 277 24.76 34.07 -51.46
C CYS M 277 23.99 33.16 -50.52
N GLY M 278 24.11 31.86 -50.67
CA GLY M 278 23.08 30.98 -50.16
C GLY M 278 22.51 30.25 -51.34
N THR M 279 21.38 29.57 -51.12
CA THR M 279 20.99 28.51 -52.05
C THR M 279 20.57 29.03 -53.43
N PHE M 280 19.62 29.96 -53.49
CA PHE M 280 19.14 30.41 -54.79
C PHE M 280 20.12 31.45 -55.34
N HIS M 281 21.25 30.93 -55.82
CA HIS M 281 22.37 31.76 -56.21
C HIS M 281 22.58 31.85 -57.72
N ALA M 282 22.30 30.78 -58.45
CA ALA M 282 22.24 30.90 -59.90
C ALA M 282 20.96 31.58 -60.37
N MET M 283 20.00 31.81 -59.48
CA MET M 283 18.74 32.46 -59.79
C MET M 283 18.82 33.96 -59.67
N MET M 284 20.00 34.55 -59.74
CA MET M 284 20.18 35.97 -59.49
C MET M 284 20.65 36.73 -60.72
N ASN M 285 20.26 36.25 -61.90
CA ASN M 285 20.73 36.89 -63.12
C ASN M 285 19.99 38.20 -63.34
N PHE M 286 20.64 39.11 -64.05
CA PHE M 286 20.03 40.38 -64.41
C PHE M 286 20.37 40.68 -65.86
N GLU M 287 19.97 41.84 -66.33
CA GLU M 287 20.39 42.28 -67.66
C GLU M 287 20.76 43.74 -67.63
N VAL M 288 21.79 44.09 -68.40
CA VAL M 288 22.11 45.49 -68.65
C VAL M 288 21.90 45.79 -70.12
N ARG M 289 20.67 46.16 -70.47
CA ARG M 289 20.33 46.39 -71.85
C ARG M 289 20.74 47.80 -72.24
N VAL M 290 21.63 47.88 -73.22
CA VAL M 290 22.24 49.14 -73.61
C VAL M 290 21.41 49.72 -74.74
N VAL M 291 20.76 50.83 -74.47
CA VAL M 291 19.86 51.46 -75.43
C VAL M 291 20.51 52.73 -75.94
N GLU M 292 19.89 53.32 -76.96
CA GLU M 292 20.32 54.61 -77.45
C GLU M 292 19.98 55.70 -76.44
N PRO M 293 20.68 56.84 -76.50
CA PRO M 293 20.35 57.94 -75.56
C PRO M 293 18.94 58.50 -75.71
N ASN M 294 18.40 58.62 -76.92
CA ASN M 294 17.01 59.04 -77.05
C ASN M 294 16.06 57.94 -76.55
N ASP M 295 16.48 56.68 -76.66
CA ASP M 295 15.71 55.61 -76.01
C ASP M 295 15.81 55.70 -74.50
N PHE M 296 16.90 56.25 -73.97
CA PHE M 296 16.99 56.44 -72.53
C PHE M 296 16.09 57.58 -72.08
N LYS M 297 16.01 58.65 -72.90
CA LYS M 297 15.05 59.73 -72.73
C LYS M 297 13.63 59.19 -72.66
N ALA M 298 13.24 58.42 -73.68
CA ALA M 298 11.92 57.85 -73.74
C ALA M 298 11.73 56.70 -72.75
N TYR M 299 12.79 56.21 -72.13
CA TYR M 299 12.62 55.23 -71.07
C TYR M 299 12.21 55.88 -69.78
N ILE M 300 13.04 56.80 -69.28
CA ILE M 300 12.74 57.36 -67.97
C ILE M 300 11.61 58.38 -68.03
N ASP M 301 11.49 59.10 -69.15
CA ASP M 301 10.33 59.98 -69.28
C ASP M 301 9.04 59.23 -69.59
N GLN M 302 9.09 57.92 -69.82
CA GLN M 302 7.92 57.07 -69.73
C GLN M 302 7.94 56.20 -68.47
N ARG M 303 8.73 56.60 -67.47
CA ARG M 303 8.68 55.98 -66.16
C ARG M 303 8.49 56.97 -65.02
N ASN M 304 8.88 58.24 -65.21
CA ASN M 304 8.53 59.27 -64.24
C ASN M 304 7.02 59.42 -64.10
N ALA M 305 6.30 59.36 -65.21
CA ALA M 305 4.90 58.94 -65.18
C ALA M 305 4.91 57.44 -64.93
N GLY M 306 4.54 57.04 -63.71
CA GLY M 306 4.86 55.74 -63.17
C GLY M 306 4.38 54.50 -63.90
N LYS M 307 5.31 53.82 -64.56
CA LYS M 307 5.06 52.54 -65.20
C LYS M 307 6.06 51.51 -64.68
N THR M 308 5.70 50.25 -64.82
CA THR M 308 6.58 49.16 -64.38
C THR M 308 7.61 48.87 -65.47
N ASN M 309 8.34 47.77 -65.31
CA ASN M 309 9.51 47.54 -66.17
C ASN M 309 9.10 47.10 -67.57
N ALA M 310 8.13 46.20 -67.66
CA ALA M 310 7.69 45.71 -68.96
C ALA M 310 7.01 46.81 -69.76
N GLU M 311 6.24 47.67 -69.09
CA GLU M 311 5.57 48.76 -69.79
C GLU M 311 6.57 49.81 -70.26
N ALA M 312 7.57 50.11 -69.43
CA ALA M 312 8.59 51.08 -69.82
C ALA M 312 9.45 50.57 -70.96
N LEU M 313 9.71 49.26 -71.00
CA LEU M 313 10.47 48.73 -72.13
C LEU M 313 9.61 48.59 -73.38
N ALA M 314 8.31 48.37 -73.22
CA ALA M 314 7.43 48.36 -74.39
C ALA M 314 7.24 49.75 -74.96
N ALA M 315 7.40 50.79 -74.13
CA ALA M 315 7.26 52.15 -74.62
C ALA M 315 8.43 52.62 -75.48
N ILE M 316 9.53 51.86 -75.56
CA ILE M 316 10.69 52.28 -76.33
C ILE M 316 11.02 51.30 -77.45
N ASN M 317 10.04 50.48 -77.85
CA ASN M 317 10.12 49.57 -79.00
C ASN M 317 11.26 48.57 -78.83
N GLN M 318 11.13 47.73 -77.81
CA GLN M 318 12.20 46.84 -77.37
C GLN M 318 11.51 45.78 -76.54
N PRO M 319 11.88 44.50 -76.67
CA PRO M 319 11.09 43.43 -76.02
C PRO M 319 11.20 43.47 -74.51
N PRO M 320 10.05 43.45 -73.83
CA PRO M 320 10.02 43.84 -72.42
C PRO M 320 10.62 42.82 -71.47
N LEU M 321 10.40 41.53 -71.72
CA LEU M 321 10.97 40.52 -70.85
C LEU M 321 12.47 40.41 -71.10
N ALA M 322 13.15 39.75 -70.16
CA ALA M 322 14.58 39.54 -70.29
C ALA M 322 14.86 38.56 -71.43
N ILE M 323 15.73 38.97 -72.36
CA ILE M 323 15.81 38.26 -73.63
C ILE M 323 17.03 37.34 -73.67
N THR M 324 18.07 37.63 -72.89
CA THR M 324 19.24 36.75 -72.89
C THR M 324 19.25 35.75 -71.76
N THR M 325 18.34 35.88 -70.80
CA THR M 325 18.10 34.88 -69.76
C THR M 325 16.61 34.79 -69.50
N GLU M 326 16.10 33.58 -69.49
CA GLU M 326 14.71 33.46 -69.06
C GLU M 326 14.64 33.45 -67.54
N PRO M 327 13.55 33.96 -66.97
CA PRO M 327 13.39 33.86 -65.51
C PRO M 327 13.06 32.45 -65.10
N PHE M 328 14.09 31.62 -64.94
CA PHE M 328 13.90 30.18 -64.86
C PHE M 328 13.33 29.77 -63.51
N GLU M 329 13.13 28.47 -63.38
CA GLU M 329 11.97 27.91 -62.68
C GLU M 329 11.90 28.29 -61.21
N SER M 330 10.74 28.78 -60.80
CA SER M 330 10.44 28.91 -59.39
C SER M 330 10.36 27.55 -58.71
N ARG M 331 10.06 26.49 -59.47
CA ARG M 331 10.14 25.12 -59.01
C ARG M 331 11.58 24.74 -58.69
N ARG M 332 11.78 23.54 -58.16
CA ARG M 332 13.06 23.18 -57.59
C ARG M 332 13.80 22.11 -58.38
N GLY M 333 13.10 21.26 -59.13
CA GLY M 333 13.82 20.26 -59.89
C GLY M 333 13.01 19.74 -61.04
N GLU M 334 13.61 18.84 -61.81
CA GLU M 334 12.92 18.12 -62.86
C GLU M 334 12.36 16.80 -62.37
N LEU M 335 12.27 16.61 -61.06
CA LEU M 335 11.60 15.46 -60.47
C LEU M 335 10.72 15.85 -59.29
N VAL M 336 10.49 17.13 -59.08
CA VAL M 336 9.51 17.60 -58.11
C VAL M 336 8.16 17.57 -58.81
N PRO M 337 7.07 17.18 -58.14
CA PRO M 337 5.78 17.14 -58.85
C PRO M 337 5.10 18.50 -58.97
N GLN M 338 5.72 19.37 -59.77
CA GLN M 338 5.20 20.68 -60.18
C GLN M 338 4.79 21.61 -59.04
N GLU N 10 75.07 -21.22 -46.90
CA GLU N 10 75.34 -20.68 -48.22
C GLU N 10 74.03 -20.34 -48.92
N LEU N 11 72.94 -20.90 -48.39
CA LEU N 11 71.60 -20.58 -48.85
C LEU N 11 70.72 -20.30 -47.65
N GLU N 12 69.83 -19.33 -47.79
CA GLU N 12 68.97 -18.91 -46.70
C GLU N 12 67.79 -19.88 -46.58
N ALA N 13 66.89 -19.60 -45.66
CA ALA N 13 65.66 -20.38 -45.48
C ALA N 13 64.50 -19.39 -45.45
N ARG N 14 64.02 -19.02 -46.63
CA ARG N 14 62.98 -18.03 -46.77
C ARG N 14 61.64 -18.69 -47.05
N ARG N 15 60.56 -18.02 -46.67
CA ARG N 15 59.24 -18.44 -47.08
C ARG N 15 59.09 -18.19 -48.59
N PRO N 16 58.25 -18.98 -49.27
CA PRO N 16 58.10 -18.78 -50.72
C PRO N 16 57.42 -17.46 -51.06
N PHE N 17 56.40 -17.09 -50.32
CA PHE N 17 55.80 -15.77 -50.40
C PHE N 17 55.76 -15.23 -48.97
N PRO N 18 55.81 -13.91 -48.78
CA PRO N 18 55.70 -13.39 -47.42
C PRO N 18 54.32 -13.55 -46.81
N GLU N 19 54.10 -13.00 -45.62
CA GLU N 19 52.79 -13.07 -45.00
C GLU N 19 51.80 -12.25 -45.84
N ARG N 20 50.67 -12.87 -46.16
CA ARG N 20 49.75 -12.24 -47.09
C ARG N 20 48.95 -11.18 -46.36
N MET N 21 48.12 -11.60 -45.41
CA MET N 21 47.31 -10.67 -44.64
C MET N 21 47.96 -10.30 -43.31
N GLY N 22 48.67 -11.24 -42.71
CA GLY N 22 49.10 -11.10 -41.34
C GLY N 22 48.25 -11.99 -40.47
N PRO N 23 48.68 -12.23 -39.24
CA PRO N 23 47.88 -13.06 -38.33
C PRO N 23 46.58 -12.37 -37.96
N LYS N 24 45.62 -13.18 -37.55
CA LYS N 24 44.33 -12.65 -37.10
C LYS N 24 44.53 -11.87 -35.82
N GLY N 25 44.19 -10.60 -35.84
CA GLY N 25 44.35 -9.77 -34.66
C GLY N 25 45.78 -9.38 -34.37
N ASN N 26 46.38 -8.57 -35.24
CA ASN N 26 47.59 -7.86 -34.90
C ASN N 26 47.50 -6.38 -35.25
N LEU N 27 46.33 -5.93 -35.61
CA LEU N 27 46.22 -4.57 -36.12
C LEU N 27 45.17 -3.76 -35.40
N ILE N 28 44.07 -4.39 -35.00
CA ILE N 28 42.92 -3.59 -34.58
C ILE N 28 43.09 -3.08 -33.15
N TYR N 29 43.80 -3.79 -32.28
CA TYR N 29 44.23 -3.12 -31.07
C TYR N 29 45.41 -2.21 -31.36
N LYS N 30 46.29 -2.64 -32.27
CA LYS N 30 47.41 -1.81 -32.66
C LYS N 30 46.94 -0.56 -33.40
N LEU N 31 45.73 -0.56 -33.98
CA LEU N 31 45.07 0.69 -34.36
C LEU N 31 44.92 1.63 -33.18
N ILE N 32 44.37 1.14 -32.08
CA ILE N 32 43.96 2.00 -30.98
C ILE N 32 45.17 2.54 -30.24
N THR N 33 46.27 1.81 -30.26
CA THR N 33 47.41 2.12 -29.42
C THR N 33 48.67 2.35 -30.25
N THR N 34 48.49 2.98 -31.41
CA THR N 34 49.61 3.38 -32.28
C THR N 34 50.59 4.29 -31.56
N THR N 35 51.86 4.02 -31.74
CA THR N 35 52.87 4.99 -31.32
C THR N 35 54.00 5.18 -32.31
N ASP N 36 54.24 4.28 -33.25
CA ASP N 36 55.26 4.55 -34.25
C ASP N 36 54.66 5.43 -35.33
N HIS N 37 55.53 6.20 -35.99
CA HIS N 37 55.08 7.07 -37.06
C HIS N 37 54.56 6.29 -38.25
N LYS N 38 55.08 5.07 -38.46
CA LYS N 38 54.81 4.31 -39.67
C LYS N 38 53.33 3.97 -39.80
N LEU N 39 52.79 3.29 -38.79
CA LEU N 39 51.41 2.84 -38.86
C LEU N 39 50.44 3.99 -38.84
N ILE N 40 50.80 5.09 -38.16
CA ILE N 40 49.99 6.30 -38.18
C ILE N 40 49.96 6.90 -39.58
N GLY N 41 51.11 6.89 -40.27
CA GLY N 41 51.13 7.42 -41.62
C GLY N 41 50.38 6.54 -42.61
N ILE N 42 50.45 5.23 -42.42
CA ILE N 42 49.63 4.31 -43.21
C ILE N 42 48.16 4.60 -42.98
N MET N 43 47.78 4.87 -41.73
CA MET N 43 46.39 5.21 -41.42
C MET N 43 45.97 6.53 -42.02
N TYR N 44 46.89 7.51 -42.05
CA TYR N 44 46.61 8.75 -42.78
C TYR N 44 46.33 8.47 -44.24
N CYS N 45 47.18 7.69 -44.89
CA CYS N 45 46.99 7.43 -46.31
C CYS N 45 45.70 6.65 -46.58
N VAL N 46 45.38 5.70 -45.71
CA VAL N 46 44.17 4.89 -45.88
C VAL N 46 42.92 5.73 -45.68
N VAL N 47 42.77 6.35 -44.51
CA VAL N 47 41.51 7.02 -44.24
C VAL N 47 41.40 8.31 -45.05
N CYS N 48 42.50 8.86 -45.54
CA CYS N 48 42.36 10.04 -46.36
C CYS N 48 42.11 9.71 -47.81
N PHE N 49 42.56 8.54 -48.28
CA PHE N 49 42.05 8.10 -49.57
C PHE N 49 40.60 7.67 -49.48
N ALA N 50 40.14 7.26 -48.29
CA ALA N 50 38.71 7.06 -48.10
C ALA N 50 37.94 8.38 -48.16
N PHE N 51 38.48 9.44 -47.55
CA PHE N 51 37.83 10.74 -47.71
C PHE N 51 37.98 11.28 -49.11
N PHE N 52 39.04 10.90 -49.83
CA PHE N 52 39.16 11.26 -51.24
C PHE N 52 38.09 10.57 -52.06
N LEU N 53 37.77 9.32 -51.71
CA LEU N 53 36.66 8.63 -52.37
C LEU N 53 35.33 9.32 -52.09
N VAL N 54 35.11 9.72 -50.84
CA VAL N 54 33.88 10.43 -50.46
C VAL N 54 33.74 11.73 -51.24
N GLY N 55 34.83 12.50 -51.28
CA GLY N 55 34.82 13.73 -52.06
C GLY N 55 34.64 13.51 -53.55
N GLY N 56 35.33 12.50 -54.11
CA GLY N 56 35.18 12.20 -55.53
C GLY N 56 33.74 11.86 -55.92
N LEU N 57 33.05 11.07 -55.09
CA LEU N 57 31.64 10.80 -55.41
C LEU N 57 30.79 12.04 -55.19
N MET N 58 31.18 12.91 -54.26
CA MET N 58 30.46 14.17 -54.08
C MET N 58 30.61 15.07 -55.31
N ALA N 59 31.81 15.08 -55.89
CA ALA N 59 32.06 15.82 -57.12
C ALA N 59 31.36 15.19 -58.31
N LEU N 60 31.26 13.87 -58.34
CA LEU N 60 30.51 13.22 -59.40
C LEU N 60 29.02 13.48 -59.28
N PHE N 61 28.53 13.72 -58.06
CA PHE N 61 27.15 14.17 -57.92
C PHE N 61 26.97 15.58 -58.48
N MET N 62 27.92 16.48 -58.16
CA MET N 62 27.89 17.83 -58.74
C MET N 62 27.97 17.79 -60.26
N ARG N 63 28.72 16.84 -60.79
CA ARG N 63 28.97 16.84 -62.21
C ARG N 63 27.93 16.04 -62.99
N THR N 64 27.21 15.13 -62.34
CA THR N 64 25.91 14.73 -62.89
C THR N 64 24.98 15.91 -62.94
N GLU N 65 25.02 16.77 -61.92
CA GLU N 65 24.08 17.88 -61.86
C GLU N 65 24.33 18.91 -62.96
N LEU N 66 25.59 19.27 -63.20
CA LEU N 66 25.91 20.27 -64.21
C LEU N 66 25.85 19.77 -65.64
N ALA N 67 25.54 18.49 -65.87
CA ALA N 67 25.55 17.98 -67.24
C ALA N 67 24.37 18.53 -68.05
N MET N 68 23.20 18.64 -67.43
CA MET N 68 22.08 19.21 -68.12
C MET N 68 21.62 20.48 -67.42
N PRO N 69 21.13 21.48 -68.17
CA PRO N 69 20.92 22.81 -67.57
C PRO N 69 19.77 22.91 -66.58
N GLY N 70 18.95 21.88 -66.43
CA GLY N 70 17.94 21.90 -65.40
C GLY N 70 18.53 21.59 -64.03
N LEU N 71 17.65 21.45 -63.06
CA LEU N 71 17.99 20.85 -61.77
C LEU N 71 17.52 19.40 -61.73
N GLN N 72 18.11 18.60 -62.63
CA GLN N 72 17.52 17.31 -62.97
C GLN N 72 17.81 16.21 -61.97
N PHE N 73 18.90 16.30 -61.20
CA PHE N 73 19.33 15.19 -60.39
C PHE N 73 19.12 15.46 -58.90
N LEU N 74 19.67 16.55 -58.39
CA LEU N 74 19.50 16.92 -57.01
C LEU N 74 19.25 18.42 -56.95
N SER N 75 18.94 18.90 -55.77
CA SER N 75 18.35 20.21 -55.61
C SER N 75 19.40 21.31 -55.70
N ASN N 76 18.97 22.52 -55.31
CA ASN N 76 19.88 23.64 -55.19
C ASN N 76 20.66 23.54 -53.89
N GLU N 77 19.94 23.36 -52.78
CA GLU N 77 20.56 23.40 -51.45
C GLU N 77 21.52 22.24 -51.25
N GLN N 78 21.14 21.06 -51.75
CA GLN N 78 22.04 19.91 -51.68
C GLN N 78 23.30 20.14 -52.50
N PHE N 79 23.18 20.86 -53.62
CA PHE N 79 24.37 21.22 -54.38
C PHE N 79 25.26 22.18 -53.60
N ASN N 80 24.66 23.13 -52.89
CA ASN N 80 25.46 24.09 -52.15
C ASN N 80 26.10 23.46 -50.93
N GLN N 81 25.50 22.40 -50.39
CA GLN N 81 26.18 21.59 -49.40
C GLN N 81 27.27 20.76 -50.04
N LEU N 82 27.05 20.41 -51.31
CA LEU N 82 27.84 19.39 -51.96
C LEU N 82 29.22 19.91 -52.30
N PHE N 83 29.30 21.10 -52.94
CA PHE N 83 30.63 21.65 -53.20
C PHE N 83 31.36 22.05 -51.93
N THR N 84 30.63 22.41 -50.87
CA THR N 84 31.30 22.87 -49.65
C THR N 84 31.98 21.72 -48.93
N MET N 85 31.20 20.68 -48.61
CA MET N 85 31.77 19.49 -47.98
C MET N 85 32.80 18.85 -48.89
N HIS N 86 32.62 18.99 -50.19
CA HIS N 86 33.60 18.50 -51.12
C HIS N 86 34.91 19.28 -51.08
N GLY N 87 34.82 20.61 -51.05
CA GLY N 87 36.02 21.42 -50.96
C GLY N 87 36.76 21.21 -49.65
N THR N 88 36.04 20.90 -48.58
CA THR N 88 36.73 20.62 -47.33
C THR N 88 37.34 19.23 -47.31
N VAL N 89 36.65 18.20 -47.79
CA VAL N 89 37.23 16.87 -47.71
C VAL N 89 38.12 16.61 -48.92
N MET N 90 38.38 17.65 -49.71
CA MET N 90 39.54 17.63 -50.58
C MET N 90 40.67 18.55 -50.12
N LEU N 91 40.37 19.65 -49.44
CA LEU N 91 41.43 20.52 -48.93
C LEU N 91 41.79 20.21 -47.48
N LEU N 92 40.85 20.39 -46.58
CA LEU N 92 41.16 20.33 -45.15
C LEU N 92 40.99 18.95 -44.56
N PHE N 93 40.51 17.97 -45.33
CA PHE N 93 40.45 16.60 -44.85
C PHE N 93 41.00 15.59 -45.83
N TYR N 94 41.57 16.02 -46.95
CA TYR N 94 42.38 15.15 -47.78
C TYR N 94 43.79 15.65 -47.97
N ALA N 95 43.98 16.92 -48.31
CA ALA N 95 45.33 17.40 -48.61
C ALA N 95 46.13 17.63 -47.32
N THR N 96 45.66 18.57 -46.51
CA THR N 96 46.09 18.93 -45.17
C THR N 96 46.43 17.76 -44.24
N PRO N 97 45.73 16.63 -44.25
CA PRO N 97 46.25 15.48 -43.53
C PRO N 97 47.41 14.77 -44.22
N ILE N 98 47.35 14.60 -45.54
CA ILE N 98 48.36 13.81 -46.25
C ILE N 98 49.71 14.52 -46.28
N VAL N 99 49.71 15.86 -46.14
CA VAL N 99 50.97 16.59 -46.04
C VAL N 99 51.71 16.27 -44.75
N PHE N 100 51.02 15.73 -43.73
CA PHE N 100 51.66 15.12 -42.59
C PHE N 100 51.58 13.60 -42.63
N GLY N 101 50.80 13.04 -43.55
CA GLY N 101 50.73 11.60 -43.66
C GLY N 101 51.96 11.02 -44.30
N PHE N 102 52.48 11.70 -45.33
CA PHE N 102 53.79 11.33 -45.84
C PHE N 102 54.91 11.70 -44.87
N ALA N 103 54.67 12.68 -44.01
CA ALA N 103 55.65 12.97 -42.97
C ALA N 103 55.76 11.81 -42.00
N ASN N 104 54.62 11.36 -41.46
CA ASN N 104 54.59 10.17 -40.62
C ASN N 104 54.99 8.90 -41.37
N LEU N 105 54.83 8.84 -42.68
CA LEU N 105 55.48 7.75 -43.40
C LEU N 105 57.00 7.82 -43.31
N VAL N 106 57.61 8.82 -43.92
CA VAL N 106 59.02 8.67 -44.26
C VAL N 106 59.93 9.76 -43.73
N LEU N 107 59.42 10.71 -42.93
CA LEU N 107 60.31 11.74 -42.46
C LEU N 107 61.24 11.24 -41.33
N PRO N 108 60.80 10.47 -40.32
CA PRO N 108 61.80 9.86 -39.43
C PRO N 108 62.68 8.85 -40.13
N LEU N 109 62.21 8.25 -41.22
CA LEU N 109 63.09 7.43 -42.04
C LEU N 109 64.13 8.28 -42.75
N GLN N 110 63.77 9.50 -43.13
CA GLN N 110 64.71 10.32 -43.90
C GLN N 110 65.71 11.05 -43.03
N ILE N 111 65.36 11.38 -41.78
CA ILE N 111 66.31 12.12 -40.95
C ILE N 111 67.03 11.22 -39.98
N GLY N 112 66.79 9.91 -40.03
CA GLY N 112 67.48 9.02 -39.13
C GLY N 112 66.86 8.94 -37.76
N ALA N 113 65.64 9.36 -37.62
CA ALA N 113 65.01 9.34 -36.32
C ALA N 113 64.49 7.93 -36.03
N PRO N 114 64.62 7.47 -34.78
CA PRO N 114 64.03 6.18 -34.41
C PRO N 114 62.51 6.19 -34.49
N ASP N 115 61.87 7.11 -33.79
CA ASP N 115 60.48 7.43 -34.04
C ASP N 115 60.37 8.91 -34.31
N VAL N 116 59.15 9.31 -34.63
CA VAL N 116 58.75 10.69 -34.56
C VAL N 116 58.83 11.18 -33.10
N ALA N 117 58.98 12.49 -32.94
CA ALA N 117 59.52 13.08 -31.71
C ALA N 117 58.55 12.97 -30.54
N PHE N 118 57.25 13.15 -30.79
CA PHE N 118 56.23 13.05 -29.76
C PHE N 118 55.30 11.92 -30.16
N PRO N 119 55.68 10.67 -29.87
CA PRO N 119 55.05 9.52 -30.53
C PRO N 119 53.65 9.19 -30.04
N ARG N 120 53.18 9.80 -28.96
CA ARG N 120 51.74 9.76 -28.69
C ARG N 120 51.02 10.91 -29.32
N LEU N 121 51.67 12.06 -29.46
CA LEU N 121 51.02 13.22 -30.01
C LEU N 121 50.83 13.13 -31.51
N ASN N 122 51.50 12.19 -32.18
CA ASN N 122 51.19 11.88 -33.56
C ASN N 122 49.93 11.04 -33.68
N ALA N 123 49.74 10.08 -32.77
CA ALA N 123 48.46 9.40 -32.68
C ALA N 123 47.36 10.38 -32.32
N LEU N 124 47.68 11.37 -31.49
CA LEU N 124 46.70 12.38 -31.12
C LEU N 124 46.38 13.27 -32.31
N SER N 125 47.37 13.57 -33.15
CA SER N 125 47.16 14.33 -34.37
C SER N 125 46.25 13.57 -35.32
N PHE N 126 46.54 12.27 -35.53
CA PHE N 126 45.72 11.47 -36.43
C PHE N 126 44.30 11.29 -35.93
N TRP N 127 44.13 10.98 -34.65
CA TRP N 127 42.79 10.73 -34.17
C TRP N 127 41.98 12.01 -34.01
N LEU N 128 42.62 13.14 -33.69
CA LEU N 128 41.91 14.41 -33.76
C LEU N 128 41.54 14.76 -35.18
N PHE N 129 42.39 14.42 -36.13
CA PHE N 129 42.03 14.64 -37.53
C PHE N 129 40.79 13.84 -37.90
N LEU N 130 40.80 12.54 -37.62
CA LEU N 130 39.69 11.68 -38.00
C LEU N 130 38.40 12.05 -37.29
N PHE N 131 38.48 12.48 -36.05
CA PHE N 131 37.28 12.86 -35.33
C PHE N 131 36.95 14.34 -35.47
N GLY N 132 37.70 15.07 -36.26
CA GLY N 132 37.21 16.34 -36.75
C GLY N 132 36.56 16.13 -38.10
N ALA N 133 37.11 15.17 -38.85
CA ALA N 133 36.61 14.89 -40.19
C ALA N 133 35.23 14.24 -40.14
N LEU N 134 35.02 13.31 -39.21
CA LEU N 134 33.71 12.69 -39.09
C LEU N 134 32.66 13.68 -38.61
N ILE N 135 33.01 14.54 -37.65
CA ILE N 135 32.03 15.51 -37.16
C ILE N 135 31.89 16.71 -38.08
N ALA N 136 32.68 16.80 -39.14
CA ALA N 136 32.40 17.76 -40.20
C ALA N 136 31.61 17.17 -41.37
N ILE N 137 31.83 15.88 -41.68
CA ILE N 137 30.95 15.15 -42.59
C ILE N 137 29.57 14.98 -41.99
N ALA N 138 29.47 14.99 -40.67
CA ALA N 138 28.23 14.76 -39.94
C ALA N 138 27.13 15.78 -40.15
N GLY N 139 27.37 16.80 -40.98
CA GLY N 139 26.29 17.64 -41.46
C GLY N 139 25.33 16.92 -42.37
N PHE N 140 25.75 15.84 -43.02
CA PHE N 140 24.85 15.15 -43.94
C PHE N 140 23.78 14.33 -43.21
N ILE N 141 24.03 13.94 -41.96
CA ILE N 141 22.99 13.28 -41.19
C ILE N 141 21.93 14.30 -40.80
N THR N 142 22.32 15.56 -40.65
CA THR N 142 21.38 16.61 -40.27
C THR N 142 20.37 16.86 -41.39
N PRO N 143 19.11 17.16 -41.04
CA PRO N 143 18.08 17.21 -42.08
C PRO N 143 18.20 18.37 -43.04
N GLY N 144 18.56 19.54 -42.55
CA GLY N 144 18.89 20.62 -43.44
C GLY N 144 20.22 20.48 -44.11
N GLY N 145 21.00 19.48 -43.71
CA GLY N 145 22.22 19.18 -44.37
C GLY N 145 23.36 20.01 -43.82
N ALA N 146 24.48 19.92 -44.52
CA ALA N 146 25.72 20.55 -44.11
C ALA N 146 25.76 21.98 -44.61
N ALA N 147 26.95 22.57 -44.63
CA ALA N 147 27.12 23.99 -44.92
C ALA N 147 26.78 24.30 -46.38
N ASP N 148 25.80 25.17 -46.61
CA ASP N 148 25.53 25.55 -47.99
C ASP N 148 26.47 26.63 -48.48
N PHE N 149 26.94 27.49 -47.59
CA PHE N 149 27.99 28.44 -47.93
C PHE N 149 29.25 27.70 -48.34
N GLY N 150 30.08 28.35 -49.15
CA GLY N 150 31.23 27.69 -49.75
C GLY N 150 32.32 27.31 -48.75
N TRP N 151 33.40 26.76 -49.30
CA TRP N 151 34.60 26.55 -48.48
C TRP N 151 35.18 27.86 -47.99
N THR N 152 35.05 28.91 -48.81
CA THR N 152 35.55 30.22 -48.44
C THR N 152 34.82 30.78 -47.23
N ALA N 153 33.51 30.51 -47.13
CA ALA N 153 32.70 30.70 -45.93
C ALA N 153 32.66 32.15 -45.47
N TYR N 154 32.21 33.03 -46.35
CA TYR N 154 32.29 34.46 -46.05
C TYR N 154 31.24 34.85 -45.01
N SER N 155 31.64 35.74 -44.11
CA SER N 155 30.91 36.00 -42.87
C SER N 155 29.50 36.59 -42.85
N PRO N 156 29.03 37.38 -43.83
CA PRO N 156 27.60 37.71 -43.79
C PRO N 156 26.73 36.57 -44.22
N LEU N 157 27.32 35.48 -44.70
CA LEU N 157 26.61 34.27 -45.02
C LEU N 157 26.73 33.20 -43.94
N THR N 158 27.73 33.29 -43.07
CA THR N 158 27.93 32.28 -42.05
C THR N 158 27.37 32.65 -40.69
N ASP N 159 27.20 33.94 -40.40
CA ASP N 159 26.57 34.36 -39.14
C ASP N 159 25.13 33.87 -39.07
N ALA N 160 24.69 33.49 -37.87
CA ALA N 160 23.55 32.58 -37.67
C ALA N 160 22.22 33.09 -38.21
N ILE N 161 22.12 34.37 -38.57
CA ILE N 161 21.00 34.82 -39.39
C ILE N 161 21.02 34.12 -40.73
N HIS N 162 22.22 33.88 -41.26
CA HIS N 162 22.38 33.33 -42.59
C HIS N 162 23.01 31.95 -42.51
N SER N 163 22.44 31.01 -43.27
CA SER N 163 22.67 29.56 -43.18
C SER N 163 22.52 29.09 -41.74
N PRO N 164 21.30 29.06 -41.19
CA PRO N 164 21.13 28.86 -39.76
C PRO N 164 21.17 27.41 -39.30
N GLY N 165 21.46 26.47 -40.19
CA GLY N 165 21.34 25.07 -39.88
C GLY N 165 22.40 24.57 -38.92
N ALA N 166 22.26 23.30 -38.55
CA ALA N 166 23.21 22.64 -37.68
C ALA N 166 24.46 22.18 -38.41
N GLY N 167 24.37 22.00 -39.73
CA GLY N 167 25.50 21.49 -40.49
C GLY N 167 26.65 22.47 -40.57
N GLY N 168 26.35 23.77 -40.63
CA GLY N 168 27.42 24.76 -40.60
C GLY N 168 28.14 24.79 -39.27
N ASP N 169 27.40 24.58 -38.18
CA ASP N 169 28.03 24.54 -36.86
C ASP N 169 28.91 23.31 -36.71
N LEU N 170 28.43 22.15 -37.17
CA LEU N 170 29.25 20.94 -37.17
C LEU N 170 30.46 21.09 -38.06
N TRP N 171 30.32 21.81 -39.18
CA TRP N 171 31.44 22.13 -40.06
C TRP N 171 32.50 22.95 -39.32
N ILE N 172 32.04 23.98 -38.61
CA ILE N 172 32.92 24.86 -37.85
C ILE N 172 33.71 24.09 -36.80
N MET N 173 33.02 23.31 -35.98
CA MET N 173 33.78 22.62 -34.94
C MET N 173 34.56 21.42 -35.47
N GLY N 174 34.15 20.85 -36.60
CA GLY N 174 34.97 19.85 -37.25
C GLY N 174 36.28 20.41 -37.76
N LEU N 175 36.25 21.62 -38.33
CA LEU N 175 37.52 22.22 -38.71
C LEU N 175 38.31 22.69 -37.50
N ALA N 176 37.65 22.98 -36.37
CA ALA N 176 38.38 23.28 -35.14
C ALA N 176 39.22 22.09 -34.70
N VAL N 177 38.60 20.91 -34.67
CA VAL N 177 39.31 19.71 -34.24
C VAL N 177 40.38 19.32 -35.25
N GLY N 178 40.04 19.38 -36.55
CA GLY N 178 41.02 19.04 -37.57
C GLY N 178 42.19 20.02 -37.61
N GLY N 179 41.93 21.30 -37.36
CA GLY N 179 42.99 22.27 -37.29
C GLY N 179 43.89 22.06 -36.09
N LEU N 180 43.30 21.70 -34.93
CA LEU N 180 44.13 21.42 -33.76
C LEU N 180 45.01 20.19 -33.98
N GLY N 181 44.45 19.15 -34.60
CA GLY N 181 45.23 17.97 -34.89
C GLY N 181 46.35 18.22 -35.87
N THR N 182 46.11 19.09 -36.85
CA THR N 182 47.16 19.37 -37.81
C THR N 182 48.21 20.34 -37.25
N ILE N 183 47.83 21.23 -36.33
CA ILE N 183 48.80 22.01 -35.55
C ILE N 183 49.73 21.08 -34.77
N LEU N 184 49.15 20.05 -34.16
CA LEU N 184 49.95 19.13 -33.37
C LEU N 184 50.85 18.26 -34.25
N GLY N 185 50.39 17.93 -35.46
CA GLY N 185 51.30 17.38 -36.46
C GLY N 185 52.40 18.35 -36.85
N GLY N 186 52.09 19.64 -36.88
CA GLY N 186 53.12 20.63 -37.20
C GLY N 186 54.22 20.71 -36.15
N VAL N 187 53.85 20.73 -34.87
CA VAL N 187 54.86 20.81 -33.82
C VAL N 187 55.69 19.53 -33.75
N ASN N 188 55.06 18.35 -33.85
CA ASN N 188 55.95 17.19 -33.73
C ASN N 188 56.78 16.92 -34.98
N MET N 189 56.35 17.38 -36.16
CA MET N 189 57.24 17.26 -37.32
C MET N 189 58.37 18.27 -37.28
N ILE N 190 58.12 19.50 -36.81
CA ILE N 190 59.23 20.44 -36.73
C ILE N 190 60.21 20.03 -35.64
N THR N 191 59.74 19.35 -34.59
CA THR N 191 60.72 18.94 -33.58
C THR N 191 61.50 17.69 -33.98
N THR N 192 60.90 16.79 -34.77
CA THR N 192 61.71 15.75 -35.42
C THR N 192 62.82 16.36 -36.23
N VAL N 193 62.49 17.27 -37.15
CA VAL N 193 63.52 17.71 -38.08
C VAL N 193 64.51 18.65 -37.40
N VAL N 194 64.14 19.31 -36.30
CA VAL N 194 65.11 20.11 -35.56
C VAL N 194 66.03 19.22 -34.73
N CYS N 195 65.46 18.42 -33.83
CA CYS N 195 66.31 17.87 -32.78
C CYS N 195 66.10 16.38 -32.58
N MET N 196 65.74 15.67 -33.63
CA MET N 196 65.68 14.21 -33.58
C MET N 196 66.18 13.70 -34.92
N ARG N 197 67.48 13.47 -35.01
CA ARG N 197 68.09 13.38 -36.32
C ARG N 197 69.38 12.60 -36.23
N ALA N 198 69.78 12.01 -37.35
CA ALA N 198 70.92 11.10 -37.40
C ALA N 198 72.24 11.86 -37.18
N PRO N 199 73.25 11.21 -36.58
CA PRO N 199 74.39 11.97 -36.06
C PRO N 199 75.37 12.48 -37.10
N GLY N 200 75.19 12.20 -38.38
CA GLY N 200 76.19 12.63 -39.33
C GLY N 200 75.70 13.70 -40.28
N MET N 201 74.39 13.92 -40.28
CA MET N 201 73.74 14.83 -41.21
C MET N 201 73.52 16.18 -40.54
N THR N 202 74.06 17.24 -41.14
CA THR N 202 73.77 18.57 -40.66
C THR N 202 72.43 19.02 -41.24
N MET N 203 72.16 20.32 -41.13
CA MET N 203 70.95 20.89 -41.71
C MET N 203 70.87 20.68 -43.21
N PHE N 204 72.00 20.71 -43.90
CA PHE N 204 71.93 20.80 -45.35
C PHE N 204 71.96 19.46 -46.06
N ARG N 205 72.54 18.40 -45.51
CA ARG N 205 72.41 17.13 -46.22
C ARG N 205 71.24 16.29 -45.70
N MET N 206 70.20 16.93 -45.18
CA MET N 206 68.93 16.24 -45.06
C MET N 206 68.27 16.18 -46.43
N PRO N 207 67.30 15.29 -46.62
CA PRO N 207 66.54 15.29 -47.88
C PRO N 207 65.73 16.56 -48.07
N ILE N 208 65.30 16.77 -49.30
CA ILE N 208 64.51 17.96 -49.60
C ILE N 208 63.09 17.81 -49.07
N PHE N 209 62.62 16.59 -48.88
CA PHE N 209 61.25 16.36 -48.46
C PHE N 209 61.04 16.69 -47.00
N THR N 210 61.97 16.28 -46.15
CA THR N 210 61.91 16.70 -44.76
C THR N 210 62.19 18.19 -44.59
N TRP N 211 62.88 18.81 -45.54
CA TRP N 211 63.03 20.25 -45.54
C TRP N 211 61.71 20.94 -45.83
N ASN N 212 61.01 20.46 -46.85
CA ASN N 212 59.69 20.99 -47.17
C ASN N 212 58.70 20.77 -46.05
N ILE N 213 58.84 19.70 -45.27
CA ILE N 213 57.92 19.53 -44.15
C ILE N 213 58.35 20.36 -42.94
N LEU N 214 59.64 20.66 -42.79
CA LEU N 214 60.07 21.68 -41.83
C LEU N 214 59.37 23.01 -42.10
N VAL N 215 59.48 23.51 -43.33
CA VAL N 215 58.92 24.82 -43.61
C VAL N 215 57.39 24.75 -43.74
N THR N 216 56.87 23.58 -44.12
CA THR N 216 55.44 23.36 -44.15
C THR N 216 54.83 23.36 -42.77
N SER N 217 55.51 22.73 -41.80
CA SER N 217 55.01 22.77 -40.43
C SER N 217 55.14 24.15 -39.82
N ILE N 218 56.16 24.92 -40.23
CA ILE N 218 56.23 26.33 -39.87
C ILE N 218 54.99 27.08 -40.34
N LEU N 219 54.63 26.92 -41.61
CA LEU N 219 53.46 27.62 -42.11
C LEU N 219 52.15 27.04 -41.60
N VAL N 220 52.14 25.78 -41.15
CA VAL N 220 50.97 25.24 -40.45
C VAL N 220 50.75 25.97 -39.14
N LEU N 221 51.84 26.13 -38.37
CA LEU N 221 51.76 26.89 -37.12
C LEU N 221 51.40 28.34 -37.37
N ILE N 222 51.79 28.90 -38.52
CA ILE N 222 51.40 30.26 -38.85
C ILE N 222 49.92 30.35 -39.19
N ALA N 223 49.44 29.44 -40.04
CA ALA N 223 48.11 29.58 -40.64
C ALA N 223 47.01 29.06 -39.73
N PHE N 224 47.08 27.80 -39.33
CA PHE N 224 45.91 27.10 -38.81
C PHE N 224 45.39 27.61 -37.47
N PRO N 225 46.20 28.15 -36.55
CA PRO N 225 45.60 28.84 -35.40
C PRO N 225 44.76 30.05 -35.75
N ILE N 226 44.96 30.67 -36.91
CA ILE N 226 44.03 31.71 -37.31
C ILE N 226 42.76 31.10 -37.90
N LEU N 227 42.82 29.88 -38.41
CA LEU N 227 41.57 29.19 -38.76
C LEU N 227 40.76 28.89 -37.51
N THR N 228 41.43 28.42 -36.45
CA THR N 228 40.71 28.17 -35.21
C THR N 228 40.29 29.45 -34.53
N ALA N 229 41.02 30.55 -34.71
CA ALA N 229 40.64 31.82 -34.10
C ALA N 229 39.47 32.46 -34.82
N ALA N 230 39.56 32.53 -36.15
CA ALA N 230 38.45 32.92 -37.02
C ALA N 230 37.21 32.11 -36.73
N LEU N 231 37.39 30.83 -36.53
CA LEU N 231 36.29 29.91 -36.44
C LEU N 231 35.71 29.80 -35.04
N PHE N 232 36.49 30.07 -34.00
CA PHE N 232 35.93 30.29 -32.67
C PHE N 232 35.18 31.61 -32.60
N GLY N 233 35.70 32.63 -33.29
CA GLY N 233 34.95 33.87 -33.41
C GLY N 233 33.65 33.68 -34.17
N LEU N 234 33.65 32.79 -35.16
CA LEU N 234 32.44 32.54 -35.92
C LEU N 234 31.46 31.68 -35.14
N ALA N 235 31.96 30.73 -34.35
CA ALA N 235 31.06 29.95 -33.49
C ALA N 235 30.47 30.79 -32.38
N ALA N 236 31.22 31.75 -31.86
CA ALA N 236 30.65 32.69 -30.91
C ALA N 236 29.66 33.63 -31.58
N ASP N 237 29.96 34.06 -32.80
CA ASP N 237 29.07 34.96 -33.53
C ASP N 237 27.79 34.27 -33.98
N ARG N 238 27.81 32.95 -34.11
CA ARG N 238 26.60 32.21 -34.40
C ARG N 238 25.81 31.87 -33.13
N HIS N 239 26.48 31.34 -32.11
CA HIS N 239 25.74 30.84 -30.96
C HIS N 239 25.46 31.92 -29.92
N LEU N 240 26.45 32.76 -29.63
CA LEU N 240 26.23 33.84 -28.69
C LEU N 240 25.70 35.09 -29.38
N GLY N 241 25.68 35.11 -30.71
CA GLY N 241 25.25 36.27 -31.48
C GLY N 241 26.18 37.44 -31.26
N ALA N 242 27.47 37.21 -31.48
CA ALA N 242 28.50 37.97 -30.81
C ALA N 242 29.22 38.98 -31.70
N HIS N 243 28.58 39.47 -32.76
CA HIS N 243 28.85 40.76 -33.41
C HIS N 243 30.27 40.94 -33.93
N ILE N 244 31.12 39.91 -33.91
CA ILE N 244 32.50 40.08 -34.34
C ILE N 244 32.58 40.18 -35.85
N TYR N 245 31.96 39.23 -36.53
CA TYR N 245 31.88 39.24 -37.98
C TYR N 245 30.60 39.89 -38.47
N ASP N 246 30.13 40.88 -37.72
CA ASP N 246 28.92 41.58 -38.07
C ASP N 246 29.17 42.42 -39.31
N PRO N 247 28.26 42.42 -40.29
CA PRO N 247 28.58 43.05 -41.57
C PRO N 247 28.62 44.56 -41.52
N ALA N 248 27.74 45.18 -40.75
CA ALA N 248 27.80 46.63 -40.58
C ALA N 248 28.90 47.06 -39.62
N ASN N 249 29.52 46.11 -38.94
CA ASN N 249 30.78 46.30 -38.25
C ASN N 249 31.90 46.12 -39.29
N GLY N 250 33.13 45.94 -38.83
CA GLY N 250 34.21 45.67 -39.76
C GLY N 250 34.31 44.22 -40.20
N GLY N 251 33.25 43.46 -40.04
CA GLY N 251 33.33 42.01 -40.05
C GLY N 251 32.97 41.26 -41.31
N VAL N 252 33.19 41.85 -42.49
CA VAL N 252 33.23 41.08 -43.72
C VAL N 252 34.57 41.16 -44.42
N LEU N 253 35.42 42.12 -44.07
CA LEU N 253 36.84 41.94 -44.33
C LEU N 253 37.56 41.36 -43.13
N LEU N 254 36.96 41.44 -41.95
CA LEU N 254 37.52 40.72 -40.82
C LEU N 254 37.43 39.22 -41.03
N TRP N 255 36.47 38.75 -41.83
CA TRP N 255 36.58 37.36 -42.25
C TRP N 255 37.65 37.20 -43.32
N GLN N 256 37.63 38.05 -44.34
CA GLN N 256 38.38 37.75 -45.56
C GLN N 256 39.88 37.87 -45.35
N HIS N 257 40.33 38.90 -44.62
CA HIS N 257 41.74 39.11 -44.36
C HIS N 257 42.36 37.94 -43.61
N LEU N 258 41.83 37.62 -42.43
CA LEU N 258 42.48 36.55 -41.69
C LEU N 258 42.07 35.15 -42.12
N PHE N 259 40.90 34.96 -42.74
CA PHE N 259 40.61 33.65 -43.29
C PHE N 259 41.50 33.33 -44.46
N TRP N 260 41.69 34.27 -45.39
CA TRP N 260 42.63 33.97 -46.46
C TRP N 260 44.07 34.03 -46.01
N PHE N 261 44.34 34.67 -44.86
CA PHE N 261 45.64 34.56 -44.24
C PHE N 261 45.87 33.18 -43.64
N PHE N 262 44.80 32.47 -43.29
CA PHE N 262 44.89 31.02 -43.15
C PHE N 262 44.96 30.32 -44.49
N GLY N 263 44.18 30.79 -45.46
CA GLY N 263 43.83 29.96 -46.60
C GLY N 263 44.96 29.82 -47.60
N HIS N 264 45.64 30.90 -47.91
CA HIS N 264 46.73 30.72 -48.84
C HIS N 264 47.97 30.10 -48.23
N PRO N 265 48.36 30.37 -46.97
CA PRO N 265 49.32 29.48 -46.32
C PRO N 265 48.81 28.07 -46.15
N GLU N 266 47.50 27.83 -46.10
CA GLU N 266 47.02 26.46 -46.12
C GLU N 266 47.26 25.80 -47.47
N VAL N 267 47.05 26.53 -48.56
CA VAL N 267 47.30 25.89 -49.85
C VAL N 267 48.77 25.82 -50.18
N TYR N 268 49.63 26.56 -49.48
CA TYR N 268 51.04 26.25 -49.68
C TYR N 268 51.59 25.23 -48.70
N ILE N 269 50.96 24.99 -47.54
CA ILE N 269 51.33 23.79 -46.80
C ILE N 269 50.80 22.57 -47.51
N ILE N 270 49.77 22.75 -48.35
CA ILE N 270 49.40 21.74 -49.31
C ILE N 270 50.48 21.56 -50.37
N ALA N 271 50.97 22.65 -50.94
CA ALA N 271 51.80 22.54 -52.14
C ALA N 271 53.25 22.13 -51.85
N LEU N 272 53.81 22.50 -50.70
CA LEU N 272 55.25 22.32 -50.53
C LEU N 272 55.75 20.90 -50.27
N PRO N 273 55.15 20.07 -49.40
CA PRO N 273 55.69 18.71 -49.26
C PRO N 273 55.39 17.83 -50.45
N PHE N 274 54.43 18.18 -51.29
CA PHE N 274 54.30 17.41 -52.52
C PHE N 274 55.35 17.82 -53.55
N PHE N 275 55.79 19.08 -53.49
CA PHE N 275 57.02 19.46 -54.18
C PHE N 275 58.19 18.65 -53.64
N GLY N 276 58.20 18.41 -52.33
CA GLY N 276 59.24 17.58 -51.74
C GLY N 276 59.19 16.14 -52.20
N ILE N 277 57.97 15.59 -52.34
CA ILE N 277 57.81 14.24 -52.87
C ILE N 277 58.38 14.14 -54.27
N VAL N 278 57.96 15.05 -55.13
CA VAL N 278 58.39 15.04 -56.54
C VAL N 278 59.89 15.29 -56.69
N SER N 279 60.44 16.15 -55.82
CA SER N 279 61.87 16.37 -55.78
C SER N 279 62.62 15.20 -55.15
N GLU N 280 61.94 14.28 -54.48
CA GLU N 280 62.55 13.00 -54.12
C GLU N 280 62.36 11.94 -55.19
N ILE N 281 61.31 12.06 -56.00
CA ILE N 281 61.07 11.14 -57.10
C ILE N 281 62.16 11.26 -58.13
N PHE N 282 62.49 12.50 -58.50
CA PHE N 282 63.42 12.72 -59.61
C PHE N 282 64.83 12.14 -59.46
N PRO N 283 65.57 12.29 -58.35
CA PRO N 283 66.98 11.84 -58.37
C PRO N 283 67.17 10.34 -58.40
N VAL N 284 66.13 9.54 -58.15
CA VAL N 284 66.26 8.08 -58.19
C VAL N 284 65.80 7.51 -59.52
N PHE N 285 65.11 8.31 -60.34
CA PHE N 285 64.74 7.90 -61.68
C PHE N 285 65.49 8.66 -62.76
N SER N 286 66.02 9.83 -62.42
CA SER N 286 67.00 10.46 -63.30
C SER N 286 68.39 9.91 -63.09
N ARG N 287 68.57 9.05 -62.08
CA ARG N 287 69.82 8.32 -61.83
C ARG N 287 70.99 9.27 -61.57
N LYS N 288 70.71 10.37 -60.86
CA LYS N 288 71.65 11.49 -60.78
C LYS N 288 71.30 12.40 -59.61
N PRO N 289 72.09 13.44 -59.30
CA PRO N 289 71.66 14.41 -58.28
C PRO N 289 70.35 15.10 -58.60
N ILE N 290 69.69 15.54 -57.53
CA ILE N 290 68.74 16.64 -57.64
C ILE N 290 69.51 17.87 -58.08
N PHE N 291 69.07 18.49 -59.16
CA PHE N 291 69.76 19.66 -59.69
C PHE N 291 69.52 20.87 -58.80
N GLY N 292 70.62 21.50 -58.36
CA GLY N 292 70.55 22.68 -57.53
C GLY N 292 69.86 22.40 -56.22
N TYR N 293 70.49 21.57 -55.39
CA TYR N 293 69.83 21.15 -54.15
C TYR N 293 69.74 22.31 -53.16
N THR N 294 70.83 23.06 -52.99
CA THR N 294 70.78 24.23 -52.15
C THR N 294 69.90 25.31 -52.74
N THR N 295 69.69 25.31 -54.05
CA THR N 295 68.74 26.23 -54.66
C THR N 295 67.32 25.91 -54.23
N LEU N 296 66.96 24.63 -54.15
CA LEU N 296 65.66 24.25 -53.63
C LEU N 296 65.56 24.54 -52.15
N ILE N 297 66.65 24.34 -51.43
CA ILE N 297 66.63 24.48 -49.98
C ILE N 297 66.50 25.96 -49.60
N TYR N 298 66.86 26.88 -50.51
CA TYR N 298 66.48 28.27 -50.32
C TYR N 298 65.14 28.62 -50.93
N ALA N 299 64.75 27.95 -52.02
CA ALA N 299 63.55 28.34 -52.75
C ALA N 299 62.29 27.97 -51.99
N THR N 300 62.35 26.93 -51.16
CA THR N 300 61.23 26.61 -50.28
C THR N 300 60.95 27.74 -49.31
N LEU N 301 61.99 28.32 -48.71
CA LEU N 301 61.80 29.51 -47.89
C LEU N 301 61.35 30.71 -48.71
N ALA N 302 61.90 30.85 -49.91
CA ALA N 302 61.57 31.99 -50.76
C ALA N 302 60.13 31.98 -51.26
N ILE N 303 59.51 30.81 -51.32
CA ILE N 303 58.06 30.77 -51.57
C ILE N 303 57.27 30.85 -50.27
N ALA N 304 57.74 30.19 -49.21
CA ALA N 304 56.87 30.00 -48.05
C ALA N 304 56.85 31.18 -47.08
N ALA N 305 57.93 31.95 -47.00
CA ALA N 305 57.88 33.18 -46.22
C ALA N 305 56.93 34.18 -46.85
N LEU N 306 56.94 34.28 -48.17
CA LEU N 306 56.06 35.19 -48.89
C LEU N 306 54.63 34.67 -48.94
N SER N 307 54.45 33.36 -48.77
CA SER N 307 53.12 32.76 -48.69
C SER N 307 52.31 33.35 -47.55
N VAL N 308 52.98 33.65 -46.44
CA VAL N 308 52.31 34.31 -45.33
C VAL N 308 51.91 35.73 -45.72
N ALA N 309 52.80 36.45 -46.40
CA ALA N 309 52.65 37.87 -46.67
C ALA N 309 51.99 38.15 -48.02
N VAL N 310 51.33 37.17 -48.61
CA VAL N 310 50.73 37.31 -49.94
C VAL N 310 49.21 37.20 -49.90
N TRP N 311 48.63 37.13 -48.71
CA TRP N 311 47.38 36.40 -48.48
C TRP N 311 46.17 36.99 -49.20
N ALA N 312 46.17 38.28 -49.49
CA ALA N 312 44.96 38.92 -49.98
C ALA N 312 44.93 39.01 -51.49
N HIS N 313 45.49 38.02 -52.20
CA HIS N 313 45.25 37.94 -53.63
C HIS N 313 43.99 37.15 -53.95
N HIS N 314 43.10 37.00 -52.98
CA HIS N 314 41.80 36.37 -53.16
C HIS N 314 40.67 37.38 -53.12
N MET N 315 40.93 38.60 -52.67
CA MET N 315 39.92 39.64 -52.56
C MET N 315 40.20 40.77 -53.54
N TYR N 316 40.56 40.41 -54.77
CA TYR N 316 40.67 41.43 -55.80
C TYR N 316 39.31 42.00 -56.14
N ALA N 317 38.29 41.13 -56.11
CA ALA N 317 36.93 41.54 -56.44
C ALA N 317 36.30 42.43 -55.39
N THR N 318 36.74 42.37 -54.13
CA THR N 318 36.10 43.17 -53.09
C THR N 318 36.47 44.64 -53.17
N GLY N 319 37.54 44.98 -53.87
CA GLY N 319 37.93 46.38 -54.01
C GLY N 319 38.36 47.03 -52.72
N ALA N 320 38.79 46.26 -51.74
CA ALA N 320 39.09 46.78 -50.41
C ALA N 320 40.46 46.36 -49.91
N VAL N 321 41.28 45.78 -50.76
CA VAL N 321 42.64 45.41 -50.40
C VAL N 321 43.60 46.38 -51.07
N LEU N 322 44.78 46.50 -50.49
CA LEU N 322 45.86 47.24 -51.15
C LEU N 322 46.32 46.44 -52.35
N LEU N 323 45.93 46.91 -53.52
CA LEU N 323 45.91 46.03 -54.69
C LEU N 323 47.29 45.83 -55.34
N PRO N 324 48.11 46.87 -55.59
CA PRO N 324 49.43 46.58 -56.18
C PRO N 324 50.37 45.81 -55.28
N PHE N 325 50.22 45.92 -53.96
CA PHE N 325 51.08 45.20 -53.03
C PHE N 325 50.89 43.69 -53.13
N PHE N 326 49.63 43.26 -53.09
CA PHE N 326 49.38 41.82 -53.17
C PHE N 326 49.56 41.28 -54.58
N SER N 327 49.34 42.11 -55.61
CA SER N 327 49.65 41.62 -56.96
C SER N 327 51.15 41.46 -57.18
N PHE N 328 51.95 42.41 -56.68
CA PHE N 328 53.40 42.31 -56.81
C PHE N 328 53.94 41.15 -56.01
N MET N 329 53.47 40.97 -54.77
CA MET N 329 53.97 39.81 -54.05
C MET N 329 53.37 38.50 -54.53
N THR N 330 52.27 38.49 -55.28
CA THR N 330 51.85 37.20 -55.83
C THR N 330 52.66 36.84 -57.05
N PHE N 331 53.10 37.83 -57.82
CA PHE N 331 54.10 37.54 -58.83
C PHE N 331 55.41 37.10 -58.20
N LEU N 332 55.72 37.67 -57.04
CA LEU N 332 56.97 37.34 -56.36
C LEU N 332 56.90 36.02 -55.61
N ILE N 333 55.71 35.47 -55.33
CA ILE N 333 55.60 34.08 -54.90
C ILE N 333 55.45 33.14 -56.09
N ALA N 334 55.18 33.67 -57.27
CA ALA N 334 55.21 32.83 -58.45
C ALA N 334 56.61 32.62 -58.99
N VAL N 335 57.55 33.51 -58.67
CA VAL N 335 58.91 33.27 -59.16
C VAL N 335 59.68 32.16 -58.42
N PRO N 336 59.62 31.95 -57.05
CA PRO N 336 60.51 30.93 -56.48
C PRO N 336 60.01 29.52 -56.71
N THR N 337 58.70 29.34 -56.88
CA THR N 337 58.22 28.05 -57.35
C THR N 337 58.62 27.80 -58.79
N GLY N 338 58.81 28.86 -59.57
CA GLY N 338 59.40 28.68 -60.89
C GLY N 338 60.85 28.25 -60.80
N ILE N 339 61.58 28.77 -59.80
CA ILE N 339 62.93 28.31 -59.53
C ILE N 339 62.93 26.83 -59.14
N LYS N 340 62.04 26.47 -58.21
CA LYS N 340 61.85 25.10 -57.76
C LYS N 340 61.44 24.18 -58.90
N PHE N 341 60.83 24.74 -59.94
CA PHE N 341 60.46 23.96 -61.10
C PHE N 341 61.61 23.78 -62.08
N PHE N 342 62.34 24.86 -62.37
CA PHE N 342 63.46 24.75 -63.31
C PHE N 342 64.59 23.91 -62.75
N ASN N 343 64.72 23.83 -61.41
CA ASN N 343 65.61 22.84 -60.84
C ASN N 343 65.19 21.42 -61.17
N TRP N 344 63.88 21.16 -61.23
CA TRP N 344 63.41 19.82 -61.59
C TRP N 344 63.66 19.51 -63.05
N ILE N 345 63.48 20.51 -63.92
CA ILE N 345 63.79 20.31 -65.33
C ILE N 345 65.28 20.08 -65.53
N GLY N 346 66.11 20.75 -64.72
CA GLY N 346 67.52 20.42 -64.69
C GLY N 346 67.83 19.08 -64.08
N THR N 347 66.92 18.54 -63.27
CA THR N 347 67.17 17.25 -62.63
C THR N 347 66.94 16.11 -63.61
N MET N 348 65.89 16.22 -64.43
CA MET N 348 65.69 15.27 -65.53
C MET N 348 66.70 15.46 -66.65
N TRP N 349 67.46 16.55 -66.64
CA TRP N 349 68.27 16.94 -67.77
C TRP N 349 69.49 16.03 -67.90
N LYS N 350 69.64 15.41 -69.07
CA LYS N 350 70.74 14.51 -69.44
C LYS N 350 70.87 13.32 -68.49
N GLY N 351 69.77 12.91 -67.85
CA GLY N 351 69.78 11.72 -67.05
C GLY N 351 69.38 10.50 -67.85
N GLN N 352 69.45 9.35 -67.19
CA GLN N 352 69.02 8.10 -67.80
C GLN N 352 67.63 7.81 -67.24
N LEU N 353 66.62 8.38 -67.89
CA LEU N 353 65.27 8.29 -67.38
C LEU N 353 64.68 6.92 -67.66
N THR N 354 63.94 6.40 -66.70
CA THR N 354 62.95 5.34 -66.95
C THR N 354 61.63 5.77 -66.32
N PHE N 355 60.56 5.63 -67.08
CA PHE N 355 59.25 6.09 -66.61
C PHE N 355 58.43 4.94 -66.04
N GLU N 356 59.02 4.27 -65.04
CA GLU N 356 58.24 3.44 -64.16
C GLU N 356 57.39 4.33 -63.27
N THR N 357 56.30 3.77 -62.74
CA THR N 357 55.09 4.56 -62.52
C THR N 357 55.14 5.80 -61.61
N PRO N 358 55.92 5.89 -60.51
CA PRO N 358 55.84 7.13 -59.72
C PRO N 358 56.50 8.31 -60.40
N MET N 359 57.49 8.09 -61.25
CA MET N 359 58.02 9.20 -62.03
C MET N 359 57.04 9.60 -63.12
N LEU N 360 56.26 8.65 -63.61
CA LEU N 360 55.23 8.98 -64.59
C LEU N 360 54.17 9.89 -63.98
N PHE N 361 53.81 9.63 -62.72
CA PHE N 361 52.95 10.57 -62.01
C PHE N 361 53.63 11.89 -61.72
N SER N 362 54.94 11.86 -61.48
CA SER N 362 55.69 13.10 -61.29
C SER N 362 55.66 13.97 -62.54
N VAL N 363 55.79 13.36 -63.71
CA VAL N 363 55.76 14.12 -64.97
C VAL N 363 54.36 14.65 -65.26
N GLY N 364 53.33 13.85 -64.93
CA GLY N 364 51.97 14.37 -65.01
C GLY N 364 51.75 15.58 -64.12
N PHE N 365 52.25 15.53 -62.89
CA PHE N 365 52.30 16.70 -62.02
C PHE N 365 53.03 17.87 -62.66
N LEU N 366 54.17 17.62 -63.32
CA LEU N 366 54.93 18.70 -63.96
C LEU N 366 54.10 19.43 -65.01
N ILE N 367 53.38 18.68 -65.84
CA ILE N 367 52.61 19.29 -66.92
C ILE N 367 51.40 20.05 -66.38
N THR N 368 50.67 19.42 -65.44
CA THR N 368 49.48 20.06 -64.87
C THR N 368 49.85 21.31 -64.08
N PHE N 369 50.82 21.19 -63.17
CA PHE N 369 51.26 22.33 -62.37
C PHE N 369 51.87 23.42 -63.23
N LEU N 370 52.48 23.07 -64.37
CA LEU N 370 52.92 24.09 -65.32
C LEU N 370 51.79 24.95 -65.80
N LEU N 371 50.83 24.34 -66.51
CA LEU N 371 49.85 25.22 -67.14
C LEU N 371 48.87 25.79 -66.12
N GLY N 372 48.70 25.12 -64.99
CA GLY N 372 47.99 25.75 -63.88
C GLY N 372 48.73 26.94 -63.29
N GLY N 373 50.05 26.86 -63.15
CA GLY N 373 50.78 28.01 -62.65
C GLY N 373 50.87 29.13 -63.65
N LEU N 374 50.80 28.79 -64.94
CA LEU N 374 50.64 29.82 -65.95
C LEU N 374 49.31 30.54 -65.82
N SER N 375 48.25 29.79 -65.49
CA SER N 375 47.01 30.43 -65.07
C SER N 375 47.16 31.17 -63.75
N GLY N 376 48.14 30.79 -62.93
CA GLY N 376 48.40 31.53 -61.70
C GLY N 376 48.91 32.93 -61.95
N VAL N 377 49.98 33.06 -62.75
CA VAL N 377 50.45 34.40 -63.12
C VAL N 377 49.46 35.10 -64.04
N LEU N 378 48.62 34.36 -64.76
CA LEU N 378 47.58 34.94 -65.57
C LEU N 378 46.41 35.41 -64.74
N LEU N 379 46.27 34.92 -63.51
CA LEU N 379 45.13 35.20 -62.68
C LEU N 379 45.44 36.15 -61.53
N ALA N 380 46.70 36.24 -61.11
CA ALA N 380 47.11 37.08 -60.01
C ALA N 380 47.25 38.55 -60.39
N SER N 381 47.11 38.89 -61.66
CA SER N 381 47.04 40.28 -62.06
C SER N 381 45.60 40.75 -61.95
N PRO N 382 45.30 41.76 -61.14
CA PRO N 382 43.92 42.08 -60.76
C PRO N 382 43.00 42.52 -61.90
N PRO N 383 43.45 43.25 -62.94
CA PRO N 383 42.52 43.48 -64.06
C PRO N 383 42.17 42.23 -64.83
N LEU N 384 43.08 41.27 -64.91
CA LEU N 384 42.75 39.98 -65.51
C LEU N 384 42.00 39.08 -64.54
N ASP N 385 41.85 39.50 -63.28
CA ASP N 385 41.09 38.77 -62.29
C ASP N 385 39.72 39.39 -62.05
N PHE N 386 39.53 40.64 -62.48
CA PHE N 386 38.27 41.33 -62.25
C PHE N 386 37.10 40.74 -63.02
N HIS N 387 37.37 39.96 -64.05
CA HIS N 387 36.35 39.13 -64.67
C HIS N 387 36.41 37.70 -64.18
N VAL N 388 37.53 37.30 -63.62
CA VAL N 388 37.86 35.89 -63.43
C VAL N 388 37.66 35.43 -61.98
N THR N 389 37.65 36.36 -61.02
CA THR N 389 37.28 36.09 -59.63
C THR N 389 35.95 35.37 -59.54
N ASP N 390 36.02 34.14 -59.05
CA ASP N 390 34.89 33.22 -58.85
C ASP N 390 34.21 32.83 -60.15
N SER N 391 34.98 32.75 -61.24
CA SER N 391 34.50 32.15 -62.48
C SER N 391 34.86 30.67 -62.45
N TYR N 392 34.76 29.98 -63.59
CA TYR N 392 35.35 28.65 -63.63
C TYR N 392 36.79 28.66 -64.05
N PHE N 393 37.33 29.81 -64.45
CA PHE N 393 38.76 29.85 -64.69
C PHE N 393 39.52 29.68 -63.38
N VAL N 394 38.98 30.22 -62.28
CA VAL N 394 39.65 30.01 -61.01
C VAL N 394 39.40 28.59 -60.49
N ILE N 395 38.28 27.93 -60.86
CA ILE N 395 38.13 26.58 -60.31
C ILE N 395 38.95 25.59 -61.11
N ALA N 396 39.08 25.80 -62.42
CA ALA N 396 39.99 24.97 -63.18
C ALA N 396 41.43 25.31 -62.87
N HIS N 397 41.68 26.54 -62.43
CA HIS N 397 43.01 26.90 -61.95
C HIS N 397 43.38 26.14 -60.69
N PHE N 398 42.55 26.19 -59.65
CA PHE N 398 42.98 25.46 -58.46
C PHE N 398 42.85 23.95 -58.61
N HIS N 399 42.03 23.43 -59.51
CA HIS N 399 42.14 22.00 -59.78
C HIS N 399 43.39 21.67 -60.53
N TYR N 400 43.66 22.38 -61.61
CA TYR N 400 44.74 22.08 -62.52
C TYR N 400 46.11 22.38 -61.91
N VAL N 401 46.15 23.12 -60.80
CA VAL N 401 47.33 23.21 -59.93
C VAL N 401 47.25 22.15 -58.85
N LEU N 402 46.21 22.23 -58.03
CA LEU N 402 46.11 21.59 -56.73
C LEU N 402 45.93 20.10 -56.83
N PHE N 403 45.04 19.64 -57.71
CA PHE N 403 44.96 18.23 -58.11
C PHE N 403 46.31 17.73 -58.55
N GLY N 404 47.00 18.52 -59.38
CA GLY N 404 48.33 18.15 -59.81
C GLY N 404 49.32 18.00 -58.68
N THR N 405 49.23 18.87 -57.68
CA THR N 405 50.13 18.74 -56.54
C THR N 405 49.75 17.53 -55.72
N ILE N 406 48.58 17.56 -55.07
CA ILE N 406 48.28 16.54 -54.07
C ILE N 406 48.00 15.20 -54.71
N VAL N 407 47.22 15.15 -55.79
CA VAL N 407 46.77 13.86 -56.31
C VAL N 407 47.87 13.18 -57.11
N PHE N 408 48.52 13.90 -58.03
CA PHE N 408 49.61 13.30 -58.79
C PHE N 408 50.83 13.05 -57.93
N ALA N 409 51.23 14.01 -57.09
CA ALA N 409 52.36 13.74 -56.25
C ALA N 409 52.03 12.80 -55.11
N THR N 410 50.75 12.62 -54.75
CA THR N 410 50.43 11.60 -53.77
C THR N 410 50.44 10.24 -54.42
N TYR N 411 50.17 10.16 -55.71
CA TYR N 411 50.26 8.86 -56.34
C TYR N 411 51.69 8.52 -56.63
N ALA N 412 52.52 9.53 -56.88
CA ALA N 412 53.96 9.33 -56.92
C ALA N 412 54.49 8.91 -55.56
N GLY N 413 54.00 9.52 -54.50
CA GLY N 413 54.44 9.16 -53.16
C GLY N 413 53.98 7.78 -52.75
N ILE N 414 52.77 7.39 -53.13
CA ILE N 414 52.29 6.05 -52.82
C ILE N 414 53.03 5.01 -53.67
N TYR N 415 53.14 5.23 -54.97
CA TYR N 415 53.83 4.26 -55.81
C TYR N 415 55.35 4.29 -55.64
N PHE N 416 55.87 5.19 -54.82
CA PHE N 416 57.28 5.23 -54.50
C PHE N 416 57.60 4.72 -53.11
N TRP N 417 56.90 5.22 -52.09
CA TRP N 417 57.08 4.81 -50.72
C TRP N 417 56.12 3.69 -50.33
N PHE N 418 55.48 3.08 -51.30
CA PHE N 418 54.69 1.89 -51.04
C PHE N 418 55.56 0.66 -50.79
N PRO N 419 56.59 0.33 -51.59
CA PRO N 419 57.34 -0.88 -51.25
C PRO N 419 58.24 -0.71 -50.05
N LYS N 420 58.35 0.48 -49.48
CA LYS N 420 59.12 0.66 -48.28
C LYS N 420 58.22 0.89 -47.06
N MET N 421 56.92 0.99 -47.24
CA MET N 421 56.05 1.04 -46.08
C MET N 421 55.15 -0.18 -45.96
N THR N 422 55.17 -1.08 -46.93
CA THR N 422 54.53 -2.37 -46.74
C THR N 422 55.35 -3.53 -47.30
N GLY N 423 56.55 -3.27 -47.83
CA GLY N 423 57.45 -4.34 -48.21
C GLY N 423 57.08 -5.10 -49.46
N ARG N 424 56.14 -4.59 -50.26
CA ARG N 424 55.67 -5.26 -51.46
C ARG N 424 55.41 -4.20 -52.52
N LEU N 425 55.69 -4.55 -53.77
CA LEU N 425 55.61 -3.61 -54.88
C LEU N 425 54.16 -3.41 -55.29
N LEU N 426 53.95 -2.73 -56.40
CA LEU N 426 52.64 -2.72 -57.00
C LEU N 426 52.73 -3.34 -58.39
N ASP N 427 51.59 -3.42 -59.04
CA ASP N 427 51.58 -3.78 -60.44
C ASP N 427 51.93 -2.54 -61.25
N GLU N 428 52.98 -2.64 -62.06
CA GLU N 428 53.40 -1.50 -62.86
C GLU N 428 52.42 -1.24 -63.99
N ARG N 429 51.86 -2.30 -64.58
CA ARG N 429 50.90 -2.15 -65.66
C ARG N 429 49.62 -1.49 -65.16
N LEU N 430 49.15 -1.90 -64.00
CA LEU N 430 47.93 -1.34 -63.45
C LEU N 430 48.15 0.09 -62.97
N GLY N 431 49.36 0.41 -62.52
CA GLY N 431 49.67 1.78 -62.17
C GLY N 431 49.77 2.69 -63.39
N LYS N 432 50.27 2.17 -64.51
CA LYS N 432 50.29 2.96 -65.73
C LYS N 432 48.88 3.17 -66.28
N LEU N 433 48.03 2.14 -66.17
CA LEU N 433 46.60 2.29 -66.46
C LEU N 433 45.99 3.40 -65.63
N HIS N 434 46.26 3.37 -64.33
CA HIS N 434 45.84 4.41 -63.40
C HIS N 434 46.29 5.79 -63.83
N PHE N 435 47.56 5.94 -64.23
CA PHE N 435 48.05 7.25 -64.62
C PHE N 435 47.39 7.75 -65.88
N TRP N 436 47.32 6.91 -66.91
CA TRP N 436 46.88 7.46 -68.19
C TRP N 436 45.39 7.76 -68.19
N LEU N 437 44.58 7.03 -67.40
CA LEU N 437 43.22 7.53 -67.25
C LEU N 437 42.98 8.25 -65.93
N THR N 438 44.02 8.81 -65.30
CA THR N 438 43.84 9.98 -64.47
C THR N 438 44.51 11.20 -65.05
N PHE N 439 45.16 11.06 -66.20
CA PHE N 439 45.75 12.14 -66.97
C PHE N 439 44.81 12.60 -68.07
N ILE N 440 44.37 11.65 -68.92
CA ILE N 440 43.45 11.96 -70.01
C ILE N 440 42.12 12.45 -69.46
N GLY N 441 41.61 11.79 -68.43
CA GLY N 441 40.34 12.18 -67.84
C GLY N 441 40.39 13.54 -67.16
N PHE N 442 41.49 13.81 -66.44
CA PHE N 442 41.63 15.08 -65.75
C PHE N 442 41.79 16.25 -66.70
N HIS N 443 42.57 16.08 -67.76
CA HIS N 443 42.64 17.14 -68.75
C HIS N 443 41.34 17.29 -69.52
N THR N 444 40.60 16.20 -69.70
CA THR N 444 39.31 16.28 -70.35
C THR N 444 38.33 17.09 -69.50
N THR N 445 38.40 16.96 -68.18
CA THR N 445 37.45 17.70 -67.34
C THR N 445 37.98 19.05 -66.85
N PHE N 446 39.22 19.44 -67.15
CA PHE N 446 39.60 20.80 -66.77
C PHE N 446 40.35 21.62 -67.80
N LEU N 447 40.67 21.10 -68.98
CA LEU N 447 41.24 21.97 -69.99
C LEU N 447 40.16 22.83 -70.61
N VAL N 448 38.90 22.40 -70.49
CA VAL N 448 37.78 23.16 -71.04
C VAL N 448 37.17 24.13 -70.04
N GLN N 449 37.42 23.96 -68.74
CA GLN N 449 36.82 24.92 -67.83
C GLN N 449 37.54 26.25 -67.79
N HIS N 450 38.75 26.35 -68.35
CA HIS N 450 39.32 27.66 -68.66
C HIS N 450 38.45 28.41 -69.64
N TRP N 451 38.12 27.78 -70.78
CA TRP N 451 37.26 28.36 -71.79
C TRP N 451 35.81 28.39 -71.36
N LEU N 452 35.47 27.75 -70.25
CA LEU N 452 34.12 27.76 -69.69
C LEU N 452 33.97 28.77 -68.56
N GLY N 453 35.06 29.25 -67.99
CA GLY N 453 34.98 30.33 -67.03
C GLY N 453 35.34 31.66 -67.65
N ASP N 454 36.05 31.63 -68.77
CA ASP N 454 36.36 32.88 -69.46
C ASP N 454 35.14 33.42 -70.19
N GLU N 455 34.50 32.64 -71.05
CA GLU N 455 33.11 32.96 -71.32
C GLU N 455 32.31 32.58 -70.09
N GLY N 456 31.18 33.24 -69.88
CA GLY N 456 30.59 33.25 -68.56
C GLY N 456 29.94 31.99 -68.00
N MET N 457 30.55 31.43 -66.95
CA MET N 457 29.84 30.53 -66.02
C MET N 457 30.56 30.60 -64.69
N PRO N 458 30.08 31.40 -63.76
CA PRO N 458 30.80 31.62 -62.51
C PRO N 458 30.66 30.44 -61.55
N ARG N 459 31.48 30.48 -60.51
CA ARG N 459 31.60 29.28 -59.66
C ARG N 459 30.39 29.15 -58.77
N ARG N 460 30.19 27.92 -58.29
CA ARG N 460 29.21 27.55 -57.27
C ARG N 460 27.78 27.78 -57.72
N TYR N 461 27.50 27.50 -59.01
CA TYR N 461 26.14 27.47 -59.54
C TYR N 461 25.61 26.06 -59.63
N ALA N 462 24.34 25.90 -59.25
CA ALA N 462 23.70 24.60 -59.36
C ALA N 462 23.12 24.34 -60.73
N ASP N 463 22.73 25.39 -61.46
CA ASP N 463 22.26 25.19 -62.82
C ASP N 463 22.56 26.42 -63.65
N TYR N 464 22.20 26.35 -64.92
CA TYR N 464 22.42 27.41 -65.88
C TYR N 464 21.27 27.33 -66.89
N LEU N 465 21.42 27.96 -68.05
CA LEU N 465 20.28 28.01 -68.91
C LEU N 465 20.57 27.39 -70.28
N PRO N 466 19.54 26.90 -70.96
CA PRO N 466 19.70 26.54 -72.37
C PRO N 466 19.81 27.75 -73.28
N THR N 467 19.27 28.91 -72.87
CA THR N 467 19.48 30.13 -73.62
C THR N 467 20.82 30.77 -73.31
N ASP N 468 21.40 30.45 -72.16
CA ASP N 468 22.84 30.52 -72.03
C ASP N 468 23.44 29.41 -72.89
N GLY N 469 24.64 29.65 -73.41
CA GLY N 469 25.21 28.62 -74.25
C GLY N 469 25.88 27.53 -73.45
N PHE N 470 27.06 27.11 -73.91
CA PHE N 470 28.09 26.39 -73.14
C PHE N 470 27.59 25.15 -72.39
N THR N 471 26.61 24.46 -72.95
CA THR N 471 26.19 23.18 -72.38
C THR N 471 27.21 22.08 -72.74
N THR N 472 27.78 22.17 -73.94
CA THR N 472 28.70 21.14 -74.41
C THR N 472 29.99 21.10 -73.60
N LEU N 473 30.43 22.24 -73.06
CA LEU N 473 31.64 22.21 -72.24
C LEU N 473 31.37 21.61 -70.87
N ASN N 474 30.15 21.77 -70.35
CA ASN N 474 29.81 21.06 -69.13
C ASN N 474 29.68 19.57 -69.37
N VAL N 475 29.17 19.15 -70.54
CA VAL N 475 29.08 17.70 -70.72
C VAL N 475 30.45 17.11 -71.03
N ILE N 476 31.39 17.87 -71.60
CA ILE N 476 32.70 17.28 -71.79
C ILE N 476 33.48 17.29 -70.47
N SER N 477 33.20 18.24 -69.58
CA SER N 477 33.73 18.13 -68.22
C SER N 477 33.11 16.95 -67.48
N THR N 478 31.86 16.60 -67.78
CA THR N 478 31.25 15.44 -67.14
C THR N 478 31.87 14.15 -67.64
N VAL N 479 32.13 14.07 -68.95
CA VAL N 479 32.84 12.92 -69.52
C VAL N 479 34.21 12.77 -68.88
N GLY N 480 34.95 13.88 -68.75
CA GLY N 480 36.26 13.80 -68.12
C GLY N 480 36.21 13.45 -66.64
N ALA N 481 35.23 13.99 -65.92
CA ALA N 481 35.14 13.73 -64.50
C ALA N 481 34.71 12.30 -64.21
N PHE N 482 33.91 11.70 -65.08
CA PHE N 482 33.60 10.30 -64.89
C PHE N 482 34.61 9.36 -65.49
N ILE N 483 35.52 9.83 -66.35
CA ILE N 483 36.75 9.07 -66.56
C ILE N 483 37.57 9.09 -65.29
N LEU N 484 37.62 10.23 -64.61
CA LEU N 484 38.38 10.34 -63.37
C LEU N 484 37.68 9.64 -62.21
N GLY N 485 36.39 9.36 -62.33
CA GLY N 485 35.66 8.69 -61.27
C GLY N 485 35.88 7.19 -61.29
N VAL N 486 36.10 6.65 -62.48
CA VAL N 486 36.54 5.26 -62.62
C VAL N 486 38.05 5.16 -62.67
N SER N 487 38.74 6.24 -62.32
CA SER N 487 40.19 6.23 -62.37
C SER N 487 40.83 5.55 -61.18
N MET N 488 40.18 5.57 -60.02
CA MET N 488 40.76 4.93 -58.87
C MET N 488 40.28 3.52 -58.64
N LEU N 489 39.46 2.97 -59.54
CA LEU N 489 39.29 1.53 -59.52
C LEU N 489 40.60 0.79 -59.76
N PRO N 490 41.49 1.18 -60.71
CA PRO N 490 42.83 0.58 -60.70
C PRO N 490 43.66 0.90 -59.48
N PHE N 491 43.47 2.06 -58.84
CA PHE N 491 44.31 2.39 -57.69
C PHE N 491 43.94 1.57 -56.46
N VAL N 492 42.64 1.48 -56.15
CA VAL N 492 42.27 0.71 -54.97
C VAL N 492 42.39 -0.78 -55.27
N TRP N 493 42.22 -1.19 -56.53
CA TRP N 493 42.52 -2.59 -56.87
C TRP N 493 44.00 -2.88 -56.78
N ASN N 494 44.83 -1.89 -57.09
CA ASN N 494 46.27 -2.08 -57.08
C ASN N 494 46.80 -2.18 -55.67
N VAL N 495 46.34 -1.31 -54.77
CA VAL N 495 46.81 -1.43 -53.40
C VAL N 495 46.12 -2.59 -52.69
N PHE N 496 44.90 -2.95 -53.10
CA PHE N 496 44.19 -4.05 -52.49
C PHE N 496 44.80 -5.39 -52.87
N LYS N 497 45.38 -5.51 -54.06
CA LYS N 497 46.12 -6.71 -54.41
C LYS N 497 47.63 -6.47 -54.38
N SER N 498 48.07 -5.38 -53.75
CA SER N 498 49.48 -5.19 -53.50
C SER N 498 49.85 -5.20 -52.03
N TRP N 499 48.89 -5.11 -51.12
CA TRP N 499 49.17 -5.47 -49.73
C TRP N 499 49.10 -6.96 -49.50
N ARG N 500 47.90 -7.53 -49.63
CA ARG N 500 47.67 -8.93 -49.30
C ARG N 500 48.23 -9.87 -50.37
N TYR N 501 48.55 -9.36 -51.55
CA TYR N 501 49.26 -10.11 -52.57
C TYR N 501 50.26 -9.14 -53.20
N GLY N 502 50.72 -9.45 -54.39
CA GLY N 502 51.58 -8.51 -55.09
C GLY N 502 53.05 -8.82 -54.89
N GLU N 503 53.86 -8.23 -55.74
CA GLU N 503 55.24 -8.68 -55.90
C GLU N 503 56.09 -8.22 -54.72
N PRO N 504 56.65 -9.14 -53.93
CA PRO N 504 57.38 -8.75 -52.73
C PRO N 504 58.78 -8.28 -53.06
N VAL N 505 59.37 -7.57 -52.09
CA VAL N 505 60.77 -7.19 -52.15
C VAL N 505 61.47 -7.67 -50.89
N THR N 506 62.63 -8.27 -51.08
CA THR N 506 63.49 -8.69 -49.98
C THR N 506 64.59 -7.69 -49.70
N VAL N 507 65.38 -7.35 -50.71
CA VAL N 507 66.49 -6.44 -50.56
C VAL N 507 65.99 -5.00 -50.52
N ASP N 508 66.86 -4.07 -50.12
CA ASP N 508 66.52 -2.66 -50.12
C ASP N 508 66.51 -2.13 -51.56
N ASP N 509 66.15 -0.85 -51.69
CA ASP N 509 66.01 -0.12 -52.96
C ASP N 509 65.20 -0.88 -54.01
N PRO N 510 63.89 -1.04 -53.85
CA PRO N 510 63.08 -1.59 -54.96
C PRO N 510 63.04 -0.64 -56.13
N TRP N 511 63.21 0.64 -55.86
CA TRP N 511 63.57 1.62 -56.87
C TRP N 511 65.09 1.78 -56.76
N GLY N 512 65.80 1.42 -57.82
CA GLY N 512 67.24 1.54 -57.80
C GLY N 512 67.70 2.97 -57.78
N TYR N 513 68.94 3.14 -57.33
CA TYR N 513 69.59 4.44 -57.15
C TYR N 513 68.81 5.30 -56.17
N GLY N 514 68.26 4.64 -55.15
CA GLY N 514 67.61 5.34 -54.06
C GLY N 514 68.61 6.16 -53.26
N ASN N 515 68.07 7.10 -52.51
CA ASN N 515 68.93 8.07 -51.84
C ASN N 515 68.25 8.50 -50.54
N SER N 516 68.70 9.64 -50.00
CA SER N 516 67.98 10.44 -49.02
C SER N 516 67.83 9.76 -47.67
N LEU N 517 68.71 8.79 -47.34
CA LEU N 517 68.89 8.18 -46.02
C LEU N 517 67.73 7.29 -45.59
N GLU N 518 66.62 7.38 -46.32
CA GLU N 518 65.49 6.52 -46.08
C GLU N 518 65.80 5.11 -46.55
N TRP N 519 66.24 4.99 -47.80
CA TRP N 519 66.35 3.74 -48.53
C TRP N 519 67.54 2.88 -48.10
N ALA N 520 68.14 3.15 -46.94
CA ALA N 520 69.20 2.32 -46.39
C ALA N 520 68.70 1.49 -45.21
N THR N 521 67.45 1.04 -45.27
CA THR N 521 66.91 0.11 -44.29
C THR N 521 65.91 -0.80 -45.00
N SER N 522 65.43 -1.81 -44.28
CA SER N 522 64.66 -2.90 -44.88
C SER N 522 63.29 -2.41 -45.37
N CYS N 523 62.73 -3.16 -46.33
CA CYS N 523 61.55 -2.67 -47.03
C CYS N 523 60.29 -2.76 -46.19
N PRO N 524 60.10 -3.77 -45.33
CA PRO N 524 59.46 -3.49 -44.07
C PRO N 524 60.52 -3.01 -43.10
N PRO N 525 60.53 -1.73 -42.76
CA PRO N 525 61.56 -1.24 -41.85
C PRO N 525 61.30 -1.77 -40.46
N PRO N 526 62.35 -2.01 -39.67
CA PRO N 526 62.14 -2.53 -38.32
C PRO N 526 61.47 -1.49 -37.44
N ARG N 527 60.95 -1.96 -36.32
CA ARG N 527 60.47 -1.07 -35.30
C ARG N 527 61.65 -0.23 -34.81
N HIS N 528 61.48 1.10 -34.90
CA HIS N 528 62.50 2.14 -34.73
C HIS N 528 63.52 2.15 -35.87
N ASN N 529 63.08 1.73 -37.04
CA ASN N 529 63.51 2.18 -38.37
C ASN N 529 64.88 1.77 -38.89
N PHE N 530 65.79 1.33 -38.04
CA PHE N 530 67.17 1.22 -38.50
C PHE N 530 67.89 0.13 -37.75
N THR N 531 68.41 -0.84 -38.48
CA THR N 531 69.38 -1.76 -37.91
C THR N 531 70.80 -1.26 -38.12
N GLU N 532 71.05 -0.59 -39.25
CA GLU N 532 72.36 0.01 -39.53
C GLU N 532 72.15 1.33 -40.24
N LEU N 533 72.64 2.42 -39.66
CA LEU N 533 72.68 3.69 -40.36
C LEU N 533 73.91 3.77 -41.24
N PRO N 534 73.83 4.40 -42.41
CA PRO N 534 75.03 4.63 -43.21
C PRO N 534 75.78 5.87 -42.75
N ARG N 535 77.06 5.90 -43.10
CA ARG N 535 77.90 7.06 -42.86
C ARG N 535 77.43 8.19 -43.76
N ILE N 536 76.71 9.15 -43.18
CA ILE N 536 76.14 10.24 -43.95
C ILE N 536 77.25 11.22 -44.30
N ARG N 537 77.40 11.51 -45.59
CA ARG N 537 78.46 12.39 -46.04
C ARG N 537 77.89 13.51 -46.90
N SER N 538 76.88 13.22 -47.69
CA SER N 538 76.29 14.22 -48.57
C SER N 538 74.78 14.04 -48.56
N GLU N 539 74.12 14.66 -49.53
CA GLU N 539 72.66 14.69 -49.57
C GLU N 539 72.08 13.32 -49.88
N ARG N 540 72.85 12.42 -50.47
CA ARG N 540 72.37 11.10 -50.89
C ARG N 540 73.21 10.01 -50.21
N PRO N 541 72.94 9.71 -48.95
CA PRO N 541 73.79 8.73 -48.26
C PRO N 541 73.37 7.29 -48.52
N ALA N 542 72.13 7.06 -48.93
CA ALA N 542 71.77 5.71 -49.36
C ALA N 542 72.40 5.42 -50.71
N PHE N 543 72.47 6.43 -51.58
CA PHE N 543 73.17 6.32 -52.84
C PHE N 543 74.68 6.17 -52.64
N GLU N 544 75.21 6.66 -51.52
CA GLU N 544 76.63 6.47 -51.24
C GLU N 544 76.94 5.19 -50.48
N LEU N 545 75.99 4.65 -49.74
CA LEU N 545 76.16 3.29 -49.24
C LEU N 545 76.11 2.31 -50.40
N HIS N 546 75.05 2.38 -51.21
CA HIS N 546 74.83 1.38 -52.23
C HIS N 546 75.81 1.46 -53.39
N TYR N 547 76.49 2.59 -53.55
CA TYR N 547 77.41 2.79 -54.67
C TYR N 547 78.67 3.44 -54.13
N PRO N 548 79.58 2.66 -53.54
CA PRO N 548 80.76 3.26 -52.91
C PRO N 548 81.79 3.74 -53.91
N HIS N 549 81.87 3.04 -55.05
CA HIS N 549 82.80 3.41 -56.11
C HIS N 549 82.35 4.67 -56.83
N MET N 550 81.10 5.06 -56.67
CA MET N 550 80.51 6.21 -57.35
C MET N 550 80.93 7.54 -56.73
N VAL N 551 81.41 7.54 -55.48
CA VAL N 551 81.49 8.74 -54.65
C VAL N 551 82.46 9.76 -55.23
N GLU N 552 83.63 9.31 -55.70
CA GLU N 552 84.56 10.25 -56.31
C GLU N 552 84.03 10.78 -57.64
N ARG N 553 83.29 9.97 -58.40
CA ARG N 553 82.61 10.47 -59.57
C ARG N 553 81.40 11.31 -59.19
N MET N 554 80.82 11.04 -58.02
CA MET N 554 79.67 11.81 -57.54
C MET N 554 80.06 13.21 -57.15
N ARG N 555 81.25 13.41 -56.61
CA ARG N 555 81.71 14.72 -56.17
C ARG N 555 82.58 15.44 -57.18
N ALA N 556 83.29 14.71 -58.04
CA ALA N 556 84.25 15.34 -58.94
C ALA N 556 83.59 16.11 -60.08
N GLU N 557 82.30 15.91 -60.31
CA GLU N 557 81.60 16.60 -61.38
C GLU N 557 80.29 17.18 -60.87
N ALA N 558 80.25 17.51 -59.58
CA ALA N 558 79.03 18.00 -58.94
C ALA N 558 78.95 19.51 -58.88
N HIS N 559 79.77 20.22 -59.66
CA HIS N 559 79.85 21.67 -59.55
C HIS N 559 79.81 22.40 -60.88
N VAL N 560 80.02 21.74 -62.00
CA VAL N 560 80.15 22.45 -63.28
C VAL N 560 78.78 22.89 -63.78
N GLY N 561 77.91 21.92 -64.04
CA GLY N 561 76.61 22.21 -64.62
C GLY N 561 76.48 21.69 -66.03
N MET O 1 62.91 -11.34 -13.38
CA MET O 1 64.03 -10.39 -13.36
C MET O 1 65.36 -11.12 -13.24
N THR O 2 66.43 -10.46 -13.71
CA THR O 2 67.76 -10.76 -13.21
C THR O 2 68.32 -9.55 -12.46
N SER O 3 68.53 -8.43 -13.16
CA SER O 3 68.40 -7.12 -12.54
C SER O 3 67.40 -6.25 -13.30
N ALA O 4 67.69 -5.94 -14.56
CA ALA O 4 66.92 -5.24 -15.58
C ALA O 4 67.81 -5.18 -16.81
N VAL O 5 67.20 -4.91 -17.97
CA VAL O 5 67.99 -4.63 -19.16
C VAL O 5 67.96 -3.13 -19.41
N GLY O 6 66.87 -2.49 -19.01
CA GLY O 6 66.77 -1.05 -19.09
C GLY O 6 67.22 -0.38 -17.80
N THR O 7 68.48 -0.59 -17.45
CA THR O 7 69.05 -0.08 -16.20
C THR O 7 69.29 1.42 -16.36
N SER O 8 68.24 2.19 -16.12
CA SER O 8 68.28 3.65 -16.17
C SER O 8 67.82 4.21 -14.84
N GLY O 9 67.82 5.55 -14.75
CA GLY O 9 67.36 6.20 -13.53
C GLY O 9 65.88 6.03 -13.27
N THR O 10 65.08 5.93 -14.33
CA THR O 10 63.66 5.70 -14.21
C THR O 10 63.16 5.05 -15.49
N ALA O 11 61.85 4.72 -15.51
CA ALA O 11 61.22 4.33 -16.76
C ALA O 11 61.13 5.49 -17.72
N ILE O 12 61.06 6.70 -17.19
CA ILE O 12 61.03 7.91 -17.98
C ILE O 12 62.45 8.47 -18.10
N THR O 13 62.80 8.95 -19.29
CA THR O 13 64.12 9.51 -19.55
C THR O 13 63.87 10.94 -20.04
N SER O 14 64.94 11.76 -20.05
CA SER O 14 64.85 13.23 -19.97
C SER O 14 63.99 13.87 -21.06
N ARG O 15 64.51 14.01 -22.27
CA ARG O 15 63.69 13.75 -23.45
C ARG O 15 64.57 13.20 -24.57
N VAL O 16 65.80 13.72 -24.64
CA VAL O 16 66.92 13.05 -25.27
C VAL O 16 68.06 13.09 -24.24
N HIS O 17 68.50 14.32 -23.94
CA HIS O 17 69.68 14.69 -23.19
C HIS O 17 69.70 16.21 -23.15
N SER O 18 70.42 16.79 -22.17
CA SER O 18 70.44 18.25 -22.14
C SER O 18 71.78 18.85 -21.74
N LEU O 19 72.89 18.11 -21.89
CA LEU O 19 74.21 18.71 -21.67
C LEU O 19 74.81 19.18 -22.99
N ASN O 20 74.78 18.35 -24.02
CA ASN O 20 75.18 18.73 -25.37
C ASN O 20 74.10 18.33 -26.37
N ARG O 21 72.86 18.67 -26.04
CA ARG O 21 71.69 18.22 -26.79
C ARG O 21 70.53 19.12 -26.42
N PRO O 22 69.74 19.60 -27.39
CA PRO O 22 68.61 20.45 -27.03
C PRO O 22 67.46 19.64 -26.46
N ASN O 23 66.79 20.22 -25.48
CA ASN O 23 65.65 19.57 -24.85
C ASN O 23 64.47 19.62 -25.82
N MET O 24 63.80 18.49 -26.00
CA MET O 24 62.89 18.34 -27.13
C MET O 24 61.44 18.69 -26.78
N VAL O 25 61.00 18.47 -25.54
CA VAL O 25 59.71 19.01 -25.14
C VAL O 25 59.80 20.52 -25.02
N SER O 26 61.00 21.03 -24.73
CA SER O 26 61.25 22.46 -24.74
C SER O 26 60.98 23.07 -26.11
N VAL O 27 61.59 22.52 -27.16
CA VAL O 27 61.37 23.08 -28.49
C VAL O 27 59.96 22.77 -28.99
N GLY O 28 59.35 21.69 -28.48
CA GLY O 28 57.98 21.38 -28.83
C GLY O 28 57.00 22.41 -28.29
N THR O 29 57.12 22.74 -27.01
CA THR O 29 56.26 23.76 -26.50
C THR O 29 56.63 25.15 -27.00
N ILE O 30 57.87 25.38 -27.44
CA ILE O 30 58.19 26.70 -28.01
C ILE O 30 57.49 26.91 -29.33
N VAL O 31 57.52 25.91 -30.22
CA VAL O 31 56.82 26.11 -31.48
C VAL O 31 55.30 26.06 -31.28
N TRP O 32 54.79 25.33 -30.27
CA TRP O 32 53.36 25.37 -30.04
C TRP O 32 52.90 26.67 -29.38
N LEU O 33 53.75 27.25 -28.52
CA LEU O 33 53.59 28.64 -28.07
C LEU O 33 53.49 29.60 -29.24
N SER O 34 54.32 29.41 -30.25
CA SER O 34 54.30 30.31 -31.40
C SER O 34 53.01 30.17 -32.20
N SER O 35 52.51 28.93 -32.31
CA SER O 35 51.20 28.71 -32.91
C SER O 35 50.10 29.41 -32.11
N GLU O 36 50.12 29.29 -30.79
CA GLU O 36 49.09 29.95 -30.00
C GLU O 36 49.24 31.47 -30.02
N LEU O 37 50.44 31.97 -30.29
CA LEU O 37 50.60 33.40 -30.55
C LEU O 37 49.88 33.79 -31.83
N MET O 38 49.90 32.93 -32.84
CA MET O 38 49.10 33.23 -34.04
C MET O 38 47.60 33.12 -33.78
N PHE O 39 47.19 32.24 -32.86
CA PHE O 39 45.80 32.23 -32.41
C PHE O 39 45.42 33.56 -31.78
N PHE O 40 46.30 34.09 -30.93
CA PHE O 40 46.04 35.41 -30.38
C PHE O 40 46.14 36.49 -31.44
N ALA O 41 46.88 36.27 -32.52
CA ALA O 41 46.87 37.22 -33.63
C ALA O 41 45.49 37.26 -34.28
N GLY O 42 44.84 36.11 -34.38
CA GLY O 42 43.45 36.09 -34.83
C GLY O 42 42.54 36.88 -33.91
N LEU O 43 42.73 36.74 -32.59
CA LEU O 43 41.91 37.51 -31.65
C LEU O 43 42.26 39.00 -31.67
N PHE O 44 43.53 39.35 -31.82
CA PHE O 44 43.91 40.76 -31.94
C PHE O 44 43.38 41.38 -33.21
N ALA O 45 43.31 40.63 -34.31
CA ALA O 45 42.74 41.21 -35.51
C ALA O 45 41.24 41.33 -35.41
N MET O 46 40.60 40.45 -34.64
CA MET O 46 39.20 40.69 -34.30
C MET O 46 39.03 41.88 -33.36
N TYR O 47 40.11 42.35 -32.70
CA TYR O 47 39.97 43.57 -31.92
C TYR O 47 40.35 44.85 -32.65
N PHE O 48 41.46 44.87 -33.38
CA PHE O 48 41.95 46.13 -33.94
C PHE O 48 41.14 46.61 -35.12
N THR O 49 40.34 45.75 -35.73
CA THR O 49 39.14 46.22 -36.41
C THR O 49 37.96 45.83 -35.53
N ALA O 50 36.87 46.58 -35.70
CA ALA O 50 35.83 46.90 -34.70
C ALA O 50 36.40 47.72 -33.55
N ARG O 51 37.51 48.40 -33.76
CA ARG O 51 37.80 49.65 -33.09
C ARG O 51 38.12 50.78 -34.06
N ALA O 52 38.52 50.46 -35.29
CA ALA O 52 38.57 51.47 -36.33
C ALA O 52 37.19 51.82 -36.84
N GLN O 53 36.20 50.97 -36.59
CA GLN O 53 34.84 51.22 -37.02
C GLN O 53 34.17 52.26 -36.15
N ALA O 54 34.13 52.01 -34.84
CA ALA O 54 33.46 52.91 -33.91
C ALA O 54 34.23 54.21 -33.79
N GLY O 55 33.57 55.32 -34.10
CA GLY O 55 34.20 56.63 -34.09
C GLY O 55 33.74 57.46 -32.90
N GLY O 56 34.43 58.59 -32.72
CA GLY O 56 34.16 59.45 -31.59
C GLY O 56 34.61 58.81 -30.28
N ALA O 57 33.82 59.03 -29.23
CA ALA O 57 34.05 58.33 -27.98
C ALA O 57 33.61 56.88 -28.15
N TRP O 58 34.51 56.05 -28.65
CA TRP O 58 34.16 54.73 -29.15
C TRP O 58 33.93 53.60 -28.14
N PRO O 59 34.60 53.48 -26.97
CA PRO O 59 34.14 52.49 -26.00
C PRO O 59 32.78 52.92 -25.47
N PRO O 60 31.74 52.13 -25.74
CA PRO O 60 30.37 52.65 -25.69
C PRO O 60 29.90 52.95 -24.28
N GLU O 61 28.72 53.58 -24.23
CA GLU O 61 28.19 54.13 -22.98
C GLU O 61 27.97 53.14 -21.84
N PRO O 62 27.52 51.89 -22.02
CA PRO O 62 27.45 51.00 -20.85
C PRO O 62 28.79 50.45 -20.39
N THR O 63 29.90 50.74 -21.08
CA THR O 63 31.19 50.15 -20.71
C THR O 63 31.98 51.15 -19.88
N GLU O 64 31.66 51.19 -18.58
CA GLU O 64 32.51 51.85 -17.59
C GLU O 64 33.67 50.88 -17.34
N LEU O 65 34.70 50.98 -18.16
CA LEU O 65 35.76 49.98 -18.19
C LEU O 65 36.65 50.15 -16.97
N ASN O 66 36.61 49.16 -16.09
CA ASN O 66 37.25 49.25 -14.77
C ASN O 66 38.74 48.98 -14.93
N LEU O 67 39.56 49.98 -14.64
CA LEU O 67 41.01 49.80 -14.60
C LEU O 67 41.50 49.54 -13.18
N ALA O 68 40.78 50.04 -12.18
CA ALA O 68 41.17 49.88 -10.79
C ALA O 68 41.02 48.47 -10.27
N LEU O 69 40.32 47.60 -10.99
CA LEU O 69 40.36 46.17 -10.72
C LEU O 69 41.17 45.41 -11.76
N ALA O 70 41.41 46.02 -12.92
CA ALA O 70 42.24 45.36 -13.93
C ALA O 70 43.71 45.36 -13.52
N VAL O 71 44.30 46.53 -13.28
CA VAL O 71 45.73 46.62 -12.97
C VAL O 71 46.16 45.90 -11.67
N PRO O 72 45.31 45.67 -10.64
CA PRO O 72 45.78 44.75 -9.59
C PRO O 72 45.87 43.30 -10.04
N VAL O 73 44.96 42.80 -10.88
CA VAL O 73 45.10 41.40 -11.25
C VAL O 73 46.17 41.20 -12.31
N THR O 74 46.49 42.23 -13.12
CA THR O 74 47.67 42.13 -13.96
C THR O 74 48.94 42.15 -13.12
N LEU O 75 48.96 42.95 -12.06
CA LEU O 75 50.14 42.98 -11.20
C LEU O 75 50.30 41.66 -10.45
N VAL O 76 49.17 41.06 -10.04
CA VAL O 76 49.17 39.72 -9.46
C VAL O 76 49.73 38.70 -10.46
N LEU O 77 49.28 38.77 -11.71
CA LEU O 77 49.66 37.76 -12.69
C LEU O 77 51.13 37.90 -13.10
N ILE O 78 51.64 39.13 -13.21
CA ILE O 78 53.03 39.28 -13.62
C ILE O 78 54.00 39.13 -12.46
N ALA O 79 53.56 39.34 -11.21
CA ALA O 79 54.38 38.89 -10.09
C ALA O 79 54.36 37.38 -9.99
N SER O 80 53.24 36.77 -10.39
CA SER O 80 53.16 35.33 -10.39
C SER O 80 54.02 34.70 -11.47
N SER O 81 54.30 35.45 -12.54
CA SER O 81 55.34 35.06 -13.50
C SER O 81 56.68 34.87 -12.82
N PHE O 82 57.05 35.80 -11.93
CA PHE O 82 58.33 35.66 -11.22
C PHE O 82 58.27 34.56 -10.19
N THR O 83 57.09 34.29 -9.60
CA THR O 83 56.99 33.12 -8.72
C THR O 83 57.16 31.83 -9.50
N CYS O 84 56.62 31.77 -10.71
CA CYS O 84 56.75 30.56 -11.51
C CYS O 84 58.18 30.38 -12.02
N GLN O 85 58.85 31.48 -12.33
CA GLN O 85 60.26 31.39 -12.70
C GLN O 85 61.14 31.04 -11.52
N MET O 86 60.78 31.46 -10.31
CA MET O 86 61.51 30.97 -9.14
C MET O 86 61.23 29.48 -8.92
N GLY O 87 60.03 29.03 -9.29
CA GLY O 87 59.75 27.61 -9.26
C GLY O 87 60.60 26.82 -10.24
N VAL O 88 60.87 27.39 -11.42
CA VAL O 88 61.72 26.62 -12.32
C VAL O 88 63.20 26.76 -11.95
N PHE O 89 63.60 27.84 -11.25
CA PHE O 89 64.93 27.87 -10.64
C PHE O 89 65.06 26.78 -9.60
N ALA O 90 64.00 26.52 -8.84
CA ALA O 90 63.99 25.42 -7.89
C ALA O 90 63.63 24.09 -8.54
N ALA O 91 63.40 24.07 -9.84
CA ALA O 91 63.29 22.82 -10.59
C ALA O 91 64.59 22.39 -11.24
N GLU O 92 65.42 23.33 -11.66
CA GLU O 92 66.74 22.99 -12.21
C GLU O 92 67.60 22.31 -11.16
N ARG O 93 67.86 22.99 -10.06
CA ARG O 93 68.26 22.33 -8.83
C ARG O 93 67.16 21.39 -8.37
N GLY O 94 67.48 20.11 -8.27
CA GLY O 94 66.45 19.10 -8.20
C GLY O 94 65.80 18.82 -6.85
N ASP O 95 64.88 19.66 -6.42
CA ASP O 95 64.01 19.33 -5.29
C ASP O 95 62.55 19.57 -5.67
N VAL O 96 61.71 18.56 -5.44
CA VAL O 96 60.28 18.68 -5.72
C VAL O 96 59.62 19.72 -4.84
N PHE O 97 60.16 19.96 -3.66
CA PHE O 97 59.43 20.80 -2.71
C PHE O 97 59.59 22.28 -3.02
N GLY O 98 60.78 22.69 -3.48
CA GLY O 98 60.93 24.03 -4.00
C GLY O 98 60.14 24.27 -5.27
N LEU O 99 59.94 23.20 -6.06
CA LEU O 99 59.04 23.31 -7.20
C LEU O 99 57.60 23.46 -6.73
N ARG O 100 57.18 22.63 -5.78
CA ARG O 100 55.77 22.55 -5.44
C ARG O 100 55.30 23.75 -4.64
N ARG O 101 56.17 24.36 -3.82
CA ARG O 101 55.74 25.54 -3.08
C ARG O 101 55.49 26.72 -4.01
N TRP O 102 56.43 26.99 -4.91
CA TRP O 102 56.27 28.11 -5.81
C TRP O 102 55.21 27.85 -6.86
N TYR O 103 55.00 26.59 -7.27
CA TYR O 103 53.89 26.37 -8.19
C TYR O 103 52.54 26.32 -7.49
N VAL O 104 52.48 25.97 -6.21
CA VAL O 104 51.24 26.11 -5.46
C VAL O 104 50.86 27.58 -5.33
N ILE O 105 51.83 28.45 -4.99
CA ILE O 105 51.43 29.84 -4.87
C ILE O 105 51.21 30.48 -6.25
N THR O 106 51.88 29.97 -7.30
CA THR O 106 51.59 30.43 -8.65
C THR O 106 50.20 30.01 -9.10
N PHE O 107 49.80 28.78 -8.79
CA PHE O 107 48.44 28.33 -9.07
C PHE O 107 47.41 29.10 -8.26
N LEU O 108 47.73 29.45 -7.01
CA LEU O 108 46.78 30.18 -6.19
C LEU O 108 46.56 31.60 -6.70
N MET O 109 47.63 32.32 -7.04
CA MET O 109 47.34 33.66 -7.54
C MET O 109 47.03 33.69 -9.04
N GLY O 110 47.25 32.60 -9.77
CA GLY O 110 46.65 32.49 -11.09
C GLY O 110 45.16 32.22 -11.00
N LEU O 111 44.75 31.41 -10.02
CA LEU O 111 43.34 31.26 -9.71
C LEU O 111 42.74 32.56 -9.22
N PHE O 112 43.52 33.36 -8.50
CA PHE O 112 43.07 34.69 -8.11
C PHE O 112 42.90 35.59 -9.33
N PHE O 113 43.77 35.44 -10.34
CA PHE O 113 43.57 36.16 -11.60
C PHE O 113 42.30 35.71 -12.31
N VAL O 114 42.02 34.41 -12.33
CA VAL O 114 40.83 33.89 -13.00
C VAL O 114 39.57 34.34 -12.27
N LEU O 115 39.59 34.34 -10.93
CA LEU O 115 38.44 34.81 -10.17
C LEU O 115 38.29 36.33 -10.26
N GLY O 116 39.39 37.07 -10.35
CA GLY O 116 39.29 38.50 -10.55
C GLY O 116 38.75 38.86 -11.92
N GLN O 117 39.16 38.10 -12.95
CA GLN O 117 38.63 38.29 -14.29
C GLN O 117 37.17 37.88 -14.36
N GLY O 118 36.77 36.85 -13.61
CA GLY O 118 35.38 36.48 -13.56
C GLY O 118 34.51 37.50 -12.83
N TYR O 119 35.04 38.07 -11.75
CA TYR O 119 34.32 39.14 -11.07
C TYR O 119 34.26 40.39 -11.93
N GLU O 120 35.29 40.65 -12.73
CA GLU O 120 35.24 41.77 -13.66
C GLU O 120 34.20 41.52 -14.74
N TYR O 121 34.04 40.27 -15.17
CA TYR O 121 33.02 39.95 -16.16
C TYR O 121 31.62 40.08 -15.57
N ILE O 122 31.41 39.64 -14.33
CA ILE O 122 30.12 39.81 -13.66
C ILE O 122 29.81 41.29 -13.46
N HIS O 123 30.76 42.03 -12.90
CA HIS O 123 30.60 43.45 -12.62
C HIS O 123 30.50 44.28 -13.90
N LEU O 124 30.95 43.77 -15.04
CA LEU O 124 30.86 44.50 -16.29
C LEU O 124 29.71 44.02 -17.17
N VAL O 125 29.07 42.90 -16.84
CA VAL O 125 27.88 42.47 -17.56
C VAL O 125 26.59 42.83 -16.82
N GLU O 126 26.63 43.02 -15.50
CA GLU O 126 25.39 43.25 -14.78
C GLU O 126 24.94 44.70 -14.82
N HIS O 127 25.83 45.64 -15.11
CA HIS O 127 25.43 47.02 -15.36
C HIS O 127 26.14 47.55 -16.59
N GLY O 128 26.15 46.74 -17.63
CA GLY O 128 26.83 47.15 -18.84
C GLY O 128 26.57 46.25 -20.03
N THR O 129 27.64 45.96 -20.77
CA THR O 129 27.52 45.28 -22.05
C THR O 129 27.48 43.76 -21.89
N THR O 130 26.88 43.11 -22.86
CA THR O 130 26.86 41.66 -22.99
C THR O 130 27.54 41.28 -24.30
N ILE O 131 27.85 40.00 -24.47
CA ILE O 131 28.45 39.55 -25.72
C ILE O 131 27.48 39.59 -26.91
N PRO O 132 26.15 39.53 -26.79
CA PRO O 132 25.33 40.02 -27.90
C PRO O 132 24.91 41.48 -27.79
N GLY O 133 25.49 42.25 -26.87
CA GLY O 133 24.99 43.58 -26.65
C GLY O 133 25.73 44.65 -27.42
N SER O 134 27.03 44.50 -27.58
CA SER O 134 27.84 45.50 -28.23
C SER O 134 28.80 44.84 -29.20
N ALA O 135 29.45 45.67 -30.02
CA ALA O 135 30.62 45.22 -30.74
C ALA O 135 31.82 45.16 -29.82
N TYR O 136 32.11 46.27 -29.16
CA TYR O 136 33.25 46.34 -28.25
C TYR O 136 33.07 45.42 -27.06
N GLY O 137 31.84 45.26 -26.56
CA GLY O 137 31.62 44.35 -25.45
C GLY O 137 31.86 42.91 -25.85
N SER O 138 31.48 42.55 -27.07
CA SER O 138 31.68 41.19 -27.55
C SER O 138 33.15 40.90 -27.78
N VAL O 139 33.87 41.84 -28.38
CA VAL O 139 35.28 41.63 -28.64
C VAL O 139 36.09 41.70 -27.34
N PHE O 140 35.64 42.49 -26.36
CA PHE O 140 36.24 42.47 -25.04
C PHE O 140 36.01 41.14 -24.34
N TYR O 141 34.83 40.54 -24.51
CA TYR O 141 34.54 39.27 -23.88
C TYR O 141 35.20 38.09 -24.57
N LEU O 142 35.59 38.23 -25.83
CA LEU O 142 36.27 37.12 -26.50
C LEU O 142 37.78 37.28 -26.56
N ALA O 143 38.29 38.50 -26.67
CA ALA O 143 39.74 38.69 -26.76
C ALA O 143 40.41 38.46 -25.42
N THR O 144 39.70 38.68 -24.32
CA THR O 144 40.23 38.40 -23.00
C THR O 144 39.57 37.20 -22.35
N GLY O 145 38.39 36.80 -22.80
CA GLY O 145 37.70 35.68 -22.22
C GLY O 145 38.29 34.36 -22.66
N PHE O 146 38.63 34.25 -23.94
CA PHE O 146 39.32 33.04 -24.34
C PHE O 146 40.75 33.05 -23.83
N HIS O 147 41.31 34.23 -23.54
CA HIS O 147 42.52 34.26 -22.73
C HIS O 147 42.26 33.75 -21.32
N GLY O 148 41.05 33.96 -20.81
CA GLY O 148 40.67 33.30 -19.57
C GLY O 148 40.64 31.79 -19.71
N LEU O 149 40.24 31.30 -20.88
CA LEU O 149 40.31 29.85 -21.12
C LEU O 149 41.75 29.38 -21.25
N HIS O 150 42.63 30.20 -21.83
CA HIS O 150 44.06 29.87 -21.86
C HIS O 150 44.66 29.79 -20.48
N VAL O 151 44.32 30.74 -19.62
CA VAL O 151 44.94 30.71 -18.30
C VAL O 151 44.29 29.66 -17.42
N ILE O 152 43.02 29.30 -17.66
CA ILE O 152 42.43 28.22 -16.87
C ILE O 152 42.96 26.88 -17.36
N GLY O 153 43.33 26.76 -18.64
CA GLY O 153 44.03 25.58 -19.10
C GLY O 153 45.44 25.50 -18.55
N GLY O 154 46.09 26.66 -18.40
CA GLY O 154 47.39 26.68 -17.77
C GLY O 154 47.33 26.29 -16.30
N LEU O 155 46.27 26.69 -15.60
CA LEU O 155 46.03 26.24 -14.24
C LEU O 155 45.77 24.75 -14.15
N VAL O 156 45.06 24.20 -15.14
CA VAL O 156 44.88 22.75 -15.22
C VAL O 156 46.24 22.07 -15.40
N ALA O 157 47.12 22.68 -16.21
CA ALA O 157 48.47 22.15 -16.34
C ALA O 157 49.27 22.22 -15.04
N PHE O 158 49.04 23.27 -14.25
CA PHE O 158 49.73 23.38 -12.96
C PHE O 158 49.30 22.30 -11.99
N VAL O 159 47.98 22.14 -11.78
CA VAL O 159 47.49 21.14 -10.83
C VAL O 159 47.81 19.73 -11.31
N LEU O 160 47.82 19.53 -12.63
CA LEU O 160 48.15 18.26 -13.22
C LEU O 160 49.62 17.90 -13.04
N LEU O 161 50.52 18.86 -13.28
CA LEU O 161 51.94 18.61 -13.05
C LEU O 161 52.25 18.49 -11.56
N LEU O 162 51.44 19.10 -10.70
CA LEU O 162 51.68 18.94 -9.27
C LEU O 162 51.30 17.55 -8.79
N ALA O 163 50.22 16.99 -9.33
CA ALA O 163 49.92 15.59 -9.04
C ALA O 163 50.99 14.67 -9.63
N ARG O 164 51.54 15.05 -10.79
CA ARG O 164 52.64 14.31 -11.37
C ARG O 164 53.91 14.38 -10.52
N THR O 165 54.16 15.50 -9.85
CA THR O 165 55.26 15.54 -8.90
C THR O 165 54.95 14.74 -7.64
N LYS O 166 53.67 14.59 -7.30
CA LYS O 166 53.33 13.74 -6.17
C LYS O 166 53.57 12.27 -6.47
N MET O 167 53.40 11.82 -7.71
CA MET O 167 53.36 10.39 -7.96
C MET O 167 54.68 9.75 -8.42
N SER O 168 55.75 10.51 -8.61
CA SER O 168 56.97 9.85 -9.12
C SER O 168 58.23 10.57 -8.65
N LYS O 169 59.36 9.87 -8.82
CA LYS O 169 60.67 10.41 -8.50
C LYS O 169 61.00 11.56 -9.45
N PHE O 170 61.63 12.60 -8.92
CA PHE O 170 61.97 13.77 -9.71
C PHE O 170 63.11 13.43 -10.66
N THR O 171 62.76 13.11 -11.89
CA THR O 171 63.73 12.87 -12.93
C THR O 171 64.08 14.18 -13.61
N PRO O 172 65.15 14.22 -14.42
CA PRO O 172 65.34 15.36 -15.31
C PRO O 172 64.25 15.52 -16.35
N ALA O 173 63.53 14.44 -16.68
CA ALA O 173 62.34 14.56 -17.51
C ALA O 173 61.25 15.36 -16.83
N GLN O 174 61.19 15.29 -15.51
CA GLN O 174 60.14 16.02 -14.82
C GLN O 174 60.51 17.47 -14.63
N ALA O 175 61.82 17.76 -14.58
CA ALA O 175 62.26 19.14 -14.69
C ALA O 175 62.00 19.69 -16.09
N THR O 176 62.10 18.85 -17.12
CA THR O 176 61.70 19.25 -18.47
C THR O 176 60.21 19.59 -18.53
N ALA O 177 59.37 18.75 -17.91
CA ALA O 177 57.95 19.04 -17.83
C ALA O 177 57.68 20.33 -17.07
N ALA O 178 58.44 20.57 -16.01
CA ALA O 178 58.25 21.77 -15.20
C ALA O 178 58.64 23.03 -15.95
N ILE O 179 59.78 23.00 -16.66
CA ILE O 179 60.20 24.19 -17.41
C ILE O 179 59.26 24.42 -18.59
N VAL O 180 58.67 23.36 -19.14
CA VAL O 180 57.74 23.50 -20.26
C VAL O 180 56.44 24.17 -19.82
N VAL O 181 55.87 23.70 -18.70
CA VAL O 181 54.66 24.35 -18.19
C VAL O 181 54.98 25.75 -17.67
N SER O 182 56.21 25.95 -17.19
CA SER O 182 56.66 27.23 -16.66
C SER O 182 56.64 28.31 -17.72
N TYR O 183 57.23 28.06 -18.88
CA TYR O 183 57.18 29.14 -19.85
C TYR O 183 56.07 29.01 -20.88
N TYR O 184 55.25 27.95 -20.84
CA TYR O 184 53.90 28.10 -21.38
C TYR O 184 53.13 29.18 -20.63
N TRP O 185 53.15 29.09 -19.31
CA TRP O 185 52.39 30.05 -18.54
C TRP O 185 53.05 31.43 -18.52
N HIS O 186 54.38 31.48 -18.72
CA HIS O 186 55.03 32.77 -18.98
C HIS O 186 54.57 33.37 -20.31
N PHE O 187 54.35 32.54 -21.32
CA PHE O 187 53.76 33.03 -22.56
C PHE O 187 52.35 33.54 -22.34
N VAL O 188 51.58 32.86 -21.49
CA VAL O 188 50.22 33.30 -21.16
C VAL O 188 50.24 34.69 -20.56
N ASP O 189 51.11 34.93 -19.59
CA ASP O 189 51.09 36.27 -19.02
C ASP O 189 52.07 37.26 -19.67
N ILE O 190 52.67 36.91 -20.81
CA ILE O 190 53.19 37.99 -21.67
C ILE O 190 52.16 38.37 -22.73
N VAL O 191 51.33 37.42 -23.17
CA VAL O 191 50.17 37.77 -23.98
C VAL O 191 49.18 38.60 -23.18
N TRP O 192 49.06 38.36 -21.87
CA TRP O 192 48.17 39.21 -21.10
C TRP O 192 48.75 40.59 -20.85
N ILE O 193 50.08 40.75 -20.84
CA ILE O 193 50.64 42.09 -20.86
C ILE O 193 50.30 42.79 -22.16
N ALA O 194 50.33 42.05 -23.28
CA ALA O 194 49.93 42.63 -24.57
C ALA O 194 48.45 43.02 -24.59
N LEU O 195 47.59 42.15 -24.07
CA LEU O 195 46.16 42.45 -24.02
C LEU O 195 45.82 43.55 -23.05
N PHE O 196 46.54 43.65 -21.93
CA PHE O 196 46.24 44.70 -20.97
C PHE O 196 46.76 46.05 -21.44
N ALA O 197 47.87 46.06 -22.17
CA ALA O 197 48.27 47.30 -22.82
C ALA O 197 47.27 47.68 -23.91
N THR O 198 46.73 46.69 -24.63
CA THR O 198 45.87 46.96 -25.77
C THR O 198 44.48 47.44 -25.34
N ILE O 199 43.81 46.68 -24.47
CA ILE O 199 42.42 46.96 -24.15
C ILE O 199 42.29 48.19 -23.27
N TYR O 200 43.09 48.27 -22.22
CA TYR O 200 42.89 49.25 -21.16
C TYR O 200 43.72 50.52 -21.36
N PHE O 201 45.02 50.39 -21.58
CA PHE O 201 45.87 51.57 -21.69
C PHE O 201 45.77 52.22 -23.07
N VAL O 202 46.11 51.47 -24.13
CA VAL O 202 46.17 52.05 -25.47
C VAL O 202 44.78 52.36 -25.98
N ARG O 203 43.84 51.43 -25.77
CA ARG O 203 42.48 51.45 -26.30
C ARG O 203 42.50 51.62 -27.82
N MET P 1 73.05 23.08 -32.22
CA MET P 1 72.64 23.48 -33.56
C MET P 1 73.14 24.88 -33.88
N HIS P 2 73.04 25.26 -35.13
CA HIS P 2 73.13 26.67 -35.49
C HIS P 2 72.05 27.11 -36.45
N ILE P 3 71.65 26.25 -37.39
CA ILE P 3 71.05 26.74 -38.64
C ILE P 3 69.56 27.03 -38.47
N GLU P 4 68.90 26.50 -37.43
CA GLU P 4 67.52 26.91 -37.18
C GLU P 4 67.41 28.35 -36.74
N ALA P 5 68.39 28.84 -35.97
CA ALA P 5 68.40 30.24 -35.59
C ALA P 5 68.55 31.14 -36.80
N ARG P 6 69.40 30.75 -37.75
CA ARG P 6 69.53 31.51 -38.98
C ARG P 6 68.28 31.39 -39.84
N LEU P 7 67.62 30.24 -39.81
CA LEU P 7 66.42 30.01 -40.60
C LEU P 7 65.27 30.89 -40.14
N PHE P 8 64.97 30.85 -38.84
CA PHE P 8 63.93 31.73 -38.33
C PHE P 8 64.39 33.18 -38.22
N GLU P 9 65.69 33.46 -38.30
CA GLU P 9 66.13 34.84 -38.45
C GLU P 9 65.80 35.35 -39.85
N ILE P 10 65.95 34.49 -40.86
CA ILE P 10 65.53 34.85 -42.21
C ILE P 10 64.02 35.07 -42.27
N LEU P 11 63.27 34.17 -41.63
CA LEU P 11 61.82 34.34 -41.58
C LEU P 11 61.43 35.55 -40.75
N THR P 12 62.21 35.91 -39.74
CA THR P 12 61.91 37.07 -38.92
C THR P 12 62.19 38.35 -39.66
N ALA P 13 63.30 38.39 -40.40
CA ALA P 13 63.62 39.54 -41.23
C ALA P 13 62.55 39.76 -42.29
N PHE P 14 62.11 38.69 -42.95
CA PHE P 14 61.09 38.90 -43.98
C PHE P 14 59.73 39.22 -43.38
N PHE P 15 59.34 38.57 -42.28
CA PHE P 15 58.03 38.85 -41.70
C PHE P 15 57.96 40.24 -41.11
N ALA P 16 59.06 40.70 -40.48
CA ALA P 16 59.08 42.06 -39.97
C ALA P 16 59.09 43.07 -41.10
N LEU P 17 59.82 42.77 -42.18
CA LEU P 17 59.84 43.64 -43.35
C LEU P 17 58.46 43.76 -43.96
N ALA P 18 57.77 42.63 -44.10
CA ALA P 18 56.45 42.62 -44.71
C ALA P 18 55.42 43.26 -43.79
N ALA P 19 55.56 43.06 -42.47
CA ALA P 19 54.65 43.67 -41.51
C ALA P 19 54.76 45.19 -41.52
N VAL P 20 55.99 45.70 -41.49
CA VAL P 20 56.13 47.15 -41.44
C VAL P 20 55.83 47.77 -42.79
N VAL P 21 56.08 47.06 -43.90
CA VAL P 21 55.76 47.68 -45.18
C VAL P 21 54.25 47.57 -45.46
N TYR P 22 53.58 46.57 -44.89
CA TYR P 22 52.14 46.49 -45.06
C TYR P 22 51.43 47.53 -44.19
N ALA P 23 51.98 47.78 -42.99
CA ALA P 23 51.43 48.84 -42.16
C ALA P 23 51.65 50.21 -42.77
N VAL P 24 52.85 50.49 -43.31
CA VAL P 24 53.08 51.82 -43.86
C VAL P 24 52.61 51.96 -45.29
N LEU P 25 52.19 50.89 -45.95
CA LEU P 25 51.55 51.02 -47.25
C LEU P 25 50.04 50.93 -47.19
N THR P 26 49.46 50.46 -46.09
CA THR P 26 48.04 50.65 -45.86
C THR P 26 47.75 51.82 -44.94
N ALA P 27 48.78 52.48 -44.41
CA ALA P 27 48.56 53.77 -43.76
C ALA P 27 48.16 54.81 -44.78
N MET P 28 48.92 54.93 -45.86
CA MET P 28 48.48 55.61 -47.06
C MET P 28 47.87 54.57 -47.99
N PHE P 29 47.53 54.97 -49.23
CA PHE P 29 47.24 54.08 -50.35
C PHE P 29 46.02 53.16 -50.19
N ALA P 30 45.34 53.22 -49.04
CA ALA P 30 44.16 52.42 -48.78
C ALA P 30 42.94 53.32 -48.74
N THR P 31 41.77 52.72 -48.63
CA THR P 31 40.53 53.49 -48.70
C THR P 31 40.29 54.25 -47.41
N GLY P 32 40.12 53.53 -46.31
CA GLY P 32 39.87 54.18 -45.04
C GLY P 32 41.13 54.44 -44.23
N GLY P 33 41.90 53.40 -44.00
CA GLY P 33 43.11 53.52 -43.21
C GLY P 33 43.88 52.22 -43.15
N VAL P 34 44.59 52.00 -42.06
CA VAL P 34 45.30 50.75 -41.85
C VAL P 34 44.29 49.62 -41.76
N GLU P 35 44.61 48.47 -42.36
CA GLU P 35 43.64 47.39 -42.46
C GLU P 35 43.38 46.72 -41.12
N TRP P 36 44.37 46.72 -40.22
CA TRP P 36 44.31 46.20 -38.85
C TRP P 36 44.00 44.71 -38.74
N ALA P 37 43.90 43.99 -39.85
CA ALA P 37 43.49 42.60 -39.82
C ALA P 37 44.46 41.66 -40.50
N GLY P 38 45.37 42.16 -41.32
CA GLY P 38 46.52 41.41 -41.76
C GLY P 38 47.76 42.09 -41.23
N THR P 39 47.61 43.35 -40.81
CA THR P 39 48.72 44.06 -40.19
C THR P 39 49.15 43.40 -38.89
N THR P 40 48.22 43.25 -37.96
CA THR P 40 48.57 42.58 -36.71
C THR P 40 48.81 41.09 -36.88
N ALA P 41 48.27 40.47 -37.92
CA ALA P 41 48.63 39.10 -38.22
C ALA P 41 50.07 39.00 -38.68
N LEU P 42 50.55 40.00 -39.41
CA LEU P 42 51.95 40.01 -39.82
C LEU P 42 52.87 40.35 -38.67
N VAL P 43 52.43 41.24 -37.79
CA VAL P 43 53.22 41.58 -36.62
C VAL P 43 53.33 40.40 -35.68
N LEU P 44 52.28 39.60 -35.56
CA LEU P 44 52.43 38.45 -34.69
C LEU P 44 52.93 37.20 -35.41
N THR P 45 52.99 37.17 -36.75
CA THR P 45 53.78 36.08 -37.33
C THR P 45 55.26 36.40 -37.25
N THR P 46 55.62 37.71 -37.26
CA THR P 46 56.94 38.11 -36.82
C THR P 46 57.16 37.69 -35.37
N GLY P 47 56.12 37.78 -34.55
CA GLY P 47 56.24 37.29 -33.17
C GLY P 47 56.44 35.79 -33.07
N LEU P 48 55.76 35.02 -33.91
CA LEU P 48 55.96 33.57 -33.99
C LEU P 48 57.41 33.22 -34.29
N THR P 49 57.94 33.80 -35.36
CA THR P 49 59.31 33.45 -35.69
C THR P 49 60.32 34.11 -34.77
N LEU P 50 59.95 35.20 -34.08
CA LEU P 50 60.76 35.71 -32.98
C LEU P 50 60.86 34.70 -31.84
N ILE P 51 59.74 34.09 -31.46
CA ILE P 51 59.77 33.15 -30.34
C ILE P 51 60.57 31.90 -30.71
N THR P 52 60.32 31.33 -31.89
CA THR P 52 61.05 30.13 -32.29
C THR P 52 62.53 30.41 -32.53
N GLY P 53 62.86 31.49 -33.25
CA GLY P 53 64.25 31.78 -33.53
C GLY P 53 65.01 32.30 -32.33
N THR P 54 64.35 33.02 -31.43
CA THR P 54 64.99 33.50 -30.23
C THR P 54 65.26 32.34 -29.28
N PHE P 55 64.34 31.37 -29.20
CA PHE P 55 64.61 30.21 -28.37
C PHE P 55 65.70 29.33 -29.00
N PHE P 56 65.70 29.18 -30.32
CA PHE P 56 66.73 28.36 -30.95
C PHE P 56 68.08 29.05 -30.90
N ARG P 57 68.11 30.37 -30.86
CA ARG P 57 69.36 31.10 -30.70
C ARG P 57 69.83 31.05 -29.25
N PHE P 58 68.91 31.07 -28.29
CA PHE P 58 69.25 30.86 -26.88
C PHE P 58 69.85 29.49 -26.66
N VAL P 59 69.30 28.46 -27.33
CA VAL P 59 69.85 27.13 -27.19
C VAL P 59 71.20 27.04 -27.91
N ALA P 60 71.28 27.59 -29.12
CA ALA P 60 72.48 27.47 -29.95
C ALA P 60 73.66 28.25 -29.39
N ARG P 61 73.42 29.28 -28.57
CA ARG P 61 74.55 29.92 -27.91
C ARG P 61 74.98 29.15 -26.66
N ARG P 62 74.02 28.58 -25.95
CA ARG P 62 74.32 27.82 -24.73
C ARG P 62 74.52 26.35 -25.02
N LEU P 63 75.42 26.07 -25.97
CA LEU P 63 75.64 24.73 -26.47
C LEU P 63 76.95 24.73 -27.23
N ASP P 64 77.59 23.57 -27.30
CA ASP P 64 78.72 23.38 -28.19
C ASP P 64 78.19 23.01 -29.58
N THR P 65 79.09 22.63 -30.47
CA THR P 65 78.64 21.95 -31.68
C THR P 65 78.08 20.59 -31.30
N ARG P 66 76.86 20.33 -31.73
CA ARG P 66 76.23 19.08 -31.39
C ARG P 66 76.87 17.96 -32.20
N PRO P 67 77.15 16.80 -31.59
CA PRO P 67 77.69 15.68 -32.36
C PRO P 67 76.72 15.14 -33.41
N GLU P 68 75.44 15.47 -33.32
CA GLU P 68 74.54 15.30 -34.45
C GLU P 68 74.86 16.29 -35.55
N ASP P 69 74.88 17.59 -35.22
CA ASP P 69 74.89 18.66 -36.20
C ASP P 69 76.23 18.81 -36.90
N TYR P 70 77.28 18.21 -36.37
CA TYR P 70 78.64 18.44 -36.88
C TYR P 70 78.82 17.79 -38.24
N GLU P 71 79.20 18.61 -39.22
CA GLU P 71 79.61 18.09 -40.52
C GLU P 71 80.89 17.27 -40.34
N ASP P 72 80.99 16.17 -41.10
CA ASP P 72 82.01 15.13 -40.94
C ASP P 72 82.00 14.55 -39.52
N ALA P 73 80.88 13.92 -39.18
CA ALA P 73 80.75 13.23 -37.90
C ALA P 73 80.38 11.77 -38.15
N GLU P 74 81.22 10.87 -37.65
CA GLU P 74 80.94 9.45 -37.67
C GLU P 74 79.77 9.15 -36.74
N ILE P 75 79.06 8.06 -37.03
CA ILE P 75 77.90 7.66 -36.24
C ILE P 75 78.30 7.28 -34.82
N SER P 76 79.48 6.70 -34.65
CA SER P 76 79.98 6.34 -33.32
C SER P 76 80.36 7.55 -32.48
N ASP P 77 80.44 8.74 -33.08
CA ASP P 77 80.67 9.97 -32.31
C ASP P 77 79.43 10.41 -31.56
N GLY P 78 78.24 9.96 -31.97
CA GLY P 78 77.03 10.39 -31.32
C GLY P 78 76.06 9.27 -31.03
N ALA P 79 76.58 8.07 -30.77
CA ALA P 79 75.76 6.90 -30.52
C ALA P 79 75.74 6.62 -29.02
N GLY P 80 74.80 7.27 -28.33
CA GLY P 80 74.64 7.04 -26.91
C GLY P 80 73.29 6.43 -26.60
N GLU P 81 72.60 6.96 -25.59
CA GLU P 81 71.25 6.56 -25.26
C GLU P 81 70.34 7.76 -25.43
N LEU P 82 69.36 7.64 -26.32
CA LEU P 82 68.36 8.68 -26.50
C LEU P 82 67.38 8.65 -25.34
N GLY P 83 66.47 9.61 -25.31
CA GLY P 83 65.52 9.69 -24.23
C GLY P 83 64.34 8.79 -24.44
N PHE P 84 63.37 8.95 -23.56
CA PHE P 84 62.19 8.09 -23.58
C PHE P 84 61.28 8.50 -24.73
N PHE P 85 60.95 7.55 -25.57
CA PHE P 85 59.77 7.69 -26.41
C PHE P 85 58.68 6.84 -25.82
N ALA P 86 57.47 7.21 -26.08
CA ALA P 86 56.37 6.42 -25.56
C ALA P 86 56.18 5.19 -26.44
N PRO P 87 56.06 4.01 -25.86
CA PRO P 87 55.46 2.89 -26.58
C PRO P 87 53.95 3.03 -26.69
N HIS P 88 53.30 1.92 -27.06
CA HIS P 88 51.86 1.78 -27.22
C HIS P 88 51.06 2.54 -26.16
N SER P 89 50.06 3.28 -26.61
CA SER P 89 49.26 4.11 -25.72
C SER P 89 47.89 4.37 -26.32
N TRP P 90 46.85 4.08 -25.53
CA TRP P 90 45.46 4.22 -25.95
C TRP P 90 44.82 5.47 -25.39
N TRP P 91 45.61 6.41 -24.94
CA TRP P 91 45.08 7.70 -24.51
C TRP P 91 44.80 8.72 -25.63
N PRO P 92 45.63 8.87 -26.69
CA PRO P 92 45.26 9.84 -27.76
C PRO P 92 43.92 9.60 -28.44
N ILE P 93 43.50 8.35 -28.65
CA ILE P 93 42.15 8.06 -29.13
C ILE P 93 41.11 8.57 -28.14
N LEU P 94 41.40 8.52 -26.84
CA LEU P 94 40.49 9.08 -25.86
C LEU P 94 40.57 10.60 -25.80
N ILE P 95 41.75 11.19 -26.07
CA ILE P 95 41.85 12.64 -26.22
C ILE P 95 40.95 13.12 -27.35
N SER P 96 40.98 12.40 -28.47
CA SER P 96 40.20 12.81 -29.63
C SER P 96 38.72 12.61 -29.42
N LEU P 97 38.32 11.51 -28.77
CA LEU P 97 36.91 11.33 -28.45
C LEU P 97 36.42 12.38 -27.47
N SER P 98 37.26 12.76 -26.51
CA SER P 98 36.87 13.79 -25.54
C SER P 98 36.75 15.16 -26.21
N PHE P 99 37.72 15.52 -27.04
CA PHE P 99 37.70 16.82 -27.68
C PHE P 99 36.65 16.88 -28.77
N SER P 100 36.29 15.73 -29.36
CA SER P 100 35.20 15.70 -30.31
C SER P 100 33.85 15.79 -29.64
N THR P 101 33.67 15.19 -28.45
CA THR P 101 32.44 15.40 -27.69
C THR P 101 32.30 16.86 -27.29
N ALA P 102 33.40 17.48 -26.85
CA ALA P 102 33.36 18.91 -26.54
C ALA P 102 33.08 19.75 -27.78
N ALA P 103 33.56 19.32 -28.95
CA ALA P 103 33.34 20.09 -30.16
C ALA P 103 31.93 19.95 -30.67
N VAL P 104 31.34 18.76 -30.57
CA VAL P 104 29.95 18.62 -30.99
C VAL P 104 28.98 19.15 -29.95
N GLY P 105 29.46 19.39 -28.72
CA GLY P 105 28.70 20.22 -27.81
C GLY P 105 28.83 21.69 -28.13
N ALA P 106 29.96 22.11 -28.67
CA ALA P 106 30.10 23.51 -29.07
C ALA P 106 29.53 23.78 -30.45
N ALA P 107 29.18 22.75 -31.20
CA ALA P 107 28.57 22.91 -32.52
C ALA P 107 27.05 22.86 -32.42
N LEU P 108 26.53 21.72 -32.01
CA LEU P 108 25.15 21.65 -31.58
C LEU P 108 25.14 22.25 -30.18
N TRP P 109 24.60 23.46 -30.01
CA TRP P 109 24.92 24.27 -28.84
C TRP P 109 24.28 23.67 -27.59
N LEU P 110 24.98 22.68 -27.05
CA LEU P 110 24.54 21.84 -25.94
C LEU P 110 25.50 22.08 -24.79
N PRO P 111 25.16 22.93 -23.83
CA PRO P 111 26.12 23.31 -22.78
C PRO P 111 26.45 22.18 -21.84
N TRP P 112 25.50 21.25 -21.65
CA TRP P 112 25.80 20.04 -20.88
C TRP P 112 26.87 19.22 -21.59
N LEU P 113 26.83 19.17 -22.91
CA LEU P 113 27.83 18.39 -23.64
C LEU P 113 29.14 19.14 -23.73
N ILE P 114 29.12 20.48 -23.73
CA ILE P 114 30.36 21.25 -23.60
C ILE P 114 31.05 20.93 -22.30
N ALA P 115 30.29 20.99 -21.18
CA ALA P 115 30.88 20.77 -19.87
C ALA P 115 31.34 19.33 -19.70
N ALA P 116 30.56 18.37 -20.22
CA ALA P 116 30.94 16.97 -20.12
C ALA P 116 32.13 16.65 -21.02
N GLY P 117 32.20 17.25 -22.21
CA GLY P 117 33.33 17.03 -23.07
C GLY P 117 34.60 17.65 -22.54
N VAL P 118 34.48 18.81 -21.88
CA VAL P 118 35.64 19.40 -21.22
C VAL P 118 36.07 18.55 -20.04
N ALA P 119 35.12 17.95 -19.32
CA ALA P 119 35.47 17.04 -18.23
C ALA P 119 36.16 15.78 -18.76
N PHE P 120 35.71 15.27 -19.91
CA PHE P 120 36.41 14.14 -20.51
C PHE P 120 37.77 14.53 -21.05
N VAL P 121 37.92 15.78 -21.52
CA VAL P 121 39.22 16.26 -21.96
C VAL P 121 40.18 16.31 -20.79
N ILE P 122 39.74 16.81 -19.64
CA ILE P 122 40.60 16.85 -18.45
C ILE P 122 40.95 15.45 -18.00
N THR P 123 39.98 14.53 -18.01
CA THR P 123 40.22 13.16 -17.57
C THR P 123 41.19 12.43 -18.50
N SER P 124 40.97 12.52 -19.81
CA SER P 124 41.84 11.83 -20.76
C SER P 124 43.20 12.47 -20.87
N VAL P 125 43.30 13.80 -20.73
CA VAL P 125 44.59 14.47 -20.74
C VAL P 125 45.39 14.06 -19.51
N CYS P 126 44.73 13.92 -18.36
CA CYS P 126 45.39 13.34 -17.19
C CYS P 126 45.83 11.92 -17.45
N GLY P 127 44.99 11.12 -18.11
CA GLY P 127 45.37 9.75 -18.42
C GLY P 127 46.53 9.64 -19.39
N LEU P 128 46.68 10.63 -20.27
CA LEU P 128 47.84 10.65 -21.15
C LEU P 128 49.09 11.08 -20.40
N VAL P 129 49.00 12.16 -19.63
CA VAL P 129 50.20 12.76 -19.07
C VAL P 129 50.69 12.03 -17.82
N PHE P 130 49.83 11.25 -17.15
CA PHE P 130 50.29 10.48 -16.01
C PHE P 130 50.66 9.06 -16.38
N GLU P 131 50.56 8.71 -17.67
CA GLU P 131 50.59 7.31 -18.11
C GLU P 131 51.92 6.65 -17.77
N TYR P 132 53.01 7.39 -17.87
CA TYR P 132 54.31 6.86 -17.52
C TYR P 132 54.80 7.42 -16.19
N TYR P 133 53.85 7.70 -15.28
CA TYR P 133 54.19 8.15 -13.93
C TYR P 133 53.36 7.52 -12.83
N TRP P 134 52.37 6.68 -13.15
CA TRP P 134 51.63 5.98 -12.12
C TRP P 134 52.52 4.92 -11.50
N GLY P 135 52.75 5.03 -10.20
CA GLY P 135 53.49 4.00 -9.49
C GLY P 135 52.68 2.73 -9.36
N PRO P 136 53.32 1.67 -8.87
CA PRO P 136 52.60 0.41 -8.65
C PRO P 136 51.60 0.57 -7.53
N GLU P 137 50.60 -0.31 -7.53
CA GLU P 137 49.53 -0.25 -6.54
C GLU P 137 50.06 -0.64 -5.17
N LYS P 138 49.89 0.26 -4.20
CA LYS P 138 50.49 0.08 -2.89
C LYS P 138 49.74 -0.91 -2.02
N HIS P 139 48.55 -1.35 -2.44
CA HIS P 139 47.68 -2.29 -1.72
C HIS P 139 47.35 -1.85 -0.29
N MET Q 1 22.42 18.37 -74.39
CA MET Q 1 21.19 18.18 -75.17
C MET Q 1 20.99 16.70 -75.48
N SER Q 2 19.72 16.34 -75.70
CA SER Q 2 19.31 14.99 -76.13
C SER Q 2 19.75 13.93 -75.12
N THR Q 3 19.08 13.95 -73.95
CA THR Q 3 19.52 13.32 -72.70
C THR Q 3 20.02 11.87 -72.83
N ALA Q 4 19.57 11.14 -73.84
CA ALA Q 4 20.15 9.84 -74.13
C ALA Q 4 21.61 9.97 -74.57
N LEU Q 5 21.91 11.00 -75.37
CA LEU Q 5 23.29 11.19 -75.82
C LEU Q 5 24.19 11.64 -74.67
N THR Q 6 23.74 12.60 -73.86
CA THR Q 6 24.57 13.09 -72.77
C THR Q 6 24.48 12.25 -71.50
N HIS Q 7 23.74 11.14 -71.52
CA HIS Q 7 23.94 10.11 -70.51
C HIS Q 7 24.74 8.92 -71.03
N GLY Q 8 24.49 8.48 -72.27
CA GLY Q 8 25.28 7.42 -72.85
C GLY Q 8 26.71 7.84 -73.11
N LEU Q 9 26.95 9.13 -73.36
CA LEU Q 9 28.30 9.63 -73.54
C LEU Q 9 29.07 9.57 -72.22
N ILE Q 10 28.50 10.14 -71.16
CA ILE Q 10 29.17 10.18 -69.86
C ILE Q 10 29.15 8.84 -69.15
N GLY Q 11 28.39 7.86 -69.64
CA GLY Q 11 28.44 6.54 -69.06
C GLY Q 11 29.20 5.53 -69.91
N GLY Q 12 29.45 5.83 -71.17
CA GLY Q 12 30.15 4.91 -72.02
C GLY Q 12 31.56 5.30 -72.35
N VAL Q 13 31.80 6.59 -72.63
CA VAL Q 13 33.17 7.05 -72.93
C VAL Q 13 34.14 6.83 -71.78
N PRO Q 14 33.76 6.96 -70.49
CA PRO Q 14 34.63 6.39 -69.44
C PRO Q 14 34.84 4.89 -69.55
N LEU Q 15 33.79 4.10 -69.82
CA LEU Q 15 33.99 2.66 -69.94
C LEU Q 15 34.67 2.27 -71.24
N VAL Q 16 34.42 2.99 -72.34
CA VAL Q 16 35.13 2.72 -73.59
C VAL Q 16 36.62 3.03 -73.42
N LEU Q 17 36.94 4.18 -72.84
CA LEU Q 17 38.34 4.55 -72.64
C LEU Q 17 39.01 3.65 -71.61
N PHE Q 18 38.24 3.19 -70.62
CA PHE Q 18 38.76 2.24 -69.64
C PHE Q 18 39.07 0.90 -70.29
N ALA Q 19 38.21 0.44 -71.19
CA ALA Q 19 38.47 -0.81 -71.90
C ALA Q 19 39.66 -0.68 -72.84
N VAL Q 20 39.80 0.46 -73.50
CA VAL Q 20 40.92 0.64 -74.43
C VAL Q 20 42.25 0.70 -73.68
N LEU Q 21 42.32 1.50 -72.62
CA LEU Q 21 43.57 1.60 -71.89
C LEU Q 21 43.87 0.34 -71.09
N ALA Q 22 42.84 -0.37 -70.62
CA ALA Q 22 43.07 -1.63 -69.92
C ALA Q 22 43.32 -2.78 -70.86
N LEU Q 23 43.07 -2.63 -72.16
CA LEU Q 23 43.49 -3.63 -73.12
C LEU Q 23 44.80 -3.27 -73.83
N ILE Q 24 45.32 -2.06 -73.63
CA ILE Q 24 46.68 -1.78 -74.10
C ILE Q 24 47.72 -1.76 -72.99
N PHE Q 25 47.32 -1.68 -71.71
CA PHE Q 25 48.30 -1.71 -70.63
C PHE Q 25 48.33 -3.00 -69.82
N LEU Q 26 47.20 -3.69 -69.67
CA LEU Q 26 47.19 -4.91 -68.88
C LEU Q 26 47.44 -6.16 -69.72
N THR Q 27 47.48 -6.05 -71.03
CA THR Q 27 47.85 -7.17 -71.88
C THR Q 27 49.34 -7.23 -72.14
N ARG Q 28 50.12 -6.33 -71.56
CA ARG Q 28 51.56 -6.47 -71.58
C ARG Q 28 51.98 -7.56 -70.61
N LYS Q 29 53.17 -8.10 -70.84
CA LYS Q 29 53.73 -9.04 -69.87
C LYS Q 29 54.25 -8.25 -68.67
N GLY Q 30 53.87 -8.70 -67.48
CA GLY Q 30 54.23 -8.00 -66.29
C GLY Q 30 55.69 -8.21 -65.92
N PRO Q 31 56.11 -7.58 -64.83
CA PRO Q 31 57.51 -7.74 -64.39
C PRO Q 31 57.79 -9.10 -63.81
N HIS Q 32 56.76 -9.85 -63.43
CA HIS Q 32 56.92 -11.15 -62.81
C HIS Q 32 57.47 -12.14 -63.84
N PRO Q 33 58.45 -12.97 -63.47
CA PRO Q 33 59.04 -13.89 -64.43
C PRO Q 33 58.09 -15.01 -64.79
N ASP Q 34 58.42 -15.66 -65.90
CA ASP Q 34 57.59 -16.74 -66.43
C ASP Q 34 57.65 -17.97 -65.53
N THR Q 35 56.64 -18.82 -65.66
CA THR Q 35 56.64 -20.06 -64.92
C THR Q 35 57.73 -21.00 -65.45
N TYR Q 36 58.21 -21.88 -64.58
CA TYR Q 36 59.34 -22.72 -64.91
C TYR Q 36 58.91 -23.86 -65.81
N LYS Q 37 59.42 -23.87 -67.03
CA LYS Q 37 59.24 -25.02 -67.90
C LYS Q 37 60.07 -26.19 -67.38
N MET Q 38 59.43 -27.35 -67.27
CA MET Q 38 60.10 -28.50 -66.69
C MET Q 38 61.16 -29.07 -67.62
N SER Q 39 60.96 -28.96 -68.93
CA SER Q 39 61.92 -29.48 -69.88
C SER Q 39 63.20 -28.66 -69.89
N ASP Q 40 63.10 -27.37 -69.59
CA ASP Q 40 64.28 -26.53 -69.49
C ASP Q 40 65.08 -26.87 -68.24
N PRO Q 41 66.41 -26.76 -68.29
CA PRO Q 41 67.21 -27.02 -67.09
C PRO Q 41 67.03 -25.92 -66.06
N TRP Q 42 67.40 -26.24 -64.82
CA TRP Q 42 67.19 -25.35 -63.68
C TRP Q 42 68.22 -24.23 -63.73
N THR Q 43 67.84 -23.11 -64.33
CA THR Q 43 68.72 -21.96 -64.45
C THR Q 43 68.77 -21.13 -63.18
N HIS Q 44 67.79 -21.28 -62.31
CA HIS Q 44 67.69 -20.44 -61.13
C HIS Q 44 68.72 -20.84 -60.08
N ALA Q 45 69.02 -19.91 -59.18
CA ALA Q 45 69.76 -20.19 -57.96
C ALA Q 45 69.00 -21.21 -57.10
N PRO Q 46 69.70 -21.97 -56.24
CA PRO Q 46 69.01 -22.95 -55.39
C PRO Q 46 68.06 -22.28 -54.39
N ILE Q 47 66.93 -22.95 -54.18
CA ILE Q 47 65.80 -22.42 -53.43
C ILE Q 47 65.49 -23.35 -52.27
N LEU Q 48 65.46 -22.82 -51.05
CA LEU Q 48 64.93 -23.55 -49.91
C LEU Q 48 63.74 -22.77 -49.37
N TRP Q 49 62.60 -23.43 -49.26
CA TRP Q 49 61.36 -22.84 -48.80
C TRP Q 49 61.03 -23.42 -47.42
N ALA Q 50 61.45 -22.73 -46.38
CA ALA Q 50 61.15 -23.16 -45.01
C ALA Q 50 59.72 -22.78 -44.66
N ALA Q 51 59.35 -22.97 -43.41
CA ALA Q 51 57.93 -22.90 -43.04
C ALA Q 51 57.60 -21.88 -41.97
N GLU Q 52 58.49 -21.67 -40.99
CA GLU Q 52 58.24 -20.85 -39.79
C GLU Q 52 57.01 -21.37 -39.03
N GLU Q 53 56.82 -22.67 -39.07
CA GLU Q 53 55.56 -23.27 -38.67
C GLU Q 53 55.43 -23.47 -37.15
N PRO Q 54 56.35 -24.19 -36.40
CA PRO Q 54 56.47 -23.82 -34.98
C PRO Q 54 57.53 -22.75 -34.74
N ARG Q 55 57.13 -21.59 -34.23
CA ARG Q 55 58.08 -20.51 -34.09
C ARG Q 55 58.96 -20.69 -32.85
N GLU Q 56 60.18 -20.20 -32.95
CA GLU Q 56 61.13 -20.25 -31.85
C GLU Q 56 61.59 -18.84 -31.48
N VAL Q 69 70.11 -31.76 -36.58
CA VAL Q 69 71.24 -32.00 -37.47
C VAL Q 69 71.33 -33.49 -37.76
N VAL Q 70 71.09 -34.30 -36.71
CA VAL Q 70 71.22 -35.74 -36.84
C VAL Q 70 70.08 -36.30 -37.68
N ILE Q 71 70.38 -37.40 -38.39
CA ILE Q 71 69.59 -37.81 -39.55
C ILE Q 71 68.30 -38.48 -39.14
N GLY Q 72 67.23 -38.20 -39.86
CA GLY Q 72 65.96 -38.83 -39.58
C GLY Q 72 65.55 -40.01 -40.44
N GLY Q 73 65.55 -39.84 -41.75
CA GLY Q 73 65.00 -40.85 -42.63
C GLY Q 73 65.34 -40.63 -44.10
N GLY Q 74 64.48 -41.11 -44.98
CA GLY Q 74 64.77 -41.00 -46.40
C GLY Q 74 63.67 -41.62 -47.25
N ALA Q 75 63.63 -41.16 -48.49
CA ALA Q 75 62.77 -41.67 -49.56
C ALA Q 75 63.28 -41.07 -50.87
N SER Q 76 62.92 -41.69 -51.99
CA SER Q 76 63.41 -41.21 -53.27
C SER Q 76 62.48 -41.61 -54.39
N GLY Q 77 62.69 -41.00 -55.55
CA GLY Q 77 61.91 -41.28 -56.75
C GLY Q 77 62.59 -40.70 -57.97
N LYS Q 78 62.09 -41.09 -59.13
CA LYS Q 78 62.66 -40.67 -60.41
C LYS Q 78 61.58 -40.25 -61.39
N TRP Q 79 60.56 -39.56 -60.89
CA TRP Q 79 59.41 -39.05 -61.65
C TRP Q 79 58.66 -40.16 -62.39
N GLU R 13 85.95 -12.36 -51.48
CA GLU R 13 84.70 -11.73 -51.07
C GLU R 13 84.09 -10.91 -52.19
N LEU R 14 82.83 -11.17 -52.49
CA LEU R 14 82.09 -10.41 -53.48
C LEU R 14 80.66 -10.25 -53.00
N ASP R 15 80.13 -9.04 -53.17
CA ASP R 15 78.75 -8.73 -52.84
C ASP R 15 77.87 -9.10 -54.02
N LEU R 16 76.62 -8.63 -54.03
CA LEU R 16 75.84 -8.68 -55.26
C LEU R 16 76.53 -7.78 -56.29
N PRO R 17 76.62 -8.20 -57.55
CA PRO R 17 77.65 -7.66 -58.46
C PRO R 17 77.50 -6.18 -58.82
N TYR R 18 76.39 -5.53 -58.48
CA TYR R 18 76.26 -4.10 -58.70
C TYR R 18 75.23 -3.54 -57.74
N GLY R 19 75.59 -2.52 -56.98
CA GLY R 19 74.65 -1.77 -56.19
C GLY R 19 74.52 -2.20 -54.75
N SER R 20 75.04 -3.37 -54.38
CA SER R 20 74.94 -3.76 -52.99
C SER R 20 76.21 -3.40 -52.24
N ALA R 21 76.07 -3.24 -50.94
CA ALA R 21 77.21 -3.07 -50.05
C ALA R 21 76.80 -3.51 -48.66
N LEU R 22 77.72 -4.18 -47.98
CA LEU R 22 77.45 -4.53 -46.59
C LEU R 22 77.46 -3.28 -45.74
N THR R 23 76.52 -3.20 -44.81
CA THR R 23 76.35 -2.02 -43.99
C THR R 23 77.35 -1.99 -42.84
N SER R 24 77.10 -1.13 -41.85
CA SER R 24 77.99 -1.03 -40.70
C SER R 24 77.99 -2.29 -39.85
N SER R 25 76.94 -3.10 -39.91
CA SER R 25 76.95 -4.47 -39.43
C SER R 25 76.71 -5.40 -40.61
N GLY R 26 76.48 -6.68 -40.31
CA GLY R 26 76.49 -7.72 -41.33
C GLY R 26 75.32 -7.75 -42.28
N ARG R 27 74.31 -6.88 -42.10
CA ARG R 27 73.19 -6.86 -43.04
C ARG R 27 73.62 -6.24 -44.35
N ILE R 28 73.58 -7.02 -45.43
CA ILE R 28 74.00 -6.57 -46.75
C ILE R 28 72.80 -5.92 -47.42
N SER R 29 72.81 -4.59 -47.51
CA SER R 29 71.79 -3.84 -48.21
C SER R 29 72.07 -3.87 -49.70
N ALA R 30 71.13 -4.40 -50.48
CA ALA R 30 71.26 -4.48 -51.92
C ALA R 30 70.29 -3.51 -52.57
N VAL R 31 70.21 -3.57 -53.90
CA VAL R 31 69.33 -2.72 -54.69
C VAL R 31 68.49 -3.59 -55.61
N THR R 32 67.68 -2.91 -56.41
CA THR R 32 66.90 -3.52 -57.47
C THR R 32 66.68 -2.45 -58.52
N GLU R 33 67.13 -2.71 -59.74
CA GLU R 33 66.92 -1.79 -60.86
C GLU R 33 65.42 -1.55 -61.04
N PRO R 34 64.99 -0.32 -61.33
CA PRO R 34 63.65 0.14 -60.91
C PRO R 34 62.48 -0.59 -61.53
N GLY R 35 62.59 -1.06 -62.77
CA GLY R 35 61.52 -1.87 -63.30
C GLY R 35 61.59 -3.34 -62.94
N GLU R 36 62.71 -3.78 -62.35
CA GLU R 36 62.96 -5.18 -62.13
C GLU R 36 62.47 -5.60 -60.75
N LEU R 37 62.73 -6.84 -60.37
CA LEU R 37 62.20 -7.41 -59.14
C LEU R 37 63.34 -7.86 -58.26
N SER R 38 62.98 -8.42 -57.10
CA SER R 38 63.94 -8.86 -56.11
C SER R 38 64.09 -10.38 -56.07
N VAL R 39 62.98 -11.11 -56.03
CA VAL R 39 63.05 -12.54 -55.76
C VAL R 39 63.40 -13.34 -57.02
N HIS R 40 62.77 -13.01 -58.16
CA HIS R 40 62.91 -13.72 -59.44
C HIS R 40 62.62 -15.21 -59.32
N TYR R 41 61.63 -15.55 -58.51
CA TYR R 41 61.16 -16.94 -58.45
C TYR R 41 60.44 -17.28 -59.75
N PRO R 42 60.88 -18.29 -60.51
CA PRO R 42 60.28 -18.61 -61.81
C PRO R 42 58.96 -19.39 -61.71
N PHE R 43 58.07 -18.93 -60.85
CA PHE R 43 56.77 -19.53 -60.62
C PHE R 43 55.79 -18.39 -60.48
N PRO R 44 54.49 -18.64 -60.75
CA PRO R 44 53.50 -17.56 -60.62
C PRO R 44 53.37 -17.07 -59.19
N THR R 45 52.92 -15.83 -59.05
CA THR R 45 52.83 -15.19 -57.74
C THR R 45 51.59 -15.60 -56.97
N MET R 46 50.80 -16.52 -57.49
CA MET R 46 49.59 -16.96 -56.81
C MET R 46 49.63 -18.43 -56.42
N ASP R 47 50.25 -19.30 -57.20
CA ASP R 47 50.30 -20.70 -56.81
C ASP R 47 51.38 -21.00 -55.77
N LEU R 48 52.44 -20.18 -55.68
CA LEU R 48 53.33 -20.35 -54.56
C LEU R 48 52.77 -19.74 -53.28
N VAL R 49 51.76 -18.86 -53.39
CA VAL R 49 50.97 -18.53 -52.24
C VAL R 49 50.15 -19.73 -51.79
N VAL R 50 49.67 -20.54 -52.74
CA VAL R 50 49.01 -21.80 -52.37
C VAL R 50 50.01 -22.76 -51.74
N LEU R 51 51.26 -22.72 -52.20
CA LEU R 51 52.31 -23.52 -51.58
C LEU R 51 52.56 -23.07 -50.15
N ASP R 52 52.61 -21.77 -49.91
CA ASP R 52 52.82 -21.27 -48.57
C ASP R 52 51.61 -21.52 -47.69
N ASP R 53 50.42 -21.57 -48.27
CA ASP R 53 49.23 -21.92 -47.48
C ASP R 53 49.25 -23.39 -47.10
N ALA R 54 49.61 -24.27 -48.04
CA ALA R 54 49.69 -25.69 -47.77
C ALA R 54 50.87 -26.02 -46.87
N LEU R 55 51.85 -25.14 -46.78
CA LEU R 55 53.05 -25.37 -46.00
C LEU R 55 53.07 -24.58 -44.69
N LYS R 56 52.15 -23.64 -44.48
CA LYS R 56 52.00 -23.02 -43.17
C LYS R 56 50.61 -23.22 -42.58
N TYR R 57 49.54 -22.84 -43.29
CA TYR R 57 48.19 -22.92 -42.74
C TYR R 57 47.76 -24.37 -42.54
N GLY R 58 47.73 -25.13 -43.63
CA GLY R 58 47.44 -26.54 -43.53
C GLY R 58 48.70 -27.36 -43.35
N SER R 59 49.58 -26.91 -42.45
CA SER R 59 50.70 -27.74 -42.06
C SER R 59 50.83 -27.79 -40.54
N ARG R 60 50.39 -26.73 -39.84
CA ARG R 60 50.55 -26.59 -38.39
C ARG R 60 49.87 -27.68 -37.57
N ALA R 61 49.07 -28.55 -38.19
CA ALA R 61 48.64 -29.79 -37.58
C ALA R 61 49.61 -30.93 -37.84
N ALA R 62 50.88 -30.63 -38.03
CA ALA R 62 51.94 -31.63 -38.11
C ALA R 62 53.17 -31.29 -37.28
N LYS R 63 53.36 -30.03 -36.87
CA LYS R 63 54.44 -29.59 -35.98
C LYS R 63 55.83 -29.91 -36.52
N ALA R 64 56.08 -29.51 -37.76
CA ALA R 64 57.39 -29.71 -38.39
C ALA R 64 57.55 -28.69 -39.50
N ARG R 65 58.68 -28.01 -39.52
CA ARG R 65 58.95 -27.04 -40.59
C ARG R 65 59.20 -27.77 -41.90
N PHE R 66 58.17 -27.83 -42.74
CA PHE R 66 58.28 -28.51 -44.03
C PHE R 66 59.12 -27.68 -44.97
N ALA R 67 60.39 -28.04 -45.10
CA ALA R 67 61.23 -27.37 -46.08
C ALA R 67 60.94 -27.91 -47.47
N VAL R 68 61.20 -27.08 -48.47
CA VAL R 68 61.08 -27.47 -49.87
C VAL R 68 62.32 -26.96 -50.59
N TYR R 69 63.06 -27.89 -51.22
CA TYR R 69 64.27 -27.56 -51.95
C TYR R 69 64.05 -27.88 -53.43
N ILE R 70 64.39 -26.91 -54.29
CA ILE R 70 64.22 -27.08 -55.73
C ILE R 70 65.55 -27.02 -56.47
N GLY R 71 66.65 -26.66 -55.80
CA GLY R 71 67.90 -26.46 -56.47
C GLY R 71 68.55 -27.75 -56.94
N PRO R 72 69.69 -27.63 -57.59
CA PRO R 72 70.42 -28.83 -58.02
C PRO R 72 71.06 -29.52 -56.84
N LEU R 73 71.17 -30.84 -56.96
CA LEU R 73 71.76 -31.71 -55.95
C LEU R 73 72.62 -32.77 -56.59
N GLY R 74 73.43 -32.37 -57.57
CA GLY R 74 74.15 -33.29 -58.43
C GLY R 74 75.30 -34.00 -57.76
N ALA R 75 74.97 -34.91 -56.86
CA ALA R 75 75.90 -35.73 -56.10
C ALA R 75 75.15 -36.96 -55.62
N ASP R 76 75.68 -37.63 -54.61
CA ASP R 76 74.90 -38.61 -53.85
C ASP R 76 73.71 -37.91 -53.19
N THR R 77 72.50 -38.21 -53.69
CA THR R 77 71.37 -37.31 -53.52
C THR R 77 70.84 -37.30 -52.09
N ALA R 78 70.82 -38.46 -51.44
CA ALA R 78 70.34 -38.53 -50.06
C ALA R 78 71.27 -37.78 -49.13
N ALA R 79 72.58 -37.92 -49.32
CA ALA R 79 73.54 -37.24 -48.45
C ALA R 79 73.54 -35.74 -48.68
N THR R 80 73.43 -35.31 -49.93
CA THR R 80 73.39 -33.87 -50.19
C THR R 80 72.02 -33.26 -49.95
N ALA R 81 71.00 -34.07 -49.67
CA ALA R 81 69.74 -33.51 -49.18
C ALA R 81 69.69 -33.44 -47.67
N ARG R 82 70.20 -34.46 -46.99
CA ARG R 82 70.29 -34.39 -45.53
C ARG R 82 71.39 -33.45 -45.07
N GLU R 83 72.32 -33.06 -45.94
CA GLU R 83 73.24 -31.99 -45.60
C GLU R 83 72.57 -30.64 -45.65
N ILE R 84 71.64 -30.43 -46.59
CA ILE R 84 70.93 -29.17 -46.70
C ILE R 84 69.60 -29.20 -45.96
N LEU R 85 69.37 -30.24 -45.17
CA LEU R 85 68.38 -30.10 -44.11
C LEU R 85 68.99 -29.46 -42.87
N ALA R 86 70.31 -29.44 -42.75
CA ALA R 86 71.00 -28.93 -41.58
C ALA R 86 70.95 -27.41 -41.47
N ASN R 87 70.49 -26.69 -42.50
CA ASN R 87 70.29 -25.26 -42.40
C ASN R 87 68.82 -24.85 -42.45
N VAL R 88 67.90 -25.81 -42.52
CA VAL R 88 66.50 -25.55 -42.18
C VAL R 88 66.44 -25.15 -40.71
N PRO R 89 65.83 -24.02 -40.35
CA PRO R 89 66.16 -23.35 -39.07
C PRO R 89 65.74 -24.07 -37.79
N THR R 90 65.16 -25.27 -37.84
CA THR R 90 65.26 -26.23 -36.74
C THR R 90 65.32 -27.64 -37.32
N PRO R 91 66.51 -28.21 -37.43
CA PRO R 91 66.67 -29.45 -38.19
C PRO R 91 66.19 -30.71 -37.48
N GLU R 92 65.80 -30.65 -36.21
CA GLU R 92 65.41 -31.89 -35.56
C GLU R 92 63.98 -32.29 -35.89
N ASN R 93 63.10 -31.34 -36.22
CA ASN R 93 61.76 -31.65 -36.70
C ASN R 93 61.49 -30.86 -37.99
N ALA R 94 61.95 -31.41 -39.10
CA ALA R 94 61.76 -30.79 -40.39
C ALA R 94 61.64 -31.88 -41.43
N VAL R 95 60.65 -31.77 -42.30
CA VAL R 95 60.49 -32.74 -43.37
C VAL R 95 60.81 -32.02 -44.67
N LEU R 96 62.05 -32.08 -45.09
CA LEU R 96 62.47 -31.43 -46.33
C LEU R 96 62.09 -32.29 -47.51
N LEU R 97 61.63 -31.64 -48.57
CA LEU R 97 61.50 -32.25 -49.88
C LEU R 97 62.50 -31.57 -50.80
N ALA R 98 63.27 -32.38 -51.51
CA ALA R 98 64.24 -31.88 -52.46
C ALA R 98 63.87 -32.41 -53.84
N VAL R 99 63.83 -31.53 -54.83
CA VAL R 99 63.52 -31.90 -56.20
C VAL R 99 64.55 -31.24 -57.10
N SER R 100 65.07 -32.00 -58.06
CA SER R 100 66.08 -31.49 -58.98
C SER R 100 65.60 -31.73 -60.41
N PRO R 101 65.00 -30.72 -61.04
CA PRO R 101 64.54 -30.89 -62.43
C PRO R 101 65.67 -30.99 -63.44
N ASP R 102 66.91 -30.67 -63.06
CA ASP R 102 68.06 -31.03 -63.88
C ASP R 102 68.30 -32.53 -63.87
N GLN R 103 67.85 -33.22 -62.82
CA GLN R 103 68.32 -34.55 -62.49
C GLN R 103 67.18 -35.56 -62.35
N ARG R 104 65.94 -35.09 -62.21
CA ARG R 104 64.72 -35.91 -62.06
C ARG R 104 64.81 -36.82 -60.84
N ALA R 105 64.90 -36.19 -59.67
CA ALA R 105 65.09 -36.93 -58.42
C ALA R 105 64.32 -36.24 -57.31
N ILE R 106 63.29 -36.91 -56.81
CA ILE R 106 62.61 -36.52 -55.58
C ILE R 106 63.41 -37.09 -54.42
N GLU R 107 63.43 -36.38 -53.29
CA GLU R 107 64.17 -36.84 -52.12
C GLU R 107 63.53 -36.20 -50.89
N VAL R 108 62.69 -36.95 -50.18
CA VAL R 108 62.10 -36.49 -48.94
C VAL R 108 62.95 -37.00 -47.78
N VAL R 109 63.50 -36.09 -47.00
CA VAL R 109 64.38 -36.44 -45.88
C VAL R 109 63.85 -35.77 -44.62
N TYR R 110 63.91 -36.50 -43.51
CA TYR R 110 63.31 -36.09 -42.25
C TYR R 110 64.32 -35.44 -41.32
N GLY R 111 63.79 -34.81 -40.27
CA GLY R 111 64.56 -34.44 -39.11
C GLY R 111 64.54 -35.55 -38.08
N ALA R 112 65.26 -35.31 -36.99
CA ALA R 112 65.43 -36.33 -35.97
C ALA R 112 64.13 -36.60 -35.21
N ASP R 113 63.58 -35.56 -34.57
CA ASP R 113 62.42 -35.75 -33.70
C ASP R 113 61.15 -36.11 -34.46
N VAL R 114 61.09 -35.84 -35.77
CA VAL R 114 60.06 -36.43 -36.60
C VAL R 114 60.52 -37.86 -36.89
N LYS R 115 59.99 -38.81 -36.13
CA LYS R 115 60.39 -40.21 -36.28
C LYS R 115 59.26 -41.07 -35.74
N GLY R 116 58.61 -41.81 -36.62
CA GLY R 116 57.49 -42.64 -36.20
C GLY R 116 56.25 -41.85 -35.81
N ARG R 117 56.05 -40.70 -36.43
CA ARG R 117 54.91 -39.83 -36.14
C ARG R 117 53.93 -39.85 -37.30
N GLY R 118 53.72 -41.04 -37.86
CA GLY R 118 52.90 -41.19 -39.05
C GLY R 118 53.66 -40.93 -40.33
N ILE R 119 54.96 -41.16 -40.34
CA ILE R 119 55.83 -40.58 -41.35
C ILE R 119 56.47 -41.61 -42.27
N GLU R 120 56.58 -42.87 -41.87
CA GLU R 120 57.33 -43.83 -42.66
C GLU R 120 56.51 -44.34 -43.84
N SER R 121 55.19 -44.27 -43.72
CA SER R 121 54.30 -44.55 -44.84
C SER R 121 53.88 -43.30 -45.58
N ALA R 122 54.20 -42.12 -45.05
CA ALA R 122 53.86 -40.85 -45.69
C ALA R 122 54.96 -40.33 -46.60
N ALA R 123 56.21 -40.71 -46.37
CA ALA R 123 57.29 -40.26 -47.27
C ALA R 123 57.24 -40.92 -48.63
N PRO R 124 57.10 -42.25 -48.80
CA PRO R 124 56.95 -42.77 -50.16
C PRO R 124 55.63 -42.39 -50.78
N LEU R 125 54.57 -42.25 -49.98
CA LEU R 125 53.30 -41.82 -50.54
C LEU R 125 53.34 -40.34 -50.89
N GLY R 126 54.14 -39.56 -50.15
CA GLY R 126 54.36 -38.18 -50.53
C GLY R 126 55.18 -38.05 -51.81
N VAL R 127 56.17 -38.92 -51.97
CA VAL R 127 56.96 -38.94 -53.21
C VAL R 127 56.09 -39.37 -54.39
N SER R 128 55.19 -40.34 -54.18
CA SER R 128 54.29 -40.76 -55.25
C SER R 128 53.29 -39.67 -55.59
N ALA R 129 52.72 -39.01 -54.58
CA ALA R 129 51.78 -37.92 -54.83
C ALA R 129 52.44 -36.68 -55.41
N ALA R 130 53.75 -36.52 -55.22
CA ALA R 130 54.47 -35.46 -55.92
C ALA R 130 54.77 -35.87 -57.36
N ALA R 131 55.40 -37.03 -57.54
CA ALA R 131 55.88 -37.47 -58.84
C ALA R 131 54.75 -37.83 -59.80
N ALA R 132 53.53 -38.06 -59.30
CA ALA R 132 52.38 -38.16 -60.18
C ALA R 132 52.02 -36.83 -60.81
N SER R 133 52.43 -35.72 -60.18
CA SER R 133 52.17 -34.40 -60.72
C SER R 133 53.40 -33.77 -61.37
N PHE R 134 54.60 -34.26 -61.07
CA PHE R 134 55.78 -33.74 -61.76
C PHE R 134 55.83 -34.22 -63.21
N LYS R 135 55.45 -35.46 -63.47
CA LYS R 135 55.51 -35.98 -64.83
C LYS R 135 54.48 -35.36 -65.74
N GLU R 136 53.42 -34.77 -65.19
CA GLU R 136 52.56 -33.90 -65.99
C GLU R 136 53.31 -32.65 -66.42
N GLY R 137 54.03 -32.02 -65.48
CA GLY R 137 54.73 -30.81 -65.79
C GLY R 137 54.36 -29.63 -64.90
N ASN R 138 53.89 -29.92 -63.69
CA ASN R 138 53.55 -28.88 -62.72
C ASN R 138 54.48 -29.01 -61.52
N LEU R 139 55.45 -28.10 -61.42
CA LEU R 139 56.39 -28.10 -60.30
C LEU R 139 55.69 -27.70 -59.02
N ILE R 140 55.00 -26.54 -59.04
CA ILE R 140 54.37 -26.00 -57.83
C ILE R 140 53.22 -26.88 -57.38
N ASP R 141 52.39 -27.36 -58.32
CA ASP R 141 51.28 -28.22 -57.94
C ASP R 141 51.78 -29.57 -57.44
N GLY R 142 52.92 -30.03 -57.95
CA GLY R 142 53.53 -31.22 -57.38
C GLY R 142 54.00 -31.02 -55.95
N LEU R 143 54.60 -29.86 -55.66
CA LEU R 143 55.01 -29.55 -54.31
C LEU R 143 53.81 -29.39 -53.37
N ILE R 144 52.71 -28.84 -53.88
CA ILE R 144 51.51 -28.66 -53.07
C ILE R 144 50.86 -30.00 -52.77
N SER R 145 50.75 -30.86 -53.78
CA SER R 145 50.20 -32.19 -53.56
C SER R 145 51.12 -33.10 -52.77
N ALA R 146 52.39 -32.72 -52.61
CA ALA R 146 53.24 -33.45 -51.68
C ALA R 146 53.14 -32.94 -50.24
N VAL R 147 53.10 -31.62 -50.07
CA VAL R 147 53.10 -31.04 -48.73
C VAL R 147 51.74 -31.25 -48.06
N ARG R 148 50.65 -31.25 -48.84
CA ARG R 148 49.35 -31.57 -48.25
C ARG R 148 49.28 -33.02 -47.78
N VAL R 149 49.90 -33.93 -48.55
CA VAL R 149 49.94 -35.34 -48.17
C VAL R 149 50.79 -35.54 -46.93
N MET R 150 51.98 -34.93 -46.89
CA MET R 150 52.82 -35.06 -45.70
C MET R 150 52.27 -34.29 -44.51
N SER R 151 51.37 -33.33 -44.72
CA SER R 151 50.67 -32.71 -43.60
C SER R 151 49.59 -33.63 -43.06
N ALA R 152 48.92 -34.36 -43.95
CA ALA R 152 47.95 -35.36 -43.49
C ALA R 152 48.63 -36.56 -42.85
N GLY R 153 49.90 -36.80 -43.19
CA GLY R 153 50.62 -37.95 -42.67
C GLY R 153 51.30 -37.70 -41.34
N VAL R 154 52.07 -36.62 -41.24
CA VAL R 154 52.80 -36.33 -40.02
C VAL R 154 51.81 -35.90 -38.95
N SER R 155 51.76 -36.67 -37.87
CA SER R 155 50.86 -36.37 -36.76
C SER R 155 51.56 -35.49 -35.72
N PRO R 156 50.87 -34.55 -35.12
CA PRO R 156 51.51 -33.65 -34.16
C PRO R 156 51.77 -34.33 -32.84
N ALA R 157 52.60 -33.68 -32.02
CA ALA R 157 52.93 -34.20 -30.71
C ALA R 157 53.20 -33.04 -29.74
N MET S 1 61.06 -4.58 -12.40
CA MET S 1 61.71 -5.78 -11.90
C MET S 1 61.02 -6.30 -10.63
N SER S 2 60.21 -5.45 -10.00
CA SER S 2 59.49 -5.82 -8.78
C SER S 2 58.19 -6.54 -9.14
N SER S 3 58.36 -7.75 -9.66
CA SER S 3 57.26 -8.62 -10.04
C SER S 3 57.72 -10.05 -9.99
N THR S 4 56.78 -10.95 -9.70
CA THR S 4 57.03 -12.38 -9.74
C THR S 4 56.46 -12.98 -11.02
N GLN S 5 56.82 -14.23 -11.28
CA GLN S 5 56.23 -14.95 -12.40
C GLN S 5 54.79 -15.32 -12.07
N ASP S 6 54.11 -15.86 -13.09
CA ASP S 6 52.73 -16.27 -12.95
C ASP S 6 52.59 -17.68 -13.50
N ARG S 7 52.00 -18.58 -12.71
CA ARG S 7 51.77 -19.95 -13.13
C ARG S 7 50.37 -20.35 -12.73
N SER S 8 49.56 -20.73 -13.71
CA SER S 8 48.16 -21.09 -13.48
C SER S 8 47.88 -22.42 -14.17
N GLN S 9 47.64 -23.47 -13.38
CA GLN S 9 47.17 -24.74 -13.91
C GLN S 9 45.64 -24.71 -13.87
N LEU S 10 45.03 -24.49 -15.04
CA LEU S 10 43.60 -24.47 -15.21
C LEU S 10 43.09 -25.89 -15.42
N ASP S 11 41.83 -26.02 -15.87
CA ASP S 11 41.32 -27.29 -16.36
C ASP S 11 41.24 -27.24 -17.88
N PRO S 12 42.31 -27.61 -18.60
CA PRO S 12 42.47 -27.21 -20.00
C PRO S 12 41.63 -28.07 -20.95
N GLU S 13 40.75 -27.43 -21.70
CA GLU S 13 40.04 -28.05 -22.81
C GLU S 13 39.49 -26.99 -23.76
N VAL S 22 34.84 -30.53 -26.86
CA VAL S 22 36.12 -30.78 -27.50
C VAL S 22 37.22 -30.61 -26.45
N GLU S 23 38.34 -31.34 -26.61
CA GLU S 23 39.45 -31.29 -25.67
C GLU S 23 40.75 -31.05 -26.46
N ARG S 24 41.05 -29.77 -26.72
CA ARG S 24 42.34 -29.29 -27.23
C ARG S 24 42.72 -29.88 -28.59
N HIS S 25 41.76 -30.37 -29.37
CA HIS S 25 42.06 -30.94 -30.68
C HIS S 25 41.43 -30.14 -31.82
N THR S 26 40.12 -29.94 -31.81
CA THR S 26 39.41 -29.30 -32.91
C THR S 26 38.99 -27.89 -32.49
N GLY S 27 39.17 -26.93 -33.40
CA GLY S 27 38.89 -25.55 -33.09
C GLY S 27 39.88 -24.64 -33.81
N VAL S 28 40.59 -23.83 -33.04
CA VAL S 28 41.67 -23.00 -33.55
C VAL S 28 42.97 -23.38 -32.87
N ASP S 29 44.05 -23.37 -33.65
CA ASP S 29 45.37 -23.67 -33.10
C ASP S 29 45.84 -22.50 -32.25
N VAL S 30 46.82 -22.75 -31.40
CA VAL S 30 47.29 -21.78 -30.42
C VAL S 30 48.22 -20.74 -31.06
N GLU S 31 48.41 -20.82 -32.37
CA GLU S 31 49.14 -19.81 -33.10
C GLU S 31 48.25 -18.94 -33.98
N ASP S 32 47.02 -19.39 -34.27
CA ASP S 32 46.06 -18.52 -34.93
C ASP S 32 45.53 -17.48 -33.96
N VAL S 33 45.06 -17.91 -32.80
CA VAL S 33 44.82 -17.04 -31.66
C VAL S 33 45.83 -17.40 -30.57
N PRO S 34 46.44 -16.43 -29.90
CA PRO S 34 47.55 -16.74 -29.00
C PRO S 34 47.16 -17.39 -27.69
N SER S 35 45.87 -17.55 -27.40
CA SER S 35 45.45 -18.30 -26.22
C SER S 35 44.11 -18.95 -26.58
N ALA S 36 44.18 -20.19 -27.06
CA ALA S 36 42.97 -20.93 -27.42
C ALA S 36 42.56 -21.92 -26.36
N GLU S 37 43.49 -22.37 -25.53
CA GLU S 37 43.15 -23.31 -24.47
C GLU S 37 42.59 -22.62 -23.24
N TRP S 38 42.76 -21.31 -23.13
CA TRP S 38 42.34 -20.56 -21.96
C TRP S 38 40.86 -20.22 -21.96
N GLY S 39 40.14 -20.54 -23.03
CA GLY S 39 38.72 -20.25 -23.08
C GLY S 39 38.18 -20.64 -24.43
N TRP S 40 36.88 -20.41 -24.60
CA TRP S 40 36.24 -20.70 -25.87
C TRP S 40 36.64 -19.64 -26.88
N SER S 41 37.20 -20.06 -28.01
CA SER S 41 37.89 -19.13 -28.89
C SER S 41 37.63 -19.36 -30.38
N HIS S 42 36.63 -20.14 -30.76
CA HIS S 42 36.31 -20.28 -32.18
C HIS S 42 34.82 -20.52 -32.34
N MET S 43 34.13 -19.54 -32.89
CA MET S 43 32.80 -19.76 -33.42
C MET S 43 32.91 -20.58 -34.68
N PRO S 44 32.07 -21.60 -34.87
CA PRO S 44 32.04 -22.27 -36.18
C PRO S 44 31.57 -21.30 -37.24
N ILE S 45 32.18 -21.38 -38.42
CA ILE S 45 32.14 -20.24 -39.33
C ILE S 45 30.92 -20.29 -40.26
N GLY S 46 30.26 -21.44 -40.37
CA GLY S 46 28.96 -21.46 -41.00
C GLY S 46 27.93 -20.68 -40.22
N VAL S 47 28.09 -20.59 -38.89
CA VAL S 47 27.18 -19.81 -38.06
C VAL S 47 27.28 -18.33 -38.41
N MET S 48 28.49 -17.81 -38.56
CA MET S 48 28.62 -16.40 -38.90
C MET S 48 28.33 -16.13 -40.38
N HIS S 49 28.56 -17.09 -41.27
CA HIS S 49 28.14 -16.92 -42.67
C HIS S 49 26.62 -16.85 -42.79
N ILE S 50 25.92 -17.81 -42.20
CA ILE S 50 24.46 -17.81 -42.27
C ILE S 50 23.89 -16.69 -41.42
N GLY S 51 24.61 -16.25 -40.39
CA GLY S 51 24.17 -15.10 -39.62
C GLY S 51 24.25 -13.80 -40.40
N GLY S 52 25.32 -13.61 -41.17
CA GLY S 52 25.38 -12.46 -42.06
C GLY S 52 24.36 -12.52 -43.17
N LEU S 53 24.18 -13.70 -43.77
CA LEU S 53 23.24 -13.86 -44.87
C LEU S 53 21.80 -13.68 -44.38
N LEU S 54 21.50 -14.12 -43.17
CA LEU S 54 20.19 -13.95 -42.58
C LEU S 54 19.97 -12.52 -42.10
N SER S 55 21.04 -11.85 -41.68
CA SER S 55 20.98 -10.41 -41.41
C SER S 55 20.61 -9.62 -42.66
N ALA S 56 21.22 -9.97 -43.79
CA ALA S 56 20.91 -9.27 -45.02
C ALA S 56 19.51 -9.61 -45.53
N ALA S 57 19.09 -10.87 -45.33
CA ALA S 57 17.72 -11.24 -45.63
C ALA S 57 16.73 -10.49 -44.75
N PHE S 58 17.08 -10.23 -43.49
CA PHE S 58 16.20 -9.47 -42.62
C PHE S 58 16.12 -8.01 -43.05
N LEU S 59 17.25 -7.44 -43.47
CA LEU S 59 17.24 -6.09 -44.02
C LEU S 59 16.45 -6.00 -45.32
N LEU S 60 16.39 -7.08 -46.09
CA LEU S 60 15.56 -7.08 -47.28
C LEU S 60 14.08 -7.33 -46.95
N VAL S 61 13.79 -8.03 -45.85
CA VAL S 61 12.40 -8.17 -45.45
C VAL S 61 11.86 -6.85 -44.91
N MET S 62 12.74 -6.03 -44.31
CA MET S 62 12.37 -4.73 -43.76
C MET S 62 11.82 -3.68 -44.72
N MET S 63 11.75 -3.98 -46.02
CA MET S 63 10.95 -3.15 -46.92
C MET S 63 9.46 -3.26 -46.63
N ARG S 64 9.00 -4.44 -46.22
CA ARG S 64 7.58 -4.66 -45.98
C ARG S 64 7.15 -3.95 -44.71
N GLY S 65 6.43 -2.84 -44.86
CA GLY S 65 5.92 -2.13 -43.72
C GLY S 65 5.22 -0.87 -44.16
N ASN S 66 4.77 -0.10 -43.18
CA ASN S 66 4.30 1.25 -43.43
C ASN S 66 5.42 2.11 -44.00
N HIS S 67 5.25 2.56 -45.24
CA HIS S 67 6.42 2.93 -46.02
C HIS S 67 6.00 3.79 -47.20
N VAL S 68 6.45 5.05 -47.22
CA VAL S 68 6.39 5.84 -48.45
C VAL S 68 7.75 6.37 -48.88
N GLY S 69 8.73 6.45 -48.01
CA GLY S 69 10.02 6.98 -48.39
C GLY S 69 10.91 5.92 -49.00
N HIS S 70 10.98 5.90 -50.34
CA HIS S 70 11.83 4.94 -51.03
C HIS S 70 13.29 5.34 -51.05
N VAL S 71 13.65 6.45 -50.40
CA VAL S 71 15.06 6.76 -50.23
C VAL S 71 15.67 5.83 -49.18
N GLU S 72 14.84 5.17 -48.37
CA GLU S 72 15.34 4.23 -47.37
C GLU S 72 15.63 2.86 -47.98
N ASP S 73 14.81 2.42 -48.93
CA ASP S 73 15.02 1.12 -49.55
C ASP S 73 16.34 1.04 -50.29
N TRP S 74 16.89 2.17 -50.73
CA TRP S 74 18.24 2.13 -51.27
C TRP S 74 19.28 1.94 -50.18
N PHE S 75 19.04 2.45 -48.96
CA PHE S 75 19.94 2.11 -47.85
C PHE S 75 19.81 0.65 -47.44
N LEU S 76 18.61 0.10 -47.53
CA LEU S 76 18.43 -1.31 -47.18
C LEU S 76 19.05 -2.23 -48.22
N ILE S 77 18.88 -1.90 -49.51
CA ILE S 77 19.58 -2.59 -50.59
C ILE S 77 21.09 -2.43 -50.44
N GLY S 78 21.55 -1.25 -50.02
CA GLY S 78 22.98 -1.03 -49.88
C GLY S 78 23.60 -1.81 -48.73
N PHE S 79 23.03 -1.70 -47.53
CA PHE S 79 23.52 -2.47 -46.40
C PHE S 79 23.17 -3.95 -46.48
N ALA S 80 22.30 -4.37 -47.39
CA ALA S 80 22.15 -5.79 -47.63
C ALA S 80 23.14 -6.29 -48.66
N ALA S 81 23.44 -5.48 -49.68
CA ALA S 81 24.40 -5.89 -50.69
C ALA S 81 25.81 -5.88 -50.16
N VAL S 82 26.12 -4.98 -49.20
CA VAL S 82 27.43 -5.00 -48.57
C VAL S 82 27.61 -6.28 -47.75
N ILE S 83 26.59 -6.69 -47.01
CA ILE S 83 26.71 -7.89 -46.19
C ILE S 83 26.71 -9.14 -47.06
N VAL S 84 25.90 -9.17 -48.12
CA VAL S 84 25.93 -10.29 -49.06
C VAL S 84 27.27 -10.34 -49.79
N ALA S 85 27.87 -9.19 -50.10
CA ALA S 85 29.17 -9.18 -50.75
C ALA S 85 30.27 -9.67 -49.82
N LEU S 86 30.22 -9.28 -48.54
CA LEU S 86 31.21 -9.73 -47.59
C LEU S 86 31.08 -11.22 -47.30
N VAL S 87 29.85 -11.71 -47.14
CA VAL S 87 29.63 -13.14 -46.90
C VAL S 87 30.01 -13.96 -48.12
N GLY S 88 29.68 -13.46 -49.32
CA GLY S 88 30.02 -14.19 -50.52
C GLY S 88 31.50 -14.21 -50.82
N ARG S 89 32.18 -13.08 -50.58
CA ARG S 89 33.63 -13.03 -50.71
C ARG S 89 34.31 -13.96 -49.71
N ASN S 90 33.81 -13.97 -48.48
CA ASN S 90 34.43 -14.76 -47.42
C ASN S 90 34.23 -16.25 -47.66
N TRP S 91 33.04 -16.63 -48.11
CA TRP S 91 32.77 -18.02 -48.42
C TRP S 91 33.51 -18.47 -49.67
N TRP S 92 33.66 -17.57 -50.65
CA TRP S 92 34.39 -17.92 -51.86
C TRP S 92 35.88 -18.09 -51.60
N LEU S 93 36.42 -17.25 -50.72
CA LEU S 93 37.83 -17.40 -50.34
C LEU S 93 38.06 -18.65 -49.52
N ARG S 94 37.10 -19.07 -48.68
CA ARG S 94 37.31 -20.36 -48.05
C ARG S 94 37.03 -21.53 -48.96
N ARG S 95 36.24 -21.34 -50.01
CA ARG S 95 36.05 -22.41 -50.98
C ARG S 95 37.28 -22.57 -51.86
N ARG S 96 38.04 -21.50 -52.07
CA ARG S 96 39.29 -21.60 -52.82
C ARG S 96 40.53 -21.52 -51.94
N GLY S 97 40.39 -21.45 -50.62
CA GLY S 97 41.55 -21.45 -49.76
C GLY S 97 42.28 -20.12 -49.69
N TRP S 98 41.54 -19.02 -49.56
CA TRP S 98 42.05 -17.66 -49.43
C TRP S 98 42.93 -17.27 -50.63
N ILE S 99 42.32 -17.29 -51.82
CA ILE S 99 42.99 -16.98 -53.07
C ILE S 99 42.24 -15.86 -53.77
N ARG S 100 42.95 -14.79 -54.10
CA ARG S 100 42.45 -13.56 -54.76
C ARG S 100 41.31 -12.90 -54.00
N CYS T 21 1.66 -8.34 -42.51
CA CYS T 21 0.61 -8.25 -43.51
C CYS T 21 -0.10 -6.90 -43.46
N SER T 22 -0.77 -6.55 -44.55
CA SER T 22 -1.57 -5.34 -44.53
C SER T 22 -2.97 -5.65 -44.01
N PRO T 23 -3.56 -4.75 -43.22
CA PRO T 23 -4.88 -5.03 -42.67
C PRO T 23 -5.95 -4.99 -43.76
N PRO T 24 -6.98 -5.83 -43.65
CA PRO T 24 -7.88 -6.04 -44.80
C PRO T 24 -8.87 -4.93 -45.04
N GLY T 25 -9.23 -4.17 -44.01
CA GLY T 25 -10.25 -3.16 -44.14
C GLY T 25 -9.79 -1.75 -44.42
N GLU T 26 -9.14 -1.51 -45.57
CA GLU T 26 -8.66 -0.19 -45.92
C GLU T 26 -8.78 0.04 -47.43
N THR T 27 -8.37 1.24 -47.85
CA THR T 27 -7.92 1.57 -49.21
C THR T 27 -9.06 1.39 -50.24
N ALA T 28 -10.07 2.25 -50.13
CA ALA T 28 -11.15 2.23 -51.11
C ALA T 28 -11.69 3.65 -51.28
N SER T 29 -11.25 4.33 -52.32
CA SER T 29 -11.71 5.69 -52.62
C SER T 29 -12.83 5.59 -53.66
N SER T 30 -14.07 5.70 -53.17
CA SER T 30 -15.24 5.90 -54.02
C SER T 30 -15.36 7.37 -54.40
N GLU T 31 -16.53 7.78 -54.87
CA GLU T 31 -16.80 9.20 -54.95
C GLU T 31 -16.79 9.76 -53.52
N PRO T 32 -16.10 10.86 -53.28
CA PRO T 32 -15.71 11.20 -51.90
C PRO T 32 -16.82 11.70 -51.00
N GLY T 33 -17.93 10.96 -50.92
CA GLY T 33 -18.93 11.17 -49.90
C GLY T 33 -19.88 12.32 -50.14
N THR T 34 -21.15 12.09 -49.85
CA THR T 34 -22.08 13.19 -49.68
C THR T 34 -21.71 13.96 -48.42
N THR T 35 -22.02 15.24 -48.41
CA THR T 35 -21.85 16.02 -47.20
C THR T 35 -22.87 15.56 -46.17
N PRO T 36 -22.47 15.42 -44.90
CA PRO T 36 -23.34 14.75 -43.92
C PRO T 36 -24.58 15.58 -43.59
N ALA T 37 -25.74 14.97 -43.79
CA ALA T 37 -27.00 15.67 -43.63
C ALA T 37 -27.23 16.01 -42.17
N ILE T 38 -27.71 17.24 -41.94
CA ILE T 38 -27.87 17.95 -40.67
C ILE T 38 -28.45 17.08 -39.56
N TRP T 39 -27.81 17.10 -38.39
CA TRP T 39 -28.12 16.13 -37.35
C TRP T 39 -29.44 16.44 -36.67
N THR T 40 -30.52 15.94 -37.25
CA THR T 40 -31.84 16.03 -36.62
C THR T 40 -31.86 15.00 -35.50
N GLY T 41 -31.37 15.41 -34.34
CA GLY T 41 -31.13 14.48 -33.26
C GLY T 41 -32.44 14.00 -32.63
N SER T 42 -32.58 12.68 -32.51
CA SER T 42 -33.76 12.09 -31.91
C SER T 42 -33.84 12.44 -30.43
N PRO T 43 -35.07 12.45 -29.84
CA PRO T 43 -35.18 12.71 -28.39
C PRO T 43 -34.64 11.57 -27.55
N SER T 44 -34.70 11.69 -26.23
CA SER T 44 -33.95 10.81 -25.35
C SER T 44 -34.82 9.90 -24.50
N PRO T 45 -34.97 8.59 -24.86
CA PRO T 45 -35.48 7.59 -23.91
C PRO T 45 -34.42 7.01 -22.99
N ALA T 46 -33.58 7.87 -22.43
CA ALA T 46 -32.81 7.58 -21.23
C ALA T 46 -33.43 8.23 -20.01
N ALA T 47 -33.90 9.46 -20.16
CA ALA T 47 -34.69 10.21 -19.19
C ALA T 47 -36.07 9.60 -19.00
N PRO T 48 -36.59 8.83 -20.00
CA PRO T 48 -38.04 8.54 -20.08
C PRO T 48 -38.69 7.74 -18.95
N SER T 49 -37.97 7.43 -17.87
CA SER T 49 -38.58 6.86 -16.67
C SER T 49 -39.27 7.97 -15.87
N GLY T 50 -40.38 8.45 -16.43
CA GLY T 50 -41.18 9.51 -15.84
C GLY T 50 -42.17 10.08 -16.83
N GLU T 51 -43.39 10.34 -16.38
CA GLU T 51 -44.46 10.85 -17.25
C GLU T 51 -44.91 12.20 -16.74
N ASP T 52 -44.78 13.22 -17.60
CA ASP T 52 -45.14 14.59 -17.23
C ASP T 52 -46.65 14.73 -17.25
N HIS T 53 -47.25 14.73 -16.07
CA HIS T 53 -48.70 14.92 -15.92
C HIS T 53 -49.05 16.39 -15.93
N GLY T 54 -50.27 16.72 -15.49
CA GLY T 54 -50.69 18.11 -15.41
C GLY T 54 -49.91 18.93 -14.42
N GLY T 55 -49.39 18.29 -13.37
CA GLY T 55 -48.53 18.95 -12.40
C GLY T 55 -48.72 18.37 -11.02
N GLY T 56 -48.02 18.95 -10.06
CA GLY T 56 -48.14 18.54 -8.67
C GLY T 56 -48.39 19.73 -7.75
N HIS T 57 -49.45 19.64 -6.95
CA HIS T 57 -49.84 20.73 -6.06
C HIS T 57 -50.67 20.16 -4.92
N GLY T 58 -51.35 21.03 -4.19
CA GLY T 58 -52.23 20.65 -3.10
C GLY T 58 -53.67 20.63 -3.58
N ALA T 59 -54.40 21.70 -3.28
CA ALA T 59 -55.76 21.96 -3.79
C ALA T 59 -56.74 20.86 -3.38
N GLY T 60 -57.03 20.84 -2.08
CA GLY T 60 -57.88 19.83 -1.48
C GLY T 60 -59.33 19.94 -1.90
N ALA T 61 -59.59 19.59 -3.16
CA ALA T 61 -60.84 19.81 -3.87
C ALA T 61 -61.01 18.65 -4.83
N ALA T 62 -61.81 18.87 -5.89
CA ALA T 62 -62.00 17.86 -6.94
C ALA T 62 -60.68 17.44 -7.60
N GLY T 63 -59.72 18.35 -7.70
CA GLY T 63 -58.39 17.93 -8.15
C GLY T 63 -57.90 18.69 -9.37
N ALA T 64 -56.69 19.24 -9.24
CA ALA T 64 -56.06 20.00 -10.32
C ALA T 64 -54.55 19.99 -10.11
N GLY T 65 -53.83 20.47 -11.13
CA GLY T 65 -52.39 20.60 -11.07
C GLY T 65 -51.95 22.03 -10.80
N GLU T 66 -50.67 22.27 -11.07
CA GLU T 66 -50.07 23.58 -10.83
C GLU T 66 -49.50 24.20 -12.11
N THR T 67 -49.82 23.65 -13.29
CA THR T 67 -49.32 24.18 -14.55
C THR T 67 -50.30 23.81 -15.65
N LEU T 68 -50.87 24.82 -16.30
CA LEU T 68 -51.80 24.60 -17.42
C LEU T 68 -51.72 25.83 -18.31
N THR T 69 -51.02 25.70 -19.43
CA THR T 69 -50.77 26.83 -20.32
C THR T 69 -51.94 27.00 -21.29
N ALA T 70 -51.75 27.84 -22.31
CA ALA T 70 -52.79 28.09 -23.31
C ALA T 70 -52.11 28.52 -24.60
N GLU T 71 -52.81 28.28 -25.71
CA GLU T 71 -52.33 28.64 -27.05
C GLU T 71 -53.39 29.54 -27.70
N LEU T 72 -53.08 30.82 -27.80
CA LEU T 72 -54.01 31.79 -28.38
C LEU T 72 -54.06 31.62 -29.88
N LYS T 73 -55.25 31.28 -30.40
CA LYS T 73 -55.45 31.05 -31.82
C LYS T 73 -56.19 32.23 -32.45
N THR T 74 -55.85 32.51 -33.69
CA THR T 74 -56.44 33.61 -34.45
C THR T 74 -57.59 33.08 -35.31
N ALA T 75 -58.07 33.93 -36.21
CA ALA T 75 -59.18 33.57 -37.09
C ALA T 75 -58.76 32.70 -38.28
N ASP T 76 -57.47 32.42 -38.43
CA ASP T 76 -56.98 31.55 -39.49
C ASP T 76 -56.39 30.26 -38.95
N GLY T 77 -56.53 30.00 -37.65
CA GLY T 77 -55.96 28.82 -37.03
C GLY T 77 -54.53 28.97 -36.56
N THR T 78 -53.87 30.08 -36.86
CA THR T 78 -52.49 30.28 -36.48
C THR T 78 -52.41 30.86 -35.07
N SER T 79 -51.29 30.59 -34.40
CA SER T 79 -51.07 31.07 -33.05
C SER T 79 -50.62 32.52 -33.07
N VAL T 80 -51.16 33.31 -32.15
CA VAL T 80 -50.82 34.72 -32.01
C VAL T 80 -50.05 34.98 -30.73
N ALA T 81 -50.54 34.48 -29.60
CA ALA T 81 -49.89 34.63 -28.31
C ALA T 81 -49.93 33.28 -27.60
N THR T 82 -49.53 33.27 -26.33
CA THR T 82 -49.53 32.04 -25.53
C THR T 82 -49.69 32.43 -24.07
N ALA T 83 -50.75 31.94 -23.44
CA ALA T 83 -51.02 32.23 -22.04
C ALA T 83 -50.64 31.04 -21.17
N ASP T 84 -50.43 31.33 -19.89
CA ASP T 84 -50.16 30.29 -18.89
C ASP T 84 -50.77 30.76 -17.58
N PHE T 85 -51.89 30.15 -17.19
CA PHE T 85 -52.59 30.50 -15.96
C PHE T 85 -52.64 29.29 -15.04
N GLN T 86 -52.19 29.47 -13.80
CA GLN T 86 -52.13 28.35 -12.87
C GLN T 86 -52.14 28.88 -11.44
N PHE T 87 -52.68 28.06 -10.54
CA PHE T 87 -52.70 28.38 -9.11
C PHE T 87 -51.46 27.81 -8.45
N ALA T 88 -50.70 28.67 -7.78
CA ALA T 88 -49.44 28.29 -7.16
C ALA T 88 -49.48 28.36 -5.64
N ASP T 89 -49.83 29.52 -5.08
CA ASP T 89 -49.83 29.72 -3.63
C ASP T 89 -51.07 30.50 -3.21
N GLY T 90 -52.22 30.11 -3.76
CA GLY T 90 -53.44 30.86 -3.52
C GLY T 90 -53.58 32.11 -4.35
N PHE T 91 -52.74 32.27 -5.37
CA PHE T 91 -52.79 33.42 -6.27
C PHE T 91 -52.63 32.92 -7.69
N ALA T 92 -53.64 33.16 -8.52
CA ALA T 92 -53.64 32.65 -9.90
C ALA T 92 -52.64 33.45 -10.72
N THR T 93 -51.48 32.85 -10.97
CA THR T 93 -50.47 33.49 -11.79
C THR T 93 -50.80 33.28 -13.26
N VAL T 94 -50.88 34.39 -14.01
CA VAL T 94 -51.17 34.36 -15.44
C VAL T 94 -50.07 35.11 -16.16
N THR T 95 -49.34 34.41 -17.01
CA THR T 95 -48.28 35.00 -17.82
C THR T 95 -48.66 34.83 -19.29
N ILE T 96 -48.81 35.96 -19.99
CA ILE T 96 -49.17 35.97 -21.41
C ILE T 96 -47.97 36.47 -22.19
N GLU T 97 -47.35 35.57 -22.96
CA GLU T 97 -46.21 35.90 -23.79
C GLU T 97 -46.62 35.88 -25.26
N THR T 98 -45.73 36.40 -26.10
CA THR T 98 -46.00 36.43 -27.53
C THR T 98 -45.62 35.10 -28.18
N THR T 99 -46.24 34.83 -29.32
CA THR T 99 -45.96 33.63 -30.10
C THR T 99 -45.47 33.95 -31.50
N THR T 100 -46.07 34.93 -32.16
CA THR T 100 -45.68 35.32 -33.50
C THR T 100 -44.96 36.67 -33.49
N PRO T 101 -44.17 36.97 -34.52
CA PRO T 101 -43.45 38.25 -34.55
C PRO T 101 -44.34 39.40 -35.00
N GLY T 102 -45.26 39.13 -35.91
CA GLY T 102 -46.10 40.17 -36.49
C GLY T 102 -47.59 39.93 -36.37
N ARG T 103 -48.02 39.43 -35.22
CA ARG T 103 -49.45 39.15 -35.02
C ARG T 103 -50.19 40.39 -34.50
N LEU T 104 -49.76 40.92 -33.36
CA LEU T 104 -50.43 42.06 -32.76
C LEU T 104 -50.09 43.35 -33.51
N THR T 105 -50.91 44.37 -33.27
CA THR T 105 -50.72 45.67 -33.91
C THR T 105 -49.95 46.60 -32.98
N PRO T 106 -49.49 47.74 -33.49
CA PRO T 106 -48.71 48.68 -32.66
C PRO T 106 -49.58 49.47 -31.68
N GLY T 107 -49.87 48.84 -30.55
CA GLY T 107 -50.67 49.48 -29.53
C GLY T 107 -50.83 48.57 -28.34
N PHE T 108 -51.63 49.03 -27.38
CA PHE T 108 -51.91 48.24 -26.18
C PHE T 108 -53.04 47.26 -26.45
N HIS T 109 -52.90 46.05 -25.91
CA HIS T 109 -53.90 45.00 -26.07
C HIS T 109 -54.54 44.69 -24.73
N GLY T 110 -55.84 44.44 -24.76
CA GLY T 110 -56.59 44.17 -23.54
C GLY T 110 -56.92 42.71 -23.34
N VAL T 111 -56.29 42.09 -22.35
CA VAL T 111 -56.54 40.69 -22.03
C VAL T 111 -57.86 40.58 -21.28
N HIS T 112 -58.67 39.60 -21.65
CA HIS T 112 -59.95 39.38 -21.00
C HIS T 112 -60.26 37.89 -21.00
N ILE T 113 -60.69 37.37 -19.86
CA ILE T 113 -61.04 35.96 -19.76
C ILE T 113 -62.49 35.78 -20.19
N HIS T 114 -62.71 34.89 -21.15
CA HIS T 114 -64.03 34.56 -21.66
C HIS T 114 -64.54 33.28 -21.00
N SER T 115 -65.86 33.21 -20.84
CA SER T 115 -66.47 32.12 -20.07
C SER T 115 -66.42 30.80 -20.83
N VAL T 116 -66.74 30.81 -22.11
CA VAL T 116 -66.63 29.63 -22.95
C VAL T 116 -65.29 29.62 -23.64
N GLY T 117 -64.69 28.44 -23.77
CA GLY T 117 -63.36 28.28 -24.29
C GLY T 117 -63.25 28.01 -25.78
N LYS T 118 -64.34 28.12 -26.52
CA LYS T 118 -64.29 27.85 -27.96
C LYS T 118 -63.63 29.02 -28.68
N CYS T 119 -62.50 28.75 -29.31
CA CYS T 119 -61.81 29.75 -30.13
C CYS T 119 -62.21 29.61 -31.59
N GLU T 120 -63.51 29.71 -31.83
CA GLU T 120 -64.06 29.52 -33.17
C GLU T 120 -63.83 30.78 -34.01
N ALA T 121 -63.84 30.58 -35.34
CA ALA T 121 -63.64 31.70 -36.25
C ALA T 121 -64.86 32.61 -36.30
N ASN T 122 -66.06 32.03 -36.19
CA ASN T 122 -67.29 32.82 -36.21
C ASN T 122 -68.34 32.04 -35.41
N SER T 123 -68.59 32.47 -34.19
CA SER T 123 -69.58 31.82 -33.34
C SER T 123 -70.18 32.84 -32.38
N VAL T 124 -71.44 32.60 -32.01
CA VAL T 124 -72.16 33.47 -31.08
C VAL T 124 -73.08 32.61 -30.22
N ALA T 125 -72.93 32.70 -28.91
CA ALA T 125 -73.75 31.92 -28.00
C ALA T 125 -75.17 32.50 -27.95
N PRO T 126 -75.31 33.82 -27.88
CA PRO T 126 -76.66 34.41 -27.89
C PRO T 126 -77.11 34.73 -29.31
N THR T 127 -78.33 35.24 -29.45
CA THR T 127 -78.87 35.61 -30.76
C THR T 127 -78.27 36.97 -31.15
N GLY T 128 -77.36 36.95 -32.13
CA GLY T 128 -76.73 38.17 -32.56
C GLY T 128 -75.68 37.89 -33.63
N GLY T 129 -74.97 38.94 -34.00
CA GLY T 129 -73.93 38.81 -35.01
C GLY T 129 -72.70 38.14 -34.43
N ALA T 130 -72.26 37.06 -35.07
CA ALA T 130 -71.11 36.30 -34.61
C ALA T 130 -69.83 37.05 -34.92
N PRO T 131 -69.18 37.66 -33.91
CA PRO T 131 -67.93 38.38 -34.17
C PRO T 131 -66.72 37.46 -34.10
N GLY T 132 -65.53 38.02 -34.28
CA GLY T 132 -64.31 37.23 -34.21
C GLY T 132 -64.02 36.84 -32.77
N ASP T 133 -63.89 35.54 -32.51
CA ASP T 133 -63.60 34.95 -31.19
C ASP T 133 -64.65 35.36 -30.15
N PHE T 134 -65.91 35.43 -30.58
CA PHE T 134 -67.02 35.79 -29.70
C PHE T 134 -67.89 34.60 -29.36
N ASN T 135 -67.29 33.42 -29.17
CA ASN T 135 -68.03 32.22 -28.83
C ASN T 135 -68.34 32.11 -27.34
N SER T 136 -68.02 33.13 -26.55
CA SER T 136 -68.31 33.10 -25.13
C SER T 136 -69.80 33.31 -24.88
N ALA T 137 -70.26 32.84 -23.72
CA ALA T 137 -71.64 33.03 -23.31
C ALA T 137 -71.78 34.29 -22.45
N GLY T 138 -71.34 35.41 -23.04
CA GLY T 138 -71.31 36.70 -22.39
C GLY T 138 -69.94 37.33 -22.54
N GLY T 139 -69.56 38.13 -21.55
CA GLY T 139 -68.30 38.84 -21.59
C GLY T 139 -67.23 38.24 -20.70
N HIS T 140 -67.03 38.84 -19.53
CA HIS T 140 -65.95 38.44 -18.64
C HIS T 140 -66.27 37.12 -17.94
N PHE T 141 -65.24 36.28 -17.81
CA PHE T 141 -65.36 35.01 -17.07
C PHE T 141 -65.19 35.31 -15.58
N GLN T 142 -66.27 35.78 -14.98
CA GLN T 142 -66.28 36.10 -13.56
C GLN T 142 -66.59 34.84 -12.75
N VAL T 143 -66.88 35.02 -11.47
CA VAL T 143 -67.28 33.91 -10.60
C VAL T 143 -68.72 33.52 -10.92
N SER T 144 -69.17 32.39 -10.41
CA SER T 144 -70.52 31.91 -10.66
C SER T 144 -71.60 32.73 -9.97
N GLY T 145 -71.23 33.58 -9.01
CA GLY T 145 -72.19 34.45 -8.35
C GLY T 145 -71.86 35.92 -8.52
N HIS T 146 -70.78 36.21 -9.23
CA HIS T 146 -70.32 37.58 -9.43
C HIS T 146 -70.73 38.10 -10.79
N SER T 147 -71.25 39.33 -10.81
CA SER T 147 -71.65 39.98 -12.06
C SER T 147 -71.32 41.46 -12.12
N GLY T 148 -70.66 42.03 -11.11
CA GLY T 148 -70.46 43.45 -11.02
C GLY T 148 -69.06 43.94 -11.38
N HIS T 149 -68.23 44.13 -10.36
CA HIS T 149 -66.94 44.81 -10.45
C HIS T 149 -65.88 43.97 -11.16
N PRO T 150 -64.63 44.48 -11.24
CA PRO T 150 -63.61 43.82 -12.05
C PRO T 150 -63.11 42.50 -11.46
N ALA T 151 -63.85 41.43 -11.73
CA ALA T 151 -63.51 40.09 -11.28
C ALA T 151 -62.46 39.44 -12.16
N SER T 152 -62.30 38.13 -12.05
CA SER T 152 -61.24 37.38 -12.75
C SER T 152 -61.39 37.36 -14.26
N GLY T 153 -62.54 37.78 -14.80
CA GLY T 153 -62.68 37.86 -16.25
C GLY T 153 -61.85 38.99 -16.85
N ASP T 154 -61.90 40.17 -16.24
CA ASP T 154 -61.07 41.28 -16.69
C ASP T 154 -59.62 41.06 -16.26
N LEU T 155 -58.70 41.44 -17.13
CA LEU T 155 -57.28 41.27 -16.88
C LEU T 155 -56.54 42.54 -17.27
N SER T 156 -55.26 42.58 -16.89
CA SER T 156 -54.41 43.73 -17.19
C SER T 156 -53.99 43.72 -18.66
N SER T 157 -53.31 44.78 -19.06
CA SER T 157 -52.95 44.96 -20.46
C SER T 157 -51.65 44.24 -20.79
N LEU T 158 -51.60 43.69 -22.00
CA LEU T 158 -50.39 43.12 -22.58
C LEU T 158 -50.07 43.93 -23.83
N GLN T 159 -49.38 45.06 -23.64
CA GLN T 159 -49.19 46.03 -24.71
C GLN T 159 -48.14 45.55 -25.70
N VAL T 160 -48.36 45.88 -26.97
CA VAL T 160 -47.46 45.51 -28.06
C VAL T 160 -46.77 46.77 -28.55
N ARG T 161 -45.45 46.80 -28.44
CA ARG T 161 -44.64 47.92 -28.90
C ARG T 161 -44.34 47.76 -30.38
N ALA T 162 -43.38 48.54 -30.88
CA ALA T 162 -42.99 48.46 -32.29
C ALA T 162 -42.28 47.16 -32.65
N ASP T 163 -41.77 46.43 -31.66
CA ASP T 163 -41.19 45.13 -31.93
C ASP T 163 -42.25 44.07 -32.20
N GLY T 164 -43.48 44.28 -31.75
CA GLY T 164 -44.55 43.34 -31.99
C GLY T 164 -44.58 42.19 -31.02
N SER T 165 -44.53 42.49 -29.73
CA SER T 165 -44.55 41.48 -28.68
C SER T 165 -45.29 42.02 -27.47
N GLY T 166 -46.25 41.24 -26.98
CA GLY T 166 -46.99 41.61 -25.79
C GLY T 166 -46.84 40.61 -24.66
N LYS T 167 -46.18 41.02 -23.59
CA LYS T 167 -45.92 40.16 -22.44
C LYS T 167 -46.53 40.80 -21.20
N LEU T 168 -47.23 40.00 -20.39
CA LEU T 168 -47.84 40.49 -19.17
C LEU T 168 -47.91 39.34 -18.18
N VAL T 169 -47.18 39.46 -17.08
CA VAL T 169 -47.19 38.46 -16.01
C VAL T 169 -47.80 39.11 -14.78
N THR T 170 -48.94 38.57 -14.34
CA THR T 170 -49.67 39.11 -13.20
C THR T 170 -50.12 37.97 -12.29
N THR T 171 -50.61 38.35 -11.12
CA THR T 171 -51.10 37.40 -10.12
C THR T 171 -52.48 37.86 -9.64
N THR T 172 -53.52 37.27 -10.21
CA THR T 172 -54.90 37.57 -9.82
C THR T 172 -55.40 36.44 -8.92
N ASP T 173 -55.76 36.78 -7.69
CA ASP T 173 -56.25 35.82 -6.72
C ASP T 173 -57.77 35.73 -6.68
N ALA T 174 -58.45 36.23 -7.72
CA ALA T 174 -59.91 36.19 -7.75
C ALA T 174 -60.40 34.78 -8.05
N PHE T 175 -59.75 34.09 -8.98
CA PHE T 175 -60.05 32.70 -9.31
C PHE T 175 -58.84 31.83 -8.95
N THR T 176 -59.00 30.53 -9.17
CA THR T 176 -57.93 29.57 -8.90
C THR T 176 -58.06 28.41 -9.89
N ALA T 177 -57.37 27.31 -9.59
CA ALA T 177 -57.46 26.13 -10.43
C ALA T 177 -58.79 25.40 -10.27
N GLU T 178 -59.49 25.62 -9.16
CA GLU T 178 -60.80 25.01 -8.95
C GLU T 178 -61.91 25.79 -9.63
N ASP T 179 -61.65 27.01 -10.08
CA ASP T 179 -62.65 27.83 -10.76
C ASP T 179 -62.50 27.80 -12.28
N LEU T 180 -61.30 27.53 -12.79
CA LEU T 180 -61.10 27.47 -14.23
C LEU T 180 -61.49 26.11 -14.81
N LEU T 181 -61.60 25.08 -13.99
CA LEU T 181 -62.05 23.77 -14.43
C LEU T 181 -63.55 23.59 -14.15
N ASP T 182 -64.35 24.42 -14.80
CA ASP T 182 -65.79 24.45 -14.59
C ASP T 182 -66.47 23.47 -15.55
N GLY T 183 -67.80 23.55 -15.63
CA GLY T 183 -68.53 22.74 -16.59
C GLY T 183 -68.29 23.16 -18.02
N ALA T 184 -68.07 24.45 -18.25
CA ALA T 184 -67.63 24.98 -19.53
C ALA T 184 -66.24 25.56 -19.34
N LYS T 185 -65.29 25.13 -20.17
CA LYS T 185 -63.92 25.61 -20.06
C LYS T 185 -63.83 27.07 -20.49
N THR T 186 -62.90 27.79 -19.87
CA THR T 186 -62.75 29.22 -20.10
C THR T 186 -61.71 29.47 -21.20
N ALA T 187 -61.47 30.74 -21.50
CA ALA T 187 -60.47 31.12 -22.48
C ALA T 187 -59.88 32.46 -22.11
N ILE T 188 -58.76 32.81 -22.75
CA ILE T 188 -58.14 34.11 -22.62
C ILE T 188 -58.08 34.73 -24.02
N ILE T 189 -58.58 35.96 -24.14
CA ILE T 189 -58.70 36.63 -25.43
C ILE T 189 -58.05 38.01 -25.35
N ILE T 190 -57.64 38.50 -26.52
CA ILE T 190 -57.06 39.82 -26.69
C ILE T 190 -57.60 40.42 -27.97
N HIS T 191 -58.16 41.63 -27.87
CA HIS T 191 -58.76 42.32 -29.00
C HIS T 191 -57.70 43.17 -29.71
N GLU T 192 -58.14 44.03 -30.62
CA GLU T 192 -57.24 44.92 -31.34
C GLU T 192 -56.99 46.23 -30.60
N LYS T 193 -57.72 46.49 -29.51
CA LYS T 193 -57.59 47.72 -28.73
C LYS T 193 -57.16 47.37 -27.31
N ALA T 194 -57.11 48.40 -26.47
CA ALA T 194 -56.62 48.27 -25.10
C ALA T 194 -57.76 47.85 -24.16
N ASP T 195 -57.48 47.84 -22.87
CA ASP T 195 -58.45 47.45 -21.85
C ASP T 195 -58.92 48.69 -21.11
N ASN T 196 -60.21 49.01 -21.24
CA ASN T 196 -60.80 50.16 -20.57
C ASN T 196 -61.43 49.76 -19.23
N PHE T 197 -62.40 48.85 -19.27
CA PHE T 197 -63.13 48.32 -18.11
C PHE T 197 -63.81 49.44 -17.30
N ALA T 198 -64.69 50.16 -18.00
CA ALA T 198 -65.49 51.28 -17.47
C ALA T 198 -64.61 52.37 -16.86
N ASN T 199 -63.77 52.95 -17.71
CA ASN T 199 -62.85 54.02 -17.31
C ASN T 199 -63.35 55.39 -17.75
N ILE T 200 -64.66 55.59 -17.76
CA ILE T 200 -65.27 56.85 -18.15
C ILE T 200 -65.68 57.60 -16.88
N PRO T 201 -65.11 58.77 -16.61
CA PRO T 201 -65.50 59.51 -15.40
C PRO T 201 -66.82 60.24 -15.62
N PRO T 202 -67.72 60.18 -14.65
CA PRO T 202 -69.03 60.82 -14.80
C PRO T 202 -69.08 62.31 -14.48
N GLU T 203 -67.94 62.96 -14.29
CA GLU T 203 -67.93 64.38 -13.93
C GLU T 203 -67.73 65.28 -15.15
N ARG T 204 -67.22 64.76 -16.25
CA ARG T 204 -67.00 65.59 -17.44
C ARG T 204 -67.56 64.94 -18.69
N TYR T 205 -67.69 63.61 -18.69
CA TYR T 205 -68.17 62.89 -19.85
C TYR T 205 -69.70 62.88 -19.86
N GLN T 206 -70.25 62.30 -20.93
CA GLN T 206 -71.69 62.19 -21.10
C GLN T 206 -71.99 61.00 -22.02
N GLN T 207 -73.22 60.51 -21.92
CA GLN T 207 -73.69 59.40 -22.74
C GLN T 207 -74.54 59.91 -23.91
N VAL T 208 -74.91 58.98 -24.79
CA VAL T 208 -75.76 59.34 -25.92
C VAL T 208 -77.18 59.60 -25.47
N ASN T 209 -77.61 58.97 -24.37
CA ASN T 209 -78.90 59.23 -23.77
C ASN T 209 -78.84 60.27 -22.66
N GLY T 210 -77.72 60.98 -22.53
CA GLY T 210 -77.56 61.97 -21.49
C GLY T 210 -77.27 61.43 -20.11
N ALA T 211 -76.97 60.13 -19.99
CA ALA T 211 -76.72 59.52 -18.70
C ALA T 211 -75.34 59.87 -18.19
N PRO T 212 -75.17 60.00 -16.87
CA PRO T 212 -73.85 60.29 -16.31
C PRO T 212 -72.99 59.04 -16.21
N GLY T 213 -73.61 57.90 -15.95
CA GLY T 213 -72.88 56.66 -15.77
C GLY T 213 -72.55 56.00 -17.09
N PRO T 214 -71.85 54.87 -17.00
CA PRO T 214 -71.43 54.15 -18.22
C PRO T 214 -72.45 53.12 -18.66
N ASP T 215 -72.16 52.44 -19.76
CA ASP T 215 -73.05 51.42 -20.29
C ASP T 215 -72.82 50.08 -19.60
N GLN T 216 -73.80 49.19 -19.71
CA GLN T 216 -73.69 47.87 -19.11
C GLN T 216 -72.74 46.97 -19.90
N THR T 217 -72.65 47.18 -21.22
CA THR T 217 -71.67 46.43 -22.02
C THR T 217 -70.25 46.85 -21.70
N THR T 218 -70.04 48.13 -21.35
CA THR T 218 -68.74 48.59 -20.89
C THR T 218 -68.47 48.19 -19.44
N MET T 219 -69.50 47.80 -18.70
CA MET T 219 -69.32 47.30 -17.34
C MET T 219 -69.06 45.80 -17.31
N ALA T 220 -69.57 45.06 -18.31
CA ALA T 220 -69.30 43.63 -18.37
C ALA T 220 -67.88 43.35 -18.82
N THR T 221 -67.44 43.99 -19.90
CA THR T 221 -66.08 43.86 -20.40
C THR T 221 -65.58 45.24 -20.81
N GLY T 222 -64.29 45.31 -21.14
CA GLY T 222 -63.69 46.58 -21.49
C GLY T 222 -64.11 47.07 -22.86
N ASP T 223 -63.84 48.36 -23.10
CA ASP T 223 -64.16 48.99 -24.37
C ASP T 223 -63.01 48.74 -25.34
N ALA T 224 -63.22 47.84 -26.29
CA ALA T 224 -62.21 47.50 -27.28
C ALA T 224 -62.91 47.18 -28.60
N GLY T 225 -62.14 46.66 -29.55
CA GLY T 225 -62.70 46.25 -30.83
C GLY T 225 -63.12 44.80 -30.83
N SER T 226 -62.96 44.13 -31.97
CA SER T 226 -63.25 42.71 -32.05
C SER T 226 -62.08 41.90 -31.51
N ARG T 227 -62.39 40.75 -30.92
CA ARG T 227 -61.38 39.90 -30.33
C ARG T 227 -60.54 39.25 -31.42
N VAL T 228 -59.25 39.57 -31.46
CA VAL T 228 -58.36 39.05 -32.48
C VAL T 228 -57.81 37.68 -32.10
N ALA T 229 -57.21 37.56 -30.91
CA ALA T 229 -56.63 36.31 -30.46
C ALA T 229 -57.45 35.73 -29.32
N CYS T 230 -57.51 34.41 -29.27
CA CYS T 230 -58.24 33.71 -28.21
C CYS T 230 -57.67 32.31 -28.06
N GLY T 231 -57.53 31.87 -26.81
CA GLY T 231 -57.02 30.55 -26.54
C GLY T 231 -57.64 29.91 -25.32
N VAL T 232 -58.03 28.63 -25.45
CA VAL T 232 -58.62 27.90 -24.33
C VAL T 232 -57.53 27.61 -23.30
N ILE T 233 -57.89 27.73 -22.03
CA ILE T 233 -56.92 27.61 -20.93
C ILE T 233 -56.89 26.17 -20.41
N SER T 234 -57.44 25.24 -21.18
CA SER T 234 -57.44 23.83 -20.79
C SER T 234 -56.20 23.15 -21.36
N ALA T 235 -55.05 23.58 -20.82
CA ALA T 235 -53.70 23.08 -21.17
C ALA T 235 -53.42 23.20 -22.67
N GLY T 236 -53.72 24.37 -23.22
CA GLY T 236 -53.53 24.63 -24.64
C GLY T 236 -52.09 24.95 -25.00
N CYS U 24 18.94 14.18 -46.52
CA CYS U 24 18.01 13.94 -47.62
C CYS U 24 16.87 14.93 -47.57
N SER U 25 16.61 15.46 -46.38
CA SER U 25 15.52 16.42 -46.17
C SER U 25 15.88 17.82 -46.62
N ALA U 26 17.12 18.05 -47.06
CA ALA U 26 17.60 19.40 -47.34
C ALA U 26 16.88 20.07 -48.49
N GLY U 27 17.08 19.61 -49.71
CA GLY U 27 16.51 20.36 -50.80
C GLY U 27 15.24 19.93 -51.49
N GLN U 28 15.26 18.77 -52.16
CA GLN U 28 14.52 18.63 -53.42
C GLN U 28 13.01 18.55 -53.22
N ILE U 29 12.55 17.70 -52.32
CA ILE U 29 11.17 17.80 -51.87
C ILE U 29 11.24 18.28 -50.43
N SER U 30 11.19 19.59 -50.25
CA SER U 30 11.34 20.19 -48.94
C SER U 30 10.01 20.24 -48.23
N GLN U 31 10.05 20.18 -46.89
CA GLN U 31 8.86 20.33 -46.08
C GLN U 31 8.58 21.78 -45.71
N THR U 32 9.17 22.74 -46.41
CA THR U 32 8.94 24.16 -46.19
C THR U 32 8.42 24.90 -47.40
N THR U 33 9.05 24.72 -48.56
CA THR U 33 8.59 25.41 -49.76
C THR U 33 7.49 24.66 -50.50
N THR U 34 7.27 23.39 -50.17
CA THR U 34 6.07 22.69 -50.63
C THR U 34 4.96 22.79 -49.60
N GLN U 35 4.64 24.01 -49.19
CA GLN U 35 3.67 24.25 -48.14
C GLN U 35 2.63 25.26 -48.58
N GLU U 36 1.58 25.34 -47.79
CA GLU U 36 0.48 26.27 -47.84
C GLU U 36 0.60 27.24 -46.66
N PRO U 37 0.15 28.48 -46.81
CA PRO U 37 0.15 29.39 -45.66
C PRO U 37 -0.95 29.03 -44.70
N ALA U 38 -0.68 29.23 -43.41
CA ALA U 38 -1.65 28.94 -42.35
C ALA U 38 -2.71 30.03 -42.36
N VAL U 39 -3.64 29.91 -43.31
CA VAL U 39 -4.69 30.90 -43.51
C VAL U 39 -5.89 30.15 -44.06
N ASN U 40 -7.05 30.81 -44.03
CA ASN U 40 -8.31 30.12 -44.29
C ASN U 40 -8.57 29.89 -45.77
N GLY U 41 -8.56 30.97 -46.57
CA GLY U 41 -8.99 30.87 -47.95
C GLY U 41 -8.02 30.11 -48.82
N VAL U 42 -8.53 29.61 -49.95
CA VAL U 42 -7.68 28.78 -50.81
C VAL U 42 -6.85 29.70 -51.70
N ASN U 43 -5.86 29.12 -52.36
CA ASN U 43 -5.09 29.78 -53.39
C ASN U 43 -5.52 29.25 -54.76
N ALA U 44 -5.10 29.96 -55.81
CA ALA U 44 -5.34 29.49 -57.17
C ALA U 44 -4.26 30.08 -58.07
N GLN U 45 -3.27 29.27 -58.42
CA GLN U 45 -2.19 29.71 -59.29
C GLN U 45 -2.60 29.74 -60.76
N ALA U 46 -3.67 29.05 -61.13
CA ALA U 46 -4.02 28.83 -62.52
C ALA U 46 -4.79 30.02 -63.09
N GLY U 47 -4.77 30.12 -64.42
CA GLY U 47 -5.45 31.18 -65.12
C GLY U 47 -4.69 32.48 -65.23
N GLN U 48 -3.37 32.47 -64.97
CA GLN U 48 -2.42 33.57 -65.10
C GLN U 48 -2.65 34.69 -64.09
N VAL U 49 -3.74 34.65 -63.33
CA VAL U 49 -3.96 35.56 -62.22
C VAL U 49 -3.59 34.84 -60.94
N SER U 50 -2.59 35.37 -60.26
CA SER U 50 -2.17 34.84 -58.97
C SER U 50 -3.22 35.19 -57.93
N LEU U 51 -4.01 34.20 -57.54
CA LEU U 51 -5.25 34.37 -56.76
C LEU U 51 -5.04 33.72 -55.40
N ARG U 52 -4.74 34.52 -54.38
CA ARG U 52 -4.41 34.00 -53.07
C ARG U 52 -5.42 34.44 -52.01
N ASN U 53 -5.62 33.55 -51.04
CA ASN U 53 -6.50 33.71 -49.88
C ASN U 53 -7.89 34.20 -50.27
N VAL U 54 -8.57 33.37 -51.04
CA VAL U 54 -9.97 33.63 -51.32
C VAL U 54 -10.82 32.85 -50.32
N HIS U 55 -11.68 33.58 -49.62
CA HIS U 55 -12.55 33.03 -48.58
C HIS U 55 -13.87 33.77 -48.63
N LEU U 56 -14.84 33.28 -47.86
CA LEU U 56 -16.13 33.94 -47.71
C LEU U 56 -16.28 34.39 -46.27
N ARG U 57 -16.25 35.70 -46.04
CA ARG U 57 -16.63 36.23 -44.74
C ARG U 57 -18.14 36.13 -44.61
N ALA U 58 -18.58 35.29 -43.67
CA ALA U 58 -19.98 35.00 -43.45
C ALA U 58 -20.20 34.80 -41.95
N PRO U 59 -20.78 35.80 -41.26
CA PRO U 59 -21.18 35.59 -39.86
C PRO U 59 -22.28 34.54 -39.77
N GLN U 60 -21.94 33.40 -39.18
CA GLN U 60 -22.72 32.18 -39.28
C GLN U 60 -23.56 32.05 -38.02
N GLN U 61 -24.87 32.26 -38.17
CA GLN U 61 -25.77 32.47 -37.04
C GLN U 61 -26.44 31.18 -36.56
N THR U 62 -26.68 30.23 -37.45
CA THR U 62 -27.52 29.07 -37.20
C THR U 62 -26.73 27.87 -37.74
N ASP U 63 -27.44 26.79 -38.08
CA ASP U 63 -26.82 25.66 -38.77
C ASP U 63 -26.20 26.12 -40.07
N TYR U 64 -27.05 26.53 -40.99
CA TYR U 64 -26.65 27.17 -42.22
C TYR U 64 -26.91 28.66 -42.12
N VAL U 65 -26.21 29.43 -42.94
CA VAL U 65 -26.61 30.81 -43.17
C VAL U 65 -27.74 30.78 -44.18
N GLU U 66 -28.87 31.39 -43.82
CA GLU U 66 -30.09 31.28 -44.60
C GLU U 66 -29.94 31.97 -45.96
N PRO U 67 -30.73 31.55 -46.96
CA PRO U 67 -30.69 32.24 -48.26
C PRO U 67 -31.17 33.68 -48.18
N GLY U 68 -30.65 34.50 -49.09
CA GLY U 68 -30.92 35.91 -49.09
C GLY U 68 -29.95 36.75 -48.28
N THR U 69 -29.18 36.14 -47.39
CA THR U 69 -28.22 36.86 -46.59
C THR U 69 -27.00 37.23 -47.43
N THR U 70 -26.57 38.49 -47.35
CA THR U 70 -25.48 39.01 -48.15
C THR U 70 -24.16 38.75 -47.43
N VAL U 71 -23.33 37.86 -47.99
CA VAL U 71 -22.05 37.56 -47.36
C VAL U 71 -20.93 37.75 -48.38
N GLU U 72 -19.74 38.14 -47.91
CA GLU U 72 -18.79 38.83 -48.78
C GLU U 72 -17.59 37.96 -49.13
N LEU U 73 -17.24 37.95 -50.42
CA LEU U 73 -16.15 37.14 -50.95
C LEU U 73 -14.87 37.96 -51.00
N LEU U 74 -13.76 37.39 -50.51
CA LEU U 74 -12.51 38.11 -50.38
C LEU U 74 -11.39 37.33 -51.05
N PHE U 75 -10.50 38.07 -51.72
CA PHE U 75 -9.28 37.50 -52.29
C PHE U 75 -8.28 38.61 -52.52
N VAL U 76 -7.13 38.25 -53.08
CA VAL U 76 -6.30 39.18 -53.83
C VAL U 76 -6.22 38.59 -55.22
N ALA U 77 -5.92 39.44 -56.19
CA ALA U 77 -5.70 38.98 -57.56
C ALA U 77 -4.39 39.58 -58.04
N ALA U 78 -3.29 38.93 -57.71
CA ALA U 78 -1.98 39.39 -58.15
C ALA U 78 -1.76 39.01 -59.60
N ASN U 79 -0.96 39.82 -60.29
CA ASN U 79 -0.74 39.65 -61.71
C ASN U 79 0.70 39.21 -61.95
N ASP U 80 0.89 38.25 -62.85
CA ASP U 80 2.20 37.71 -63.17
C ASP U 80 2.49 38.05 -64.64
N SER U 81 3.02 39.25 -64.87
CA SER U 81 3.29 39.72 -66.21
C SER U 81 4.79 39.72 -66.52
N SER U 85 -1.26 42.41 -68.86
CA SER U 85 -2.05 42.75 -67.68
C SER U 85 -3.44 42.12 -67.75
N ASN U 86 -3.77 41.31 -66.74
CA ASN U 86 -5.07 40.67 -66.64
C ASN U 86 -5.84 41.32 -65.51
N LYS U 87 -6.95 41.97 -65.87
CA LYS U 87 -7.63 42.88 -64.96
C LYS U 87 -9.15 42.84 -65.04
N LEU U 88 -9.74 41.95 -65.85
CA LEU U 88 -11.08 42.19 -66.37
C LEU U 88 -12.16 41.90 -65.33
N LYS U 89 -12.12 40.70 -64.72
CA LYS U 89 -13.10 40.23 -63.73
C LYS U 89 -14.53 40.23 -64.30
N SER U 90 -14.75 39.31 -65.24
CA SER U 90 -15.96 39.28 -66.06
C SER U 90 -17.25 39.11 -65.25
N ILE U 91 -17.46 37.94 -64.67
CA ILE U 91 -18.63 37.75 -63.80
C ILE U 91 -18.20 37.12 -62.47
N THR U 92 -17.43 36.02 -62.53
CA THR U 92 -16.96 35.23 -61.39
C THR U 92 -18.13 34.76 -60.51
N SER U 93 -19.02 33.97 -61.13
CA SER U 93 -20.24 33.53 -60.46
C SER U 93 -20.48 32.06 -60.74
N ASP U 94 -20.70 31.29 -59.67
CA ASP U 94 -21.22 29.93 -59.79
C ASP U 94 -22.59 29.81 -59.14
N VAL U 95 -22.72 30.20 -57.88
CA VAL U 95 -24.00 30.24 -57.19
C VAL U 95 -23.97 31.42 -56.21
N GLY U 96 -25.04 32.19 -56.19
CA GLY U 96 -25.20 33.25 -55.22
C GLY U 96 -25.20 34.68 -55.74
N GLU U 97 -25.28 34.88 -57.05
CA GLU U 97 -25.51 36.19 -57.69
C GLU U 97 -24.44 37.20 -57.31
N VAL U 98 -23.21 36.92 -57.76
CA VAL U 98 -22.06 37.71 -57.33
C VAL U 98 -22.10 39.07 -58.02
N THR U 99 -22.08 40.13 -57.21
CA THR U 99 -21.94 41.49 -57.73
C THR U 99 -20.49 41.94 -57.56
N LEU U 100 -20.16 43.04 -58.22
CA LEU U 100 -18.79 43.54 -58.27
C LEU U 100 -18.81 45.06 -58.12
N THR U 101 -17.69 45.68 -58.42
CA THR U 101 -17.53 47.13 -58.37
C THR U 101 -16.67 47.55 -59.56
N GLY U 102 -17.02 48.68 -60.18
CA GLY U 102 -16.38 49.17 -61.40
C GLY U 102 -14.91 49.54 -61.26
N ASP U 103 -14.37 49.59 -60.04
CA ASP U 103 -12.95 49.84 -59.83
C ASP U 103 -12.17 48.52 -59.83
N SER U 104 -12.33 47.78 -60.92
CA SER U 104 -11.85 46.41 -61.00
C SER U 104 -10.66 46.23 -61.92
N THR U 105 -10.31 47.23 -62.71
CA THR U 105 -9.21 47.12 -63.67
C THR U 105 -7.88 47.57 -63.07
N VAL U 106 -7.60 47.08 -61.87
CA VAL U 106 -6.40 47.43 -61.10
C VAL U 106 -5.13 46.68 -61.52
N PRO U 107 -5.08 45.29 -61.64
CA PRO U 107 -3.77 44.62 -61.68
C PRO U 107 -3.05 44.81 -63.00
N ALA U 108 -2.00 45.63 -62.97
CA ALA U 108 -1.01 45.70 -64.04
C ALA U 108 0.33 45.40 -63.38
N ASP U 109 0.63 44.10 -63.26
CA ASP U 109 1.66 43.55 -62.38
C ASP U 109 1.49 44.09 -60.96
N GLY U 110 0.30 43.85 -60.42
CA GLY U 110 -0.06 44.38 -59.11
C GLY U 110 -1.18 43.59 -58.48
N VAL U 111 -1.59 44.04 -57.30
CA VAL U 111 -2.60 43.34 -56.53
C VAL U 111 -3.99 43.88 -56.88
N LEU U 112 -5.01 43.13 -56.49
CA LEU U 112 -6.40 43.57 -56.49
C LEU U 112 -6.94 43.19 -55.11
N ILE U 113 -6.82 44.09 -54.15
CA ILE U 113 -7.36 43.83 -52.82
C ILE U 113 -8.85 44.12 -52.85
N VAL U 114 -9.66 43.12 -52.52
CA VAL U 114 -11.10 43.15 -52.74
C VAL U 114 -11.77 44.08 -51.74
N GLY U 115 -11.72 43.72 -50.46
CA GLY U 115 -12.22 44.55 -49.39
C GLY U 115 -11.32 44.31 -48.21
N GLU U 116 -11.72 44.74 -47.02
CA GLU U 116 -10.98 44.34 -45.83
C GLU U 116 -11.37 42.93 -45.42
N PRO U 117 -10.45 41.95 -45.47
CA PRO U 117 -10.83 40.61 -45.01
C PRO U 117 -11.09 40.54 -43.52
N ASP U 118 -10.07 40.85 -42.70
CA ASP U 118 -10.12 40.63 -41.26
C ASP U 118 -9.10 41.57 -40.61
N GLY U 119 -9.56 42.70 -40.09
CA GLY U 119 -8.69 43.63 -39.43
C GLY U 119 -7.78 44.43 -40.35
N GLN U 120 -8.06 44.43 -41.65
CA GLN U 120 -7.31 45.25 -42.60
C GLN U 120 -7.80 46.69 -42.49
N ILE U 121 -7.17 47.45 -41.61
CA ILE U 121 -7.50 48.86 -41.44
C ILE U 121 -6.52 49.70 -42.26
N GLN U 122 -7.06 50.62 -43.05
CA GLN U 122 -6.28 51.50 -43.90
C GLN U 122 -7.10 52.73 -44.31
N ALA U 132 -11.42 48.22 -52.42
CA ALA U 132 -12.57 49.10 -52.64
C ALA U 132 -13.58 48.44 -53.57
N VAL U 133 -13.50 47.13 -53.68
CA VAL U 133 -14.35 46.35 -54.58
C VAL U 133 -15.22 45.45 -53.69
N THR U 134 -16.46 45.88 -53.43
CA THR U 134 -17.31 45.07 -52.57
C THR U 134 -17.87 43.86 -53.32
N ALA U 135 -17.11 42.78 -53.35
CA ALA U 135 -17.55 41.51 -53.92
C ALA U 135 -18.33 40.74 -52.87
N GLU U 136 -19.59 40.42 -53.17
CA GLU U 136 -20.47 39.83 -52.19
C GLU U 136 -21.55 39.02 -52.91
N VAL U 137 -22.09 38.02 -52.20
CA VAL U 137 -23.04 37.09 -52.78
C VAL U 137 -24.37 37.17 -52.03
N GLU U 138 -25.45 37.02 -52.80
CA GLU U 138 -26.81 36.86 -52.30
C GLU U 138 -27.18 35.40 -52.49
N LEU U 139 -27.17 34.65 -51.38
CA LEU U 139 -26.89 33.20 -51.38
C LEU U 139 -27.84 32.40 -52.25
N THR U 140 -29.15 32.45 -51.95
CA THR U 140 -30.21 31.63 -52.55
C THR U 140 -29.90 30.13 -52.44
N LYS U 141 -29.14 29.73 -51.41
CA LYS U 141 -28.75 28.37 -51.08
C LYS U 141 -28.15 28.40 -49.67
N PRO U 142 -28.55 27.48 -48.80
CA PRO U 142 -28.03 27.51 -47.42
C PRO U 142 -26.58 27.05 -47.37
N ILE U 143 -25.72 27.89 -46.78
CA ILE U 143 -24.30 27.60 -46.66
C ILE U 143 -23.90 27.65 -45.19
N THR U 144 -22.96 26.79 -44.81
CA THR U 144 -22.47 26.74 -43.44
C THR U 144 -20.95 26.77 -43.44
N ASN U 145 -20.39 27.00 -42.27
CA ASN U 145 -18.95 27.02 -42.13
C ASN U 145 -18.43 25.61 -41.95
N GLY U 146 -17.21 25.39 -42.45
CA GLY U 146 -16.61 24.08 -42.49
C GLY U 146 -16.74 23.40 -43.83
N LEU U 147 -17.62 23.87 -44.71
CA LEU U 147 -17.77 23.28 -46.02
C LEU U 147 -16.87 23.98 -47.03
N LEU U 148 -16.86 23.46 -48.25
CA LEU U 148 -16.18 24.06 -49.40
C LEU U 148 -17.21 24.22 -50.50
N TYR U 149 -17.24 25.40 -51.11
CA TYR U 149 -18.22 25.73 -52.13
C TYR U 149 -17.50 26.12 -53.41
N ASP U 150 -17.90 25.50 -54.52
CA ASP U 150 -17.24 25.71 -55.81
C ASP U 150 -17.64 27.07 -56.36
N PHE U 151 -16.71 28.02 -56.34
CA PHE U 151 -16.87 29.26 -57.09
C PHE U 151 -15.95 29.25 -58.31
N THR U 152 -16.47 29.76 -59.42
CA THR U 152 -15.75 29.77 -60.69
C THR U 152 -15.35 31.20 -61.00
N PHE U 153 -14.08 31.54 -60.79
CA PHE U 153 -13.54 32.85 -61.12
C PHE U 153 -13.13 32.85 -62.58
N THR U 154 -13.80 33.66 -63.38
CA THR U 154 -13.46 33.82 -64.78
C THR U 154 -12.69 35.12 -65.00
N PHE U 155 -11.71 35.07 -65.92
CA PHE U 155 -10.86 36.21 -66.20
C PHE U 155 -10.81 36.47 -67.69
N GLU U 156 -9.91 37.36 -68.11
CA GLU U 156 -9.63 37.49 -69.54
C GLU U 156 -8.93 36.24 -70.08
N ASP U 157 -8.10 35.59 -69.25
CA ASP U 157 -7.32 34.44 -69.69
C ASP U 157 -8.05 33.12 -69.51
N GLY U 158 -8.82 32.97 -68.43
CA GLY U 158 -9.53 31.73 -68.22
C GLY U 158 -10.30 31.76 -66.92
N GLU U 159 -10.81 30.59 -66.55
CA GLU U 159 -11.59 30.43 -65.32
C GLU U 159 -11.02 29.30 -64.48
N THR U 160 -11.17 29.44 -63.17
CA THR U 160 -10.73 28.44 -62.20
C THR U 160 -11.83 28.19 -61.18
N THR U 161 -12.07 26.91 -60.89
CA THR U 161 -12.92 26.52 -59.76
C THR U 161 -12.03 26.33 -58.54
N VAL U 162 -12.41 26.94 -57.43
CA VAL U 162 -11.50 27.08 -56.31
C VAL U 162 -11.91 26.29 -55.07
N ALA U 163 -13.20 25.95 -54.92
CA ALA U 163 -13.78 25.33 -53.72
C ALA U 163 -13.47 26.17 -52.47
N VAL U 164 -14.08 27.35 -52.47
CA VAL U 164 -13.78 28.42 -51.50
C VAL U 164 -14.32 28.02 -50.12
N PRO U 165 -13.65 28.38 -49.03
CA PRO U 165 -14.20 28.09 -47.71
C PRO U 165 -14.98 29.26 -47.13
N ILE U 166 -15.65 28.98 -46.02
CA ILE U 166 -16.19 30.00 -45.14
C ILE U 166 -15.14 30.33 -44.10
N SER U 167 -14.93 31.61 -43.85
CA SER U 167 -13.90 32.04 -42.92
C SER U 167 -14.44 33.11 -41.99
N ALA U 168 -13.66 33.36 -40.94
CA ALA U 168 -13.87 34.47 -40.02
C ALA U 168 -12.59 34.68 -39.22
N GLY U 169 -12.08 35.91 -39.24
CA GLY U 169 -11.07 36.34 -38.29
C GLY U 169 -11.79 37.23 -37.29
N GLU U 170 -12.97 36.76 -36.90
CA GLU U 170 -13.98 37.53 -36.18
C GLU U 170 -13.55 37.65 -34.72
N GLN U 171 -14.40 38.25 -33.88
CA GLN U 171 -14.40 38.16 -32.43
C GLN U 171 -14.48 36.69 -31.99
N PRO U 172 -14.15 36.34 -30.70
CA PRO U 172 -14.31 34.94 -30.26
C PRO U 172 -15.74 34.44 -30.29
N ARG U 173 -15.94 33.16 -29.98
CA ARG U 173 -17.19 32.47 -30.23
C ARG U 173 -18.33 33.11 -29.46
N ARG U 174 -19.51 33.13 -30.09
CA ARG U 174 -20.68 33.65 -29.42
C ARG U 174 -21.04 32.74 -28.25
N PRO U 175 -21.48 33.31 -27.13
CA PRO U 175 -21.53 32.54 -25.86
C PRO U 175 -22.55 31.42 -25.92
N VAL U 176 -22.06 30.19 -25.79
CA VAL U 176 -22.94 29.02 -25.75
C VAL U 176 -23.72 29.04 -24.44
N PRO U 177 -24.98 28.61 -24.43
CA PRO U 177 -25.71 28.52 -23.16
C PRO U 177 -25.16 27.39 -22.31
N PRO U 178 -24.77 27.68 -21.07
CA PRO U 178 -24.24 26.63 -20.19
C PRO U 178 -25.32 25.64 -19.82
N ALA U 179 -25.04 24.36 -20.03
CA ALA U 179 -26.03 23.31 -19.90
C ALA U 179 -26.37 23.03 -18.44
N GLY U 180 -27.66 22.84 -18.19
CA GLY U 180 -28.10 22.40 -16.88
C GLY U 180 -27.68 20.95 -16.66
N PRO U 181 -27.14 20.67 -15.48
CA PRO U 181 -26.64 19.31 -15.20
C PRO U 181 -27.80 18.32 -15.04
N GLY U 182 -27.68 17.18 -15.72
CA GLY U 182 -28.69 16.15 -15.66
C GLY U 182 -29.39 15.91 -16.99
N ASP V 4 36.26 -1.02 32.69
CA ASP V 4 34.84 -1.32 32.49
C ASP V 4 34.46 -1.20 31.02
N PHE V 5 35.45 -1.26 30.14
CA PHE V 5 35.23 -1.22 28.70
C PHE V 5 35.76 -2.44 27.98
N ALA V 6 36.85 -3.04 28.46
CA ALA V 6 37.30 -4.33 27.98
C ALA V 6 36.88 -5.48 28.86
N LYS V 7 36.71 -5.24 30.17
CA LYS V 7 36.22 -6.28 31.06
C LYS V 7 34.75 -6.58 30.78
N LEU V 8 33.95 -5.55 30.51
CA LEU V 8 32.56 -5.79 30.17
C LEU V 8 32.42 -6.42 28.79
N ALA V 9 33.36 -6.11 27.88
CA ALA V 9 33.38 -6.77 26.59
C ALA V 9 33.72 -8.25 26.74
N ALA V 10 34.65 -8.58 27.64
CA ALA V 10 34.98 -9.98 27.89
C ALA V 10 33.83 -10.70 28.59
N ALA V 11 33.14 -10.01 29.50
CA ALA V 11 32.02 -10.63 30.22
C ALA V 11 30.85 -10.88 29.28
N GLN V 12 30.51 -9.92 28.42
CA GLN V 12 29.43 -10.13 27.48
C GLN V 12 29.82 -11.12 26.38
N GLY V 13 31.11 -11.18 26.03
CA GLY V 13 31.54 -12.20 25.08
C GLY V 13 31.48 -13.59 25.66
N ASP V 14 31.83 -13.76 26.93
CA ASP V 14 31.66 -15.06 27.57
C ASP V 14 30.19 -15.37 27.80
N ALA V 15 29.34 -14.34 27.93
CA ALA V 15 27.91 -14.58 27.97
C ALA V 15 27.38 -15.09 26.63
N ILE V 16 27.82 -14.48 25.53
CA ILE V 16 27.41 -14.94 24.20
C ILE V 16 27.93 -16.35 23.93
N ASP V 17 29.17 -16.63 24.34
CA ASP V 17 29.70 -17.98 24.21
C ASP V 17 29.11 -18.95 25.22
N SER V 18 28.42 -18.47 26.25
CA SER V 18 27.76 -19.34 27.19
C SER V 18 26.37 -19.74 26.71
N ARG V 19 25.60 -18.77 26.24
CA ARG V 19 24.25 -19.03 25.77
C ARG V 19 24.29 -19.88 24.51
N TYR V 20 24.99 -19.39 23.50
CA TYR V 20 25.13 -20.02 22.21
C TYR V 20 26.49 -20.67 22.20
N HIS V 21 26.86 -21.30 21.09
CA HIS V 21 28.23 -21.74 20.89
C HIS V 21 28.78 -21.22 19.55
N PRO V 22 28.81 -19.90 19.35
CA PRO V 22 28.94 -19.38 17.99
C PRO V 22 30.35 -19.39 17.44
N SER V 23 31.37 -19.47 18.30
CA SER V 23 32.73 -19.06 17.93
C SER V 23 33.34 -19.93 16.84
N ALA V 24 32.91 -21.19 16.73
CA ALA V 24 33.30 -21.99 15.58
C ALA V 24 32.79 -21.35 14.29
N ALA V 25 31.47 -21.27 14.16
CA ALA V 25 30.82 -20.70 12.99
C ALA V 25 30.85 -19.17 12.97
N VAL V 26 31.66 -18.53 13.79
CA VAL V 26 32.06 -17.14 13.58
C VAL V 26 33.48 -17.07 13.06
N ARG V 27 34.36 -17.94 13.56
CA ARG V 27 35.73 -18.00 13.04
C ARG V 27 35.76 -18.51 11.60
N ARG V 28 34.82 -19.39 11.24
CA ARG V 28 34.70 -19.80 9.84
C ARG V 28 34.31 -18.63 8.95
N GLN V 29 33.61 -17.64 9.50
CA GLN V 29 33.11 -16.51 8.74
C GLN V 29 34.17 -15.41 8.61
N LEU V 30 34.77 -15.02 9.72
CA LEU V 30 35.73 -13.92 9.69
C LEU V 30 37.16 -14.39 9.48
N ASN V 31 37.36 -15.62 9.01
CA ASN V 31 38.57 -15.99 8.31
C ASN V 31 38.31 -16.29 6.84
N LYS V 32 37.11 -16.03 6.34
CA LYS V 32 36.84 -16.25 4.93
C LYS V 32 37.55 -15.18 4.10
N VAL V 33 38.15 -15.60 3.01
CA VAL V 33 38.97 -14.73 2.19
C VAL V 33 38.18 -14.26 0.99
N PHE V 34 38.11 -12.95 0.80
CA PHE V 34 37.64 -12.46 -0.47
C PHE V 34 38.79 -11.85 -1.24
N PRO V 35 38.85 -12.09 -2.55
CA PRO V 35 39.93 -11.50 -3.34
C PRO V 35 39.70 -10.02 -3.56
N THR V 36 40.81 -9.30 -3.73
CA THR V 36 40.81 -7.84 -3.70
C THR V 36 40.82 -7.22 -5.10
N HIS V 37 40.34 -7.94 -6.10
CA HIS V 37 40.22 -7.30 -7.40
C HIS V 37 39.05 -6.32 -7.37
N TRP V 38 39.19 -5.24 -8.15
CA TRP V 38 38.28 -4.11 -8.02
C TRP V 38 36.89 -4.44 -8.55
N SER V 39 36.84 -5.24 -9.61
CA SER V 39 35.58 -5.63 -10.23
C SER V 39 34.72 -6.48 -9.32
N PHE V 40 35.34 -7.14 -8.35
CA PHE V 40 34.63 -7.90 -7.33
C PHE V 40 33.93 -7.01 -6.32
N LEU V 41 34.01 -5.69 -6.46
CA LEU V 41 33.17 -4.80 -5.68
C LEU V 41 31.92 -4.36 -6.44
N LEU V 42 31.85 -4.63 -7.75
CA LEU V 42 30.82 -4.02 -8.60
C LEU V 42 29.43 -4.46 -8.22
N GLY V 43 29.23 -5.77 -8.03
CA GLY V 43 27.95 -6.28 -7.58
C GLY V 43 27.58 -5.82 -6.19
N GLU V 44 28.58 -5.46 -5.38
CA GLU V 44 28.28 -4.88 -4.08
C GLU V 44 27.52 -3.58 -4.21
N ILE V 45 27.76 -2.81 -5.28
CA ILE V 45 26.98 -1.62 -5.54
C ILE V 45 25.51 -1.97 -5.70
N ALA V 46 25.23 -3.06 -6.43
CA ALA V 46 23.87 -3.56 -6.57
C ALA V 46 23.30 -4.03 -5.25
N LEU V 47 24.15 -4.41 -4.30
CA LEU V 47 23.68 -4.59 -2.95
C LEU V 47 23.57 -3.26 -2.24
N TYR V 48 24.59 -2.42 -2.35
CA TYR V 48 24.74 -1.30 -1.44
C TYR V 48 23.80 -0.16 -1.77
N SER V 49 23.31 -0.10 -2.99
CA SER V 49 22.23 0.82 -3.30
C SER V 49 20.88 0.25 -2.94
N PHE V 50 20.75 -1.08 -2.98
CA PHE V 50 19.47 -1.74 -2.72
C PHE V 50 19.02 -1.53 -1.29
N ILE V 51 19.96 -1.58 -0.34
CA ILE V 51 19.65 -1.25 1.04
C ILE V 51 19.17 0.18 1.15
N ILE V 52 19.77 1.08 0.36
CA ILE V 52 19.28 2.46 0.25
C ILE V 52 17.85 2.47 -0.25
N LEU V 53 17.55 1.60 -1.22
CA LEU V 53 16.20 1.48 -1.73
C LEU V 53 15.22 0.96 -0.69
N LEU V 54 15.70 0.28 0.35
CA LEU V 54 14.80 0.02 1.46
C LEU V 54 14.77 1.22 2.41
N LEU V 55 15.94 1.77 2.73
CA LEU V 55 16.01 2.78 3.78
C LEU V 55 15.38 4.09 3.36
N THR V 56 15.39 4.39 2.07
CA THR V 56 14.53 5.45 1.56
C THR V 56 13.11 4.93 1.39
N GLY V 57 12.98 3.73 0.84
CA GLY V 57 11.70 3.30 0.30
C GLY V 57 10.65 3.05 1.36
N VAL V 58 11.07 2.47 2.50
CA VAL V 58 10.23 2.37 3.69
C VAL V 58 9.70 3.74 4.09
N TRP V 59 10.59 4.74 4.09
CA TRP V 59 10.20 6.12 4.37
C TRP V 59 9.19 6.63 3.35
N LEU V 60 9.32 6.20 2.10
CA LEU V 60 8.36 6.63 1.10
C LEU V 60 7.05 5.87 1.21
N THR V 61 7.01 4.76 1.94
CA THR V 61 5.74 4.04 2.06
C THR V 61 4.79 4.74 3.01
N LEU V 62 5.31 5.35 4.07
CA LEU V 62 4.46 5.95 5.09
C LEU V 62 4.10 7.40 4.78
N PHE V 63 4.23 7.82 3.52
CA PHE V 63 3.62 9.05 3.05
C PHE V 63 2.84 8.89 1.76
N PHE V 64 3.10 7.85 0.98
CA PHE V 64 2.45 7.68 -0.31
C PHE V 64 1.08 7.03 -0.12
N ASP V 65 0.07 7.58 -0.79
CA ASP V 65 -1.30 7.07 -0.75
C ASP V 65 -1.68 6.69 -2.17
N PRO V 66 -1.66 5.42 -2.52
CA PRO V 66 -2.10 5.03 -3.86
C PRO V 66 -3.62 5.04 -3.96
N SER V 67 -4.11 5.53 -5.09
CA SER V 67 -5.52 5.51 -5.41
C SER V 67 -5.66 5.89 -6.88
N MET V 68 -6.89 5.89 -7.35
CA MET V 68 -7.25 6.62 -8.55
C MET V 68 -8.49 7.46 -8.30
N ALA V 69 -8.86 7.66 -7.04
CA ALA V 69 -9.95 8.55 -6.70
C ALA V 69 -9.54 9.99 -6.98
N HIS V 70 -10.34 10.69 -7.76
CA HIS V 70 -9.92 11.92 -8.40
C HIS V 70 -10.14 13.09 -7.46
N VAL V 71 -9.05 13.70 -7.02
CA VAL V 71 -9.03 14.74 -6.01
C VAL V 71 -8.51 16.01 -6.68
N THR V 72 -9.08 17.15 -6.32
CA THR V 72 -8.48 18.43 -6.63
C THR V 72 -7.39 18.73 -5.61
N TYR V 73 -6.33 19.39 -6.05
CA TYR V 73 -5.08 19.45 -5.30
C TYR V 73 -5.19 20.20 -3.98
N ASP V 74 -5.47 21.51 -4.07
CA ASP V 74 -5.75 22.38 -2.92
C ASP V 74 -4.63 22.33 -1.88
N GLY V 75 -3.40 22.36 -2.36
CA GLY V 75 -2.25 22.28 -1.49
C GLY V 75 -1.37 23.50 -1.62
N VAL V 76 -0.10 23.30 -1.95
CA VAL V 76 0.87 24.39 -2.01
C VAL V 76 1.34 24.66 -3.44
N TYR V 77 1.47 23.61 -4.26
CA TYR V 77 2.05 23.74 -5.59
C TYR V 77 1.09 24.49 -6.51
N GLN V 78 1.50 25.69 -6.93
CA GLN V 78 0.60 26.59 -7.65
C GLN V 78 0.23 26.18 -9.07
N PRO V 79 1.12 25.67 -9.95
CA PRO V 79 0.64 25.26 -11.28
C PRO V 79 -0.22 24.02 -11.31
N LEU V 80 -0.54 23.40 -10.19
CA LEU V 80 -1.51 22.33 -10.12
C LEU V 80 -2.46 22.67 -8.98
N ARG V 81 -3.48 23.47 -9.27
CA ARG V 81 -4.48 23.81 -8.26
C ARG V 81 -5.85 23.73 -8.88
N GLY V 82 -6.72 22.93 -8.26
CA GLY V 82 -8.03 22.70 -8.83
C GLY V 82 -8.04 21.75 -9.99
N VAL V 83 -6.91 21.11 -10.29
CA VAL V 83 -6.80 20.18 -11.40
C VAL V 83 -7.07 18.77 -10.88
N GLN V 84 -7.81 17.99 -11.67
CA GLN V 84 -8.12 16.62 -11.29
C GLN V 84 -6.86 15.78 -11.29
N MET V 85 -6.59 15.09 -10.18
CA MET V 85 -5.45 14.21 -10.13
C MET V 85 -5.79 12.98 -9.30
N SER V 86 -5.16 11.87 -9.65
CA SER V 86 -5.26 10.70 -8.81
C SER V 86 -4.55 10.96 -7.50
N ARG V 87 -5.01 10.30 -6.45
CA ARG V 87 -4.48 10.57 -5.12
C ARG V 87 -3.07 10.00 -4.96
N ALA V 88 -2.68 9.05 -5.82
CA ALA V 88 -1.28 8.65 -5.92
C ALA V 88 -0.42 9.84 -6.30
N TYR V 89 -0.82 10.57 -7.34
CA TYR V 89 -0.10 11.74 -7.76
C TYR V 89 -0.21 12.87 -6.74
N GLU V 90 -1.34 12.97 -6.04
CA GLU V 90 -1.51 14.04 -5.07
C GLU V 90 -0.62 13.84 -3.85
N THR V 91 -0.54 12.62 -3.34
CA THR V 91 0.36 12.41 -2.21
C THR V 91 1.81 12.22 -2.63
N ALA V 92 2.08 11.94 -3.90
CA ALA V 92 3.46 12.03 -4.36
C ALA V 92 3.89 13.49 -4.48
N LEU V 93 2.99 14.37 -4.88
CA LEU V 93 3.22 15.81 -4.76
C LEU V 93 3.38 16.23 -3.30
N ASP V 94 2.67 15.58 -2.38
CA ASP V 94 2.85 15.88 -0.96
C ASP V 94 4.20 15.38 -0.44
N ILE V 95 4.70 14.27 -0.96
CA ILE V 95 6.07 13.85 -0.64
C ILE V 95 7.06 14.86 -1.19
N SER V 96 6.77 15.41 -2.37
CA SER V 96 7.69 16.35 -2.98
C SER V 96 7.73 17.69 -2.26
N PHE V 97 6.59 18.19 -1.80
CA PHE V 97 6.52 19.57 -1.35
C PHE V 97 6.09 19.78 0.09
N GLU V 98 5.34 18.88 0.70
CA GLU V 98 4.91 19.12 2.07
C GLU V 98 5.99 18.77 3.07
N VAL V 99 6.47 17.53 3.03
CA VAL V 99 7.26 16.99 4.12
C VAL V 99 8.70 17.47 4.04
N ARG V 100 9.29 17.70 5.21
CA ARG V 100 10.63 18.24 5.33
C ARG V 100 11.65 17.22 4.85
N GLY V 101 12.39 17.59 3.82
CA GLY V 101 13.35 16.66 3.22
C GLY V 101 12.67 15.52 2.53
N GLY V 102 11.59 15.79 1.81
CA GLY V 102 10.84 14.72 1.21
C GLY V 102 11.20 14.51 -0.24
N LEU V 103 11.35 15.63 -0.95
CA LEU V 103 11.82 15.60 -2.32
C LEU V 103 13.22 15.01 -2.40
N PHE V 104 14.06 15.29 -1.41
CA PHE V 104 15.38 14.68 -1.40
C PHE V 104 15.30 13.18 -1.19
N VAL V 105 14.45 12.69 -0.30
CA VAL V 105 14.43 11.25 -0.04
C VAL V 105 13.84 10.52 -1.23
N ARG V 106 12.80 11.08 -1.86
CA ARG V 106 12.28 10.40 -3.05
C ARG V 106 13.22 10.53 -4.24
N GLN V 107 14.01 11.60 -4.34
CA GLN V 107 14.99 11.70 -5.43
C GLN V 107 16.14 10.75 -5.22
N VAL V 108 16.69 10.67 -4.00
CA VAL V 108 17.77 9.72 -3.74
C VAL V 108 17.25 8.31 -3.79
N HIS V 109 15.94 8.12 -3.62
CA HIS V 109 15.34 6.82 -3.87
C HIS V 109 15.33 6.48 -5.35
N HIS V 110 14.98 7.45 -6.20
CA HIS V 110 15.00 7.17 -7.64
C HIS V 110 16.42 6.99 -8.16
N TRP V 111 17.37 7.78 -7.63
CA TRP V 111 18.76 7.62 -8.04
C TRP V 111 19.37 6.34 -7.51
N ALA V 112 18.93 5.88 -6.34
CA ALA V 112 19.35 4.58 -5.86
C ALA V 112 18.75 3.48 -6.72
N ALA V 113 17.56 3.70 -7.25
CA ALA V 113 16.99 2.74 -8.20
C ALA V 113 17.78 2.72 -9.50
N LEU V 114 18.26 3.88 -9.95
CA LEU V 114 19.06 3.90 -11.18
C LEU V 114 20.42 3.25 -10.95
N MET V 115 21.08 3.55 -9.83
CA MET V 115 22.36 2.92 -9.53
C MET V 115 22.20 1.44 -9.30
N PHE V 116 21.06 1.02 -8.76
CA PHE V 116 20.74 -0.39 -8.60
C PHE V 116 20.63 -1.07 -9.95
N ALA V 117 19.69 -0.62 -10.79
CA ALA V 117 19.46 -1.29 -12.06
C ALA V 117 20.57 -1.03 -13.09
N ALA V 118 21.50 -0.13 -12.82
CA ALA V 118 22.67 0.03 -13.66
C ALA V 118 23.85 -0.77 -13.16
N SER V 119 24.02 -0.90 -11.85
CA SER V 119 25.10 -1.71 -11.33
C SER V 119 24.81 -3.19 -11.48
N ILE V 120 23.53 -3.56 -11.56
CA ILE V 120 23.19 -4.93 -11.93
C ILE V 120 23.68 -5.23 -13.34
N MET V 121 23.56 -4.25 -14.25
CA MET V 121 24.03 -4.45 -15.61
C MET V 121 25.55 -4.42 -15.69
N VAL V 122 26.20 -3.53 -14.92
CA VAL V 122 27.66 -3.51 -14.85
C VAL V 122 28.19 -4.80 -14.28
N HIS V 123 27.54 -5.32 -13.24
CA HIS V 123 28.02 -6.55 -12.64
C HIS V 123 27.72 -7.76 -13.49
N LEU V 124 26.63 -7.72 -14.27
CA LEU V 124 26.40 -8.78 -15.23
C LEU V 124 27.47 -8.75 -16.32
N ALA V 125 27.92 -7.55 -16.70
CA ALA V 125 29.05 -7.46 -17.62
C ALA V 125 30.31 -8.03 -17.00
N ARG V 126 30.51 -7.80 -15.70
CA ARG V 126 31.69 -8.35 -15.00
C ARG V 126 31.67 -9.87 -15.05
N ILE V 127 30.63 -10.47 -14.49
CA ILE V 127 30.58 -11.91 -14.39
C ILE V 127 30.33 -12.58 -15.72
N PHE V 128 29.87 -11.84 -16.73
CA PHE V 128 29.85 -12.43 -18.06
C PHE V 128 31.27 -12.46 -18.60
N PHE V 129 31.86 -11.29 -18.84
CA PHE V 129 33.10 -11.23 -19.61
C PHE V 129 34.28 -11.85 -18.88
N THR V 130 34.22 -11.91 -17.56
CA THR V 130 35.26 -12.60 -16.82
C THR V 130 34.99 -14.09 -16.68
N GLY V 131 33.82 -14.56 -17.11
CA GLY V 131 33.52 -15.97 -17.07
C GLY V 131 33.29 -16.50 -15.68
N ALA V 132 32.38 -15.85 -14.95
CA ALA V 132 32.10 -16.22 -13.58
C ALA V 132 30.78 -16.97 -13.46
N PHE V 133 30.41 -17.72 -14.48
CA PHE V 133 29.10 -18.33 -14.52
C PHE V 133 29.11 -19.80 -14.90
N ARG V 134 30.26 -20.38 -15.20
CA ARG V 134 30.31 -21.79 -15.56
C ARG V 134 30.29 -22.68 -14.33
N ARG V 135 30.67 -23.96 -14.49
CA ARG V 135 30.17 -25.13 -13.75
C ARG V 135 29.83 -24.97 -12.27
N PRO V 136 30.63 -24.34 -11.40
CA PRO V 136 30.15 -24.16 -10.02
C PRO V 136 28.99 -23.17 -9.89
N ARG V 137 28.84 -22.21 -10.79
CA ARG V 137 28.01 -21.04 -10.47
C ARG V 137 26.97 -20.73 -11.54
N GLU V 138 26.42 -21.73 -12.23
CA GLU V 138 25.40 -21.37 -13.20
C GLU V 138 24.05 -21.11 -12.53
N ALA V 139 23.78 -21.75 -11.38
CA ALA V 139 22.55 -21.43 -10.66
C ALA V 139 22.63 -20.04 -10.05
N ASN V 140 23.84 -19.58 -9.75
CA ASN V 140 24.02 -18.24 -9.25
C ASN V 140 23.76 -17.22 -10.36
N TRP V 141 24.20 -17.55 -11.59
CA TRP V 141 23.83 -16.76 -12.76
C TRP V 141 22.32 -16.72 -12.97
N VAL V 142 21.65 -17.86 -12.78
CA VAL V 142 20.22 -17.92 -13.05
C VAL V 142 19.44 -17.09 -12.04
N ILE V 143 19.79 -17.20 -10.75
CA ILE V 143 19.04 -16.41 -9.78
C ILE V 143 19.45 -14.94 -9.84
N GLY V 144 20.67 -14.62 -10.29
CA GLY V 144 21.00 -13.23 -10.51
C GLY V 144 20.30 -12.65 -11.72
N SER V 145 20.14 -13.46 -12.76
CA SER V 145 19.40 -13.02 -13.95
C SER V 145 17.94 -12.76 -13.63
N LEU V 146 17.31 -13.68 -12.89
CA LEU V 146 15.94 -13.47 -12.43
C LEU V 146 15.84 -12.25 -11.52
N LEU V 147 16.90 -11.99 -10.75
CA LEU V 147 16.96 -10.80 -9.92
C LEU V 147 17.04 -9.53 -10.76
N LEU V 148 17.73 -9.58 -11.90
CA LEU V 148 17.70 -8.47 -12.85
C LEU V 148 16.31 -8.26 -13.43
N ILE V 149 15.61 -9.35 -13.77
CA ILE V 149 14.28 -9.24 -14.35
C ILE V 149 13.33 -8.59 -13.35
N LEU V 150 13.40 -9.04 -12.10
CA LEU V 150 12.56 -8.49 -11.06
C LEU V 150 12.94 -7.06 -10.73
N ALA V 151 14.22 -6.72 -10.83
CA ALA V 151 14.65 -5.33 -10.66
C ALA V 151 14.07 -4.43 -11.73
N MET V 152 14.10 -4.88 -12.98
CA MET V 152 13.60 -4.10 -14.10
C MET V 152 12.09 -3.88 -14.00
N PHE V 153 11.34 -4.98 -13.82
CA PHE V 153 9.89 -4.88 -13.71
C PHE V 153 9.45 -4.15 -12.46
N GLU V 154 10.22 -4.26 -11.39
CA GLU V 154 9.83 -3.63 -10.14
C GLU V 154 10.14 -2.14 -10.15
N GLY V 155 11.23 -1.73 -10.79
CA GLY V 155 11.45 -0.31 -10.99
C GLY V 155 10.43 0.31 -11.91
N PHE V 156 10.01 -0.44 -12.96
CA PHE V 156 8.93 0.04 -13.81
C PHE V 156 7.63 0.17 -13.07
N PHE V 157 7.37 -0.71 -12.10
CA PHE V 157 6.24 -0.50 -11.22
C PHE V 157 6.49 0.69 -10.31
N GLY V 158 7.76 1.00 -10.05
CA GLY V 158 8.16 2.13 -9.23
C GLY V 158 7.90 3.51 -9.74
N TYR V 159 8.45 3.87 -10.90
CA TYR V 159 8.22 5.24 -11.34
C TYR V 159 6.86 5.41 -11.99
N SER V 160 6.12 4.34 -12.20
CA SER V 160 4.73 4.42 -12.58
C SER V 160 3.80 4.46 -11.38
N LEU V 161 4.35 4.44 -10.18
CA LEU V 161 3.50 4.30 -9.01
C LEU V 161 2.83 5.62 -8.64
N PRO V 162 3.48 6.79 -8.68
CA PRO V 162 2.70 7.99 -8.95
C PRO V 162 2.30 7.94 -10.41
N ASP V 163 1.08 8.34 -10.73
CA ASP V 163 0.72 8.38 -12.14
C ASP V 163 0.89 9.81 -12.68
N ASP V 164 2.13 10.24 -12.63
CA ASP V 164 2.59 11.27 -13.55
C ASP V 164 2.46 10.77 -14.98
N LEU V 165 2.05 11.65 -15.89
CA LEU V 165 1.63 11.14 -17.19
C LEU V 165 2.79 10.76 -18.09
N LEU V 166 4.01 11.22 -17.79
CA LEU V 166 5.17 10.71 -18.50
C LEU V 166 5.36 9.22 -18.25
N SER V 167 4.99 8.74 -17.07
CA SER V 167 5.00 7.30 -16.86
C SER V 167 3.63 6.67 -16.97
N GLY V 168 2.56 7.46 -16.92
CA GLY V 168 1.25 6.92 -17.23
C GLY V 168 1.14 6.50 -18.69
N THR V 169 1.73 7.29 -19.59
CA THR V 169 1.84 6.83 -20.97
C THR V 169 2.85 5.70 -21.11
N GLY V 170 3.75 5.53 -20.13
CA GLY V 170 4.59 4.35 -20.11
C GLY V 170 3.82 3.10 -19.73
N ILE V 171 2.83 3.23 -18.86
CA ILE V 171 1.94 2.11 -18.55
C ILE V 171 1.07 1.80 -19.76
N ARG V 172 0.61 2.86 -20.44
CA ARG V 172 -0.25 2.69 -21.61
C ARG V 172 0.50 2.04 -22.76
N ALA V 173 1.76 2.41 -22.95
CA ALA V 173 2.57 1.78 -24.00
C ALA V 173 2.96 0.36 -23.60
N ALA V 174 3.72 0.23 -22.51
CA ALA V 174 4.33 -1.05 -22.18
C ALA V 174 3.32 -2.00 -21.52
N LEU V 175 2.75 -1.59 -20.40
CA LEU V 175 2.02 -2.54 -19.58
C LEU V 175 0.58 -2.76 -20.05
N SER V 176 0.11 -2.01 -21.05
CA SER V 176 -1.24 -2.23 -21.55
C SER V 176 -1.37 -2.31 -23.06
N GLY V 177 -0.33 -1.96 -23.81
CA GLY V 177 -0.40 -2.14 -25.25
C GLY V 177 0.23 -3.46 -25.64
N ILE V 178 1.31 -3.81 -24.94
CA ILE V 178 1.94 -5.10 -25.16
C ILE V 178 1.11 -6.20 -24.50
N THR V 179 0.43 -5.90 -23.41
CA THR V 179 -0.33 -6.92 -22.69
C THR V 179 -1.61 -7.27 -23.43
N MET V 180 -2.30 -6.27 -23.98
CA MET V 180 -3.37 -6.56 -24.93
C MET V 180 -2.82 -7.21 -26.19
N GLY V 181 -1.64 -6.80 -26.62
CA GLY V 181 -1.04 -7.40 -27.79
C GLY V 181 -0.29 -8.68 -27.48
N ILE V 182 -1.02 -9.71 -27.08
CA ILE V 182 -0.52 -11.07 -26.91
C ILE V 182 -1.65 -11.92 -27.50
N PRO V 183 -1.36 -12.92 -28.36
CA PRO V 183 -2.43 -13.51 -29.19
C PRO V 183 -3.59 -14.18 -28.48
N VAL V 184 -3.38 -15.24 -27.73
CA VAL V 184 -4.53 -16.01 -27.26
C VAL V 184 -5.07 -15.45 -25.95
N ILE V 185 -4.19 -15.25 -24.97
CA ILE V 185 -4.65 -14.98 -23.62
C ILE V 185 -4.17 -13.57 -23.26
N GLY V 186 -4.15 -12.69 -24.26
CA GLY V 186 -3.62 -11.37 -24.02
C GLY V 186 -4.57 -10.43 -23.31
N THR V 187 -5.78 -10.35 -23.84
CA THR V 187 -6.81 -9.50 -23.25
C THR V 187 -7.20 -10.01 -21.87
N TRP V 188 -7.14 -11.33 -21.67
CA TRP V 188 -7.49 -11.93 -20.40
C TRP V 188 -6.48 -11.58 -19.32
N MET V 189 -5.18 -11.65 -19.63
CA MET V 189 -4.21 -11.23 -18.63
C MET V 189 -4.16 -9.72 -18.46
N HIS V 190 -4.57 -8.96 -19.47
CA HIS V 190 -4.72 -7.52 -19.30
C HIS V 190 -5.83 -7.19 -18.31
N TRP V 191 -7.01 -7.74 -18.53
CA TRP V 191 -8.14 -7.47 -17.66
C TRP V 191 -8.04 -8.19 -16.32
N ALA V 192 -7.13 -9.15 -16.19
CA ALA V 192 -6.79 -9.67 -14.88
C ALA V 192 -5.79 -8.78 -14.17
N LEU V 193 -4.84 -8.21 -14.89
CA LEU V 193 -3.86 -7.32 -14.29
C LEU V 193 -4.46 -5.99 -13.86
N PHE V 194 -5.45 -5.50 -14.60
CA PHE V 194 -5.98 -4.18 -14.28
C PHE V 194 -7.30 -4.23 -13.54
N GLY V 195 -8.08 -5.28 -13.72
CA GLY V 195 -9.41 -5.34 -13.19
C GLY V 195 -10.44 -4.54 -13.94
N GLY V 196 -10.06 -3.95 -15.07
CA GLY V 196 -10.96 -3.11 -15.83
C GLY V 196 -10.31 -2.59 -17.09
N ASP V 197 -10.54 -1.33 -17.41
CA ASP V 197 -9.92 -0.71 -18.58
C ASP V 197 -8.52 -0.26 -18.19
N PHE V 198 -7.88 0.56 -19.01
CA PHE V 198 -6.53 1.02 -18.66
C PHE V 198 -6.46 1.90 -17.41
N PRO V 199 -7.34 2.93 -17.17
CA PRO V 199 -7.38 3.57 -15.85
C PRO V 199 -8.29 2.80 -14.90
N GLY V 200 -8.17 1.47 -14.90
CA GLY V 200 -8.91 0.67 -13.97
C GLY V 200 -8.44 0.96 -12.56
N GLU V 201 -9.41 1.17 -11.68
CA GLU V 201 -9.22 1.82 -10.40
C GLU V 201 -8.38 1.04 -9.39
N ILE V 202 -7.89 -0.13 -9.77
CA ILE V 202 -7.11 -0.98 -8.87
C ILE V 202 -5.81 -1.36 -9.58
N LEU V 203 -5.32 -0.49 -10.46
CA LEU V 203 -3.98 -0.72 -10.99
C LEU V 203 -2.90 -0.17 -10.07
N ILE V 204 -2.96 1.11 -9.74
CA ILE V 204 -1.93 1.74 -8.90
C ILE V 204 -1.81 1.11 -7.51
N PRO V 205 -2.88 0.75 -6.80
CA PRO V 205 -2.67 -0.02 -5.57
C PRO V 205 -2.14 -1.42 -5.79
N ARG V 206 -2.39 -2.03 -6.94
CA ARG V 206 -1.81 -3.34 -7.20
C ARG V 206 -0.32 -3.21 -7.47
N LEU V 207 0.08 -2.14 -8.15
CA LEU V 207 1.51 -1.89 -8.34
C LEU V 207 2.19 -1.51 -7.03
N TYR V 208 1.48 -0.81 -6.14
CA TYR V 208 2.01 -0.49 -4.82
C TYR V 208 2.16 -1.76 -3.98
N ALA V 209 1.22 -2.69 -4.13
CA ALA V 209 1.31 -3.98 -3.46
C ALA V 209 2.47 -4.81 -3.97
N LEU V 210 2.60 -4.90 -5.29
CA LEU V 210 3.72 -5.61 -5.90
C LEU V 210 5.04 -4.90 -5.69
N HIS V 211 5.01 -3.62 -5.37
CA HIS V 211 6.21 -2.80 -5.40
C HIS V 211 6.80 -2.49 -4.05
N ILE V 212 6.00 -2.45 -2.98
CA ILE V 212 6.60 -2.44 -1.65
C ILE V 212 7.15 -3.81 -1.32
N LEU V 213 6.28 -4.81 -1.30
CA LEU V 213 6.60 -6.11 -0.73
C LEU V 213 6.75 -7.21 -1.77
N LEU V 214 5.78 -7.39 -2.68
CA LEU V 214 5.66 -8.66 -3.36
C LEU V 214 6.79 -8.92 -4.35
N ILE V 215 7.21 -7.92 -5.10
CA ILE V 215 8.44 -8.13 -5.87
C ILE V 215 9.70 -7.90 -5.01
N PRO V 216 9.82 -6.88 -4.15
CA PRO V 216 11.04 -6.82 -3.31
C PRO V 216 11.16 -7.90 -2.26
N GLY V 217 10.09 -8.60 -1.89
CA GLY V 217 10.26 -9.80 -1.10
C GLY V 217 11.00 -10.88 -1.87
N ILE V 218 10.64 -11.06 -3.14
CA ILE V 218 11.35 -12.04 -3.96
C ILE V 218 12.76 -11.55 -4.26
N ILE V 219 12.94 -10.24 -4.41
CA ILE V 219 14.27 -9.67 -4.66
C ILE V 219 15.15 -9.84 -3.44
N LEU V 220 14.61 -9.63 -2.24
CA LEU V 220 15.37 -9.82 -1.02
C LEU V 220 15.67 -11.30 -0.78
N ALA V 221 14.73 -12.18 -1.12
CA ALA V 221 14.98 -13.61 -0.98
C ALA V 221 16.05 -14.09 -1.95
N LEU V 222 16.02 -13.60 -3.19
CA LEU V 222 17.04 -13.96 -4.15
C LEU V 222 18.38 -13.31 -3.85
N ILE V 223 18.41 -12.10 -3.27
CA ILE V 223 19.68 -11.52 -2.84
C ILE V 223 20.24 -12.28 -1.64
N GLY V 224 19.37 -12.76 -0.76
CA GLY V 224 19.84 -13.54 0.38
C GLY V 224 20.42 -14.88 -0.05
N ALA V 225 19.67 -15.62 -0.87
CA ALA V 225 20.18 -16.88 -1.42
C ALA V 225 21.37 -16.65 -2.34
N HIS V 226 21.41 -15.49 -2.96
CA HIS V 226 22.46 -15.15 -3.92
C HIS V 226 23.79 -14.89 -3.23
N LEU V 227 23.77 -14.04 -2.21
CA LEU V 227 24.94 -13.82 -1.39
C LEU V 227 25.29 -15.04 -0.54
N ALA V 228 24.33 -15.96 -0.30
CA ALA V 228 24.70 -17.22 0.32
C ALA V 228 25.45 -18.12 -0.64
N LEU V 229 25.05 -18.13 -1.91
CA LEU V 229 25.80 -18.86 -2.92
C LEU V 229 27.17 -18.25 -3.16
N VAL V 230 27.30 -16.93 -3.04
CA VAL V 230 28.61 -16.32 -3.15
C VAL V 230 29.43 -16.58 -1.89
N TRP V 231 28.76 -16.70 -0.75
CA TRP V 231 29.47 -16.80 0.52
C TRP V 231 30.04 -18.19 0.74
N PHE V 232 29.17 -19.19 0.83
CA PHE V 232 29.59 -20.53 1.26
C PHE V 232 30.38 -21.23 0.18
N GLN V 233 29.76 -21.43 -0.97
CA GLN V 233 30.49 -21.70 -2.20
C GLN V 233 31.41 -20.52 -2.45
N LYS V 234 32.72 -20.75 -2.39
CA LYS V 234 33.69 -19.68 -2.28
C LYS V 234 33.69 -18.78 -3.51
N HIS V 235 34.20 -17.56 -3.32
CA HIS V 235 34.23 -16.58 -4.40
C HIS V 235 35.25 -17.00 -5.45
N THR V 236 35.02 -16.56 -6.68
CA THR V 236 35.98 -16.83 -7.74
C THR V 236 37.07 -15.75 -7.73
N GLN V 237 38.07 -15.93 -8.58
CA GLN V 237 39.19 -15.00 -8.62
C GLN V 237 39.82 -15.05 -9.99
N PHE V 238 40.50 -13.97 -10.36
CA PHE V 238 41.37 -14.00 -11.52
C PHE V 238 42.59 -14.84 -11.20
N PRO V 239 43.19 -15.49 -12.19
CA PRO V 239 44.43 -16.20 -11.93
C PRO V 239 45.61 -15.26 -11.94
N GLY V 240 46.57 -15.54 -11.07
CA GLY V 240 47.69 -14.66 -10.89
C GLY V 240 48.90 -15.41 -10.39
N PRO V 241 49.68 -14.79 -9.48
CA PRO V 241 50.89 -15.43 -8.97
C PRO V 241 50.64 -16.68 -8.15
N GLY V 242 49.94 -16.55 -7.03
CA GLY V 242 49.80 -17.67 -6.12
C GLY V 242 48.39 -18.20 -6.15
N ARG V 243 47.77 -18.14 -7.30
CA ARG V 243 46.33 -18.32 -7.42
C ARG V 243 46.08 -19.59 -8.23
N THR V 244 46.04 -20.72 -7.54
CA THR V 244 45.72 -21.95 -8.24
C THR V 244 44.21 -22.15 -8.27
N GLU V 245 43.77 -23.29 -8.79
CA GLU V 245 42.35 -23.54 -9.00
C GLU V 245 41.61 -23.70 -7.69
N THR V 246 42.27 -24.20 -6.65
CA THR V 246 41.60 -24.60 -5.42
C THR V 246 42.05 -23.76 -4.22
N ASN V 247 42.21 -22.45 -4.40
CA ASN V 247 42.38 -21.55 -3.28
C ASN V 247 41.89 -20.16 -3.63
N VAL V 248 41.48 -19.42 -2.60
CA VAL V 248 41.13 -18.02 -2.74
C VAL V 248 42.17 -17.21 -1.98
N VAL V 249 42.88 -16.35 -2.69
CA VAL V 249 43.85 -15.47 -2.07
C VAL V 249 43.24 -14.07 -2.02
N GLY V 250 43.65 -13.29 -1.05
CA GLY V 250 43.07 -11.98 -0.83
C GLY V 250 43.17 -11.63 0.64
N VAL V 251 42.26 -10.77 1.08
CA VAL V 251 42.23 -10.36 2.46
C VAL V 251 41.11 -11.10 3.17
N ARG V 252 41.25 -11.24 4.48
CA ARG V 252 40.22 -11.87 5.28
C ARG V 252 39.10 -10.88 5.53
N VAL V 253 37.99 -11.38 6.08
CA VAL V 253 36.82 -10.53 6.29
C VAL V 253 37.06 -9.53 7.41
N MET V 254 37.58 -10.00 8.55
CA MET V 254 37.47 -9.20 9.77
C MET V 254 38.38 -7.97 9.81
N PRO V 255 39.71 -8.03 9.54
CA PRO V 255 40.46 -6.77 9.66
C PRO V 255 40.28 -5.85 8.47
N VAL V 256 40.11 -6.40 7.27
CA VAL V 256 40.30 -5.61 6.06
C VAL V 256 39.01 -5.51 5.25
N PHE V 257 38.43 -6.66 4.87
CA PHE V 257 37.32 -6.66 3.93
C PHE V 257 36.06 -6.06 4.53
N ALA V 258 35.83 -6.23 5.83
CA ALA V 258 34.67 -5.60 6.45
C ALA V 258 34.80 -4.10 6.45
N VAL V 259 36.01 -3.59 6.68
CA VAL V 259 36.25 -2.15 6.70
C VAL V 259 36.05 -1.55 5.32
N LYS V 260 36.65 -2.14 4.29
CA LYS V 260 36.49 -1.58 2.96
C LYS V 260 35.09 -1.82 2.41
N SER V 261 34.40 -2.86 2.86
CA SER V 261 33.04 -3.09 2.40
C SER V 261 32.07 -2.11 3.02
N GLY V 262 32.20 -1.85 4.33
CA GLY V 262 31.37 -0.84 4.96
C GLY V 262 31.69 0.56 4.47
N ALA V 263 32.97 0.84 4.21
CA ALA V 263 33.35 2.13 3.67
C ALA V 263 32.87 2.30 2.24
N PHE V 264 32.83 1.22 1.47
CA PHE V 264 32.32 1.31 0.12
C PHE V 264 30.81 1.44 0.10
N PHE V 265 30.13 0.84 1.09
CA PHE V 265 28.71 1.13 1.31
C PHE V 265 28.48 2.60 1.61
N ALA V 266 29.34 3.16 2.47
CA ALA V 266 29.21 4.57 2.82
C ALA V 266 29.52 5.48 1.64
N MET V 267 30.46 5.10 0.77
CA MET V 267 30.77 5.96 -0.36
C MET V 267 29.76 5.81 -1.49
N ILE V 268 29.15 4.64 -1.66
CA ILE V 268 28.02 4.50 -2.58
C ILE V 268 26.85 5.34 -2.09
N THR V 269 26.59 5.32 -0.78
CA THR V 269 25.56 6.19 -0.22
C THR V 269 25.93 7.66 -0.37
N GLY V 270 27.22 7.98 -0.34
CA GLY V 270 27.64 9.36 -0.57
C GLY V 270 27.43 9.81 -2.00
N VAL V 271 27.72 8.95 -2.97
CA VAL V 271 27.48 9.28 -4.37
C VAL V 271 25.99 9.42 -4.63
N LEU V 272 25.18 8.54 -4.05
CA LEU V 272 23.73 8.63 -4.22
C LEU V 272 23.15 9.86 -3.53
N GLY V 273 23.70 10.24 -2.37
CA GLY V 273 23.20 11.42 -1.69
C GLY V 273 23.57 12.71 -2.40
N LEU V 274 24.82 12.80 -2.87
CA LEU V 274 25.25 13.96 -3.65
C LEU V 274 24.43 14.10 -4.92
N MET V 275 24.14 12.99 -5.60
CA MET V 275 23.40 13.14 -6.84
C MET V 275 21.89 13.06 -6.62
N GLY V 276 21.45 12.83 -5.38
CA GLY V 276 20.05 12.94 -5.05
C GLY V 276 19.71 14.34 -4.63
N GLY V 277 20.72 15.07 -4.16
CA GLY V 277 20.50 16.46 -3.87
C GLY V 277 20.77 17.34 -5.07
N LEU V 278 21.94 17.18 -5.68
CA LEU V 278 22.39 18.13 -6.67
C LEU V 278 21.72 17.95 -8.03
N LEU V 279 20.96 16.88 -8.27
CA LEU V 279 20.39 16.63 -9.58
C LEU V 279 18.91 16.27 -9.44
N THR V 280 18.05 16.97 -10.18
CA THR V 280 16.62 16.63 -10.15
C THR V 280 16.38 15.30 -10.82
N ILE V 281 15.40 14.57 -10.32
CA ILE V 281 14.97 13.35 -10.98
C ILE V 281 13.48 13.17 -10.75
N ASN V 282 12.80 12.73 -11.81
CA ASN V 282 11.35 12.55 -11.99
C ASN V 282 10.59 13.77 -11.46
N PRO V 283 10.69 14.93 -12.09
CA PRO V 283 10.02 16.10 -11.52
C PRO V 283 8.52 16.07 -11.82
N ILE V 284 7.79 15.31 -10.99
CA ILE V 284 6.39 15.00 -11.25
C ILE V 284 5.48 16.22 -11.16
N TRP V 285 5.94 17.31 -10.55
CA TRP V 285 5.16 18.53 -10.59
C TRP V 285 5.29 19.24 -11.93
N ASN V 286 6.45 19.14 -12.58
CA ASN V 286 6.59 19.61 -13.95
C ASN V 286 5.77 18.74 -14.89
N LEU V 287 5.72 17.45 -14.62
CA LEU V 287 4.82 16.54 -15.31
C LEU V 287 3.40 16.79 -14.81
N GLY V 288 2.42 16.17 -15.44
CA GLY V 288 1.06 16.37 -14.99
C GLY V 288 0.48 15.14 -14.33
N PRO V 289 -0.75 15.25 -13.84
CA PRO V 289 -1.49 14.04 -13.49
C PRO V 289 -1.81 13.28 -14.75
N TYR V 290 -1.90 11.96 -14.64
CA TYR V 290 -2.14 11.17 -15.85
C TYR V 290 -3.58 11.34 -16.29
N LYS V 291 -3.78 12.01 -17.42
CA LYS V 291 -5.04 12.02 -18.09
C LYS V 291 -4.83 11.50 -19.50
N PRO V 292 -5.68 10.59 -19.99
CA PRO V 292 -5.34 9.81 -21.19
C PRO V 292 -5.50 10.55 -22.51
N SER V 293 -5.54 11.88 -22.47
CA SER V 293 -5.66 12.69 -23.68
C SER V 293 -4.48 13.63 -23.86
N GLN V 294 -3.45 13.54 -23.03
CA GLN V 294 -2.32 14.45 -23.08
C GLN V 294 -1.03 13.68 -22.85
N VAL V 295 0.01 14.00 -23.63
CA VAL V 295 1.27 13.27 -23.59
C VAL V 295 2.41 14.28 -23.52
N SER V 296 3.62 13.78 -23.36
CA SER V 296 4.83 14.55 -23.61
C SER V 296 5.22 14.40 -25.07
N ALA V 297 6.46 14.77 -25.41
CA ALA V 297 7.11 14.32 -26.62
C ALA V 297 8.12 13.23 -26.37
N GLY V 298 8.77 13.24 -25.21
CA GLY V 298 9.74 12.22 -24.89
C GLY V 298 9.06 10.89 -24.68
N SER V 299 8.27 10.78 -23.62
CA SER V 299 7.42 9.62 -23.31
C SER V 299 8.21 8.31 -23.25
N GLN V 300 9.40 8.41 -22.85
CA GLN V 300 10.45 7.41 -22.76
C GLN V 300 10.51 6.84 -21.36
N PRO V 301 10.83 5.56 -21.22
CA PRO V 301 10.80 4.95 -19.89
C PRO V 301 12.11 5.19 -19.20
N ASP V 302 12.29 4.59 -18.02
CA ASP V 302 13.57 4.65 -17.36
C ASP V 302 14.55 3.77 -18.11
N PHE V 303 15.86 4.02 -17.91
CA PHE V 303 16.85 3.61 -18.91
C PHE V 303 17.02 2.10 -18.98
N TYR V 304 16.91 1.41 -17.84
CA TYR V 304 17.00 -0.04 -17.79
C TYR V 304 15.85 -0.73 -18.51
N MET V 305 14.78 -0.01 -18.83
CA MET V 305 13.71 -0.53 -19.64
C MET V 305 13.60 0.21 -20.98
N MET V 306 14.51 1.15 -21.25
CA MET V 306 14.49 1.82 -22.57
C MET V 306 14.86 0.88 -23.70
N TRP V 307 15.52 -0.23 -23.43
CA TRP V 307 15.72 -1.21 -24.49
C TRP V 307 14.43 -1.92 -24.87
N THR V 308 13.40 -1.89 -24.02
CA THR V 308 12.18 -2.61 -24.35
C THR V 308 11.36 -1.87 -25.39
N ASP V 309 10.88 -0.67 -25.05
CA ASP V 309 10.03 0.02 -26.00
C ASP V 309 10.81 0.74 -27.09
N GLY V 310 12.12 0.95 -26.88
CA GLY V 310 12.99 1.20 -28.01
C GLY V 310 12.93 0.07 -29.02
N LEU V 311 12.85 -1.16 -28.53
CA LEU V 311 12.56 -2.29 -29.40
C LEU V 311 11.16 -2.19 -30.00
N ILE V 312 10.21 -1.55 -29.32
CA ILE V 312 8.96 -1.19 -29.98
C ILE V 312 9.22 -0.13 -31.05
N ARG V 313 10.05 0.87 -30.73
CA ARG V 313 10.32 1.98 -31.65
C ARG V 313 11.06 1.54 -32.89
N LEU V 314 11.66 0.36 -32.88
CA LEU V 314 12.49 -0.10 -33.97
C LEU V 314 11.96 -1.33 -34.68
N TRP V 315 10.97 -2.01 -34.12
CA TRP V 315 10.42 -3.16 -34.79
C TRP V 315 9.45 -2.70 -35.87
N PRO V 316 9.63 -3.08 -37.13
CA PRO V 316 9.06 -2.34 -38.26
C PRO V 316 7.64 -2.72 -38.66
N ALA V 317 6.72 -2.71 -37.69
CA ALA V 317 5.27 -2.69 -37.91
C ALA V 317 4.76 -3.90 -38.68
N TRP V 318 5.17 -5.08 -38.23
CA TRP V 318 4.80 -6.33 -38.87
C TRP V 318 3.67 -6.95 -38.07
N GLU V 319 2.46 -6.84 -38.60
CA GLU V 319 1.30 -7.42 -37.96
C GLU V 319 0.73 -8.54 -38.82
N PHE V 320 0.12 -9.52 -38.18
CA PHE V 320 -0.52 -10.63 -38.88
C PHE V 320 -2.01 -10.62 -38.63
N TYR V 321 -2.75 -11.18 -39.58
CA TYR V 321 -4.21 -11.22 -39.52
C TYR V 321 -4.68 -12.61 -39.89
N PRO V 322 -4.84 -13.49 -38.90
CA PRO V 322 -5.46 -14.79 -39.16
C PRO V 322 -6.96 -14.69 -39.38
N PHE V 323 -7.63 -15.84 -39.39
CA PHE V 323 -9.02 -15.89 -39.82
C PHE V 323 -9.93 -15.22 -38.80
N GLY V 324 -10.05 -13.91 -38.92
CA GLY V 324 -10.93 -13.13 -38.06
C GLY V 324 -10.28 -12.56 -36.82
N HIS V 325 -8.95 -12.52 -36.75
CA HIS V 325 -8.27 -12.06 -35.55
C HIS V 325 -7.12 -11.16 -35.95
N THR V 326 -6.28 -10.82 -34.98
CA THR V 326 -5.19 -9.88 -35.21
C THR V 326 -4.05 -10.18 -34.25
N ILE V 327 -2.86 -10.47 -34.80
CA ILE V 327 -1.62 -10.37 -34.05
C ILE V 327 -1.05 -8.97 -34.31
N PRO V 328 -0.97 -8.12 -33.31
CA PRO V 328 -0.38 -6.79 -33.51
C PRO V 328 1.13 -6.79 -33.41
N GLN V 329 1.74 -5.61 -33.42
CA GLN V 329 3.19 -5.53 -33.31
C GLN V 329 3.67 -5.94 -31.94
N GLY V 330 2.92 -5.56 -30.89
CA GLY V 330 3.31 -5.78 -29.51
C GLY V 330 3.46 -7.23 -29.11
N VAL V 331 3.00 -8.17 -29.93
CA VAL V 331 3.30 -9.58 -29.70
C VAL V 331 4.79 -9.83 -29.83
N TRP V 332 5.41 -9.24 -30.86
CA TRP V 332 6.82 -9.50 -31.21
C TRP V 332 7.75 -9.19 -30.05
N VAL V 333 7.62 -8.00 -29.46
CA VAL V 333 8.47 -7.66 -28.34
C VAL V 333 8.05 -8.43 -27.08
N ALA V 334 6.77 -8.81 -26.99
CA ALA V 334 6.38 -9.76 -25.95
C ALA V 334 7.00 -11.12 -26.21
N VAL V 335 7.23 -11.48 -27.48
CA VAL V 335 8.12 -12.58 -27.77
C VAL V 335 9.56 -12.16 -27.50
N GLY V 336 9.92 -10.94 -27.91
CA GLY V 336 11.31 -10.55 -27.93
C GLY V 336 11.90 -10.37 -26.55
N MET V 337 11.16 -9.73 -25.64
CA MET V 337 11.56 -9.71 -24.23
C MET V 337 11.53 -11.10 -23.63
N GLY V 338 10.62 -11.97 -24.09
CA GLY V 338 10.70 -13.36 -23.71
C GLY V 338 11.82 -14.09 -24.39
N LEU V 339 12.34 -13.56 -25.49
CA LEU V 339 13.46 -14.16 -26.18
C LEU V 339 14.76 -13.87 -25.45
N VAL V 340 15.07 -12.58 -25.28
CA VAL V 340 16.35 -12.15 -24.72
C VAL V 340 16.54 -12.66 -23.30
N PHE V 341 15.46 -12.70 -22.50
CA PHE V 341 15.56 -13.21 -21.14
C PHE V 341 15.83 -14.70 -21.15
N ALA V 342 15.25 -15.41 -22.11
CA ALA V 342 15.54 -16.83 -22.26
C ALA V 342 16.93 -17.07 -22.81
N LEU V 343 17.58 -16.05 -23.36
CA LEU V 343 19.00 -16.16 -23.67
C LEU V 343 19.87 -15.65 -22.54
N LEU V 344 19.31 -14.84 -21.65
CA LEU V 344 20.12 -14.25 -20.60
C LEU V 344 20.03 -15.04 -19.30
N ILE V 345 18.91 -15.72 -19.06
CA ILE V 345 18.87 -16.70 -17.99
C ILE V 345 19.71 -17.91 -18.35
N ALA V 346 19.47 -18.47 -19.52
CA ALA V 346 19.98 -19.80 -19.86
C ALA V 346 21.27 -19.77 -20.67
N TYR V 347 22.03 -18.69 -20.61
CA TYR V 347 23.31 -18.65 -21.32
C TYR V 347 24.37 -19.68 -20.86
N PRO V 348 24.63 -19.92 -19.56
CA PRO V 348 25.71 -20.86 -19.22
C PRO V 348 25.46 -22.27 -19.70
N PHE V 349 24.20 -22.70 -19.74
CA PHE V 349 23.87 -23.97 -20.34
C PHE V 349 24.07 -23.93 -21.85
N ILE V 350 23.81 -22.78 -22.48
CA ILE V 350 24.02 -22.65 -23.93
C ILE V 350 25.49 -22.83 -24.27
N GLU V 351 26.38 -22.11 -23.59
CA GLU V 351 27.75 -22.31 -24.00
C GLU V 351 28.41 -23.51 -23.34
N LYS V 352 27.78 -24.11 -22.32
CA LYS V 352 28.19 -25.42 -21.87
C LYS V 352 27.91 -26.45 -22.94
N LYS V 353 26.80 -26.29 -23.67
CA LYS V 353 26.54 -27.18 -24.79
C LYS V 353 27.46 -26.87 -25.97
N VAL V 354 27.71 -25.59 -26.23
CA VAL V 354 28.47 -25.22 -27.44
C VAL V 354 29.95 -25.52 -27.27
N THR V 355 30.56 -25.00 -26.19
CA THR V 355 31.99 -25.17 -25.99
C THR V 355 32.34 -26.59 -25.59
N GLY V 356 31.80 -27.04 -24.46
CA GLY V 356 32.16 -28.33 -23.91
C GLY V 356 32.80 -28.17 -22.55
N ASP V 357 32.48 -27.08 -21.86
CA ASP V 357 33.05 -26.79 -20.56
C ASP V 357 32.37 -27.68 -19.52
N ASP V 358 32.86 -28.90 -19.39
CA ASP V 358 32.38 -29.84 -18.40
C ASP V 358 33.30 -29.92 -17.19
N ALA V 359 33.97 -28.83 -16.84
CA ALA V 359 34.96 -28.82 -15.79
C ALA V 359 34.66 -27.74 -14.76
N HIS V 360 35.00 -28.04 -13.52
CA HIS V 360 34.75 -27.17 -12.39
C HIS V 360 35.73 -26.00 -12.41
N HIS V 361 35.30 -24.86 -12.95
CA HIS V 361 36.18 -23.70 -13.13
C HIS V 361 35.99 -22.72 -11.98
N ASN V 362 37.03 -22.54 -11.19
CA ASN V 362 37.06 -21.55 -10.13
C ASN V 362 37.84 -20.30 -10.50
N LEU V 363 38.97 -20.45 -11.18
CA LEU V 363 39.70 -19.31 -11.67
C LEU V 363 38.94 -18.66 -12.81
N LEU V 364 38.93 -17.34 -12.83
CA LEU V 364 38.30 -16.64 -13.92
C LEU V 364 39.15 -16.72 -15.17
N GLN V 365 38.59 -16.24 -16.26
CA GLN V 365 39.33 -16.05 -17.50
C GLN V 365 39.23 -14.58 -17.85
N ARG V 366 40.37 -13.99 -18.19
CA ARG V 366 40.38 -12.59 -18.58
C ARG V 366 39.57 -12.43 -19.87
N PRO V 367 38.81 -11.36 -20.04
CA PRO V 367 37.92 -11.26 -21.20
C PRO V 367 38.64 -11.09 -22.52
N ARG V 368 39.95 -10.91 -22.54
CA ARG V 368 40.66 -11.07 -23.81
C ARG V 368 40.96 -12.54 -24.09
N ASP V 369 41.04 -13.38 -23.08
CA ASP V 369 41.42 -14.77 -23.27
C ASP V 369 40.30 -15.64 -23.84
N VAL V 370 39.14 -15.06 -24.11
CA VAL V 370 38.00 -15.84 -24.56
C VAL V 370 37.25 -15.00 -25.59
N PRO V 371 37.74 -14.98 -26.83
CA PRO V 371 37.37 -13.92 -27.77
C PRO V 371 35.97 -14.03 -28.34
N VAL V 372 35.48 -15.23 -28.64
CA VAL V 372 34.12 -15.30 -29.18
C VAL V 372 33.09 -15.05 -28.10
N ARG V 373 33.38 -15.41 -26.86
CA ARG V 373 32.40 -15.16 -25.82
C ARG V 373 32.38 -13.68 -25.44
N THR V 374 33.55 -13.05 -25.42
CA THR V 374 33.61 -11.60 -25.27
C THR V 374 32.97 -10.90 -26.45
N ALA V 375 33.04 -11.49 -27.63
CA ALA V 375 32.47 -10.86 -28.81
C ALA V 375 30.96 -11.02 -28.87
N ILE V 376 30.43 -12.19 -28.48
CA ILE V 376 28.99 -12.36 -28.29
C ILE V 376 28.48 -11.42 -27.22
N GLY V 377 29.27 -11.25 -26.15
CA GLY V 377 28.90 -10.31 -25.12
C GLY V 377 28.90 -8.88 -25.60
N SER V 378 29.86 -8.51 -26.43
CA SER V 378 29.89 -7.15 -26.93
C SER V 378 28.82 -6.91 -27.99
N MET V 379 28.41 -7.97 -28.70
CA MET V 379 27.16 -7.91 -29.47
C MET V 379 25.99 -7.56 -28.59
N ALA V 380 25.89 -8.22 -27.44
CA ALA V 380 24.75 -7.95 -26.55
C ALA V 380 24.85 -6.56 -25.92
N ILE V 381 26.06 -6.12 -25.57
CA ILE V 381 26.26 -4.79 -25.00
C ILE V 381 25.90 -3.72 -26.01
N ALA V 382 26.40 -3.86 -27.24
CA ALA V 382 26.15 -2.83 -28.25
C ALA V 382 24.73 -2.91 -28.79
N LEU V 383 24.09 -4.07 -28.72
CA LEU V 383 22.68 -4.16 -29.08
C LEU V 383 21.82 -3.49 -28.02
N TYR V 384 22.19 -3.64 -26.75
CA TYR V 384 21.54 -2.88 -25.68
C TYR V 384 21.75 -1.39 -25.85
N LEU V 385 22.99 -0.98 -26.16
CA LEU V 385 23.29 0.44 -26.37
C LEU V 385 22.56 0.99 -27.58
N LEU V 386 22.28 0.14 -28.56
CA LEU V 386 21.53 0.60 -29.72
C LEU V 386 20.06 0.74 -29.41
N LEU V 387 19.48 -0.27 -28.77
CA LEU V 387 18.06 -0.22 -28.41
C LEU V 387 17.78 0.86 -27.37
N THR V 388 18.76 1.18 -26.54
CA THR V 388 18.61 2.31 -25.66
C THR V 388 18.82 3.62 -26.41
N PHE V 389 19.94 3.75 -27.13
CA PHE V 389 20.26 4.97 -27.88
C PHE V 389 19.39 5.20 -29.09
N ALA V 390 18.39 4.36 -29.35
CA ALA V 390 17.32 4.70 -30.26
C ALA V 390 15.97 4.60 -29.57
N CYS V 391 15.96 4.67 -28.23
CA CYS V 391 14.76 4.91 -27.45
C CYS V 391 14.64 6.35 -26.99
N MET V 392 15.76 7.03 -26.76
CA MET V 392 15.76 8.49 -26.74
C MET V 392 15.95 9.07 -28.13
N ASN V 393 15.56 8.30 -29.15
CA ASN V 393 15.25 8.60 -30.53
C ASN V 393 14.67 9.99 -30.71
N ASP V 394 13.62 10.25 -29.93
CA ASP V 394 12.96 11.55 -29.88
C ASP V 394 13.94 12.67 -29.52
N ILE V 395 14.52 12.60 -28.32
CA ILE V 395 15.32 13.74 -27.88
C ILE V 395 16.71 13.76 -28.50
N ILE V 396 17.20 12.62 -29.01
CA ILE V 396 18.41 12.66 -29.84
C ILE V 396 18.15 13.44 -31.11
N ALA V 397 17.08 13.09 -31.83
CA ALA V 397 16.75 13.83 -33.06
C ALA V 397 16.35 15.26 -32.78
N LEU V 398 15.90 15.55 -31.56
CA LEU V 398 15.71 16.93 -31.12
C LEU V 398 17.03 17.68 -31.03
N LYS V 399 17.92 17.24 -30.13
CA LYS V 399 19.10 18.03 -29.80
C LYS V 399 20.18 17.87 -30.88
N PHE V 400 20.68 16.67 -31.04
CA PHE V 400 21.57 16.34 -32.16
C PHE V 400 20.73 16.33 -33.41
N HIS V 401 20.76 17.43 -34.19
CA HIS V 401 19.72 17.69 -35.19
C HIS V 401 19.82 16.66 -36.29
N ILE V 402 18.95 15.66 -36.20
CA ILE V 402 18.83 14.52 -37.11
C ILE V 402 17.35 14.39 -37.41
N SER V 403 17.01 13.97 -38.63
CA SER V 403 15.63 13.60 -38.90
C SER V 403 15.23 12.44 -38.00
N LEU V 404 14.03 12.55 -37.41
CA LEU V 404 13.55 11.54 -36.47
C LEU V 404 13.35 10.20 -37.17
N ASN V 405 12.81 10.26 -38.38
CA ASN V 405 12.72 9.07 -39.22
C ASN V 405 14.10 8.52 -39.52
N ALA V 406 15.08 9.41 -39.71
CA ALA V 406 16.43 8.95 -40.04
C ALA V 406 17.08 8.24 -38.86
N THR V 407 16.96 8.77 -37.66
CA THR V 407 17.58 8.08 -36.52
C THR V 407 16.82 6.83 -36.10
N THR V 408 15.51 6.75 -36.31
CA THR V 408 14.92 5.43 -36.07
C THR V 408 15.20 4.45 -37.21
N TRP V 409 15.49 4.90 -38.43
CA TRP V 409 16.02 3.96 -39.42
C TRP V 409 17.46 3.57 -39.09
N ILE V 410 18.24 4.50 -38.54
CA ILE V 410 19.59 4.19 -38.10
C ILE V 410 19.55 3.12 -37.02
N GLY V 411 18.61 3.23 -36.09
CA GLY V 411 18.42 2.15 -35.13
C GLY V 411 17.91 0.87 -35.76
N ARG V 412 16.99 0.99 -36.73
CA ARG V 412 16.34 -0.18 -37.28
C ARG V 412 17.29 -0.99 -38.16
N ILE V 413 18.28 -0.33 -38.75
CA ILE V 413 19.37 -1.05 -39.44
C ILE V 413 20.48 -1.37 -38.45
N GLY V 414 20.64 -0.56 -37.40
CA GLY V 414 21.74 -0.74 -36.48
C GLY V 414 21.59 -2.00 -35.67
N MET V 415 20.37 -2.34 -35.28
CA MET V 415 20.15 -3.59 -34.54
C MET V 415 20.37 -4.84 -35.38
N VAL V 416 20.58 -4.69 -36.68
CA VAL V 416 20.84 -5.82 -37.55
C VAL V 416 22.30 -5.85 -38.02
N VAL V 417 22.95 -4.70 -38.16
CA VAL V 417 24.29 -4.67 -38.70
C VAL V 417 25.35 -4.29 -37.66
N LEU V 418 25.02 -3.50 -36.64
CA LEU V 418 25.99 -3.07 -35.64
C LEU V 418 26.40 -4.19 -34.67
N PRO V 419 25.53 -5.15 -34.29
CA PRO V 419 26.09 -6.37 -33.67
C PRO V 419 27.06 -7.14 -34.55
N ALA V 420 26.90 -7.14 -35.87
CA ALA V 420 27.89 -7.81 -36.71
C ALA V 420 29.20 -7.04 -36.72
N ILE V 421 29.13 -5.70 -36.81
CA ILE V 421 30.32 -4.87 -36.79
C ILE V 421 31.04 -5.00 -35.46
N VAL V 422 30.29 -4.94 -34.36
CA VAL V 422 30.91 -5.01 -33.05
C VAL V 422 31.34 -6.42 -32.73
N TYR V 423 30.77 -7.45 -33.36
CA TYR V 423 31.29 -8.80 -33.22
C TYR V 423 32.64 -8.93 -33.89
N PHE V 424 32.75 -8.40 -35.11
CA PHE V 424 34.03 -8.43 -35.81
C PHE V 424 35.10 -7.68 -35.04
N VAL V 425 34.78 -6.45 -34.62
CA VAL V 425 35.74 -5.62 -33.91
C VAL V 425 36.07 -6.21 -32.55
N ALA V 426 35.08 -6.81 -31.88
CA ALA V 426 35.28 -7.36 -30.55
C ALA V 426 36.11 -8.63 -30.59
N TYR V 427 35.81 -9.54 -31.53
CA TYR V 427 36.57 -10.78 -31.66
C TYR V 427 38.01 -10.50 -32.05
N ARG V 428 38.22 -9.71 -33.09
CA ARG V 428 39.60 -9.45 -33.48
C ARG V 428 40.30 -8.51 -32.52
N TRP V 429 39.56 -7.71 -31.75
CA TRP V 429 40.20 -6.85 -30.78
C TRP V 429 40.60 -7.64 -29.55
N ALA V 430 39.83 -8.65 -29.18
CA ALA V 430 40.24 -9.55 -28.11
C ALA V 430 41.46 -10.36 -28.51
N ILE V 431 41.52 -10.81 -29.77
CA ILE V 431 42.69 -11.56 -30.22
C ILE V 431 43.92 -10.68 -30.28
N SER V 432 43.76 -9.43 -30.69
CA SER V 432 44.90 -8.54 -30.71
C SER V 432 45.29 -8.04 -29.33
N LEU V 433 44.35 -8.01 -28.37
CA LEU V 433 44.76 -7.79 -26.98
C LEU V 433 45.50 -8.99 -26.42
N GLN V 434 45.16 -10.19 -26.88
CA GLN V 434 45.96 -11.37 -26.53
C GLN V 434 47.36 -11.24 -27.09
N ARG V 435 47.47 -10.92 -28.37
CA ARG V 435 48.78 -10.83 -29.01
C ARG V 435 49.60 -9.67 -28.47
N SER V 436 48.94 -8.65 -27.93
CA SER V 436 49.67 -7.54 -27.34
C SER V 436 50.28 -7.91 -25.99
N ASP V 437 49.71 -8.85 -25.26
CA ASP V 437 50.37 -9.39 -24.07
C ASP V 437 50.71 -10.86 -24.26
N ARG V 438 51.07 -11.22 -25.49
CA ARG V 438 51.85 -12.42 -25.76
C ARG V 438 53.12 -12.06 -26.52
N GLU V 439 53.33 -10.78 -26.82
CA GLU V 439 54.61 -10.28 -27.26
C GLU V 439 55.36 -9.55 -26.16
N VAL V 440 54.73 -9.34 -25.00
CA VAL V 440 55.42 -8.76 -23.86
C VAL V 440 56.13 -9.84 -23.06
N LEU V 441 55.98 -11.10 -23.48
CA LEU V 441 56.68 -12.24 -22.89
C LEU V 441 57.81 -12.70 -23.78
N GLU V 442 57.56 -12.81 -25.09
CA GLU V 442 58.62 -13.18 -26.03
C GLU V 442 59.64 -12.07 -26.17
N HIS V 443 59.20 -10.82 -26.02
CA HIS V 443 60.07 -9.69 -25.82
C HIS V 443 59.92 -9.22 -24.38
N GLY V 444 60.54 -8.11 -24.05
CA GLY V 444 60.45 -7.56 -22.71
C GLY V 444 59.30 -6.59 -22.54
N VAL V 445 59.51 -5.59 -21.71
CA VAL V 445 58.60 -4.46 -21.54
C VAL V 445 59.30 -3.22 -22.06
N GLU V 446 58.57 -2.40 -22.82
CA GLU V 446 59.20 -1.36 -23.62
C GLU V 446 59.49 -0.12 -22.78
N THR V 447 60.57 0.57 -23.16
CA THR V 447 61.15 1.70 -22.42
C THR V 447 61.73 2.68 -23.43
N GLY V 448 62.63 3.56 -22.96
CA GLY V 448 63.32 4.48 -23.83
C GLY V 448 64.42 3.84 -24.65
N ILE V 449 64.87 4.57 -25.67
CA ILE V 449 65.70 4.02 -26.74
C ILE V 449 67.17 4.29 -26.46
N ILE V 450 67.99 3.26 -26.58
CA ILE V 450 69.43 3.41 -26.69
C ILE V 450 69.80 3.10 -28.14
N LYS V 451 70.83 3.79 -28.64
CA LYS V 451 71.46 3.41 -29.89
C LYS V 451 72.52 2.37 -29.61
N ARG V 452 72.73 1.48 -30.58
CA ARG V 452 73.86 0.59 -30.48
C ARG V 452 75.15 1.38 -30.72
N LEU V 453 76.23 0.92 -30.09
CA LEU V 453 77.43 1.75 -30.02
C LEU V 453 78.18 1.84 -31.35
N PRO V 454 78.72 0.75 -31.94
CA PRO V 454 79.63 0.96 -33.07
C PRO V 454 78.92 1.25 -34.39
N HIS V 455 77.66 0.90 -34.52
CA HIS V 455 76.88 1.13 -35.74
C HIS V 455 75.64 1.91 -35.37
N GLY V 456 74.93 2.40 -36.38
CA GLY V 456 73.75 3.17 -36.10
C GLY V 456 72.48 2.35 -36.09
N ALA V 457 72.06 1.90 -34.93
CA ALA V 457 70.82 1.15 -34.79
C ALA V 457 69.92 1.86 -33.80
N TYR V 458 68.70 1.35 -33.66
CA TYR V 458 67.79 1.85 -32.64
C TYR V 458 67.03 0.66 -32.06
N VAL V 459 67.42 0.24 -30.87
CA VAL V 459 66.69 -0.78 -30.14
C VAL V 459 65.89 -0.09 -29.04
N GLU V 460 64.75 -0.67 -28.69
CA GLU V 460 63.82 -0.03 -27.78
C GLU V 460 64.20 -0.27 -26.32
N LEU V 461 65.20 -1.12 -26.08
CA LEU V 461 65.72 -1.47 -24.75
C LEU V 461 64.60 -2.09 -23.90
N HIS V 462 64.16 -3.26 -24.36
CA HIS V 462 63.12 -4.00 -23.66
C HIS V 462 63.60 -4.47 -22.30
N GLN V 463 62.73 -4.39 -21.31
CA GLN V 463 63.06 -4.88 -19.99
C GLN V 463 62.34 -6.21 -19.77
N PRO V 464 63.05 -7.31 -19.60
CA PRO V 464 62.39 -8.61 -19.54
C PRO V 464 61.70 -8.84 -18.22
N LEU V 465 60.72 -9.74 -18.25
CA LEU V 465 59.93 -10.05 -17.06
C LEU V 465 60.38 -11.29 -16.33
N GLY V 466 60.94 -12.27 -17.03
CA GLY V 466 61.40 -13.49 -16.40
C GLY V 466 62.91 -13.59 -16.41
N PRO V 467 63.41 -14.84 -16.41
CA PRO V 467 64.86 -15.03 -16.45
C PRO V 467 65.42 -14.69 -17.82
N VAL V 468 66.64 -14.14 -17.83
CA VAL V 468 67.28 -13.69 -19.06
C VAL V 468 68.34 -14.71 -19.44
N ASP V 469 68.64 -14.77 -20.74
CA ASP V 469 69.74 -15.57 -21.24
C ASP V 469 71.00 -14.68 -21.28
N GLU V 470 72.11 -15.20 -21.80
CA GLU V 470 73.36 -14.46 -21.82
C GLU V 470 73.39 -13.32 -22.84
N HIS V 471 72.39 -13.22 -23.71
CA HIS V 471 72.38 -12.27 -24.80
C HIS V 471 71.14 -11.40 -24.76
N GLY V 472 70.85 -10.68 -25.86
CA GLY V 472 69.78 -9.71 -25.92
C GLY V 472 68.36 -10.24 -25.89
N HIS V 473 68.15 -11.53 -25.62
CA HIS V 473 66.80 -12.06 -25.50
C HIS V 473 66.69 -12.88 -24.22
N PRO V 474 65.56 -12.78 -23.52
CA PRO V 474 65.39 -13.57 -22.30
C PRO V 474 64.82 -14.94 -22.56
N ILE V 475 64.56 -15.71 -21.50
CA ILE V 475 63.77 -16.92 -21.61
C ILE V 475 62.31 -16.47 -21.71
N PRO V 476 61.61 -16.79 -22.79
CA PRO V 476 60.21 -16.33 -22.93
C PRO V 476 59.29 -17.11 -22.00
N LEU V 477 58.55 -16.39 -21.17
CA LEU V 477 57.65 -17.00 -20.21
C LEU V 477 56.42 -17.55 -20.93
N GLU V 478 55.66 -18.37 -20.22
CA GLU V 478 54.38 -18.84 -20.71
C GLU V 478 53.26 -17.97 -20.14
N TYR V 479 52.13 -17.98 -20.83
CA TYR V 479 50.98 -17.20 -20.37
C TYR V 479 50.32 -17.90 -19.19
N ALA V 480 49.72 -17.11 -18.30
CA ALA V 480 49.09 -17.70 -17.13
C ALA V 480 47.78 -17.03 -16.75
N GLY V 481 47.11 -16.37 -17.69
CA GLY V 481 45.87 -15.71 -17.36
C GLY V 481 46.03 -14.50 -16.49
N ALA V 482 47.19 -13.90 -16.47
CA ALA V 482 47.38 -12.78 -15.58
C ALA V 482 47.51 -11.49 -16.38
N PRO V 483 47.16 -10.36 -15.79
CA PRO V 483 47.47 -9.10 -16.46
C PRO V 483 48.96 -8.80 -16.39
N LEU V 484 49.65 -8.96 -17.50
CA LEU V 484 51.07 -8.67 -17.44
C LEU V 484 51.31 -7.18 -17.63
N PRO V 485 52.23 -6.60 -16.85
CA PRO V 485 52.45 -5.16 -16.94
C PRO V 485 53.20 -4.79 -18.20
N LYS V 486 52.69 -3.76 -18.89
CA LYS V 486 53.26 -3.31 -20.15
C LYS V 486 53.99 -1.98 -20.03
N ARG V 487 54.12 -1.45 -18.82
CA ARG V 487 54.88 -0.25 -18.58
C ARG V 487 55.89 -0.54 -17.47
N MET V 488 57.16 -0.16 -17.68
CA MET V 488 58.13 -0.27 -16.60
C MET V 488 57.82 0.72 -15.49
N ASN V 489 57.08 1.79 -15.84
CA ASN V 489 56.34 2.62 -14.89
C ASN V 489 55.64 1.84 -13.78
N LYS V 490 54.83 0.86 -14.16
CA LYS V 490 54.09 0.07 -13.19
C LYS V 490 54.96 -0.97 -12.50
N LEU V 491 56.21 -1.13 -12.91
CA LEU V 491 57.18 -1.89 -12.15
C LEU V 491 57.83 -0.94 -11.15
N GLY V 492 58.82 -1.42 -10.41
CA GLY V 492 59.48 -0.57 -9.45
C GLY V 492 60.53 0.35 -10.08
N SER V 493 60.09 1.25 -10.96
CA SER V 493 61.00 2.14 -11.68
C SER V 493 60.58 3.58 -11.46
N GLY V 494 61.44 4.35 -10.78
CA GLY V 494 61.18 5.74 -10.53
C GLY V 494 60.02 6.02 -9.62
N GLY V 495 59.64 5.06 -8.78
CA GLY V 495 58.46 5.22 -7.96
C GLY V 495 58.76 5.71 -6.57
N ALA V 496 59.85 6.46 -6.40
CA ALA V 496 60.28 6.97 -5.09
C ALA V 496 60.31 8.48 -5.12
N PRO V 497 59.19 9.15 -4.86
CA PRO V 497 59.22 10.62 -4.74
C PRO V 497 59.73 11.05 -3.38
N GLY V 498 59.71 12.35 -3.10
CA GLY V 498 59.97 12.81 -1.76
C GLY V 498 58.84 12.41 -0.83
N THR V 499 59.21 11.87 0.33
CA THR V 499 58.21 11.40 1.28
C THR V 499 57.67 12.51 2.17
N GLY V 500 58.15 13.74 1.99
CA GLY V 500 58.02 14.76 3.01
C GLY V 500 56.64 15.25 3.35
N SER V 501 56.02 15.95 2.42
CA SER V 501 54.65 16.44 2.47
C SER V 501 54.29 16.81 1.04
N PHE V 502 53.22 17.57 0.87
CA PHE V 502 53.03 18.18 -0.43
C PHE V 502 53.78 19.50 -0.54
N LEU V 503 54.28 20.05 0.57
CA LEU V 503 54.94 21.34 0.53
C LEU V 503 56.32 21.33 1.17
N PHE V 504 56.53 20.49 2.19
CA PHE V 504 57.77 20.55 2.95
C PHE V 504 58.37 19.18 3.19
N PRO V 505 59.68 19.02 3.00
CA PRO V 505 60.29 17.70 3.14
C PRO V 505 60.51 17.30 4.59
N ASP V 506 60.45 16.00 4.83
CA ASP V 506 60.85 15.33 6.05
C ASP V 506 62.37 15.16 6.04
N PRO V 507 63.00 15.05 7.21
CA PRO V 507 64.46 14.86 7.22
C PRO V 507 64.87 13.54 6.59
N ALA V 508 66.12 13.51 6.13
CA ALA V 508 66.56 12.48 5.18
C ALA V 508 66.66 11.11 5.81
N VAL V 509 66.97 11.03 7.11
CA VAL V 509 67.04 9.73 7.76
C VAL V 509 65.65 9.12 7.88
N GLU V 510 64.63 9.96 8.04
CA GLU V 510 63.25 9.47 8.05
C GLU V 510 62.81 9.00 6.68
N HIS V 511 63.26 9.69 5.62
CA HIS V 511 62.99 9.25 4.26
C HIS V 511 63.66 7.92 3.97
N GLU V 512 64.91 7.76 4.41
CA GLU V 512 65.63 6.50 4.22
C GLU V 512 64.93 5.35 4.94
N ALA V 513 64.50 5.59 6.19
CA ALA V 513 63.81 4.57 6.95
C ALA V 513 62.48 4.18 6.31
N LEU V 514 61.72 5.18 5.83
CA LEU V 514 60.43 4.88 5.23
C LEU V 514 60.57 4.14 3.90
N THR V 515 61.48 4.58 3.03
CA THR V 515 61.57 3.92 1.74
C THR V 515 62.25 2.57 1.85
N GLU V 516 63.16 2.38 2.81
CA GLU V 516 63.77 1.07 2.99
C GLU V 516 62.77 0.10 3.62
N ALA V 517 61.94 0.58 4.54
CA ALA V 517 60.94 -0.28 5.16
C ALA V 517 59.84 -0.65 4.17
N ALA V 518 59.38 0.31 3.36
CA ALA V 518 58.34 0.00 2.37
C ALA V 518 58.88 -0.89 1.26
N HIS V 519 60.14 -0.69 0.86
CA HIS V 519 60.77 -1.56 -0.12
C HIS V 519 60.93 -2.98 0.42
N ALA V 520 61.33 -3.11 1.69
CA ALA V 520 61.46 -4.43 2.29
C ALA V 520 60.11 -5.09 2.50
N SER V 521 59.06 -4.31 2.74
CA SER V 521 57.74 -4.91 2.90
C SER V 521 57.19 -5.39 1.56
N GLU V 522 57.40 -4.62 0.49
CA GLU V 522 56.98 -5.09 -0.83
C GLU V 522 57.79 -6.29 -1.29
N HIS V 523 59.08 -6.31 -0.95
CA HIS V 523 59.93 -7.46 -1.24
C HIS V 523 59.48 -8.68 -0.45
N LYS V 524 59.06 -8.48 0.81
CA LYS V 524 58.55 -9.57 1.62
C LYS V 524 57.20 -10.06 1.09
N SER V 525 56.40 -9.17 0.53
CA SER V 525 55.12 -9.57 -0.07
C SER V 525 55.35 -10.49 -1.26
N LEU V 526 56.17 -10.06 -2.22
CA LEU V 526 56.41 -10.92 -3.37
C LEU V 526 57.24 -12.15 -3.00
N THR V 527 58.05 -12.09 -1.95
CA THR V 527 58.80 -13.27 -1.50
C THR V 527 57.87 -14.32 -0.90
N ALA V 528 56.94 -13.90 -0.04
CA ALA V 528 55.99 -14.83 0.55
C ALA V 528 55.05 -15.40 -0.49
N LEU V 529 54.60 -14.56 -1.43
CA LEU V 529 53.72 -15.06 -2.48
C LEU V 529 54.46 -15.99 -3.45
N LYS V 530 55.73 -15.71 -3.72
CA LYS V 530 56.52 -16.58 -4.59
C LYS V 530 56.85 -17.90 -3.93
N GLU V 531 57.14 -17.89 -2.62
CA GLU V 531 57.43 -19.16 -1.97
C GLU V 531 56.16 -19.97 -1.73
N HIS V 532 54.99 -19.31 -1.61
CA HIS V 532 53.75 -20.07 -1.62
C HIS V 532 53.48 -20.68 -2.99
N GLN V 533 53.74 -19.93 -4.06
CA GLN V 533 53.61 -20.45 -5.42
C GLN V 533 54.54 -21.63 -5.67
N ASP V 534 55.74 -21.59 -5.08
CA ASP V 534 56.64 -22.73 -5.20
C ASP V 534 56.20 -23.87 -4.29
N ARG V 535 55.52 -23.58 -3.19
CA ARG V 535 54.98 -24.63 -2.33
C ARG V 535 53.84 -25.38 -3.03
N ILE V 536 53.09 -24.70 -3.90
CA ILE V 536 52.04 -25.38 -4.64
C ILE V 536 52.63 -26.35 -5.66
N HIS V 537 53.73 -25.98 -6.30
CA HIS V 537 54.37 -26.83 -7.30
C HIS V 537 55.84 -27.03 -6.93
N GLY V 538 56.14 -28.13 -6.25
CA GLY V 538 57.50 -28.44 -5.87
C GLY V 538 57.59 -29.55 -4.84
N GLN W 72 -0.16 54.75 -40.00
CA GLN W 72 0.62 55.74 -40.72
C GLN W 72 1.08 55.18 -42.06
N SER W 73 0.90 55.97 -43.12
CA SER W 73 1.24 55.53 -44.45
C SER W 73 2.75 55.47 -44.67
N ALA W 74 3.50 56.32 -43.99
CA ALA W 74 4.95 56.24 -44.06
C ALA W 74 5.47 54.98 -43.38
N LEU W 75 4.76 54.48 -42.37
CA LEU W 75 5.10 53.21 -41.76
C LEU W 75 4.85 52.05 -42.72
N LEU W 76 3.77 52.14 -43.51
CA LEU W 76 3.54 51.15 -44.55
C LEU W 76 4.60 51.22 -45.63
N ARG W 77 5.07 52.43 -45.94
CA ARG W 77 6.13 52.58 -46.92
C ARG W 77 7.45 52.02 -46.41
N THR W 78 7.72 52.19 -45.10
CA THR W 78 8.91 51.60 -44.50
C THR W 78 8.86 50.08 -44.54
N GLY W 79 7.67 49.53 -44.26
CA GLY W 79 7.47 48.09 -44.42
C GLY W 79 7.68 47.63 -45.85
N LYS W 80 7.28 48.45 -46.82
CA LYS W 80 7.48 48.09 -48.21
C LYS W 80 8.95 48.16 -48.61
N GLN W 81 9.68 49.16 -48.09
CA GLN W 81 11.11 49.28 -48.40
C GLN W 81 11.90 48.12 -47.81
N LEU W 82 11.53 47.67 -46.61
CA LEU W 82 12.17 46.49 -46.06
C LEU W 82 11.68 45.22 -46.73
N PHE W 83 10.46 45.24 -47.27
CA PHE W 83 9.90 44.07 -47.92
C PHE W 83 10.58 43.81 -49.26
N GLU W 84 10.83 44.87 -50.03
CA GLU W 84 11.42 44.73 -51.36
C GLU W 84 12.83 44.17 -51.30
N THR W 85 13.59 44.54 -50.28
CA THR W 85 15.01 44.20 -50.22
C THR W 85 15.31 43.11 -49.20
N SER W 86 14.33 42.26 -48.91
CA SER W 86 14.67 41.07 -48.14
C SER W 86 14.00 39.78 -48.60
N CYS W 87 12.84 39.82 -49.25
CA CYS W 87 12.06 38.60 -49.39
C CYS W 87 11.41 38.35 -50.74
N VAL W 88 11.44 39.28 -51.69
CA VAL W 88 10.57 39.16 -52.85
C VAL W 88 11.12 38.17 -53.86
N SER W 89 12.29 37.60 -53.56
CA SER W 89 12.70 36.35 -54.19
C SER W 89 11.85 35.17 -53.77
N CYS W 90 11.11 35.28 -52.66
CA CYS W 90 10.29 34.18 -52.19
C CYS W 90 8.89 34.62 -51.75
N HIS W 91 8.48 35.86 -52.04
CA HIS W 91 7.10 36.26 -51.84
C HIS W 91 6.56 37.13 -52.97
N GLY W 92 7.33 37.31 -54.05
CA GLY W 92 6.81 37.79 -55.32
C GLY W 92 6.46 39.26 -55.40
N ALA W 93 6.64 40.02 -54.32
CA ALA W 93 6.50 41.48 -54.23
C ALA W 93 5.08 42.02 -54.40
N ASN W 94 4.13 41.14 -54.74
CA ASN W 94 2.71 41.43 -54.63
C ASN W 94 2.10 40.67 -53.48
N LEU W 95 2.95 40.26 -52.53
CA LEU W 95 2.60 39.46 -51.35
C LEU W 95 2.02 38.11 -51.73
N GLN W 96 2.38 37.61 -52.89
CA GLN W 96 1.93 36.32 -53.39
C GLN W 96 2.86 35.23 -52.88
N GLY W 97 2.74 34.03 -53.44
CA GLY W 97 3.71 33.00 -53.16
C GLY W 97 4.48 32.58 -54.40
N VAL W 98 5.80 32.72 -54.36
CA VAL W 98 6.65 32.23 -55.44
C VAL W 98 6.61 30.70 -55.38
N PRO W 99 6.08 30.04 -56.41
CA PRO W 99 5.68 28.62 -56.27
C PRO W 99 6.87 27.69 -56.07
N ASP W 100 6.79 26.88 -55.01
CA ASP W 100 7.82 25.93 -54.55
C ASP W 100 9.13 26.64 -54.19
N ARG W 101 9.07 27.92 -53.83
CA ARG W 101 10.24 28.64 -53.37
C ARG W 101 9.88 29.42 -52.11
N GLY W 102 8.61 29.76 -51.98
CA GLY W 102 8.11 30.44 -50.80
C GLY W 102 6.61 30.64 -50.89
N PRO W 103 5.89 30.31 -49.82
CA PRO W 103 4.43 30.32 -49.88
C PRO W 103 3.87 31.73 -49.84
N SER W 104 2.54 31.79 -50.00
CA SER W 104 1.82 33.05 -49.97
C SER W 104 1.86 33.68 -48.59
N LEU W 105 1.52 34.96 -48.55
CA LEU W 105 1.76 35.72 -47.33
C LEU W 105 0.59 36.62 -46.92
N ILE W 106 -0.39 36.85 -47.79
CA ILE W 106 -1.54 37.64 -47.38
C ILE W 106 -2.40 36.83 -46.42
N GLY W 107 -3.16 37.54 -45.59
CA GLY W 107 -4.01 36.92 -44.60
C GLY W 107 -3.31 36.42 -43.37
N THR W 108 -2.00 36.23 -43.41
CA THR W 108 -1.27 35.76 -42.25
C THR W 108 -1.18 36.86 -41.20
N GLY W 109 -0.83 38.07 -41.62
CA GLY W 109 -1.08 39.24 -40.80
C GLY W 109 0.10 39.70 -39.96
N GLU W 110 -0.18 40.77 -39.21
CA GLU W 110 0.84 41.43 -38.40
C GLU W 110 1.30 40.54 -37.26
N ALA W 111 0.41 39.71 -36.72
CA ALA W 111 0.81 38.77 -35.67
C ALA W 111 1.77 37.72 -36.21
N ALA W 112 1.49 37.22 -37.41
CA ALA W 112 2.36 36.23 -38.05
C ALA W 112 3.72 36.82 -38.38
N VAL W 113 3.75 38.06 -38.88
CA VAL W 113 5.04 38.65 -39.22
C VAL W 113 5.81 39.05 -37.96
N TYR W 114 5.11 39.43 -36.89
CA TYR W 114 5.78 39.68 -35.63
C TYR W 114 6.43 38.43 -35.07
N PHE W 115 5.72 37.30 -35.11
CA PHE W 115 6.36 36.10 -34.61
C PHE W 115 7.44 35.59 -35.55
N GLN W 116 7.27 35.74 -36.85
CA GLN W 116 8.20 35.13 -37.78
C GLN W 116 9.41 36.00 -38.10
N VAL W 117 9.44 37.26 -37.66
CA VAL W 117 10.66 38.05 -37.85
C VAL W 117 11.19 38.48 -36.50
N SER W 118 10.31 38.63 -35.51
CA SER W 118 10.76 38.98 -34.17
C SER W 118 11.53 37.83 -33.53
N THR W 119 11.12 36.59 -33.79
CA THR W 119 11.98 35.46 -33.47
C THR W 119 13.19 35.46 -34.38
N GLY W 120 13.02 35.84 -35.63
CA GLY W 120 14.11 35.91 -36.59
C GLY W 120 13.94 34.96 -37.75
N ARG W 121 13.01 34.02 -37.65
CA ARG W 121 13.01 32.81 -38.46
C ARG W 121 12.83 33.09 -39.94
N MET W 122 11.80 33.84 -40.29
CA MET W 122 11.47 33.89 -41.71
C MET W 122 12.38 34.65 -42.65
N PRO W 123 13.14 35.71 -42.27
CA PRO W 123 14.20 36.15 -43.18
C PRO W 123 15.29 35.11 -43.33
N ALA W 124 14.97 34.06 -44.07
CA ALA W 124 15.64 32.77 -44.00
C ALA W 124 16.47 32.56 -45.24
N MET W 125 17.16 31.43 -45.28
CA MET W 125 18.25 31.24 -46.22
C MET W 125 18.21 29.94 -46.98
N ARG W 126 17.34 29.00 -46.62
CA ARG W 126 17.18 27.78 -47.39
C ARG W 126 15.81 27.20 -47.05
N GLY W 127 15.25 26.45 -48.00
CA GLY W 127 14.04 25.71 -47.71
C GLY W 127 14.38 24.28 -47.38
N GLU W 128 14.34 23.96 -46.09
CA GLU W 128 14.88 22.71 -45.58
C GLU W 128 13.76 21.97 -44.87
N ALA W 129 14.08 20.98 -44.02
CA ALA W 129 13.11 20.29 -43.18
C ALA W 129 12.21 21.28 -42.43
N GLN W 130 12.81 22.16 -41.64
CA GLN W 130 12.07 23.32 -41.15
C GLN W 130 13.06 24.46 -40.95
N ALA W 131 12.59 25.68 -41.18
CA ALA W 131 13.47 26.83 -41.00
C ALA W 131 13.63 27.10 -39.52
N PRO W 132 14.84 27.11 -38.99
CA PRO W 132 15.01 27.09 -37.54
C PRO W 132 15.05 28.49 -36.97
N SER W 133 15.24 28.59 -35.67
CA SER W 133 15.41 29.89 -35.03
C SER W 133 16.78 30.46 -35.37
N LYS W 134 16.90 31.77 -35.21
CA LYS W 134 18.10 32.52 -35.56
C LYS W 134 18.02 33.88 -34.89
N PRO W 135 19.08 34.68 -34.91
CA PRO W 135 18.96 36.06 -34.45
C PRO W 135 18.01 36.86 -35.32
N PRO W 136 17.37 37.88 -34.76
CA PRO W 136 16.37 38.64 -35.52
C PRO W 136 17.02 39.52 -36.59
N HIS W 137 16.39 39.57 -37.76
CA HIS W 137 16.91 40.35 -38.87
C HIS W 137 16.37 41.78 -38.89
N PHE W 138 15.37 42.09 -38.07
CA PHE W 138 14.86 43.45 -37.95
C PHE W 138 14.50 43.70 -36.50
N ASP W 139 14.37 44.98 -36.14
CA ASP W 139 14.07 45.38 -34.77
C ASP W 139 12.64 45.86 -34.65
N GLU W 140 12.22 46.10 -33.39
CA GLU W 140 10.84 46.43 -33.04
C GLU W 140 10.34 47.72 -33.68
N SER W 141 11.25 48.64 -34.01
CA SER W 141 10.88 49.83 -34.76
C SER W 141 10.52 49.54 -36.21
N GLN W 142 10.82 48.33 -36.69
CA GLN W 142 10.57 47.95 -38.07
C GLN W 142 9.63 46.77 -38.22
N ILE W 143 9.45 45.97 -37.17
CA ILE W 143 8.49 44.87 -37.22
C ILE W 143 7.07 45.40 -37.32
N ASP W 144 6.78 46.52 -36.65
CA ASP W 144 5.47 47.15 -36.78
C ASP W 144 5.23 47.62 -38.22
N ALA W 145 6.27 48.14 -38.87
CA ALA W 145 6.17 48.55 -40.27
C ALA W 145 5.90 47.36 -41.17
N LEU W 146 6.65 46.29 -40.98
CA LEU W 146 6.55 45.12 -41.85
C LEU W 146 5.24 44.38 -41.63
N GLY W 147 4.80 44.28 -40.38
CA GLY W 147 3.54 43.61 -40.09
C GLY W 147 2.33 44.42 -40.48
N ALA W 148 2.40 45.76 -40.35
CA ALA W 148 1.29 46.56 -40.83
C ALA W 148 1.24 46.58 -42.35
N TYR W 149 2.39 46.45 -43.01
CA TYR W 149 2.38 46.33 -44.47
C TYR W 149 1.75 45.03 -44.93
N VAL W 150 2.09 43.92 -44.28
CA VAL W 150 1.46 42.65 -44.67
C VAL W 150 -0.01 42.61 -44.25
N GLN W 151 -0.42 43.38 -43.24
CA GLN W 151 -1.82 43.36 -42.88
C GLN W 151 -2.62 44.28 -43.80
N ALA W 152 -2.00 45.35 -44.30
CA ALA W 152 -2.68 46.20 -45.25
C ALA W 152 -2.81 45.53 -46.62
N ASN W 153 -1.79 44.76 -47.03
CA ASN W 153 -1.95 44.00 -48.27
C ASN W 153 -2.88 42.81 -48.06
N GLY W 154 -2.74 42.10 -46.96
CA GLY W 154 -3.64 41.01 -46.68
C GLY W 154 -4.61 41.37 -45.59
N GLY W 155 -4.40 40.83 -44.39
CA GLY W 155 -5.26 41.11 -43.27
C GLY W 155 -5.63 39.85 -42.53
N GLY W 156 -5.36 39.83 -41.23
CA GLY W 156 -5.63 38.66 -40.42
C GLY W 156 -5.42 38.96 -38.95
N PRO W 157 -4.76 38.04 -38.25
CA PRO W 157 -4.50 38.26 -36.82
C PRO W 157 -3.49 39.36 -36.60
N THR W 158 -3.72 40.14 -35.55
CA THR W 158 -2.82 41.22 -35.18
C THR W 158 -2.20 40.95 -33.82
N VAL W 159 -1.05 41.55 -33.60
CA VAL W 159 -0.28 41.35 -32.37
C VAL W 159 -0.93 42.19 -31.27
N PRO W 160 -1.09 41.67 -30.05
CA PRO W 160 -1.73 42.46 -29.00
C PRO W 160 -0.83 43.56 -28.48
N ARG W 161 -1.42 44.75 -28.34
CA ARG W 161 -0.68 45.94 -28.00
C ARG W 161 -1.28 46.60 -26.77
N ASP W 162 -0.42 47.21 -25.96
CA ASP W 162 -0.82 47.80 -24.69
C ASP W 162 -1.23 49.25 -24.90
N ASP W 163 -1.34 50.01 -23.81
CA ASP W 163 -1.76 51.40 -23.83
C ASP W 163 -0.66 52.37 -24.28
N HIS W 164 0.48 51.87 -24.76
CA HIS W 164 1.51 52.71 -25.34
C HIS W 164 1.56 52.63 -26.86
N GLY W 165 0.80 51.73 -27.46
CA GLY W 165 0.90 51.47 -28.88
C GLY W 165 1.96 50.49 -29.28
N ALA W 166 2.94 50.23 -28.40
CA ALA W 166 3.96 49.24 -28.67
C ALA W 166 3.41 47.84 -28.45
N VAL W 167 4.22 46.84 -28.78
CA VAL W 167 3.79 45.45 -28.67
C VAL W 167 3.74 45.05 -27.19
N ALA W 168 2.58 44.56 -26.76
CA ALA W 168 2.38 44.20 -25.37
C ALA W 168 3.06 42.87 -25.10
N GLN W 169 3.97 42.86 -24.13
CA GLN W 169 4.69 41.64 -23.77
C GLN W 169 4.55 41.24 -22.32
N GLU W 170 4.27 42.19 -21.43
CA GLU W 170 4.11 41.90 -20.01
C GLU W 170 2.65 41.83 -19.59
N SER W 171 1.76 42.53 -20.29
CA SER W 171 0.33 42.45 -19.99
C SER W 171 -0.31 41.19 -20.52
N LEU W 172 0.46 40.31 -21.15
CA LEU W 172 -0.04 39.05 -21.67
C LEU W 172 0.01 37.91 -20.66
N ILE W 173 0.78 38.00 -19.59
CA ILE W 173 0.78 36.90 -18.63
C ILE W 173 -0.53 36.92 -17.85
N GLY W 174 -1.30 35.85 -18.00
CA GLY W 174 -2.60 35.77 -17.39
C GLY W 174 -2.54 35.57 -15.89
N GLY W 175 -3.68 35.76 -15.26
CA GLY W 175 -3.79 35.67 -13.82
C GLY W 175 -3.85 34.27 -13.27
N ASP W 176 -3.82 33.25 -14.11
CA ASP W 176 -3.85 31.87 -13.66
C ASP W 176 -2.71 31.11 -14.32
N VAL W 177 -2.20 30.10 -13.62
CA VAL W 177 -1.13 29.24 -14.13
C VAL W 177 -1.57 27.79 -14.22
N ALA W 178 -2.35 27.32 -13.24
CA ALA W 178 -2.76 25.91 -13.20
C ALA W 178 -3.70 25.57 -14.35
N ARG W 179 -4.58 26.50 -14.70
CA ARG W 179 -5.38 26.35 -15.91
C ARG W 179 -4.49 26.38 -17.14
N GLY W 180 -3.48 27.25 -17.12
CA GLY W 180 -2.48 27.26 -18.19
C GLY W 180 -1.64 26.00 -18.21
N GLY W 181 -1.38 25.42 -17.04
CA GLY W 181 -0.65 24.16 -17.00
C GLY W 181 -1.44 23.04 -17.64
N ASP W 182 -2.70 22.91 -17.25
CA ASP W 182 -3.55 21.87 -17.84
C ASP W 182 -3.83 22.11 -19.31
N LEU W 183 -3.91 23.37 -19.73
CA LEU W 183 -4.26 23.65 -21.12
C LEU W 183 -3.06 23.54 -22.04
N PHE W 184 -1.89 24.01 -21.60
CA PHE W 184 -0.63 23.72 -22.28
C PHE W 184 -0.40 22.23 -22.37
N ARG W 185 -0.72 21.51 -21.31
CA ARG W 185 -0.42 20.10 -21.24
C ARG W 185 -1.34 19.28 -22.13
N LEU W 186 -2.62 19.62 -22.16
CA LEU W 186 -3.56 18.95 -23.06
C LEU W 186 -3.30 19.32 -24.50
N ASN W 187 -3.30 20.61 -24.78
CA ASN W 187 -3.52 21.02 -26.16
C ASN W 187 -2.24 20.95 -26.99
N CYS W 188 -1.08 21.15 -26.36
CA CYS W 188 0.14 21.17 -27.17
C CYS W 188 1.34 20.45 -26.60
N ALA W 189 1.44 20.20 -25.29
CA ALA W 189 2.67 19.69 -24.70
C ALA W 189 2.99 18.27 -25.13
N SER W 190 2.11 17.62 -25.87
CA SER W 190 2.48 16.50 -26.72
C SER W 190 3.66 16.87 -27.60
N CYS W 191 3.60 18.03 -28.22
CA CYS W 191 4.66 18.31 -29.18
C CYS W 191 5.94 18.78 -28.52
N HIS W 192 5.86 19.75 -27.61
CA HIS W 192 7.13 20.25 -27.10
C HIS W 192 7.68 19.38 -25.98
N ASN W 193 7.12 19.54 -24.78
CA ASN W 193 7.56 18.90 -23.55
C ASN W 193 6.63 19.43 -22.47
N PHE W 194 6.81 18.99 -21.22
CA PHE W 194 6.00 19.52 -20.13
C PHE W 194 6.34 20.95 -19.80
N THR W 195 7.61 21.24 -19.57
CA THR W 195 8.03 22.59 -19.23
C THR W 195 8.27 23.46 -20.46
N GLY W 196 8.12 22.90 -21.64
CA GLY W 196 8.37 23.67 -22.84
C GLY W 196 9.76 23.52 -23.41
N LYS W 197 10.42 22.39 -23.18
CA LYS W 197 11.61 22.09 -23.94
C LYS W 197 11.19 21.56 -25.31
N GLY W 198 12.14 21.33 -26.19
CA GLY W 198 11.80 20.92 -27.53
C GLY W 198 11.30 19.49 -27.59
N GLY W 199 10.74 19.14 -28.74
CA GLY W 199 10.36 17.78 -29.01
C GLY W 199 10.62 17.47 -30.47
N ALA W 200 10.82 16.20 -30.76
CA ALA W 200 11.07 15.83 -32.14
C ALA W 200 9.77 15.81 -32.93
N LEU W 201 9.90 16.05 -34.22
CA LEU W 201 8.81 15.93 -35.18
C LEU W 201 9.26 15.07 -36.34
N SER W 202 8.36 14.91 -37.32
CA SER W 202 8.35 13.75 -38.20
C SER W 202 9.59 13.59 -39.09
N SER W 203 9.78 14.48 -40.05
CA SER W 203 10.85 14.32 -41.02
C SER W 203 11.75 15.52 -40.92
N GLY W 204 12.68 15.48 -39.98
CA GLY W 204 13.67 16.51 -39.80
C GLY W 204 13.27 17.70 -38.98
N LYS W 205 12.03 18.15 -39.14
CA LYS W 205 11.42 19.18 -38.34
C LYS W 205 11.36 18.78 -36.87
N TYR W 206 11.28 19.79 -36.00
CA TYR W 206 11.36 19.57 -34.56
C TYR W 206 10.71 20.73 -33.85
N ALA W 207 10.13 20.45 -32.69
CA ALA W 207 9.67 21.54 -31.83
C ALA W 207 10.87 22.21 -31.17
N PRO W 208 10.87 23.52 -31.06
CA PRO W 208 11.95 24.22 -30.38
C PRO W 208 11.67 24.41 -28.90
N ASP W 209 12.73 24.77 -28.17
CA ASP W 209 12.63 25.13 -26.77
C ASP W 209 11.81 26.41 -26.63
N LEU W 210 11.07 26.52 -25.53
CA LEU W 210 10.29 27.70 -25.24
C LEU W 210 10.96 28.62 -24.23
N GLY W 211 12.23 28.37 -23.92
CA GLY W 211 12.90 29.19 -22.92
C GLY W 211 13.24 30.57 -23.43
N ASP W 212 13.75 30.65 -24.66
CA ASP W 212 14.11 31.92 -25.28
C ASP W 212 12.93 32.44 -26.11
N ALA W 213 11.82 32.69 -25.43
CA ALA W 213 10.56 33.03 -26.08
C ALA W 213 9.91 34.20 -25.37
N ASN W 214 9.97 35.36 -26.02
CA ASN W 214 9.18 36.53 -25.67
C ASN W 214 7.70 36.17 -25.57
N PRO W 215 6.99 36.58 -24.51
CA PRO W 215 5.56 36.22 -24.38
C PRO W 215 4.65 36.65 -25.52
N ALA W 216 4.93 37.79 -26.14
CA ALA W 216 4.18 38.16 -27.34
C ALA W 216 4.50 37.22 -28.49
N GLN W 217 5.74 36.72 -28.57
CA GLN W 217 6.05 35.70 -29.56
C GLN W 217 5.36 34.39 -29.26
N ILE W 218 5.08 34.11 -27.99
CA ILE W 218 4.38 32.87 -27.65
C ILE W 218 2.91 32.97 -28.03
N TYR W 219 2.30 34.12 -27.75
CA TYR W 219 0.92 34.37 -28.13
C TYR W 219 0.75 34.38 -29.65
N THR W 220 1.65 35.06 -30.36
CA THR W 220 1.58 35.07 -31.81
C THR W 220 2.15 33.80 -32.43
N ALA W 221 2.78 32.94 -31.64
CA ALA W 221 3.16 31.62 -32.11
C ALA W 221 1.96 30.70 -32.14
N MET W 222 1.20 30.68 -31.04
CA MET W 222 -0.01 29.86 -31.08
C MET W 222 -1.12 30.50 -31.89
N LEU W 223 -1.09 31.83 -32.09
CA LEU W 223 -2.17 32.53 -32.79
C LEU W 223 -2.10 32.29 -34.29
N THR W 224 -0.92 32.40 -34.89
CA THR W 224 -0.73 32.00 -36.27
C THR W 224 0.41 31.00 -36.30
N GLY W 225 0.04 29.74 -36.48
CA GLY W 225 0.99 28.64 -36.43
C GLY W 225 1.87 28.58 -37.65
N PRO W 226 3.15 28.88 -37.46
CA PRO W 226 4.07 28.99 -38.60
C PRO W 226 4.30 27.74 -39.44
N GLN W 227 4.91 26.74 -38.83
CA GLN W 227 5.42 25.56 -39.51
C GLN W 227 4.94 24.39 -38.69
N ASN W 228 4.03 23.60 -39.25
CA ASN W 228 3.64 22.29 -38.74
C ASN W 228 2.88 22.36 -37.42
N MET W 229 2.79 23.54 -36.80
CA MET W 229 1.92 23.61 -35.66
C MET W 229 0.55 24.14 -36.08
N PRO W 230 -0.49 23.59 -35.49
CA PRO W 230 -1.83 24.13 -35.73
C PRO W 230 -1.93 25.56 -35.26
N LYS W 231 -2.66 26.37 -36.04
CA LYS W 231 -2.89 27.74 -35.61
C LYS W 231 -4.04 27.72 -34.60
N PHE W 232 -3.69 27.84 -33.34
CA PHE W 232 -4.68 27.88 -32.26
C PHE W 232 -5.30 29.26 -32.32
N SER W 233 -6.46 29.34 -32.96
CA SER W 233 -7.00 30.62 -33.39
C SER W 233 -7.55 31.42 -32.22
N ASP W 234 -8.10 32.58 -32.56
CA ASP W 234 -8.78 33.42 -31.58
C ASP W 234 -10.06 32.77 -31.08
N ARG W 235 -10.65 31.85 -31.85
CA ARG W 235 -11.85 31.14 -31.47
C ARG W 235 -11.61 29.71 -31.02
N GLN W 236 -10.47 29.11 -31.38
CA GLN W 236 -10.15 27.80 -30.84
C GLN W 236 -9.76 27.91 -29.38
N LEU W 237 -8.75 28.73 -29.09
CA LEU W 237 -8.42 29.14 -27.74
C LEU W 237 -8.80 30.61 -27.57
N THR W 238 -9.53 30.93 -26.52
CA THR W 238 -9.92 32.31 -26.29
C THR W 238 -8.70 33.08 -25.79
N PRO W 239 -8.66 34.40 -25.96
CA PRO W 239 -7.50 35.18 -25.46
C PRO W 239 -7.26 35.08 -23.97
N ASP W 240 -8.29 34.80 -23.17
CA ASP W 240 -8.07 34.45 -21.76
C ASP W 240 -7.22 33.20 -21.66
N GLU W 241 -7.57 32.16 -22.43
CA GLU W 241 -6.81 30.92 -22.45
C GLU W 241 -5.41 31.09 -23.01
N LYS W 242 -5.24 31.98 -23.97
CA LYS W 242 -3.92 32.14 -24.57
C LYS W 242 -2.99 32.94 -23.66
N ARG W 243 -3.53 33.99 -23.01
CA ARG W 243 -2.81 34.67 -21.94
C ARG W 243 -2.51 33.73 -20.79
N ASP W 244 -3.38 32.76 -20.57
CA ASP W 244 -3.20 31.78 -19.52
C ASP W 244 -2.08 30.79 -19.85
N ILE W 245 -1.99 30.35 -21.11
CA ILE W 245 -0.89 29.48 -21.54
C ILE W 245 0.44 30.22 -21.50
N VAL W 246 0.46 31.49 -21.94
CA VAL W 246 1.74 32.21 -21.88
C VAL W 246 2.06 32.61 -20.44
N ALA W 247 1.09 32.58 -19.53
CA ALA W 247 1.41 32.68 -18.12
C ALA W 247 2.08 31.41 -17.63
N TYR W 248 1.65 30.26 -18.15
CA TYR W 248 2.29 29.01 -17.74
C TYR W 248 3.72 28.89 -18.26
N VAL W 249 3.94 29.13 -19.56
CA VAL W 249 5.24 28.84 -20.13
C VAL W 249 6.30 29.85 -19.74
N ARG W 250 5.91 31.06 -19.34
CA ARG W 250 6.86 32.03 -18.83
C ARG W 250 7.06 31.89 -17.34
N GLU W 251 6.50 30.85 -16.75
CA GLU W 251 6.79 30.51 -15.37
C GLU W 251 6.87 29.00 -15.26
N SER W 252 7.32 28.35 -16.33
CA SER W 252 7.72 26.95 -16.32
C SER W 252 9.09 26.83 -16.95
N ALA W 253 9.37 27.66 -17.95
CA ALA W 253 10.70 27.80 -18.52
C ALA W 253 11.50 28.89 -17.81
N GLU W 254 10.96 29.45 -16.74
CA GLU W 254 11.63 30.48 -15.96
C GLU W 254 11.84 30.08 -14.50
N THR W 255 10.91 29.31 -13.93
CA THR W 255 11.09 28.83 -12.56
C THR W 255 12.22 27.82 -12.49
N PRO W 256 13.04 27.84 -11.44
CA PRO W 256 14.16 26.92 -11.36
C PRO W 256 13.68 25.51 -11.05
N SER W 257 14.52 24.55 -11.43
CA SER W 257 14.22 23.15 -11.16
C SER W 257 14.32 22.90 -9.66
N TYR W 258 13.18 22.67 -9.04
CA TYR W 258 13.09 22.51 -7.59
C TYR W 258 13.78 21.21 -7.20
N GLY W 259 14.92 21.32 -6.54
CA GLY W 259 15.55 20.14 -6.00
C GLY W 259 16.68 19.55 -6.82
N GLY W 260 17.55 20.41 -7.34
CA GLY W 260 18.75 19.94 -8.01
C GLY W 260 18.93 20.56 -9.36
N TYR W 261 19.95 20.10 -10.06
CA TYR W 261 20.15 20.47 -11.45
C TYR W 261 19.03 19.89 -12.29
N GLY W 262 18.51 20.70 -13.22
CA GLY W 262 17.50 20.23 -14.12
C GLY W 262 18.12 19.58 -15.34
N LEU W 263 18.17 18.24 -15.35
CA LEU W 263 18.79 17.49 -16.44
C LEU W 263 17.88 17.56 -17.65
N GLY W 264 17.95 18.68 -18.36
CA GLY W 264 16.92 18.99 -19.32
C GLY W 264 15.63 19.28 -18.59
N GLY W 265 14.52 19.11 -19.31
CA GLY W 265 13.23 19.16 -18.68
C GLY W 265 12.56 17.81 -18.75
N PHE W 266 12.85 17.10 -19.83
CA PHE W 266 12.35 15.74 -20.02
C PHE W 266 13.20 14.78 -19.20
N GLY W 267 12.53 13.85 -18.52
CA GLY W 267 13.12 13.19 -17.40
C GLY W 267 14.18 12.14 -17.69
N PRO W 268 13.78 10.93 -18.10
CA PRO W 268 14.60 9.76 -17.76
C PRO W 268 15.82 9.51 -18.64
N ALA W 269 15.90 10.06 -19.84
CA ALA W 269 17.10 9.82 -20.63
C ALA W 269 18.30 10.66 -20.17
N PRO W 270 18.19 11.97 -19.87
CA PRO W 270 19.31 12.64 -19.21
C PRO W 270 19.61 12.11 -17.83
N GLU W 271 18.59 11.63 -17.12
CA GLU W 271 18.82 11.04 -15.81
C GLU W 271 19.58 9.74 -15.92
N GLY W 272 19.36 8.98 -16.99
CA GLY W 272 20.18 7.81 -17.24
C GLY W 272 21.61 8.16 -17.60
N MET W 273 21.79 9.07 -18.57
CA MET W 273 23.15 9.40 -19.02
C MET W 273 23.94 10.13 -17.93
N ALA W 274 23.27 10.82 -17.02
CA ALA W 274 23.92 11.38 -15.84
C ALA W 274 23.93 10.41 -14.67
N MET W 275 23.29 9.25 -14.79
CA MET W 275 23.58 8.18 -13.85
C MET W 275 24.88 7.49 -14.21
N TRP W 276 25.13 7.28 -15.51
CA TRP W 276 26.31 6.53 -15.91
C TRP W 276 27.59 7.32 -15.71
N ILE W 277 27.73 8.46 -16.37
CA ILE W 277 29.04 9.10 -16.37
C ILE W 277 29.29 9.96 -15.14
N ILE W 278 28.25 10.38 -14.43
CA ILE W 278 28.41 11.12 -13.17
C ILE W 278 28.36 10.20 -11.98
N GLY W 279 27.34 9.36 -11.90
CA GLY W 279 27.17 8.52 -10.74
C GLY W 279 27.87 7.19 -10.83
N MET W 280 27.65 6.46 -11.93
CA MET W 280 28.18 5.11 -12.04
C MET W 280 29.67 5.11 -12.37
N VAL W 281 30.15 6.08 -13.15
CA VAL W 281 31.59 6.20 -13.37
C VAL W 281 32.31 6.57 -12.08
N ALA W 282 31.69 7.41 -11.24
CA ALA W 282 32.27 7.69 -9.93
C ALA W 282 32.22 6.47 -9.03
N ALA W 283 31.16 5.66 -9.14
CA ALA W 283 31.05 4.45 -8.33
C ALA W 283 32.11 3.43 -8.72
N ILE W 284 32.32 3.23 -10.02
CA ILE W 284 33.36 2.29 -10.47
C ILE W 284 34.75 2.86 -10.21
N GLY W 285 34.90 4.19 -10.21
CA GLY W 285 36.18 4.78 -9.86
C GLY W 285 36.51 4.60 -8.39
N VAL W 286 35.51 4.72 -7.52
CA VAL W 286 35.69 4.41 -6.10
C VAL W 286 35.99 2.93 -5.94
N ALA W 287 35.29 2.08 -6.68
CA ALA W 287 35.49 0.64 -6.60
C ALA W 287 36.86 0.20 -7.12
N MET W 288 37.47 0.98 -8.00
CA MET W 288 38.82 0.64 -8.42
C MET W 288 39.89 1.36 -7.62
N TRP W 289 39.53 2.39 -6.88
CA TRP W 289 40.48 2.91 -5.91
C TRP W 289 40.54 2.04 -4.67
N ILE W 290 39.43 1.45 -4.26
CA ILE W 290 39.40 0.63 -3.06
C ILE W 290 40.02 -0.74 -3.32
N GLY W 291 39.43 -1.50 -4.22
CA GLY W 291 40.01 -2.76 -4.58
C GLY W 291 41.21 -2.59 -5.49
N SER W 292 42.09 -3.58 -5.46
CA SER W 292 43.27 -3.55 -6.31
C SER W 292 42.93 -4.18 -7.65
N ARG W 293 43.95 -4.45 -8.46
CA ARG W 293 43.73 -5.18 -9.70
C ARG W 293 44.81 -6.24 -9.85
N ALA W 294 44.39 -7.42 -10.29
CA ALA W 294 45.28 -8.56 -10.45
C ALA W 294 44.67 -9.55 -11.41
N GLY X 40 48.34 -30.54 14.51
CA GLY X 40 48.38 -31.99 14.53
C GLY X 40 47.68 -32.58 15.74
N GLN X 41 47.23 -31.70 16.62
CA GLN X 41 46.56 -32.08 17.86
C GLN X 41 45.73 -30.89 18.33
N PRO X 42 44.71 -31.11 19.17
CA PRO X 42 43.86 -29.98 19.59
C PRO X 42 44.56 -28.93 20.44
N THR X 43 45.69 -29.25 21.08
CA THR X 43 46.52 -28.34 21.89
C THR X 43 45.70 -27.69 23.00
N ASP X 44 45.23 -28.52 23.93
CA ASP X 44 44.33 -28.01 24.97
C ASP X 44 45.09 -27.36 26.13
N ALA X 45 46.16 -27.98 26.61
CA ALA X 45 46.82 -27.46 27.80
C ALA X 45 47.84 -26.37 27.48
N GLU X 46 48.49 -26.45 26.33
CA GLU X 46 49.52 -25.51 25.93
C GLU X 46 48.95 -24.30 25.18
N LEU X 47 47.66 -24.06 25.28
CA LEU X 47 47.04 -22.98 24.52
C LEU X 47 47.00 -21.67 25.31
N ALA X 48 46.99 -21.74 26.65
CA ALA X 48 47.05 -20.51 27.43
C ALA X 48 48.44 -19.90 27.38
N GLU X 49 49.47 -20.72 27.23
CA GLU X 49 50.83 -20.23 27.05
C GLU X 49 51.06 -19.69 25.65
N MET X 50 50.18 -20.02 24.70
CA MET X 50 50.39 -19.70 23.29
C MET X 50 50.16 -18.22 23.03
N SER X 51 51.03 -17.64 22.22
CA SER X 51 50.96 -16.21 21.91
C SER X 51 49.79 -15.92 20.98
N ARG X 52 49.45 -14.64 20.88
CA ARG X 52 48.20 -14.25 20.25
C ARG X 52 48.24 -14.36 18.73
N GLU X 53 49.36 -13.94 18.11
CA GLU X 53 49.47 -14.12 16.67
C GLU X 53 49.63 -15.59 16.29
N GLU X 54 50.17 -16.40 17.21
CA GLU X 54 50.19 -17.83 16.98
C GLU X 54 48.80 -18.42 17.09
N LEU X 55 47.93 -17.84 17.92
CA LEU X 55 46.53 -18.23 17.93
C LEU X 55 45.81 -17.82 16.65
N VAL X 56 46.18 -16.67 16.07
CA VAL X 56 45.60 -16.27 14.79
C VAL X 56 46.02 -17.22 13.68
N LYS X 57 47.29 -17.61 13.66
CA LYS X 57 47.74 -18.59 12.68
C LYS X 57 47.15 -19.96 12.95
N LEU X 58 46.86 -20.28 14.21
CA LEU X 58 46.18 -21.54 14.52
C LEU X 58 44.75 -21.53 14.02
N GLY X 59 44.09 -20.36 14.08
CA GLY X 59 42.75 -20.26 13.52
C GLY X 59 42.75 -20.36 12.02
N GLY X 60 43.77 -19.80 11.38
CA GLY X 60 43.95 -19.99 9.95
C GLY X 60 44.14 -21.45 9.60
N LYS X 61 44.99 -22.15 10.36
CA LYS X 61 45.29 -23.55 10.07
C LYS X 61 44.07 -24.43 10.32
N ILE X 62 43.27 -24.12 11.36
CA ILE X 62 42.09 -24.91 11.65
C ILE X 62 40.94 -24.55 10.71
N ASP X 63 41.01 -23.40 10.02
CA ASP X 63 39.99 -23.07 9.05
C ASP X 63 40.43 -23.31 7.61
N GLY X 64 41.71 -23.13 7.30
CA GLY X 64 42.19 -23.41 5.95
C GLY X 64 43.06 -22.31 5.41
N VAL X 65 43.14 -21.23 6.13
CA VAL X 65 43.81 -20.01 5.68
C VAL X 65 45.26 -20.05 6.10
N GLU X 66 46.14 -19.39 5.37
CA GLU X 66 47.41 -18.98 5.94
C GLU X 66 47.64 -17.52 5.57
N THR X 67 47.87 -16.70 6.59
CA THR X 67 48.08 -15.26 6.38
C THR X 67 49.55 -15.02 6.07
N ILE X 68 49.96 -15.42 4.87
CA ILE X 68 51.29 -15.10 4.40
C ILE X 68 51.36 -13.61 4.11
N PHE X 69 52.41 -12.96 4.60
CA PHE X 69 52.61 -11.51 4.53
C PHE X 69 51.45 -10.75 5.16
N LYS X 70 51.41 -10.80 6.48
CA LYS X 70 50.61 -9.83 7.24
C LYS X 70 51.60 -8.96 8.01
N GLU X 71 52.00 -7.85 7.39
CA GLU X 71 52.95 -6.93 7.97
C GLU X 71 52.30 -5.56 8.13
N PRO X 72 52.61 -4.83 9.19
CA PRO X 72 51.96 -3.53 9.43
C PRO X 72 52.41 -2.48 8.43
N ARG X 73 51.60 -1.42 8.34
CA ARG X 73 51.86 -0.39 7.33
C ARG X 73 52.98 0.55 7.73
N TRP X 74 53.15 0.81 9.02
CA TRP X 74 54.17 1.73 9.52
C TRP X 74 55.08 0.95 10.45
N PRO X 75 56.08 0.25 9.90
CA PRO X 75 56.92 -0.59 10.75
C PRO X 75 57.95 0.21 11.54
N VAL X 76 58.36 1.36 11.01
CA VAL X 76 59.21 2.25 11.78
C VAL X 76 58.33 3.21 12.57
N PRO X 77 58.53 3.32 13.88
CA PRO X 77 57.69 4.20 14.69
C PRO X 77 58.31 5.59 14.83
N GLY X 78 57.46 6.52 15.25
CA GLY X 78 57.91 7.88 15.50
C GLY X 78 58.11 8.73 14.26
N THR X 79 57.87 8.19 13.08
CA THR X 79 57.93 8.99 11.87
C THR X 79 56.74 9.94 11.80
N LYS X 80 56.92 11.05 11.10
CA LYS X 80 55.86 12.04 11.00
C LYS X 80 55.06 11.93 9.71
N ALA X 81 55.46 11.07 8.78
CA ALA X 81 54.55 10.76 7.67
C ALA X 81 53.37 9.94 8.17
N GLU X 82 53.61 9.05 9.13
CA GLU X 82 52.52 8.35 9.81
C GLU X 82 51.62 9.32 10.54
N LYS X 83 52.21 10.31 11.23
CA LYS X 83 51.43 11.30 11.95
C LYS X 83 50.65 12.20 10.99
N ARG X 84 51.21 12.47 9.82
CA ARG X 84 50.53 13.33 8.87
C ARG X 84 49.39 12.59 8.16
N THR X 85 49.57 11.30 7.85
CA THR X 85 48.44 10.56 7.30
C THR X 85 47.39 10.27 8.38
N GLU X 86 47.83 10.17 9.64
CA GLU X 86 46.91 10.11 10.77
C GLU X 86 46.02 11.34 10.83
N ARG X 87 46.62 12.54 10.77
CA ARG X 87 45.79 13.73 10.77
C ARG X 87 45.09 13.95 9.43
N LEU X 88 45.52 13.28 8.37
CA LEU X 88 44.80 13.36 7.09
C LEU X 88 43.49 12.58 7.13
N VAL X 89 43.55 11.32 7.60
CA VAL X 89 42.31 10.56 7.74
C VAL X 89 41.45 11.16 8.86
N ALA X 90 42.07 11.81 9.84
CA ALA X 90 41.32 12.61 10.80
C ALA X 90 40.64 13.80 10.14
N TYR X 91 41.26 14.41 9.13
CA TYR X 91 40.64 15.50 8.40
C TYR X 91 39.42 15.02 7.63
N TRP X 92 39.53 13.83 7.01
CA TRP X 92 38.38 13.31 6.26
C TRP X 92 37.22 12.93 7.19
N LEU X 93 37.53 12.29 8.32
CA LEU X 93 36.45 11.93 9.25
C LEU X 93 35.88 13.15 9.97
N MET X 94 36.70 14.17 10.21
CA MET X 94 36.19 15.39 10.82
C MET X 94 35.36 16.19 9.83
N LEU X 95 35.69 16.12 8.54
CA LEU X 95 34.82 16.69 7.52
C LEU X 95 33.49 15.95 7.45
N GLY X 96 33.53 14.62 7.62
CA GLY X 96 32.29 13.87 7.66
C GLY X 96 31.41 14.22 8.85
N GLY X 97 32.03 14.42 10.02
CA GLY X 97 31.27 14.83 11.18
C GLY X 97 30.74 16.25 11.07
N LEU X 98 31.55 17.16 10.52
CA LEU X 98 31.13 18.53 10.32
C LEU X 98 30.02 18.63 9.29
N SER X 99 30.03 17.77 8.27
CA SER X 99 28.95 17.81 7.29
C SER X 99 27.71 17.09 7.78
N GLY X 100 27.84 16.12 8.69
CA GLY X 100 26.65 15.58 9.34
C GLY X 100 25.99 16.60 10.27
N LEU X 101 26.81 17.35 11.02
CA LEU X 101 26.29 18.45 11.82
C LEU X 101 25.69 19.53 10.94
N ALA X 102 26.29 19.75 9.76
CA ALA X 102 25.71 20.65 8.78
C ALA X 102 24.38 20.14 8.25
N LEU X 103 24.22 18.82 8.10
CA LEU X 103 22.92 18.26 7.71
C LEU X 103 21.88 18.55 8.77
N LEU X 104 22.25 18.35 10.04
CA LEU X 104 21.33 18.64 11.15
C LEU X 104 20.93 20.11 11.16
N LEU X 105 21.89 21.00 10.93
CA LEU X 105 21.61 22.44 10.92
C LEU X 105 20.75 22.85 9.72
N VAL X 106 21.16 22.48 8.50
CA VAL X 106 20.41 22.91 7.32
C VAL X 106 19.17 22.07 7.08
N PHE X 107 18.94 21.04 7.88
CA PHE X 107 17.67 20.34 7.84
C PHE X 107 16.68 20.95 8.82
N LEU X 108 17.13 21.23 10.05
CA LEU X 108 16.27 21.91 11.00
C LEU X 108 16.07 23.36 10.61
N PHE X 109 17.17 24.09 10.44
CA PHE X 109 17.14 25.53 10.30
C PHE X 109 17.41 25.90 8.85
N TRP X 110 16.35 25.90 8.05
CA TRP X 110 16.49 26.31 6.66
C TRP X 110 15.16 26.84 6.17
N PRO X 111 15.16 27.91 5.38
CA PRO X 111 13.90 28.44 4.83
C PRO X 111 13.40 27.67 3.62
N TRP X 112 13.27 26.36 3.77
CA TRP X 112 12.46 25.61 2.81
C TRP X 112 11.00 25.87 3.15
N GLU X 113 10.18 25.90 2.11
CA GLU X 113 8.75 25.71 1.93
C GLU X 113 8.58 25.97 0.45
N TYR X 114 7.49 25.48 -0.13
CA TYR X 114 7.28 25.82 -1.54
C TYR X 114 6.80 27.28 -1.60
N GLN X 115 7.76 28.18 -1.55
CA GLN X 115 7.49 29.56 -1.85
C GLN X 115 7.24 29.61 -3.34
N PRO X 116 6.09 30.13 -3.80
CA PRO X 116 5.53 29.75 -5.11
C PRO X 116 6.41 30.03 -6.32
N PHE X 117 6.74 31.28 -6.53
CA PHE X 117 7.57 31.73 -7.66
C PHE X 117 8.34 32.96 -7.19
N GLY X 118 8.80 33.76 -8.16
CA GLY X 118 9.72 34.85 -7.92
C GLY X 118 9.28 35.86 -6.87
N SER X 119 9.92 35.75 -5.72
CA SER X 119 9.51 36.36 -4.47
C SER X 119 10.67 36.20 -3.50
N GLU X 120 10.63 36.97 -2.42
CA GLU X 120 11.69 36.90 -1.42
C GLU X 120 11.57 35.58 -0.68
N GLY X 121 12.38 34.61 -1.09
CA GLY X 121 12.40 33.32 -0.43
C GLY X 121 12.22 32.16 -1.39
N GLU X 122 12.32 32.42 -2.69
CA GLU X 122 12.16 31.36 -3.67
C GLU X 122 13.50 30.73 -4.05
N PHE X 123 14.55 31.54 -4.11
CA PHE X 123 15.88 31.01 -4.39
C PHE X 123 16.40 30.18 -3.23
N LEU X 124 15.96 30.48 -2.01
CA LEU X 124 16.36 29.66 -0.86
C LEU X 124 15.70 28.29 -0.89
N TYR X 125 14.47 28.22 -1.43
CA TYR X 125 13.86 26.91 -1.61
C TYR X 125 14.43 26.20 -2.83
N SER X 126 14.92 26.96 -3.82
CA SER X 126 15.50 26.35 -5.02
C SER X 126 16.73 25.53 -4.72
N LEU X 127 17.42 25.78 -3.61
CA LEU X 127 18.54 24.96 -3.17
C LEU X 127 18.35 24.49 -1.74
N ALA X 128 17.14 24.02 -1.41
CA ALA X 128 16.93 23.32 -0.15
C ALA X 128 17.32 21.86 -0.27
N THR X 129 16.72 21.17 -1.23
CA THR X 129 17.10 19.80 -1.52
C THR X 129 18.54 19.63 -2.01
N PRO X 130 19.13 20.50 -2.85
CA PRO X 130 20.57 20.39 -3.08
C PRO X 130 21.45 20.62 -1.86
N LEU X 131 21.04 21.48 -0.92
CA LEU X 131 21.81 21.59 0.31
C LEU X 131 21.68 20.35 1.17
N TYR X 132 20.48 19.75 1.20
CA TYR X 132 20.27 18.47 1.87
C TYR X 132 21.20 17.41 1.31
N GLY X 133 21.24 17.31 -0.02
CA GLY X 133 22.06 16.29 -0.65
C GLY X 133 23.54 16.56 -0.58
N LEU X 134 23.93 17.84 -0.60
CA LEU X 134 25.33 18.20 -0.43
C LEU X 134 25.82 17.80 0.94
N THR X 135 25.07 18.16 1.99
CA THR X 135 25.48 17.79 3.34
C THR X 135 25.43 16.29 3.55
N PHE X 136 24.41 15.61 3.00
CA PHE X 136 24.27 14.16 3.20
C PHE X 136 25.37 13.39 2.49
N GLY X 137 25.50 13.60 1.18
CA GLY X 137 26.50 12.90 0.41
C GLY X 137 27.90 13.27 0.83
N LEU X 138 28.15 14.53 1.17
CA LEU X 138 29.48 14.94 1.60
C LEU X 138 29.81 14.35 2.96
N SER X 139 28.83 14.25 3.86
CA SER X 139 29.04 13.65 5.17
C SER X 139 29.38 12.18 5.09
N ILE X 140 28.49 11.38 4.49
CA ILE X 140 28.77 9.95 4.50
C ILE X 140 29.85 9.58 3.48
N LEU X 141 30.07 10.38 2.44
CA LEU X 141 31.18 10.11 1.55
C LEU X 141 32.50 10.45 2.20
N SER X 142 32.56 11.50 3.04
CA SER X 142 33.79 11.78 3.76
C SER X 142 34.06 10.74 4.82
N ILE X 143 33.01 10.24 5.47
CA ILE X 143 33.19 9.16 6.45
C ILE X 143 33.65 7.87 5.77
N GLY X 144 33.09 7.58 4.58
CA GLY X 144 33.48 6.38 3.88
C GLY X 144 34.88 6.46 3.30
N ILE X 145 35.25 7.63 2.76
CA ILE X 145 36.59 7.78 2.25
C ILE X 145 37.60 7.86 3.39
N GLY X 146 37.16 8.30 4.58
CA GLY X 146 38.04 8.21 5.74
C GLY X 146 38.24 6.79 6.19
N ALA X 147 37.17 5.99 6.22
CA ALA X 147 37.31 4.60 6.66
C ALA X 147 38.14 3.79 5.68
N VAL X 148 37.95 4.01 4.38
CA VAL X 148 38.76 3.24 3.43
C VAL X 148 40.16 3.82 3.29
N LEU X 149 40.39 5.09 3.65
CA LEU X 149 41.76 5.57 3.67
C LEU X 149 42.47 5.10 4.92
N PHE X 150 41.71 4.86 6.00
CA PHE X 150 42.26 4.18 7.15
C PHE X 150 42.59 2.73 6.83
N GLN X 151 41.82 2.10 5.94
CA GLN X 151 42.16 0.76 5.49
C GLN X 151 43.40 0.79 4.60
N LYS X 152 43.50 1.77 3.72
CA LYS X 152 44.59 1.82 2.77
C LYS X 152 45.83 2.53 3.31
N LYS X 153 45.81 2.96 4.56
CA LYS X 153 47.01 3.55 5.15
C LYS X 153 47.41 2.96 6.50
N PHE X 154 46.50 2.34 7.25
CA PHE X 154 46.89 1.92 8.60
C PHE X 154 46.58 0.47 8.90
N ILE X 155 45.47 -0.05 8.39
CA ILE X 155 45.18 -1.48 8.55
C ILE X 155 46.21 -2.28 7.78
N PRO X 156 46.86 -3.27 8.42
CA PRO X 156 48.00 -3.94 7.79
C PRO X 156 47.57 -4.77 6.59
N GLU X 157 48.27 -4.60 5.48
CA GLU X 157 47.94 -5.30 4.26
C GLU X 157 48.26 -6.77 4.41
N GLU X 158 47.42 -7.61 3.83
CA GLU X 158 47.59 -9.03 3.92
C GLU X 158 47.22 -9.67 2.59
N ILE X 159 47.86 -10.77 2.28
CA ILE X 159 47.41 -11.68 1.24
C ILE X 159 47.21 -13.03 1.91
N SER X 160 46.03 -13.24 2.46
CA SER X 160 45.70 -14.48 3.12
C SER X 160 45.12 -15.42 2.08
N VAL X 161 45.72 -16.58 1.91
CA VAL X 161 45.26 -17.56 0.93
C VAL X 161 44.50 -18.65 1.68
N GLN X 162 43.25 -18.88 1.26
CA GLN X 162 42.37 -19.83 1.91
C GLN X 162 42.22 -21.06 1.03
N ASP X 163 42.62 -22.21 1.54
CA ASP X 163 42.47 -23.45 0.82
C ASP X 163 40.99 -23.80 0.73
N ARG X 164 40.47 -23.88 -0.49
CA ARG X 164 39.08 -24.21 -0.71
C ARG X 164 38.85 -25.70 -0.52
N HIS X 165 37.58 -26.06 -0.40
CA HIS X 165 37.16 -27.44 -0.43
C HIS X 165 35.94 -27.57 -1.31
N ASP X 166 35.98 -26.90 -2.45
CA ASP X 166 34.82 -26.74 -3.31
C ASP X 166 34.69 -27.93 -4.25
N GLY X 167 33.47 -28.40 -4.43
CA GLY X 167 33.18 -29.38 -5.45
C GLY X 167 33.44 -30.80 -5.00
N ARG X 168 32.42 -31.67 -5.14
CA ARG X 168 32.52 -33.10 -4.90
C ARG X 168 32.99 -33.42 -3.48
N SER X 169 32.07 -33.16 -2.53
CA SER X 169 32.15 -33.55 -1.12
C SER X 169 32.67 -34.98 -0.97
N PRO X 170 33.48 -35.28 0.04
CA PRO X 170 34.23 -36.55 0.06
C PRO X 170 33.31 -37.76 0.23
N GLU X 171 33.95 -38.93 0.08
CA GLU X 171 33.26 -40.21 -0.06
C GLU X 171 32.40 -40.56 1.16
N VAL X 172 32.71 -39.99 2.33
CA VAL X 172 31.87 -40.18 3.50
C VAL X 172 30.53 -39.46 3.33
N HIS X 173 30.59 -38.16 3.05
CA HIS X 173 29.42 -37.29 3.17
C HIS X 173 28.38 -37.58 2.09
N ARG X 174 28.83 -37.80 0.83
CA ARG X 174 27.91 -38.10 -0.27
C ARG X 174 27.09 -39.34 0.01
N LYS X 175 27.78 -40.47 0.23
CA LYS X 175 27.11 -41.74 0.39
C LYS X 175 26.37 -41.81 1.72
N THR X 176 26.78 -41.02 2.71
CA THR X 176 26.06 -41.02 3.96
C THR X 176 24.73 -40.27 3.84
N VAL X 177 24.73 -39.13 3.14
CA VAL X 177 23.47 -38.41 2.91
C VAL X 177 22.57 -39.20 1.97
N ALA X 178 23.17 -39.88 0.98
CA ALA X 178 22.37 -40.73 0.09
C ALA X 178 21.74 -41.88 0.86
N ALA X 179 22.48 -42.48 1.79
CA ALA X 179 21.93 -43.55 2.60
C ALA X 179 20.88 -43.03 3.57
N ASN X 180 21.04 -41.81 4.08
CA ASN X 180 20.07 -41.30 5.03
C ASN X 180 18.77 -40.92 4.33
N LEU X 181 18.87 -40.33 3.14
CA LEU X 181 17.66 -39.99 2.39
C LEU X 181 16.98 -41.25 1.86
N THR X 182 17.74 -42.22 1.38
CA THR X 182 17.11 -43.47 0.96
C THR X 182 16.67 -44.33 2.14
N ASP X 183 17.12 -44.05 3.35
CA ASP X 183 16.53 -44.68 4.52
C ASP X 183 15.26 -43.98 4.96
N ALA X 184 15.15 -42.69 4.71
CA ALA X 184 13.89 -42.00 4.94
C ALA X 184 12.87 -42.23 3.85
N LEU X 185 13.29 -42.74 2.69
CA LEU X 185 12.35 -43.09 1.63
C LEU X 185 12.05 -44.59 1.58
N GLU X 186 13.08 -45.42 1.67
CA GLU X 186 12.90 -46.86 1.63
C GLU X 186 12.46 -47.42 2.98
N GLY X 187 12.88 -46.79 4.07
CA GLY X 187 12.53 -47.29 5.39
C GLY X 187 11.16 -46.83 5.84
N SER X 188 10.73 -45.66 5.36
CA SER X 188 9.39 -45.16 5.68
C SER X 188 8.31 -45.83 4.84
N THR X 189 8.71 -46.75 3.96
CA THR X 189 7.83 -47.63 3.20
C THR X 189 6.88 -46.84 2.31
N LEU X 190 7.44 -45.84 1.62
CA LEU X 190 6.89 -45.42 0.35
C LEU X 190 7.57 -46.31 -0.69
N LYS X 191 7.20 -46.15 -1.96
CA LYS X 191 7.60 -46.97 -3.13
C LYS X 191 7.40 -48.49 -2.91
N ARG X 192 6.52 -48.86 -1.98
CA ARG X 192 6.01 -50.22 -1.85
C ARG X 192 4.51 -50.22 -1.64
N ARG X 193 3.93 -49.08 -1.31
CA ARG X 193 2.50 -48.90 -1.16
C ARG X 193 2.06 -48.06 -2.35
N LYS X 194 1.50 -48.73 -3.37
CA LYS X 194 1.07 -48.04 -4.57
C LYS X 194 -0.09 -47.10 -4.30
N VAL X 195 -0.97 -47.47 -3.37
CA VAL X 195 -2.20 -46.70 -3.22
C VAL X 195 -1.96 -45.40 -2.46
N ILE X 196 -1.04 -45.37 -1.48
CA ILE X 196 -0.65 -44.09 -0.89
C ILE X 196 0.21 -43.31 -1.86
N GLY X 197 1.11 -44.00 -2.57
CA GLY X 197 2.01 -43.35 -3.50
C GLY X 197 1.31 -42.67 -4.67
N LEU X 198 0.11 -43.11 -5.03
CA LEU X 198 -0.66 -42.35 -6.00
C LEU X 198 -1.75 -41.50 -5.37
N SER X 199 -2.30 -41.88 -4.21
CA SER X 199 -3.38 -41.10 -3.64
C SER X 199 -2.88 -39.83 -2.98
N LEU X 200 -1.66 -39.84 -2.42
CA LEU X 200 -1.05 -38.60 -1.95
C LEU X 200 -0.70 -37.69 -3.12
N GLY X 201 -0.32 -38.28 -4.26
CA GLY X 201 -0.08 -37.48 -5.44
C GLY X 201 -1.34 -36.84 -5.98
N ILE X 202 -2.43 -37.61 -6.05
CA ILE X 202 -3.72 -37.07 -6.47
C ILE X 202 -4.24 -36.07 -5.45
N GLY X 203 -3.97 -36.29 -4.16
CA GLY X 203 -4.40 -35.35 -3.15
C GLY X 203 -3.70 -34.01 -3.23
N LEU X 204 -2.37 -34.03 -3.26
CA LEU X 204 -1.61 -32.79 -3.39
C LEU X 204 -1.82 -32.13 -4.75
N GLY X 205 -2.06 -32.92 -5.80
CA GLY X 205 -2.29 -32.31 -7.10
C GLY X 205 -3.64 -31.65 -7.21
N ALA X 206 -4.70 -32.32 -6.72
CA ALA X 206 -6.03 -31.73 -6.76
C ALA X 206 -6.12 -30.54 -5.82
N PHE X 207 -5.48 -30.62 -4.66
CA PHE X 207 -5.48 -29.47 -3.77
C PHE X 207 -4.62 -28.34 -4.32
N GLY X 208 -3.54 -28.66 -5.03
CA GLY X 208 -2.75 -27.61 -5.65
C GLY X 208 -3.50 -26.92 -6.78
N ALA X 209 -4.29 -27.68 -7.52
CA ALA X 209 -5.13 -27.09 -8.55
C ALA X 209 -6.23 -26.22 -7.94
N GLY X 210 -6.87 -26.70 -6.87
CA GLY X 210 -7.89 -25.90 -6.22
C GLY X 210 -7.35 -24.65 -5.56
N THR X 211 -6.18 -24.76 -4.93
CA THR X 211 -5.59 -23.60 -4.27
C THR X 211 -5.01 -22.63 -5.29
N LEU X 212 -4.46 -23.14 -6.39
CA LEU X 212 -3.95 -22.28 -7.45
C LEU X 212 -5.07 -21.52 -8.13
N VAL X 213 -6.21 -22.19 -8.38
CA VAL X 213 -7.32 -21.47 -8.95
C VAL X 213 -7.97 -20.56 -7.92
N ALA X 214 -7.81 -20.85 -6.62
CA ALA X 214 -8.27 -19.90 -5.61
C ALA X 214 -7.39 -18.68 -5.53
N PHE X 215 -6.09 -18.82 -5.82
CA PHE X 215 -5.25 -17.64 -6.02
C PHE X 215 -5.70 -16.84 -7.22
N ILE X 216 -5.84 -17.51 -8.37
CA ILE X 216 -5.99 -16.80 -9.63
C ILE X 216 -7.45 -16.43 -9.92
N GLY X 217 -8.41 -17.15 -9.35
CA GLY X 217 -9.82 -16.95 -9.69
C GLY X 217 -10.39 -15.61 -9.29
N GLY X 218 -9.80 -14.95 -8.30
CA GLY X 218 -10.22 -13.60 -7.99
C GLY X 218 -9.75 -12.58 -9.02
N LEU X 219 -8.73 -12.92 -9.79
CA LEU X 219 -8.16 -12.02 -10.79
C LEU X 219 -8.83 -12.15 -12.15
N ILE X 220 -9.22 -13.36 -12.53
CA ILE X 220 -9.63 -13.63 -13.91
C ILE X 220 -11.00 -13.05 -14.17
N LYS X 221 -11.03 -11.88 -14.79
CA LYS X 221 -12.27 -11.30 -15.25
C LYS X 221 -12.45 -11.62 -16.72
N ASN X 222 -13.69 -11.75 -17.14
CA ASN X 222 -13.99 -11.90 -18.54
C ASN X 222 -14.03 -10.52 -19.18
N PRO X 223 -13.17 -10.22 -20.15
CA PRO X 223 -13.26 -8.92 -20.83
C PRO X 223 -14.45 -8.82 -21.75
N TRP X 224 -15.12 -9.93 -22.05
CA TRP X 224 -16.17 -9.97 -23.04
C TRP X 224 -17.53 -10.21 -22.40
N LYS X 225 -17.60 -10.11 -21.08
CA LYS X 225 -18.88 -9.92 -20.43
C LYS X 225 -19.44 -8.57 -20.87
N PRO X 226 -20.65 -8.52 -21.38
CA PRO X 226 -21.24 -7.23 -21.76
C PRO X 226 -21.49 -6.33 -20.56
N VAL X 227 -20.80 -5.21 -20.49
CA VAL X 227 -20.83 -4.32 -19.34
C VAL X 227 -21.52 -3.00 -19.69
N VAL X 228 -21.09 -2.35 -20.75
CA VAL X 228 -21.47 -0.95 -21.01
C VAL X 228 -22.78 -0.93 -21.79
N PRO X 229 -23.74 -0.09 -21.42
CA PRO X 229 -24.94 0.05 -22.23
C PRO X 229 -24.66 0.79 -23.54
N THR X 230 -25.26 0.28 -24.62
CA THR X 230 -25.00 0.78 -25.97
C THR X 230 -26.34 0.77 -26.70
N ALA X 231 -26.38 1.39 -27.88
CA ALA X 231 -27.60 1.41 -28.69
C ALA X 231 -28.00 0.02 -29.18
N GLU X 232 -27.03 -0.84 -29.46
CA GLU X 232 -27.37 -2.22 -29.82
C GLU X 232 -27.85 -3.01 -28.62
N GLY X 233 -27.42 -2.63 -27.43
CA GLY X 233 -27.76 -3.36 -26.23
C GLY X 233 -26.65 -3.20 -25.22
N LYS X 234 -26.12 -4.31 -24.73
CA LYS X 234 -24.95 -4.29 -23.87
C LYS X 234 -23.80 -4.89 -24.66
N LYS X 235 -22.81 -4.06 -24.97
CA LYS X 235 -21.60 -4.50 -25.65
C LYS X 235 -20.47 -4.53 -24.64
N ALA X 236 -19.40 -5.24 -25.00
CA ALA X 236 -18.22 -5.27 -24.15
C ALA X 236 -17.48 -3.95 -24.23
N VAL X 237 -16.37 -3.85 -23.51
CA VAL X 237 -15.77 -2.54 -23.30
C VAL X 237 -14.83 -2.17 -24.46
N LEU X 238 -14.24 -3.16 -25.12
CA LEU X 238 -13.27 -2.86 -26.17
C LEU X 238 -13.95 -2.37 -27.44
N TRP X 239 -15.16 -2.82 -27.70
CA TRP X 239 -15.95 -2.35 -28.83
C TRP X 239 -16.75 -1.10 -28.49
N THR X 240 -16.41 -0.42 -27.40
CA THR X 240 -17.26 0.65 -26.88
C THR X 240 -16.40 1.74 -26.26
N SER X 241 -16.33 2.88 -26.94
CA SER X 241 -15.79 4.08 -26.32
C SER X 241 -16.94 4.88 -25.72
N GLY X 242 -16.68 6.11 -25.32
CA GLY X 242 -17.78 6.97 -24.98
C GLY X 242 -18.38 7.67 -26.17
N TRP X 243 -17.85 7.43 -27.36
CA TRP X 243 -18.43 7.97 -28.58
C TRP X 243 -19.60 7.16 -29.09
N THR X 244 -19.93 6.06 -28.46
CA THR X 244 -20.98 5.25 -29.00
C THR X 244 -22.34 5.79 -28.55
N PRO X 245 -23.38 5.66 -29.37
CA PRO X 245 -24.71 6.06 -28.93
C PRO X 245 -25.28 5.08 -27.93
N ARG X 246 -26.11 5.60 -27.04
CA ARG X 246 -26.67 4.78 -25.97
C ARG X 246 -27.99 4.14 -26.33
N PHE X 247 -28.80 4.80 -27.12
CA PHE X 247 -30.11 4.24 -27.46
C PHE X 247 -30.43 4.27 -28.95
N LYS X 248 -30.06 5.34 -29.63
CA LYS X 248 -30.37 5.66 -31.03
C LYS X 248 -29.50 6.88 -31.29
N GLY X 249 -29.70 7.57 -32.41
CA GLY X 249 -28.98 8.80 -32.67
C GLY X 249 -29.25 9.87 -31.63
N GLU X 250 -28.28 10.07 -30.75
CA GLU X 250 -28.29 11.14 -29.77
C GLU X 250 -27.18 12.12 -30.08
N THR X 251 -27.40 13.37 -29.68
CA THR X 251 -26.41 14.41 -29.92
C THR X 251 -25.21 14.17 -29.02
N ILE X 252 -24.10 13.74 -29.60
CA ILE X 252 -22.84 13.59 -28.88
C ILE X 252 -21.96 14.74 -29.34
N TYR X 253 -21.92 15.81 -28.55
CA TYR X 253 -21.20 17.01 -28.95
C TYR X 253 -19.70 16.82 -28.83
N LEU X 254 -18.98 17.33 -29.83
CA LEU X 254 -17.53 17.20 -29.92
C LEU X 254 -16.88 18.31 -29.09
N ALA X 255 -17.09 18.27 -27.78
CA ALA X 255 -16.76 19.44 -26.98
C ALA X 255 -15.28 19.48 -26.64
N ARG X 256 -14.71 20.68 -26.66
CA ARG X 256 -13.33 20.83 -26.25
C ARG X 256 -13.22 20.77 -24.74
N ALA X 257 -12.00 20.69 -24.26
CA ALA X 257 -11.73 20.77 -22.83
C ALA X 257 -10.99 22.08 -22.57
N THR X 258 -11.76 23.13 -22.33
CA THR X 258 -11.20 24.33 -21.73
C THR X 258 -10.77 23.96 -20.33
N GLY X 259 -9.46 23.98 -20.07
CA GLY X 259 -8.93 23.35 -18.87
C GLY X 259 -9.17 24.09 -17.57
N ARG X 260 -10.40 24.53 -17.36
CA ARG X 260 -10.90 25.27 -16.22
C ARG X 260 -11.02 24.33 -15.02
N PRO X 261 -10.58 24.76 -13.84
CA PRO X 261 -10.67 23.90 -12.66
C PRO X 261 -12.09 23.65 -12.18
N GLY X 262 -12.83 22.81 -12.91
CA GLY X 262 -14.09 22.28 -12.41
C GLY X 262 -15.37 22.87 -12.98
N GLU X 263 -15.44 24.19 -13.15
CA GLU X 263 -16.69 24.81 -13.57
C GLU X 263 -16.73 24.86 -15.09
N SER X 264 -17.68 24.11 -15.68
CA SER X 264 -17.91 23.92 -17.10
C SER X 264 -16.65 23.56 -17.87
N PRO X 265 -16.06 22.38 -17.66
CA PRO X 265 -14.79 22.09 -18.35
C PRO X 265 -14.97 21.77 -19.82
N PHE X 266 -16.17 21.39 -20.26
CA PHE X 266 -16.41 21.00 -21.64
C PHE X 266 -17.34 22.03 -22.27
N VAL X 267 -16.80 22.81 -23.20
CA VAL X 267 -17.57 23.81 -23.92
C VAL X 267 -17.94 23.25 -25.28
N LYS X 268 -19.21 23.35 -25.63
CA LYS X 268 -19.74 22.88 -26.90
C LYS X 268 -19.10 23.62 -28.07
N MET X 269 -19.01 22.96 -29.21
CA MET X 269 -18.08 23.31 -30.28
C MET X 269 -18.83 23.69 -31.56
N ARG X 270 -18.29 24.66 -32.29
CA ARG X 270 -18.76 25.03 -33.61
C ARG X 270 -17.64 24.85 -34.63
N PRO X 271 -17.96 24.71 -35.93
CA PRO X 271 -16.89 24.64 -36.93
C PRO X 271 -16.12 25.93 -37.10
N GLU X 272 -16.71 27.08 -36.74
CA GLU X 272 -16.00 28.35 -36.86
C GLU X 272 -14.92 28.51 -35.81
N ASP X 273 -14.90 27.67 -34.77
CA ASP X 273 -13.88 27.77 -33.74
C ASP X 273 -12.53 27.31 -34.28
N ILE X 274 -12.47 26.07 -34.73
CA ILE X 274 -11.24 25.56 -35.33
C ILE X 274 -11.10 26.14 -36.72
N ASP X 275 -9.88 26.53 -37.08
CA ASP X 275 -9.66 27.09 -38.40
C ASP X 275 -8.57 26.31 -39.13
N ALA X 276 -8.23 26.79 -40.32
CA ALA X 276 -7.58 26.00 -41.36
C ALA X 276 -6.17 25.60 -40.93
N GLY X 277 -5.90 24.31 -40.95
CA GLY X 277 -4.66 23.80 -40.43
C GLY X 277 -4.69 23.82 -38.92
N GLY X 278 -5.65 23.13 -38.33
CA GLY X 278 -5.73 23.11 -36.89
C GLY X 278 -6.13 21.78 -36.26
N MET X 279 -5.27 21.25 -35.43
CA MET X 279 -5.64 20.18 -34.52
C MET X 279 -6.40 20.76 -33.35
N GLU X 280 -7.48 20.10 -32.96
CA GLU X 280 -8.18 20.48 -31.75
C GLU X 280 -8.76 19.22 -31.13
N THR X 281 -8.58 19.07 -29.83
CA THR X 281 -8.95 17.83 -29.14
C THR X 281 -10.39 17.92 -28.66
N VAL X 282 -11.24 17.03 -29.18
CA VAL X 282 -12.64 17.01 -28.76
C VAL X 282 -12.89 15.75 -27.96
N PHE X 283 -13.90 15.82 -27.10
CA PHE X 283 -14.35 14.82 -26.16
C PHE X 283 -15.84 14.62 -26.35
N PRO X 284 -16.36 13.42 -26.04
CA PRO X 284 -17.79 13.15 -26.24
C PRO X 284 -18.68 13.69 -25.12
N TRP X 285 -18.89 15.01 -25.14
CA TRP X 285 -19.79 15.55 -24.14
C TRP X 285 -21.22 15.41 -24.64
N ARG X 286 -22.18 15.44 -23.71
CA ARG X 286 -23.58 15.31 -24.06
C ARG X 286 -24.35 16.42 -23.39
N GLU X 287 -25.62 16.56 -23.80
CA GLU X 287 -26.48 17.56 -23.18
C GLU X 287 -26.88 17.14 -21.78
N SER X 288 -26.81 15.84 -21.47
CA SER X 288 -27.21 15.34 -20.17
C SER X 288 -26.21 15.74 -19.10
N ASP X 289 -24.98 15.25 -19.21
CA ASP X 289 -23.92 15.58 -18.25
C ASP X 289 -23.43 17.00 -18.55
N GLY X 290 -24.02 17.98 -17.86
CA GLY X 290 -23.80 19.37 -18.18
C GLY X 290 -22.52 19.94 -17.60
N ASP X 291 -22.63 21.09 -16.93
CA ASP X 291 -21.49 21.71 -16.30
C ASP X 291 -21.02 20.88 -15.10
N GLY X 292 -19.84 21.22 -14.59
CA GLY X 292 -19.28 20.51 -13.46
C GLY X 292 -19.69 21.08 -12.13
N THR X 293 -20.93 21.58 -12.05
CA THR X 293 -21.42 22.25 -10.85
C THR X 293 -22.43 21.41 -10.09
N THR X 294 -22.45 20.10 -10.32
CA THR X 294 -23.34 19.21 -9.58
C THR X 294 -22.59 17.90 -9.38
N VAL X 295 -22.82 17.23 -8.24
CA VAL X 295 -22.10 16.01 -7.92
C VAL X 295 -22.58 14.81 -8.72
N GLU X 296 -23.74 14.90 -9.37
CA GLU X 296 -24.09 13.85 -10.33
C GLU X 296 -23.34 14.04 -11.63
N SER X 297 -22.95 15.27 -11.95
CA SER X 297 -21.88 15.54 -12.89
C SER X 297 -20.55 15.41 -12.16
N GLU X 298 -19.45 15.70 -12.86
CA GLU X 298 -18.06 15.50 -12.42
C GLU X 298 -17.73 14.03 -12.10
N HIS X 299 -18.64 13.12 -12.42
CA HIS X 299 -18.40 11.68 -12.42
C HIS X 299 -18.96 11.00 -13.64
N LYS X 300 -19.93 11.63 -14.31
CA LYS X 300 -20.18 11.39 -15.72
C LYS X 300 -19.35 12.30 -16.59
N LEU X 301 -18.60 13.21 -15.99
CA LEU X 301 -17.88 14.26 -16.69
C LEU X 301 -16.37 14.10 -16.58
N THR X 302 -15.87 13.65 -15.44
CA THR X 302 -14.49 13.20 -15.39
C THR X 302 -14.35 11.79 -15.94
N GLU X 303 -15.45 11.06 -16.09
CA GLU X 303 -15.41 9.77 -16.77
C GLU X 303 -15.01 9.94 -18.22
N ILE X 304 -15.43 11.05 -18.85
CA ILE X 304 -15.01 11.37 -20.20
C ILE X 304 -13.52 11.68 -20.24
N ALA X 305 -13.04 12.45 -19.27
CA ALA X 305 -11.64 12.82 -19.25
C ALA X 305 -10.73 11.68 -18.81
N MET X 306 -11.26 10.63 -18.20
CA MET X 306 -10.45 9.50 -17.79
C MET X 306 -10.54 8.30 -18.72
N GLY X 307 -11.62 8.17 -19.48
CA GLY X 307 -11.71 7.05 -20.41
C GLY X 307 -10.69 7.18 -21.51
N VAL X 308 -10.01 6.07 -21.80
CA VAL X 308 -8.87 6.07 -22.71
C VAL X 308 -9.32 6.34 -24.13
N ARG X 309 -10.38 5.68 -24.57
CA ARG X 309 -10.75 5.72 -25.98
C ARG X 309 -11.67 6.89 -26.32
N ASN X 310 -11.76 7.90 -25.45
CA ASN X 310 -12.52 9.12 -25.69
C ASN X 310 -11.87 10.20 -26.56
N PRO X 311 -10.60 10.61 -26.38
CA PRO X 311 -10.10 11.78 -27.11
C PRO X 311 -10.04 11.60 -28.62
N VAL X 312 -10.52 12.61 -29.32
CA VAL X 312 -10.54 12.69 -30.78
C VAL X 312 -9.98 14.04 -31.17
N MET X 313 -8.98 14.03 -32.04
CA MET X 313 -8.51 15.27 -32.61
C MET X 313 -9.41 15.66 -33.77
N LEU X 314 -9.69 16.95 -33.84
CA LEU X 314 -10.58 17.54 -34.83
C LEU X 314 -9.70 18.33 -35.78
N ILE X 315 -9.41 17.72 -36.92
CA ILE X 315 -8.53 18.29 -37.91
C ILE X 315 -9.35 19.22 -38.81
N ARG X 316 -8.83 20.41 -39.06
CA ARG X 316 -9.41 21.33 -40.04
C ARG X 316 -8.36 21.48 -41.13
N ILE X 317 -8.47 20.66 -42.17
CA ILE X 317 -7.52 20.72 -43.27
C ILE X 317 -7.71 22.02 -44.04
N LYS X 318 -6.59 22.66 -44.38
CA LYS X 318 -6.62 23.84 -45.24
C LYS X 318 -7.23 23.46 -46.58
N PRO X 319 -8.23 24.19 -47.07
CA PRO X 319 -9.01 23.74 -48.22
C PRO X 319 -8.29 23.81 -49.56
N ALA X 320 -7.06 24.32 -49.60
CA ALA X 320 -6.23 24.11 -50.78
C ALA X 320 -5.73 22.68 -50.88
N ASP X 321 -5.77 21.93 -49.77
CA ASP X 321 -5.29 20.57 -49.71
C ASP X 321 -6.41 19.56 -49.53
N MET X 322 -7.56 19.80 -50.16
CA MET X 322 -8.65 18.84 -50.13
C MET X 322 -8.70 17.95 -51.36
N HIS X 323 -7.85 18.20 -52.35
CA HIS X 323 -7.75 17.31 -53.49
C HIS X 323 -6.74 16.20 -53.27
N ARG X 324 -5.98 16.26 -52.18
CA ARG X 324 -5.02 15.22 -51.84
C ARG X 324 -5.64 14.11 -51.01
N VAL X 325 -6.86 14.30 -50.55
CA VAL X 325 -7.54 13.37 -49.66
C VAL X 325 -8.13 12.22 -50.48
N ILE X 326 -7.88 10.98 -50.04
CA ILE X 326 -8.59 9.82 -50.55
C ILE X 326 -9.14 9.00 -49.38
N LYS X 327 -10.46 8.97 -49.25
CA LYS X 327 -11.12 8.27 -48.16
C LYS X 327 -11.03 6.77 -48.34
N ARG X 328 -11.40 6.03 -47.28
CA ARG X 328 -11.45 4.58 -47.40
C ARG X 328 -12.89 4.09 -47.30
N LYS X 329 -13.06 2.77 -47.25
CA LYS X 329 -14.37 2.16 -47.44
C LYS X 329 -15.28 2.41 -46.24
N GLY X 330 -16.56 2.68 -46.53
CA GLY X 330 -17.54 2.96 -45.50
C GLY X 330 -17.31 4.26 -44.76
N GLN X 331 -16.50 5.14 -45.33
CA GLN X 331 -15.93 6.25 -44.58
C GLN X 331 -15.84 7.49 -45.46
N GLU X 332 -16.49 7.48 -46.62
CA GLU X 332 -16.39 8.58 -47.56
C GLU X 332 -17.14 9.82 -47.06
N SER X 333 -18.21 9.63 -46.29
CA SER X 333 -18.98 10.76 -45.77
C SER X 333 -18.68 11.03 -44.31
N PHE X 334 -17.52 10.62 -43.82
CA PHE X 334 -17.18 10.86 -42.41
C PHE X 334 -16.41 12.15 -42.22
N ASN X 335 -16.32 12.98 -43.26
CA ASN X 335 -15.79 14.32 -43.11
C ASN X 335 -16.89 15.26 -42.62
N PHE X 336 -16.62 16.55 -42.63
CA PHE X 336 -17.68 17.55 -42.70
C PHE X 336 -17.09 18.71 -43.48
N GLY X 337 -17.28 18.67 -44.80
CA GLY X 337 -16.51 19.54 -45.64
C GLY X 337 -15.05 19.21 -45.47
N GLU X 338 -14.35 20.05 -44.73
CA GLU X 338 -12.95 19.86 -44.41
C GLU X 338 -12.68 19.54 -42.96
N LEU X 339 -13.71 19.36 -42.14
CA LEU X 339 -13.52 18.88 -40.78
C LEU X 339 -13.35 17.37 -40.81
N PHE X 340 -12.19 16.89 -40.37
CA PHE X 340 -12.02 15.46 -40.12
C PHE X 340 -11.97 15.26 -38.61
N ALA X 341 -12.32 14.07 -38.16
CA ALA X 341 -12.20 13.75 -36.74
C ALA X 341 -11.51 12.41 -36.65
N TYR X 342 -10.20 12.44 -36.43
CA TYR X 342 -9.48 11.21 -36.21
C TYR X 342 -9.29 11.05 -34.72
N THR X 343 -9.22 9.81 -34.25
CA THR X 343 -9.06 9.60 -32.82
C THR X 343 -7.67 10.00 -32.37
N LYS X 344 -7.51 10.17 -31.07
CA LYS X 344 -6.19 10.51 -30.57
C LYS X 344 -5.41 9.29 -30.13
N VAL X 345 -6.08 8.29 -29.58
CA VAL X 345 -5.45 7.02 -29.28
C VAL X 345 -5.03 6.33 -30.57
N CYS X 346 -3.76 5.97 -30.64
CA CYS X 346 -3.10 5.59 -31.89
C CYS X 346 -3.49 4.20 -32.34
N SER X 347 -2.76 3.68 -33.32
CA SER X 347 -3.01 2.34 -33.83
C SER X 347 -2.53 1.29 -32.84
N HIS X 348 -1.23 1.21 -32.59
CA HIS X 348 -0.72 0.15 -31.74
C HIS X 348 -0.21 0.75 -30.43
N LEU X 349 -0.41 0.01 -29.33
CA LEU X 349 0.08 0.35 -27.99
C LEU X 349 -0.47 1.66 -27.44
N GLY X 350 -1.60 2.12 -27.98
CA GLY X 350 -2.52 3.01 -27.31
C GLY X 350 -2.12 4.36 -26.74
N CYS X 351 -0.90 4.85 -26.97
CA CYS X 351 -0.57 6.21 -26.57
C CYS X 351 -1.40 7.22 -27.36
N PRO X 352 -1.72 8.37 -26.76
CA PRO X 352 -2.44 9.39 -27.52
C PRO X 352 -1.51 10.00 -28.56
N SER X 353 -1.96 10.01 -29.81
CA SER X 353 -1.11 10.51 -30.90
C SER X 353 -1.34 12.00 -31.11
N SER X 354 -1.16 12.76 -30.03
CA SER X 354 -1.57 14.15 -30.02
C SER X 354 -0.58 15.10 -30.70
N LEU X 355 0.40 14.60 -31.43
CA LEU X 355 1.24 15.47 -32.25
C LEU X 355 0.57 15.59 -33.61
N TYR X 356 0.46 16.81 -34.11
CA TYR X 356 -0.17 16.97 -35.42
C TYR X 356 0.61 17.99 -36.23
N GLU X 357 0.91 17.64 -37.46
CA GLU X 357 1.66 18.50 -38.34
C GLU X 357 0.77 18.93 -39.49
N GLN X 358 0.38 20.20 -39.47
CA GLN X 358 -0.16 20.84 -40.65
C GLN X 358 0.96 21.07 -41.66
N GLN X 359 0.57 21.35 -42.91
CA GLN X 359 1.43 21.63 -44.07
C GLN X 359 2.27 20.42 -44.50
N THR X 360 2.20 19.35 -43.74
CA THR X 360 2.60 18.02 -44.12
C THR X 360 1.51 17.01 -43.82
N TYR X 361 0.61 17.36 -42.89
CA TYR X 361 -0.59 16.59 -42.55
C TYR X 361 -0.24 15.20 -42.05
N ARG X 362 0.48 15.17 -40.93
CA ARG X 362 0.85 13.90 -40.32
C ARG X 362 0.54 13.95 -38.83
N ILE X 363 -0.34 13.05 -38.40
CA ILE X 363 -0.57 12.80 -36.98
C ILE X 363 0.63 12.01 -36.49
N LEU X 364 1.52 12.66 -35.76
CA LEU X 364 2.67 11.98 -35.17
C LEU X 364 2.38 11.67 -33.71
N CYS X 365 2.71 10.47 -33.30
CA CYS X 365 2.58 10.08 -31.92
C CYS X 365 3.91 10.28 -31.19
N PRO X 366 3.91 10.51 -29.90
CA PRO X 366 5.19 10.74 -29.21
C PRO X 366 5.87 9.51 -28.67
N CYS X 367 5.10 8.49 -28.28
CA CYS X 367 5.68 7.43 -27.46
C CYS X 367 6.54 6.49 -28.28
N HIS X 368 6.24 6.32 -29.56
CA HIS X 368 7.09 5.51 -30.41
C HIS X 368 7.38 6.14 -31.75
N GLN X 369 6.89 7.36 -31.98
CA GLN X 369 7.14 8.18 -33.17
C GLN X 369 6.69 7.46 -34.45
N SER X 370 5.38 7.27 -34.52
CA SER X 370 4.74 6.65 -35.67
C SER X 370 3.85 7.69 -36.34
N GLN X 371 4.19 8.06 -37.56
CA GLN X 371 3.40 9.03 -38.29
C GLN X 371 2.12 8.39 -38.81
N PHE X 372 1.14 9.25 -39.09
CA PHE X 372 -0.09 8.87 -39.76
C PHE X 372 -0.42 9.97 -40.76
N ASP X 373 -1.03 9.58 -41.89
CA ASP X 373 -1.34 10.56 -42.93
C ASP X 373 -2.69 11.18 -42.62
N ALA X 374 -2.69 12.48 -42.31
CA ALA X 374 -3.94 13.17 -42.03
C ALA X 374 -4.79 13.37 -43.27
N LEU X 375 -4.19 13.31 -44.45
CA LEU X 375 -4.93 13.61 -45.67
C LEU X 375 -5.88 12.49 -46.03
N GLU X 376 -5.33 11.31 -46.35
CA GLU X 376 -6.15 10.25 -46.94
C GLU X 376 -7.13 9.66 -45.93
N PHE X 377 -6.60 9.08 -44.86
CA PHE X 377 -7.28 8.49 -43.73
C PHE X 377 -6.07 8.16 -42.88
N ALA X 378 -6.19 8.10 -41.58
CA ALA X 378 -4.95 8.08 -40.79
C ALA X 378 -4.24 6.73 -40.84
N LYS X 379 -3.79 6.36 -42.04
CA LYS X 379 -2.90 5.30 -42.43
C LYS X 379 -1.50 5.63 -41.96
N PRO X 380 -0.77 4.68 -41.42
CA PRO X 380 0.61 4.97 -41.02
C PRO X 380 1.51 5.19 -42.21
N ILE X 381 1.94 6.44 -42.37
CA ILE X 381 3.02 6.77 -43.30
C ILE X 381 4.28 6.04 -42.90
N PHE X 382 4.65 6.17 -41.64
CA PHE X 382 5.87 5.55 -41.13
C PHE X 382 5.73 5.35 -39.63
N GLY X 383 6.39 4.32 -39.14
CA GLY X 383 6.46 4.08 -37.72
C GLY X 383 6.23 2.63 -37.41
N PRO X 384 6.08 2.30 -36.13
CA PRO X 384 5.74 0.93 -35.75
C PRO X 384 4.25 0.61 -35.80
N ALA X 385 3.41 1.46 -36.38
CA ALA X 385 2.00 1.15 -36.54
C ALA X 385 1.73 0.58 -37.93
N ALA X 386 0.75 -0.31 -38.00
CA ALA X 386 0.38 -0.92 -39.27
C ALA X 386 -1.10 -0.80 -39.57
N ARG X 387 -1.85 -0.04 -38.78
CA ARG X 387 -3.29 0.03 -38.95
C ARG X 387 -3.72 1.49 -39.05
N ALA X 388 -4.81 1.70 -39.77
CA ALA X 388 -5.39 3.02 -39.89
C ALA X 388 -5.95 3.45 -38.54
N LEU X 389 -5.44 4.58 -38.05
CA LEU X 389 -6.01 5.20 -36.87
C LEU X 389 -7.44 5.65 -37.17
N ALA X 390 -8.34 5.39 -36.23
CA ALA X 390 -9.77 5.43 -36.51
C ALA X 390 -10.28 6.84 -36.73
N GLN X 391 -11.34 6.96 -37.52
CA GLN X 391 -11.95 8.24 -37.86
C GLN X 391 -13.37 8.28 -37.36
N LEU X 392 -13.73 9.38 -36.75
CA LEU X 392 -15.04 9.63 -36.19
C LEU X 392 -15.87 10.43 -37.17
N PRO X 393 -17.12 10.06 -37.40
CA PRO X 393 -17.97 10.84 -38.31
C PRO X 393 -18.41 12.14 -37.67
N ILE X 394 -18.64 13.15 -38.50
CA ILE X 394 -18.99 14.49 -38.06
C ILE X 394 -20.24 14.96 -38.78
N THR X 395 -21.17 15.60 -38.05
CA THR X 395 -22.17 16.46 -38.65
C THR X 395 -22.25 17.69 -37.76
N ILE X 396 -23.02 18.69 -38.16
CA ILE X 396 -23.40 19.76 -37.25
C ILE X 396 -24.81 19.51 -36.74
N ASP X 397 -25.04 19.89 -35.49
CA ASP X 397 -26.35 19.80 -34.87
C ASP X 397 -27.21 20.93 -35.37
N GLU X 398 -28.52 20.81 -35.15
CA GLU X 398 -29.39 21.97 -35.07
C GLU X 398 -28.80 22.92 -34.02
N ASP X 399 -28.83 24.22 -34.34
CA ASP X 399 -28.11 25.37 -33.77
C ASP X 399 -26.64 25.39 -34.17
N GLY X 400 -26.21 24.49 -35.04
CA GLY X 400 -24.89 24.62 -35.65
C GLY X 400 -23.72 24.22 -34.80
N TYR X 401 -23.83 23.11 -34.07
CA TYR X 401 -22.76 22.63 -33.21
C TYR X 401 -22.27 21.28 -33.70
N LEU X 402 -20.95 21.08 -33.61
CA LEU X 402 -20.34 19.85 -34.10
C LEU X 402 -20.74 18.66 -33.23
N VAL X 403 -21.31 17.64 -33.86
CA VAL X 403 -21.73 16.42 -33.21
C VAL X 403 -21.17 15.23 -33.97
N ALA X 404 -21.11 14.11 -33.29
CA ALA X 404 -20.66 12.87 -33.90
C ALA X 404 -21.82 12.22 -34.64
N ASN X 405 -21.56 11.78 -35.87
CA ASN X 405 -22.56 11.11 -36.68
C ASN X 405 -22.48 9.60 -36.46
N GLY X 406 -22.61 9.21 -35.20
CA GLY X 406 -22.56 7.82 -34.83
C GLY X 406 -21.25 7.44 -34.15
N ASP X 407 -20.99 6.15 -34.17
CA ASP X 407 -19.83 5.55 -33.53
C ASP X 407 -18.72 5.39 -34.57
N PHE X 408 -17.53 5.04 -34.08
CA PHE X 408 -16.48 4.56 -34.96
C PHE X 408 -16.92 3.27 -35.64
N VAL X 409 -16.45 3.06 -36.86
CA VAL X 409 -16.78 1.82 -37.55
C VAL X 409 -15.88 0.67 -37.12
N GLU X 410 -14.73 0.97 -36.52
CA GLU X 410 -13.80 -0.03 -36.03
C GLU X 410 -13.50 0.23 -34.56
N PRO X 411 -13.03 -0.78 -33.83
CA PRO X 411 -12.58 -0.53 -32.46
C PRO X 411 -11.36 0.37 -32.43
N VAL X 412 -11.44 1.38 -31.57
CA VAL X 412 -10.66 2.60 -31.73
C VAL X 412 -9.29 2.50 -31.06
N GLY X 413 -9.17 1.78 -29.96
CA GLY X 413 -7.93 1.72 -29.21
C GLY X 413 -6.85 0.87 -29.85
N PRO X 414 -5.91 0.39 -29.04
CA PRO X 414 -4.86 -0.48 -29.57
C PRO X 414 -5.39 -1.84 -29.96
N ALA X 415 -4.60 -2.57 -30.73
CA ALA X 415 -5.05 -3.84 -31.25
C ALA X 415 -4.90 -4.93 -30.20
N PHE X 416 -5.56 -6.05 -30.46
CA PHE X 416 -5.60 -7.22 -29.61
C PHE X 416 -6.09 -8.37 -30.48
N TRP X 417 -6.51 -9.46 -29.85
CA TRP X 417 -6.87 -10.65 -30.62
C TRP X 417 -8.15 -10.44 -31.41
N GLU X 418 -9.25 -10.16 -30.72
CA GLU X 418 -10.56 -10.18 -31.35
C GLU X 418 -10.78 -8.89 -32.14
N ARG X 419 -10.37 -8.89 -33.40
CA ARG X 419 -10.47 -7.68 -34.20
C ARG X 419 -10.49 -8.08 -35.67
N LYS X 420 -11.02 -7.18 -36.51
CA LYS X 420 -10.89 -7.19 -37.97
C LYS X 420 -11.53 -8.42 -38.60
N SER X 421 -12.86 -8.48 -38.47
CA SER X 421 -13.65 -9.40 -39.30
C SER X 421 -15.04 -8.81 -39.57
CU CU Y . -51.67 -11.52 45.81
CU CU Z . -53.14 -11.51 45.09
FE HEA AA . -45.24 -29.96 56.93
CHA HEA AA . -46.48 -27.69 54.21
CHB HEA AA . -48.77 -31.13 57.50
CHC HEA AA . -43.92 -33.11 58.55
CHD HEA AA . -41.71 -29.34 55.74
NA HEA AA . -46.93 -29.63 56.14
C1A HEA AA . -47.38 -28.74 55.17
C2A HEA AA . -48.72 -28.69 54.85
C3A HEA AA . -49.27 -29.60 55.71
C4A HEA AA . -48.14 -30.04 56.45
CMA HEA AA . -50.73 -30.00 55.87
OMA HEA AA . -51.15 -30.90 55.23
CAA HEA AA . -49.32 -27.82 53.74
CBA HEA AA . -50.60 -27.03 53.96
CGA HEA AA . -50.39 -25.52 53.90
O1A HEA AA . -50.91 -24.79 54.78
O2A HEA AA . -49.69 -25.02 52.99
NB HEA AA . -46.04 -31.59 57.69
C1B HEA AA . -47.38 -31.94 57.94
C2B HEA AA . -47.65 -33.18 58.58
C3B HEA AA . -46.42 -33.73 58.85
C4B HEA AA . -45.53 -32.73 58.35
CMB HEA AA . -48.99 -33.82 58.91
NC HEA AA . -43.63 -30.86 57.03
C1C HEA AA . -43.20 -31.92 57.68
C2C HEA AA . -41.86 -32.38 57.63
C3C HEA AA . -41.29 -31.40 56.91
C4C HEA AA . -42.37 -30.55 56.65
CMC HEA AA . -41.22 -33.64 58.24
CAC HEA AA . -39.82 -31.25 56.46
CBC HEA AA . -38.76 -31.50 57.21
ND HEA AA . -44.48 -28.97 55.51
C1D HEA AA . -43.19 -28.72 55.14
C2D HEA AA . -42.91 -27.88 54.04
C3D HEA AA . -44.14 -27.44 53.66
C4D HEA AA . -44.98 -28.14 54.61
CMD HEA AA . -41.56 -27.50 53.46
CAD HEA AA . -44.56 -26.53 52.50
CBD HEA AA . -44.02 -25.11 52.29
CGD HEA AA . -45.14 -24.13 51.90
O1D HEA AA . -46.16 -24.56 51.31
O2D HEA AA . -45.05 -22.91 52.18
C11 HEA AA . -46.25 -35.06 59.61
O11 HEA AA . -45.30 -35.94 59.11
C12 HEA AA . -45.91 -34.75 61.07
C13 HEA AA . -46.33 -35.84 62.05
C14 HEA AA . -45.47 -35.89 63.32
C15 HEA AA . -46.21 -36.14 64.65
C16 HEA AA . -45.69 -37.42 65.30
C17 HEA AA . -45.25 -37.28 66.76
C18 HEA AA . -46.34 -36.83 67.74
C19 HEA AA . -46.87 -37.90 68.71
C20 HEA AA . -47.46 -39.12 68.00
C21 HEA AA . -48.65 -38.77 67.10
C22 HEA AA . -49.78 -38.07 67.84
C23 HEA AA . -50.90 -37.72 66.88
C24 HEA AA . -51.64 -38.99 66.49
C25 HEA AA . -51.86 -36.68 67.48
C26 HEA AA . -47.73 -36.29 64.43
C27 HEA AA . -45.72 -38.36 69.59
FE HEA BA . -36.61 -19.66 56.42
CHA HEA BA . -38.62 -18.47 53.92
CHB HEA BA . -37.89 -17.53 59.09
CHC HEA BA . -33.55 -20.52 57.93
CHD HEA BA . -37.55 -23.28 55.89
NA HEA BA . -37.95 -18.37 56.54
C1A HEA BA . -38.70 -17.89 55.51
C2A HEA BA . -39.61 -16.92 55.85
C3A HEA BA . -39.39 -16.67 57.22
C4A HEA BA . -38.36 -17.61 57.50
CMA HEA BA . -40.06 -15.70 58.21
OMA HEA BA . -39.50 -14.78 58.71
CAA HEA BA . -40.53 -16.30 54.80
CBA HEA BA . -41.99 -16.13 55.10
CGA HEA BA . -42.36 -14.69 54.77
O1A HEA BA . -43.26 -14.10 55.41
O2A HEA BA . -41.75 -14.09 53.85
NB HEA BA . -35.90 -19.16 58.14
C1B HEA BA . -36.37 -18.29 59.13
C2B HEA BA . -35.46 -18.12 60.23
C3B HEA BA . -34.32 -18.91 59.92
C4B HEA BA . -34.64 -19.45 58.65
CMB HEA BA . -35.68 -17.28 61.48
NC HEA BA . -35.92 -21.27 56.80
C1C HEA BA . -34.73 -21.51 57.30
C2C HEA BA . -34.31 -22.83 57.51
C3C HEA BA . -35.34 -23.51 56.98
C4C HEA BA . -36.24 -22.54 56.57
CMC HEA BA . -33.07 -23.42 58.13
CAC HEA BA . -35.42 -25.01 56.90
CBC HEA BA . -35.00 -25.62 55.80
ND HEA BA . -37.76 -20.58 55.31
C1D HEA BA . -38.06 -21.88 55.07
C2D HEA BA . -38.95 -22.15 54.03
C3D HEA BA . -39.21 -20.91 53.52
C4D HEA BA . -38.43 -20.05 54.33
CMD HEA BA . -39.48 -23.49 53.57
CAD HEA BA . -40.19 -20.58 52.39
CBD HEA BA . -39.80 -20.19 50.98
CGD HEA BA . -41.06 -19.62 50.34
O1D HEA BA . -42.03 -19.32 51.08
O2D HEA BA . -41.15 -19.45 49.11
C11 HEA BA . -33.04 -19.04 60.77
O11 HEA BA . -32.56 -20.35 60.92
C12 HEA BA . -31.96 -18.11 60.16
C13 HEA BA . -30.74 -18.74 59.46
C14 HEA BA . -29.60 -17.83 58.91
C15 HEA BA . -28.54 -17.45 59.98
C16 HEA BA . -27.09 -17.43 59.48
C17 HEA BA . -26.23 -16.52 60.34
C18 HEA BA . -25.72 -15.29 59.60
C19 HEA BA . -24.24 -15.39 59.24
C20 HEA BA . -23.84 -14.15 58.43
C21 HEA BA . -22.40 -14.21 57.92
C22 HEA BA . -22.17 -15.38 56.97
C23 HEA BA . -21.33 -15.00 55.75
C24 HEA BA . -19.87 -14.77 56.14
C25 HEA BA . -21.45 -16.05 54.66
C26 HEA BA . -28.47 -18.41 61.18
C27 HEA BA . -23.41 -15.44 60.53
CU CU CA . -46.24 -31.80 52.73
CU CU DA . -50.72 -22.79 49.14
C1 CDL EA . -18.19 -47.42 36.69
O1 CDL EA . -19.18 -47.93 37.51
CA2 CDL EA . -17.11 -46.85 37.62
OA2 CDL EA . -17.78 -46.06 38.58
PA1 CDL EA . -17.58 -44.42 38.39
OA3 CDL EA . -18.18 -43.68 39.54
OA4 CDL EA . -16.10 -44.19 38.35
OA5 CDL EA . -18.30 -43.95 36.96
CA3 CDL EA . -19.67 -43.61 37.02
CA4 CDL EA . -20.32 -43.99 35.69
OA6 CDL EA . -21.16 -42.95 35.26
CA5 CDL EA . -21.19 -42.74 33.85
OA7 CDL EA . -20.58 -43.45 33.14
C11 CDL EA . -22.00 -41.58 33.23
C12 CDL EA . -21.33 -40.20 33.44
C13 CDL EA . -22.30 -39.19 34.11
C14 CDL EA . -22.94 -38.21 33.09
C15 CDL EA . -23.83 -37.14 33.77
C16 CDL EA . -24.22 -35.99 32.78
C17 CDL EA . -24.42 -34.62 33.49
CA6 CDL EA . -21.14 -45.27 35.90
OA8 CDL EA . -22.52 -45.02 35.61
CA7 CDL EA . -23.38 -45.58 36.58
OA9 CDL EA . -23.14 -45.42 37.72
C31 CDL EA . -24.63 -46.38 36.16
C32 CDL EA . -25.82 -45.49 35.81
C33 CDL EA . -26.18 -44.51 36.93
C34 CDL EA . -25.96 -43.02 36.54
C35 CDL EA . -26.25 -42.72 35.05
C36 CDL EA . -26.50 -41.21 34.82
C37 CDL EA . -25.66 -40.66 33.66
C38 CDL EA . -26.50 -39.90 32.63
C39 CDL EA . -27.20 -38.64 33.19
C40 CDL EA . -28.16 -38.05 32.16
C41 CDL EA . -29.06 -36.94 32.73
C42 CDL EA . -30.54 -37.26 32.59
CB2 CDL EA . -17.70 -48.58 35.81
OB2 CDL EA . -18.80 -48.87 34.96
PB2 CDL EA . -18.82 -48.11 33.48
OB3 CDL EA . -17.68 -47.12 33.38
OB4 CDL EA . -18.64 -49.20 32.48
OB5 CDL EA . -20.27 -47.36 33.21
CB3 CDL EA . -21.22 -48.08 32.47
CB4 CDL EA . -21.93 -47.15 31.49
OB6 CDL EA . -21.01 -46.24 30.92
CB5 CDL EA . -21.12 -46.11 29.52
OB7 CDL EA . -20.39 -46.73 28.81
C51 CDL EA . -22.18 -45.17 28.88
C52 CDL EA . -22.11 -43.74 29.45
C53 CDL EA . -22.83 -42.74 28.48
C54 CDL EA . -23.21 -41.41 29.18
C55 CDL EA . -23.71 -40.37 28.12
C56 CDL EA . -24.11 -39.02 28.77
C57 CDL EA . -24.21 -37.86 27.69
C58 CDL EA . -25.33 -36.82 28.07
C59 CDL EA . -25.54 -35.77 26.95
C60 CDL EA . -26.31 -36.38 25.71
C61 CDL EA . -26.58 -35.30 24.61
C62 CDL EA . -28.10 -35.19 24.28
C63 CDL EA . -28.79 -33.96 24.99
C64 CDL EA . -28.74 -32.70 24.11
CB6 CDL EA . -23.03 -46.40 32.23
OB8 CDL EA . -24.16 -46.47 31.36
CB7 CDL EA . -25.24 -45.57 31.63
OB9 CDL EA . -25.25 -44.94 32.62
C71 CDL EA . -26.40 -45.42 30.59
C72 CDL EA . -26.16 -44.23 29.63
C73 CDL EA . -27.38 -43.24 29.61
C74 CDL EA . -26.93 -41.75 29.45
C75 CDL EA . -27.35 -41.15 28.07
C76 CDL EA . -27.89 -39.67 28.20
C77 CDL EA . -29.41 -39.66 28.57
C78 CDL EA . -29.97 -38.25 28.90
C79 CDL EA . -30.10 -37.36 27.64
C80 CDL EA . -31.15 -36.24 27.82
C81 CDL EA . -30.70 -35.17 28.86
C1 CDL FA . -4.26 -27.52 54.53
O1 CDL FA . -4.79 -26.23 54.53
CA2 CDL FA . -3.63 -27.73 53.15
OA2 CDL FA . -4.65 -27.45 52.21
PA1 CDL FA . -4.15 -26.93 50.72
OA3 CDL FA . -2.77 -26.37 50.88
OA4 CDL FA . -4.13 -28.08 49.76
OA5 CDL FA . -5.19 -25.73 50.19
CA3 CDL FA . -5.57 -24.77 51.16
CA4 CDL FA . -6.85 -24.08 50.68
OA6 CDL FA . -7.54 -23.59 51.79
CA5 CDL FA . -8.00 -22.25 51.64
OA7 CDL FA . -8.53 -21.92 50.64
C11 CDL FA . -7.82 -21.22 52.79
C12 CDL FA . -8.53 -19.86 52.47
C13 CDL FA . -10.02 -19.87 52.93
C14 CDL FA . -10.84 -18.72 52.30
C15 CDL FA . -12.13 -18.37 53.10
C16 CDL FA . -12.36 -16.83 53.23
C17 CDL FA . -13.24 -16.47 54.47
C18 CDL FA . -13.23 -14.93 54.78
CA6 CDL FA . -7.69 -25.09 49.89
OA8 CDL FA . -9.07 -24.79 50.10
CA7 CDL FA . -9.75 -24.30 48.95
OA9 CDL FA . -9.16 -23.95 48.00
C31 CDL FA . -11.29 -24.24 48.95
C32 CDL FA . -11.84 -23.22 49.95
C33 CDL FA . -12.96 -22.35 49.33
C34 CDL FA . -13.06 -20.96 50.00
C35 CDL FA . -14.30 -20.17 49.53
C36 CDL FA . -14.76 -19.10 50.55
C37 CDL FA . -15.71 -18.07 49.91
CB2 CDL FA . -5.43 -28.51 54.78
OB2 CDL FA . -4.84 -29.80 54.92
PB2 CDL FA . -5.78 -31.08 55.38
OB3 CDL FA . -5.89 -32.06 54.26
OB4 CDL FA . -5.18 -31.78 56.58
OB5 CDL FA . -7.28 -30.51 55.78
CB3 CDL FA . -7.57 -30.36 57.15
CB4 CDL FA . -8.75 -29.40 57.20
OB6 CDL FA . -9.36 -29.36 55.93
CB5 CDL FA . -10.49 -30.19 55.75
OB7 CDL FA . -10.43 -31.35 55.98
C51 CDL FA . -11.82 -29.59 55.25
C52 CDL FA . -11.96 -29.61 53.71
C53 CDL FA . -12.90 -28.47 53.23
C54 CDL FA . -13.28 -28.63 51.75
C55 CDL FA . -13.65 -27.27 51.09
C56 CDL FA . -15.08 -27.31 50.48
C57 CDL FA . -15.21 -26.29 49.28
C58 CDL FA . -15.77 -27.00 48.00
C59 CDL FA . -14.90 -26.73 46.74
C60 CDL FA . -14.35 -25.26 46.65
C61 CDL FA . -13.93 -24.89 45.18
C62 CDL FA . -14.58 -23.56 44.70
C63 CDL FA . -14.05 -22.32 45.51
C64 CDL FA . -13.61 -21.16 44.59
C65 CDL FA . -12.07 -21.04 44.48
C66 CDL FA . -11.46 -20.32 45.69
C67 CDL FA . -10.62 -21.26 46.58
CB6 CDL FA . -8.17 -28.01 57.51
OB8 CDL FA . -9.25 -27.14 57.83
CB7 CDL FA . -8.96 -26.33 58.96
OB9 CDL FA . -8.22 -26.71 59.80
C71 CDL FA . -9.62 -24.92 59.08
C72 CDL FA . -10.51 -24.63 57.84
C73 CDL FA . -11.45 -23.42 58.09
C74 CDL FA . -12.96 -23.83 57.94
C75 CDL FA . -13.61 -24.18 59.31
C76 CDL FA . -15.09 -24.68 59.09
C77 CDL FA . -16.10 -23.50 58.94
C78 CDL FA . -17.19 -23.80 57.87
C79 CDL FA . -18.61 -23.93 58.51
C80 CDL FA . -18.82 -25.26 59.28
C81 CDL FA . -18.26 -26.50 58.51
C82 CDL FA . -18.26 -27.81 59.37
C83 CDL FA . -18.03 -29.06 58.47
C84 CDL FA . -18.40 -30.36 59.21
C85 CDL FA . -17.21 -30.90 59.97
C86 CDL FA . -16.76 -32.28 59.52
C87 CDL FA . -17.88 -33.33 59.60
N 9Y0 GA . -42.44 -18.59 11.80
C 9Y0 GA . -41.22 -26.47 16.94
O 9Y0 GA . -42.23 -20.54 15.94
C1 9Y0 GA . -41.10 -24.96 17.22
C10 9Y0 GA . -36.89 -30.68 22.76
C11 9Y0 GA . -37.71 -29.91 23.86
C12 9Y0 GA . -36.78 -29.26 24.97
C13 9Y0 GA . -37.63 -28.57 26.06
C14 9Y0 GA . -37.05 -27.76 27.01
C15 9Y0 GA . -35.52 -27.52 27.02
C16 9Y0 GA . -35.13 -26.25 27.88
C2 9Y0 GA . -40.96 -24.18 15.91
C21 9Y0 GA . -39.55 -23.41 18.26
C22 9Y0 GA . -38.08 -22.98 17.92
C23 9Y0 GA . -37.04 -23.66 18.88
C24 9Y0 GA . -36.66 -25.11 18.41
C25 9Y0 GA . -36.74 -26.12 19.60
C26 9Y0 GA . -36.02 -25.58 20.87
C27 9Y0 GA . -34.57 -26.11 20.97
C28 9Y0 GA . -34.53 -27.66 20.95
C29 9Y0 GA . -33.54 -28.25 21.98
C3 9Y0 GA . -41.39 -20.51 12.92
C30 9Y0 GA . -33.61 -27.55 23.37
C31 9Y0 GA . -32.24 -27.49 24.07
C32 9Y0 GA . -32.14 -28.46 25.28
C33 9Y0 GA . -31.14 -27.94 26.35
C34 9Y0 GA . -31.02 -28.88 27.59
C35 9Y0 GA . -30.03 -28.32 28.64
C36 9Y0 GA . -30.07 -29.09 29.98
C4 9Y0 GA . -42.65 -19.96 12.25
C5 9Y0 GA . -40.20 -28.54 17.65
C6 9Y0 GA . -39.00 -29.35 18.24
C7 9Y0 GA . -39.03 -29.43 19.81
C8 9Y0 GA . -37.65 -29.83 20.40
C9 9Y0 GA . -37.76 -30.96 21.48
O1 9Y0 GA . -41.74 -21.65 13.67
O2 9Y0 GA . -39.95 -21.38 15.52
O3 9Y0 GA . -41.85 -23.09 15.97
O4 9Y0 GA . -41.11 -29.10 17.15
O5 9Y0 GA . -40.20 -27.10 17.71
O6 9Y0 GA . -40.30 -22.63 18.72
O7 9Y0 GA . -39.95 -24.77 18.01
P 9Y0 GA . -41.42 -21.64 15.29
C1 CDL HA . -3.37 -41.09 24.86
O1 CDL HA . -3.08 -41.89 25.96
CA2 CDL HA . -4.75 -40.48 25.10
OA2 CDL HA . -4.56 -39.26 25.79
PA1 CDL HA . -4.63 -39.29 27.44
OA3 CDL HA . -3.37 -38.75 28.03
OA4 CDL HA . -4.83 -40.71 27.91
OA5 CDL HA . -5.94 -38.36 27.91
CA3 CDL HA . -7.20 -38.87 27.55
CA4 CDL HA . -8.08 -37.80 26.92
OA6 CDL HA . -9.39 -38.27 26.92
CA5 CDL HA . -10.41 -37.34 26.55
OA7 CDL HA . -10.29 -36.19 26.78
C11 CDL HA . -11.69 -37.84 25.84
C12 CDL HA . -12.38 -36.72 25.02
C13 CDL HA . -13.02 -37.28 23.74
C14 CDL HA . -13.43 -36.18 22.74
C15 CDL HA . -14.55 -36.66 21.77
C16 CDL HA . -15.80 -35.71 21.80
C17 CDL HA . -15.81 -34.70 20.62
C18 CDL HA . -17.14 -33.87 20.59
C19 CDL HA . -16.89 -32.36 20.30
C20 CDL HA . -18.05 -31.75 19.44
CA6 CDL HA . -7.61 -37.55 25.48
OA8 CDL HA . -7.75 -36.16 25.24
CA7 CDL HA . -7.45 -35.75 23.91
OA9 CDL HA . -6.61 -36.31 23.30
C31 CDL HA . -8.22 -34.56 23.30
C32 CDL HA . -8.12 -33.30 24.14
C33 CDL HA . -8.02 -32.02 23.29
C34 CDL HA . -8.57 -30.78 24.04
C35 CDL HA . -7.44 -29.82 24.49
C36 CDL HA . -7.99 -28.45 24.96
C37 CDL HA . -7.80 -28.25 26.48
C38 CDL HA . -8.91 -27.39 27.09
C39 CDL HA . -8.51 -26.78 28.46
CB2 CDL HA . -3.31 -41.99 23.59
OB2 CDL HA . -4.29 -41.52 22.67
PB2 CDL HA . -3.84 -40.40 21.52
OB3 CDL HA . -3.69 -39.05 22.16
OB4 CDL HA . -2.52 -40.81 20.91
OB5 CDL HA . -5.00 -40.34 20.35
CB3 CDL HA . -6.35 -40.47 20.73
CB4 CDL HA . -7.08 -39.21 20.31
OB6 CDL HA . -8.30 -39.10 21.03
CB5 CDL HA . -8.90 -37.82 20.96
OB7 CDL HA . -8.22 -36.84 20.90
C51 CDL HA . -10.43 -37.68 20.98
C52 CDL HA . -10.99 -37.07 19.66
C53 CDL HA . -12.18 -37.88 19.08
C54 CDL HA . -12.30 -37.77 17.54
C55 CDL HA . -12.28 -36.29 17.06
C56 CDL HA . -13.70 -35.78 16.65
C57 CDL HA . -14.05 -34.40 17.32
C58 CDL HA . -13.86 -33.20 16.34
C59 CDL HA . -14.66 -33.39 15.01
C60 CDL HA . -15.96 -32.51 14.97
C61 CDL HA . -17.09 -33.16 14.11
CB6 CDL HA . -7.37 -39.26 18.81
OB8 CDL HA . -6.91 -38.03 18.25
CB7 CDL HA . -7.68 -37.56 17.14
OB9 CDL HA . -8.11 -38.34 16.36
C71 CDL HA . -7.96 -36.03 16.98
C72 CDL HA . -7.90 -35.57 15.49
C73 CDL HA . -8.55 -34.18 15.27
C74 CDL HA . -8.99 -33.94 13.77
C75 CDL HA . -9.21 -32.43 13.43
C76 CDL HA . -10.68 -31.94 13.76
C77 CDL HA . -11.23 -30.92 12.71
C78 CDL HA . -11.29 -29.45 13.25
C79 CDL HA . -12.64 -28.75 12.88
C80 CDL HA . -12.54 -27.20 12.90
C81 CDL HA . -13.89 -26.54 13.30
C82 CDL HA . -14.20 -25.23 12.48
C83 CDL HA . -15.67 -25.17 11.96
C84 CDL HA . -16.73 -25.35 13.08
C85 CDL HA . -18.17 -25.22 12.54
C86 CDL HA . -19.12 -24.58 13.53
C87 CDL HA . -20.50 -24.28 12.92
C1 CDL IA . -0.63 -20.33 56.18
O1 CDL IA . -0.16 -19.99 57.44
CA2 CDL IA . -0.73 -19.06 55.31
OA2 CDL IA . -0.53 -19.44 53.95
PA1 CDL IA . 0.64 -18.64 53.10
OA3 CDL IA . 1.09 -19.50 51.95
OA4 CDL IA . 1.81 -18.35 54.01
OA5 CDL IA . 0.01 -17.20 52.53
CA3 CDL IA . -0.43 -17.17 51.17
CA4 CDL IA . -0.91 -15.75 50.83
OA6 CDL IA . -0.33 -15.35 49.63
CA5 CDL IA . -1.23 -15.42 48.54
OA7 CDL IA . -1.60 -16.48 48.15
C11 CDL IA . -1.73 -14.13 47.85
C12 CDL IA . -0.57 -13.17 47.54
C13 CDL IA . -1.07 -11.76 47.13
C14 CDL IA . -0.26 -11.18 45.94
C15 CDL IA . -0.44 -9.64 45.82
C16 CDL IA . -1.62 -9.25 44.85
C17 CDL IA . -1.12 -8.54 43.56
C18 CDL IA . -2.19 -8.59 42.43
C19 CDL IA . -1.71 -7.96 41.10
C20 CDL IA . -1.69 -6.40 41.18
C21 CDL IA . -2.37 -5.74 39.94
C22 CDL IA . -3.06 -4.41 40.29
C23 CDL IA . -3.10 -3.43 39.07
C24 CDL IA . -3.49 -4.13 37.75
C25 CDL IA . -2.79 -3.50 36.52
C26 CDL IA . -1.99 -4.53 35.73
C27 CDL IA . -0.72 -3.93 35.12
CA6 CDL IA . -0.53 -14.76 51.93
OA8 CDL IA . -1.62 -14.66 52.82
CA7 CDL IA . -2.11 -13.33 52.97
OA9 CDL IA . -1.55 -12.60 53.72
C31 CDL IA . -3.35 -12.84 52.20
C32 CDL IA . -3.00 -12.03 50.95
C33 CDL IA . -4.21 -11.68 50.05
C34 CDL IA . -5.37 -12.69 50.16
C35 CDL IA . -6.45 -12.53 49.06
C36 CDL IA . -7.35 -13.79 48.91
C37 CDL IA . -6.53 -15.10 48.82
C38 CDL IA . -6.81 -16.08 49.98
C39 CDL IA . -7.59 -17.33 49.52
C40 CDL IA . -9.09 -17.06 49.44
C41 CDL IA . -9.81 -17.98 48.44
C42 CDL IA . -11.28 -17.59 48.26
CB2 CDL IA . -2.00 -21.04 56.34
OB2 CDL IA . -2.64 -20.54 57.51
PB2 CDL IA . -4.31 -20.58 57.54
OB3 CDL IA . -4.85 -19.42 56.74
OB4 CDL IA . -4.79 -20.48 58.96
OB5 CDL IA . -4.84 -22.00 56.87
CB3 CDL IA . -5.92 -21.95 55.97
CB4 CDL IA . -7.06 -22.77 56.54
OB6 CDL IA . -7.92 -23.18 55.52
CB5 CDL IA . -7.80 -24.53 55.15
OB7 CDL IA . -6.79 -25.12 55.37
C51 CDL IA . -8.97 -25.26 54.43
C52 CDL IA . -10.01 -24.26 53.87
C53 CDL IA . -11.48 -24.77 53.98
C54 CDL IA . -12.49 -23.69 53.55
C55 CDL IA . -13.81 -23.73 54.38
C56 CDL IA . -14.58 -22.38 54.39
C57 CDL IA . -15.97 -22.49 53.65
C58 CDL IA . -15.80 -22.50 52.10
C59 CDL IA . -17.16 -22.44 51.35
C60 CDL IA . -17.01 -22.73 49.82
CB6 CDL IA . -7.82 -21.92 57.55
OB8 CDL IA . -9.04 -21.49 56.94
CB7 CDL IA . -9.08 -20.08 56.68
OB9 CDL IA . -8.41 -19.61 55.83
C71 CDL IA . -10.01 -19.16 57.54
C72 CDL IA . -9.49 -17.69 57.60
C73 CDL IA . -10.60 -16.68 57.15
C74 CDL IA . -10.97 -15.67 58.29
C75 CDL IA . -10.89 -14.20 57.79
C76 CDL IA . -11.01 -13.17 59.00
C77 CDL IA . -9.72 -13.14 59.88
C78 CDL IA . -9.96 -13.69 61.32
C79 CDL IA . -9.48 -12.70 62.41
C80 CDL IA . -8.02 -12.98 62.88
C81 CDL IA . -7.35 -11.70 63.48
C82 CDL IA . -7.61 -10.42 62.59
C83 CDL IA . -6.28 -9.71 62.17
C84 CDL IA . -6.10 -8.32 62.82
C85 CDL IA . -4.68 -7.78 62.66
C86 CDL IA . -3.68 -8.53 63.54
C87 CDL IA . -3.75 -8.07 65.00
N 9Y0 JA . 18.40 -9.72 51.97
C 9Y0 JA . 13.05 -10.56 47.37
O 9Y0 JA . 14.40 -14.12 50.87
C1 9Y0 JA . 14.34 -11.37 47.12
C10 9Y0 JA . 7.67 -10.73 40.41
C11 9Y0 JA . 8.13 -11.26 39.02
C12 9Y0 JA . 6.98 -11.19 37.95
C13 9Y0 JA . 6.52 -9.73 37.64
C14 9Y0 JA . 5.19 -9.42 37.76
C15 9Y0 JA . 4.17 -10.49 38.18
C16 9Y0 JA . 2.69 -9.94 38.16
C17 9Y0 JA . 1.67 -10.96 37.57
C18 9Y0 JA . 0.21 -10.44 37.65
C2 9Y0 JA . 14.30 -12.63 48.00
C21 9Y0 JA . 16.35 -10.35 46.29
C22 9Y0 JA . 15.75 -9.96 44.90
C23 9Y0 JA . 16.52 -8.74 44.23
C24 9Y0 JA . 15.56 -7.63 43.71
C25 9Y0 JA . 14.19 -8.18 43.17
C26 9Y0 JA . 14.13 -8.14 41.62
C27 9Y0 JA . 13.58 -6.82 41.08
C28 9Y0 JA . 12.03 -6.81 40.98
C29 9Y0 JA . 11.53 -5.99 39.77
C3 9Y0 JA . 17.11 -11.59 51.05
C30 9Y0 JA . 10.13 -6.47 39.28
C31 9Y0 JA . 8.98 -5.59 39.82
C32 9Y0 JA . 7.61 -6.33 39.82
C4 9Y0 JA . 17.10 -10.10 51.45
C5 9Y0 JA . 11.47 -10.93 45.57
C6 9Y0 JA . 10.26 -10.28 44.84
C7 9Y0 JA . 9.69 -11.27 43.77
C8 9Y0 JA . 8.68 -10.58 42.79
C9 9Y0 JA . 8.38 -11.50 41.57
O1 9Y0 JA . 15.97 -12.20 51.61
O2 9Y0 JA . 13.55 -11.82 50.85
O3 9Y0 JA . 15.25 -12.50 49.04
O4 9Y0 JA . 11.50 -12.11 45.66
O5 9Y0 JA . 12.52 -10.13 46.11
O6 9Y0 JA . 17.52 -10.44 46.42
O7 9Y0 JA . 15.49 -10.59 47.43
P 9Y0 JA . 14.76 -12.68 50.61
C1 PLM KA . -8.03 12.72 41.65
O2 PLM KA . -9.23 12.39 41.87
C2 PLM KA . -7.10 11.58 41.11
C3 PLM KA . -6.77 10.47 42.09
C4 PLM KA . -5.53 9.68 41.72
C5 PLM KA . -5.24 8.49 42.62
C6 PLM KA . -3.97 7.73 42.23
C7 PLM KA . -3.71 6.46 43.03
C8 PLM KA . -2.52 5.65 42.51
C9 PLM KA . -2.54 4.17 42.91
CA PLM KA . -1.57 3.30 42.12
C21 9XX LA . -3.68 13.20 45.60
C23 9XX LA . -1.95 11.45 44.85
C6 9XX LA . 1.07 9.52 36.38
C7 9XX LA . 1.65 10.94 36.12
C8 9XX LA . 2.50 11.46 37.31
C11 9XX LA . 1.00 13.96 39.91
C13 9XX LA . -0.13 16.20 40.43
C14 9XX LA . 0.10 17.69 40.72
C15 9XX LA . -1.21 18.41 41.19
C16 9XX LA . -3.54 18.38 41.74
C17 9XX LA . -4.15 17.43 42.77
O 9XX LA . -2.44 17.71 41.12
C10 9XX LA . 2.12 13.26 39.11
C12 9XX LA . 1.16 15.50 39.95
C18 9XX LA . -3.90 17.07 45.14
C19 9XX LA . -3.32 15.64 44.94
C20 9XX LA . -4.37 14.53 45.22
C22 9XX LA . -2.95 12.54 44.39
C24 9XX LA . -1.76 10.34 43.80
C25 9XX LA . -0.27 10.01 43.51
C26 9XX LA . -0.12 9.01 42.32
C27 9XX LA . 1.19 8.19 42.39
C28 9XX LA . 1.28 7.20 41.16
C29 9XX LA . 1.50 7.95 39.80
C30 9XX LA . 2.68 7.31 38.97
C36 9XX LA . 1.31 7.42 43.71
C37 9XX LA . -5.63 17.22 42.45
C5 9XX LA . 1.30 8.56 35.18
C9 9XX LA . 1.65 11.91 38.51
O1 9XX LA . -3.99 17.98 44.07
O2 9XX LA . -4.28 17.40 46.22
O6 9XX LA . -1.16 19.52 41.59
N 9Y0 MA . -25.64 9.77 48.09
C 9Y0 MA . -29.62 4.24 49.43
O 9Y0 MA . -30.06 7.44 45.28
C1 9Y0 MA . -28.85 5.53 49.11
C10 9Y0 MA . -29.97 -1.87 51.17
C11 9Y0 MA . -30.01 -3.42 50.95
C12 9Y0 MA . -28.87 -4.18 51.76
C13 9Y0 MA . -28.43 -3.39 53.02
C14 9Y0 MA . -27.29 -3.74 53.72
C15 9Y0 MA . -26.42 -4.94 53.26
C16 9Y0 MA . -25.09 -5.03 54.09
C17 9Y0 MA . -25.01 -6.32 54.97
C18 9Y0 MA . -24.25 -7.47 54.25
C19 9Y0 MA . -23.40 -8.30 55.26
C2 9Y0 MA . -29.48 6.29 47.94
C20 9Y0 MA . -22.71 -9.52 54.59
C21 9Y0 MA . -27.04 4.23 47.97
C22 9Y0 MA . -26.32 2.95 48.53
C23 9Y0 MA . -25.60 3.22 49.90
C24 9Y0 MA . -26.10 2.24 51.01
C25 9Y0 MA . -25.78 0.75 50.67
C26 9Y0 MA . -26.31 -0.22 51.78
C27 9Y0 MA . -25.30 -0.39 52.94
C3 9Y0 MA . -27.49 9.60 46.49
C4 9Y0 MA . -26.03 9.23 46.80
C5 9Y0 MA . -30.34 2.50 47.94
C6 9Y0 MA . -30.69 1.35 48.94
C7 9Y0 MA . -31.19 0.10 48.14
C8 9Y0 MA . -30.98 -1.25 48.88
C9 9Y0 MA . -31.14 -1.14 50.43
O1 9Y0 MA . -27.91 8.85 45.37
O2 9Y0 MA . -27.92 6.35 44.81
O3 9Y0 MA . -28.46 6.98 47.26
O4 9Y0 MA . -29.99 2.21 46.85
O5 9Y0 MA . -30.45 3.87 48.33
O6 9Y0 MA . -27.20 4.31 46.80
O7 9Y0 MA . -27.46 5.29 48.86
P 9Y0 MA . -28.61 7.37 45.66
P 9YF NA . -25.72 -0.55 39.96
O1 9YF NA . -26.68 -1.69 40.18
O2 9YF NA . -26.41 0.84 40.51
O3 9YF NA . -28.91 -0.12 39.85
O4 9YF NA . -31.10 0.70 41.30
C 9YF NA . -23.87 -3.05 41.59
O 9YF NA . -24.32 -0.86 40.76
C1 9YF NA . -24.39 -1.65 41.92
C10 9YF NA . -23.50 -6.95 41.77
C11 9YF NA . -22.99 -8.12 42.60
C12 9YF NA . -22.01 -8.98 41.81
C13 9YF NA . -21.30 -10.03 42.67
C14 9YF NA . -20.32 -10.85 41.84
C15 9YF NA . -19.80 -12.10 42.56
C16 9YF NA . -18.83 -12.92 41.71
C17 9YF NA . -19.17 -12.97 40.22
C18 9YF NA . -19.24 -14.39 39.69
C19 9YF NA . -18.05 -14.76 38.80
C2 9YF NA . -27.39 0.74 41.51
C20 9YF NA . -18.21 -16.16 38.18
C21 9YF NA . -17.45 -16.31 36.86
C22 9YF NA . -17.51 -17.73 36.33
C23 9YF NA . -16.74 -17.89 35.02
C24 9YF NA . -22.35 -3.06 41.75
C25 9YF NA . -20.80 -4.72 42.35
C26 9YF NA . -19.83 -5.16 43.43
C27 9YF NA . -19.51 -6.65 43.38
C28 9YF NA . -18.10 -6.92 42.84
C29 9YF NA . -17.72 -8.39 42.98
C3 9YF NA . -28.78 0.83 40.87
C30 9YF NA . -16.30 -8.59 43.48
C31 9YF NA . -15.43 -9.28 42.44
C32 9YF NA . -14.93 -10.65 42.90
C33 9YF NA . -14.06 -11.31 41.84
C34 9YF NA . -13.12 -12.32 42.45
C35 9YF NA . -14.93 -11.97 40.77
C36 9YF NA . -14.33 -11.83 39.37
C37 9YF NA . -14.76 -12.96 38.45
C38 9YF NA . -14.43 -12.70 36.99
C39 9YF NA . -14.31 -14.00 36.20
C4 9YF NA . -29.86 0.57 41.93
C40 9YF NA . -13.43 -13.88 34.96
C41 9YF NA . -12.68 -15.17 34.66
C42 9YF NA . -11.52 -15.42 35.62
C43 9YF NA . -10.87 -16.78 35.43
C5 9YF NA . -29.75 1.58 43.08
C6 9YF NA . -28.31 1.73 43.63
C7 9YF NA . -27.26 1.88 42.51
C8 9YF NA . -25.13 -5.01 41.81
C9 9YF NA . -24.88 -6.47 42.18
O10 9YF NA . -25.92 -4.74 40.96
O11 9YF NA . -22.00 -4.07 42.65
O12 9YF NA . -20.53 -4.95 41.21
O5 9YF NA . -30.56 1.13 44.15
O6 9YF NA . -28.01 0.59 44.37
O7 9YF NA . -25.97 1.90 43.06
O8 9YF NA . -25.48 -0.41 38.49
O9 9YF NA . -24.43 -3.99 42.46
C1 PLM OA . -29.85 -6.52 43.10
O2 PLM OA . -30.72 -6.27 42.23
C2 PLM OA . -30.12 -7.75 44.02
C3 PLM OA . -31.48 -7.74 44.72
C4 PLM OA . -31.54 -8.65 45.96
C5 PLM OA . -30.34 -8.52 46.88
C6 PLM OA . -30.46 -9.27 48.21
C7 PLM OA . -29.13 -9.80 48.74
C8 PLM OA . -29.28 -10.69 49.98
C9 PLM OA . -27.98 -11.39 50.40
CA PLM OA . -27.47 -12.39 49.39
CB PLM OA . -26.29 -13.22 49.89
CC PLM OA . -25.55 -13.99 48.80
CD PLM OA . -24.19 -14.50 49.24
CE PLM OA . -23.34 -13.46 49.98
CF PLM OA . -22.11 -14.04 50.67
CG PLM OA . -21.78 -13.32 51.98
C21 9XX PA . -24.68 -11.09 45.48
C23 9XX PA . -23.70 -13.44 44.98
C6 9XX PA . -16.69 -10.29 50.53
C7 9XX PA . -17.25 -9.13 51.38
C8 9XX PA . -18.73 -8.85 51.03
C11 9XX PA . -20.79 -5.52 51.23
C13 9XX PA . -22.76 -4.32 50.08
C14 9XX PA . -24.00 -3.65 50.66
C15 9XX PA . -25.22 -3.72 49.69
C16 9XX PA . -26.36 -5.38 48.42
C17 9XX PA . -26.61 -5.56 46.92
O 9XX PA . -25.19 -4.60 48.57
C10 9XX PA . -20.12 -6.75 50.63
C12 9XX PA . -22.31 -5.52 50.95
C18 9XX PA . -25.84 -7.70 46.31
C19 9XX PA . -25.70 -9.14 46.83
C20 9XX PA . -24.39 -9.79 46.28
C22 9XX PA . -23.81 -12.27 45.98
C24 9XX PA . -23.10 -14.69 45.67
C25 9XX PA . -22.14 -15.50 44.76
C26 9XX PA . -22.83 -16.06 43.49
C27 9XX PA . -21.88 -16.86 42.56
C28 9XX PA . -20.42 -16.30 42.57
C29 9XX PA . -19.39 -17.28 41.90
C30 9XX PA . -18.59 -18.16 42.94
C36 9XX PA . -22.43 -16.94 41.13
C37 9XX PA . -27.78 -4.67 46.52
C5 9XX PA . -16.40 -11.55 51.37
C9 9XX PA . -19.24 -7.52 51.64
O1 9XX PA . -26.95 -6.90 46.66
O2 9XX PA . -25.00 -7.26 45.60
O6 9XX PA . -26.16 -3.03 49.87
C4 9XX PA . -16.68 -12.85 50.57
C3 9XX PA . -15.95 -14.10 51.16
C2 9XX PA . -14.44 -14.10 50.83
C1 9XX PA . -14.15 -13.84 49.33
C31 9XX PA . -18.41 -17.48 44.33
C32 9XX PA . -17.60 -18.38 45.32
C33 9XX PA . -18.04 -19.87 45.25
C34 9XX PA . -17.36 -20.75 46.33
C35 9XX PA . -17.76 -22.22 46.19
C 9XX PA . -12.66 -13.61 49.06
CHA HEM QA . 10.25 -22.18 20.58
CHB HEM QA . 8.00 -20.15 16.87
CHC HEM QA . 6.20 -17.03 20.00
CHD HEM QA . 10.14 -17.79 22.62
C1A HEM QA . 9.65 -22.02 19.36
C2A HEM QA . 9.49 -23.01 18.32
C3A HEM QA . 8.87 -22.42 17.30
C4A HEM QA . 8.63 -21.06 17.66
CMA HEM QA . 8.46 -23.03 15.93
CAA HEM QA . 9.96 -24.47 18.37
CBA HEM QA . 8.78 -25.37 18.66
CGA HEM QA . 8.63 -25.44 20.15
O1A HEM QA . 7.45 -25.42 20.62
O2A HEM QA . 9.66 -25.49 20.85
C1B HEM QA . 7.37 -19.06 17.38
C2B HEM QA . 6.78 -18.02 16.60
C3B HEM QA . 6.27 -17.13 17.47
C4B HEM QA . 6.52 -17.62 18.80
CMB HEM QA . 6.84 -18.09 15.07
CAB HEM QA . 5.52 -15.81 17.24
CBB HEM QA . 5.15 -15.28 16.07
C1C HEM QA . 7.10 -16.92 21.01
C2C HEM QA . 7.03 -16.08 22.17
C3C HEM QA . 8.10 -16.28 22.91
C4C HEM QA . 8.93 -17.26 22.24
CMC HEM QA . 5.89 -15.11 22.50
CAC HEM QA . 8.37 -15.53 24.23
C1D HEM QA . 10.49 -19.10 22.37
C2D HEM QA . 11.49 -19.91 23.03
C3D HEM QA . 11.52 -21.10 22.46
C4D HEM QA . 10.53 -21.12 21.41
CMD HEM QA . 12.38 -19.44 24.20
CAD HEM QA . 12.42 -22.29 22.83
CBD HEM QA . 11.61 -23.13 23.80
CGD HEM QA . 11.41 -24.53 23.33
O1D HEM QA . 10.33 -25.11 23.64
O2D HEM QA . 12.33 -25.08 22.67
NA HEM QA . 9.11 -20.84 18.92
NB HEM QA . 7.20 -18.80 18.72
NC HEM QA . 8.27 -17.64 21.09
ND HEM QA . 9.92 -19.89 21.38
FE HEM QA . 8.43 -19.39 20.15
CHA HEM RA . -5.75 -7.44 6.81
CHB HEM RA . -3.59 -9.45 10.58
CHC HEM RA . 0.35 -10.13 7.90
CHD HEM RA . -1.90 -8.18 4.09
C1A HEM RA . -5.52 -7.98 8.04
C2A HEM RA . -6.51 -8.16 9.05
C3A HEM RA . -5.92 -8.71 10.09
C4A HEM RA . -4.53 -8.89 9.77
CMA HEM RA . -6.59 -9.07 11.43
CAA HEM RA . -8.00 -7.77 8.92
CBA HEM RA . -8.71 -8.75 7.99
CGA HEM RA . -10.15 -8.38 7.88
O1A HEM RA . -10.87 -8.46 8.91
O2A HEM RA . -10.58 -8.02 6.76
C1B HEM RA . -2.34 -9.82 10.19
C2B HEM RA . -1.37 -10.51 11.00
C3B HEM RA . -0.29 -10.69 10.27
C4B HEM RA . -0.53 -10.14 8.96
CMB HEM RA . -1.56 -10.92 12.47
CAB HEM RA . 1.00 -11.38 10.78
CBB HEM RA . 2.14 -10.67 10.76
C1C HEM RA . 0.06 -9.66 6.65
C2C HEM RA . 0.98 -9.72 5.53
C3C HEM RA . 0.36 -9.18 4.48
C4C HEM RA . -0.96 -8.78 4.89
CMC HEM RA . 2.40 -10.33 5.72
CAC HEM RA . 0.79 -8.94 3.02
CBC HEM RA . 1.91 -9.37 2.44
C1D HEM RA . -3.09 -7.68 4.55
C2D HEM RA . -3.93 -6.68 3.93
C3D HEM RA . -4.99 -6.49 4.70
C4D HEM RA . -4.84 -7.36 5.81
CMD HEM RA . -3.65 -5.96 2.60
CAD HEM RA . -6.17 -5.52 4.49
CBD HEM RA . -7.23 -6.08 3.55
CGD HEM RA . -8.46 -6.40 4.33
O1D HEM RA . -8.44 -6.26 5.57
O2D HEM RA . -9.48 -6.81 3.71
NA HEM RA . -4.31 -8.45 8.49
NB HEM RA . -1.79 -9.62 8.94
NC HEM RA . -1.11 -9.08 6.21
ND HEM RA . -3.67 -8.08 5.73
FE HEM RA . -2.57 -8.74 7.37
C1 CDL SA . 26.93 -25.61 13.20
O1 CDL SA . 25.56 -25.83 13.40
CA2 CDL SA . 27.39 -24.57 14.24
OA2 CDL SA . 26.23 -23.91 14.72
PA1 CDL SA . 26.48 -22.58 15.67
OA3 CDL SA . 25.48 -22.55 16.78
OA4 CDL SA . 27.88 -22.67 16.25
OA5 CDL SA . 26.31 -21.17 14.80
CA3 CDL SA . 25.81 -20.06 15.54
CA4 CDL SA . 25.48 -18.88 14.63
OA6 CDL SA . 25.95 -19.08 13.33
CA5 CDL SA . 24.96 -19.65 12.46
OA7 CDL SA . 25.00 -20.79 12.17
C11 CDL SA . 23.83 -18.75 11.88
C12 CDL SA . 23.21 -19.33 10.58
C13 CDL SA . 22.12 -18.40 10.02
C14 CDL SA . 21.06 -19.17 9.18
C15 CDL SA . 19.62 -18.87 9.65
C16 CDL SA . 19.15 -17.42 9.22
C17 CDL SA . 18.44 -16.67 10.39
C18 CDL SA . 17.72 -15.37 9.92
C19 CDL SA . 18.18 -14.14 10.75
C20 CDL SA . 18.13 -12.81 9.93
C21 CDL SA . 17.35 -11.70 10.67
C22 CDL SA . 18.27 -10.80 11.53
CA6 CDL SA . 26.10 -17.60 15.24
OA8 CDL SA . 25.75 -16.45 14.48
CA7 CDL SA . 24.57 -15.71 14.83
OA9 CDL SA . 24.39 -15.33 15.94
C31 CDL SA . 23.54 -15.41 13.71
C32 CDL SA . 24.00 -14.33 12.73
C33 CDL SA . 23.70 -12.89 13.23
C34 CDL SA . 22.79 -12.10 12.26
C35 CDL SA . 21.43 -12.82 12.01
CB2 CDL SA . 27.11 -25.10 11.74
OB2 CDL SA . 25.83 -24.80 11.19
PB2 CDL SA . 25.34 -25.67 9.86
OB3 CDL SA . 26.41 -25.63 8.80
OB4 CDL SA . 25.10 -27.11 10.26
OB5 CDL SA . 23.95 -25.03 9.21
CB3 CDL SA . 23.85 -24.90 7.81
CB4 CDL SA . 22.37 -24.97 7.45
OB6 CDL SA . 22.16 -25.23 6.07
CB5 CDL SA . 21.01 -26.01 5.76
OB7 CDL SA . 20.05 -26.02 6.45
C51 CDL SA . 20.96 -26.89 4.49
C52 CDL SA . 19.49 -27.01 3.94
C53 CDL SA . 19.33 -28.10 2.83
C54 CDL SA . 19.19 -27.48 1.42
C55 CDL SA . 20.24 -28.05 0.41
C56 CDL SA . 19.59 -28.38 -0.99
C57 CDL SA . 20.53 -27.98 -2.20
C58 CDL SA . 19.75 -27.97 -3.56
C59 CDL SA . 19.32 -26.53 -4.01
C60 CDL SA . 19.82 -26.17 -5.45
C61 CDL SA . 20.32 -24.69 -5.55
C62 CDL SA . 19.85 -23.97 -6.86
CB6 CDL SA . 21.67 -23.68 7.89
OB8 CDL SA . 20.57 -24.10 8.70
CB7 CDL SA . 19.40 -23.28 8.65
OB9 CDL SA . 19.50 -22.12 8.44
C71 CDL SA . 17.98 -23.90 8.88
C72 CDL SA . 17.33 -24.48 7.58
C73 CDL SA . 16.67 -25.89 7.81
C74 CDL SA . 16.84 -26.85 6.58
C75 CDL SA . 15.72 -27.93 6.48
C76 CDL SA . 16.29 -29.41 6.54
C77 CDL SA . 15.25 -30.49 6.08
C78 CDL SA . 14.92 -30.37 4.56
C79 CDL SA . 14.67 -31.75 3.90
C80 CDL SA . 14.04 -31.62 2.47
C81 CDL SA . 13.92 -33.00 1.75
C82 CDL SA . 15.28 -33.46 1.10
C83 CDL SA . 15.05 -34.28 -0.22
C1 CDL TA . 3.96 -31.77 31.76
O1 CDL TA . 4.79 -32.88 31.63
CA2 CDL TA . 3.24 -31.90 33.12
OA2 CDL TA . 2.83 -30.62 33.58
PA1 CDL TA . 1.90 -30.62 34.95
OA3 CDL TA . 0.71 -31.50 34.73
OA4 CDL TA . 2.70 -31.15 36.10
OA5 CDL TA . 1.34 -29.09 35.34
CA3 CDL TA . 0.25 -28.60 34.58
CA4 CDL TA . -0.18 -27.22 35.10
OA6 CDL TA . 0.59 -26.20 34.54
CA5 CDL TA . -0.18 -25.20 33.90
OA7 CDL TA . -0.72 -25.43 32.89
C11 CDL TA . -0.31 -23.78 34.51
C12 CDL TA . -1.19 -22.89 33.60
C13 CDL TA . -2.67 -22.87 34.06
C14 CDL TA . -3.06 -21.50 34.66
C15 CDL TA . -4.42 -21.01 34.08
C16 CDL TA . -5.45 -20.69 35.21
C17 CDL TA . -6.29 -19.43 34.84
C18 CDL TA . -7.29 -19.01 35.97
C19 CDL TA . -8.74 -18.92 35.43
C20 CDL TA . -9.52 -17.75 36.11
C21 CDL TA . -10.99 -18.13 36.44
CA6 CDL TA . -0.09 -27.16 36.63
OA8 CDL TA . -1.02 -26.15 37.03
CA7 CDL TA . -0.68 -25.51 38.24
OA9 CDL TA . 0.05 -26.05 38.99
C31 CDL TA . -1.24 -24.11 38.60
C32 CDL TA . -2.33 -23.65 37.65
C33 CDL TA . -3.38 -22.77 38.34
C34 CDL TA . -4.83 -23.23 38.07
C35 CDL TA . -5.76 -22.78 39.21
C36 CDL TA . -7.19 -22.44 38.73
C37 CDL TA . -7.77 -21.29 39.57
C38 CDL TA . -9.12 -21.64 40.21
C39 CDL TA . -10.22 -20.64 39.79
C40 CDL TA . -10.79 -19.88 40.99
C41 CDL TA . -11.48 -18.59 40.55
C42 CDL TA . -11.95 -17.75 41.73
CB2 CDL TA . 2.99 -31.81 30.57
OB2 CDL TA . 2.03 -32.83 30.86
PB2 CDL TA . 1.57 -33.83 29.62
OB3 CDL TA . 1.81 -35.26 30.03
OB4 CDL TA . 2.38 -33.51 28.39
OB5 CDL TA . -0.04 -33.60 29.30
CB3 CDL TA . -0.87 -33.02 30.29
CB4 CDL TA . -1.27 -31.63 29.82
OB6 CDL TA . -1.49 -30.78 30.92
CB5 CDL TA . -0.92 -29.50 30.75
OB7 CDL TA . 0.05 -29.37 30.09
C51 CDL TA . -1.53 -28.25 31.44
C52 CDL TA . -2.99 -27.92 31.00
C53 CDL TA . -3.20 -26.38 30.87
C54 CDL TA . -4.69 -25.98 30.87
C55 CDL TA . -4.93 -24.55 31.42
C56 CDL TA . -5.88 -23.73 30.50
C57 CDL TA . -6.31 -22.33 31.13
C58 CDL TA . -7.86 -22.18 31.23
C59 CDL TA . -8.36 -20.71 31.07
C60 CDL TA . -9.63 -20.43 31.96
C61 CDL TA . -10.79 -19.76 31.14
C62 CDL TA . -11.94 -19.25 32.08
C63 CDL TA . -13.34 -19.35 31.39
CB6 CDL TA . -2.54 -31.69 28.96
OB8 CDL TA . -2.70 -30.39 28.35
CB7 CDL TA . -3.84 -30.25 27.49
OB9 CDL TA . -4.58 -31.15 27.36
C71 CDL TA . -4.09 -28.89 26.73
C72 CDL TA . -3.37 -27.68 27.38
C73 CDL TA . -2.75 -26.66 26.36
C74 CDL TA . -2.09 -25.44 27.10
C75 CDL TA . -0.55 -25.31 26.83
C76 CDL TA . 0.24 -24.71 28.05
C77 CDL TA . 0.51 -25.78 29.16
C78 CDL TA . 2.01 -25.84 29.59
C79 CDL TA . 2.57 -27.30 29.54
C1 CDL UA . 0.91 -37.08 35.55
O1 CDL UA . 1.95 -37.81 36.13
CA2 CDL UA . 0.43 -37.89 34.33
OA2 CDL UA . -0.76 -38.59 34.68
PA1 CDL UA . -1.91 -38.77 33.49
OA3 CDL UA . -1.61 -40.00 32.68
OA4 CDL UA . -3.29 -38.90 34.11
OA5 CDL UA . -1.83 -37.41 32.51
CA3 CDL UA . -2.71 -37.27 31.40
CA4 CDL UA . -3.94 -36.49 31.87
OA6 CDL UA . -5.05 -36.77 31.08
CA5 CDL UA . -5.28 -36.02 29.87
OA7 CDL UA . -4.50 -36.05 28.98
C11 CDL UA . -6.57 -35.17 29.70
C12 CDL UA . -6.64 -34.57 28.28
C13 CDL UA . -7.99 -33.86 28.02
C14 CDL UA . -7.83 -32.32 28.06
C15 CDL UA . -9.16 -31.58 27.74
C16 CDL UA . -10.38 -32.23 28.46
C17 CDL UA . -11.36 -31.17 29.05
C18 CDL UA . -12.55 -30.91 28.07
C19 CDL UA . -13.33 -29.62 28.43
C20 CDL UA . -14.05 -29.74 29.79
C21 CDL UA . -15.19 -28.68 29.94
C22 CDL UA . -14.92 -27.72 31.11
C23 CDL UA . -15.64 -26.34 30.90
C24 CDL UA . -14.65 -25.16 31.01
C25 CDL UA . -15.38 -23.79 31.06
C26 CDL UA . -15.50 -23.27 32.50
C27 CDL UA . -16.66 -22.29 32.65
CA6 CDL UA . -3.63 -34.99 31.95
OA8 CDL UA . -4.78 -34.36 32.50
CA7 CDL UA . -4.86 -32.96 32.24
OA9 CDL UA . -3.89 -32.36 31.96
C31 CDL UA . -6.22 -32.23 32.35
C32 CDL UA . -6.14 -30.81 31.79
C33 CDL UA . -7.50 -30.32 31.27
C34 CDL UA . -7.70 -28.80 31.53
C35 CDL UA . -9.19 -28.44 31.74
C36 CDL UA . -9.38 -26.96 32.12
C37 CDL UA . -10.83 -26.63 32.54
CB2 CDL UA . -0.18 -36.87 36.63
OB2 CDL UA . -0.66 -35.53 36.63
PB2 CDL UA . -2.24 -35.35 37.12
OB3 CDL UA . -2.38 -35.93 38.49
OB4 CDL UA . -3.11 -36.13 36.17
OB5 CDL UA . -2.72 -33.75 37.15
CB3 CDL UA . -2.51 -32.95 36.02
CB4 CDL UA . -3.83 -32.24 35.65
OB6 CDL UA . -3.59 -31.11 34.82
CB5 CDL UA . -3.12 -29.85 35.31
OB7 CDL UA . -2.43 -29.74 36.26
C51 CDL UA . -3.52 -28.55 34.56
C52 CDL UA . -5.04 -28.29 34.43
C53 CDL UA . -5.30 -26.77 34.57
C54 CDL UA . -6.68 -26.45 35.18
C55 CDL UA . -6.80 -24.93 35.47
C56 CDL UA . -8.04 -24.30 34.74
C57 CDL UA . -9.19 -23.96 35.78
C58 CDL UA . -9.95 -22.66 35.37
C59 CDL UA . -11.20 -22.43 36.27
C60 CDL UA . -12.48 -22.07 35.42
C61 CDL UA . -13.56 -21.35 36.29
CB6 CDL UA . -4.70 -31.95 36.89
OB8 CDL UA . -5.61 -30.88 36.61
CB7 CDL UA . -7.00 -31.10 36.84
OB9 CDL UA . -7.35 -31.59 37.87
C71 CDL UA . -8.05 -30.66 35.77
C72 CDL UA . -9.42 -30.26 36.38
C73 CDL UA . -9.51 -28.72 36.67
C74 CDL UA . -10.88 -28.33 37.33
C75 CDL UA . -11.17 -26.81 37.23
C76 CDL UA . -11.16 -26.09 38.64
C77 CDL UA . -12.45 -25.23 38.90
C78 CDL UA . -12.52 -24.72 40.37
C79 CDL UA . -13.98 -24.56 40.88
C80 CDL UA . -14.44 -23.07 40.94
C81 CDL UA . -15.02 -22.57 39.57
C82 CDL UA . -16.04 -21.37 39.75
N 9Y0 VA . 10.47 -7.51 2.42
C 9Y0 VA . 15.19 -5.33 9.49
O 9Y0 VA . 12.70 -2.58 5.41
C1 9Y0 VA . 14.64 -5.77 8.11
C10 9Y0 VA . 16.96 -10.19 16.00
C11 9Y0 VA . 18.22 -9.76 16.80
C12 9Y0 VA . 19.25 -10.96 17.00
C13 9Y0 VA . 19.31 -11.83 15.71
C14 9Y0 VA . 20.38 -12.66 15.45
C15 9Y0 VA . 21.59 -12.79 16.41
C16 9Y0 VA . 21.92 -14.28 16.79
C17 9Y0 VA . 23.42 -14.68 16.68
C18 9Y0 VA . 23.77 -15.96 17.52
C19 9Y0 VA . 22.62 -17.01 17.48
C2 9Y0 VA . 13.44 -4.92 7.73
C20 9Y0 VA . 23.06 -18.49 17.39
C21 9Y0 VA . 14.56 -7.84 6.94
C22 9Y0 VA . 13.53 -8.90 6.36
C23 9Y0 VA . 13.88 -10.36 6.81
C24 9Y0 VA . 14.88 -11.06 5.83
C25 9Y0 VA . 16.15 -11.62 6.57
C26 9Y0 VA . 17.09 -10.50 7.10
C27 9Y0 VA . 18.58 -10.80 6.82
C28 9Y0 VA . 19.52 -9.93 7.69
C29 9Y0 VA . 20.95 -9.80 7.07
C3 9Y0 VA . 11.36 -5.96 4.06
C30 9Y0 VA . 22.08 -10.17 8.07
C31 9Y0 VA . 22.73 -11.54 7.75
C32 9Y0 VA . 21.91 -12.74 8.33
C33 9Y0 VA . 22.51 -14.13 7.98
C34 9Y0 VA . 21.63 -14.88 6.94
C35 9Y0 VA . 21.82 -14.35 5.50
C36 9Y0 VA . 20.50 -13.94 4.83
C37 9Y0 VA . 22.21 -19.32 16.41
C38 9Y0 VA . 21.78 -18.55 15.14
C4 9Y0 VA . 11.50 -6.50 2.64
C5 9Y0 VA . 15.45 -6.10 11.74
C6 9Y0 VA . 15.75 -7.37 12.61
C7 9Y0 VA . 15.78 -7.02 14.14
C8 9Y0 VA . 16.88 -7.82 14.91
C9 9Y0 VA . 16.77 -9.36 14.67
O1 9Y0 VA . 11.90 -4.65 4.10
O2 9Y0 VA . 11.00 -4.01 6.44
O3 9Y0 VA . 13.43 -4.87 6.32
O4 9Y0 VA . 15.79 -5.03 12.10
O5 9Y0 VA . 14.76 -6.25 10.49
O6 9Y0 VA . 15.57 -7.64 6.37
O7 9Y0 VA . 14.26 -7.13 8.15
P 9Y0 VA . 12.23 -4.00 5.58
C5 MQ9 WA . 8.25 -29.37 5.39
C5M MQ9 WA . 6.92 -29.22 4.67
C4 MQ9 WA . 8.40 -28.81 6.65
O4 MQ9 WA . 7.32 -28.13 7.24
C3 MQ9 WA . 9.63 -28.93 7.35
C2 MQ9 WA . 10.67 -29.59 6.79
C1 MQ9 WA . 10.53 -30.17 5.49
O1 MQ9 WA . 11.64 -30.84 4.95
C6 MQ9 WA . 9.32 -30.06 4.80
C3A MQ9 WA . 9.78 -28.36 8.65
C3B MQ9 WA . 10.98 -28.48 9.33
C3C MQ9 WA . 12.06 -29.16 8.74
C3D MQ9 WA . 11.91 -29.72 7.48
C7 MQ9 WA . 9.15 -30.68 3.39
C8 MQ9 WA . 9.20 -32.22 3.41
C9 MQ9 WA . 7.96 -32.93 2.86
C10 MQ9 WA . 8.36 -34.38 2.60
C11 MQ9 WA . 6.83 -32.86 3.90
C12 MQ9 WA . 5.68 -33.85 3.60
C13 MQ9 WA . 4.32 -33.17 3.34
C14 MQ9 WA . 3.16 -34.08 3.74
C15 MQ9 WA . 3.26 -35.38 2.97
C16 MQ9 WA . 1.81 -33.44 3.45
C17 MQ9 WA . 1.70 -31.96 3.91
C18 MQ9 WA . 0.91 -31.12 2.88
C19 MQ9 WA . 1.56 -29.77 2.51
C20 MQ9 WA . 3.05 -29.64 2.82
C21 MQ9 WA . 0.77 -28.54 3.00
C22 MQ9 WA . 1.22 -27.28 2.24
C23 MQ9 WA . 0.05 -26.42 1.72
C24 MQ9 WA . 0.44 -24.94 1.53
C25 MQ9 WA . 0.85 -24.60 0.10
C26 MQ9 WA . -0.63 -24.01 2.10
C27 MQ9 WA . -1.83 -23.88 1.14
C28 MQ9 WA . -2.96 -23.00 1.71
C29 MQ9 WA . -2.70 -21.49 1.59
C30 MQ9 WA . -2.14 -21.15 0.21
C31 MQ9 WA . -4.01 -20.72 1.90
C32 MQ9 WA . -4.12 -19.35 1.22
C33 MQ9 WA . -5.57 -19.02 0.82
C34 MQ9 WA . -5.93 -19.54 -0.57
C35 MQ9 WA . -7.41 -19.90 -0.66
C36 MQ9 WA . -5.56 -18.48 -1.64
C5 MQ9 XA . -20.01 -16.35 21.46
C5M MQ9 XA . -18.86 -17.32 21.30
C4 MQ9 XA . -21.11 -16.50 20.64
O4 MQ9 XA . -21.16 -17.52 19.69
C3 MQ9 XA . -22.20 -15.60 20.75
C2 MQ9 XA . -22.15 -14.60 21.67
C1 MQ9 XA . -21.02 -14.44 22.51
O1 MQ9 XA . -21.00 -13.40 23.45
C6 MQ9 XA . -19.96 -15.32 22.41
C3A MQ9 XA . -23.33 -15.75 19.91
C3B MQ9 XA . -24.40 -14.88 20.03
C3C MQ9 XA . -24.36 -13.84 20.97
C3D MQ9 XA . -23.25 -13.70 21.80
C7 MQ9 XA . -18.73 -15.14 23.31
C8 MQ9 XA . -18.91 -15.51 24.77
C9 MQ9 XA . -17.98 -14.72 25.69
C10 MQ9 XA . -18.78 -13.63 26.37
C11 MQ9 XA . -17.38 -15.68 26.72
C12 MQ9 XA . -18.43 -16.36 27.61
C13 MQ9 XA . -18.10 -16.17 29.10
C14 MQ9 XA . -19.01 -16.94 30.04
C15 MQ9 XA . -18.61 -16.60 31.46
C16 MQ9 XA . -18.85 -18.46 29.82
C17 MQ9 XA . -20.02 -19.27 30.42
C18 MQ9 XA . -19.60 -20.18 31.60
C19 MQ9 XA . -20.70 -20.27 32.67
C20 MQ9 XA . -21.00 -18.88 33.24
C21 MQ9 XA . -20.44 -21.36 33.74
C22 MQ9 XA . -19.98 -20.85 35.12
C23 MQ9 XA . -20.96 -21.26 36.25
C24 MQ9 XA . -20.42 -20.96 37.66
C25 MQ9 XA . -20.87 -22.06 38.63
C26 MQ9 XA . -20.79 -19.55 38.18
C27 MQ9 XA . -22.18 -19.07 37.76
C28 MQ9 XA . -22.20 -17.57 37.35
C29 MQ9 XA . -23.47 -17.16 36.58
C30 MQ9 XA . -23.86 -18.11 35.46
C31 MQ9 XA . -23.53 -15.68 36.13
C32 MQ9 XA . -23.00 -15.39 34.70
C33 MQ9 XA . -21.46 -15.38 34.55
C34 MQ9 XA . -20.77 -14.00 34.68
C35 MQ9 XA . -20.54 -13.62 36.14
C36 MQ9 XA . -19.43 -14.01 33.94
C37 MQ9 XA . -18.89 -12.61 33.64
C38 MQ9 XA . -17.55 -12.32 34.34
C39 MQ9 XA . -17.49 -10.96 35.09
C40 MQ9 XA . -16.66 -9.93 34.34
C41 MQ9 XA . -18.87 -10.40 35.48
C5 MQ9 YA . 12.34 -24.49 10.81
C5M MQ9 YA . 13.30 -23.81 9.83
C4 MQ9 YA . 12.68 -24.57 12.14
O4 MQ9 YA . 13.89 -24.04 12.59
C3 MQ9 YA . 11.81 -25.19 13.08
C2 MQ9 YA . 10.63 -25.70 12.66
C1 MQ9 YA . 10.26 -25.62 11.29
O1 MQ9 YA . 9.04 -26.16 10.87
C6 MQ9 YA . 11.11 -25.01 10.36
C3A MQ9 YA . 12.19 -25.27 14.45
C3B MQ9 YA . 11.33 -25.88 15.36
C3C MQ9 YA . 10.11 -26.40 14.93
C3D MQ9 YA . 9.75 -26.32 13.58
C7 MQ9 YA . 10.75 -24.91 8.88
C8 MQ9 YA . 9.60 -23.96 8.54
C9 MQ9 YA . 9.54 -23.65 7.05
C10 MQ9 YA . 8.09 -23.64 6.58
C11 MQ9 YA . 10.18 -22.28 6.78
C12 MQ9 YA . 9.56 -21.18 7.65
C13 MQ9 YA . 10.60 -20.18 8.20
C14 MQ9 YA . 10.44 -18.77 7.62
C15 MQ9 YA . 11.19 -17.79 8.51
C16 MQ9 YA . 8.96 -18.38 7.56
C17 MQ9 YA . 8.58 -17.77 6.19
C18 MQ9 YA . 8.09 -18.78 5.13
C19 MQ9 YA . 8.17 -18.19 3.70
C20 MQ9 YA . 7.61 -16.78 3.63
C21 MQ9 YA . 7.62 -19.15 2.60
C22 MQ9 YA . 6.23 -18.78 2.02
C23 MQ9 YA . 6.29 -18.32 0.53
C24 MQ9 YA . 5.14 -17.38 0.11
C25 MQ9 YA . 4.78 -16.37 1.20
C26 MQ9 YA . 5.43 -16.67 -1.23
C27 MQ9 YA . 4.37 -15.61 -1.61
C28 MQ9 YA . 4.48 -15.11 -3.06
C29 MQ9 YA . 3.38 -15.68 -3.97
C30 MQ9 YA . 1.99 -15.27 -3.51
C31 MQ9 YA . 3.65 -15.40 -5.48
C32 MQ9 YA . 2.98 -14.12 -6.03
C33 MQ9 YA . 3.91 -13.35 -6.99
C34 MQ9 YA . 3.26 -12.84 -8.29
C35 MQ9 YA . 1.80 -12.44 -8.12
C36 MQ9 YA . 4.10 -11.68 -8.88
C37 MQ9 YA . 3.96 -11.53 -10.41
C38 MQ9 YA . 5.22 -10.88 -11.03
C39 MQ9 YA . 5.09 -10.58 -12.53
C40 MQ9 YA . 3.85 -9.74 -12.81
C41 MQ9 YA . 6.36 -9.89 -13.08
C42 MQ9 YA . 7.66 -10.61 -12.72
C43 MQ9 YA . 7.81 -11.97 -13.44
C44 MQ9 YA . 9.14 -12.09 -14.20
C45 MQ9 YA . 8.91 -12.89 -15.47
C46 MQ9 YA . 10.19 -12.78 -13.33
C47 MQ9 YA . 9.74 -14.13 -12.78
C48 MQ9 YA . 10.61 -14.56 -11.59
C49 MQ9 YA . 9.92 -15.58 -10.68
C50 MQ9 YA . 8.53 -15.11 -10.27
C51 MQ9 YA . 10.78 -15.88 -9.45
C5 MQ9 ZA . 1.22 4.12 21.37
C5M MQ9 ZA . 2.33 4.84 20.61
C4 MQ9 ZA . 0.22 3.50 20.64
O4 MQ9 ZA . 0.29 3.55 19.25
C3 MQ9 ZA . -0.85 2.82 21.30
C2 MQ9 ZA . -0.88 2.78 22.66
C1 MQ9 ZA . 0.15 3.43 23.41
O1 MQ9 ZA . 0.11 3.39 24.80
C6 MQ9 ZA . 1.18 4.08 22.76
C3A MQ9 ZA . -1.87 2.18 20.55
C3B MQ9 ZA . -2.90 1.51 21.21
C3C MQ9 ZA . -2.94 1.48 22.60
C3D MQ9 ZA . -1.93 2.11 23.33
C7 MQ9 ZA . 2.28 4.77 23.59
C8 MQ9 ZA . 3.40 3.80 24.01
C9 MQ9 ZA . 3.71 3.87 25.49
C10 MQ9 ZA . 4.37 2.56 25.92
C11 MQ9 ZA . 4.66 5.04 25.77
C12 MQ9 ZA . 4.71 5.42 27.26
C13 MQ9 ZA . 6.16 5.50 27.80
C14 MQ9 ZA . 6.33 4.76 29.14
C15 MQ9 ZA . 7.24 5.59 30.04
C16 MQ9 ZA . 6.99 3.39 28.90
C17 MQ9 ZA . 7.01 2.51 30.16
C18 MQ9 ZA . 8.42 2.03 30.55
C19 MQ9 ZA . 8.69 1.89 32.07
C20 MQ9 ZA . 7.79 2.76 32.94
C21 MQ9 ZA . 8.67 0.42 32.53
C22 MQ9 ZA . 10.06 -0.08 33.00
C23 MQ9 ZA . 10.16 -0.23 34.53
C24 MQ9 ZA . 10.63 -1.63 34.99
C25 MQ9 ZA . 9.53 -2.68 34.75
C26 MQ9 ZA . 11.95 -2.03 34.29
C27 MQ9 ZA . 12.34 -3.51 34.47
C28 MQ9 ZA . 13.08 -3.80 35.80
C29 MQ9 ZA . 14.29 -4.75 35.64
C30 MQ9 ZA . 13.98 -5.90 34.68
C31 MQ9 ZA . 14.73 -5.30 37.02
C32 MQ9 ZA . 15.79 -6.42 36.96
C33 MQ9 ZA . 17.19 -5.93 36.53
C34 MQ9 ZA . 18.11 -5.42 37.66
C35 MQ9 ZA . 17.82 -6.05 39.03
C36 MQ9 ZA . 18.13 -3.88 37.73
C1 CDL AB . 21.65 -29.06 -18.95
O1 CDL AB . 21.88 -30.31 -19.50
CA2 CDL AB . 20.40 -28.47 -19.63
OA2 CDL AB . 19.85 -27.43 -18.81
PA1 CDL AB . 18.84 -26.32 -19.55
OA3 CDL AB . 17.56 -26.99 -19.94
OA4 CDL AB . 19.51 -25.76 -20.79
OA5 CDL AB . 18.50 -25.04 -18.52
CA3 CDL AB . 17.29 -24.35 -18.73
CA4 CDL AB . 17.32 -22.99 -18.00
OA6 CDL AB . 17.74 -23.07 -16.64
CA5 CDL AB . 17.21 -24.05 -15.73
OA7 CDL AB . 17.71 -25.13 -15.65
C11 CDL AB . 16.04 -23.71 -14.78
C12 CDL AB . 16.02 -22.21 -14.39
C13 CDL AB . 14.61 -21.73 -13.99
C14 CDL AB . 14.29 -20.31 -14.53
C15 CDL AB . 12.77 -20.11 -14.76
C16 CDL AB . 12.21 -18.85 -14.02
CA6 CDL AB . 15.94 -22.33 -18.13
OA8 CDL AB . 16.07 -21.17 -18.95
CA7 CDL AB . 15.10 -21.10 -19.97
OA9 CDL AB . 15.04 -21.95 -20.79
C31 CDL AB . 14.12 -19.90 -20.02
C32 CDL AB . 13.29 -19.77 -18.74
C33 CDL AB . 11.86 -19.29 -19.03
C34 CDL AB . 11.82 -18.05 -19.95
C35 CDL AB . 10.90 -16.93 -19.41
C36 CDL AB . 11.69 -15.66 -19.00
C37 CDL AB . 11.22 -15.09 -17.65
C38 CDL AB . 11.41 -16.10 -16.50
CB2 CDL AB . 21.49 -29.22 -17.41
OB2 CDL AB . 22.79 -29.16 -16.81
PB2 CDL AB . 22.95 -29.60 -15.20
OB3 CDL AB . 21.85 -30.55 -14.81
OB4 CDL AB . 24.29 -30.28 -15.01
OB5 CDL AB . 22.88 -28.25 -14.24
CB3 CDL AB . 22.33 -28.38 -12.95
CB4 CDL AB . 22.38 -27.02 -12.25
OB6 CDL AB . 22.58 -27.10 -10.84
CB5 CDL AB . 21.72 -27.86 -9.98
OB7 CDL AB . 21.88 -29.03 -9.83
C51 CDL AB . 20.60 -27.17 -9.14
C52 CDL AB . 19.21 -27.80 -9.44
C53 CDL AB . 18.06 -27.10 -8.66
C54 CDL AB . 16.68 -27.71 -8.96
C55 CDL AB . 15.77 -26.73 -9.75
C56 CDL AB . 15.35 -27.29 -11.16
C57 CDL AB . 14.36 -26.33 -11.95
C58 CDL AB . 14.51 -24.82 -11.55
C59 CDL AB . 13.17 -24.20 -11.08
C60 CDL AB . 13.02 -24.16 -9.51
CB6 CDL AB . 21.11 -26.23 -12.61
OB8 CDL AB . 21.07 -25.07 -11.78
CB7 CDL AB . 19.84 -24.34 -11.92
OB9 CDL AB . 19.44 -24.09 -13.00
C71 CDL AB . 19.03 -23.90 -10.66
C72 CDL AB . 17.95 -22.84 -11.03
C73 CDL AB . 17.97 -21.61 -10.07
C74 CDL AB . 16.76 -21.60 -9.07
C75 CDL AB . 15.52 -20.85 -9.67
C76 CDL AB . 15.10 -19.58 -8.82
C77 CDL AB . 13.55 -19.54 -8.56
C78 CDL AB . 12.73 -19.89 -9.84
C79 CDL AB . 11.20 -19.65 -9.64
C80 CDL AB . 10.39 -19.91 -10.94
N 9Y0 BB . 8.47 -9.17 4.01
C 9Y0 BB . 9.21 -16.21 -1.17
O 9Y0 BB . 5.06 -13.08 0.66
C1 9Y0 BB . 9.11 -15.18 -0.03
C10 9Y0 BB . 16.18 -19.04 -4.73
C11 9Y0 BB . 16.15 -20.55 -5.11
C12 9Y0 BB . 17.38 -21.33 -4.50
C13 9Y0 BB . 17.69 -20.84 -3.06
C14 9Y0 BB . 18.45 -21.57 -2.17
C15 9Y0 BB . 19.04 -22.94 -2.55
C16 9Y0 BB . 20.59 -23.06 -2.24
C17 9Y0 BB . 21.00 -24.38 -1.50
C18 9Y0 BB . 22.51 -24.77 -1.76
C19 9Y0 BB . 23.43 -23.52 -1.81
C2 9Y0 BB . 8.11 -14.09 -0.39
C20 9Y0 BB . 24.80 -23.67 -1.11
C21 9Y0 BB . 10.61 -14.35 1.63
C22 9Y0 BB . 11.34 -13.05 2.10
C23 9Y0 BB . 12.88 -13.26 2.29
C24 9Y0 BB . 13.25 -13.72 3.74
C25 9Y0 BB . 14.08 -15.04 3.76
C26 9Y0 BB . 13.27 -16.28 3.27
C27 9Y0 BB . 13.55 -17.54 4.11
C28 9Y0 BB . 13.06 -18.84 3.41
C29 9Y0 BB . 12.81 -19.99 4.42
C3 9Y0 BB . 7.65 -10.81 2.41
C30 9Y0 BB . 13.59 -21.30 4.06
C31 9Y0 BB . 14.78 -21.56 5.01
C32 9Y0 BB . 16.05 -20.74 4.62
C33 9Y0 BB . 17.28 -21.00 5.55
C34 9Y0 BB . 17.60 -19.76 6.42
C35 9Y0 BB . 16.59 -19.56 7.57
C36 9Y0 BB . 15.87 -18.20 7.51
C37 9Y0 BB . 25.20 -22.41 -0.30
C38 9Y0 BB . 24.01 -21.74 0.43
C4 9Y0 BB . 7.66 -10.37 3.87
C5 9Y0 BB . 10.76 -17.02 -2.81
C6 9Y0 BB . 12.26 -17.35 -3.09
C7 9Y0 BB . 12.48 -17.93 -4.52
C8 9Y0 BB . 13.56 -19.06 -4.55
C9 9Y0 BB . 14.92 -18.60 -3.90
O1 9Y0 BB . 6.48 -11.55 2.16
O2 9Y0 BB . 6.66 -11.58 -0.42
O3 9Y0 BB . 7.56 -13.64 0.83
O4 9Y0 BB . 9.91 -17.65 -3.34
O5 9Y0 BB . 10.40 -15.96 -1.92
O6 9Y0 BB . 10.27 -15.15 2.43
O7 9Y0 BB . 10.36 -14.60 0.23
P 9Y0 BB . 6.41 -12.45 0.78
FE HEC CB . -47.62 -0.26 32.09
CHA HEC CB . -45.28 2.15 31.52
CHB HEC CB . -49.32 0.75 29.33
CHC HEC CB . -49.95 -2.84 32.48
CHD HEC CB . -46.80 -0.50 35.25
NA HEC CB . -47.41 1.27 30.75
C1A HEC CB . -46.24 1.97 30.57
C2A HEC CB . -46.20 2.46 29.21
C3A HEC CB . -47.31 2.06 28.59
C4A HEC CB . -48.09 1.31 29.56
CMA HEC CB . -47.71 2.35 27.14
CAA HEC CB . -45.07 3.27 28.56
CBA HEC CB . -45.30 4.75 28.85
CGA HEC CB . -44.42 5.56 27.96
O1A HEC CB . -43.74 4.95 27.08
O2A HEC CB . -44.38 6.80 28.11
NB HEC CB . -49.31 -0.93 31.13
C1B HEC CB . -49.80 -0.35 29.97
C2B HEC CB . -50.93 -1.13 29.53
C3B HEC CB . -51.15 -2.10 30.39
C4B HEC CB . -50.12 -2.02 31.41
CMB HEC CB . -51.76 -0.79 28.28
CAB HEC CB . -52.24 -3.19 30.25
CBB HEC CB . -53.60 -2.80 30.83
NC HEC CB . -48.38 -1.37 33.61
C1C HEC CB . -49.13 -2.53 33.54
C2C HEC CB . -48.68 -3.43 34.59
C3C HEC CB . -47.96 -2.70 35.44
C4C HEC CB . -47.67 -1.45 34.79
CMC HEC CB . -49.40 -4.73 34.99
CAC HEC CB . -47.36 -3.20 36.76
CBC HEC CB . -45.89 -3.63 36.63
ND HEC CB . -46.28 0.81 33.26
C1D HEC CB . -45.95 0.21 34.46
C2D HEC CB . -44.56 0.45 34.74
C3D HEC CB . -44.03 1.27 33.56
C4D HEC CB . -45.20 1.48 32.72
CMD HEC CB . -43.75 -0.05 35.96
CAD HEC CB . -42.57 1.77 33.49
CBD HEC CB . -41.91 1.66 32.12
CGD HEC CB . -41.84 3.06 31.59
O1D HEC CB . -42.70 3.89 31.93
O2D HEC CB . -40.92 3.36 30.81
FE HEC DB . -34.69 0.81 20.99
CHA HEC DB . -36.62 -1.43 22.55
CHB HEC DB . -35.48 -0.58 17.99
CHC HEC DB . -33.22 3.37 19.44
CHD HEC DB . -32.73 1.35 23.73
NA HEC DB . -35.87 -0.73 20.37
C1A HEC DB . -36.58 -1.57 21.18
C2A HEC DB . -37.22 -2.59 20.35
C3A HEC DB . -36.89 -2.33 19.08
C4A HEC DB . -36.04 -1.17 19.08
CMA HEC DB . -37.31 -3.09 17.82
CAA HEC DB . -38.11 -3.75 20.83
CBA HEC DB . -37.38 -5.10 20.81
CGA HEC DB . -38.37 -6.21 20.98
O1A HEC DB . -39.59 -5.96 20.81
O2A HEC DB . -37.94 -7.35 21.30
NB HEC DB . -34.23 1.24 19.03
C1B HEC DB . -34.98 0.69 18.03
C2B HEC DB . -35.20 1.68 17.03
C3B HEC DB . -34.56 2.80 17.36
C4B HEC DB . -33.96 2.53 18.66
CMB HEC DB . -36.02 1.34 15.78
CAB HEC DB . -34.56 4.15 16.58
CBB HEC DB . -33.94 4.24 15.17
NC HEC DB . -33.16 2.08 21.50
C1C HEC DB . -32.82 3.15 20.71
C2C HEC DB . -31.76 3.88 21.37
C3C HEC DB . -31.80 3.54 22.65
C4C HEC DB . -32.54 2.26 22.72
CMC HEC DB . -31.41 5.30 20.89
CAC HEC DB . -30.92 4.37 23.63
CBC HEC DB . -30.77 3.88 25.10
ND HEC DB . -34.65 0.05 22.83
C1D HEC DB . -33.82 0.51 23.85
C2D HEC DB . -34.31 -0.05 25.09
C3D HEC DB . -35.52 -0.90 24.72
C4D HEC DB . -35.66 -0.79 23.30
CMD HEC DB . -33.75 0.14 26.50
CAD HEC DB . -36.38 -1.72 25.69
CBD HEC DB . -37.50 -0.89 26.27
CGD HEC DB . -38.42 -1.77 27.05
O1D HEC DB . -38.09 -2.98 27.21
O2D HEC DB . -39.49 -1.31 27.50
P 9YF EB . -31.45 -17.78 13.04
O1 9YF EB . -32.40 -18.46 12.10
O2 9YF EB . -31.91 -16.22 13.28
O3 9YF EB . -30.20 -16.38 15.67
O4 9YF EB . -30.57 -14.04 17.29
C 9YF EB . -27.81 -17.37 13.32
O 9YF EB . -29.93 -17.83 12.43
C1 9YF EB . -28.95 -18.38 13.23
C10 9YF EB . -27.64 -18.51 9.73
C11 9YF EB . -26.32 -19.20 9.48
C12 9YF EB . -26.48 -20.55 8.78
C13 9YF EB . -26.12 -20.48 7.30
C14 9YF EB . -24.97 -21.43 6.94
C15 9YF EB . -23.70 -21.12 7.73
C16 9YF EB . -23.21 -22.34 8.51
C17 9YF EB . -22.15 -23.10 7.73
C18 9YF EB . -22.69 -24.40 7.14
C19 9YF EB . -22.91 -24.28 5.63
C2 9YF EB . -30.99 -15.25 13.72
C20 9YF EB . -23.51 -25.55 5.03
C21 9YF EB . -22.45 -26.47 4.46
C22 9YF EB . -22.85 -27.95 4.56
C23 9YF EB . -22.67 -28.52 5.96
C24 9YF EB . -27.17 -17.43 14.70
C25 9YF EB . -27.98 -18.35 16.68
C26 9YF EB . -28.81 -19.62 16.74
C27 9YF EB . -28.06 -20.82 16.16
C28 9YF EB . -27.92 -21.96 17.17
C29 9YF EB . -27.22 -23.15 16.56
C3 9YF EB . -30.96 -15.28 15.26
C30 9YF EB . -26.02 -23.61 17.40
C31 9YF EB . -25.08 -22.47 17.76
C32 9YF EB . -23.70 -22.59 17.11
C33 9YF EB . -22.60 -22.81 18.14
C34 9YF EB . -22.11 -24.26 18.09
C35 9YF EB . -21.45 -21.84 17.94
C36 9YF EB . -20.29 -22.08 18.91
C37 9YF EB . -19.69 -20.77 19.39
C38 9YF EB . -18.64 -20.97 20.48
C39 9YF EB . -19.27 -21.20 21.86
C4 9YF EB . -30.37 -14.02 15.90
C40 9YF EB . -18.49 -20.53 22.98
C41 9YF EB . -18.16 -21.44 24.16
C42 9YF EB . -18.69 -20.89 25.48
C43 9YF EB . -18.24 -21.72 26.68
C5 9YF EB . -31.02 -12.76 15.33
C6 9YF EB . -30.80 -12.69 13.81
C7 9YF EB . -31.43 -13.91 13.12
C8 9YF EB . -26.80 -16.72 11.31
C9 9YF EB . -27.44 -17.02 9.95
O10 9YF EB . -26.27 -15.68 11.49
O11 9YF EB . -28.18 -17.44 15.66
O12 9YF EB . -27.15 -18.14 17.50
O5 9YF EB . -30.46 -11.62 15.94
O6 9YF EB . -29.42 -12.72 13.56
O7 9YF EB . -31.08 -13.88 11.77
O8 9YF EB . -31.44 -18.49 14.37
O9 9YF EB . -26.86 -17.67 12.34
C5 MQ9 FB . -8.96 -16.62 26.35
C5M MQ9 FB . -7.59 -16.98 26.86
C4 MQ9 FB . -9.12 -15.48 25.58
O4 MQ9 FB . -8.01 -14.69 25.28
C3 MQ9 FB . -10.39 -15.12 25.08
C2 MQ9 FB . -11.47 -15.87 25.37
C1 MQ9 FB . -11.32 -17.04 26.16
O1 MQ9 FB . -12.45 -17.82 26.45
C6 MQ9 FB . -10.07 -17.40 26.66
C3A MQ9 FB . -10.52 -13.96 24.29
C3B MQ9 FB . -11.77 -13.59 23.80
C3C MQ9 FB . -12.89 -14.38 24.08
C3D MQ9 FB . -12.74 -15.50 24.87
C7 MQ9 FB . -9.93 -18.66 27.50
C8 MQ9 FB . -9.91 -19.90 26.60
C9 MQ9 FB . -10.47 -21.14 27.28
C10 MQ9 FB . -11.90 -20.88 27.72
C11 MQ9 FB . -10.47 -22.30 26.29
C12 MQ9 FB . -9.15 -23.08 26.30
C13 MQ9 FB . -8.32 -22.83 25.03
C14 MQ9 FB . -6.86 -23.24 25.19
C15 MQ9 FB . -6.83 -24.75 25.38
C16 MQ9 FB . -6.29 -22.56 26.44
C17 MQ9 FB . -4.85 -23.05 26.73
C18 MQ9 FB . -3.87 -21.87 26.90
C19 MQ9 FB . -3.99 -21.29 28.31
C20 MQ9 FB . -2.74 -21.56 29.14
C21 MQ9 FB . -4.42 -19.81 28.31
C22 MQ9 FB . -3.84 -18.97 27.15
C23 MQ9 FB . -2.51 -18.25 27.50
C24 MQ9 FB . -2.63 -16.73 27.41
C25 MQ9 FB . -3.71 -16.25 28.38
C26 MQ9 FB . -1.27 -16.02 27.58
C27 MQ9 FB . -1.26 -14.66 28.33
C28 MQ9 FB . -1.57 -13.40 27.49
C29 MQ9 FB . -0.41 -12.77 26.71
C30 MQ9 FB . 0.98 -13.12 27.25
C31 MQ9 FB . -0.62 -11.25 26.52
C32 MQ9 FB . 0.00 -10.38 27.63
C33 MQ9 FB . -1.05 -9.70 28.54
C34 MQ9 FB . -1.22 -10.29 29.95
C35 MQ9 FB . -0.20 -11.37 30.31
C36 MQ9 FB . -1.27 -9.18 31.02
C37 MQ9 FB . -1.07 -9.68 32.46
C38 MQ9 FB . -0.23 -8.70 33.30
C39 MQ9 FB . 1.02 -9.33 33.94
C40 MQ9 FB . 1.68 -8.31 34.88
C41 MQ9 FB . 1.98 -9.94 32.90
C42 MQ9 FB . 3.47 -9.74 33.15
C43 MQ9 FB . 4.32 -10.88 32.58
C44 MQ9 FB . 4.20 -12.15 33.41
C45 MQ9 FB . 4.80 -11.92 34.78
C46 MQ9 FB . 4.99 -13.26 32.72
C47 MQ9 FB . 4.14 -14.03 31.73
C48 MQ9 FB . 3.37 -15.18 32.41
C49 MQ9 FB . 2.13 -15.68 31.67
C50 MQ9 FB . 1.52 -14.66 30.72
C51 MQ9 FB . 2.36 -17.01 30.99
FE1 FES GB . -13.70 6.27 27.08
FE2 FES GB . -16.30 6.96 25.50
S1 FES GB . -14.29 6.17 24.92
S2 FES GB . -15.51 7.51 27.52
C1 CDL HB . -5.54 -43.57 18.70
O1 CDL HB . -6.85 -43.68 18.24
CA2 CDL HB . -4.59 -43.53 17.47
OA2 CDL HB . -5.26 -42.92 16.40
PA1 CDL HB . -5.78 -43.89 15.15
OA3 CDL HB . -5.66 -45.33 15.55
OA4 CDL HB . -4.91 -43.64 13.93
OA5 CDL HB . -7.37 -43.54 14.80
CA3 CDL HB . -7.91 -44.00 13.56
CA4 CDL HB . -8.83 -42.90 13.02
OA6 CDL HB . -9.38 -43.31 11.80
CA5 CDL HB . -10.72 -43.79 11.89
OA7 CDL HB . -11.63 -43.04 11.90
C11 CDL HB . -10.99 -45.32 11.99
C12 CDL HB . -12.49 -45.65 12.20
C13 CDL HB . -12.77 -46.23 13.61
C14 CDL HB . -14.09 -45.69 14.22
C15 CDL HB . -14.40 -46.31 15.61
C16 CDL HB . -15.02 -45.26 16.61
C17 CDL HB . -16.49 -45.60 17.01
C18 CDL HB . -17.46 -45.65 15.79
C19 CDL HB . -18.94 -45.91 16.20
C20 CDL HB . -19.76 -46.56 15.05
C21 CDL HB . -20.89 -45.63 14.51
C22 CDL HB . -21.32 -46.02 13.07
C23 CDL HB . -20.11 -46.01 12.08
C24 CDL HB . -19.94 -47.34 11.31
C25 CDL HB . -18.48 -47.86 11.37
C26 CDL HB . -17.98 -48.45 10.04
C27 CDL HB . -19.03 -49.29 9.32
CA6 CDL HB . -7.98 -41.64 12.84
OA8 CDL HB . -8.72 -40.68 12.08
CA7 CDL HB . -8.97 -39.47 12.79
OA9 CDL HB . -8.12 -39.01 13.48
C31 CDL HB . -10.34 -38.77 12.67
C32 CDL HB . -10.33 -37.37 13.26
C33 CDL HB . -11.74 -36.76 13.34
C34 CDL HB . -12.42 -36.66 11.96
C35 CDL HB . -13.37 -35.44 11.85
C36 CDL HB . -12.71 -34.24 11.13
C37 CDL HB . -13.09 -34.16 9.64
C38 CDL HB . -14.35 -33.33 9.37
C39 CDL HB . -14.37 -31.98 10.12
C40 CDL HB . -15.67 -31.21 9.92
C41 CDL HB . -15.79 -30.00 10.86
C42 CDL HB . -17.02 -29.15 10.57
CB2 CDL HB . -5.25 -44.78 19.63
OB2 CDL HB . -6.44 -45.03 20.38
PB2 CDL HB . -7.26 -46.44 20.09
OB3 CDL HB . -6.70 -47.13 18.87
OB4 CDL HB . -7.12 -47.35 21.28
OB5 CDL HB . -8.86 -46.08 19.83
CB3 CDL HB . -9.26 -44.81 20.28
CB4 CDL HB . -10.71 -44.52 19.87
OB6 CDL HB . -10.85 -44.67 18.47
CB5 CDL HB . -10.64 -43.57 17.61
OB7 CDL HB . -9.56 -43.10 17.46
C51 CDL HB . -11.83 -42.99 16.79
C52 CDL HB . -11.39 -42.02 15.66
C53 CDL HB . -12.40 -40.86 15.45
C54 CDL HB . -13.87 -41.35 15.43
C55 CDL HB . -14.77 -40.57 16.43
C56 CDL HB . -16.25 -41.08 16.45
C57 CDL HB . -16.81 -41.34 14.99
C58 CDL HB . -18.16 -42.11 15.00
C59 CDL HB . -19.39 -41.15 15.02
C60 CDL HB . -20.58 -41.72 14.16
C61 CDL HB . -21.60 -40.60 13.76
C62 CDL HB . -22.82 -41.17 12.97
C63 CDL HB . -22.41 -42.14 11.81
C64 CDL HB . -23.50 -42.27 10.73
C65 CDL HB . -23.22 -43.41 9.72
C66 CDL HB . -21.97 -43.12 8.86
C67 CDL HB . -22.12 -41.82 8.05
CB6 CDL HB . -11.03 -43.11 20.37
OB8 CDL HB . -12.41 -42.82 20.18
CB7 CDL HB . -12.78 -41.56 20.71
OB9 CDL HB . -11.97 -40.69 20.82
C71 CDL HB . -14.25 -41.27 21.16
C72 CDL HB . -14.98 -40.34 20.15
C73 CDL HB . -16.54 -40.40 20.31
C74 CDL HB . -17.20 -39.04 19.89
C75 CDL HB . -18.19 -38.52 20.98
C76 CDL HB . -19.69 -38.67 20.52
C77 CDL HB . -19.95 -37.96 19.14
C78 CDL HB . -21.02 -38.71 18.29
C79 CDL HB . -22.44 -38.54 18.87
C80 CDL HB . -23.45 -37.95 17.83
C81 CDL HB . -24.47 -39.02 17.31
C82 CDL HB . -25.94 -38.67 17.76
C83 CDL HB . -26.93 -38.62 16.55
C84 CDL HB . -27.02 -37.22 15.90
C85 CDL HB . -28.36 -37.01 15.17
C86 CDL HB . -28.77 -35.55 15.09
C87 CDL HB . -29.94 -35.32 14.11
P 9YF IB . 0.04 25.47 25.14
O1 9YF IB . 0.46 25.83 26.53
O2 9YF IB . -0.15 26.83 24.20
O3 9YF IB . 0.08 26.49 21.24
O4 9YF IB . -1.03 28.68 19.87
C 9YF IB . 3.21 24.91 23.91
O 9YF IB . 1.15 24.43 24.62
C1 9YF IB . 2.41 24.60 25.11
C10 9YF IB . 6.08 27.02 22.43
C11 9YF IB . 6.76 26.31 23.62
C12 9YF IB . 7.77 25.22 23.19
C13 9YF IB . 7.33 24.49 21.88
C14 9YF IB . 8.30 23.32 21.48
C15 9YF IB . 8.37 22.22 22.60
C16 9YF IB . 8.30 20.80 22.04
C17 9YF IB . 8.38 19.71 23.11
C18 9YF IB . 8.05 18.36 22.52
C19 9YF IB . 9.18 17.35 22.64
C2 9YF IB . -1.17 26.95 23.23
C20 9YF IB . 9.98 17.52 23.97
C21 9YF IB . 11.35 16.81 23.92
C22 9YF IB . 12.52 17.82 23.97
C23 9YF IB . 13.14 18.09 22.59
C24 9YF IB . 3.26 23.59 23.10
C25 9YF IB . 3.71 21.38 23.93
C26 9YF IB . 4.33 20.50 25.04
C27 9YF IB . 5.08 21.39 26.08
C28 9YF IB . 4.22 22.66 26.46
C29 9YF IB . 5.12 23.80 27.10
C3 9YF IB . -0.61 27.52 21.90
C30 9YF IB . 5.63 23.42 28.55
C31 9YF IB . 5.58 21.87 28.85
C32 9YF IB . 6.72 21.44 29.82
C33 9YF IB . 6.47 21.86 31.31
C34 9YF IB . 5.68 23.17 31.39
C35 9YF IB . 5.71 20.70 32.07
C36 9YF IB . 6.49 20.11 33.32
C37 9YF IB . 6.05 20.78 34.67
C38 9YF IB . 4.48 20.66 34.93
C39 9YF IB . 4.13 19.28 35.57
C4 9YF IB . -1.68 28.07 20.95
C40 9YF IB . 5.03 18.13 35.00
C41 9YF IB . 4.39 16.71 35.12
C42 9YF IB . 3.65 16.49 36.46
C43 9YF IB . 4.27 17.29 37.62
C5 9YF IB . -2.61 29.09 21.62
C6 9YF IB . -2.78 28.96 23.15
C7 9YF IB . -2.51 27.54 23.69
C8 9YF IB . 3.51 26.82 22.60
C9 9YF IB . 4.81 26.30 21.92
O10 9YF IB . 3.31 27.98 22.66
O11 9YF IB . 4.17 22.71 23.76
O12 9YF IB . 2.86 20.92 23.22
O5 9YF IB . -3.88 28.98 21.02
O6 9YF IB . -4.09 29.33 23.50
O7 9YF IB . -3.54 26.68 23.28
O8 9YF IB . -1.26 24.74 25.23
O9 9YF IB . 2.59 25.94 23.18
P 9YF JB . 5.87 22.52 11.40
O1 9YF JB . 4.80 21.53 11.70
O2 9YF JB . 6.68 22.04 10.05
O3 9YF JB . 8.34 19.82 10.08
O4 9YF JB . 8.05 17.85 8.22
C 9YF JB . 8.86 21.89 13.83
O 9YF JB . 6.93 22.61 12.66
C1 9YF JB . 7.68 21.48 12.96
C10 9YF JB . 12.08 18.68 12.17
C11 9YF JB . 12.53 17.56 13.09
C12 9YF JB . 12.49 17.95 14.56
C13 9YF JB . 13.31 16.98 15.41
C14 9YF JB . 12.89 15.53 15.21
C15 9YF JB . 13.79 14.55 15.96
C16 9YF JB . 13.11 14.00 17.21
C17 9YF JB . 13.68 12.65 17.63
C18 9YF JB . 12.99 12.10 18.87
C19 9YF JB . 12.09 10.91 18.55
C2 9YF JB . 6.27 20.85 9.44
C20 9YF JB . 12.89 9.68 18.12
C21 9YF JB . 11.97 8.49 17.83
C22 9YF JB . 12.66 7.40 17.03
C23 9YF JB . 11.66 6.50 16.32
C24 9YF JB . 8.36 22.27 15.21
C25 9YF JB . 9.47 21.26 17.04
C26 9YF JB . 9.51 20.23 18.18
C27 9YF JB . 10.64 19.22 17.97
C28 9YF JB . 10.63 18.13 19.06
C29 9YF JB . 10.22 16.77 18.53
C3 9YF JB . 7.48 20.03 9.00
C30 9YF JB . 8.91 16.27 19.15
C31 9YF JB . 8.46 14.92 18.62
C32 9YF JB . 9.30 13.75 19.16
C33 9YF JB . 8.69 12.36 19.00
C34 9YF JB . 8.40 11.69 20.35
C35 9YF JB . 7.49 12.26 18.07
C36 9YF JB . 7.26 10.83 17.58
C37 9YF JB . 7.76 10.59 16.16
C38 9YF JB . 7.93 9.11 15.85
C39 9YF JB . 6.67 8.29 16.10
C4 9YF JB . 6.97 18.69 8.51
C40 9YF JB . 5.71 8.32 14.91
C41 9YF JB . 5.47 6.92 14.33
C42 9YF JB . 5.22 6.98 12.81
C43 9YF JB . 4.94 5.60 12.23
C5 9YF JB . 6.12 18.87 7.25
C6 9YF JB . 5.03 19.96 7.36
C7 9YF JB . 5.40 21.19 8.23
C8 9YF JB . 10.45 20.49 12.84
C9 9YF JB . 10.62 19.04 12.40
O10 9YF JB . 10.97 21.36 12.23
O11 9YF JB . 8.53 21.14 16.02
O12 9YF JB . 10.24 22.16 17.03
O5 9YF JB . 5.46 17.66 6.99
O6 9YF JB . 3.87 19.36 7.87
O7 9YF JB . 4.21 21.77 8.68
O8 9YF JB . 5.27 23.87 11.14
O9 9YF JB . 9.70 20.78 13.97
CU CU KB . 24.28 35.66 -55.14
CU CU LB . 23.93 37.26 -55.03
FE HEA MB . 45.82 29.44 -56.73
CHA HEA MB . 42.65 31.05 -55.52
CHB HEA MB . 46.91 32.76 -58.13
CHC HEA MB . 49.40 28.26 -56.69
CHD HEA MB . 45.01 26.42 -54.62
NA HEA MB . 45.12 31.21 -56.76
C1A HEA MB . 43.92 31.78 -56.34
C2A HEA MB . 43.69 33.11 -56.57
C3A HEA MB . 44.81 33.52 -57.23
C4A HEA MB . 45.55 32.31 -57.32
CMA HEA MB . 45.17 34.90 -57.77
OMA HEA MB . 45.74 35.66 -57.06
CAA HEA MB . 42.44 33.86 -56.09
CBA HEA MB . 41.72 34.85 -56.99
CGA HEA MB . 40.30 34.40 -57.34
O1A HEA MB . 39.90 34.48 -58.52
O2A HEA MB . 39.54 33.95 -56.44
NB HEA MB . 47.57 30.24 -57.18
C1B HEA MB . 47.91 31.48 -57.76
C2B HEA MB . 49.27 31.73 -58.02
C3B HEA MB . 49.95 30.60 -57.65
C4B HEA MB . 48.88 29.75 -57.21
CMB HEA MB . 49.92 32.99 -58.59
NC HEA MB . 46.78 28.07 -55.95
C1C HEA MB . 48.03 27.66 -56.04
C2C HEA MB . 48.51 26.50 -55.36
C3C HEA MB . 47.37 26.02 -54.84
C4C HEA MB . 46.42 26.96 -55.27
CMC HEA MB . 49.94 25.93 -55.28
CAC HEA MB . 47.16 24.77 -53.97
CBC HEA MB . 47.72 23.59 -54.16
ND HEA MB . 44.43 29.01 -55.53
C1D HEA MB . 44.13 27.87 -54.82
C2D HEA MB . 42.97 27.82 -54.02
C3D HEA MB . 42.36 29.00 -54.27
C4D HEA MB . 43.30 29.61 -55.18
CMD HEA MB . 42.49 26.68 -53.13
CAD HEA MB . 41.06 29.60 -53.69
CBD HEA MB . 39.69 28.91 -53.76
CGD HEA MB . 38.58 29.89 -54.14
O1D HEA MB . 38.71 31.12 -53.84
O2D HEA MB . 37.54 29.51 -54.74
C11 HEA MB . 51.47 30.45 -57.84
O11 HEA MB . 52.15 29.87 -56.77
C12 HEA MB . 51.72 29.61 -59.10
C13 HEA MB . 53.07 29.88 -59.76
C14 HEA MB . 53.63 28.69 -60.55
C15 HEA MB . 54.29 29.01 -61.90
C16 HEA MB . 55.75 28.54 -61.88
C17 HEA MB . 56.17 27.64 -63.05
C18 HEA MB . 56.03 28.27 -64.44
C19 HEA MB . 57.35 28.65 -65.14
C20 HEA MB . 58.20 29.64 -64.35
C21 HEA MB . 57.49 30.97 -64.09
C22 HEA MB . 57.04 31.66 -65.37
C23 HEA MB . 56.30 32.95 -65.04
C24 HEA MB . 57.30 33.99 -64.57
C25 HEA MB . 55.49 33.46 -66.23
C26 HEA MB . 54.27 30.51 -62.21
C27 HEA MB . 58.16 27.37 -65.36
FE HEA NB . 36.52 19.72 -56.46
CHA HEA NB . 34.39 22.17 -55.37
CHB HEA NB . 35.41 19.68 -59.94
CHC HEA NB . 38.03 16.55 -56.41
CHD HEA NB . 39.64 21.41 -55.18
NA HEA NB . 35.28 20.70 -57.47
C1A HEA NB . 34.42 21.63 -56.98
C2A HEA NB . 33.58 22.19 -57.91
C3A HEA NB . 33.85 21.51 -59.11
C4A HEA NB . 34.88 20.63 -58.69
CMA HEA NB . 33.26 21.65 -60.52
OMA HEA NB . 32.63 20.80 -61.06
CAA HEA NB . 32.57 23.28 -57.51
CBA HEA NB . 32.45 24.53 -58.35
CGA HEA NB . 30.97 24.72 -58.64
O1A HEA NB . 30.60 25.26 -59.72
O2A HEA NB . 30.10 24.32 -57.81
NB HEA NB . 36.71 18.42 -57.88
C1B HEA NB . 36.22 18.37 -59.19
C2B HEA NB . 36.52 17.16 -59.88
C3B HEA NB . 37.20 16.33 -58.95
C4B HEA NB . 37.23 17.13 -57.77
CMB HEA NB . 36.17 16.82 -61.32
NC HEA NB . 38.19 19.23 -56.04
C1C HEA NB . 38.65 18.02 -55.98
C2C HEA NB . 39.99 17.81 -55.59
C3C HEA NB . 40.37 19.05 -55.27
C4C HEA NB . 39.26 19.84 -55.54
CMC HEA NB . 40.83 16.55 -55.48
CAC HEA NB . 41.73 19.42 -54.74
CBC HEA NB . 41.93 19.48 -53.45
ND HEA NB . 36.89 21.30 -55.61
C1D HEA NB . 38.01 21.89 -55.09
C2D HEA NB . 37.83 23.10 -54.42
C3D HEA NB . 36.48 23.29 -54.46
C4D HEA NB . 36.02 22.14 -55.17
CMD HEA NB . 38.89 23.98 -53.78
CAD HEA NB . 35.71 24.48 -53.93
CBD HEA NB . 34.88 24.50 -52.66
CGD HEA NB . 34.04 25.77 -52.73
O1D HEA NB . 33.98 26.41 -53.81
O2D HEA NB . 33.43 26.22 -51.72
C11 HEA NB . 37.71 14.89 -59.20
O11 HEA NB . 39.00 14.63 -58.74
C12 HEA NB . 36.68 13.92 -58.56
C13 HEA NB . 37.08 13.12 -57.30
C14 HEA NB . 36.11 12.06 -56.70
C15 HEA NB . 36.21 10.67 -57.39
C16 HEA NB . 36.07 9.49 -56.43
C17 HEA NB . 35.58 8.24 -57.17
C18 HEA NB . 34.21 7.78 -56.72
C19 HEA NB . 34.25 6.54 -55.84
C20 HEA NB . 32.83 6.21 -55.38
C21 HEA NB . 32.78 5.04 -54.39
C22 HEA NB . 33.55 5.33 -53.10
C23 HEA NB . 32.79 4.88 -51.85
C24 HEA NB . 32.79 3.35 -51.74
C25 HEA NB . 33.39 5.52 -50.60
C26 HEA NB . 37.54 10.41 -58.11
C27 HEA NB . 34.81 5.37 -56.63
CU CU OB . 45.96 32.02 -52.83
CU CU PB . 36.03 35.74 -54.14
C1 CDL QB . 56.33 13.78 -23.72
O1 CDL QB . 57.07 14.53 -24.63
CA2 CDL QB . 56.19 12.38 -24.33
OA2 CDL QB . 55.76 12.57 -25.66
PA1 CDL QB . 54.18 12.14 -25.94
OA3 CDL QB . 53.86 12.20 -27.40
OA4 CDL QB . 54.03 10.73 -25.44
OA5 CDL QB . 53.19 13.17 -25.09
CA3 CDL QB . 52.80 14.37 -25.74
CA4 CDL QB . 52.64 15.47 -24.69
OA6 CDL QB . 51.47 16.20 -24.94
CA5 CDL QB . 50.76 16.63 -23.78
OA7 CDL QB . 51.20 16.42 -22.71
C11 CDL QB . 49.42 17.39 -23.90
C12 CDL QB . 48.24 16.45 -24.27
C13 CDL QB . 47.50 16.95 -25.53
C14 CDL QB . 46.19 17.71 -25.18
C15 CDL QB . 45.38 18.11 -26.44
C16 CDL QB . 43.93 18.59 -26.07
C17 CDL QB . 42.90 18.30 -27.19
CA6 CDL QB . 53.86 16.38 -24.76
OA8 CDL QB . 53.46 17.71 -25.07
CA7 CDL QB . 54.28 18.31 -26.05
OA9 CDL QB . 54.55 17.70 -27.03
C31 CDL QB . 54.82 19.74 -25.88
C32 CDL QB . 53.82 20.81 -26.28
C33 CDL QB . 53.28 20.64 -27.71
C34 CDL QB . 51.78 20.27 -27.77
C35 CDL QB . 50.94 20.96 -26.66
C36 CDL QB . 49.44 21.01 -27.04
C37 CDL QB . 48.54 20.46 -25.92
C38 CDL QB . 47.43 21.45 -25.53
C39 CDL QB . 46.40 21.69 -26.67
C40 CDL QB . 45.42 22.81 -26.29
C41 CDL QB . 44.54 23.26 -27.46
C42 CDL QB . 44.72 24.75 -27.76
CB2 CDL QB . 57.12 13.81 -22.39
OB2 CDL QB . 57.02 15.15 -21.95
PB2 CDL QB . 55.77 15.51 -20.91
OB3 CDL QB . 54.89 14.31 -20.74
OB4 CDL QB . 56.44 15.86 -19.62
OB5 CDL QB . 54.90 16.81 -21.43
CB3 CDL QB . 55.25 18.07 -20.89
CB4 CDL QB . 53.99 18.87 -20.59
OB6 CDL QB . 52.99 18.03 -20.05
CB5 CDL QB . 52.36 18.55 -18.89
OB7 CDL QB . 52.72 18.22 -17.81
C51 CDL QB . 51.19 19.57 -19.01
C52 CDL QB . 50.06 19.07 -19.93
C53 CDL QB . 48.75 19.86 -19.65
C54 CDL QB . 47.73 19.77 -20.82
C55 CDL QB . 46.37 20.38 -20.40
C56 CDL QB . 45.31 20.31 -21.55
C57 CDL QB . 43.83 20.53 -21.01
C58 CDL QB . 42.95 21.28 -22.06
C59 CDL QB . 41.55 21.65 -21.49
C60 CDL QB . 41.62 22.86 -20.49
C61 CDL QB . 40.21 23.27 -19.97
C62 CDL QB . 39.91 24.77 -20.28
C63 CDL QB . 38.97 24.96 -21.53
C64 CDL QB . 37.48 24.96 -21.11
CB6 CDL QB . 53.48 19.54 -21.87
OB8 CDL QB . 53.18 20.87 -21.48
CB7 CDL QB . 52.38 21.63 -22.40
OB9 CDL QB . 52.15 21.22 -23.47
C71 CDL QB . 51.80 23.01 -21.95
C72 CDL QB . 50.35 22.87 -21.40
C73 CDL QB . 49.36 23.84 -22.13
C74 CDL QB . 47.93 23.21 -22.31
C75 CDL QB . 46.86 23.91 -21.43
C76 CDL QB . 45.50 24.14 -22.20
C77 CDL QB . 45.59 25.38 -23.15
C78 CDL QB . 44.34 25.58 -24.05
C79 CDL QB . 43.07 25.94 -23.21
C80 CDL QB . 42.02 26.67 -24.06
C81 CDL QB . 41.42 25.75 -25.18
C1 CDL RB . 45.00 -8.39 -40.65
O1 CDL RB . 43.77 -8.15 -41.27
CA2 CDL RB . 44.72 -8.49 -39.15
OA2 CDL RB . 44.03 -7.30 -38.80
PA1 CDL RB . 43.05 -7.38 -37.47
OA3 CDL RB . 42.65 -8.81 -37.28
OA4 CDL RB . 43.80 -6.89 -36.26
OA5 CDL RB . 41.70 -6.45 -37.75
CA3 CDL RB . 41.06 -6.63 -39.00
CA4 CDL RB . 40.26 -5.37 -39.33
OA6 CDL RB . 40.15 -5.28 -40.73
CA5 CDL RB . 38.82 -5.00 -41.18
OA7 CDL RB . 38.15 -4.24 -40.58
C11 CDL RB . 38.25 -5.67 -42.46
C12 CDL RB . 36.85 -5.13 -42.83
C13 CDL RB . 36.93 -3.89 -43.75
C14 CDL RB . 35.57 -3.14 -43.87
C15 CDL RB . 35.49 -2.26 -45.15
C16 CDL RB . 34.09 -2.35 -45.86
C17 CDL RB . 34.15 -1.99 -47.37
C18 CDL RB . 32.85 -2.39 -48.15
CA6 CDL RB . 41.01 -4.15 -38.77
OA8 CDL RB . 40.62 -3.00 -39.50
CA7 CDL RB . 39.71 -2.14 -38.82
OA9 CDL RB . 39.10 -2.53 -37.89
C31 CDL RB . 39.52 -0.69 -39.32
C32 CDL RB . 38.96 -0.62 -40.73
C33 CDL RB . 37.83 0.44 -40.85
C34 CDL RB . 36.79 0.05 -41.92
C35 CDL RB . 35.79 1.20 -42.20
C36 CDL RB . 35.15 1.12 -43.60
C37 CDL RB . 33.90 2.03 -43.72
CB2 CDL RB . 45.93 -7.20 -40.98
OB2 CDL RB . 47.22 -7.56 -40.48
PB2 CDL RB . 48.52 -6.60 -40.84
OB3 CDL RB . 49.04 -5.95 -39.58
OB4 CDL RB . 49.63 -7.43 -41.44
OB5 CDL RB . 48.04 -5.45 -41.91
CB3 CDL RB . 48.37 -5.65 -43.27
CB4 CDL RB . 47.43 -4.75 -44.05
OB6 CDL RB . 46.90 -3.78 -43.16
CB5 CDL RB . 47.57 -2.53 -43.14
OB7 CDL RB . 48.73 -2.45 -42.95
C51 CDL RB . 46.76 -1.23 -43.37
C52 CDL RB . 46.21 -0.60 -42.06
C53 CDL RB . 44.93 0.22 -42.35
C54 CDL RB . 44.53 1.09 -41.13
C55 CDL RB . 43.00 1.38 -41.12
C56 CDL RB . 42.72 2.91 -41.06
C57 CDL RB . 41.35 3.20 -40.33
C58 CDL RB . 41.54 4.23 -39.19
C59 CDL RB . 40.77 3.87 -37.88
C60 CDL RB . 39.44 3.06 -38.11
C61 CDL RB . 38.46 3.22 -36.90
C62 CDL RB . 37.05 3.73 -37.35
C63 CDL RB . 36.29 2.65 -38.20
C64 CDL RB . 34.93 2.25 -37.59
C65 CDL RB . 35.03 0.97 -36.71
C66 CDL RB . 34.73 -0.31 -37.52
C67 CDL RB . 36.01 -1.07 -37.93
CB6 CDL RB . 46.29 -5.63 -44.55
OB8 CDL RB . 45.52 -4.88 -45.49
CB7 CDL RB . 45.18 -5.65 -46.64
OB9 CDL RB . 45.88 -6.54 -47.00
C71 CDL RB . 43.88 -5.31 -47.42
C72 CDL RB . 43.12 -4.14 -46.74
C73 CDL RB . 42.02 -3.55 -47.68
C74 CDL RB . 42.27 -2.03 -47.96
C75 CDL RB . 43.05 -1.80 -49.29
C76 CDL RB . 43.37 -0.27 -49.46
C77 CDL RB . 42.17 0.51 -50.07
C78 CDL RB . 42.00 1.93 -49.43
C79 CDL RB . 42.28 3.07 -50.45
C80 CDL RB . 43.78 3.24 -50.79
C81 CDL RB . 44.68 3.19 -49.51
C82 CDL RB . 46.22 3.15 -49.87
C83 CDL RB . 47.07 3.45 -48.60
C84 CDL RB . 48.53 3.79 -48.96
C85 CDL RB . 49.37 2.53 -49.02
C86 CDL RB . 50.52 2.49 -48.04
C87 CDL RB . 51.45 3.71 -48.18
N 9Y0 SB . 19.18 39.05 -19.78
C 9Y0 SB . 28.43 37.74 -21.29
O 9Y0 SB . 22.49 37.96 -22.68
C1 9Y0 SB . 27.14 37.27 -21.97
C10 9Y0 SB . 34.70 32.64 -23.52
C11 9Y0 SB . 34.28 32.90 -25.01
C12 9Y0 SB . 34.16 31.58 -25.86
C13 9Y0 SB . 33.84 31.89 -27.35
C14 9Y0 SB . 33.47 30.90 -28.22
C15 9Y0 SB . 33.34 29.43 -27.77
C16 9Y0 SB . 32.50 28.57 -28.77
C2 9Y0 SB . 25.95 37.43 -21.03
C21 9Y0 SB . 26.16 35.22 -22.82
C22 9Y0 SB . 25.71 33.88 -22.13
C23 9Y0 SB . 26.74 32.72 -22.38
C24 9Y0 SB . 27.96 32.78 -21.39
C25 9Y0 SB . 29.31 32.65 -22.14
C26 9Y0 SB . 29.30 31.48 -23.17
C27 9Y0 SB . 29.92 30.20 -22.57
C28 9Y0 SB . 31.37 30.45 -22.05
C29 9Y0 SB . 32.34 29.30 -22.42
C3 9Y0 SB . 21.44 38.08 -19.73
C30 9Y0 SB . 32.17 28.80 -23.88
C31 9Y0 SB . 32.44 27.28 -24.02
C32 9Y0 SB . 33.80 26.98 -24.74
C33 9Y0 SB . 33.76 25.62 -25.48
C34 9Y0 SB . 35.08 25.28 -26.24
C35 9Y0 SB . 34.99 23.93 -26.98
C36 9Y0 SB . 36.19 23.68 -27.90
C4 9Y0 SB . 20.60 39.37 -19.81
C5 9Y0 SB . 30.68 36.94 -20.89
C6 9Y0 SB . 31.73 35.79 -20.74
C7 9Y0 SB . 32.32 35.31 -22.11
C8 9Y0 SB . 32.98 33.91 -22.01
C9 9Y0 SB . 34.43 33.88 -22.60
O1 9Y0 SB . 22.75 38.37 -20.15
O2 9Y0 SB . 23.26 36.10 -21.25
O3 9Y0 SB . 24.91 38.02 -21.76
O4 9Y0 SB . 30.97 38.05 -20.60
O5 9Y0 SB . 29.36 36.65 -21.38
O6 9Y0 SB . 25.56 35.63 -23.75
O7 9Y0 SB . 27.32 35.91 -22.32
P 9Y0 SB . 23.33 37.58 -21.48
C1 CDL TB . 47.02 2.59 -10.01
O1 CDL TB . 48.18 2.13 -10.63
CA2 CDL TB . 46.45 3.70 -10.91
OA2 CDL TB . 45.58 3.08 -11.84
PA1 CDL TB . 46.20 2.63 -13.31
OA3 CDL TB . 45.97 1.16 -13.54
OA4 CDL TB . 47.68 2.92 -13.34
OA5 CDL TB . 45.42 3.54 -14.47
CA3 CDL TB . 45.70 4.91 -14.45
CA4 CDL TB . 44.42 5.74 -14.55
OA6 CDL TB . 44.79 7.05 -14.88
CA5 CDL TB . 43.72 7.94 -15.21
OA7 CDL TB . 42.74 7.56 -15.74
C11 CDL TB . 43.87 9.45 -14.88
C12 CDL TB . 42.49 10.15 -14.78
C13 CDL TB . 42.52 11.26 -13.69
C14 CDL TB . 41.10 11.76 -13.32
C15 CDL TB . 41.14 13.19 -12.72
C16 CDL TB . 40.19 14.17 -13.49
C17 CDL TB . 38.83 14.39 -12.79
C18 CDL TB . 37.97 15.48 -13.51
C19 CDL TB . 36.48 15.08 -13.63
C20 CDL TB . 35.53 16.31 -13.49
CA6 CDL TB . 43.69 5.72 -13.20
OA8 CDL TB . 42.31 5.67 -13.48
CA7 CDL TB . 41.47 5.74 -12.34
OA9 CDL TB . 41.81 5.26 -11.32
C31 CDL TB . 40.09 6.45 -12.45
C32 CDL TB . 39.22 5.85 -13.55
C33 CDL TB . 37.74 5.80 -13.18
C34 CDL TB . 36.83 5.86 -14.43
C35 CDL TB . 36.15 4.49 -14.72
C36 CDL TB . 35.01 4.61 -15.76
C37 CDL TB . 35.38 3.90 -17.09
C38 CDL TB . 34.74 4.60 -18.31
C39 CDL TB . 34.68 3.68 -19.55
CB2 CDL TB . 47.39 3.09 -8.60
OB2 CDL TB . 46.57 4.21 -8.29
PB2 CDL TB . 45.15 3.96 -7.46
OB3 CDL TB . 44.14 3.37 -8.40
OB4 CDL TB . 45.38 3.00 -6.33
OB5 CDL TB . 44.59 5.41 -6.88
CB3 CDL TB . 44.78 6.56 -7.66
CB4 CDL TB . 43.41 7.16 -7.96
OB6 CDL TB . 43.50 8.04 -9.05
CB5 CDL TB . 42.25 8.39 -9.61
OB7 CDL TB . 41.36 7.61 -9.62
C51 CDL TB . 42.05 9.80 -10.23
C52 CDL TB . 40.97 10.62 -9.46
C53 CDL TB . 41.46 12.05 -9.12
C54 CDL TB . 40.80 12.63 -7.85
C55 CDL TB . 39.24 12.49 -7.89
C56 CDL TB . 38.54 13.86 -8.18
C57 CDL TB . 37.48 13.73 -9.35
C58 CDL TB . 36.01 13.65 -8.81
C59 CDL TB . 35.67 14.84 -7.87
C60 CDL TB . 34.75 15.92 -8.58
C61 CDL TB . 34.99 17.36 -8.01
CB6 CDL TB . 42.92 7.91 -6.72
OB8 CDL TB . 41.59 7.43 -6.45
CB7 CDL TB . 40.71 8.43 -5.91
OB9 CDL TB . 41.13 9.21 -5.12
C71 CDL TB . 39.21 8.47 -6.34
C72 CDL TB . 38.25 8.80 -5.16
C73 CDL TB . 36.83 9.22 -5.65
C74 CDL TB . 36.05 10.07 -4.57
C75 CDL TB . 34.51 10.11 -4.82
C76 CDL TB . 34.08 11.27 -5.80
C77 CDL TB . 32.73 11.95 -5.39
C78 CDL TB . 31.55 11.57 -6.35
C79 CDL TB . 30.69 12.82 -6.73
C80 CDL TB . 29.26 12.43 -7.20
C81 CDL TB . 28.72 13.44 -8.26
C82 CDL TB . 27.18 13.76 -8.08
C83 CDL TB . 26.87 15.29 -8.16
C84 CDL TB . 27.36 15.96 -9.47
C85 CDL TB . 26.97 17.45 -9.54
C86 CDL TB . 26.68 17.90 -10.96
C87 CDL TB . 26.09 19.34 -11.02
C1 CDL UB . 39.08 -13.60 -43.09
O1 CDL UB . 39.25 -14.51 -44.14
CA2 CDL UB . 37.58 -13.46 -42.76
OA2 CDL UB . 37.46 -13.14 -41.38
PA1 CDL UB . 36.47 -14.10 -40.46
OA3 CDL UB . 36.88 -14.00 -39.01
OA4 CDL UB . 36.59 -15.53 -40.93
OA5 CDL UB . 34.89 -13.59 -40.64
CA3 CDL UB . 34.35 -12.75 -39.63
CA4 CDL UB . 32.88 -12.44 -39.94
OA6 CDL UB . 32.11 -12.69 -38.80
CA5 CDL UB . 31.73 -11.48 -38.15
OA7 CDL UB . 32.54 -10.82 -37.62
C11 CDL UB . 30.24 -11.04 -38.14
C12 CDL UB . 29.31 -12.20 -37.75
C13 CDL UB . 27.82 -11.85 -38.03
C14 CDL UB . 26.90 -12.33 -36.87
C15 CDL UB . 25.41 -12.41 -37.31
C16 CDL UB . 24.63 -11.07 -37.01
C17 CDL UB . 23.54 -11.25 -35.93
C18 CDL UB . 23.11 -9.87 -35.31
C19 CDL UB . 22.08 -10.02 -34.16
C20 CDL UB . 20.66 -10.35 -34.71
C21 CDL UB . 19.57 -9.43 -34.08
C22 CDL UB . 18.41 -9.14 -35.07
C23 CDL UB . 17.05 -8.90 -34.33
C24 CDL UB . 17.20 -7.99 -33.09
C25 CDL UB . 16.22 -8.36 -31.95
C26 CDL UB . 16.93 -8.67 -30.64
C27 CDL UB . 16.25 -9.77 -29.84
CA6 CDL UB . 32.36 -13.33 -41.08
OA8 CDL UB . 32.54 -12.61 -42.29
CA7 CDL UB . 31.34 -12.45 -43.03
OA9 CDL UB . 30.96 -13.34 -43.72
C31 CDL UB . 30.53 -11.14 -42.95
C32 CDL UB . 29.34 -11.21 -41.97
C33 CDL UB . 28.62 -9.87 -41.74
C34 CDL UB . 29.51 -8.63 -41.99
C35 CDL UB . 28.93 -7.31 -41.41
C36 CDL UB . 30.00 -6.21 -41.22
C37 CDL UB . 31.24 -6.73 -40.44
C38 CDL UB . 32.54 -6.68 -41.25
C39 CDL UB . 33.55 -5.64 -40.70
C40 CDL UB . 33.24 -4.23 -41.18
C41 CDL UB . 33.73 -3.15 -40.22
C42 CDL UB . 33.27 -1.76 -40.66
CB2 CDL UB . 39.73 -12.25 -43.49
OB2 CDL UB . 39.66 -12.11 -44.91
PB2 CDL UB . 39.60 -10.56 -45.52
OB3 CDL UB . 38.20 -10.03 -45.38
OB4 CDL UB . 40.00 -10.58 -46.98
OB5 CDL UB . 40.64 -9.60 -44.67
CB3 CDL UB . 40.20 -8.32 -44.30
CB4 CDL UB . 41.11 -7.29 -44.96
OB6 CDL UB . 41.08 -6.08 -44.23
CB5 CDL UB . 42.22 -5.85 -43.42
OB7 CDL UB . 42.87 -6.77 -43.04
C51 CDL UB . 42.61 -4.41 -43.00
C52 CDL UB . 41.41 -3.42 -43.12
C53 CDL UB . 41.82 -2.03 -43.68
C54 CDL UB . 40.58 -1.16 -44.01
C55 CDL UB . 40.86 -0.14 -45.14
C56 CDL UB . 39.56 0.34 -45.87
C57 CDL UB . 39.32 1.90 -45.69
C58 CDL UB . 38.80 2.23 -44.25
C59 CDL UB . 38.39 3.73 -44.10
C60 CDL UB . 38.11 4.12 -42.60
CB6 CDL UB . 40.65 -7.04 -46.39
OB8 CDL UB . 39.96 -5.79 -46.42
CB7 CDL UB . 38.56 -5.93 -46.65
OB9 CDL UB . 37.85 -6.34 -45.80
C71 CDL UB . 37.96 -5.54 -48.04
C72 CDL UB . 36.61 -6.26 -48.34
C73 CDL UB . 35.48 -5.26 -48.69
C74 CDL UB . 34.92 -5.48 -50.14
C75 CDL UB . 33.38 -5.66 -50.15
C76 CDL UB . 32.85 -6.11 -51.57
C77 CDL UB . 33.20 -7.60 -51.90
C78 CDL UB . 34.23 -7.72 -53.07
C79 CDL UB . 33.74 -8.70 -54.18
C80 CDL UB . 34.24 -10.15 -53.96
C81 CDL UB . 33.30 -11.19 -54.65
C82 CDL UB . 31.78 -10.90 -54.37
C83 CDL UB . 31.03 -12.12 -53.74
C84 CDL UB . 29.98 -12.73 -54.69
C85 CDL UB . 29.51 -14.11 -54.21
C86 CDL UB . 30.57 -15.18 -54.39
C87 CDL UB . 30.65 -15.70 -55.84
N 9Y0 VB . 28.77 -31.87 -35.94
C 9Y0 VB . 27.58 -25.29 -33.54
O 9Y0 VB . 32.24 -27.02 -34.99
C1 9Y0 VB . 28.34 -26.27 -32.61
C10 9Y0 VB . 24.92 -18.08 -29.26
C11 9Y0 VB . 24.98 -17.91 -27.71
C12 9Y0 VB . 24.45 -16.51 -27.24
C13 9Y0 VB . 22.97 -16.26 -27.62
C14 9Y0 VB . 22.64 -15.11 -28.30
C15 9Y0 VB . 23.73 -14.08 -28.69
C16 9Y0 VB . 23.12 -12.81 -29.39
C17 9Y0 VB . 23.81 -11.49 -28.91
C18 9Y0 VB . 23.25 -10.24 -29.67
C2 9Y0 VB . 29.81 -26.28 -32.99
C21 9Y0 VB . 27.20 -28.06 -31.48
C22 9Y0 VB . 26.30 -27.13 -30.59
C23 9Y0 VB . 24.97 -27.85 -30.12
C24 9Y0 VB . 23.69 -26.99 -30.35
C25 9Y0 VB . 23.93 -25.45 -30.20
C26 9Y0 VB . 23.34 -24.92 -28.87
C27 9Y0 VB . 21.87 -24.47 -29.02
C28 9Y0 VB . 21.76 -22.99 -29.49
C29 9Y0 VB . 20.52 -22.29 -28.87
C3 9Y0 VB . 30.10 -30.05 -34.99
C30 9Y0 VB . 20.71 -20.74 -28.79
C31 9Y0 VB . 20.01 -20.00 -29.95
C32 9Y0 VB . 20.64 -18.59 -30.20
C4 9Y0 VB . 28.87 -30.43 -35.82
C5 9Y0 VB . 27.20 -23.18 -32.41
C6 9Y0 VB . 26.25 -21.94 -32.40
C7 9Y0 VB . 26.76 -20.88 -31.36
C8 9Y0 VB . 25.72 -19.76 -31.08
C9 9Y0 VB . 26.10 -18.98 -29.78
O1 9Y0 VB . 30.82 -29.06 -35.69
O2 9Y0 VB . 30.04 -26.64 -36.02
O3 9Y0 VB . 30.12 -27.52 -33.60
O4 9Y0 VB . 28.33 -23.02 -32.11
O5 9Y0 VB . 26.69 -24.48 -32.76
O6 9Y0 VB . 27.40 -29.17 -31.14
O7 9Y0 VB . 27.78 -27.57 -32.70
P 9Y0 VB . 30.82 -27.52 -35.09
C1 PLM WB . 2.63 -7.96 -43.49
O2 PLM WB . 2.97 -6.86 -44.01
C2 PLM WB . 3.53 -8.48 -42.32
C3 PLM WB . 4.94 -8.89 -42.71
C4 PLM WB . 5.60 -9.78 -41.69
C5 PLM WB . 7.06 -10.12 -42.00
C6 PLM WB . 7.70 -11.06 -40.96
C7 PLM WB . 9.18 -11.33 -41.17
C8 PLM WB . 9.83 -12.13 -40.03
C9 PLM WB . 11.35 -11.99 -39.95
CA PLM WB . 11.95 -12.49 -38.62
C21 9XX XB . 3.89 -13.38 -45.53
C23 9XX XB . 5.34 -14.45 -43.70
C6 9XX XB . 4.26 -14.23 -34.57
C7 9XX XB . 2.89 -14.95 -34.59
C8 9XX XB . 2.88 -16.21 -35.48
C11 9XX XB . 1.40 -16.09 -39.10
C13 9XX XB . -0.57 -15.60 -40.67
C14 9XX XB . -1.84 -16.17 -41.32
C15 9XX XB . -2.41 -15.23 -42.42
C16 9XX XB . -2.32 -13.23 -43.73
C17 9XX XB . -1.10 -12.81 -44.56
O 9XX XB . -1.85 -13.93 -42.59
C10 9XX XB . 1.82 -16.74 -37.77
C12 9XX XB . -0.01 -16.52 -39.56
C18 9XX XB . 0.10 -13.71 -46.44
C19 9XX XB . 1.39 -13.94 -45.61
C20 9XX XB . 2.48 -12.85 -45.86
C22 9XX XB . 4.10 -13.57 -44.00
C24 9XX XB . 6.01 -14.11 -42.34
C25 9XX XB . 6.29 -15.35 -41.48
C26 9XX XB . 6.78 -14.95 -40.05
C27 9XX XB . 7.69 -16.02 -39.39
C28 9XX XB . 8.17 -15.54 -37.96
C29 9XX XB . 6.99 -15.44 -36.94
C30 9XX XB . 7.33 -16.16 -35.58
C36 9XX XB . 8.89 -16.35 -40.28
C37 9XX XB . -1.10 -11.30 -44.75
C5 9XX XB . 4.74 -13.91 -33.14
C9 9XX XB . 2.85 -15.87 -36.99
O1 9XX XB . -1.13 -13.46 -45.81
O2 9XX XB . 0.17 -13.74 -47.63
O6 9XX XB . -3.30 -15.60 -43.11
N 9Y0 YB . 6.73 6.89 -54.52
C 9Y0 YB . 12.07 11.22 -55.33
O 9Y0 YB . 7.63 12.31 -52.90
C1 9Y0 YB . 10.82 10.32 -55.21
C10 9Y0 YB . 18.73 12.07 -54.61
C11 9Y0 YB . 20.21 12.42 -54.23
C12 9Y0 YB . 21.16 11.17 -54.39
C13 9Y0 YB . 20.70 10.23 -55.54
C14 9Y0 YB . 21.26 8.98 -55.69
C15 9Y0 YB . 22.34 8.48 -54.70
C16 9Y0 YB . 22.79 7.01 -55.02
C17 9Y0 YB . 24.32 6.90 -55.30
C18 9Y0 YB . 25.14 6.67 -54.00
C19 9Y0 YB . 26.34 5.71 -54.24
C2 9Y0 YB . 9.63 11.12 -54.67
C20 9Y0 YB . 27.23 5.55 -52.97
C21 9Y0 YB . 11.75 9.25 -53.16
C22 9Y0 YB . 13.18 8.64 -52.98
C23 9Y0 YB . 13.47 7.46 -53.99
C24 9Y0 YB . 14.74 7.76 -54.86
C25 9Y0 YB . 16.05 7.80 -54.00
C26 9Y0 YB . 17.30 8.11 -54.89
C27 9Y0 YB . 17.94 6.81 -55.45
C3 9Y0 YB . 6.18 9.14 -53.72
C4 9Y0 YB . 6.71 7.76 -53.35
C5 9Y0 YB . 13.32 12.52 -53.72
C6 9Y0 YB . 14.62 12.43 -54.58
C7 9Y0 YB . 15.40 13.78 -54.53
C8 9Y0 YB . 16.80 13.64 -53.88
C9 9Y0 YB . 17.89 13.35 -54.95
O1 9Y0 YB . 6.44 10.03 -52.66
O2 9Y0 YB . 8.57 10.65 -51.35
O3 9Y0 YB . 8.84 10.24 -53.90
O4 9Y0 YB . 13.40 12.85 -52.58
O5 9Y0 YB . 12.05 12.21 -54.30
O6 9Y0 YB . 11.24 9.76 -52.22
O7 9Y0 YB . 11.05 9.16 -54.43
P 9Y0 YB . 7.88 10.84 -52.68
P 9YF ZB . 13.45 11.42 -44.14
O1 9YF ZB . 14.53 12.44 -44.33
O2 9YF ZB . 12.30 11.61 -45.31
O3 9YF ZB . 12.82 14.33 -45.34
O4 9YF ZB . 12.45 15.75 -47.66
C 9YF ZB . 16.47 9.54 -44.09
O 9YF ZB . 14.11 9.91 -44.23
C1 9YF ZB . 15.27 9.76 -45.00
C10 9YF ZB . 20.17 9.78 -42.92
C11 9YF ZB . 21.61 9.32 -43.07
C12 9YF ZB . 22.19 8.79 -41.75
C13 9YF ZB . 23.52 8.07 -41.93
C14 9YF ZB . 23.98 7.43 -40.63
C15 9YF ZB . 25.47 7.05 -40.63
C16 9YF ZB . 25.99 6.61 -39.26
C17 9YF ZB . 25.45 7.43 -38.10
C18 9YF ZB . 26.58 7.93 -37.19
C19 9YF ZB . 26.65 7.17 -35.86
C2 9YF ZB . 12.68 12.23 -46.50
C20 9YF ZB . 27.74 7.73 -34.94
C21 9YF ZB . 27.45 7.48 -33.46
C22 9YF ZB . 28.60 7.95 -32.57
C23 9YF ZB . 28.32 7.70 -31.09
C24 9YF ZB . 16.54 8.07 -43.70
C25 9YF ZB . 18.38 6.73 -43.11
C26 9YF ZB . 19.22 5.53 -43.52
C27 9YF ZB . 20.61 5.57 -42.91
C28 9YF ZB . 20.87 4.42 -41.94
C29 9YF ZB . 22.37 4.20 -41.73
C3 9YF ZB . 12.31 13.71 -46.48
C30 9YF ZB . 22.68 2.84 -41.12
C31 9YF ZB . 23.31 2.98 -39.74
C32 9YF ZB . 24.55 2.10 -39.58
C33 9YF ZB . 24.82 1.77 -38.12
C34 9YF ZB . 26.00 0.82 -37.99
C35 9YF ZB . 25.07 3.04 -37.31
C36 9YF ZB . 24.36 3.01 -35.96
C37 9YF ZB . 25.07 3.89 -34.93
C38 9YF ZB . 24.30 3.98 -33.61
C39 9YF ZB . 25.24 4.35 -32.47
C4 9YF ZB . 12.86 14.42 -47.72
C40 9YF ZB . 24.73 3.89 -31.11
C41 9YF ZB . 25.87 3.52 -30.16
C42 9YF ZB . 26.53 2.19 -30.54
C43 9YF ZB . 27.77 1.89 -29.70
C5 9YF ZB . 12.33 13.77 -49.01
C6 9YF ZB . 12.44 12.23 -49.01
C7 9YF ZB . 11.96 11.60 -47.69
C8 9YF ZB . 18.31 10.99 -44.16
C9 9YF ZB . 19.81 10.91 -43.88
O10 9YF ZB . 17.71 11.98 -43.88
O11 9YF ZB . 17.79 7.56 -44.07
O12 9YF ZB . 18.22 6.96 -41.98
O5 9YF ZB . 13.09 14.25 -50.09
O6 9YF ZB . 13.79 11.89 -49.20
O7 9YF ZB . 12.18 10.22 -47.72
O8 9YF ZB . 12.81 11.62 -42.80
O9 9YF ZB . 17.64 9.91 -44.75
C1 PLM AC . 19.84 15.29 -46.50
O2 PLM AC . 19.26 16.34 -46.14
C2 PLM AC . 21.31 15.46 -47.01
C3 PLM AC . 21.50 16.51 -48.09
C4 PLM AC . 22.80 16.34 -48.91
C5 PLM AC . 23.08 14.89 -49.34
C6 PLM AC . 24.24 14.75 -50.32
C7 PLM AC . 25.01 13.42 -50.15
C8 PLM AC . 26.31 13.38 -50.94
C9 PLM AC . 27.16 12.14 -50.66
CA PLM AC . 27.77 12.10 -49.28
CB PLM AC . 28.77 10.97 -49.08
CC PLM AC . 29.22 10.79 -47.63
CD PLM AC . 29.91 9.45 -47.35
CE PLM AC . 29.21 8.26 -48.01
CF PLM AC . 30.05 6.98 -48.02
CG PLM AC . 29.83 6.14 -49.29
C21 9XX BC . 24.78 10.47 -45.44
C23 9XX BC . 26.88 10.05 -44.00
C6 9XX BC . 27.09 1.36 -47.04
C7 9XX BC . 26.15 1.39 -48.27
C8 9XX BC . 25.46 2.77 -48.42
C11 9XX BC . 22.45 4.02 -50.60
C13 9XX BC . 20.89 6.05 -50.71
C14 9XX BC . 20.21 6.79 -51.88
C15 9XX BC . 19.89 8.27 -51.51
C16 9XX BC . 20.78 10.17 -50.38
C17 9XX BC . 20.36 10.89 -49.08
O 9XX BC . 20.36 8.82 -50.28
C10 9XX BC . 23.53 4.02 -49.51
C12 9XX BC . 22.24 5.44 -51.15
C18 9XX BC . 22.19 10.85 -47.61
C19 9XX BC . 23.72 10.65 -47.77
C20 9XX BC . 24.28 9.69 -46.68
C22 9XX BC . 26.34 10.47 -45.37
C24 9XX BC . 28.08 9.08 -44.11
C25 9XX BC . 29.25 9.37 -43.13
C26 9XX BC . 28.79 10.13 -41.85
C27 9XX BC . 29.70 9.89 -40.61
C28 9XX BC . 29.31 8.53 -39.92
C29 9XX BC . 29.97 8.36 -38.51
C30 9XX BC . 30.72 6.97 -38.40
C36 9XX BC . 29.56 11.06 -39.63
C37 9XX BC . 19.26 11.87 -49.41
C5 9XX BC . 28.53 0.98 -47.42
C9 9XX BC . 24.48 2.80 -49.61
O1 9XX BC . 21.47 11.58 -48.57
O2 9XX BC . 21.64 10.39 -46.66
O6 9XX BC . 19.24 8.93 -52.24
C4 9XX BC . 29.52 1.18 -46.23
C3 9XX BC . 29.07 0.39 -44.97
C2 9XX BC . 30.26 -0.14 -44.15
C1 9XX BC . 29.91 -1.43 -43.37
C31 9XX BC . 31.61 6.70 -39.67
C32 9XX BC . 31.89 5.19 -39.86
C33 9XX BC . 33.32 4.93 -40.40
C34 9XX BC . 34.39 5.58 -39.50
C35 9XX BC . 35.73 5.77 -40.25
C 9XX BC . 30.95 -2.52 -43.58
C1 CDL CC . 21.50 -9.02 33.56
O1 CDL CC . 22.48 -8.87 34.53
CA2 CDL CC . 20.68 -7.71 33.50
OA2 CDL CC . 19.92 -7.67 32.30
PA1 CDL CC . 18.57 -6.70 32.26
OA3 CDL CC . 18.98 -5.25 32.36
OA4 CDL CC . 17.67 -7.03 33.43
OA5 CDL CC . 17.70 -6.93 30.85
CA3 CDL CC . 16.92 -5.84 30.39
CA4 CDL CC . 15.93 -6.33 29.32
OA6 CDL CC . 16.50 -7.13 28.30
CA5 CDL CC . 17.72 -6.75 27.62
OA7 CDL CC . 18.78 -7.05 28.06
C11 CDL CC . 17.67 -6.01 26.26
C12 CDL CC . 16.41 -6.39 25.44
C13 CDL CC . 16.03 -5.28 24.42
C14 CDL CC . 14.50 -5.08 24.32
C15 CDL CC . 14.15 -3.62 23.92
C16 CDL CC . 13.19 -3.56 22.67
CA6 CDL CC . 15.19 -5.12 28.74
OA8 CDL CC . 13.82 -5.19 29.12
CA7 CDL CC . 13.31 -3.97 29.65
OA9 CDL CC . 13.80 -3.49 30.62
C31 CDL CC . 12.13 -3.27 28.96
C32 CDL CC . 12.44 -2.91 27.50
C33 CDL CC . 11.79 -1.57 27.09
C34 CDL CC . 10.29 -1.48 27.48
C35 CDL CC . 9.41 -1.00 26.30
C36 CDL CC . 8.40 -2.07 25.84
C37 CDL CC . 8.33 -2.17 24.31
C38 CDL CC . 9.69 -2.53 23.68
CB2 CDL CC . 22.19 -9.37 32.21
OB2 CDL CC . 22.45 -10.78 32.19
PB2 CDL CC . 23.42 -11.39 30.97
OB3 CDL CC . 24.43 -10.36 30.54
OB4 CDL CC . 24.15 -12.61 31.48
OB5 CDL CC . 22.48 -11.80 29.65
CB3 CDL CC . 23.05 -11.67 28.37
CB4 CDL CC . 22.03 -12.16 27.33
OB6 CDL CC . 22.62 -12.76 26.18
CB5 CDL CC . 23.59 -12.09 25.37
OB7 CDL CC . 24.74 -12.08 25.67
C51 CDL CC . 23.19 -11.42 24.03
C52 CDL CC . 23.59 -9.91 24.01
C53 CDL CC . 23.10 -9.19 22.71
C54 CDL CC . 23.51 -7.70 22.69
C55 CDL CC . 22.27 -6.75 22.71
C56 CDL CC . 22.23 -5.84 23.97
C57 CDL CC . 20.97 -4.86 24.00
C58 CDL CC . 19.74 -5.41 23.20
C59 CDL CC . 19.25 -4.41 22.10
C60 CDL CC . 19.80 -4.78 20.67
CB6 CDL CC . 21.09 -11.00 26.96
OB8 CDL CC . 20.31 -11.42 25.84
CB7 CDL CC . 19.50 -10.35 25.31
OB9 CDL CC . 18.84 -9.71 26.05
C71 CDL CC . 19.51 -10.03 23.78
C72 CDL CC . 18.31 -9.11 23.39
C73 CDL CC . 17.53 -9.67 22.16
C74 CDL CC . 17.80 -8.86 20.85
C75 CDL CC . 16.82 -7.67 20.68
C76 CDL CC . 15.93 -7.78 19.38
C77 CDL CC . 15.88 -6.42 18.57
C78 CDL CC . 15.70 -5.19 19.51
C79 CDL CC . 15.46 -3.87 18.72
C80 CDL CC . 15.20 -2.65 19.64
CHA HEM DC . 28.63 -12.12 -7.35
CHB HEM DC . 25.28 -9.21 -5.54
CHC HEM DC . 23.41 -9.06 -9.93
CHD HEM DC . 25.27 -13.43 -10.58
C1A HEM DC . 28.02 -11.20 -6.54
C2A HEM DC . 28.56 -10.55 -5.37
C3A HEM DC . 27.60 -9.75 -4.89
C4A HEM DC . 26.46 -9.88 -5.73
CMA HEM DC . 27.65 -8.83 -3.64
CAA HEM DC . 29.95 -10.73 -4.79
CBA HEM DC . 30.85 -9.58 -5.18
CGA HEM DC . 31.42 -9.89 -6.53
O1A HEM DC . 31.50 -8.96 -7.36
O2A HEM DC . 31.77 -11.07 -6.75
C1B HEM DC . 24.43 -8.98 -6.57
C2B HEM DC . 23.14 -8.38 -6.43
C3B HEM DC . 22.59 -8.32 -7.66
C4B HEM DC . 23.55 -8.90 -8.58
CMB HEM DC . 22.65 -7.93 -5.04
CAB HEM DC . 21.23 -7.79 -8.15
CBB HEM DC . 20.30 -7.15 -7.42
C1C HEM DC . 23.73 -10.24 -10.53
C2C HEM DC . 23.34 -10.71 -11.84
C3C HEM DC . 23.84 -11.90 -12.04
C4C HEM DC . 24.57 -12.27 -10.84
CMC HEM DC . 22.49 -9.92 -12.85
CAC HEM DC . 23.62 -12.71 -13.33
C1D HEM DC . 26.42 -13.45 -9.80
C2D HEM DC . 27.46 -14.45 -9.80
C3D HEM DC . 28.38 -14.08 -8.91
C4D HEM DC . 27.97 -12.83 -8.32
CMD HEM DC . 27.51 -15.72 -10.66
CAD HEM DC . 29.68 -14.82 -8.54
CBD HEM DC . 30.76 -14.22 -9.42
CGD HEM DC . 31.89 -13.64 -8.62
O1D HEM DC . 32.49 -12.64 -9.09
O2D HEM DC . 32.19 -14.19 -7.53
NA HEM DC . 26.73 -10.77 -6.73
NB HEM DC . 24.65 -9.29 -7.88
NC HEM DC . 24.48 -11.24 -9.95
ND HEM DC . 26.76 -12.47 -8.89
FE HEM DC . 25.77 -10.78 -8.52
CHA HEM EC . 9.05 4.52 -5.69
CHB HEM EC . 12.39 1.67 -7.59
CHC HEM EC . 12.29 -1.02 -3.60
CHD HEM EC . 8.98 1.93 -1.68
C1A HEM EC . 10.01 4.01 -6.51
C2A HEM EC . 10.48 4.64 -7.70
C3A HEM EC . 11.40 3.86 -8.23
C4A HEM EC . 11.53 2.71 -7.38
CMA HEM EC . 12.18 4.13 -9.53
CAA HEM EC . 10.00 6.01 -8.24
CBA HEM EC . 10.53 7.14 -7.37
CGA HEM EC . 10.06 8.45 -7.91
O1A HEM EC . 10.47 8.81 -9.04
O2A HEM EC . 9.30 9.13 -7.20
C1B HEM EC . 12.67 0.70 -6.67
C2B HEM EC . 13.66 -0.34 -6.82
C3B HEM EC . 13.63 -1.08 -5.73
C4B HEM EC . 12.63 -0.55 -4.84
CMB HEM EC . 14.56 -0.55 -8.05
CAB HEM EC . 14.52 -2.32 -5.50
CBB HEM EC . 13.92 -3.51 -5.30
C1C HEM EC . 11.39 -0.45 -2.75
C2C HEM EC . 11.09 -0.94 -1.43
C3C HEM EC . 10.18 -0.12 -0.89
C4C HEM EC . 9.87 0.91 -1.86
CMC HEM EC . 11.80 -2.21 -0.88
CAC HEM EC . 9.46 -0.10 0.47
CBC HEM EC . 9.70 -0.89 1.52
C1D HEM EC . 8.61 2.80 -2.67
C2D HEM EC . 7.40 3.60 -2.75
C3D HEM EC . 7.44 4.31 -3.86
C4D HEM EC . 8.66 3.98 -4.51
CMD HEM EC . 6.28 3.63 -1.71
CAD HEM EC . 6.40 5.30 -4.41
CBD HEM EC . 6.52 6.69 -3.79
CGD HEM EC . 7.04 7.64 -4.82
O1D HEM EC . 7.35 7.21 -5.95
O2D HEM EC . 7.13 8.86 -4.51
NA HEM EC . 10.67 2.82 -6.32
NB HEM EC . 12.07 0.54 -5.45
NC HEM EC . 10.63 0.68 -2.98
ND HEM EC . 9.37 3.04 -3.79
FE HEM EC . 10.64 1.62 -4.62
C1 CDL FC . 30.14 -24.60 6.23
O1 CDL FC . 30.20 -23.34 5.65
CA2 CDL FC . 29.63 -25.58 5.16
OA2 CDL FC . 29.10 -24.81 4.09
PA1 CDL FC . 28.22 -25.63 2.95
OA3 CDL FC . 28.53 -25.09 1.58
OA4 CDL FC . 28.59 -27.09 3.02
OA5 CDL FC . 26.58 -25.43 3.20
CA3 CDL FC . 25.82 -25.32 2.00
CA4 CDL FC . 24.36 -24.96 2.32
OA6 CDL FC . 24.11 -24.99 3.70
CA5 CDL FC . 24.24 -23.70 4.31
OA7 CDL FC . 25.18 -23.47 4.99
C11 CDL FC . 23.17 -22.60 4.09
C12 CDL FC . 23.14 -21.55 5.21
C13 CDL FC . 22.03 -20.50 4.97
C14 CDL FC . 22.39 -19.11 5.57
C15 CDL FC . 22.15 -17.96 4.56
C16 CDL FC . 20.63 -17.68 4.32
C17 CDL FC . 20.30 -17.45 2.82
C18 CDL FC . 18.86 -16.85 2.61
C19 CDL FC . 18.06 -17.67 1.57
C20 CDL FC . 16.53 -17.73 1.89
C21 CDL FC . 15.67 -17.45 0.62
C22 CDL FC . 15.33 -18.76 -0.15
CA6 CDL FC . 23.44 -25.93 1.56
OA8 CDL FC . 22.07 -25.60 1.77
CA7 CDL FC . 21.43 -24.72 0.85
OA9 CDL FC . 21.43 -24.95 -0.32
C31 CDL FC . 20.70 -23.46 1.40
C32 CDL FC . 19.37 -23.79 2.09
C33 CDL FC . 18.19 -23.85 1.11
C34 CDL FC . 17.09 -22.80 1.43
C35 CDL FC . 17.64 -21.36 1.33
CB2 CDL FC . 29.19 -24.51 7.45
OB2 CDL FC . 28.51 -23.25 7.41
PB2 CDL FC . 28.87 -22.15 8.62
OB3 CDL FC . 28.62 -22.77 9.96
OB4 CDL FC . 30.32 -21.76 8.51
OB5 CDL FC . 27.90 -20.80 8.47
CB3 CDL FC . 27.32 -20.26 9.63
CB4 CDL FC . 27.19 -18.75 9.41
OB6 CDL FC . 26.93 -18.06 10.63
CB5 CDL FC . 27.49 -16.75 10.72
OB7 CDL FC . 27.68 -16.08 9.77
C51 CDL FC . 27.87 -16.13 12.10
C52 CDL FC . 27.65 -14.59 12.10
C53 CDL FC . 28.31 -13.87 13.32
C54 CDL FC . 27.26 -13.33 14.32
C55 CDL FC . 27.48 -13.85 15.77
C56 CDL FC . 27.37 -12.71 16.85
C57 CDL FC . 26.52 -13.16 18.12
C58 CDL FC . 25.96 -11.93 18.92
C59 CDL FC . 24.41 -11.80 18.80
C60 CDL FC . 23.68 -11.89 20.19
C61 CDL FC . 22.37 -12.74 20.11
C62 CDL FC . 21.12 -11.98 20.66
CB6 CDL FC . 26.10 -18.47 8.37
OB8 CDL FC . 26.72 -17.63 7.40
CB7 CDL FC . 25.87 -16.66 6.77
OB9 CDL FC . 24.73 -16.89 6.61
C71 CDL FC . 26.46 -15.30 6.25
C72 CDL FC . 26.50 -14.17 7.31
C73 CDL FC . 27.86 -13.40 7.33
C74 CDL FC . 28.31 -12.97 8.78
C75 CDL FC . 29.22 -11.71 8.80
C76 CDL FC . 30.65 -12.00 9.42
C77 CDL FC . 31.43 -10.69 9.81
C78 CDL FC . 30.75 -9.92 10.99
C79 CDL FC . 31.79 -9.23 11.91
C80 CDL FC . 31.14 -8.22 12.89
C81 CDL FC . 32.15 -7.64 13.93
C82 CDL FC . 32.42 -8.61 15.13
C83 CDL FC . 32.70 -7.83 16.46
C1 CDL GC . 41.23 -8.10 -16.39
O1 CDL GC . 42.26 -8.62 -15.62
CA2 CDL GC . 41.80 -7.84 -17.79
OA2 CDL GC . 40.75 -7.81 -18.74
PA1 CDL GC . 41.18 -7.38 -20.29
OA3 CDL GC . 41.86 -6.05 -20.24
OA4 CDL GC . 42.14 -8.40 -20.85
OA5 CDL GC . 39.87 -7.26 -21.32
CA3 CDL GC . 39.09 -6.10 -21.20
CA4 CDL GC . 37.96 -6.11 -22.24
OA6 CDL GC . 36.86 -6.83 -21.80
CA5 CDL GC . 35.64 -6.09 -21.83
OA7 CDL GC . 35.46 -5.21 -21.07
C11 CDL GC . 34.53 -6.41 -22.86
C12 CDL GC . 33.33 -5.46 -22.67
C13 CDL GC . 33.40 -4.24 -23.62
C14 CDL GC . 32.32 -4.31 -24.72
C15 CDL GC . 31.56 -2.96 -24.84
C16 CDL GC . 31.62 -2.38 -26.29
C17 CDL GC . 30.26 -1.74 -26.69
C18 CDL GC . 30.24 -1.22 -28.16
C19 CDL GC . 29.86 0.28 -28.25
C20 CDL GC . 28.98 0.58 -29.50
C21 CDL GC . 29.38 1.92 -30.20
CA6 CDL GC . 38.45 -6.68 -23.58
OA8 CDL GC . 37.61 -6.13 -24.58
CA7 CDL GC . 37.47 -6.95 -25.72
OA9 CDL GC . 38.30 -7.76 -25.94
C31 CDL GC . 36.27 -6.79 -26.69
C32 CDL GC . 35.42 -5.58 -26.39
C33 CDL GC . 34.84 -4.95 -27.66
C34 CDL GC . 35.03 -3.43 -27.73
C35 CDL GC . 35.03 -2.96 -29.20
C36 CDL GC . 34.37 -1.58 -29.41
C37 CDL GC . 33.63 -1.55 -30.76
C38 CDL GC . 34.11 -0.40 -31.67
C39 CDL GC . 32.96 0.57 -32.03
C40 CDL GC . 32.67 0.58 -33.52
C41 CDL GC . 31.26 1.14 -33.81
C42 CDL GC . 30.91 1.04 -35.29
CB2 CDL GC . 40.78 -6.80 -15.69
OB2 CDL GC . 41.78 -5.82 -15.95
PB2 CDL GC . 42.24 -4.82 -14.72
OB3 CDL GC . 43.73 -4.91 -14.53
OB4 CDL GC . 41.55 -5.24 -13.45
OB5 CDL GC . 41.82 -3.25 -15.09
CB3 CDL GC . 41.59 -2.91 -16.44
CB4 CDL GC . 40.10 -2.63 -16.61
OB6 CDL GC . 39.69 -2.92 -17.92
CB5 CDL GC . 38.47 -3.63 -17.97
OB7 CDL GC . 38.17 -4.35 -17.08
C51 CDL GC . 37.52 -3.50 -19.19
C52 CDL GC . 36.98 -2.06 -19.43
C53 CDL GC . 35.48 -2.10 -19.89
C54 CDL GC . 35.03 -0.78 -20.55
C55 CDL GC . 33.88 -0.99 -21.58
C56 CDL GC . 32.73 0.04 -21.37
C57 CDL GC . 31.63 -0.01 -22.51
C58 CDL GC . 31.44 1.37 -23.21
C59 CDL GC . 29.98 1.63 -23.71
C60 CDL GC . 29.96 2.48 -25.03
C61 CDL GC . 29.00 3.70 -24.95
C62 CDL GC . 28.78 4.38 -26.34
C63 CDL GC . 28.55 5.93 -26.23
CB6 CDL GC . 39.78 -1.16 -16.29
OB8 CDL GC . 38.34 -1.05 -16.22
CB7 CDL GC . 37.83 0.26 -15.92
OB9 CDL GC . 38.58 1.15 -15.79
C71 CDL GC . 36.29 0.48 -15.77
C72 CDL GC . 35.43 -0.61 -16.47
C73 CDL GC . 34.15 -1.04 -15.69
C74 CDL GC . 33.32 -2.11 -16.47
C75 CDL GC . 33.18 -3.47 -15.72
C76 CDL GC . 33.11 -4.71 -16.70
C77 CDL GC . 34.52 -5.13 -17.24
C78 CDL GC . 34.82 -6.65 -17.06
C79 CDL GC . 36.19 -6.89 -16.36
C1 CDL HC . 47.37 -5.50 -19.11
O1 CDL HC . 48.32 -6.52 -19.04
CA2 CDL HC . 47.66 -4.51 -17.97
OA2 CDL HC . 48.36 -3.38 -18.48
PA1 CDL HC . 48.03 -1.91 -17.80
OA3 CDL HC . 48.89 -1.71 -16.58
OA4 CDL HC . 48.29 -0.80 -18.79
OA5 CDL HC . 46.41 -1.92 -17.33
CA3 CDL HC . 45.84 -0.79 -16.72
CA4 CDL HC . 45.21 0.07 -17.83
OA6 CDL HC . 45.12 1.42 -17.44
CA5 CDL HC . 43.98 1.88 -16.70
OA7 CDL HC . 43.73 1.45 -15.64
C11 CDL HC . 43.06 2.98 -17.29
C12 CDL HC . 41.99 3.40 -16.26
C13 CDL HC . 41.16 4.61 -16.74
C14 CDL HC . 39.75 4.17 -17.24
C15 CDL HC . 38.86 5.38 -17.64
C16 CDL HC . 39.65 6.46 -18.44
C17 CDL HC . 38.87 6.97 -19.69
C18 CDL HC . 38.12 8.30 -19.37
C19 CDL HC . 37.03 8.62 -20.43
C20 CDL HC . 37.66 9.08 -21.77
C21 CDL HC . 36.61 9.79 -22.68
C22 CDL HC . 36.09 8.86 -23.80
C23 CDL HC . 34.77 9.41 -24.44
C24 CDL HC . 33.67 8.32 -24.50
C25 CDL HC . 32.43 8.79 -25.29
C26 CDL HC . 32.43 8.28 -26.73
C27 CDL HC . 31.58 9.14 -27.65
CA6 CDL HC . 43.84 -0.49 -18.26
OA8 CDL HC . 43.40 0.29 -19.36
CA7 CDL HC . 42.00 0.20 -19.61
OA9 CDL HC . 41.39 -0.73 -19.19
C31 CDL HC . 41.28 1.29 -20.43
C32 CDL HC . 39.77 1.15 -20.35
C33 CDL HC . 39.03 2.49 -20.55
C34 CDL HC . 37.71 2.33 -21.33
C35 CDL HC . 37.36 3.59 -22.16
C36 CDL HC . 36.10 3.37 -23.02
C37 CDL HC . 35.88 4.53 -24.04
CB2 CDL HC . 47.50 -4.86 -20.53
OB2 CDL HC . 46.22 -4.64 -21.12
PB2 CDL HC . 46.14 -3.37 -22.19
OB3 CDL HC . 47.17 -3.58 -23.26
OB4 CDL HC . 46.48 -2.12 -21.43
OB5 CDL HC . 44.63 -3.23 -22.88
CB3 CDL HC . 43.49 -3.19 -22.06
CB4 CDL HC . 42.62 -1.98 -22.44
OB6 CDL HC . 41.28 -2.14 -22.00
CB5 CDL HC . 40.32 -2.96 -22.66
OB7 CDL HC . 40.60 -3.93 -23.27
C51 CDL HC . 38.81 -2.58 -22.55
C52 CDL HC . 38.44 -1.17 -23.06
C53 CDL HC . 37.06 -1.25 -23.76
C54 CDL HC . 36.90 -0.20 -24.90
C55 CDL HC . 35.57 -0.44 -25.66
C56 CDL HC . 34.67 0.84 -25.68
C57 CDL HC . 34.65 1.50 -27.12
C58 CDL HC . 33.26 2.11 -27.44
C59 CDL HC . 33.29 2.94 -28.76
C60 CDL HC . 32.58 4.32 -28.59
C61 CDL HC . 32.17 4.94 -29.97
CB6 CDL HC . 42.76 -1.61 -23.95
OB8 CDL HC . 41.61 -0.87 -24.37
CB7 CDL HC . 41.81 0.39 -25.00
OB9 CDL HC . 42.61 0.48 -25.87
C71 CDL HC . 40.95 1.61 -24.57
C72 CDL HC . 40.72 2.63 -25.72
C73 CDL HC . 39.40 2.36 -26.50
C74 CDL HC . 39.18 3.36 -27.69
C75 CDL HC . 37.71 3.39 -28.20
C76 CDL HC . 37.56 2.79 -29.65
C77 CDL HC . 36.79 3.77 -30.61
C78 CDL HC . 36.83 3.27 -32.09
C79 CDL HC . 36.79 4.43 -33.12
C80 CDL HC . 35.42 4.59 -33.82
C81 CDL HC . 34.42 5.46 -33.00
C82 CDL HC . 33.31 6.13 -33.90
C5 MQ9 IC . 29.75 -4.15 7.54
C5M MQ9 IC . 29.28 -2.71 7.65
C4 MQ9 IC . 29.69 -4.79 6.31
O4 MQ9 IC . 29.20 -4.10 5.19
C3 MQ9 IC . 30.13 -6.13 6.18
C2 MQ9 IC . 30.60 -6.80 7.26
C1 MQ9 IC . 30.66 -6.16 8.52
O1 MQ9 IC . 31.15 -6.90 9.61
C6 MQ9 IC . 30.23 -4.83 8.66
C3A MQ9 IC . 30.07 -6.78 4.91
C3B MQ9 IC . 30.50 -8.10 4.79
C3C MQ9 IC . 30.98 -8.79 5.89
C3D MQ9 IC . 31.03 -8.16 7.12
C7 MQ9 IC . 30.29 -4.11 10.03
C8 MQ9 IC . 31.74 -3.89 10.53
C9 MQ9 IC . 32.14 -2.44 10.78
C10 MQ9 IC . 33.42 -2.48 11.62
C11 MQ9 IC . 32.39 -1.73 9.44
C12 MQ9 IC . 33.14 -0.40 9.60
C13 MQ9 IC . 32.34 0.83 9.13
C14 MQ9 IC . 33.27 1.95 8.64
C15 MQ9 IC . 34.20 2.33 9.77
C16 MQ9 IC . 32.47 3.18 8.22
C17 MQ9 IC . 31.26 2.88 7.31
C18 MQ9 IC . 30.06 3.79 7.66
C19 MQ9 IC . 28.71 3.06 7.79
C20 MQ9 IC . 28.79 1.55 8.02
C21 MQ9 IC . 27.70 3.41 6.68
C22 MQ9 IC . 26.28 3.01 7.12
C23 MQ9 IC . 25.23 4.12 6.88
C24 MQ9 IC . 23.81 3.55 6.71
C25 MQ9 IC . 23.00 3.57 8.01
C26 MQ9 IC . 23.08 4.21 5.53
C27 MQ9 IC . 22.55 5.61 5.91
C28 MQ9 IC . 21.87 6.31 4.71
C29 MQ9 IC . 20.43 5.84 4.44
C30 MQ9 IC . 19.65 5.70 5.75
C31 MQ9 IC . 19.75 6.84 3.47
C32 MQ9 IC . 18.22 6.91 3.58
C33 MQ9 IC . 17.69 8.32 3.30
C34 MQ9 IC . 17.65 9.18 4.56
C35 MQ9 IC . 17.87 10.65 4.22
C36 MQ9 IC . 16.32 8.98 5.30
C5 MQ9 JC . 21.81 14.73 -20.86
C5M MQ9 JC . 22.74 13.88 -20.00
C4 MQ9 JC . 21.60 16.05 -20.48
O4 MQ9 JC . 22.23 16.56 -19.33
C3 MQ9 JC . 20.74 16.87 -21.23
C2 MQ9 JC . 20.14 16.38 -22.35
C1 MQ9 JC . 20.35 15.02 -22.73
O1 MQ9 JC . 19.72 14.53 -23.88
C6 MQ9 JC . 21.20 14.22 -22.00
C3A MQ9 JC . 20.52 18.22 -20.84
C3B MQ9 JC . 19.69 19.03 -21.61
C3C MQ9 JC . 19.06 18.51 -22.75
C3D MQ9 JC . 19.28 17.19 -23.12
C7 MQ9 JC . 21.42 12.75 -22.40
C8 MQ9 JC . 22.27 12.54 -23.65
C9 MQ9 JC . 21.93 11.21 -24.35
C10 MQ9 JC . 21.10 11.51 -25.58
C11 MQ9 JC . 23.24 10.52 -24.74
C12 MQ9 JC . 24.12 11.34 -25.69
C13 MQ9 JC . 24.48 10.52 -26.93
C14 MQ9 JC . 25.51 11.20 -27.85
C15 MQ9 JC . 25.73 10.30 -29.04
C16 MQ9 JC . 26.84 11.39 -27.11
C17 MQ9 JC . 27.75 12.44 -27.79
C18 MQ9 JC . 29.04 11.84 -28.38
C19 MQ9 JC . 29.45 12.54 -29.69
C20 MQ9 JC . 28.35 12.39 -30.73
C21 MQ9 JC . 30.86 12.15 -30.18
C22 MQ9 JC . 30.91 11.20 -31.40
C23 MQ9 JC . 31.65 11.84 -32.60
C24 MQ9 JC . 31.93 10.83 -33.74
C25 MQ9 JC . 33.27 11.13 -34.41
C26 MQ9 JC . 30.78 10.75 -34.78
C27 MQ9 JC . 30.08 12.09 -35.07
C28 MQ9 JC . 28.55 11.96 -35.19
C29 MQ9 JC . 27.82 13.31 -35.11
C30 MQ9 JC . 28.27 14.20 -33.97
C31 MQ9 JC . 26.28 13.23 -35.20
C32 MQ9 JC . 25.52 13.16 -33.85
C33 MQ9 JC . 25.54 11.76 -33.16
C34 MQ9 JC . 24.34 10.85 -33.47
C35 MQ9 JC . 24.52 10.08 -34.78
C36 MQ9 JC . 24.14 9.83 -32.33
C37 MQ9 JC . 22.76 9.16 -32.33
C38 MQ9 JC . 22.81 7.64 -32.55
C39 MQ9 JC . 21.83 7.12 -33.61
C40 MQ9 JC . 20.64 6.39 -32.99
C41 MQ9 JC . 21.37 8.18 -34.62
C5 MQ9 KC . 27.38 -10.55 2.71
C5M MQ9 KC . 26.46 -11.26 3.69
C4 MQ9 KC . 27.96 -11.29 1.69
O4 MQ9 KC . 27.70 -12.65 1.57
C3 MQ9 KC . 28.83 -10.66 0.75
C2 MQ9 KC . 29.08 -9.33 0.85
C1 MQ9 KC . 28.49 -8.56 1.90
O1 MQ9 KC . 28.78 -7.20 1.99
C6 MQ9 KC . 27.65 -9.18 2.82
C3A MQ9 KC . 29.41 -11.43 -0.29
C3B MQ9 KC . 30.26 -10.81 -1.21
C3C MQ9 KC . 30.53 -9.44 -1.10
C3D MQ9 KC . 29.95 -8.69 -0.08
C7 MQ9 KC . 26.99 -8.39 3.97
C8 MQ9 KC . 25.92 -7.39 3.54
C9 MQ9 KC . 25.11 -6.89 4.74
C10 MQ9 KC . 24.86 -5.40 4.61
C11 MQ9 KC . 23.77 -7.65 4.77
C12 MQ9 KC . 23.01 -7.54 3.44
C13 MQ9 KC . 22.35 -8.86 3.01
C14 MQ9 KC . 20.81 -8.79 3.01
C15 MQ9 KC . 20.27 -9.95 2.18
C16 MQ9 KC . 20.33 -7.47 2.41
C17 MQ9 KC . 19.25 -6.80 3.28
C18 MQ9 KC . 19.79 -5.81 4.36
C19 MQ9 KC . 18.73 -5.54 5.46
C20 MQ9 KC . 17.36 -5.25 4.86
C21 MQ9 KC . 19.19 -4.51 6.52
C22 MQ9 KC . 18.56 -3.10 6.42
C23 MQ9 KC . 17.61 -2.77 7.60
C24 MQ9 KC . 16.52 -1.72 7.26
C25 MQ9 KC . 15.95 -1.92 5.86
C26 MQ9 KC . 15.39 -1.71 8.32
C27 MQ9 KC . 14.21 -0.79 7.93
C28 MQ9 KC . 13.24 -0.51 9.09
C29 MQ9 KC . 13.39 0.91 9.66
C30 MQ9 KC . 13.08 1.98 8.61
C31 MQ9 KC . 12.60 1.12 10.97
C32 MQ9 KC . 11.16 1.66 10.81
C33 MQ9 KC . 10.18 0.95 11.77
C34 MQ9 KC . 9.18 1.87 12.52
C35 MQ9 KC . 8.78 3.10 11.71
C36 MQ9 KC . 7.95 1.06 12.97
C37 MQ9 KC . 7.25 1.65 14.21
C38 MQ9 KC . 6.50 0.55 15.00
C39 MQ9 KC . 5.66 1.09 16.18
C40 MQ9 KC . 4.72 2.20 15.70
C41 MQ9 KC . 4.88 -0.03 16.87
C42 MQ9 KC . 5.75 -1.22 17.29
C43 MQ9 KC . 6.74 -0.88 18.41
C44 MQ9 KC . 6.66 -1.85 19.58
C45 MQ9 KC . 6.96 -1.12 20.88
C46 MQ9 KC . 7.67 -2.99 19.40
C47 MQ9 KC . 9.11 -2.51 19.19
C48 MQ9 KC . 9.99 -3.60 18.61
C49 MQ9 KC . 11.22 -3.08 17.87
C50 MQ9 KC . 10.86 -2.00 16.86
C51 MQ9 KC . 12.00 -4.22 17.20
C5 MQ9 LC . 3.91 -8.66 -19.63
C5M MQ9 LC . 3.03 -9.58 -18.79
C4 MQ9 LC . 4.17 -7.38 -19.15
O4 MQ9 LC . 3.62 -7.01 -17.92
C3 MQ9 LC . 4.97 -6.47 -19.90
C2 MQ9 LC . 5.50 -6.87 -21.08
C1 MQ9 LC . 5.23 -8.17 -21.58
O1 MQ9 LC . 5.76 -8.58 -22.81
C6 MQ9 LC . 4.44 -9.06 -20.85
C3A MQ9 LC . 5.25 -5.16 -19.40
C3B MQ9 LC . 6.04 -4.29 -20.14
C3C MQ9 LC . 6.57 -4.70 -21.36
C3D MQ9 LC . 6.31 -5.98 -21.84
C7 MQ9 LC . 4.17 -10.47 -21.40
C8 MQ9 LC . 5.28 -11.46 -21.07
C9 MQ9 LC . 5.77 -12.25 -22.28
C10 MQ9 LC . 7.17 -12.75 -21.99
C11 MQ9 LC . 4.83 -13.42 -22.54
C12 MQ9 LC . 5.01 -14.01 -23.96
C13 MQ9 LC . 5.22 -15.53 -23.94
C14 MQ9 LC . 6.39 -16.00 -24.81
C15 MQ9 LC . 6.00 -17.26 -25.55
C16 MQ9 LC . 7.62 -16.29 -23.93
C17 MQ9 LC . 8.90 -16.54 -24.75
C18 MQ9 LC . 9.56 -17.90 -24.42
C19 MQ9 LC . 10.26 -18.60 -25.61
C20 MQ9 LC . 9.70 -18.21 -26.98
C21 MQ9 LC . 11.79 -18.47 -25.57
C22 MQ9 LC . 12.51 -19.82 -25.33
C23 MQ9 LC . 13.21 -20.38 -26.59
C24 MQ9 LC . 14.70 -20.71 -26.36
C25 MQ9 LC . 15.52 -19.43 -26.22
C26 MQ9 LC . 14.89 -21.65 -25.16
C27 MQ9 LC . 16.36 -21.81 -24.71
C28 MQ9 LC . 17.15 -22.86 -25.52
C29 MQ9 LC . 18.05 -23.76 -24.65
C30 MQ9 LC . 18.74 -22.97 -23.54
C31 MQ9 LC . 19.07 -24.52 -25.53
C32 MQ9 LC . 20.15 -25.29 -24.74
C33 MQ9 LC . 19.61 -26.55 -24.01
C34 MQ9 LC . 19.61 -27.85 -24.84
C35 MQ9 LC . 20.67 -27.89 -25.94
C36 MQ9 LC . 18.21 -28.17 -25.40
FE HEC MC . 9.09 34.23 -45.20
CHA HEC MC . 6.76 31.80 -44.63
CHB HEC MC . 7.07 36.51 -43.70
CHC HEC MC . 11.50 36.72 -45.57
CHD HEC MC . 10.48 32.51 -47.61
NA HEC MC . 7.19 34.19 -44.43
C1A HEC MC . 6.54 33.02 -44.07
C2A HEC MC . 5.60 33.33 -43.01
C3A HEC MC . 5.69 34.64 -42.76
C4A HEC MC . 6.68 35.19 -43.65
CMA HEC MC . 4.86 35.41 -41.72
CAA HEC MC . 4.67 32.34 -42.31
CBA HEC MC . 3.39 32.20 -43.12
CGA HEC MC . 2.36 31.51 -42.27
O1A HEC MC . 2.65 31.26 -41.07
O2A HEC MC . 1.26 31.20 -42.79
NB HEC MC . 9.27 36.23 -44.76
C1B HEC MC . 8.30 36.95 -44.10
C2B HEC MC . 8.79 38.27 -43.86
C3B HEC MC . 10.00 38.38 -44.40
C4B HEC MC . 10.34 37.08 -44.94
CMB HEC MC . 7.97 39.38 -43.17
CAB HEC MC . 10.90 39.63 -44.31
CBB HEC MC . 10.65 40.65 -45.44
NC HEC MC . 10.63 34.65 -46.46
C1C HEC MC . 11.64 35.57 -46.30
C2C HEC MC . 12.87 34.99 -46.78
C3C HEC MC . 12.54 33.92 -47.49
C4C HEC MC . 11.16 33.62 -47.22
CMC HEC MC . 14.18 35.76 -46.98
CAC HEC MC . 13.52 33.03 -48.28
CBC HEC MC . 13.95 31.78 -47.51
ND HEC MC . 8.58 32.42 -46.09
C1D HEC MC . 9.59 31.83 -46.83
C2D HEC MC . 9.55 30.41 -46.66
C3D HEC MC . 8.39 30.14 -45.69
C4D HEC MC . 7.83 31.46 -45.43
CMD HEC MC . 10.49 29.37 -47.28
CAD HEC MC . 7.98 28.72 -45.25
CBD HEC MC . 7.63 28.55 -43.78
CGD HEC MC . 6.14 28.41 -43.73
O1D HEC MC . 5.45 28.95 -44.61
O2D HEC MC . 5.62 27.75 -42.81
FE HEC NC . 4.83 25.51 -31.14
CHA HEC NC . 7.36 27.21 -32.51
CHB HEC NC . 5.00 27.44 -28.36
CHC HEC NC . 1.97 24.17 -30.07
CHD HEC NC . 5.42 22.72 -33.02
NA HEC NC . 5.97 27.08 -30.54
C1A HEC NC . 7.01 27.63 -31.24
C2A HEC NC . 7.62 28.67 -30.42
C3A HEC NC . 6.95 28.72 -29.27
C4A HEC NC . 5.91 27.73 -29.33
CMA HEC NC . 7.17 29.65 -28.07
CAA HEC NC . 8.82 29.56 -30.80
CBA HEC NC . 10.11 29.13 -30.09
CGA HEC NC . 11.16 30.19 -30.25
O1A HEC NC . 10.79 31.33 -30.61
O2A HEC NC . 12.36 29.89 -30.00
NB HEC NC . 3.75 25.63 -29.40
C1B HEC NC . 3.86 26.74 -28.62
C2B HEC NC . 2.57 27.08 -28.14
C3B HEC NC . 1.68 26.18 -28.54
C4B HEC NC . 2.43 25.26 -29.39
CMB HEC NC . 2.38 28.30 -27.23
CAB HEC NC . 0.15 26.19 -28.31
CBB HEC NC . -0.41 26.05 -26.87
NC HEC NC . 3.92 23.70 -31.45
C1C HEC NC . 2.66 23.43 -30.98
C2C HEC NC . 2.27 22.11 -31.40
C3C HEC NC . 3.04 21.80 -32.43
C4C HEC NC . 4.22 22.69 -32.35
CMC HEC NC . 0.79 21.67 -31.31
CAC HEC NC . 2.67 20.52 -33.25
CBC HEC NC . 3.67 20.00 -34.32
ND HEC NC . 6.20 25.02 -32.51
C1D HEC NC . 6.19 23.85 -33.26
C2D HEC NC . 7.13 24.01 -34.34
C3D HEC NC . 7.72 25.41 -34.18
C4D HEC NC . 7.09 25.96 -33.02
CMD HEC NC . 7.47 23.01 -35.44
CAD HEC NC . 8.79 26.04 -35.08
CBD HEC NC . 8.15 26.75 -36.26
CGD HEC NC . 9.20 27.52 -36.99
O1D HEC NC . 10.40 27.38 -36.64
O2D HEC NC . 8.86 28.30 -37.92
P 9YF OC . 19.48 28.35 -17.12
O1 9YF OC . 19.72 29.65 -16.40
O2 9YF OC . 18.08 28.42 -17.98
O3 9YF OC . 19.21 26.11 -19.43
O4 9YF OC . 17.59 25.51 -21.72
C 9YF OC . 19.40 24.79 -16.18
O 9YF OC . 19.39 27.13 -16.02
C1 9YF OC . 20.24 26.05 -16.20
C10 9YF OC . 19.19 25.97 -12.61
C11 9YF OC . 19.81 24.93 -11.69
C12 9YF OC . 20.81 25.54 -10.72
C13 9YF OC . 20.24 25.66 -9.31
C14 9YF OC . 21.05 24.88 -8.28
C15 9YF OC . 21.12 23.39 -8.61
C16 9YF OC . 22.56 22.90 -8.72
C17 9YF OC . 23.05 22.32 -7.40
C18 9YF OC . 24.02 23.24 -6.68
C19 9YF OC . 23.37 23.92 -5.47
C2 9YF OC . 17.40 27.25 -18.36
C20 9YF OC . 24.32 24.89 -4.78
C21 9YF OC . 25.04 24.24 -3.60
C22 9YF OC . 26.42 24.85 -3.37
C23 9YF OC . 27.45 24.32 -4.35
C24 9YF OC . 19.99 23.76 -17.14
C25 9YF OC . 21.52 24.05 -18.88
C26 9YF OC . 22.68 25.04 -18.83
C27 9YF OC . 23.62 24.74 -17.67
C28 9YF OC . 25.05 24.51 -18.14
C29 9YF OC . 25.99 24.23 -16.97
C3 9YF OC . 17.98 26.74 -19.69
C30 9YF OC . 26.79 22.94 -17.16
C31 9YF OC . 25.90 21.75 -17.52
C32 9YF OC . 25.84 20.69 -16.42
C33 9YF OC . 26.49 19.38 -16.85
C34 9YF OC . 27.87 19.23 -16.23
C35 9YF OC . 25.61 18.19 -16.51
C36 9YF OC . 26.25 16.84 -16.89
C37 9YF OC . 25.24 15.92 -17.54
C38 9YF OC . 25.87 14.64 -18.08
C39 9YF OC . 26.55 14.84 -19.43
C4 9YF OC . 17.07 25.75 -20.43
C40 9YF OC . 26.36 13.65 -20.37
C41 9YF OC . 27.66 13.14 -20.99
C42 9YF OC . 27.60 13.10 -22.50
C43 9YF OC . 28.82 12.41 -23.12
C5 9YF OC . 15.66 26.31 -20.58
C6 9YF OC . 15.07 26.56 -19.19
C7 9YF OC . 15.90 27.60 -18.42
C8 9YF OC . 18.13 24.37 -14.26
C9 9YF OC . 17.89 25.45 -13.22
O10 9YF OC . 17.27 23.63 -14.55
O11 9YF OC . 20.28 24.41 -18.35
O12 9YF OC . 21.67 22.99 -19.37
O5 9YF OC . 14.86 25.38 -21.28
O6 9YF OC . 15.09 25.38 -18.46
O7 9YF OC . 15.40 27.70 -17.11
O8 9YF OC . 20.63 28.05 -18.05
O9 9YF OC . 19.38 24.27 -14.88
C5 MQ9 PC . 24.44 2.96 -21.09
C5M MQ9 PC . 25.04 1.57 -20.92
C4 MQ9 PC . 23.10 3.14 -20.83
O4 MQ9 PC . 22.31 2.07 -20.40
C3 MQ9 PC . 22.51 4.41 -20.95
C2 MQ9 PC . 23.26 5.46 -21.35
C1 MQ9 PC . 24.64 5.28 -21.64
O1 MQ9 PC . 25.40 6.37 -22.05
C6 MQ9 PC . 25.22 4.04 -21.50
C3A MQ9 PC . 21.13 4.58 -20.67
C3B MQ9 PC . 20.54 5.83 -20.81
C3C MQ9 PC . 21.31 6.91 -21.21
C3D MQ9 PC . 22.65 6.73 -21.50
C7 MQ9 PC . 26.71 3.85 -21.79
C8 MQ9 PC . 27.54 4.33 -20.61
C9 MQ9 PC . 28.91 4.87 -21.02
C10 MQ9 PC . 28.73 6.02 -21.98
C11 MQ9 PC . 29.63 5.39 -19.77
C12 MQ9 PC . 30.43 4.29 -19.07
C13 MQ9 PC . 29.78 3.88 -17.73
C14 MQ9 PC . 30.31 2.55 -17.23
C15 MQ9 PC . 31.77 2.72 -16.89
C16 MQ9 PC . 30.15 1.48 -18.32
C17 MQ9 PC . 30.79 0.15 -17.90
C18 MQ9 PC . 29.81 -1.02 -18.07
C19 MQ9 PC . 29.78 -1.47 -19.53
C20 MQ9 PC . 30.39 -2.85 -19.74
C21 MQ9 PC . 28.38 -1.33 -20.16
C22 MQ9 PC . 27.21 -1.64 -19.20
C23 MQ9 PC . 26.74 -3.12 -19.25
C24 MQ9 PC . 25.28 -3.26 -19.71
C25 MQ9 PC . 25.12 -2.65 -21.09
C26 MQ9 PC . 24.76 -4.70 -19.59
C27 MQ9 PC . 23.76 -5.19 -20.67
C28 MQ9 PC . 22.27 -4.85 -20.44
C29 MQ9 PC . 21.47 -5.81 -19.54
C30 MQ9 PC . 22.05 -7.21 -19.40
C31 MQ9 PC . 19.97 -5.82 -19.94
C32 MQ9 PC . 19.60 -6.92 -20.96
C33 MQ9 PC . 19.22 -6.35 -22.35
C34 MQ9 PC . 20.28 -6.52 -23.46
C35 MQ9 PC . 21.47 -7.39 -23.07
C36 MQ9 PC . 19.62 -7.02 -24.77
C37 MQ9 PC . 20.62 -7.57 -25.81
C38 MQ9 PC . 20.06 -8.79 -26.56
C39 MQ9 PC . 20.94 -10.05 -26.47
C40 MQ9 PC . 20.37 -11.14 -27.37
C41 MQ9 PC . 21.19 -10.51 -25.03
C42 MQ9 PC . 21.18 -12.01 -24.76
C43 MQ9 PC . 22.08 -12.41 -23.59
C44 MQ9 PC . 23.56 -12.34 -23.96
C45 MQ9 PC . 23.87 -13.37 -25.03
C46 MQ9 PC . 24.39 -12.66 -22.73
C47 MQ9 PC . 24.71 -11.40 -21.92
C48 MQ9 PC . 25.96 -10.71 -22.43
C49 MQ9 PC . 26.10 -9.23 -22.06
C50 MQ9 PC . 24.77 -8.54 -21.77
C51 MQ9 PC . 27.10 -9.00 -20.95
P 9YF QC . -16.56 -13.12 -15.02
O1 9YF QC . -15.58 -12.04 -15.37
O2 9YF QC . -16.53 -13.37 -13.39
O3 9YF QC . -14.37 -14.52 -12.13
O4 9YF QC . -13.21 -13.31 -9.99
C 9YF QC . -14.91 -16.56 -15.88
O 9YF QC . -16.13 -14.52 -15.78
C1 9YF QC . -14.91 -15.11 -15.42
C10 9YF QC . -12.33 -18.46 -12.26
C11 9YF QC . -10.92 -18.97 -12.55
C12 9YF QC . -10.75 -19.47 -13.98
C13 9YF QC . -9.50 -20.33 -14.11
C14 9YF QC . -8.25 -19.62 -13.63
C15 9YF QC . -7.02 -20.51 -13.67
C16 9YF QC . -6.09 -20.18 -14.83
C17 9YF QC . -4.65 -20.60 -14.56
C18 9YF QC . -3.72 -20.21 -15.72
C19 9YF QC . -2.80 -19.06 -15.35
C2 9YF QC . -15.67 -12.57 -12.64
C20 9YF QC . -1.75 -19.45 -14.31
C21 9YF QC . -0.79 -18.29 -14.02
C22 9YF QC . -0.04 -18.48 -12.71
C23 9YF QC . 0.49 -17.16 -12.16
C24 9YF QC . -14.80 -16.60 -17.40
C25 9YF QC . -13.14 -18.03 -18.29
C26 9YF QC . -11.77 -18.25 -18.94
C27 9YF QC . -10.82 -19.04 -18.05
C28 9YF QC . -9.43 -19.17 -18.65
C29 9YF QC . -8.37 -18.37 -17.89
C3 9YF QC . -15.00 -13.41 -11.56
C30 9YF QC . -7.75 -17.27 -18.75
C31 9YF QC . -6.70 -16.44 -18.01
C32 9YF QC . -5.38 -17.18 -17.83
C33 9YF QC . -4.16 -16.30 -17.46
C34 9YF QC . -3.08 -16.33 -18.53
C35 9YF QC . -4.49 -14.87 -17.04
C36 9YF QC . -3.35 -14.25 -16.24
C37 9YF QC . -3.62 -14.21 -14.74
C38 9YF QC . -2.34 -14.01 -13.93
C39 9YF QC . -1.55 -12.77 -14.36
C4 9YF QC . -13.95 -12.53 -10.88
C40 9YF QC . -2.05 -11.50 -13.67
C41 9YF QC . -0.99 -10.86 -12.77
C42 9YF QC . -1.59 -10.16 -11.57
C43 9YF QC . -0.54 -9.46 -10.71
C5 9YF QC . -14.62 -11.37 -10.14
C6 9YF QC . -15.66 -10.60 -10.97
C7 9YF QC . -16.47 -11.43 -11.99
C8 9YF QC . -13.88 -17.48 -14.00
C9 9YF QC . -12.67 -17.23 -13.10
O10 9YF QC . -14.87 -17.93 -13.54
O11 9YF QC . -13.45 -16.80 -17.70
O12 9YF QC . -13.92 -18.92 -18.28
O5 9YF QC . -13.63 -10.46 -9.77
O6 9YF QC . -15.00 -9.58 -11.65
O7 9YF QC . -16.92 -10.57 -13.01
O8 9YF QC . -17.93 -12.72 -15.45
O9 9YF QC . -13.79 -17.19 -15.36
FE1 FES RC . 2.89 3.15 -30.67
FE2 FES RC . 1.47 5.93 -30.71
S1 FES RC . 1.84 4.34 -32.24
S2 FES RC . 2.95 4.95 -29.35
C1 CDL SC . 47.00 7.01 -4.61
O1 CDL SC . 46.87 8.40 -4.63
CA2 CDL SC . 46.58 6.50 -3.22
OA2 CDL SC . 45.57 7.36 -2.71
PA1 CDL SC . 45.99 8.40 -1.48
OA3 CDL SC . 47.48 8.42 -1.32
OA4 CDL SC . 45.37 7.92 -0.18
OA5 CDL SC . 45.44 9.94 -1.84
CA3 CDL SC . 45.41 10.90 -0.80
CA4 CDL SC . 44.13 11.74 -1.00
OA6 CDL SC . 44.05 12.71 0.00
CA5 CDL SC . 44.47 14.01 -0.41
OA7 CDL SC . 43.70 14.73 -0.98
C11 CDL SC . 45.91 14.51 -0.11
C12 CDL SC . 46.21 15.90 -0.73
C13 CDL SC . 47.24 15.83 -1.88
C14 CDL SC . 46.87 16.76 -3.06
C15 CDL SC . 47.93 16.73 -4.20
C16 CDL SC . 47.28 16.80 -5.64
C17 CDL SC . 47.65 18.11 -6.41
C18 CDL SC . 47.20 19.40 -5.65
C19 CDL SC . 47.51 20.70 -6.46
C20 CDL SC . 47.66 21.95 -5.54
C21 CDL SC . 46.54 23.01 -5.77
C22 CDL SC . 46.35 23.92 -4.54
C23 CDL SC . 46.07 23.10 -3.23
C24 CDL SC . 47.04 23.43 -2.08
C25 CDL SC . 47.63 22.16 -1.41
C26 CDL SC . 47.74 22.25 0.11
C27 CDL SC . 48.20 23.62 0.61
CA6 CDL SC . 42.93 10.80 -0.94
OA8 CDL SC . 41.73 11.56 -0.85
CA7 CDL SC . 40.85 11.34 -1.94
OA9 CDL SC . 40.71 10.26 -2.39
C31 CDL SC . 40.08 12.54 -2.54
C32 CDL SC . 38.99 12.09 -3.51
C33 CDL SC . 38.38 13.27 -4.29
C34 CDL SC . 37.75 14.33 -3.35
C35 CDL SC . 36.52 15.03 -3.98
C36 CDL SC . 35.18 14.43 -3.50
C37 CDL SC . 34.55 15.23 -2.34
C38 CDL SC . 33.60 16.34 -2.82
C39 CDL SC . 32.61 15.87 -3.91
C40 CDL SC . 31.75 17.01 -4.44
C41 CDL SC . 30.96 16.61 -5.70
C42 CDL SC . 29.99 17.71 -6.15
CB2 CDL SC . 48.47 6.66 -4.95
OB2 CDL SC . 48.92 7.58 -5.95
PB2 CDL SC . 50.07 8.70 -5.52
OB3 CDL SC . 50.29 8.67 -4.03
OB4 CDL SC . 51.36 8.35 -6.22
OB5 CDL SC . 49.55 10.19 -5.99
CB3 CDL SC . 48.52 10.20 -6.95
CB4 CDL SC . 48.01 11.62 -7.19
OB6 CDL SC . 47.65 12.23 -5.96
CB5 CDL SC . 46.32 12.10 -5.48
OB7 CDL SC . 45.90 11.05 -5.10
C51 CDL SC . 45.41 13.36 -5.37
C52 CDL SC . 44.14 13.12 -4.51
C53 CDL SC . 42.90 13.91 -5.06
C54 CDL SC . 43.26 15.38 -5.41
C55 CDL SC . 42.83 15.77 -6.85
C56 CDL SC . 43.25 17.22 -7.25
C57 CDL SC . 42.96 18.26 -6.08
C58 CDL SC . 43.59 19.65 -6.35
C59 CDL SC . 42.63 20.61 -7.11
C60 CDL SC . 42.78 22.10 -6.61
C61 CDL SC . 41.54 22.97 -6.99
C62 CDL SC . 41.72 24.47 -6.56
C63 CDL SC . 42.24 24.63 -5.09
C64 CDL SC . 41.90 26.01 -4.51
C65 CDL SC . 42.62 26.29 -3.17
C66 CDL SC . 42.13 25.36 -2.03
C67 CDL SC . 40.62 25.50 -1.79
CB6 CDL SC . 46.85 11.52 -8.19
OB8 CDL SC . 46.43 12.81 -8.61
CB7 CDL SC . 45.42 12.76 -9.62
OB9 CDL SC . 44.72 11.81 -9.69
C71 CDL SC . 45.23 13.94 -10.62
C72 CDL SC . 43.98 14.80 -10.27
C73 CDL SC . 44.00 16.18 -10.97
C74 CDL SC . 42.54 16.69 -11.28
C75 CDL SC . 42.38 17.17 -12.73
C76 CDL SC . 42.27 18.75 -12.82
C77 CDL SC . 41.11 19.29 -11.93
C78 CDL SC . 41.44 20.70 -11.33
C79 CDL SC . 41.42 21.81 -12.41
C80 CDL SC . 40.43 22.95 -12.06
C81 CDL SC . 41.17 24.26 -11.62
C82 CDL SC . 40.92 25.44 -12.65
C83 CDL SC . 40.40 26.73 -11.96
C84 CDL SC . 38.86 26.78 -11.87
C85 CDL SC . 38.33 28.23 -11.78
C86 CDL SC . 36.91 28.36 -12.32
C87 CDL SC . 36.27 29.72 -11.96
P 9YF TC . -15.07 -12.90 -29.85
O1 9YF TC . -14.71 -13.93 -30.87
O2 9YF TC . -16.63 -12.34 -29.99
O3 9YF TC . -17.03 -11.56 -27.02
O4 9YF TC . -19.63 -10.48 -26.90
C 9YF TC . -14.38 -15.21 -26.91
O 9YF TC . -14.94 -13.57 -28.39
C1 9YF TC . -14.46 -14.86 -28.35
C10 9YF TC . -16.80 -18.08 -26.67
C11 9YF TC . -15.33 -18.53 -26.67
C12 9YF TC . -14.89 -19.19 -25.33
C13 9YF TC . -14.50 -18.14 -24.25
C14 9YF TC . -13.48 -18.72 -23.20
C15 9YF TC . -12.07 -18.96 -23.82
C16 9YF TC . -10.94 -18.42 -22.93
C17 9YF TC . -9.55 -18.65 -23.52
C18 9YF TC . -8.50 -17.92 -22.68
C19 9YF TC . -7.47 -18.85 -22.06
C2 9YF TC . -16.81 -11.10 -29.36
C20 9YF TC . -7.11 -20.04 -22.99
C21 9YF TC . -6.42 -21.20 -22.22
C22 9YF TC . -7.30 -22.46 -22.18
C23 9YF TC . -8.00 -22.65 -20.83
C24 9YF TC . -13.12 -14.50 -26.33
C25 9YF TC . -10.78 -14.89 -26.43
C26 9YF TC . -9.68 -15.71 -27.17
C27 9YF TC . -10.34 -16.90 -27.94
C28 9YF TC . -11.56 -16.40 -28.80
C29 9YF TC . -11.93 -17.39 -30.00
C3 9YF TC . -17.78 -11.31 -28.17
C30 9YF TC . -10.96 -18.64 -30.11
C31 9YF TC . -9.46 -18.24 -30.30
C32 9YF TC . -8.60 -19.46 -30.79
C33 9YF TC . -8.88 -19.85 -32.29
C34 9YF TC . -10.26 -19.40 -32.77
C35 9YF TC . -7.76 -19.26 -33.23
C36 9YF TC . -6.42 -20.10 -33.24
C37 9YF TC . -5.85 -20.26 -34.70
C38 9YF TC . -6.04 -18.95 -35.56
C39 9YF TC . -4.71 -18.52 -36.28
C4 9YF TC . -18.70 -10.11 -27.89
C40 9YF TC . -3.41 -19.00 -35.55
C41 9YF TC . -2.80 -17.90 -34.61
C42 9YF TC . -1.64 -18.43 -33.75
C43 9YF TC . -1.51 -17.70 -32.39
C5 9YF TC . -19.46 -9.63 -29.13
C6 9YF TC . -18.80 -9.94 -30.50
C7 9YF TC . -17.27 -10.09 -30.43
C8 9YF TC . -16.66 -15.49 -26.65
C9 9YF TC . -17.06 -16.79 -25.87
O10 9YF TC . -17.26 -15.12 -27.59
O11 9YF TC . -12.08 -15.47 -26.33
O12 9YF TC . -10.53 -13.82 -25.96
O5 9YF TC . -19.64 -8.24 -29.03
O6 9YF TC . -19.10 -8.90 -31.39
O7 9YF TC . -16.67 -8.85 -30.16
O8 9YF TC . -14.07 -11.80 -29.98
O9 9YF TC . -15.53 -14.78 -26.23
#